data_2WGS
#
_entry.id   2WGS
#
_cell.length_a   134.950
_cell.length_b   203.180
_cell.length_c   230.200
_cell.angle_alpha   90.00
_cell.angle_beta   90.00
_cell.angle_gamma   90.00
#
_symmetry.space_group_name_H-M   'P 21 21 21'
#
loop_
_entity.id
_entity.type
_entity.pdbx_description
1 polymer 'GLUTAMINE SYNTHETASE 1'
2 non-polymer 1-(3,4-dichlorobenzyl)-3,7-dimethyl-8-morpholin-4-yl-3,7-dihydro-1H-purine-2,6-dione
3 non-polymer 'CHLORIDE ION'
4 water water
#
_entity_poly.entity_id   1
_entity_poly.type   'polypeptide(L)'
_entity_poly.pdbx_seq_one_letter_code
;MAHHHHHHGTEKTPDDVFKLAKDEKVEYVDVRFCDLPGIMQHFTIPASAFDKSVFDDGLAFDGSSIRGFQSIHESDMLLL
PDPETARIDPFRAAKTLNINFFVHDPFTLEPYSRDPRNIARKAENYLISTGIADTAYFGAEAEFYIFDSVSFDSRANGSF
YEVDAISGWWNTGAATEADGSPNRGYKVRHKGGYFPVAPNDQYVDLRDKMLTNLINSGFILEKGHHEVGSGGQAEINYQF
NSLLHAADDMQLYKYIIKNTAWQNGKTVTFMPKPLFGDNGSGMHCHQSLWKDGAPLMYDETGYAGLSDTARHYIGGLLHH
APSLLAFTNPTVNSYKRLVPGYEAPINLVYSQRNRSACVRIPITGSNPKAKRLEFRSPDSSGNPYLAFSAMLMAGLDGIK
NKIEPQAPVDKDLYELPPEEAASIPQTPTQLSDVIDRLEADHEYLTEGGVFTNDLIETWISFKRENEIEPVNIRPHPYEF
ALYYDV
;
_entity_poly.pdbx_strand_id   A,B,C,D,E,F,G,H,I,J,K,L
#
# COMPACT_ATOMS: atom_id res chain seq x y z
N LYS A 12 -37.82 -51.75 -10.05
CA LYS A 12 -38.58 -50.53 -9.61
C LYS A 12 -39.65 -50.05 -10.58
N THR A 13 -40.83 -49.78 -10.04
CA THR A 13 -42.02 -49.46 -10.83
C THR A 13 -42.39 -48.01 -10.67
N PRO A 14 -43.26 -47.48 -11.57
CA PRO A 14 -43.83 -46.15 -11.38
C PRO A 14 -44.37 -45.92 -9.97
N ASP A 15 -45.11 -46.88 -9.43
CA ASP A 15 -45.70 -46.74 -8.08
C ASP A 15 -44.66 -46.58 -6.97
N ASP A 16 -43.54 -47.32 -7.07
CA ASP A 16 -42.42 -47.11 -6.18
C ASP A 16 -41.97 -45.63 -6.16
N VAL A 17 -41.90 -45.01 -7.36
CA VAL A 17 -41.41 -43.65 -7.53
C VAL A 17 -42.39 -42.65 -6.92
N PHE A 18 -43.69 -42.84 -7.17
CA PHE A 18 -44.70 -41.98 -6.56
C PHE A 18 -44.71 -42.09 -5.05
N LYS A 19 -44.46 -43.29 -4.55
CA LYS A 19 -44.39 -43.53 -3.10
C LYS A 19 -43.18 -42.79 -2.52
N LEU A 20 -42.04 -42.87 -3.21
CA LEU A 20 -40.81 -42.16 -2.79
C LEU A 20 -41.06 -40.65 -2.76
N ALA A 21 -41.70 -40.14 -3.82
CA ALA A 21 -42.05 -38.73 -3.92
C ALA A 21 -42.94 -38.24 -2.77
N LYS A 22 -43.96 -39.03 -2.43
CA LYS A 22 -44.88 -38.71 -1.33
C LYS A 22 -44.26 -38.86 0.04
N ASP A 23 -43.56 -39.97 0.28
CA ASP A 23 -42.82 -40.19 1.55
C ASP A 23 -41.79 -39.11 1.83
N GLU A 24 -41.06 -38.69 0.80
CA GLU A 24 -39.99 -37.70 0.99
C GLU A 24 -40.45 -36.26 0.93
N LYS A 25 -41.75 -36.07 0.65
CA LYS A 25 -42.37 -34.74 0.54
C LYS A 25 -41.63 -33.87 -0.50
N VAL A 26 -41.41 -34.47 -1.65
CA VAL A 26 -40.69 -33.86 -2.75
C VAL A 26 -41.47 -32.65 -3.22
N GLU A 27 -40.76 -31.56 -3.49
CA GLU A 27 -41.35 -30.32 -3.96
C GLU A 27 -41.19 -30.16 -5.48
N TYR A 28 -40.08 -30.67 -6.02
CA TYR A 28 -39.78 -30.55 -7.46
C TYR A 28 -39.23 -31.84 -8.05
N VAL A 29 -39.46 -32.04 -9.34
CA VAL A 29 -38.91 -33.19 -10.02
C VAL A 29 -38.01 -32.69 -11.12
N ASP A 30 -36.79 -33.21 -11.12
CA ASP A 30 -35.80 -32.77 -12.07
C ASP A 30 -35.77 -33.73 -13.24
N VAL A 31 -36.08 -33.21 -14.42
CA VAL A 31 -36.12 -34.01 -15.63
C VAL A 31 -34.75 -34.02 -16.29
N ARG A 32 -34.06 -35.16 -16.22
CA ARG A 32 -32.69 -35.30 -16.71
C ARG A 32 -32.56 -36.17 -17.97
N PHE A 33 -31.69 -35.73 -18.87
CA PHE A 33 -31.39 -36.48 -20.08
C PHE A 33 -29.95 -36.20 -20.46
N CYS A 34 -29.31 -37.15 -21.12
CA CYS A 34 -27.89 -37.06 -21.41
C CYS A 34 -27.63 -36.43 -22.76
N ASP A 35 -26.68 -35.51 -22.83
CA ASP A 35 -26.29 -35.01 -24.16
C ASP A 35 -25.21 -35.91 -24.76
N LEU A 36 -24.84 -35.61 -26.00
CA LEU A 36 -23.92 -36.46 -26.73
C LEU A 36 -22.55 -36.60 -26.04
N PRO A 37 -21.84 -35.48 -25.79
CA PRO A 37 -20.52 -35.65 -25.16
C PRO A 37 -20.53 -36.31 -23.77
N GLY A 38 -21.65 -36.23 -23.05
CA GLY A 38 -21.80 -36.97 -21.78
C GLY A 38 -22.17 -36.18 -20.53
N ILE A 39 -22.60 -34.93 -20.71
CA ILE A 39 -23.04 -34.10 -19.60
C ILE A 39 -24.55 -34.22 -19.47
N MET A 40 -25.03 -34.45 -18.24
CA MET A 40 -26.45 -34.50 -18.01
C MET A 40 -27.10 -33.13 -18.12
N GLN A 41 -28.25 -33.09 -18.78
CA GLN A 41 -29.05 -31.88 -18.95
C GLN A 41 -30.30 -31.97 -18.10
N HIS A 42 -30.89 -30.84 -17.78
CA HIS A 42 -32.10 -30.86 -16.98
C HIS A 42 -33.05 -29.66 -17.16
N PHE A 43 -34.31 -29.87 -16.82
CA PHE A 43 -35.24 -28.81 -16.47
C PHE A 43 -36.11 -29.32 -15.32
N THR A 44 -36.84 -28.42 -14.67
CA THR A 44 -37.55 -28.79 -13.46
C THR A 44 -39.06 -28.54 -13.55
N ILE A 45 -39.83 -29.45 -12.97
CA ILE A 45 -41.28 -29.32 -12.92
C ILE A 45 -41.75 -29.43 -11.48
N PRO A 46 -42.90 -28.81 -11.16
CA PRO A 46 -43.38 -28.99 -9.78
C PRO A 46 -43.79 -30.43 -9.55
N ALA A 47 -43.59 -30.93 -8.33
CA ALA A 47 -43.94 -32.32 -8.00
C ALA A 47 -45.40 -32.64 -8.29
N SER A 48 -46.26 -31.66 -8.05
CA SER A 48 -47.71 -31.77 -8.28
C SER A 48 -48.07 -32.09 -9.73
N ALA A 49 -47.12 -31.95 -10.64
CA ALA A 49 -47.35 -32.25 -12.05
C ALA A 49 -46.66 -33.56 -12.46
N PHE A 50 -46.14 -34.27 -11.46
CA PHE A 50 -45.52 -35.55 -11.70
C PHE A 50 -46.52 -36.67 -11.34
N ASP A 51 -47.18 -37.21 -12.37
CA ASP A 51 -48.27 -38.17 -12.19
C ASP A 51 -48.16 -39.29 -13.22
N LYS A 52 -49.20 -40.13 -13.31
CA LYS A 52 -49.17 -41.27 -14.23
C LYS A 52 -48.95 -40.88 -15.69
N SER A 53 -49.51 -39.75 -16.08
CA SER A 53 -49.38 -39.28 -17.46
C SER A 53 -47.95 -38.97 -17.88
N VAL A 54 -47.04 -38.84 -16.91
CA VAL A 54 -45.62 -38.67 -17.20
C VAL A 54 -45.03 -40.00 -17.72
N PHE A 55 -45.36 -41.11 -17.06
CA PHE A 55 -44.90 -42.43 -17.49
C PHE A 55 -45.58 -42.91 -18.77
N ASP A 56 -46.86 -42.58 -18.95
CA ASP A 56 -47.64 -43.06 -20.09
C ASP A 56 -47.44 -42.23 -21.35
N ASP A 57 -47.59 -40.91 -21.22
CA ASP A 57 -47.54 -40.03 -22.39
C ASP A 57 -46.19 -39.35 -22.56
N GLY A 58 -45.49 -39.11 -21.45
CA GLY A 58 -44.22 -38.41 -21.48
C GLY A 58 -44.34 -36.90 -21.32
N LEU A 59 -43.19 -36.23 -21.34
CA LEU A 59 -43.15 -34.77 -21.22
C LEU A 59 -42.67 -34.16 -22.51
N ALA A 60 -43.39 -33.16 -22.96
CA ALA A 60 -43.02 -32.44 -24.16
C ALA A 60 -42.01 -31.38 -23.80
N PHE A 61 -41.01 -31.19 -24.65
CA PHE A 61 -40.02 -30.15 -24.47
C PHE A 61 -39.42 -29.73 -25.80
N ASP A 62 -39.17 -28.43 -25.96
CA ASP A 62 -38.61 -27.87 -27.20
C ASP A 62 -37.42 -28.68 -27.70
N GLY A 63 -37.48 -29.10 -28.96
CA GLY A 63 -36.55 -30.12 -29.47
C GLY A 63 -35.25 -29.64 -30.08
N SER A 64 -35.01 -28.33 -30.04
CA SER A 64 -33.69 -27.78 -30.32
C SER A 64 -32.92 -27.67 -28.99
N SER A 65 -33.67 -27.60 -27.91
CA SER A 65 -33.16 -27.59 -26.55
C SER A 65 -32.71 -29.00 -26.11
N ILE A 66 -33.54 -30.01 -26.42
CA ILE A 66 -33.25 -31.44 -26.18
C ILE A 66 -32.10 -31.98 -27.06
N ARG A 67 -32.00 -31.45 -28.28
CA ARG A 67 -31.00 -31.91 -29.24
C ARG A 67 -29.62 -31.25 -29.12
N GLY A 68 -29.58 -30.05 -28.53
CA GLY A 68 -28.31 -29.35 -28.31
C GLY A 68 -27.77 -28.52 -29.46
N PHE A 69 -28.36 -28.65 -30.65
CA PHE A 69 -28.04 -27.80 -31.81
C PHE A 69 -29.29 -27.13 -32.39
N GLN A 70 -29.06 -26.11 -33.21
CA GLN A 70 -30.14 -25.26 -33.70
C GLN A 70 -30.49 -25.51 -35.18
N SER A 75 -38.41 -31.92 -34.38
CA SER A 75 -37.97 -30.69 -33.72
C SER A 75 -38.40 -30.66 -32.24
N ASP A 76 -39.68 -30.90 -31.97
CA ASP A 76 -40.15 -31.08 -30.59
C ASP A 76 -39.84 -32.48 -30.13
N MET A 77 -39.38 -32.66 -28.90
CA MET A 77 -39.07 -34.01 -28.46
C MET A 77 -39.89 -34.42 -27.24
N LEU A 78 -40.07 -35.73 -27.10
CA LEU A 78 -40.84 -36.32 -26.01
C LEU A 78 -39.94 -37.12 -25.07
N LEU A 79 -40.11 -36.90 -23.76
CA LEU A 79 -39.23 -37.52 -22.76
C LEU A 79 -39.98 -38.52 -21.92
N LEU A 80 -39.48 -39.76 -21.88
CA LEU A 80 -40.09 -40.81 -21.05
C LEU A 80 -39.19 -41.27 -19.89
N PRO A 81 -39.75 -41.33 -18.69
CA PRO A 81 -38.94 -41.56 -17.50
C PRO A 81 -38.52 -43.02 -17.34
N ASP A 82 -37.34 -43.22 -16.75
CA ASP A 82 -36.87 -44.52 -16.34
C ASP A 82 -36.95 -44.59 -14.82
N PRO A 83 -37.93 -45.36 -14.31
CA PRO A 83 -38.20 -45.42 -12.86
C PRO A 83 -36.99 -45.89 -12.02
N GLU A 84 -36.12 -46.72 -12.59
CA GLU A 84 -34.94 -47.22 -11.86
C GLU A 84 -33.93 -46.12 -11.48
N THR A 85 -34.00 -44.98 -12.15
CA THR A 85 -33.01 -43.91 -11.97
C THR A 85 -33.44 -42.83 -11.00
N ALA A 86 -34.62 -43.00 -10.39
CA ALA A 86 -35.18 -42.01 -9.47
C ALA A 86 -34.39 -41.93 -8.15
N ARG A 87 -33.96 -40.73 -7.79
CA ARG A 87 -33.15 -40.53 -6.57
C ARG A 87 -33.41 -39.17 -5.97
N ILE A 88 -33.45 -39.09 -4.66
CA ILE A 88 -33.50 -37.81 -3.97
C ILE A 88 -32.18 -37.07 -4.16
N ASP A 89 -32.25 -35.81 -4.58
CA ASP A 89 -31.05 -35.00 -4.71
C ASP A 89 -30.60 -34.58 -3.33
N PRO A 90 -29.36 -34.93 -2.94
CA PRO A 90 -28.93 -34.58 -1.58
C PRO A 90 -28.40 -33.13 -1.44
N PHE A 91 -28.33 -32.38 -2.53
CA PHE A 91 -27.68 -31.05 -2.52
C PHE A 91 -28.68 -29.89 -2.64
N ARG A 92 -29.77 -30.12 -3.35
CA ARG A 92 -30.72 -29.05 -3.66
C ARG A 92 -31.56 -28.67 -2.45
N ALA A 93 -31.58 -27.39 -2.11
CA ALA A 93 -32.28 -26.90 -0.91
C ALA A 93 -33.78 -27.25 -0.94
N ALA A 94 -34.44 -26.98 -2.07
CA ALA A 94 -35.82 -27.42 -2.27
C ALA A 94 -35.80 -28.92 -2.52
N LYS A 95 -36.58 -29.69 -1.76
CA LYS A 95 -36.60 -31.15 -1.87
C LYS A 95 -36.95 -31.60 -3.29
N THR A 96 -36.01 -32.31 -3.92
CA THR A 96 -36.10 -32.63 -5.34
C THR A 96 -35.89 -34.11 -5.61
N LEU A 97 -36.68 -34.64 -6.54
CA LEU A 97 -36.48 -35.99 -7.06
C LEU A 97 -35.89 -35.90 -8.47
N ASN A 98 -34.73 -36.53 -8.68
CA ASN A 98 -34.08 -36.62 -9.98
C ASN A 98 -34.42 -37.91 -10.70
N ILE A 99 -34.82 -37.81 -11.96
CA ILE A 99 -35.12 -39.00 -12.75
C ILE A 99 -34.55 -38.83 -14.13
N ASN A 100 -33.96 -39.89 -14.69
CA ASN A 100 -33.45 -39.87 -16.05
C ASN A 100 -34.52 -40.27 -17.06
N PHE A 101 -34.44 -39.70 -18.26
CA PHE A 101 -35.47 -39.93 -19.28
C PHE A 101 -34.85 -40.46 -20.58
N PHE A 102 -35.69 -41.08 -21.43
CA PHE A 102 -35.30 -41.43 -22.79
C PHE A 102 -35.94 -40.40 -23.72
N VAL A 103 -35.27 -40.10 -24.84
CA VAL A 103 -35.78 -39.12 -25.79
C VAL A 103 -36.48 -39.84 -26.94
N HIS A 104 -37.76 -39.53 -27.13
CA HIS A 104 -38.55 -40.12 -28.20
C HIS A 104 -39.07 -39.04 -29.16
N ASP A 105 -39.29 -39.42 -30.41
CA ASP A 105 -40.01 -38.59 -31.40
C ASP A 105 -41.49 -38.51 -30.99
N PRO A 106 -42.08 -37.30 -31.03
CA PRO A 106 -43.45 -37.13 -30.51
C PRO A 106 -44.51 -37.83 -31.35
N PHE A 107 -44.39 -37.74 -32.69
CA PHE A 107 -45.35 -38.39 -33.61
C PHE A 107 -45.25 -39.92 -33.57
N THR A 108 -44.04 -40.46 -33.80
CA THR A 108 -43.84 -41.90 -34.00
C THR A 108 -43.59 -42.69 -32.71
N LEU A 109 -43.32 -42.01 -31.60
CA LEU A 109 -42.84 -42.63 -30.35
C LEU A 109 -41.52 -43.41 -30.50
N GLU A 110 -40.85 -43.23 -31.63
CA GLU A 110 -39.56 -43.87 -31.87
C GLU A 110 -38.46 -43.33 -30.96
N PRO A 111 -37.64 -44.22 -30.39
CA PRO A 111 -36.49 -43.75 -29.63
C PRO A 111 -35.57 -42.93 -30.54
N TYR A 112 -35.24 -41.71 -30.13
CA TYR A 112 -34.33 -40.83 -30.86
C TYR A 112 -32.93 -41.43 -30.93
N SER A 113 -32.40 -41.52 -32.14
CA SER A 113 -31.19 -42.32 -32.38
C SER A 113 -29.90 -41.69 -31.83
N ARG A 114 -29.97 -40.43 -31.39
CA ARG A 114 -28.79 -39.74 -30.85
C ARG A 114 -28.82 -39.51 -29.33
N ASP A 115 -29.80 -40.07 -28.64
CA ASP A 115 -29.85 -40.06 -27.19
C ASP A 115 -29.04 -41.23 -26.65
N PRO A 116 -27.91 -40.94 -25.98
CA PRO A 116 -27.03 -41.98 -25.49
C PRO A 116 -27.74 -43.03 -24.65
N ARG A 117 -28.76 -42.64 -23.91
CA ARG A 117 -29.51 -43.60 -23.08
C ARG A 117 -30.24 -44.62 -23.96
N ASN A 118 -30.83 -44.15 -25.07
CA ASN A 118 -31.45 -45.07 -26.03
C ASN A 118 -30.45 -46.05 -26.61
N ILE A 119 -29.26 -45.55 -26.90
CA ILE A 119 -28.20 -46.37 -27.48
C ILE A 119 -27.79 -47.50 -26.53
N ALA A 120 -27.72 -47.20 -25.24
CA ALA A 120 -27.42 -48.20 -24.23
C ALA A 120 -28.56 -49.22 -24.15
N ARG A 121 -29.80 -48.73 -24.23
CA ARG A 121 -30.95 -49.64 -24.24
C ARG A 121 -30.93 -50.51 -25.50
N LYS A 122 -30.64 -49.90 -26.65
CA LYS A 122 -30.58 -50.64 -27.90
C LYS A 122 -29.50 -51.74 -27.82
N ALA A 123 -28.39 -51.42 -27.17
CA ALA A 123 -27.32 -52.38 -27.01
C ALA A 123 -27.77 -53.59 -26.21
N GLU A 124 -28.53 -53.34 -25.15
CA GLU A 124 -29.00 -54.42 -24.28
C GLU A 124 -30.01 -55.34 -25.01
N ASN A 125 -30.98 -54.72 -25.70
CA ASN A 125 -31.94 -55.45 -26.54
C ASN A 125 -31.28 -56.25 -27.67
N TYR A 126 -30.28 -55.65 -28.33
CA TYR A 126 -29.50 -56.36 -29.35
C TYR A 126 -28.83 -57.59 -28.79
N LEU A 127 -28.18 -57.47 -27.64
CA LEU A 127 -27.60 -58.62 -26.97
C LEU A 127 -28.61 -59.80 -26.92
N ILE A 128 -29.80 -59.54 -26.37
CA ILE A 128 -30.86 -60.53 -26.25
C ILE A 128 -31.17 -61.17 -27.62
N SER A 129 -31.35 -60.32 -28.62
CA SER A 129 -31.78 -60.75 -29.94
C SER A 129 -30.74 -61.64 -30.65
N THR A 130 -29.47 -61.56 -30.25
CA THR A 130 -28.46 -62.46 -30.84
C THR A 130 -28.47 -63.87 -30.22
N GLY A 131 -29.16 -64.01 -29.09
CA GLY A 131 -29.18 -65.30 -28.37
C GLY A 131 -27.88 -65.63 -27.64
N ILE A 132 -26.84 -64.81 -27.82
CA ILE A 132 -25.53 -65.06 -27.17
C ILE A 132 -25.62 -64.99 -25.65
N ALA A 133 -26.38 -64.02 -25.13
CA ALA A 133 -26.59 -63.81 -23.69
C ALA A 133 -27.82 -62.93 -23.48
N ASP A 134 -28.32 -62.85 -22.25
CA ASP A 134 -29.41 -61.92 -21.99
C ASP A 134 -29.07 -60.69 -21.14
N THR A 135 -27.91 -60.72 -20.48
CA THR A 135 -27.48 -59.62 -19.61
C THR A 135 -25.97 -59.34 -19.71
N ALA A 136 -25.65 -58.05 -19.83
CA ALA A 136 -24.27 -57.60 -19.83
C ALA A 136 -24.06 -56.75 -18.59
N TYR A 137 -23.15 -57.20 -17.73
CA TYR A 137 -22.81 -56.49 -16.53
C TYR A 137 -21.55 -55.65 -16.70
N PHE A 138 -21.63 -54.40 -16.22
CA PHE A 138 -20.51 -53.49 -16.26
C PHE A 138 -20.23 -52.95 -14.85
N GLY A 139 -18.96 -53.04 -14.47
CA GLY A 139 -18.48 -52.49 -13.21
C GLY A 139 -17.39 -51.47 -13.54
N ALA A 140 -17.48 -50.29 -12.95
CA ALA A 140 -16.50 -49.26 -13.27
C ALA A 140 -15.87 -48.73 -12.02
N GLU A 141 -14.56 -48.55 -12.08
CA GLU A 141 -13.80 -47.89 -11.02
C GLU A 141 -13.22 -46.60 -11.59
N ALA A 142 -13.78 -45.47 -11.15
CA ALA A 142 -13.44 -44.16 -11.69
C ALA A 142 -12.76 -43.26 -10.67
N GLU A 143 -11.56 -42.80 -11.04
CA GLU A 143 -10.75 -41.89 -10.25
C GLU A 143 -11.07 -40.46 -10.55
N PHE A 144 -10.76 -39.56 -9.61
CA PHE A 144 -10.92 -38.13 -9.80
C PHE A 144 -9.91 -37.35 -8.95
N TYR A 145 -9.76 -36.06 -9.24
CA TYR A 145 -8.92 -35.18 -8.42
C TYR A 145 -9.75 -34.12 -7.66
N ILE A 146 -9.37 -33.86 -6.42
CA ILE A 146 -9.99 -32.79 -5.65
C ILE A 146 -9.03 -31.61 -5.64
N PHE A 147 -9.49 -30.46 -6.10
CA PHE A 147 -8.64 -29.27 -6.06
C PHE A 147 -9.31 -28.17 -5.26
N ASP A 148 -8.55 -27.14 -4.92
CA ASP A 148 -9.13 -25.95 -4.30
C ASP A 148 -9.50 -24.88 -5.32
N SER A 149 -8.80 -24.87 -6.47
CA SER A 149 -9.01 -23.86 -7.48
C SER A 149 -8.51 -24.29 -8.86
N VAL A 150 -9.13 -23.69 -9.89
CA VAL A 150 -8.76 -23.86 -11.29
C VAL A 150 -9.00 -22.56 -12.02
N SER A 151 -8.06 -22.12 -12.84
CA SER A 151 -8.32 -21.03 -13.76
C SER A 151 -7.50 -21.23 -15.03
N PHE A 152 -7.94 -20.61 -16.13
CA PHE A 152 -7.31 -20.78 -17.43
C PHE A 152 -7.91 -19.79 -18.41
N ASP A 153 -7.18 -19.51 -19.48
CA ASP A 153 -7.72 -18.79 -20.63
C ASP A 153 -6.85 -19.01 -21.85
N SER A 154 -7.32 -18.54 -22.99
CA SER A 154 -6.63 -18.72 -24.23
C SER A 154 -6.87 -17.46 -25.04
N ARG A 155 -5.81 -16.67 -25.20
CA ARG A 155 -5.91 -15.35 -25.84
C ARG A 155 -4.98 -15.28 -27.07
N ALA A 156 -4.98 -14.16 -27.77
CA ALA A 156 -4.15 -14.04 -28.96
C ALA A 156 -2.65 -14.11 -28.66
N ASN A 157 -2.25 -13.51 -27.53
CA ASN A 157 -0.84 -13.32 -27.20
C ASN A 157 -0.36 -14.14 -26.00
N GLY A 158 -1.21 -15.04 -25.53
CA GLY A 158 -0.86 -15.83 -24.37
C GLY A 158 -1.98 -16.73 -23.91
N SER A 159 -1.63 -17.60 -22.97
CA SER A 159 -2.47 -18.71 -22.57
C SER A 159 -1.92 -19.27 -21.26
N PHE A 160 -2.81 -19.70 -20.37
CA PHE A 160 -2.40 -20.37 -19.15
C PHE A 160 -3.48 -21.31 -18.61
N TYR A 161 -3.06 -22.24 -17.75
CA TYR A 161 -3.95 -22.89 -16.80
C TYR A 161 -3.20 -23.01 -15.49
N GLU A 162 -3.95 -23.21 -14.41
CA GLU A 162 -3.38 -23.41 -13.11
C GLU A 162 -4.43 -24.13 -12.31
N VAL A 163 -4.07 -25.28 -11.74
CA VAL A 163 -4.89 -25.95 -10.75
C VAL A 163 -4.11 -25.92 -9.46
N ASP A 164 -4.81 -25.87 -8.33
CA ASP A 164 -4.13 -25.74 -7.08
C ASP A 164 -4.87 -26.40 -5.94
N ALA A 165 -4.12 -26.78 -4.91
CA ALA A 165 -4.64 -27.35 -3.70
C ALA A 165 -3.66 -27.01 -2.59
N ILE A 166 -4.22 -26.65 -1.44
CA ILE A 166 -3.44 -26.31 -0.26
C ILE A 166 -2.38 -27.39 0.02
N SER A 167 -2.80 -28.64 -0.10
CA SER A 167 -1.95 -29.75 0.25
C SER A 167 -1.15 -30.31 -0.91
N GLY A 168 -1.20 -29.66 -2.06
CA GLY A 168 -0.45 -30.12 -3.22
C GLY A 168 1.05 -30.16 -2.94
N TRP A 169 1.71 -31.19 -3.46
CA TRP A 169 3.13 -31.39 -3.20
C TRP A 169 4.06 -30.29 -3.77
N TRP A 170 3.54 -29.49 -4.71
CA TRP A 170 4.31 -28.39 -5.28
C TRP A 170 4.28 -27.16 -4.39
N ASN A 171 3.62 -27.25 -3.23
CA ASN A 171 3.42 -26.07 -2.37
C ASN A 171 4.19 -26.13 -1.06
N THR A 172 5.22 -26.96 -0.97
CA THR A 172 5.93 -27.13 0.31
C THR A 172 6.64 -25.87 0.75
N GLY A 173 6.92 -24.98 -0.22
CA GLY A 173 7.69 -23.78 0.06
C GLY A 173 6.88 -22.54 0.39
N ALA A 174 5.56 -22.64 0.30
CA ALA A 174 4.70 -21.49 0.56
C ALA A 174 4.92 -20.93 1.97
N ALA A 175 5.15 -19.63 2.06
CA ALA A 175 5.28 -18.94 3.35
C ALA A 175 3.98 -19.01 4.16
N THR A 176 2.86 -18.76 3.50
CA THR A 176 1.55 -18.92 4.12
C THR A 176 0.61 -19.52 3.09
N GLU A 177 -0.50 -20.09 3.57
CA GLU A 177 -1.52 -20.62 2.66
C GLU A 177 -2.28 -19.48 1.99
N ALA A 178 -3.09 -19.83 0.98
CA ALA A 178 -3.88 -18.87 0.21
C ALA A 178 -4.75 -17.96 1.09
N ASP A 179 -5.25 -18.48 2.21
CA ASP A 179 -6.00 -17.66 3.15
C ASP A 179 -5.16 -16.92 4.20
N GLY A 180 -3.84 -17.03 4.09
CA GLY A 180 -2.95 -16.32 5.02
C GLY A 180 -2.64 -17.10 6.29
N SER A 181 -3.20 -18.29 6.42
CA SER A 181 -2.92 -19.15 7.59
C SER A 181 -1.56 -19.81 7.35
N PRO A 182 -0.91 -20.31 8.41
CA PRO A 182 0.45 -20.80 8.25
C PRO A 182 0.55 -22.14 7.50
N ASN A 183 1.68 -22.38 6.85
CA ASN A 183 1.96 -23.64 6.20
C ASN A 183 2.27 -24.68 7.25
N ARG A 184 1.50 -25.76 7.32
CA ARG A 184 1.69 -26.75 8.37
C ARG A 184 2.33 -28.06 7.87
N GLY A 185 2.76 -28.05 6.60
CA GLY A 185 3.47 -29.17 6.02
C GLY A 185 2.58 -30.37 5.71
N TYR A 186 3.19 -31.54 5.73
CA TYR A 186 2.52 -32.80 5.40
C TYR A 186 2.01 -32.86 3.96
N LYS A 187 2.73 -32.21 3.05
CA LYS A 187 2.31 -32.13 1.67
C LYS A 187 3.02 -33.12 0.76
N VAL A 188 4.31 -33.39 1.04
CA VAL A 188 5.16 -34.17 0.12
C VAL A 188 4.73 -35.65 -0.05
N ARG A 189 4.72 -36.11 -1.31
CA ARG A 189 4.44 -37.51 -1.62
C ARG A 189 5.73 -38.29 -1.40
N HIS A 190 5.66 -39.34 -0.59
CA HIS A 190 6.83 -40.17 -0.34
C HIS A 190 6.89 -41.39 -1.24
N LYS A 191 8.10 -41.88 -1.45
CA LYS A 191 8.32 -43.16 -2.09
C LYS A 191 7.88 -44.28 -1.15
N GLY A 192 7.28 -45.33 -1.71
CA GLY A 192 6.95 -46.52 -0.91
C GLY A 192 5.49 -46.71 -0.47
N GLY A 193 4.70 -45.64 -0.55
CA GLY A 193 3.32 -45.70 -0.06
C GLY A 193 2.45 -44.62 -0.64
N TYR A 194 1.37 -45.02 -1.32
CA TYR A 194 0.49 -44.08 -2.00
C TYR A 194 -0.67 -43.64 -1.16
N PHE A 195 -0.97 -44.36 -0.08
CA PHE A 195 -2.18 -44.05 0.69
C PHE A 195 -1.96 -43.75 2.18
N PRO A 196 -1.08 -42.78 2.50
CA PRO A 196 -0.73 -42.60 3.91
C PRO A 196 -1.93 -42.11 4.74
N VAL A 197 -1.91 -42.37 6.04
CA VAL A 197 -2.94 -41.85 6.97
C VAL A 197 -2.79 -40.34 7.26
N ALA A 198 -3.80 -39.75 7.87
CA ALA A 198 -3.76 -38.36 8.31
C ALA A 198 -2.59 -38.17 9.26
N PRO A 199 -1.96 -36.98 9.24
CA PRO A 199 -2.33 -35.78 8.46
C PRO A 199 -1.79 -35.74 7.03
N ASN A 200 -0.98 -36.70 6.61
CA ASN A 200 -0.58 -36.79 5.19
C ASN A 200 -1.79 -36.86 4.27
N ASP A 201 -2.81 -37.61 4.69
CA ASP A 201 -4.08 -37.64 4.02
C ASP A 201 -4.88 -36.44 4.49
N GLN A 202 -5.07 -35.47 3.59
CA GLN A 202 -5.70 -34.21 3.96
C GLN A 202 -7.16 -34.08 3.49
N TYR A 203 -7.72 -35.17 2.94
CA TYR A 203 -9.10 -35.17 2.46
C TYR A 203 -10.00 -36.23 3.10
N VAL A 204 -9.62 -36.77 4.26
CA VAL A 204 -10.37 -37.85 4.89
C VAL A 204 -11.85 -37.51 5.08
N ASP A 205 -12.14 -36.40 5.73
CA ASP A 205 -13.53 -36.05 6.03
C ASP A 205 -14.37 -35.81 4.78
N LEU A 206 -13.80 -35.11 3.81
CA LEU A 206 -14.49 -34.86 2.54
C LEU A 206 -14.80 -36.16 1.79
N ARG A 207 -13.83 -37.07 1.71
CA ARG A 207 -14.05 -38.36 1.05
C ARG A 207 -15.17 -39.12 1.74
N ASP A 208 -15.17 -39.13 3.07
CA ASP A 208 -16.21 -39.79 3.84
C ASP A 208 -17.58 -39.20 3.54
N LYS A 209 -17.65 -37.88 3.38
CA LYS A 209 -18.90 -37.23 3.00
C LYS A 209 -19.40 -37.73 1.63
N MET A 210 -18.45 -37.89 0.68
CA MET A 210 -18.74 -38.45 -0.63
C MET A 210 -19.26 -39.89 -0.51
N LEU A 211 -18.55 -40.71 0.28
CA LEU A 211 -18.97 -42.08 0.55
C LEU A 211 -20.38 -42.11 1.11
N THR A 212 -20.61 -41.33 2.17
CA THR A 212 -21.92 -41.25 2.83
C THR A 212 -23.01 -40.86 1.83
N ASN A 213 -22.74 -39.87 0.99
CA ASN A 213 -23.72 -39.46 -0.02
C ASN A 213 -24.02 -40.56 -1.04
N LEU A 214 -23.01 -41.34 -1.40
CA LEU A 214 -23.22 -42.43 -2.35
C LEU A 214 -24.12 -43.50 -1.72
N ILE A 215 -23.80 -43.91 -0.49
CA ILE A 215 -24.59 -44.92 0.18
C ILE A 215 -26.05 -44.42 0.33
N ASN A 216 -26.25 -43.16 0.71
CA ASN A 216 -27.60 -42.62 0.86
C ASN A 216 -28.34 -42.54 -0.47
N SER A 217 -27.58 -42.53 -1.56
CA SER A 217 -28.15 -42.47 -2.90
C SER A 217 -28.32 -43.81 -3.58
N GLY A 218 -28.31 -44.88 -2.80
CA GLY A 218 -28.60 -46.22 -3.32
C GLY A 218 -27.45 -47.01 -3.92
N PHE A 219 -26.23 -46.48 -3.88
CA PHE A 219 -25.05 -47.23 -4.28
C PHE A 219 -24.83 -48.34 -3.27
N ILE A 220 -24.45 -49.52 -3.76
CA ILE A 220 -24.25 -50.67 -2.90
C ILE A 220 -22.76 -50.92 -2.75
N LEU A 221 -22.29 -50.82 -1.52
CA LEU A 221 -20.91 -51.09 -1.16
C LEU A 221 -20.86 -52.30 -0.24
N GLU A 222 -20.24 -53.37 -0.73
CA GLU A 222 -20.10 -54.61 0.02
C GLU A 222 -18.68 -55.11 -0.12
N LYS A 223 -18.51 -56.43 -0.04
CA LYS A 223 -17.20 -57.05 -0.12
C LYS A 223 -16.46 -56.56 -1.38
N GLY A 224 -15.24 -56.04 -1.19
CA GLY A 224 -14.39 -55.60 -2.30
C GLY A 224 -14.55 -54.15 -2.73
N HIS A 225 -15.43 -53.42 -2.04
CA HIS A 225 -15.72 -52.02 -2.36
C HIS A 225 -15.12 -51.11 -1.30
N HIS A 226 -14.44 -50.06 -1.75
CA HIS A 226 -13.69 -49.23 -0.81
C HIS A 226 -13.60 -47.77 -1.23
N GLU A 227 -13.25 -46.94 -0.25
CA GLU A 227 -12.90 -45.55 -0.47
C GLU A 227 -11.38 -45.44 -0.35
N VAL A 228 -10.73 -44.91 -1.40
CA VAL A 228 -9.27 -44.74 -1.42
C VAL A 228 -8.86 -43.33 -1.80
N GLY A 229 -7.80 -42.86 -1.18
CA GLY A 229 -7.24 -41.53 -1.46
C GLY A 229 -5.72 -41.54 -1.57
N SER A 230 -5.21 -40.73 -2.48
CA SER A 230 -3.77 -40.56 -2.65
C SER A 230 -3.50 -39.11 -3.05
N GLY A 231 -2.94 -38.33 -2.12
CA GLY A 231 -2.80 -36.88 -2.32
C GLY A 231 -4.19 -36.33 -2.59
N GLY A 232 -4.34 -35.51 -3.62
CA GLY A 232 -5.66 -35.02 -4.01
C GLY A 232 -6.50 -35.98 -4.87
N GLN A 233 -5.96 -37.15 -5.18
CA GLN A 233 -6.69 -38.12 -6.02
C GLN A 233 -7.51 -39.11 -5.17
N ALA A 234 -8.65 -39.52 -5.69
CA ALA A 234 -9.54 -40.42 -4.95
C ALA A 234 -10.35 -41.33 -5.84
N GLU A 235 -10.89 -42.39 -5.24
CA GLU A 235 -11.75 -43.32 -5.94
C GLU A 235 -12.65 -43.99 -4.93
N ILE A 236 -13.92 -44.13 -5.26
CA ILE A 236 -14.83 -44.97 -4.49
C ILE A 236 -15.57 -45.89 -5.46
N ASN A 237 -15.29 -47.18 -5.36
CA ASN A 237 -15.95 -48.15 -6.22
C ASN A 237 -17.18 -48.73 -5.55
N TYR A 238 -18.05 -49.34 -6.34
CA TYR A 238 -19.36 -49.77 -5.88
C TYR A 238 -19.85 -50.92 -6.76
N GLN A 239 -20.94 -51.56 -6.35
CA GLN A 239 -21.41 -52.77 -7.03
C GLN A 239 -21.81 -52.48 -8.46
N PHE A 240 -21.36 -53.34 -9.37
CA PHE A 240 -21.68 -53.29 -10.81
C PHE A 240 -23.19 -53.34 -11.05
N ASN A 241 -23.58 -53.27 -12.32
CA ASN A 241 -24.98 -53.22 -12.71
C ASN A 241 -25.10 -53.64 -14.19
N SER A 242 -26.33 -53.91 -14.65
CA SER A 242 -26.55 -54.19 -16.07
C SER A 242 -26.21 -52.94 -16.87
N LEU A 243 -25.81 -53.13 -18.13
CA LEU A 243 -25.22 -52.04 -18.94
C LEU A 243 -25.83 -50.65 -18.76
N LEU A 244 -27.07 -50.47 -19.20
CA LEU A 244 -27.71 -49.14 -19.13
C LEU A 244 -27.62 -48.53 -17.73
N HIS A 245 -28.05 -49.29 -16.73
CA HIS A 245 -28.12 -48.76 -15.37
C HIS A 245 -26.76 -48.56 -14.74
N ALA A 246 -25.76 -49.30 -15.22
CA ALA A 246 -24.39 -49.10 -14.79
C ALA A 246 -23.91 -47.72 -15.24
N ALA A 247 -24.28 -47.33 -16.46
CA ALA A 247 -23.93 -46.04 -16.98
C ALA A 247 -24.72 -44.95 -16.24
N ASP A 248 -25.99 -45.22 -15.94
CA ASP A 248 -26.74 -44.29 -15.11
C ASP A 248 -26.01 -44.10 -13.77
N ASP A 249 -25.55 -45.21 -13.19
CA ASP A 249 -24.82 -45.17 -11.93
C ASP A 249 -23.56 -44.30 -12.01
N MET A 250 -22.83 -44.39 -13.13
CA MET A 250 -21.62 -43.62 -13.35
C MET A 250 -21.94 -42.12 -13.41
N GLN A 251 -22.99 -41.76 -14.13
CA GLN A 251 -23.41 -40.35 -14.21
C GLN A 251 -23.74 -39.83 -12.84
N LEU A 252 -24.41 -40.67 -12.04
CA LEU A 252 -24.86 -40.26 -10.71
C LEU A 252 -23.67 -40.17 -9.76
N TYR A 253 -22.72 -41.08 -9.93
CA TYR A 253 -21.48 -41.07 -9.18
C TYR A 253 -20.77 -39.76 -9.37
N LYS A 254 -20.57 -39.36 -10.63
CA LYS A 254 -19.86 -38.13 -10.94
C LYS A 254 -20.62 -36.97 -10.37
N TYR A 255 -21.94 -36.99 -10.51
CA TYR A 255 -22.78 -35.92 -10.01
C TYR A 255 -22.59 -35.76 -8.49
N ILE A 256 -22.56 -36.87 -7.77
CA ILE A 256 -22.43 -36.83 -6.33
C ILE A 256 -21.03 -36.40 -5.86
N ILE A 257 -20.00 -36.90 -6.51
CA ILE A 257 -18.62 -36.50 -6.22
C ILE A 257 -18.40 -35.02 -6.47
N LYS A 258 -18.77 -34.55 -7.66
CA LYS A 258 -18.62 -33.13 -8.00
C LYS A 258 -19.33 -32.18 -7.04
N ASN A 259 -20.57 -32.51 -6.69
CA ASN A 259 -21.35 -31.62 -5.84
C ASN A 259 -21.08 -31.74 -4.33
N THR A 260 -20.69 -32.91 -3.85
CA THR A 260 -20.17 -33.01 -2.50
C THR A 260 -18.93 -32.09 -2.33
N ALA A 261 -18.02 -32.12 -3.31
CA ALA A 261 -16.87 -31.21 -3.33
C ALA A 261 -17.29 -29.74 -3.36
N TRP A 262 -18.19 -29.43 -4.29
CA TRP A 262 -18.67 -28.06 -4.46
C TRP A 262 -19.26 -27.50 -3.16
N GLN A 263 -20.12 -28.26 -2.50
CA GLN A 263 -20.74 -27.82 -1.26
C GLN A 263 -19.75 -27.66 -0.11
N ASN A 264 -18.59 -28.28 -0.21
CA ASN A 264 -17.59 -28.11 0.82
C ASN A 264 -16.41 -27.23 0.37
N GLY A 265 -16.70 -26.28 -0.51
CA GLY A 265 -15.71 -25.29 -0.93
C GLY A 265 -14.55 -25.81 -1.77
N LYS A 266 -14.75 -26.96 -2.41
CA LYS A 266 -13.74 -27.54 -3.30
C LYS A 266 -14.26 -27.66 -4.74
N THR A 267 -13.42 -28.19 -5.61
CA THR A 267 -13.79 -28.39 -7.01
C THR A 267 -13.09 -29.66 -7.52
N VAL A 268 -13.86 -30.52 -8.18
CA VAL A 268 -13.40 -31.83 -8.60
C VAL A 268 -13.26 -31.85 -10.10
N THR A 269 -12.27 -32.58 -10.61
CA THR A 269 -12.23 -32.87 -12.03
C THR A 269 -12.05 -34.35 -12.30
N PHE A 270 -12.78 -34.83 -13.31
CA PHE A 270 -12.62 -36.21 -13.81
C PHE A 270 -11.76 -36.26 -15.06
N MET A 271 -11.11 -35.14 -15.41
CA MET A 271 -10.29 -35.12 -16.64
C MET A 271 -9.15 -36.11 -16.49
N PRO A 272 -8.76 -36.76 -17.59
CA PRO A 272 -7.76 -37.83 -17.52
C PRO A 272 -6.40 -37.39 -16.97
N LYS A 273 -6.00 -36.16 -17.25
CA LYS A 273 -4.64 -35.76 -16.90
C LYS A 273 -4.58 -34.28 -16.56
N PRO A 274 -4.99 -33.90 -15.33
CA PRO A 274 -4.90 -32.52 -14.90
C PRO A 274 -3.50 -32.14 -14.43
N LEU A 275 -2.73 -33.11 -13.93
CA LEU A 275 -1.40 -32.85 -13.39
C LEU A 275 -0.29 -33.46 -14.23
N PHE A 276 0.68 -32.64 -14.62
CA PHE A 276 1.84 -33.15 -15.30
C PHE A 276 2.84 -33.77 -14.32
N GLY A 277 3.25 -35.00 -14.58
CA GLY A 277 4.19 -35.73 -13.71
C GLY A 277 3.52 -36.27 -12.45
N ASP A 278 2.23 -36.58 -12.53
CA ASP A 278 1.51 -37.23 -11.47
C ASP A 278 0.53 -38.17 -12.13
N ASN A 279 -0.03 -39.08 -11.35
CA ASN A 279 -0.97 -40.09 -11.86
C ASN A 279 -2.16 -39.50 -12.63
N GLY A 280 -2.50 -40.11 -13.76
CA GLY A 280 -3.70 -39.73 -14.47
C GLY A 280 -4.93 -40.36 -13.83
N SER A 281 -6.09 -40.02 -14.32
CA SER A 281 -7.31 -40.61 -13.81
C SER A 281 -7.94 -41.53 -14.80
N GLY A 282 -8.01 -42.82 -14.46
CA GLY A 282 -8.60 -43.83 -15.30
C GLY A 282 -9.94 -44.41 -14.82
N MET A 283 -10.58 -45.20 -15.69
CA MET A 283 -11.81 -45.87 -15.37
C MET A 283 -11.66 -47.29 -15.83
N HIS A 284 -11.36 -48.18 -14.90
CA HIS A 284 -11.27 -49.61 -15.20
C HIS A 284 -12.67 -50.21 -15.32
N CYS A 285 -12.94 -50.87 -16.46
CA CYS A 285 -14.25 -51.39 -16.76
C CYS A 285 -14.34 -52.90 -16.75
N HIS A 286 -14.96 -53.44 -15.71
CA HIS A 286 -15.22 -54.89 -15.60
C HIS A 286 -16.46 -55.26 -16.38
N GLN A 287 -16.41 -56.40 -17.07
CA GLN A 287 -17.47 -56.85 -17.98
C GLN A 287 -17.67 -58.34 -17.91
N SER A 288 -18.93 -58.76 -17.96
CA SER A 288 -19.25 -60.18 -18.13
C SER A 288 -20.63 -60.35 -18.78
N LEU A 289 -20.82 -61.49 -19.46
CA LEU A 289 -22.10 -61.83 -20.06
C LEU A 289 -22.76 -62.96 -19.29
N TRP A 290 -24.07 -62.88 -19.14
CA TRP A 290 -24.85 -63.88 -18.44
C TRP A 290 -26.09 -64.33 -19.23
N LYS A 291 -26.44 -65.61 -19.09
CA LYS A 291 -27.66 -66.14 -19.69
C LYS A 291 -28.45 -66.99 -18.70
N ASP A 292 -29.76 -66.75 -18.65
CA ASP A 292 -30.71 -67.51 -17.80
C ASP A 292 -30.20 -67.64 -16.36
N GLY A 293 -29.74 -66.52 -15.80
CA GLY A 293 -29.20 -66.49 -14.43
C GLY A 293 -27.85 -67.16 -14.22
N ALA A 294 -27.19 -67.58 -15.31
CA ALA A 294 -25.92 -68.30 -15.20
C ALA A 294 -24.80 -67.57 -15.95
N PRO A 295 -23.57 -67.62 -15.41
CA PRO A 295 -22.42 -66.95 -16.03
C PRO A 295 -21.93 -67.67 -17.28
N LEU A 296 -21.31 -66.93 -18.19
CA LEU A 296 -20.88 -67.48 -19.46
C LEU A 296 -19.39 -67.35 -19.69
N MET A 297 -18.68 -66.77 -18.71
CA MET A 297 -17.29 -66.43 -18.93
C MET A 297 -16.32 -67.50 -18.43
N TYR A 298 -16.81 -68.44 -17.63
CA TYR A 298 -15.94 -69.40 -16.95
C TYR A 298 -15.78 -70.75 -17.66
N ASP A 299 -14.59 -71.33 -17.51
CA ASP A 299 -14.26 -72.66 -18.00
C ASP A 299 -12.93 -73.04 -17.34
N GLU A 300 -12.96 -74.07 -16.51
CA GLU A 300 -11.77 -74.53 -15.77
C GLU A 300 -10.62 -74.84 -16.71
N THR A 301 -10.95 -75.35 -17.89
CA THR A 301 -9.97 -75.88 -18.85
C THR A 301 -9.23 -74.79 -19.64
N GLY A 302 -9.88 -73.64 -19.85
CA GLY A 302 -9.29 -72.55 -20.64
C GLY A 302 -8.26 -71.75 -19.86
N TYR A 303 -7.41 -71.03 -20.59
CA TYR A 303 -6.41 -70.16 -19.95
C TYR A 303 -7.06 -69.09 -19.05
N ALA A 304 -6.58 -68.99 -17.82
CA ALA A 304 -7.13 -68.05 -16.84
C ALA A 304 -8.64 -68.24 -16.55
N GLY A 305 -9.12 -69.47 -16.75
CA GLY A 305 -10.50 -69.81 -16.46
C GLY A 305 -11.50 -69.24 -17.45
N LEU A 306 -11.05 -68.93 -18.65
CA LEU A 306 -11.89 -68.26 -19.66
C LEU A 306 -12.53 -69.22 -20.66
N SER A 307 -13.85 -69.09 -20.83
CA SER A 307 -14.61 -69.86 -21.82
C SER A 307 -14.31 -69.38 -23.24
N ASP A 308 -14.79 -70.13 -24.23
CA ASP A 308 -14.65 -69.74 -25.63
C ASP A 308 -15.33 -68.40 -25.89
N THR A 309 -16.46 -68.17 -25.23
CA THR A 309 -17.21 -66.94 -25.37
C THR A 309 -16.39 -65.76 -24.81
N ALA A 310 -15.74 -65.96 -23.68
CA ALA A 310 -14.92 -64.93 -23.05
C ALA A 310 -13.73 -64.58 -23.94
N ARG A 311 -13.02 -65.60 -24.40
CA ARG A 311 -11.84 -65.40 -25.22
C ARG A 311 -12.19 -64.63 -26.50
N HIS A 312 -13.31 -64.99 -27.13
CA HIS A 312 -13.73 -64.31 -28.37
C HIS A 312 -14.15 -62.85 -28.11
N TYR A 313 -14.75 -62.62 -26.94
CA TYR A 313 -15.11 -61.27 -26.50
C TYR A 313 -13.83 -60.42 -26.43
N ILE A 314 -12.81 -60.97 -25.79
CA ILE A 314 -11.49 -60.34 -25.69
C ILE A 314 -10.92 -60.10 -27.08
N GLY A 315 -11.06 -61.10 -27.94
CA GLY A 315 -10.64 -60.96 -29.34
C GLY A 315 -11.23 -59.72 -29.98
N GLY A 316 -12.52 -59.49 -29.75
CA GLY A 316 -13.22 -58.32 -30.27
C GLY A 316 -12.71 -57.02 -29.69
N LEU A 317 -12.48 -56.99 -28.38
CA LEU A 317 -11.99 -55.80 -27.71
C LEU A 317 -10.64 -55.39 -28.26
N LEU A 318 -9.73 -56.36 -28.43
CA LEU A 318 -8.39 -56.07 -28.90
C LEU A 318 -8.36 -55.75 -30.37
N HIS A 319 -9.22 -56.38 -31.16
CA HIS A 319 -9.25 -56.12 -32.59
C HIS A 319 -9.83 -54.75 -32.86
N HIS A 320 -10.87 -54.38 -32.12
CA HIS A 320 -11.55 -53.09 -32.33
C HIS A 320 -11.02 -51.91 -31.47
N ALA A 321 -10.11 -52.22 -30.54
CA ALA A 321 -9.54 -51.22 -29.65
C ALA A 321 -9.20 -49.89 -30.32
N PRO A 322 -8.47 -49.89 -31.44
CA PRO A 322 -8.11 -48.59 -32.03
C PRO A 322 -9.30 -47.69 -32.34
N SER A 323 -10.46 -48.27 -32.63
CA SER A 323 -11.65 -47.46 -32.92
C SER A 323 -12.51 -47.30 -31.68
N LEU A 324 -12.46 -48.31 -30.83
CA LEU A 324 -13.18 -48.30 -29.57
C LEU A 324 -12.79 -47.11 -28.68
N LEU A 325 -11.50 -46.75 -28.66
CA LEU A 325 -11.02 -45.62 -27.85
C LEU A 325 -11.68 -44.29 -28.20
N ALA A 326 -12.33 -44.22 -29.37
CA ALA A 326 -13.08 -43.03 -29.74
C ALA A 326 -14.24 -42.77 -28.78
N PHE A 327 -14.65 -43.82 -28.09
CA PHE A 327 -15.71 -43.69 -27.08
C PHE A 327 -15.21 -43.91 -25.65
N THR A 328 -14.22 -44.78 -25.46
CA THR A 328 -13.72 -45.04 -24.13
C THR A 328 -12.68 -44.02 -23.70
N ASN A 329 -12.01 -43.38 -24.67
CA ASN A 329 -11.00 -42.37 -24.38
C ASN A 329 -11.17 -41.17 -25.30
N PRO A 330 -12.32 -40.50 -25.18
CA PRO A 330 -12.81 -39.62 -26.28
C PRO A 330 -12.27 -38.21 -26.33
N THR A 331 -11.28 -37.86 -25.52
CA THR A 331 -10.78 -36.46 -25.52
C THR A 331 -9.33 -36.35 -25.90
N VAL A 332 -8.88 -35.16 -26.28
CA VAL A 332 -7.47 -34.92 -26.55
C VAL A 332 -6.67 -35.22 -25.28
N ASN A 333 -7.15 -34.72 -24.14
CA ASN A 333 -6.49 -34.93 -22.82
C ASN A 333 -6.32 -36.40 -22.43
N SER A 334 -7.18 -37.28 -22.94
CA SER A 334 -7.06 -38.74 -22.72
C SER A 334 -5.66 -39.26 -23.08
N TYR A 335 -5.06 -38.66 -24.10
CA TYR A 335 -3.85 -39.22 -24.70
C TYR A 335 -2.60 -38.72 -23.99
N LYS A 336 -2.83 -37.89 -22.98
CA LYS A 336 -1.79 -37.50 -22.04
C LYS A 336 -1.67 -38.55 -20.92
N ARG A 337 -2.71 -39.35 -20.76
CA ARG A 337 -2.62 -40.46 -19.83
C ARG A 337 -2.13 -41.71 -20.57
N LEU A 338 -2.68 -41.94 -21.76
CA LEU A 338 -2.30 -43.11 -22.56
C LEU A 338 -0.99 -42.85 -23.30
N VAL A 339 0.09 -42.70 -22.54
CA VAL A 339 1.37 -42.25 -23.10
C VAL A 339 2.42 -43.36 -23.30
N PRO A 340 2.95 -43.47 -24.55
CA PRO A 340 3.85 -44.50 -25.11
C PRO A 340 5.04 -45.01 -24.29
N GLY A 341 5.28 -44.50 -23.08
CA GLY A 341 6.48 -44.96 -22.37
C GLY A 341 6.42 -45.23 -20.87
N TYR A 342 5.31 -45.78 -20.38
CA TYR A 342 5.09 -45.89 -18.92
C TYR A 342 4.45 -47.22 -18.50
N GLU A 343 3.66 -47.17 -17.41
CA GLU A 343 2.79 -48.27 -16.97
C GLU A 343 1.49 -48.31 -17.77
N ALA A 344 1.36 -47.35 -18.70
CA ALA A 344 0.15 -47.08 -19.48
C ALA A 344 -0.52 -48.33 -20.06
N PRO A 345 -1.81 -48.55 -19.70
CA PRO A 345 -2.62 -49.62 -20.33
C PRO A 345 -2.85 -49.38 -21.84
N ILE A 346 -1.79 -49.50 -22.63
CA ILE A 346 -1.81 -49.23 -24.07
C ILE A 346 -1.46 -50.46 -24.92
N ASN A 347 -0.98 -51.52 -24.28
CA ASN A 347 -0.60 -52.74 -24.97
C ASN A 347 -1.79 -53.64 -25.31
N LEU A 348 -2.00 -53.86 -26.61
CA LEU A 348 -3.14 -54.62 -27.12
C LEU A 348 -3.02 -56.13 -26.91
N VAL A 349 -2.86 -56.53 -25.65
CA VAL A 349 -2.82 -57.93 -25.27
C VAL A 349 -3.72 -58.14 -24.06
N TYR A 350 -4.08 -59.40 -23.76
CA TYR A 350 -4.70 -59.66 -22.47
C TYR A 350 -3.73 -60.39 -21.57
N SER A 351 -3.93 -60.26 -20.26
CA SER A 351 -2.98 -60.76 -19.29
C SER A 351 -3.66 -60.97 -17.95
N GLN A 352 -2.96 -61.64 -17.04
CA GLN A 352 -3.47 -61.96 -15.71
C GLN A 352 -2.64 -61.26 -14.64
N ARG A 353 -1.40 -60.91 -14.99
CA ARG A 353 -0.44 -60.32 -14.06
C ARG A 353 0.05 -58.95 -14.53
N ASN A 354 0.09 -58.77 -15.84
CA ASN A 354 0.64 -57.55 -16.43
C ASN A 354 -0.33 -56.35 -16.31
N ARG A 355 -0.01 -55.45 -15.39
CA ARG A 355 -0.78 -54.24 -15.16
C ARG A 355 -0.40 -53.18 -16.21
N SER A 356 -0.41 -53.58 -17.48
CA SER A 356 0.09 -52.77 -18.58
C SER A 356 -0.62 -53.18 -19.87
N ALA A 357 -1.50 -54.16 -19.74
CA ALA A 357 -2.30 -54.66 -20.85
C ALA A 357 -3.68 -54.03 -20.84
N CYS A 358 -4.24 -53.82 -22.03
CA CYS A 358 -5.60 -53.32 -22.22
C CYS A 358 -6.62 -54.11 -21.44
N VAL A 359 -6.55 -55.43 -21.57
CA VAL A 359 -7.49 -56.33 -20.95
C VAL A 359 -6.77 -57.13 -19.85
N ARG A 360 -7.28 -57.02 -18.63
CA ARG A 360 -6.76 -57.83 -17.54
C ARG A 360 -7.85 -58.78 -17.06
N ILE A 361 -7.45 -59.99 -16.67
CA ILE A 361 -8.37 -60.96 -16.12
C ILE A 361 -8.11 -61.04 -14.63
N PRO A 362 -8.98 -60.39 -13.81
CA PRO A 362 -8.76 -60.41 -12.35
C PRO A 362 -8.74 -61.84 -11.83
N ILE A 363 -7.87 -62.12 -10.87
CA ILE A 363 -7.78 -63.48 -10.36
C ILE A 363 -8.87 -63.72 -9.33
N THR A 364 -9.74 -64.68 -9.66
CA THR A 364 -10.98 -64.90 -8.94
C THR A 364 -11.12 -66.38 -8.54
N GLY A 365 -10.06 -67.15 -8.76
CA GLY A 365 -10.05 -68.58 -8.44
C GLY A 365 -11.00 -69.39 -9.29
N SER A 366 -11.66 -70.36 -8.67
CA SER A 366 -12.54 -71.30 -9.38
C SER A 366 -14.04 -71.01 -9.24
N ASN A 367 -14.40 -69.91 -8.55
CA ASN A 367 -15.79 -69.44 -8.50
C ASN A 367 -16.24 -68.91 -9.88
N PRO A 368 -17.13 -69.66 -10.55
CA PRO A 368 -17.49 -69.33 -11.95
C PRO A 368 -18.19 -67.96 -12.08
N LYS A 369 -18.95 -67.58 -11.06
CA LYS A 369 -19.73 -66.34 -11.07
C LYS A 369 -18.85 -65.10 -11.17
N ALA A 370 -17.69 -65.14 -10.52
CA ALA A 370 -16.79 -63.99 -10.44
C ALA A 370 -15.95 -63.74 -11.70
N LYS A 371 -15.88 -64.73 -12.59
CA LYS A 371 -15.06 -64.62 -13.80
C LYS A 371 -15.55 -63.49 -14.72
N ARG A 372 -14.61 -62.64 -15.13
CA ARG A 372 -14.90 -61.44 -15.90
C ARG A 372 -13.63 -60.89 -16.54
N LEU A 373 -13.79 -59.91 -17.42
CA LEU A 373 -12.64 -59.23 -18.00
C LEU A 373 -12.68 -57.74 -17.70
N GLU A 374 -11.49 -57.19 -17.43
CA GLU A 374 -11.33 -55.79 -17.04
C GLU A 374 -10.64 -55.04 -18.17
N PHE A 375 -11.37 -54.16 -18.84
CA PHE A 375 -10.79 -53.25 -19.83
C PHE A 375 -10.21 -52.03 -19.09
N ARG A 376 -8.89 -51.85 -19.19
CA ARG A 376 -8.16 -50.91 -18.32
C ARG A 376 -7.88 -49.53 -18.94
N SER A 377 -7.92 -49.46 -20.26
CA SER A 377 -7.65 -48.23 -21.02
C SER A 377 -8.58 -47.03 -20.77
N PRO A 378 -9.90 -47.27 -20.59
CA PRO A 378 -10.85 -46.14 -20.56
C PRO A 378 -10.58 -45.10 -19.49
N ASP A 379 -11.17 -43.92 -19.64
CA ASP A 379 -11.12 -42.88 -18.63
C ASP A 379 -12.53 -42.31 -18.44
N SER A 380 -12.68 -41.31 -17.57
CA SER A 380 -14.02 -40.82 -17.25
C SER A 380 -14.41 -39.61 -18.06
N SER A 381 -13.70 -39.35 -19.15
CA SER A 381 -13.85 -38.07 -19.84
C SER A 381 -15.00 -37.99 -20.85
N GLY A 382 -15.71 -39.09 -21.07
CA GLY A 382 -16.74 -39.03 -22.10
C GLY A 382 -18.14 -39.41 -21.67
N ASN A 383 -18.64 -40.46 -22.30
CA ASN A 383 -20.03 -40.83 -22.15
C ASN A 383 -20.12 -42.31 -21.82
N PRO A 384 -20.52 -42.63 -20.59
CA PRO A 384 -20.49 -44.03 -20.19
C PRO A 384 -21.55 -44.84 -20.95
N TYR A 385 -22.66 -44.22 -21.33
CA TYR A 385 -23.68 -44.90 -22.13
C TYR A 385 -23.08 -45.37 -23.44
N LEU A 386 -22.34 -44.49 -24.10
CA LEU A 386 -21.71 -44.81 -25.37
C LEU A 386 -20.52 -45.71 -25.20
N ALA A 387 -19.72 -45.48 -24.15
CA ALA A 387 -18.52 -46.28 -23.89
C ALA A 387 -18.87 -47.75 -23.59
N PHE A 388 -19.83 -47.97 -22.69
CA PHE A 388 -20.22 -49.32 -22.32
C PHE A 388 -20.86 -50.04 -23.52
N SER A 389 -21.78 -49.36 -24.23
CA SER A 389 -22.35 -49.89 -25.46
C SER A 389 -21.28 -50.30 -26.47
N ALA A 390 -20.32 -49.40 -26.73
CA ALA A 390 -19.30 -49.63 -27.74
C ALA A 390 -18.45 -50.85 -27.36
N MET A 391 -18.16 -50.97 -26.06
CA MET A 391 -17.40 -52.13 -25.55
C MET A 391 -18.16 -53.44 -25.76
N LEU A 392 -19.47 -53.44 -25.48
CA LEU A 392 -20.29 -54.63 -25.68
C LEU A 392 -20.30 -55.02 -27.16
N MET A 393 -20.50 -54.05 -28.05
CA MET A 393 -20.53 -54.31 -29.49
C MET A 393 -19.22 -54.92 -29.99
N ALA A 394 -18.10 -54.44 -29.47
CA ALA A 394 -16.79 -54.99 -29.83
C ALA A 394 -16.73 -56.45 -29.41
N GLY A 395 -17.15 -56.72 -28.18
CA GLY A 395 -17.18 -58.08 -27.65
C GLY A 395 -18.11 -59.00 -28.42
N LEU A 396 -19.30 -58.50 -28.77
CA LEU A 396 -20.26 -59.27 -29.54
C LEU A 396 -19.78 -59.58 -30.97
N ASP A 397 -19.14 -58.62 -31.62
CA ASP A 397 -18.56 -58.85 -32.94
C ASP A 397 -17.47 -59.91 -32.84
N GLY A 398 -16.74 -59.87 -31.73
CA GLY A 398 -15.71 -60.85 -31.45
C GLY A 398 -16.26 -62.25 -31.30
N ILE A 399 -17.43 -62.38 -30.67
CA ILE A 399 -18.09 -63.67 -30.52
C ILE A 399 -18.64 -64.15 -31.88
N LYS A 400 -19.46 -63.32 -32.54
CA LYS A 400 -20.04 -63.70 -33.83
C LYS A 400 -19.01 -64.15 -34.85
N ASN A 401 -17.86 -63.48 -34.91
CA ASN A 401 -16.84 -63.84 -35.89
C ASN A 401 -15.72 -64.67 -35.29
N LYS A 402 -15.96 -65.23 -34.10
CA LYS A 402 -14.98 -66.07 -33.40
C LYS A 402 -13.54 -65.55 -33.48
N ILE A 403 -13.37 -64.24 -33.26
CA ILE A 403 -12.05 -63.61 -33.38
C ILE A 403 -11.09 -64.13 -32.30
N GLU A 404 -9.93 -64.60 -32.75
CA GLU A 404 -8.92 -65.11 -31.83
C GLU A 404 -7.92 -64.02 -31.47
N PRO A 405 -7.79 -63.75 -30.17
CA PRO A 405 -6.82 -62.77 -29.69
C PRO A 405 -5.42 -63.34 -29.75
N GLN A 406 -4.41 -62.46 -29.82
CA GLN A 406 -3.02 -62.86 -29.67
C GLN A 406 -2.82 -63.67 -28.38
N ALA A 407 -1.75 -64.46 -28.34
CA ALA A 407 -1.36 -65.18 -27.13
C ALA A 407 -1.20 -64.19 -25.97
N PRO A 408 -1.77 -64.52 -24.80
CA PRO A 408 -1.62 -63.70 -23.60
C PRO A 408 -0.16 -63.54 -23.16
N VAL A 409 0.13 -62.44 -22.46
CA VAL A 409 1.48 -62.13 -21.99
C VAL A 409 1.48 -61.93 -20.46
N ASP A 410 2.13 -62.84 -19.73
CA ASP A 410 2.19 -62.78 -18.26
C ASP A 410 3.47 -62.13 -17.72
N LYS A 411 4.50 -62.03 -18.56
CA LYS A 411 5.76 -61.36 -18.21
C LYS A 411 5.72 -59.90 -18.66
N ASP A 412 6.47 -59.05 -17.95
CA ASP A 412 6.49 -57.59 -18.20
C ASP A 412 6.85 -57.17 -19.63
N ALA A 421 8.86 -57.13 -27.74
CA ALA A 421 9.26 -55.73 -27.58
C ALA A 421 8.57 -54.83 -28.62
N ALA A 422 9.09 -54.85 -29.86
CA ALA A 422 8.40 -54.27 -31.03
C ALA A 422 7.29 -55.24 -31.50
N SER A 423 7.23 -56.39 -30.83
CA SER A 423 6.29 -57.48 -31.11
C SER A 423 4.84 -57.11 -30.77
N ILE A 424 4.65 -56.38 -29.67
CA ILE A 424 3.31 -56.09 -29.11
C ILE A 424 2.72 -54.79 -29.69
N PRO A 425 1.52 -54.89 -30.31
CA PRO A 425 0.86 -53.70 -30.89
C PRO A 425 0.35 -52.72 -29.82
N GLN A 426 0.31 -51.44 -30.18
CA GLN A 426 -0.10 -50.37 -29.27
C GLN A 426 -1.43 -49.76 -29.68
N THR A 427 -2.13 -49.14 -28.73
CA THR A 427 -3.27 -48.27 -29.03
C THR A 427 -2.70 -47.01 -29.67
N PRO A 428 -3.45 -46.38 -30.58
CA PRO A 428 -2.94 -45.14 -31.15
C PRO A 428 -2.72 -44.13 -30.05
N THR A 429 -1.91 -43.10 -30.32
CA THR A 429 -1.43 -42.21 -29.26
C THR A 429 -2.06 -40.80 -29.27
N GLN A 430 -2.95 -40.55 -30.23
CA GLN A 430 -3.60 -39.25 -30.42
C GLN A 430 -5.09 -39.47 -30.68
N LEU A 431 -5.92 -38.53 -30.24
CA LEU A 431 -7.35 -38.59 -30.53
C LEU A 431 -7.65 -38.61 -32.04
N SER A 432 -6.90 -37.82 -32.81
CA SER A 432 -7.14 -37.71 -34.22
C SER A 432 -6.92 -39.05 -34.90
N ASP A 433 -5.91 -39.80 -34.44
CA ASP A 433 -5.68 -41.15 -34.96
C ASP A 433 -6.87 -42.09 -34.64
N VAL A 434 -7.37 -42.06 -33.41
CA VAL A 434 -8.45 -42.97 -33.06
C VAL A 434 -9.73 -42.56 -33.76
N ILE A 435 -9.90 -41.28 -34.02
CA ILE A 435 -11.05 -40.84 -34.80
C ILE A 435 -10.92 -41.33 -36.24
N ASP A 436 -9.71 -41.33 -36.79
CA ASP A 436 -9.50 -41.90 -38.12
C ASP A 436 -9.88 -43.37 -38.14
N ARG A 437 -9.41 -44.11 -37.14
CA ARG A 437 -9.69 -45.53 -37.06
C ARG A 437 -11.17 -45.84 -36.87
N LEU A 438 -11.90 -44.97 -36.16
CA LEU A 438 -13.35 -45.11 -36.02
C LEU A 438 -14.06 -44.91 -37.35
N GLU A 439 -13.59 -43.92 -38.11
CA GLU A 439 -14.13 -43.63 -39.44
C GLU A 439 -13.92 -44.81 -40.38
N ALA A 440 -12.77 -45.48 -40.27
CA ALA A 440 -12.42 -46.61 -41.15
C ALA A 440 -13.05 -47.93 -40.74
N ASP A 441 -13.50 -48.05 -39.48
CA ASP A 441 -13.97 -49.34 -38.95
C ASP A 441 -15.04 -49.17 -37.86
N HIS A 442 -16.29 -48.91 -38.26
CA HIS A 442 -17.39 -48.78 -37.31
C HIS A 442 -18.56 -49.71 -37.62
N GLU A 443 -18.29 -50.66 -38.51
CA GLU A 443 -19.28 -51.63 -38.91
C GLU A 443 -19.87 -52.36 -37.67
N TYR A 444 -18.99 -52.78 -36.76
CA TYR A 444 -19.41 -53.53 -35.57
C TYR A 444 -20.36 -52.74 -34.65
N LEU A 445 -20.27 -51.43 -34.69
CA LEU A 445 -21.14 -50.57 -33.88
C LEU A 445 -22.56 -50.44 -34.44
N THR A 446 -22.71 -50.62 -35.76
CA THR A 446 -24.00 -50.46 -36.43
C THR A 446 -24.84 -51.74 -36.49
N GLU A 447 -24.26 -52.88 -36.13
CA GLU A 447 -24.99 -54.14 -35.99
C GLU A 447 -26.25 -53.93 -35.16
N GLY A 448 -27.38 -54.43 -35.65
CA GLY A 448 -28.66 -54.31 -34.97
C GLY A 448 -29.13 -52.88 -34.85
N GLY A 449 -28.48 -51.97 -35.55
CA GLY A 449 -28.82 -50.54 -35.47
C GLY A 449 -28.60 -49.88 -34.11
N VAL A 450 -27.69 -50.44 -33.30
CA VAL A 450 -27.38 -49.89 -31.98
C VAL A 450 -26.80 -48.47 -32.10
N PHE A 451 -25.69 -48.35 -32.81
CA PHE A 451 -25.22 -47.06 -33.29
C PHE A 451 -25.66 -46.94 -34.74
N THR A 452 -25.97 -45.72 -35.19
CA THR A 452 -26.25 -45.47 -36.61
C THR A 452 -25.08 -44.77 -37.29
N ASN A 453 -24.92 -44.97 -38.60
CA ASN A 453 -23.87 -44.26 -39.36
C ASN A 453 -23.98 -42.76 -39.16
N ASP A 454 -25.21 -42.27 -39.14
CA ASP A 454 -25.48 -40.86 -38.90
C ASP A 454 -24.80 -40.37 -37.60
N LEU A 455 -25.00 -41.11 -36.51
CA LEU A 455 -24.44 -40.75 -35.22
C LEU A 455 -22.91 -40.77 -35.23
N ILE A 456 -22.35 -41.83 -35.78
CA ILE A 456 -20.89 -41.98 -35.85
C ILE A 456 -20.23 -40.85 -36.64
N GLU A 457 -20.81 -40.50 -37.77
CA GLU A 457 -20.33 -39.35 -38.54
C GLU A 457 -20.40 -38.03 -37.76
N THR A 458 -21.46 -37.86 -36.96
CA THR A 458 -21.65 -36.65 -36.16
C THR A 458 -20.58 -36.59 -35.09
N TRP A 459 -20.35 -37.71 -34.43
CA TRP A 459 -19.32 -37.83 -33.41
C TRP A 459 -17.95 -37.49 -34.00
N ILE A 460 -17.64 -38.00 -35.18
CA ILE A 460 -16.37 -37.75 -35.86
C ILE A 460 -16.18 -36.27 -36.21
N SER A 461 -17.23 -35.66 -36.75
CA SER A 461 -17.26 -34.22 -37.02
C SER A 461 -17.01 -33.38 -35.76
N PHE A 462 -17.79 -33.65 -34.72
CA PHE A 462 -17.76 -32.92 -33.47
C PHE A 462 -16.34 -32.92 -32.89
N LYS A 463 -15.72 -34.10 -32.82
CA LYS A 463 -14.38 -34.22 -32.25
C LYS A 463 -13.33 -33.51 -33.09
N ARG A 464 -13.48 -33.55 -34.41
CA ARG A 464 -12.55 -32.90 -35.33
C ARG A 464 -12.64 -31.37 -35.25
N GLU A 465 -13.86 -30.85 -35.32
CA GLU A 465 -14.09 -29.42 -35.40
C GLU A 465 -14.05 -28.70 -34.06
N ASN A 466 -14.54 -29.36 -33.01
CA ASN A 466 -14.62 -28.73 -31.70
C ASN A 466 -13.51 -29.05 -30.72
N GLU A 467 -12.75 -30.12 -30.97
CA GLU A 467 -11.74 -30.58 -30.01
C GLU A 467 -10.34 -30.68 -30.63
N ILE A 468 -10.18 -31.58 -31.59
CA ILE A 468 -8.89 -31.82 -32.21
C ILE A 468 -8.34 -30.55 -32.83
N GLU A 469 -9.10 -29.89 -33.70
CA GLU A 469 -8.58 -28.75 -34.44
C GLU A 469 -8.31 -27.53 -33.54
N PRO A 470 -9.28 -27.15 -32.67
CA PRO A 470 -9.06 -26.03 -31.76
C PRO A 470 -7.81 -26.17 -30.86
N VAL A 471 -7.45 -27.39 -30.46
CA VAL A 471 -6.21 -27.59 -29.70
C VAL A 471 -5.03 -27.45 -30.64
N ASN A 472 -5.12 -28.09 -31.78
CA ASN A 472 -4.09 -28.05 -32.80
C ASN A 472 -3.62 -26.69 -33.24
N ILE A 473 -4.56 -25.76 -33.38
CA ILE A 473 -4.21 -24.44 -33.92
C ILE A 473 -3.63 -23.51 -32.87
N ARG A 474 -3.70 -23.92 -31.60
CA ARG A 474 -3.21 -23.07 -30.52
C ARG A 474 -1.82 -23.46 -30.04
N PRO A 475 -0.85 -22.52 -30.17
CA PRO A 475 0.50 -22.78 -29.69
C PRO A 475 0.49 -23.23 -28.24
N HIS A 476 1.29 -24.23 -27.94
CA HIS A 476 1.42 -24.82 -26.61
C HIS A 476 2.49 -24.02 -25.84
N PRO A 477 2.25 -23.72 -24.55
CA PRO A 477 3.24 -22.96 -23.78
C PRO A 477 4.66 -23.51 -23.87
N TYR A 478 4.82 -24.82 -23.90
CA TYR A 478 6.14 -25.41 -23.94
C TYR A 478 6.85 -25.18 -25.30
N GLU A 479 6.08 -24.86 -26.33
CA GLU A 479 6.64 -24.48 -27.63
C GLU A 479 7.44 -23.18 -27.54
N PHE A 480 7.04 -22.30 -26.63
CA PHE A 480 7.80 -21.10 -26.34
C PHE A 480 9.13 -21.39 -25.67
N ALA A 481 9.13 -22.37 -24.77
CA ALA A 481 10.38 -22.81 -24.12
C ALA A 481 11.33 -23.38 -25.16
N LEU A 482 10.79 -24.18 -26.08
CA LEU A 482 11.58 -24.89 -27.06
C LEU A 482 12.05 -23.98 -28.17
N TYR A 483 11.22 -23.02 -28.57
CA TYR A 483 11.40 -22.42 -29.88
C TYR A 483 11.49 -20.90 -29.96
N TYR A 484 11.13 -20.17 -28.90
CA TYR A 484 11.13 -18.70 -28.97
C TYR A 484 12.42 -18.15 -29.57
N ASP A 485 13.55 -18.80 -29.26
CA ASP A 485 14.83 -18.24 -29.65
C ASP A 485 15.49 -18.95 -30.84
N VAL A 486 14.69 -19.63 -31.68
CA VAL A 486 15.26 -20.37 -32.83
C VAL A 486 15.96 -19.48 -33.84
N LYS B 12 -62.87 -13.75 -9.03
CA LYS B 12 -62.58 -13.13 -7.69
C LYS B 12 -63.31 -11.80 -7.41
N THR B 13 -63.89 -11.69 -6.22
CA THR B 13 -64.78 -10.59 -5.87
C THR B 13 -64.13 -9.69 -4.82
N PRO B 14 -64.65 -8.47 -4.64
CA PRO B 14 -64.22 -7.64 -3.52
C PRO B 14 -64.17 -8.38 -2.16
N ASP B 15 -65.20 -9.16 -1.85
CA ASP B 15 -65.22 -9.91 -0.59
C ASP B 15 -64.10 -10.92 -0.45
N ASP B 16 -63.74 -11.59 -1.55
CA ASP B 16 -62.55 -12.46 -1.55
C ASP B 16 -61.32 -11.71 -1.09
N VAL B 17 -61.15 -10.48 -1.58
CA VAL B 17 -59.98 -9.64 -1.29
C VAL B 17 -59.97 -9.23 0.18
N PHE B 18 -61.12 -8.81 0.71
CA PHE B 18 -61.19 -8.41 2.12
C PHE B 18 -60.89 -9.59 3.02
N LYS B 19 -61.35 -10.76 2.61
CA LYS B 19 -61.11 -11.99 3.35
C LYS B 19 -59.62 -12.32 3.35
N LEU B 20 -58.97 -12.20 2.19
CA LEU B 20 -57.52 -12.40 2.10
C LEU B 20 -56.77 -11.41 3.01
N ALA B 21 -57.17 -10.14 2.96
CA ALA B 21 -56.56 -9.10 3.80
C ALA B 21 -56.66 -9.44 5.28
N LYS B 22 -57.85 -9.88 5.71
CA LYS B 22 -58.08 -10.22 7.12
C LYS B 22 -57.36 -11.51 7.53
N ASP B 23 -57.50 -12.56 6.73
CA ASP B 23 -56.80 -13.83 7.00
C ASP B 23 -55.28 -13.68 7.08
N GLU B 24 -54.69 -12.86 6.20
CA GLU B 24 -53.23 -12.67 6.16
C GLU B 24 -52.72 -11.59 7.12
N LYS B 25 -53.64 -10.93 7.81
CA LYS B 25 -53.29 -9.87 8.76
C LYS B 25 -52.45 -8.77 8.11
N VAL B 26 -52.93 -8.35 6.93
CA VAL B 26 -52.26 -7.35 6.11
C VAL B 26 -52.20 -6.03 6.86
N GLU B 27 -51.04 -5.38 6.81
CA GLU B 27 -50.85 -4.11 7.47
C GLU B 27 -51.03 -2.94 6.50
N TYR B 28 -50.59 -3.14 5.25
CA TYR B 28 -50.65 -2.11 4.21
C TYR B 28 -51.20 -2.63 2.89
N VAL B 29 -51.74 -1.71 2.09
CA VAL B 29 -52.21 -2.06 0.76
C VAL B 29 -51.45 -1.19 -0.23
N ASP B 30 -50.84 -1.84 -1.21
CA ASP B 30 -50.05 -1.16 -2.22
C ASP B 30 -50.87 -0.92 -3.48
N VAL B 31 -51.11 0.36 -3.78
CA VAL B 31 -51.94 0.75 -4.91
C VAL B 31 -51.07 0.88 -6.14
N ARG B 32 -51.22 -0.06 -7.08
CA ARG B 32 -50.36 -0.14 -8.25
C ARG B 32 -51.08 0.22 -9.53
N PHE B 33 -50.37 0.89 -10.43
CA PHE B 33 -50.89 1.24 -11.74
C PHE B 33 -49.73 1.31 -12.69
N CYS B 34 -49.99 1.07 -13.98
CA CYS B 34 -48.92 0.93 -14.96
C CYS B 34 -48.67 2.23 -15.65
N ASP B 35 -47.41 2.58 -15.85
CA ASP B 35 -47.13 3.76 -16.66
C ASP B 35 -46.98 3.35 -18.11
N LEU B 36 -46.79 4.32 -18.97
CA LEU B 36 -46.78 4.07 -20.39
C LEU B 36 -45.67 3.10 -20.85
N PRO B 37 -44.38 3.40 -20.57
CA PRO B 37 -43.37 2.45 -21.06
C PRO B 37 -43.49 1.02 -20.50
N GLY B 38 -44.09 0.83 -19.33
CA GLY B 38 -44.35 -0.51 -18.82
C GLY B 38 -43.87 -0.85 -17.42
N ILE B 39 -43.46 0.17 -16.66
CA ILE B 39 -43.04 0.01 -15.27
C ILE B 39 -44.22 0.27 -14.33
N MET B 40 -44.42 -0.63 -13.38
CA MET B 40 -45.50 -0.44 -12.40
C MET B 40 -45.16 0.64 -11.41
N GLN B 41 -46.12 1.50 -11.13
CA GLN B 41 -46.01 2.60 -10.15
C GLN B 41 -46.82 2.25 -8.91
N HIS B 42 -46.52 2.90 -7.80
CA HIS B 42 -47.27 2.59 -6.57
C HIS B 42 -47.27 3.71 -5.53
N PHE B 43 -48.29 3.68 -4.67
CA PHE B 43 -48.21 4.35 -3.39
C PHE B 43 -48.89 3.43 -2.40
N THR B 44 -48.78 3.72 -1.11
CA THR B 44 -49.24 2.78 -0.10
C THR B 44 -50.18 3.43 0.88
N ILE B 45 -51.22 2.69 1.25
CA ILE B 45 -52.22 3.12 2.24
C ILE B 45 -52.28 2.12 3.41
N PRO B 46 -52.70 2.59 4.58
CA PRO B 46 -52.89 1.59 5.66
C PRO B 46 -54.04 0.66 5.34
N ALA B 47 -53.91 -0.61 5.72
CA ALA B 47 -54.96 -1.61 5.45
C ALA B 47 -56.32 -1.18 5.99
N SER B 48 -56.31 -0.52 7.15
CA SER B 48 -57.52 -0.04 7.81
C SER B 48 -58.32 0.96 6.96
N ALA B 49 -57.72 1.46 5.88
CA ALA B 49 -58.42 2.39 4.99
C ALA B 49 -58.81 1.70 3.69
N PHE B 50 -58.62 0.39 3.67
CA PHE B 50 -59.03 -0.43 2.52
C PHE B 50 -60.37 -1.11 2.81
N ASP B 51 -61.44 -0.51 2.29
CA ASP B 51 -62.83 -0.94 2.57
C ASP B 51 -63.66 -0.93 1.29
N LYS B 52 -64.99 -1.06 1.41
CA LYS B 52 -65.88 -1.09 0.24
C LYS B 52 -65.79 0.16 -0.64
N SER B 53 -65.61 1.32 -0.01
CA SER B 53 -65.54 2.61 -0.72
C SER B 53 -64.35 2.72 -1.69
N VAL B 54 -63.39 1.81 -1.56
CA VAL B 54 -62.27 1.74 -2.50
C VAL B 54 -62.77 1.14 -3.82
N PHE B 55 -63.55 0.07 -3.73
CA PHE B 55 -64.15 -0.55 -4.93
C PHE B 55 -65.26 0.29 -5.56
N ASP B 56 -66.06 0.95 -4.74
CA ASP B 56 -67.18 1.75 -5.25
C ASP B 56 -66.78 3.14 -5.76
N ASP B 57 -66.06 3.90 -4.95
CA ASP B 57 -65.73 5.30 -5.27
C ASP B 57 -64.32 5.47 -5.84
N GLY B 58 -63.41 4.59 -5.42
CA GLY B 58 -62.04 4.65 -5.88
C GLY B 58 -61.16 5.49 -4.98
N LEU B 59 -59.90 5.62 -5.35
CA LEU B 59 -58.94 6.41 -4.58
C LEU B 59 -58.51 7.60 -5.39
N ALA B 60 -58.55 8.77 -4.76
CA ALA B 60 -58.06 9.99 -5.39
C ALA B 60 -56.55 10.07 -5.23
N PHE B 61 -55.89 10.55 -6.28
CA PHE B 61 -54.45 10.77 -6.24
C PHE B 61 -54.05 11.83 -7.24
N ASP B 62 -53.11 12.71 -6.85
CA ASP B 62 -52.61 13.82 -7.70
C ASP B 62 -52.33 13.34 -9.14
N GLY B 63 -52.95 14.02 -10.11
CA GLY B 63 -53.01 13.52 -11.48
C GLY B 63 -51.87 13.88 -12.42
N SER B 64 -50.85 14.58 -11.90
CA SER B 64 -49.59 14.78 -12.61
C SER B 64 -48.63 13.66 -12.18
N SER B 65 -48.92 13.10 -11.00
CA SER B 65 -48.20 11.95 -10.44
C SER B 65 -48.65 10.64 -11.10
N ILE B 66 -49.97 10.50 -11.31
CA ILE B 66 -50.58 9.35 -12.02
C ILE B 66 -50.26 9.35 -13.54
N ARG B 67 -50.13 10.55 -14.11
CA ARG B 67 -49.89 10.70 -15.55
C ARG B 67 -48.40 10.63 -15.97
N GLY B 68 -47.48 10.91 -15.05
CA GLY B 68 -46.04 10.81 -15.33
C GLY B 68 -45.39 12.02 -15.97
N PHE B 69 -46.21 12.98 -16.42
CA PHE B 69 -45.70 14.28 -16.93
C PHE B 69 -46.35 15.47 -16.22
N GLN B 70 -45.74 16.64 -16.38
CA GLN B 70 -46.13 17.83 -15.63
C GLN B 70 -46.86 18.88 -16.49
N SER B 75 -56.61 16.56 -14.39
CA SER B 75 -55.36 16.69 -13.64
C SER B 75 -55.33 15.75 -12.44
N ASP B 76 -56.38 15.74 -11.62
CA ASP B 76 -56.51 14.77 -10.53
C ASP B 76 -57.05 13.49 -11.13
N MET B 77 -56.54 12.34 -10.69
CA MET B 77 -57.04 11.08 -11.25
C MET B 77 -57.63 10.16 -10.19
N LEU B 78 -58.55 9.32 -10.64
CA LEU B 78 -59.25 8.36 -9.78
C LEU B 78 -58.84 6.91 -10.11
N LEU B 79 -58.54 6.13 -9.07
CA LEU B 79 -58.03 4.76 -9.27
C LEU B 79 -59.02 3.75 -8.75
N LEU B 80 -59.38 2.81 -9.62
CA LEU B 80 -60.32 1.75 -9.25
C LEU B 80 -59.67 0.37 -9.27
N PRO B 81 -59.83 -0.42 -8.19
CA PRO B 81 -59.11 -1.67 -8.03
C PRO B 81 -59.65 -2.82 -8.87
N ASP B 82 -58.75 -3.70 -9.32
CA ASP B 82 -59.11 -4.93 -10.01
C ASP B 82 -58.89 -6.09 -9.06
N PRO B 83 -59.97 -6.65 -8.52
CA PRO B 83 -59.87 -7.67 -7.48
C PRO B 83 -59.09 -8.92 -7.89
N GLU B 84 -59.03 -9.20 -9.19
CA GLU B 84 -58.34 -10.39 -9.68
C GLU B 84 -56.83 -10.30 -9.48
N THR B 85 -56.31 -9.09 -9.30
CA THR B 85 -54.84 -8.86 -9.27
C THR B 85 -54.27 -8.81 -7.84
N ALA B 86 -55.11 -9.00 -6.84
CA ALA B 86 -54.71 -8.90 -5.45
C ALA B 86 -53.79 -10.06 -5.08
N ARG B 87 -52.64 -9.72 -4.50
CA ARG B 87 -51.61 -10.70 -4.13
C ARG B 87 -50.81 -10.22 -2.93
N ILE B 88 -50.53 -11.13 -1.99
CA ILE B 88 -49.63 -10.85 -0.89
C ILE B 88 -48.22 -10.62 -1.44
N ASP B 89 -47.60 -9.51 -1.07
CA ASP B 89 -46.19 -9.26 -1.45
C ASP B 89 -45.24 -10.16 -0.64
N PRO B 90 -44.45 -11.02 -1.32
CA PRO B 90 -43.60 -11.93 -0.55
C PRO B 90 -42.30 -11.30 -0.06
N PHE B 91 -42.05 -10.03 -0.40
CA PHE B 91 -40.73 -9.42 -0.14
C PHE B 91 -40.76 -8.34 0.94
N ARG B 92 -41.86 -7.61 1.00
CA ARG B 92 -41.99 -6.49 1.90
C ARG B 92 -42.13 -6.96 3.35
N ALA B 93 -41.28 -6.44 4.24
CA ALA B 93 -41.25 -6.82 5.67
C ALA B 93 -42.60 -6.59 6.35
N ALA B 94 -43.18 -5.40 6.18
CA ALA B 94 -44.53 -5.14 6.68
C ALA B 94 -45.51 -5.86 5.76
N LYS B 95 -46.41 -6.67 6.33
CA LYS B 95 -47.31 -7.49 5.52
C LYS B 95 -48.19 -6.61 4.63
N THR B 96 -48.06 -6.80 3.32
CA THR B 96 -48.67 -5.93 2.33
C THR B 96 -49.48 -6.70 1.28
N LEU B 97 -50.62 -6.14 0.90
CA LEU B 97 -51.41 -6.64 -0.19
C LEU B 97 -51.25 -5.73 -1.42
N ASN B 98 -50.83 -6.29 -2.54
CA ASN B 98 -50.69 -5.56 -3.80
C ASN B 98 -51.92 -5.74 -4.66
N ILE B 99 -52.44 -4.64 -5.18
CA ILE B 99 -53.58 -4.68 -6.10
C ILE B 99 -53.35 -3.70 -7.24
N ASN B 100 -53.68 -4.12 -8.45
CA ASN B 100 -53.63 -3.25 -9.62
C ASN B 100 -54.91 -2.45 -9.80
N PHE B 101 -54.78 -1.24 -10.32
CA PHE B 101 -55.92 -0.35 -10.49
C PHE B 101 -56.05 0.12 -11.95
N PHE B 102 -57.25 0.58 -12.30
CA PHE B 102 -57.49 1.30 -13.56
C PHE B 102 -57.56 2.80 -13.26
N VAL B 103 -57.10 3.62 -14.20
CA VAL B 103 -57.14 5.06 -14.02
C VAL B 103 -58.38 5.64 -14.68
N HIS B 104 -59.17 6.36 -13.89
CA HIS B 104 -60.38 7.02 -14.39
C HIS B 104 -60.33 8.53 -14.15
N ASP B 105 -61.01 9.28 -15.02
CA ASP B 105 -61.26 10.72 -14.80
C ASP B 105 -62.23 10.87 -13.61
N PRO B 106 -61.93 11.82 -12.69
CA PRO B 106 -62.74 11.93 -11.45
C PRO B 106 -64.17 12.42 -11.69
N PHE B 107 -64.32 13.42 -12.57
CA PHE B 107 -65.63 13.98 -12.92
C PHE B 107 -66.51 12.99 -13.70
N THR B 108 -65.99 12.49 -14.83
CA THR B 108 -66.77 11.69 -15.78
C THR B 108 -66.77 10.19 -15.50
N LEU B 109 -65.86 9.72 -14.63
CA LEU B 109 -65.62 8.28 -14.41
C LEU B 109 -65.16 7.53 -15.67
N GLU B 110 -64.78 8.29 -16.70
CA GLU B 110 -64.31 7.70 -17.94
C GLU B 110 -62.94 7.05 -17.74
N PRO B 111 -62.74 5.84 -18.30
CA PRO B 111 -61.40 5.26 -18.30
C PRO B 111 -60.43 6.19 -19.01
N TYR B 112 -59.33 6.53 -18.36
CA TYR B 112 -58.27 7.35 -18.96
C TYR B 112 -57.63 6.64 -20.13
N SER B 113 -57.60 7.30 -21.28
CA SER B 113 -57.20 6.66 -22.52
C SER B 113 -55.70 6.27 -22.62
N ARG B 114 -54.88 6.72 -21.68
CA ARG B 114 -53.44 6.43 -21.72
C ARG B 114 -52.97 5.47 -20.63
N ASP B 115 -53.90 4.93 -19.86
CA ASP B 115 -53.60 3.87 -18.90
C ASP B 115 -53.58 2.52 -19.63
N PRO B 116 -52.39 1.89 -19.71
CA PRO B 116 -52.26 0.64 -20.45
C PRO B 116 -53.26 -0.41 -20.04
N ARG B 117 -53.66 -0.41 -18.77
CA ARG B 117 -54.60 -1.43 -18.28
C ARG B 117 -56.00 -1.21 -18.86
N ASN B 118 -56.44 0.03 -18.93
CA ASN B 118 -57.66 0.37 -19.66
C ASN B 118 -57.62 -0.07 -21.13
N ILE B 119 -56.47 0.10 -21.79
CA ILE B 119 -56.32 -0.28 -23.19
C ILE B 119 -56.49 -1.79 -23.38
N ALA B 120 -55.94 -2.57 -22.46
CA ALA B 120 -56.11 -4.01 -22.50
C ALA B 120 -57.59 -4.36 -22.26
N ARG B 121 -58.24 -3.67 -21.34
CA ARG B 121 -59.66 -3.89 -21.10
C ARG B 121 -60.50 -3.51 -22.32
N LYS B 122 -60.22 -2.34 -22.91
CA LYS B 122 -60.90 -1.91 -24.12
C LYS B 122 -60.72 -2.94 -25.25
N ALA B 123 -59.55 -3.57 -25.30
CA ALA B 123 -59.29 -4.55 -26.34
C ALA B 123 -60.19 -5.75 -26.17
N GLU B 124 -60.34 -6.18 -24.93
CA GLU B 124 -61.18 -7.33 -24.62
C GLU B 124 -62.67 -7.05 -24.94
N ASN B 125 -63.15 -5.86 -24.54
CA ASN B 125 -64.51 -5.44 -24.83
C ASN B 125 -64.75 -5.30 -26.33
N TYR B 126 -63.78 -4.74 -27.03
CA TYR B 126 -63.91 -4.63 -28.48
C TYR B 126 -64.06 -6.00 -29.12
N LEU B 127 -63.23 -6.96 -28.73
CA LEU B 127 -63.36 -8.31 -29.25
C LEU B 127 -64.82 -8.78 -29.19
N ILE B 128 -65.42 -8.71 -27.99
CA ILE B 128 -66.80 -9.12 -27.77
C ILE B 128 -67.74 -8.40 -28.77
N SER B 129 -67.58 -7.09 -28.88
CA SER B 129 -68.47 -6.26 -29.66
C SER B 129 -68.41 -6.57 -31.17
N THR B 130 -67.34 -7.21 -31.63
CA THR B 130 -67.25 -7.57 -33.05
C THR B 130 -67.98 -8.87 -33.35
N GLY B 131 -68.31 -9.61 -32.29
CA GLY B 131 -68.94 -10.92 -32.42
C GLY B 131 -68.03 -12.03 -32.95
N ILE B 132 -66.78 -11.69 -33.27
CA ILE B 132 -65.80 -12.69 -33.76
C ILE B 132 -65.46 -13.76 -32.69
N ALA B 133 -65.32 -13.33 -31.43
CA ALA B 133 -65.04 -14.23 -30.30
C ALA B 133 -65.38 -13.50 -29.01
N ASP B 134 -65.39 -14.20 -27.89
CA ASP B 134 -65.59 -13.50 -26.60
C ASP B 134 -64.36 -13.51 -25.65
N THR B 135 -63.35 -14.33 -25.96
CA THR B 135 -62.18 -14.40 -25.12
C THR B 135 -60.93 -14.55 -25.95
N ALA B 136 -59.91 -13.77 -25.61
CA ALA B 136 -58.59 -13.91 -26.21
C ALA B 136 -57.59 -14.37 -25.13
N TYR B 137 -57.01 -15.54 -25.33
CA TYR B 137 -56.03 -16.08 -24.40
C TYR B 137 -54.60 -15.79 -24.85
N PHE B 138 -53.79 -15.33 -23.91
CA PHE B 138 -52.38 -15.07 -24.17
C PHE B 138 -51.52 -15.84 -23.19
N GLY B 139 -50.52 -16.52 -23.75
CA GLY B 139 -49.54 -17.24 -22.96
C GLY B 139 -48.20 -16.68 -23.32
N ALA B 140 -47.39 -16.37 -22.31
CA ALA B 140 -46.06 -15.80 -22.56
C ALA B 140 -44.95 -16.59 -21.89
N GLU B 141 -43.86 -16.76 -22.63
CA GLU B 141 -42.66 -17.39 -22.11
C GLU B 141 -41.56 -16.33 -22.18
N ALA B 142 -41.24 -15.76 -21.02
CA ALA B 142 -40.26 -14.67 -20.92
C ALA B 142 -38.95 -15.08 -20.24
N GLU B 143 -37.86 -14.91 -20.98
CA GLU B 143 -36.51 -15.15 -20.50
C GLU B 143 -35.94 -13.93 -19.78
N PHE B 144 -34.92 -14.17 -18.94
CA PHE B 144 -34.19 -13.09 -18.26
C PHE B 144 -32.75 -13.52 -17.94
N TYR B 145 -31.92 -12.57 -17.56
CA TYR B 145 -30.57 -12.90 -17.12
C TYR B 145 -30.38 -12.57 -15.64
N ILE B 146 -29.60 -13.40 -14.95
CA ILE B 146 -29.24 -13.13 -13.57
C ILE B 146 -27.78 -12.71 -13.55
N PHE B 147 -27.50 -11.51 -13.04
CA PHE B 147 -26.11 -11.03 -12.91
C PHE B 147 -25.75 -10.75 -11.46
N ASP B 148 -24.46 -10.59 -11.19
CA ASP B 148 -24.03 -10.19 -9.87
C ASP B 148 -23.88 -8.70 -9.80
N SER B 149 -23.60 -8.05 -10.93
CA SER B 149 -23.41 -6.61 -10.96
C SER B 149 -23.63 -5.98 -12.33
N VAL B 150 -23.96 -4.69 -12.31
CA VAL B 150 -24.08 -3.88 -13.53
C VAL B 150 -23.63 -2.45 -13.20
N SER B 151 -22.87 -1.85 -14.11
CA SER B 151 -22.56 -0.43 -14.00
C SER B 151 -22.33 0.17 -15.38
N PHE B 152 -22.54 1.49 -15.48
CA PHE B 152 -22.48 2.18 -16.77
C PHE B 152 -22.53 3.69 -16.56
N ASP B 153 -22.00 4.43 -17.52
CA ASP B 153 -22.24 5.86 -17.59
C ASP B 153 -22.00 6.39 -18.98
N SER B 154 -22.39 7.64 -19.16
CA SER B 154 -22.31 8.28 -20.44
C SER B 154 -21.84 9.70 -20.22
N ARG B 155 -20.60 10.01 -20.63
CA ARG B 155 -19.96 11.30 -20.32
C ARG B 155 -19.51 11.95 -21.62
N ALA B 156 -19.01 13.18 -21.54
CA ALA B 156 -18.59 13.90 -22.76
C ALA B 156 -17.42 13.22 -23.47
N ASN B 157 -16.48 12.67 -22.70
CA ASN B 157 -15.23 12.14 -23.23
C ASN B 157 -15.14 10.62 -23.15
N GLY B 158 -16.21 9.97 -22.70
CA GLY B 158 -16.18 8.53 -22.60
C GLY B 158 -17.48 7.95 -22.12
N SER B 159 -17.54 6.63 -22.15
CA SER B 159 -18.75 5.88 -21.95
C SER B 159 -18.40 4.41 -21.73
N PHE B 160 -19.11 3.75 -20.83
CA PHE B 160 -18.92 2.32 -20.63
C PHE B 160 -20.20 1.63 -20.10
N TYR B 161 -20.25 0.31 -20.26
CA TYR B 161 -21.12 -0.53 -19.43
C TYR B 161 -20.37 -1.80 -19.13
N GLU B 162 -20.75 -2.47 -18.04
CA GLU B 162 -20.17 -3.75 -17.67
C GLU B 162 -21.23 -4.51 -16.88
N VAL B 163 -21.57 -5.69 -17.35
CA VAL B 163 -22.36 -6.62 -16.55
C VAL B 163 -21.45 -7.76 -16.13
N ASP B 164 -21.69 -8.33 -14.96
CA ASP B 164 -20.81 -9.41 -14.51
C ASP B 164 -21.53 -10.43 -13.70
N ALA B 165 -20.95 -11.63 -13.70
CA ALA B 165 -21.41 -12.75 -12.90
C ALA B 165 -20.22 -13.64 -12.59
N ILE B 166 -20.13 -14.09 -11.34
CA ILE B 166 -19.06 -14.97 -10.89
C ILE B 166 -18.89 -16.13 -11.86
N SER B 167 -20.01 -16.71 -12.29
CA SER B 167 -19.99 -17.89 -13.14
C SER B 167 -20.03 -17.59 -14.65
N GLY B 168 -19.93 -16.31 -15.03
CA GLY B 168 -19.85 -15.94 -16.45
C GLY B 168 -18.71 -16.64 -17.17
N TRP B 169 -18.96 -17.07 -18.39
CA TRP B 169 -17.95 -17.80 -19.15
C TRP B 169 -16.71 -16.96 -19.51
N TRP B 170 -16.80 -15.63 -19.42
CA TRP B 170 -15.68 -14.75 -19.73
C TRP B 170 -14.73 -14.62 -18.51
N ASN B 171 -15.05 -15.31 -17.43
CA ASN B 171 -14.26 -15.23 -16.19
C ASN B 171 -13.40 -16.44 -15.86
N THR B 172 -13.17 -17.35 -16.79
CA THR B 172 -12.38 -18.56 -16.50
C THR B 172 -10.94 -18.26 -16.06
N GLY B 173 -10.41 -17.11 -16.46
CA GLY B 173 -9.04 -16.74 -16.14
C GLY B 173 -8.82 -16.02 -14.82
N ALA B 174 -9.89 -15.64 -14.14
CA ALA B 174 -9.78 -14.92 -12.86
C ALA B 174 -8.95 -15.66 -11.79
N ALA B 175 -7.93 -15.00 -11.25
CA ALA B 175 -7.12 -15.58 -10.21
C ALA B 175 -7.96 -15.88 -8.95
N THR B 176 -8.80 -14.93 -8.57
CA THR B 176 -9.74 -15.12 -7.46
C THR B 176 -11.05 -14.44 -7.83
N GLU B 177 -12.13 -14.82 -7.16
CA GLU B 177 -13.42 -14.18 -7.39
C GLU B 177 -13.43 -12.74 -6.85
N ALA B 178 -14.49 -12.01 -7.17
CA ALA B 178 -14.67 -10.63 -6.71
C ALA B 178 -14.53 -10.48 -5.19
N ASP B 179 -14.99 -11.47 -4.42
CA ASP B 179 -14.84 -11.45 -2.94
C ASP B 179 -13.51 -11.99 -2.42
N GLY B 180 -12.58 -12.33 -3.32
CA GLY B 180 -11.29 -12.87 -2.90
C GLY B 180 -11.25 -14.38 -2.66
N SER B 181 -12.40 -15.04 -2.75
CA SER B 181 -12.44 -16.51 -2.67
C SER B 181 -11.88 -17.13 -3.97
N PRO B 182 -11.47 -18.43 -3.93
CA PRO B 182 -10.79 -18.98 -5.11
C PRO B 182 -11.72 -19.28 -6.28
N ASN B 183 -11.16 -19.22 -7.48
CA ASN B 183 -11.88 -19.62 -8.68
C ASN B 183 -12.02 -21.14 -8.69
N ARG B 184 -13.26 -21.62 -8.75
CA ARG B 184 -13.53 -23.06 -8.68
C ARG B 184 -13.98 -23.64 -10.01
N GLY B 185 -13.91 -22.83 -11.07
CA GLY B 185 -14.21 -23.26 -12.43
C GLY B 185 -15.68 -23.55 -12.68
N TYR B 186 -15.94 -24.48 -13.61
CA TYR B 186 -17.29 -24.83 -14.02
C TYR B 186 -18.07 -23.67 -14.63
N LYS B 187 -17.33 -22.82 -15.36
CA LYS B 187 -17.90 -21.60 -15.93
C LYS B 187 -18.19 -21.74 -17.42
N VAL B 188 -17.34 -22.48 -18.15
CA VAL B 188 -17.41 -22.53 -19.62
C VAL B 188 -18.71 -23.14 -20.18
N ARG B 189 -19.30 -22.47 -21.17
CA ARG B 189 -20.41 -23.06 -21.95
C ARG B 189 -19.86 -24.05 -22.95
N HIS B 190 -20.36 -25.28 -22.91
CA HIS B 190 -19.92 -26.31 -23.86
C HIS B 190 -20.85 -26.44 -25.06
N LYS B 191 -20.28 -26.88 -26.17
CA LYS B 191 -21.07 -27.25 -27.34
C LYS B 191 -21.89 -28.51 -27.01
N GLY B 192 -23.11 -28.58 -27.53
CA GLY B 192 -23.91 -29.80 -27.41
C GLY B 192 -24.99 -29.87 -26.35
N GLY B 193 -24.98 -28.94 -25.40
CA GLY B 193 -25.99 -28.95 -24.32
C GLY B 193 -26.08 -27.62 -23.62
N TYR B 194 -27.28 -27.06 -23.62
CA TYR B 194 -27.50 -25.73 -23.07
C TYR B 194 -27.90 -25.74 -21.62
N PHE B 195 -28.30 -26.89 -21.10
CA PHE B 195 -28.87 -26.93 -19.75
C PHE B 195 -28.18 -27.91 -18.78
N PRO B 196 -26.86 -27.78 -18.59
CA PRO B 196 -26.16 -28.79 -17.81
C PRO B 196 -26.57 -28.76 -16.33
N VAL B 197 -26.41 -29.89 -15.66
CA VAL B 197 -26.67 -29.97 -14.21
C VAL B 197 -25.55 -29.31 -13.41
N ALA B 198 -25.79 -29.12 -12.13
CA ALA B 198 -24.80 -28.59 -11.20
C ALA B 198 -23.58 -29.50 -11.19
N PRO B 199 -22.39 -28.93 -10.96
CA PRO B 199 -22.09 -27.53 -10.67
C PRO B 199 -22.00 -26.59 -11.88
N ASN B 200 -22.12 -27.10 -13.10
CA ASN B 200 -22.15 -26.21 -14.27
C ASN B 200 -23.31 -25.23 -14.14
N ASP B 201 -24.44 -25.71 -13.66
CA ASP B 201 -25.59 -24.89 -13.35
C ASP B 201 -25.35 -24.29 -11.98
N GLN B 202 -25.12 -22.99 -11.95
CA GLN B 202 -24.71 -22.34 -10.72
C GLN B 202 -25.82 -21.50 -10.11
N TYR B 203 -27.03 -21.62 -10.68
CA TYR B 203 -28.19 -20.88 -10.16
C TYR B 203 -29.37 -21.74 -9.72
N VAL B 204 -29.15 -23.02 -9.47
CA VAL B 204 -30.23 -23.93 -9.12
C VAL B 204 -31.10 -23.44 -7.94
N ASP B 205 -30.47 -23.15 -6.80
CA ASP B 205 -31.26 -22.78 -5.62
C ASP B 205 -32.02 -21.46 -5.80
N LEU B 206 -31.38 -20.50 -6.46
CA LEU B 206 -32.02 -19.20 -6.74
C LEU B 206 -33.22 -19.30 -7.70
N ARG B 207 -33.08 -20.10 -8.77
CA ARG B 207 -34.21 -20.36 -9.66
C ARG B 207 -35.35 -21.04 -8.92
N ASP B 208 -35.04 -22.02 -8.07
CA ASP B 208 -36.04 -22.70 -7.26
C ASP B 208 -36.78 -21.72 -6.35
N LYS B 209 -36.05 -20.76 -5.77
CA LYS B 209 -36.69 -19.74 -4.94
C LYS B 209 -37.68 -18.90 -5.76
N MET B 210 -37.29 -18.56 -7.00
CA MET B 210 -38.16 -17.86 -7.92
C MET B 210 -39.42 -18.70 -8.22
N LEU B 211 -39.21 -19.98 -8.54
CA LEU B 211 -40.29 -20.91 -8.81
C LEU B 211 -41.25 -20.96 -7.64
N THR B 212 -40.70 -21.13 -6.45
CA THR B 212 -41.49 -21.23 -5.23
C THR B 212 -42.32 -19.97 -5.02
N ASN B 213 -41.69 -18.82 -5.24
CA ASN B 213 -42.40 -17.57 -5.06
C ASN B 213 -43.53 -17.38 -6.06
N LEU B 214 -43.32 -17.83 -7.30
CA LEU B 214 -44.38 -17.80 -8.31
C LEU B 214 -45.57 -18.67 -7.91
N ILE B 215 -45.31 -19.91 -7.50
CA ILE B 215 -46.38 -20.82 -7.08
C ILE B 215 -47.13 -20.22 -5.88
N ASN B 216 -46.40 -19.67 -4.91
CA ASN B 216 -47.04 -19.06 -3.74
C ASN B 216 -47.88 -17.84 -4.11
N SER B 217 -47.58 -17.26 -5.28
CA SER B 217 -48.24 -16.02 -5.73
C SER B 217 -49.37 -16.27 -6.68
N GLY B 218 -49.82 -17.53 -6.76
CA GLY B 218 -50.98 -17.91 -7.57
C GLY B 218 -50.73 -18.25 -9.03
N PHE B 219 -49.46 -18.31 -9.44
CA PHE B 219 -49.14 -18.81 -10.77
C PHE B 219 -49.46 -20.30 -10.83
N ILE B 220 -49.99 -20.76 -11.95
CA ILE B 220 -50.38 -22.17 -12.07
C ILE B 220 -49.39 -22.86 -12.97
N LEU B 221 -48.71 -23.87 -12.42
CA LEU B 221 -47.73 -24.62 -13.17
C LEU B 221 -48.20 -26.05 -13.23
N GLU B 222 -48.49 -26.53 -14.43
CA GLU B 222 -49.01 -27.88 -14.65
C GLU B 222 -48.30 -28.50 -15.84
N LYS B 223 -48.97 -29.44 -16.50
CA LYS B 223 -48.39 -30.09 -17.67
C LYS B 223 -47.79 -29.05 -18.65
N GLY B 224 -46.53 -29.24 -19.02
CA GLY B 224 -45.90 -28.36 -20.02
C GLY B 224 -45.25 -27.10 -19.45
N HIS B 225 -45.32 -26.91 -18.14
CA HIS B 225 -44.70 -25.78 -17.49
C HIS B 225 -43.44 -26.19 -16.74
N HIS B 226 -42.39 -25.39 -16.87
CA HIS B 226 -41.09 -25.79 -16.35
C HIS B 226 -40.20 -24.61 -15.96
N GLU B 227 -39.16 -24.93 -15.19
CA GLU B 227 -38.12 -23.99 -14.83
C GLU B 227 -36.86 -24.42 -15.58
N VAL B 228 -36.30 -23.49 -16.37
CA VAL B 228 -35.13 -23.79 -17.17
C VAL B 228 -34.04 -22.76 -16.94
N GLY B 229 -32.78 -23.22 -17.00
CA GLY B 229 -31.61 -22.36 -16.87
C GLY B 229 -30.48 -22.70 -17.83
N SER B 230 -29.81 -21.67 -18.33
CA SER B 230 -28.66 -21.87 -19.21
C SER B 230 -27.64 -20.77 -18.95
N GLY B 231 -26.49 -21.10 -18.37
CA GLY B 231 -25.56 -20.10 -17.82
C GLY B 231 -26.32 -19.19 -16.87
N GLY B 232 -26.17 -17.88 -17.04
CA GLY B 232 -26.96 -16.91 -16.27
C GLY B 232 -28.38 -16.65 -16.77
N GLN B 233 -28.78 -17.31 -17.85
CA GLN B 233 -30.12 -17.09 -18.41
C GLN B 233 -31.15 -18.09 -17.86
N ALA B 234 -32.39 -17.64 -17.71
CA ALA B 234 -33.43 -18.50 -17.16
C ALA B 234 -34.82 -18.13 -17.68
N GLU B 235 -35.74 -19.09 -17.52
CA GLU B 235 -37.14 -18.91 -17.87
C GLU B 235 -38.01 -19.83 -17.01
N ILE B 236 -39.12 -19.29 -16.55
CA ILE B 236 -40.14 -20.11 -15.92
C ILE B 236 -41.48 -19.77 -16.58
N ASN B 237 -42.06 -20.73 -17.29
CA ASN B 237 -43.34 -20.48 -17.91
C ASN B 237 -44.47 -20.99 -17.02
N TYR B 238 -45.70 -20.55 -17.33
CA TYR B 238 -46.83 -20.78 -16.45
C TYR B 238 -48.11 -20.72 -17.28
N GLN B 239 -49.24 -21.09 -16.67
CA GLN B 239 -50.50 -21.18 -17.40
C GLN B 239 -50.94 -19.83 -17.99
N PHE B 240 -51.40 -19.86 -19.22
CA PHE B 240 -51.93 -18.69 -19.91
C PHE B 240 -53.15 -18.11 -19.19
N ASN B 241 -53.65 -16.99 -19.70
CA ASN B 241 -54.79 -16.28 -19.10
C ASN B 241 -55.47 -15.40 -20.17
N SER B 242 -56.65 -14.86 -19.84
CA SER B 242 -57.31 -13.93 -20.76
C SER B 242 -56.45 -12.67 -20.86
N LEU B 243 -56.57 -11.95 -21.98
CA LEU B 243 -55.63 -10.88 -22.34
C LEU B 243 -55.20 -9.96 -21.17
N LEU B 244 -56.12 -9.20 -20.60
CA LEU B 244 -55.76 -8.26 -19.57
C LEU B 244 -55.01 -8.96 -18.44
N HIS B 245 -55.57 -10.03 -17.92
CA HIS B 245 -54.98 -10.68 -16.75
C HIS B 245 -53.66 -11.43 -17.04
N ALA B 246 -53.49 -11.86 -18.28
CA ALA B 246 -52.23 -12.38 -18.74
C ALA B 246 -51.14 -11.32 -18.65
N ALA B 247 -51.47 -10.09 -19.02
CA ALA B 247 -50.49 -8.99 -18.91
C ALA B 247 -50.25 -8.64 -17.46
N ASP B 248 -51.31 -8.67 -16.63
CA ASP B 248 -51.11 -8.53 -15.18
C ASP B 248 -50.15 -9.61 -14.65
N ASP B 249 -50.34 -10.85 -15.09
CA ASP B 249 -49.46 -11.96 -14.73
C ASP B 249 -48.02 -11.70 -15.14
N MET B 250 -47.82 -11.11 -16.31
CA MET B 250 -46.48 -10.84 -16.81
C MET B 250 -45.79 -9.79 -15.90
N GLN B 251 -46.54 -8.74 -15.55
CA GLN B 251 -45.98 -7.71 -14.68
C GLN B 251 -45.58 -8.30 -13.33
N LEU B 252 -46.41 -9.20 -12.82
CA LEU B 252 -46.19 -9.83 -11.54
C LEU B 252 -45.03 -10.82 -11.61
N TYR B 253 -44.91 -11.54 -12.73
CA TYR B 253 -43.78 -12.41 -12.99
C TYR B 253 -42.48 -11.61 -12.89
N LYS B 254 -42.38 -10.54 -13.65
CA LYS B 254 -41.16 -9.75 -13.64
C LYS B 254 -40.88 -9.24 -12.25
N TYR B 255 -41.92 -8.77 -11.56
CA TYR B 255 -41.76 -8.25 -10.22
C TYR B 255 -41.17 -9.31 -9.30
N ILE B 256 -41.68 -10.54 -9.42
CA ILE B 256 -41.24 -11.62 -8.55
C ILE B 256 -39.84 -12.11 -8.87
N ILE B 257 -39.52 -12.24 -10.16
CA ILE B 257 -38.16 -12.57 -10.57
C ILE B 257 -37.13 -11.51 -10.17
N LYS B 258 -37.43 -10.23 -10.38
CA LYS B 258 -36.44 -9.19 -10.06
C LYS B 258 -36.17 -9.16 -8.57
N ASN B 259 -37.24 -9.24 -7.76
CA ASN B 259 -37.10 -9.10 -6.33
C ASN B 259 -36.63 -10.37 -5.61
N THR B 260 -36.93 -11.54 -6.14
CA THR B 260 -36.30 -12.74 -5.62
C THR B 260 -34.76 -12.61 -5.78
N ALA B 261 -34.32 -12.22 -6.97
CA ALA B 261 -32.90 -12.01 -7.21
C ALA B 261 -32.32 -10.97 -6.25
N TRP B 262 -33.03 -9.84 -6.11
CA TRP B 262 -32.54 -8.71 -5.32
C TRP B 262 -32.35 -9.10 -3.85
N GLN B 263 -33.35 -9.78 -3.27
CA GLN B 263 -33.21 -10.29 -1.92
C GLN B 263 -32.08 -11.30 -1.72
N ASN B 264 -31.62 -11.95 -2.78
CA ASN B 264 -30.55 -12.92 -2.66
C ASN B 264 -29.22 -12.40 -3.23
N GLY B 265 -29.04 -11.09 -3.13
CA GLY B 265 -27.77 -10.46 -3.47
C GLY B 265 -27.44 -10.49 -4.96
N LYS B 266 -28.46 -10.63 -5.81
CA LYS B 266 -28.26 -10.63 -7.25
C LYS B 266 -29.04 -9.51 -7.93
N THR B 267 -28.92 -9.42 -9.25
CA THR B 267 -29.64 -8.41 -10.01
C THR B 267 -30.03 -8.97 -11.37
N VAL B 268 -31.31 -8.81 -11.71
CA VAL B 268 -31.88 -9.41 -12.91
C VAL B 268 -32.14 -8.33 -13.95
N THR B 269 -31.98 -8.68 -15.22
CA THR B 269 -32.43 -7.81 -16.30
C THR B 269 -33.28 -8.58 -17.32
N PHE B 270 -34.38 -7.94 -17.76
CA PHE B 270 -35.20 -8.46 -18.83
C PHE B 270 -34.89 -7.81 -20.18
N MET B 271 -33.79 -7.06 -20.26
CA MET B 271 -33.45 -6.38 -21.51
C MET B 271 -33.17 -7.41 -22.60
N PRO B 272 -33.54 -7.11 -23.84
CA PRO B 272 -33.42 -8.09 -24.92
C PRO B 272 -32.01 -8.59 -25.17
N LYS B 273 -31.02 -7.73 -25.02
CA LYS B 273 -29.67 -8.14 -25.38
C LYS B 273 -28.62 -7.52 -24.48
N PRO B 274 -28.41 -8.10 -23.28
CA PRO B 274 -27.36 -7.60 -22.38
C PRO B 274 -25.98 -8.10 -22.71
N LEU B 275 -25.89 -9.28 -23.34
CA LEU B 275 -24.60 -9.86 -23.67
C LEU B 275 -24.33 -9.93 -25.16
N PHE B 276 -23.19 -9.41 -25.58
CA PHE B 276 -22.81 -9.55 -26.97
C PHE B 276 -22.22 -10.94 -27.24
N GLY B 277 -22.73 -11.62 -28.26
CA GLY B 277 -22.25 -12.96 -28.60
C GLY B 277 -22.76 -14.06 -27.67
N ASP B 278 -23.94 -13.82 -27.10
CA ASP B 278 -24.66 -14.82 -26.31
C ASP B 278 -26.15 -14.59 -26.60
N ASN B 279 -26.98 -15.58 -26.24
CA ASN B 279 -28.42 -15.57 -26.52
C ASN B 279 -29.12 -14.30 -26.00
N GLY B 280 -30.01 -13.74 -26.81
CA GLY B 280 -30.85 -12.65 -26.36
C GLY B 280 -31.99 -13.17 -25.53
N SER B 281 -32.79 -12.29 -24.96
CA SER B 281 -33.94 -12.71 -24.18
C SER B 281 -35.25 -12.35 -24.88
N GLY B 282 -36.03 -13.38 -25.21
CA GLY B 282 -37.26 -13.18 -25.94
C GLY B 282 -38.48 -13.49 -25.12
N MET B 283 -39.65 -13.13 -25.66
CA MET B 283 -40.93 -13.45 -25.07
C MET B 283 -41.83 -14.06 -26.14
N HIS B 284 -41.90 -15.39 -26.17
CA HIS B 284 -42.80 -16.05 -27.11
C HIS B 284 -44.25 -15.90 -26.63
N CYS B 285 -45.10 -15.40 -27.52
CA CYS B 285 -46.52 -15.15 -27.18
C CYS B 285 -47.52 -16.08 -27.87
N HIS B 286 -48.07 -16.99 -27.09
CA HIS B 286 -49.12 -17.91 -27.56
C HIS B 286 -50.47 -17.20 -27.51
N GLN B 287 -51.28 -17.39 -28.55
CA GLN B 287 -52.56 -16.69 -28.72
C GLN B 287 -53.63 -17.61 -29.27
N SER B 288 -54.84 -17.49 -28.73
CA SER B 288 -56.00 -18.12 -29.36
C SER B 288 -57.29 -17.36 -29.05
N LEU B 289 -58.28 -17.50 -29.92
CA LEU B 289 -59.60 -16.91 -29.70
C LEU B 289 -60.63 -17.99 -29.38
N TRP B 290 -61.54 -17.66 -28.47
CA TRP B 290 -62.59 -18.59 -28.02
C TRP B 290 -63.95 -17.93 -28.01
N LYS B 291 -64.98 -18.72 -28.31
CA LYS B 291 -66.38 -18.26 -28.24
C LYS B 291 -67.28 -19.30 -27.58
N ASP B 292 -68.11 -18.83 -26.64
CA ASP B 292 -69.06 -19.67 -25.90
C ASP B 292 -68.42 -20.95 -25.40
N GLY B 293 -67.26 -20.82 -24.76
CA GLY B 293 -66.55 -21.96 -24.18
C GLY B 293 -65.91 -22.91 -25.18
N ALA B 294 -65.91 -22.54 -26.46
CA ALA B 294 -65.39 -23.41 -27.52
C ALA B 294 -64.27 -22.71 -28.31
N PRO B 295 -63.24 -23.48 -28.71
CA PRO B 295 -62.11 -22.94 -29.47
C PRO B 295 -62.48 -22.59 -30.91
N LEU B 296 -61.78 -21.62 -31.49
CA LEU B 296 -62.08 -21.18 -32.85
C LEU B 296 -60.93 -21.35 -33.80
N MET B 297 -59.80 -21.88 -33.32
CA MET B 297 -58.58 -21.91 -34.15
C MET B 297 -58.40 -23.22 -34.93
N TYR B 298 -59.16 -24.25 -34.58
CA TYR B 298 -58.93 -25.58 -35.16
C TYR B 298 -59.80 -25.91 -36.37
N ASP B 299 -59.23 -26.68 -37.28
CA ASP B 299 -59.93 -27.28 -38.42
C ASP B 299 -59.05 -28.37 -38.99
N GLU B 300 -59.52 -29.62 -38.93
CA GLU B 300 -58.75 -30.78 -39.41
C GLU B 300 -58.28 -30.59 -40.84
N THR B 301 -59.12 -29.94 -41.63
CA THR B 301 -58.92 -29.83 -43.09
C THR B 301 -57.87 -28.78 -43.49
N GLY B 302 -57.71 -27.74 -42.68
CA GLY B 302 -56.78 -26.65 -42.96
C GLY B 302 -55.32 -27.01 -42.68
N TYR B 303 -54.40 -26.27 -43.29
CA TYR B 303 -52.96 -26.51 -43.08
C TYR B 303 -52.58 -26.32 -41.61
N ALA B 304 -51.86 -27.31 -41.07
CA ALA B 304 -51.46 -27.32 -39.66
C ALA B 304 -52.64 -27.25 -38.68
N GLY B 305 -53.82 -27.71 -39.12
CA GLY B 305 -55.03 -27.73 -38.27
C GLY B 305 -55.67 -26.37 -38.03
N LEU B 306 -55.39 -25.41 -38.91
CA LEU B 306 -55.83 -24.03 -38.71
C LEU B 306 -57.14 -23.70 -39.44
N SER B 307 -58.08 -23.14 -38.69
CA SER B 307 -59.35 -22.66 -39.25
C SER B 307 -59.15 -21.40 -40.09
N ASP B 308 -60.21 -20.99 -40.77
CA ASP B 308 -60.18 -19.77 -41.55
C ASP B 308 -59.90 -18.56 -40.67
N THR B 309 -60.49 -18.57 -39.48
CA THR B 309 -60.32 -17.49 -38.53
C THR B 309 -58.86 -17.39 -38.07
N ALA B 310 -58.24 -18.55 -37.82
CA ALA B 310 -56.83 -18.60 -37.42
C ALA B 310 -55.91 -18.07 -38.52
N ARG B 311 -56.10 -18.57 -39.75
CA ARG B 311 -55.26 -18.19 -40.89
C ARG B 311 -55.36 -16.67 -41.13
N HIS B 312 -56.56 -16.13 -41.00
CA HIS B 312 -56.76 -14.70 -41.20
C HIS B 312 -56.11 -13.87 -40.08
N TYR B 313 -56.16 -14.38 -38.85
CA TYR B 313 -55.49 -13.79 -37.69
C TYR B 313 -53.99 -13.70 -38.00
N ILE B 314 -53.41 -14.79 -38.48
CA ILE B 314 -52.01 -14.84 -38.88
C ILE B 314 -51.75 -13.80 -39.96
N GLY B 315 -52.65 -13.74 -40.93
CA GLY B 315 -52.56 -12.75 -42.00
C GLY B 315 -52.41 -11.34 -41.46
N GLY B 316 -53.19 -11.03 -40.43
CA GLY B 316 -53.12 -9.74 -39.74
C GLY B 316 -51.79 -9.49 -39.06
N LEU B 317 -51.30 -10.51 -38.35
CA LEU B 317 -50.03 -10.40 -37.65
C LEU B 317 -48.91 -10.14 -38.63
N LEU B 318 -48.85 -10.89 -39.71
CA LEU B 318 -47.77 -10.74 -40.68
C LEU B 318 -47.88 -9.44 -41.45
N HIS B 319 -49.11 -9.04 -41.78
CA HIS B 319 -49.29 -7.81 -42.53
C HIS B 319 -48.91 -6.60 -41.66
N HIS B 320 -49.35 -6.62 -40.41
CA HIS B 320 -49.10 -5.48 -39.50
C HIS B 320 -47.78 -5.53 -38.69
N ALA B 321 -47.05 -6.64 -38.81
CA ALA B 321 -45.80 -6.84 -38.06
C ALA B 321 -44.88 -5.61 -38.04
N PRO B 322 -44.60 -4.99 -39.21
CA PRO B 322 -43.66 -3.87 -39.16
C PRO B 322 -44.09 -2.74 -38.23
N SER B 323 -45.39 -2.55 -38.02
CA SER B 323 -45.82 -1.52 -37.07
C SER B 323 -46.04 -2.11 -35.69
N LEU B 324 -46.46 -3.37 -35.66
CA LEU B 324 -46.74 -4.10 -34.43
C LEU B 324 -45.50 -4.16 -33.51
N LEU B 325 -44.32 -4.36 -34.09
CA LEU B 325 -43.08 -4.38 -33.30
C LEU B 325 -42.85 -3.10 -32.48
N ALA B 326 -43.52 -2.00 -32.81
CA ALA B 326 -43.42 -0.77 -32.01
C ALA B 326 -43.92 -1.00 -30.59
N PHE B 327 -44.67 -2.07 -30.40
CA PHE B 327 -45.19 -2.42 -29.08
C PHE B 327 -44.64 -3.74 -28.57
N THR B 328 -44.39 -4.69 -29.48
CA THR B 328 -43.86 -6.00 -29.05
C THR B 328 -42.35 -5.99 -28.91
N ASN B 329 -41.68 -5.07 -29.61
CA ASN B 329 -40.24 -4.92 -29.55
C ASN B 329 -39.85 -3.44 -29.47
N PRO B 330 -40.26 -2.76 -28.39
CA PRO B 330 -40.32 -1.29 -28.34
C PRO B 330 -39.02 -0.53 -28.01
N THR B 331 -37.88 -1.22 -27.90
CA THR B 331 -36.65 -0.53 -27.47
C THR B 331 -35.54 -0.59 -28.52
N VAL B 332 -34.54 0.31 -28.42
CA VAL B 332 -33.42 0.27 -29.35
C VAL B 332 -32.69 -1.06 -29.18
N ASN B 333 -32.51 -1.48 -27.93
CA ASN B 333 -31.86 -2.77 -27.61
C ASN B 333 -32.60 -4.01 -28.15
N SER B 334 -33.91 -3.92 -28.35
CA SER B 334 -34.66 -5.00 -29.05
C SER B 334 -34.02 -5.43 -30.37
N TYR B 335 -33.42 -4.48 -31.09
CA TYR B 335 -32.97 -4.74 -32.46
C TYR B 335 -31.57 -5.28 -32.52
N LYS B 336 -30.95 -5.43 -31.35
CA LYS B 336 -29.73 -6.23 -31.18
C LYS B 336 -30.02 -7.73 -31.02
N ARG B 337 -31.28 -8.07 -30.74
CA ARG B 337 -31.73 -9.46 -30.74
C ARG B 337 -32.28 -9.83 -32.11
N LEU B 338 -33.15 -8.97 -32.63
CA LEU B 338 -33.74 -9.19 -33.95
C LEU B 338 -32.74 -8.84 -35.05
N VAL B 339 -31.67 -9.61 -35.15
CA VAL B 339 -30.56 -9.28 -36.06
C VAL B 339 -30.50 -10.09 -37.36
N PRO B 340 -30.47 -9.36 -38.52
CA PRO B 340 -30.54 -9.81 -39.92
C PRO B 340 -29.77 -11.07 -40.37
N GLY B 341 -29.01 -11.73 -39.50
CA GLY B 341 -28.22 -12.88 -39.99
C GLY B 341 -28.08 -14.13 -39.12
N TYR B 342 -29.15 -14.51 -38.40
CA TYR B 342 -29.06 -15.61 -37.41
C TYR B 342 -30.28 -16.55 -37.41
N GLU B 343 -30.59 -17.10 -36.22
CA GLU B 343 -31.82 -17.87 -35.98
C GLU B 343 -33.01 -16.94 -35.74
N ALA B 344 -32.73 -15.64 -35.76
CA ALA B 344 -33.66 -14.56 -35.43
C ALA B 344 -35.07 -14.73 -36.00
N PRO B 345 -36.09 -14.76 -35.11
CA PRO B 345 -37.48 -14.72 -35.55
C PRO B 345 -37.85 -13.39 -36.25
N ILE B 346 -37.30 -13.20 -37.45
CA ILE B 346 -37.48 -11.96 -38.22
C ILE B 346 -38.16 -12.18 -39.57
N ASN B 347 -38.37 -13.44 -39.94
CA ASN B 347 -38.97 -13.79 -41.21
C ASN B 347 -40.49 -13.74 -41.18
N LEU B 348 -41.07 -12.84 -41.97
CA LEU B 348 -42.52 -12.61 -41.97
C LEU B 348 -43.34 -13.73 -42.63
N VAL B 349 -43.16 -14.96 -42.15
CA VAL B 349 -43.91 -16.12 -42.63
C VAL B 349 -44.43 -16.89 -41.44
N TYR B 350 -45.41 -17.77 -41.64
CA TYR B 350 -45.76 -18.70 -40.57
C TYR B 350 -45.28 -20.10 -40.93
N SER B 351 -45.03 -20.91 -39.91
CA SER B 351 -44.40 -22.21 -40.12
C SER B 351 -44.73 -23.15 -38.98
N GLN B 352 -44.40 -24.42 -39.15
CA GLN B 352 -44.69 -25.45 -38.16
C GLN B 352 -43.38 -26.05 -37.63
N ARG B 353 -42.33 -25.92 -38.43
CA ARG B 353 -41.03 -26.52 -38.11
C ARG B 353 -39.91 -25.49 -38.05
N ASN B 354 -40.07 -24.40 -38.80
CA ASN B 354 -39.04 -23.37 -38.90
C ASN B 354 -38.99 -22.45 -37.68
N ARG B 355 -37.97 -22.66 -36.84
CA ARG B 355 -37.76 -21.87 -35.64
C ARG B 355 -37.04 -20.55 -36.02
N SER B 356 -37.60 -19.85 -37.00
CA SER B 356 -36.99 -18.67 -37.59
C SER B 356 -38.09 -17.77 -38.19
N ALA B 357 -39.32 -18.24 -38.08
CA ALA B 357 -40.49 -17.51 -38.53
C ALA B 357 -41.15 -16.75 -37.38
N CYS B 358 -41.69 -15.57 -37.70
CA CYS B 358 -42.45 -14.73 -36.76
C CYS B 358 -43.54 -15.50 -36.05
N VAL B 359 -44.31 -16.25 -36.83
CA VAL B 359 -45.43 -17.00 -36.31
C VAL B 359 -45.11 -18.49 -36.43
N ARG B 360 -45.19 -19.19 -35.30
CA ARG B 360 -45.04 -20.64 -35.32
C ARG B 360 -46.33 -21.28 -34.84
N ILE B 361 -46.66 -22.43 -35.41
CA ILE B 361 -47.83 -23.17 -34.99
C ILE B 361 -47.33 -24.39 -34.23
N PRO B 362 -47.40 -24.35 -32.88
CA PRO B 362 -46.92 -25.48 -32.10
C PRO B 362 -47.69 -26.76 -32.47
N ILE B 363 -47.00 -27.88 -32.52
CA ILE B 363 -47.66 -29.11 -32.94
C ILE B 363 -48.41 -29.72 -31.76
N THR B 364 -49.71 -29.83 -31.94
CA THR B 364 -50.63 -30.14 -30.86
C THR B 364 -51.54 -31.30 -31.22
N GLY B 365 -51.27 -31.89 -32.37
CA GLY B 365 -52.07 -33.01 -32.88
C GLY B 365 -53.51 -32.60 -33.22
N SER B 366 -54.46 -33.48 -32.89
CA SER B 366 -55.85 -33.31 -33.28
C SER B 366 -56.76 -32.83 -32.15
N ASN B 367 -56.17 -32.52 -30.99
CA ASN B 367 -56.93 -31.90 -29.89
C ASN B 367 -57.27 -30.44 -30.25
N PRO B 368 -58.57 -30.15 -30.49
CA PRO B 368 -58.94 -28.82 -30.99
C PRO B 368 -58.66 -27.68 -29.99
N LYS B 369 -58.73 -27.98 -28.70
CA LYS B 369 -58.56 -26.99 -27.65
C LYS B 369 -57.15 -26.39 -27.62
N ALA B 370 -56.17 -27.22 -27.94
CA ALA B 370 -54.76 -26.85 -27.86
C ALA B 370 -54.25 -26.02 -29.04
N LYS B 371 -55.02 -25.97 -30.12
CA LYS B 371 -54.61 -25.22 -31.32
C LYS B 371 -54.49 -23.71 -31.08
N ARG B 372 -53.35 -23.17 -31.47
CA ARG B 372 -53.00 -21.78 -31.20
C ARG B 372 -51.87 -21.31 -32.08
N LEU B 373 -51.59 -20.03 -32.06
CA LEU B 373 -50.43 -19.51 -32.77
C LEU B 373 -49.46 -18.82 -31.79
N GLU B 374 -48.18 -19.02 -32.05
CA GLU B 374 -47.10 -18.47 -31.23
C GLU B 374 -46.38 -17.36 -32.02
N PHE B 375 -46.52 -16.12 -31.57
CA PHE B 375 -45.76 -15.01 -32.11
C PHE B 375 -44.40 -14.96 -31.38
N ARG B 376 -43.33 -15.18 -32.14
CA ARG B 376 -42.00 -15.41 -31.58
C ARG B 376 -41.07 -14.17 -31.50
N SER B 377 -41.39 -13.13 -32.26
CA SER B 377 -40.58 -11.90 -32.30
C SER B 377 -40.49 -11.07 -30.99
N PRO B 378 -41.59 -11.00 -30.22
CA PRO B 378 -41.58 -10.07 -29.09
C PRO B 378 -40.46 -10.31 -28.07
N ASP B 379 -40.20 -9.29 -27.24
CA ASP B 379 -39.30 -9.42 -26.10
C ASP B 379 -39.98 -8.84 -24.84
N SER B 380 -39.28 -8.82 -23.71
CA SER B 380 -39.88 -8.38 -22.44
C SER B 380 -39.60 -6.93 -22.14
N SER B 381 -39.19 -6.15 -23.13
CA SER B 381 -38.68 -4.81 -22.85
C SER B 381 -39.71 -3.71 -22.78
N GLY B 382 -40.97 -4.02 -23.05
CA GLY B 382 -41.96 -2.95 -23.03
C GLY B 382 -43.14 -3.11 -22.09
N ASN B 383 -44.32 -3.16 -22.69
CA ASN B 383 -45.54 -3.09 -21.94
C ASN B 383 -46.41 -4.22 -22.43
N PRO B 384 -46.65 -5.22 -21.57
CA PRO B 384 -47.41 -6.38 -22.01
C PRO B 384 -48.88 -6.03 -22.26
N TYR B 385 -49.41 -5.05 -21.53
CA TYR B 385 -50.78 -4.58 -21.77
C TYR B 385 -50.90 -4.07 -23.20
N LEU B 386 -49.97 -3.22 -23.62
CA LEU B 386 -50.00 -2.68 -24.98
C LEU B 386 -49.62 -3.75 -26.00
N ALA B 387 -48.64 -4.57 -25.69
CA ALA B 387 -48.19 -5.56 -26.65
C ALA B 387 -49.30 -6.61 -26.95
N PHE B 388 -49.95 -7.12 -25.91
CA PHE B 388 -50.99 -8.11 -26.13
C PHE B 388 -52.17 -7.47 -26.90
N SER B 389 -52.58 -6.28 -26.47
CA SER B 389 -53.65 -5.53 -27.14
C SER B 389 -53.30 -5.35 -28.61
N ALA B 390 -52.09 -4.86 -28.88
CA ALA B 390 -51.70 -4.56 -30.25
C ALA B 390 -51.70 -5.81 -31.11
N MET B 391 -51.25 -6.93 -30.53
CA MET B 391 -51.31 -8.23 -31.21
C MET B 391 -52.75 -8.65 -31.55
N LEU B 392 -53.67 -8.48 -30.59
CA LEU B 392 -55.07 -8.83 -30.82
C LEU B 392 -55.65 -7.99 -31.96
N MET B 393 -55.40 -6.68 -31.92
CA MET B 393 -55.93 -5.77 -32.93
C MET B 393 -55.43 -6.14 -34.32
N ALA B 394 -54.17 -6.55 -34.43
CA ALA B 394 -53.63 -7.00 -35.70
C ALA B 394 -54.38 -8.23 -36.20
N GLY B 395 -54.59 -9.18 -35.31
CA GLY B 395 -55.33 -10.40 -35.64
C GLY B 395 -56.78 -10.13 -36.01
N LEU B 396 -57.42 -9.21 -35.31
CA LEU B 396 -58.81 -8.86 -35.56
C LEU B 396 -58.99 -8.12 -36.91
N ASP B 397 -58.05 -7.23 -37.24
CA ASP B 397 -58.07 -6.56 -38.53
C ASP B 397 -57.86 -7.60 -39.63
N GLY B 398 -57.06 -8.62 -39.32
CA GLY B 398 -56.80 -9.70 -40.25
C GLY B 398 -58.06 -10.50 -40.54
N ILE B 399 -58.88 -10.72 -39.52
CA ILE B 399 -60.14 -11.46 -39.66
C ILE B 399 -61.17 -10.63 -40.41
N LYS B 400 -61.44 -9.40 -39.94
CA LYS B 400 -62.40 -8.49 -40.59
C LYS B 400 -62.13 -8.29 -42.07
N ASN B 401 -60.87 -8.16 -42.47
CA ASN B 401 -60.53 -7.96 -43.88
C ASN B 401 -60.06 -9.22 -44.59
N LYS B 402 -60.32 -10.37 -43.97
CA LYS B 402 -59.93 -11.69 -44.53
C LYS B 402 -58.54 -11.70 -45.18
N ILE B 403 -57.56 -11.13 -44.50
CA ILE B 403 -56.20 -11.01 -45.06
C ILE B 403 -55.56 -12.37 -45.19
N GLU B 404 -55.07 -12.67 -46.39
CA GLU B 404 -54.43 -13.95 -46.66
C GLU B 404 -52.92 -13.85 -46.49
N PRO B 405 -52.35 -14.68 -45.60
CA PRO B 405 -50.91 -14.70 -45.40
C PRO B 405 -50.20 -15.40 -46.54
N GLN B 406 -48.94 -15.07 -46.76
CA GLN B 406 -48.11 -15.83 -47.71
C GLN B 406 -48.17 -17.32 -47.42
N ALA B 407 -47.82 -18.12 -48.42
CA ALA B 407 -47.71 -19.56 -48.22
C ALA B 407 -46.72 -19.86 -47.10
N PRO B 408 -47.09 -20.78 -46.18
CA PRO B 408 -46.19 -21.22 -45.10
C PRO B 408 -44.89 -21.83 -45.62
N VAL B 409 -43.83 -21.77 -44.81
CA VAL B 409 -42.52 -22.31 -45.17
C VAL B 409 -42.04 -23.31 -44.11
N ASP B 410 -41.94 -24.57 -44.48
CA ASP B 410 -41.52 -25.63 -43.56
C ASP B 410 -40.04 -26.02 -43.67
N LYS B 411 -39.40 -25.64 -44.77
CA LYS B 411 -37.97 -25.84 -44.96
C LYS B 411 -37.20 -24.60 -44.50
N ASP B 412 -35.93 -24.80 -44.10
CA ASP B 412 -35.08 -23.73 -43.56
C ASP B 412 -34.88 -22.53 -44.51
N ALA B 421 -35.21 -17.05 -50.83
CA ALA B 421 -34.02 -16.43 -50.25
C ALA B 421 -34.24 -14.92 -50.06
N ALA B 422 -34.13 -14.15 -51.16
CA ALA B 422 -34.56 -12.75 -51.19
C ALA B 422 -36.09 -12.69 -51.32
N SER B 423 -36.69 -13.88 -51.42
CA SER B 423 -38.12 -14.06 -51.56
C SER B 423 -38.92 -13.70 -50.29
N ILE B 424 -38.37 -14.02 -49.12
CA ILE B 424 -39.06 -13.85 -47.84
C ILE B 424 -38.84 -12.47 -47.21
N PRO B 425 -39.94 -11.73 -46.93
CA PRO B 425 -39.82 -10.40 -46.32
C PRO B 425 -39.38 -10.43 -44.85
N GLN B 426 -38.68 -9.38 -44.43
CA GLN B 426 -38.10 -9.27 -43.09
C GLN B 426 -38.83 -8.22 -42.24
N THR B 427 -38.74 -8.36 -40.92
CA THR B 427 -39.12 -7.28 -40.02
C THR B 427 -38.08 -6.18 -40.15
N PRO B 428 -38.48 -4.91 -39.95
CA PRO B 428 -37.46 -3.87 -39.98
C PRO B 428 -36.39 -4.14 -38.91
N THR B 429 -35.20 -3.54 -39.09
CA THR B 429 -34.04 -3.88 -38.28
C THR B 429 -33.66 -2.82 -37.25
N GLN B 430 -34.39 -1.72 -37.19
CA GLN B 430 -34.11 -0.60 -36.27
C GLN B 430 -35.40 -0.12 -35.64
N LEU B 431 -35.35 0.31 -34.39
CA LEU B 431 -36.53 0.91 -33.76
C LEU B 431 -37.11 2.09 -34.55
N SER B 432 -36.24 2.95 -35.09
CA SER B 432 -36.68 4.13 -35.84
C SER B 432 -37.49 3.75 -37.08
N ASP B 433 -37.09 2.67 -37.74
CA ASP B 433 -37.88 2.16 -38.85
C ASP B 433 -39.26 1.68 -38.41
N VAL B 434 -39.34 0.90 -37.32
CA VAL B 434 -40.65 0.40 -36.88
C VAL B 434 -41.55 1.51 -36.37
N ILE B 435 -40.96 2.55 -35.77
CA ILE B 435 -41.71 3.72 -35.36
C ILE B 435 -42.27 4.46 -36.58
N ASP B 436 -41.47 4.54 -37.66
CA ASP B 436 -41.95 5.13 -38.90
C ASP B 436 -43.15 4.33 -39.41
N ARG B 437 -43.03 3.01 -39.38
CA ARG B 437 -44.09 2.15 -39.88
C ARG B 437 -45.34 2.23 -39.03
N LEU B 438 -45.18 2.43 -37.73
CA LEU B 438 -46.33 2.65 -36.84
C LEU B 438 -47.03 3.95 -37.21
N GLU B 439 -46.24 5.00 -37.45
CA GLU B 439 -46.76 6.31 -37.87
C GLU B 439 -47.58 6.23 -39.15
N ALA B 440 -47.10 5.42 -40.09
CA ALA B 440 -47.73 5.26 -41.39
C ALA B 440 -48.96 4.31 -41.41
N ASP B 441 -49.06 3.44 -40.43
CA ASP B 441 -50.09 2.40 -40.44
C ASP B 441 -50.53 2.02 -39.01
N HIS B 442 -51.42 2.82 -38.43
CA HIS B 442 -51.94 2.53 -37.09
C HIS B 442 -53.46 2.50 -37.03
N GLU B 443 -54.07 2.53 -38.19
CA GLU B 443 -55.51 2.47 -38.36
C GLU B 443 -56.13 1.28 -37.60
N TYR B 444 -55.52 0.10 -37.75
CA TYR B 444 -56.01 -1.12 -37.08
C TYR B 444 -56.03 -1.05 -35.55
N LEU B 445 -55.18 -0.21 -34.98
CA LEU B 445 -55.10 -0.08 -33.53
C LEU B 445 -56.18 0.82 -32.97
N THR B 446 -56.70 1.72 -33.81
CA THR B 446 -57.75 2.68 -33.40
C THR B 446 -59.19 2.13 -33.54
N GLU B 447 -59.35 1.00 -34.23
CA GLU B 447 -60.66 0.35 -34.32
C GLU B 447 -61.27 0.22 -32.94
N GLY B 448 -62.54 0.60 -32.81
CA GLY B 448 -63.23 0.47 -31.54
C GLY B 448 -62.69 1.40 -30.48
N GLY B 449 -61.86 2.36 -30.88
CA GLY B 449 -61.22 3.26 -29.92
C GLY B 449 -60.33 2.60 -28.87
N VAL B 450 -59.76 1.43 -29.20
CA VAL B 450 -58.91 0.68 -28.27
C VAL B 450 -57.64 1.48 -27.97
N PHE B 451 -56.85 1.75 -29.01
CA PHE B 451 -55.81 2.77 -28.97
C PHE B 451 -56.41 4.05 -29.56
N THR B 452 -55.97 5.21 -29.09
CA THR B 452 -56.38 6.48 -29.71
C THR B 452 -55.22 7.08 -30.51
N ASN B 453 -55.53 7.88 -31.54
CA ASN B 453 -54.50 8.61 -32.29
C ASN B 453 -53.60 9.42 -31.35
N ASP B 454 -54.22 10.04 -30.35
CA ASP B 454 -53.50 10.81 -29.35
C ASP B 454 -52.37 9.97 -28.70
N LEU B 455 -52.72 8.77 -28.23
CA LEU B 455 -51.77 7.86 -27.58
C LEU B 455 -50.65 7.43 -28.52
N ILE B 456 -51.02 7.03 -29.74
CA ILE B 456 -50.04 6.58 -30.69
C ILE B 456 -49.02 7.67 -30.99
N GLU B 457 -49.48 8.91 -31.16
CA GLU B 457 -48.58 10.03 -31.45
C GLU B 457 -47.64 10.29 -30.28
N THR B 458 -48.18 10.18 -29.07
CA THR B 458 -47.38 10.32 -27.84
C THR B 458 -46.26 9.26 -27.80
N TRP B 459 -46.61 8.01 -28.10
CA TRP B 459 -45.70 6.87 -28.11
C TRP B 459 -44.59 7.10 -29.13
N ILE B 460 -44.97 7.61 -30.30
CA ILE B 460 -44.00 7.88 -31.37
C ILE B 460 -43.03 9.00 -30.96
N SER B 461 -43.56 10.05 -30.34
CA SER B 461 -42.76 11.16 -29.82
C SER B 461 -41.76 10.69 -28.77
N PHE B 462 -42.28 9.98 -27.78
CA PHE B 462 -41.51 9.49 -26.64
C PHE B 462 -40.29 8.68 -27.12
N LYS B 463 -40.54 7.74 -28.03
CA LYS B 463 -39.49 6.84 -28.51
C LYS B 463 -38.48 7.62 -29.32
N ARG B 464 -38.94 8.61 -30.08
CA ARG B 464 -38.04 9.42 -30.91
C ARG B 464 -37.15 10.36 -30.09
N GLU B 465 -37.75 11.06 -29.12
CA GLU B 465 -37.04 12.07 -28.35
C GLU B 465 -36.26 11.51 -27.17
N ASN B 466 -36.75 10.45 -26.54
CA ASN B 466 -36.13 9.90 -25.33
C ASN B 466 -35.26 8.67 -25.55
N GLU B 467 -35.42 7.99 -26.70
CA GLU B 467 -34.73 6.70 -26.89
C GLU B 467 -33.89 6.68 -28.17
N ILE B 468 -34.56 6.80 -29.32
CA ILE B 468 -33.88 6.78 -30.62
C ILE B 468 -32.80 7.87 -30.75
N GLU B 469 -33.18 9.12 -30.53
CA GLU B 469 -32.27 10.22 -30.73
C GLU B 469 -31.10 10.23 -29.71
N PRO B 470 -31.41 10.09 -28.39
CA PRO B 470 -30.31 10.04 -27.41
C PRO B 470 -29.27 8.94 -27.68
N VAL B 471 -29.68 7.79 -28.20
CA VAL B 471 -28.71 6.76 -28.56
C VAL B 471 -27.93 7.18 -29.78
N ASN B 472 -28.67 7.69 -30.77
CA ASN B 472 -28.10 8.16 -32.04
C ASN B 472 -26.99 9.20 -31.97
N ILE B 473 -27.12 10.15 -31.04
CA ILE B 473 -26.15 11.24 -30.94
C ILE B 473 -24.91 10.87 -30.11
N ARG B 474 -24.92 9.70 -29.48
CA ARG B 474 -23.80 9.30 -28.64
C ARG B 474 -22.89 8.30 -29.38
N PRO B 475 -21.61 8.68 -29.56
CA PRO B 475 -20.65 7.80 -30.20
C PRO B 475 -20.59 6.45 -29.51
N HIS B 476 -20.52 5.39 -30.31
CA HIS B 476 -20.50 4.03 -29.81
C HIS B 476 -19.03 3.61 -29.58
N PRO B 477 -18.75 2.94 -28.45
CA PRO B 477 -17.35 2.57 -28.19
C PRO B 477 -16.67 1.90 -29.38
N TYR B 478 -17.39 1.09 -30.13
CA TYR B 478 -16.77 0.36 -31.22
C TYR B 478 -16.37 1.31 -32.37
N GLU B 479 -17.00 2.48 -32.40
CA GLU B 479 -16.64 3.50 -33.40
C GLU B 479 -15.21 3.98 -33.19
N PHE B 480 -14.76 3.94 -31.93
CA PHE B 480 -13.38 4.30 -31.64
C PHE B 480 -12.42 3.23 -32.14
N ALA B 481 -12.82 1.96 -32.03
CA ALA B 481 -12.02 0.88 -32.59
C ALA B 481 -11.90 1.04 -34.11
N LEU B 482 -13.00 1.42 -34.74
CA LEU B 482 -13.08 1.48 -36.19
C LEU B 482 -12.43 2.73 -36.76
N TYR B 483 -12.55 3.84 -36.03
CA TYR B 483 -12.33 5.13 -36.64
C TYR B 483 -11.34 6.10 -35.97
N TYR B 484 -10.86 5.81 -34.77
CA TYR B 484 -9.99 6.78 -34.11
C TYR B 484 -8.84 7.22 -35.03
N ASP B 485 -8.33 6.28 -35.81
CA ASP B 485 -7.11 6.54 -36.56
C ASP B 485 -7.33 6.75 -38.05
N VAL B 486 -8.54 7.15 -38.45
CA VAL B 486 -8.82 7.44 -39.87
C VAL B 486 -7.96 8.56 -40.46
N LYS C 12 -57.81 15.81 25.33
CA LYS C 12 -56.88 15.13 26.30
C LYS C 12 -56.55 15.95 27.54
N THR C 13 -56.65 15.30 28.70
CA THR C 13 -56.54 15.98 29.99
C THR C 13 -55.26 15.59 30.69
N PRO C 14 -54.84 16.37 31.71
CA PRO C 14 -53.73 15.95 32.57
C PRO C 14 -53.83 14.48 33.03
N ASP C 15 -55.02 14.05 33.48
CA ASP C 15 -55.19 12.66 33.94
C ASP C 15 -54.92 11.60 32.87
N ASP C 16 -55.33 11.88 31.64
CA ASP C 16 -54.97 11.02 30.51
C ASP C 16 -53.46 10.82 30.42
N VAL C 17 -52.71 11.90 30.63
CA VAL C 17 -51.25 11.89 30.49
C VAL C 17 -50.63 11.09 31.60
N PHE C 18 -51.10 11.29 32.84
CA PHE C 18 -50.58 10.52 33.98
C PHE C 18 -50.87 9.05 33.79
N LYS C 19 -52.03 8.75 33.18
CA LYS C 19 -52.44 7.37 32.95
C LYS C 19 -51.53 6.73 31.92
N LEU C 20 -51.22 7.48 30.85
CA LEU C 20 -50.30 7.03 29.83
C LEU C 20 -48.89 6.76 30.43
N ALA C 21 -48.43 7.67 31.27
CA ALA C 21 -47.14 7.56 31.96
C ALA C 21 -47.05 6.30 32.81
N LYS C 22 -48.09 6.06 33.61
CA LYS C 22 -48.15 4.87 34.46
C LYS C 22 -48.31 3.56 33.65
N ASP C 23 -49.25 3.54 32.70
CA ASP C 23 -49.45 2.34 31.85
C ASP C 23 -48.18 1.94 31.09
N GLU C 24 -47.46 2.93 30.56
CA GLU C 24 -46.28 2.65 29.74
C GLU C 24 -45.02 2.49 30.57
N LYS C 25 -45.15 2.66 31.89
CA LYS C 25 -44.00 2.55 32.81
C LYS C 25 -42.86 3.48 32.39
N VAL C 26 -43.22 4.73 32.13
CA VAL C 26 -42.31 5.77 31.70
C VAL C 26 -41.26 6.04 32.78
N GLU C 27 -40.01 6.14 32.37
CA GLU C 27 -38.91 6.37 33.30
C GLU C 27 -38.54 7.87 33.35
N TYR C 28 -38.64 8.55 32.20
CA TYR C 28 -38.28 9.96 32.08
C TYR C 28 -39.33 10.76 31.32
N VAL C 29 -39.36 12.06 31.57
CA VAL C 29 -40.24 12.96 30.83
C VAL C 29 -39.36 14.02 30.15
N ASP C 30 -39.56 14.15 28.84
CA ASP C 30 -38.77 15.08 28.05
C ASP C 30 -39.53 16.38 27.83
N VAL C 31 -38.98 17.45 28.38
CA VAL C 31 -39.62 18.77 28.36
C VAL C 31 -39.19 19.50 27.10
N ARG C 32 -40.11 19.64 26.16
CA ARG C 32 -39.82 20.21 24.85
C ARG C 32 -40.46 21.59 24.65
N PHE C 33 -39.72 22.48 23.98
CA PHE C 33 -40.24 23.78 23.65
C PHE C 33 -39.55 24.20 22.36
N CYS C 34 -40.21 25.07 21.60
CA CYS C 34 -39.72 25.40 20.26
C CYS C 34 -38.90 26.65 20.27
N ASP C 35 -37.76 26.64 19.57
CA ASP C 35 -36.98 27.86 19.45
C ASP C 35 -37.48 28.63 18.23
N LEU C 36 -36.95 29.84 18.05
CA LEU C 36 -37.42 30.75 17.02
C LEU C 36 -37.30 30.18 15.59
N PRO C 37 -36.09 29.82 15.15
CA PRO C 37 -36.03 29.28 13.78
C PRO C 37 -36.85 28.01 13.52
N GLY C 38 -37.12 27.20 14.55
CA GLY C 38 -38.01 26.06 14.38
C GLY C 38 -37.53 24.68 14.80
N ILE C 39 -36.44 24.65 15.58
CA ILE C 39 -35.90 23.41 16.11
C ILE C 39 -36.40 23.22 17.54
N MET C 40 -36.93 22.03 17.85
CA MET C 40 -37.39 21.72 19.19
C MET C 40 -36.22 21.54 20.15
N GLN C 41 -36.33 22.15 21.32
CA GLN C 41 -35.33 22.08 22.38
C GLN C 41 -35.86 21.18 23.49
N HIS C 42 -34.97 20.70 24.36
CA HIS C 42 -35.42 19.82 25.43
C HIS C 42 -34.47 19.76 26.60
N PHE C 43 -35.02 19.38 27.75
CA PHE C 43 -34.26 18.84 28.84
C PHE C 43 -35.12 17.73 29.46
N THR C 44 -34.53 16.94 30.35
CA THR C 44 -35.21 15.74 30.83
C THR C 44 -35.34 15.72 32.37
N ILE C 45 -36.48 15.24 32.83
CA ILE C 45 -36.72 15.08 34.28
C ILE C 45 -37.10 13.64 34.55
N PRO C 46 -36.87 13.15 35.78
CA PRO C 46 -37.35 11.80 36.08
C PRO C 46 -38.87 11.80 36.12
N ALA C 47 -39.47 10.68 35.72
CA ALA C 47 -40.94 10.54 35.70
C ALA C 47 -41.56 10.80 37.07
N SER C 48 -40.90 10.30 38.12
CA SER C 48 -41.34 10.50 39.50
C SER C 48 -41.53 11.99 39.90
N ALA C 49 -41.02 12.92 39.10
CA ALA C 49 -41.18 14.35 39.39
C ALA C 49 -42.19 14.99 38.44
N PHE C 50 -42.88 14.12 37.69
CA PHE C 50 -43.95 14.58 36.81
C PHE C 50 -45.30 14.33 37.49
N ASP C 51 -45.85 15.38 38.10
CA ASP C 51 -47.10 15.28 38.88
C ASP C 51 -48.02 16.46 38.56
N LYS C 52 -49.07 16.64 39.36
CA LYS C 52 -50.04 17.74 39.13
C LYS C 52 -49.42 19.13 39.15
N SER C 53 -48.42 19.34 40.02
CA SER C 53 -47.74 20.63 40.14
C SER C 53 -46.98 21.05 38.86
N VAL C 54 -46.80 20.12 37.92
CA VAL C 54 -46.24 20.47 36.62
C VAL C 54 -47.30 21.21 35.79
N PHE C 55 -48.54 20.70 35.78
CA PHE C 55 -49.65 21.35 35.08
C PHE C 55 -50.14 22.65 35.73
N ASP C 56 -50.10 22.72 37.06
CA ASP C 56 -50.58 23.89 37.79
C ASP C 56 -49.55 24.99 37.89
N ASP C 57 -48.35 24.66 38.34
CA ASP C 57 -47.33 25.68 38.62
C ASP C 57 -46.31 25.84 37.48
N GLY C 58 -46.06 24.75 36.76
CA GLY C 58 -45.07 24.73 35.68
C GLY C 58 -43.68 24.36 36.15
N LEU C 59 -42.74 24.32 35.20
CA LEU C 59 -41.36 23.99 35.52
C LEU C 59 -40.47 25.20 35.31
N ALA C 60 -39.63 25.48 36.30
CA ALA C 60 -38.67 26.56 36.21
C ALA C 60 -37.45 26.09 35.46
N PHE C 61 -36.91 26.95 34.61
CA PHE C 61 -35.69 26.66 33.89
C PHE C 61 -34.97 27.96 33.54
N ASP C 62 -33.62 27.94 33.61
CA ASP C 62 -32.79 29.10 33.31
C ASP C 62 -33.21 29.79 32.02
N GLY C 63 -33.48 31.09 32.10
CA GLY C 63 -34.15 31.80 31.01
C GLY C 63 -33.30 32.39 29.90
N SER C 64 -31.99 32.17 29.98
CA SER C 64 -31.09 32.44 28.87
C SER C 64 -30.99 31.16 28.01
N SER C 65 -31.25 30.03 28.67
CA SER C 65 -31.28 28.72 28.04
C SER C 65 -32.59 28.52 27.24
N ILE C 66 -33.70 28.95 27.83
CA ILE C 66 -35.04 28.93 27.19
C ILE C 66 -35.16 29.94 26.03
N ARG C 67 -34.46 31.07 26.15
CA ARG C 67 -34.54 32.15 25.17
C ARG C 67 -33.56 32.02 23.98
N GLY C 68 -32.47 31.26 24.17
CA GLY C 68 -31.52 31.00 23.09
C GLY C 68 -30.42 32.04 22.88
N PHE C 69 -30.56 33.20 23.53
CA PHE C 69 -29.50 34.23 23.52
C PHE C 69 -29.10 34.63 24.94
N GLN C 70 -27.94 35.29 25.04
CA GLN C 70 -27.33 35.59 26.33
C GLN C 70 -27.46 37.08 26.73
N SER C 75 -35.69 36.85 32.79
CA SER C 75 -34.48 36.03 32.61
C SER C 75 -34.74 34.55 32.89
N ASP C 76 -35.31 34.24 34.06
CA ASP C 76 -35.81 32.89 34.35
C ASP C 76 -37.14 32.67 33.66
N MET C 77 -37.35 31.50 33.06
CA MET C 77 -38.63 31.24 32.40
C MET C 77 -39.39 30.06 32.97
N LEU C 78 -40.70 30.12 32.84
CA LEU C 78 -41.61 29.10 33.36
C LEU C 78 -42.26 28.34 32.20
N LEU C 79 -42.27 27.01 32.30
CA LEU C 79 -42.79 26.16 31.21
C LEU C 79 -44.06 25.45 31.62
N LEU C 80 -45.13 25.59 30.82
CA LEU C 80 -46.40 24.92 31.09
C LEU C 80 -46.75 23.89 30.03
N PRO C 81 -47.08 22.66 30.45
CA PRO C 81 -47.26 21.56 29.50
C PRO C 81 -48.58 21.64 28.72
N ASP C 82 -48.55 21.19 27.47
CA ASP C 82 -49.77 21.00 26.66
C ASP C 82 -50.09 19.50 26.58
N PRO C 83 -51.13 19.05 27.30
CA PRO C 83 -51.44 17.61 27.43
C PRO C 83 -51.71 16.91 26.09
N GLU C 84 -52.18 17.67 25.10
CA GLU C 84 -52.49 17.11 23.78
C GLU C 84 -51.23 16.63 23.04
N THR C 85 -50.06 17.15 23.43
CA THR C 85 -48.81 16.84 22.72
C THR C 85 -48.01 15.67 23.32
N ALA C 86 -48.53 15.05 24.36
CA ALA C 86 -47.83 13.95 25.03
C ALA C 86 -47.77 12.72 24.13
N ARG C 87 -46.55 12.21 23.94
CA ARG C 87 -46.31 11.00 23.16
C ARG C 87 -45.15 10.16 23.71
N ILE C 88 -45.27 8.83 23.60
CA ILE C 88 -44.15 7.96 23.91
C ILE C 88 -43.08 8.15 22.82
N ASP C 89 -41.84 8.41 23.23
CA ASP C 89 -40.73 8.43 22.29
C ASP C 89 -40.38 7.00 21.83
N PRO C 90 -40.47 6.72 20.53
CA PRO C 90 -40.22 5.35 20.09
C PRO C 90 -38.74 5.02 19.91
N PHE C 91 -37.84 5.98 20.14
CA PHE C 91 -36.42 5.81 19.81
C PHE C 91 -35.52 5.72 21.03
N ARG C 92 -35.90 6.41 22.10
CA ARG C 92 -35.08 6.50 23.29
C ARG C 92 -35.10 5.17 24.07
N ALA C 93 -33.92 4.62 24.38
CA ALA C 93 -33.83 3.33 25.08
C ALA C 93 -34.54 3.36 26.44
N ALA C 94 -34.29 4.39 27.23
CA ALA C 94 -35.00 4.56 28.49
C ALA C 94 -36.40 5.04 28.14
N LYS C 95 -37.43 4.39 28.69
CA LYS C 95 -38.80 4.70 28.30
C LYS C 95 -39.15 6.15 28.63
N THR C 96 -39.48 6.92 27.61
CA THR C 96 -39.64 8.38 27.77
C THR C 96 -40.95 8.91 27.24
N LEU C 97 -41.54 9.87 27.96
CA LEU C 97 -42.72 10.58 27.52
C LEU C 97 -42.32 12.00 27.11
N ASN C 98 -42.56 12.34 25.84
CA ASN C 98 -42.32 13.68 25.32
C ASN C 98 -43.58 14.52 25.45
N ILE C 99 -43.43 15.75 25.95
CA ILE C 99 -44.52 16.71 26.01
C ILE C 99 -44.00 18.10 25.58
N ASN C 100 -44.82 18.82 24.83
CA ASN C 100 -44.51 20.22 24.47
C ASN C 100 -45.03 21.20 25.51
N PHE C 101 -44.35 22.33 25.66
CA PHE C 101 -44.66 23.30 26.69
C PHE C 101 -44.79 24.69 26.09
N PHE C 102 -45.51 25.56 26.80
CA PHE C 102 -45.55 26.96 26.46
C PHE C 102 -44.60 27.69 27.41
N VAL C 103 -43.98 28.77 26.95
CA VAL C 103 -43.08 29.56 27.78
C VAL C 103 -43.82 30.76 28.38
N HIS C 104 -43.79 30.87 29.71
CA HIS C 104 -44.41 31.97 30.41
C HIS C 104 -43.38 32.72 31.26
N ASP C 105 -43.62 34.00 31.48
CA ASP C 105 -42.88 34.80 32.49
C ASP C 105 -43.22 34.29 33.90
N PRO C 106 -42.20 34.11 34.76
CA PRO C 106 -42.46 33.49 36.08
C PRO C 106 -43.26 34.39 37.02
N PHE C 107 -42.98 35.71 37.00
CA PHE C 107 -43.70 36.66 37.88
C PHE C 107 -45.15 36.87 37.40
N THR C 108 -45.32 37.24 36.14
CA THR C 108 -46.64 37.65 35.63
C THR C 108 -47.51 36.52 35.09
N LEU C 109 -46.93 35.34 34.89
CA LEU C 109 -47.58 34.22 34.18
C LEU C 109 -47.99 34.55 32.74
N GLU C 110 -47.47 35.64 32.19
CA GLU C 110 -47.76 36.07 30.83
C GLU C 110 -47.09 35.15 29.81
N PRO C 111 -47.82 34.76 28.75
CA PRO C 111 -47.17 33.99 27.70
C PRO C 111 -46.04 34.82 27.12
N TYR C 112 -44.86 34.23 27.00
CA TYR C 112 -43.69 34.90 26.41
C TYR C 112 -43.92 35.15 24.93
N SER C 113 -43.74 36.39 24.52
CA SER C 113 -44.12 36.81 23.17
C SER C 113 -43.25 36.24 22.03
N ARG C 114 -42.13 35.63 22.36
CA ARG C 114 -41.25 35.03 21.33
C ARG C 114 -41.26 33.50 21.25
N ASP C 115 -42.09 32.84 22.06
CA ASP C 115 -42.30 31.42 21.95
C ASP C 115 -43.30 31.11 20.84
N PRO C 116 -42.82 30.47 19.76
CA PRO C 116 -43.66 30.18 18.60
C PRO C 116 -44.98 29.50 18.97
N ARG C 117 -44.97 28.65 19.99
CA ARG C 117 -46.17 27.94 20.41
C ARG C 117 -47.23 28.91 20.96
N ASN C 118 -46.79 29.92 21.69
CA ASN C 118 -47.69 30.93 22.21
C ASN C 118 -48.32 31.73 21.08
N ILE C 119 -47.51 31.99 20.04
CA ILE C 119 -47.96 32.74 18.87
C ILE C 119 -49.06 31.99 18.12
N ALA C 120 -48.88 30.68 17.98
CA ALA C 120 -49.91 29.86 17.37
C ALA C 120 -51.19 29.88 18.23
N ARG C 121 -51.03 29.89 19.55
CA ARG C 121 -52.18 29.91 20.45
C ARG C 121 -52.85 31.26 20.35
N LYS C 122 -52.07 32.33 20.37
CA LYS C 122 -52.59 33.68 20.21
C LYS C 122 -53.39 33.81 18.88
N ALA C 123 -52.90 33.18 17.81
CA ALA C 123 -53.57 33.24 16.53
C ALA C 123 -54.94 32.60 16.62
N GLU C 124 -55.02 31.47 17.31
CA GLU C 124 -56.30 30.77 17.44
C GLU C 124 -57.32 31.56 18.27
N ASN C 125 -56.85 32.12 19.39
CA ASN C 125 -57.68 32.99 20.24
C ASN C 125 -58.13 34.25 19.51
N TYR C 126 -57.24 34.84 18.71
CA TYR C 126 -57.59 36.02 17.91
C TYR C 126 -58.71 35.72 16.91
N LEU C 127 -58.60 34.61 16.18
CA LEU C 127 -59.65 34.15 15.28
C LEU C 127 -61.02 34.20 15.98
N ILE C 128 -61.13 33.54 17.13
CA ILE C 128 -62.36 33.52 17.94
C ILE C 128 -62.85 34.95 18.21
N SER C 129 -61.93 35.81 18.65
CA SER C 129 -62.29 37.13 19.09
C SER C 129 -62.79 38.01 17.94
N THR C 130 -62.51 37.64 16.69
CA THR C 130 -63.00 38.46 15.55
C THR C 130 -64.40 38.08 15.15
N GLY C 131 -64.88 36.95 15.68
CA GLY C 131 -66.20 36.41 15.33
C GLY C 131 -66.30 35.82 13.93
N ILE C 132 -65.25 35.95 13.13
CA ILE C 132 -65.25 35.39 11.78
C ILE C 132 -65.41 33.85 11.76
N ALA C 133 -64.66 33.15 12.63
CA ALA C 133 -64.75 31.70 12.78
C ALA C 133 -64.26 31.30 14.16
N ASP C 134 -64.46 30.05 14.54
CA ASP C 134 -63.89 29.61 15.80
C ASP C 134 -62.73 28.61 15.68
N THR C 135 -62.57 27.97 14.53
CA THR C 135 -61.51 26.99 14.36
C THR C 135 -60.87 27.15 12.99
N ALA C 136 -59.53 27.10 12.96
CA ALA C 136 -58.78 27.09 11.72
C ALA C 136 -58.09 25.72 11.61
N TYR C 137 -58.39 25.00 10.53
CA TYR C 137 -57.76 23.72 10.29
C TYR C 137 -56.61 23.83 9.31
N PHE C 138 -55.47 23.27 9.68
CA PHE C 138 -54.34 23.16 8.76
C PHE C 138 -53.96 21.72 8.49
N GLY C 139 -53.73 21.42 7.21
CA GLY C 139 -53.26 20.11 6.76
C GLY C 139 -52.00 20.35 5.98
N ALA C 140 -50.94 19.60 6.30
CA ALA C 140 -49.67 19.78 5.60
C ALA C 140 -49.14 18.50 5.01
N GLU C 141 -48.58 18.61 3.80
CA GLU C 141 -47.97 17.50 3.12
C GLU C 141 -46.51 17.88 2.89
N ALA C 142 -45.64 17.29 3.71
CA ALA C 142 -44.24 17.65 3.70
C ALA C 142 -43.32 16.53 3.18
N GLU C 143 -42.54 16.90 2.15
CA GLU C 143 -41.57 16.01 1.51
C GLU C 143 -40.19 16.11 2.17
N PHE C 144 -39.39 15.06 2.00
CA PHE C 144 -38.04 15.01 2.54
C PHE C 144 -37.18 14.08 1.71
N TYR C 145 -35.87 14.16 1.90
CA TYR C 145 -34.95 13.25 1.21
C TYR C 145 -34.23 12.36 2.18
N ILE C 146 -34.01 11.11 1.77
CA ILE C 146 -33.25 10.14 2.55
C ILE C 146 -31.90 10.00 1.90
N PHE C 147 -30.82 10.31 2.62
CA PHE C 147 -29.45 10.12 2.11
C PHE C 147 -28.68 9.14 2.97
N ASP C 148 -27.55 8.66 2.45
CA ASP C 148 -26.64 7.81 3.23
C ASP C 148 -25.56 8.63 3.89
N SER C 149 -25.28 9.83 3.37
CA SER C 149 -24.23 10.66 3.92
C SER C 149 -24.33 12.11 3.46
N VAL C 150 -23.77 12.99 4.28
CA VAL C 150 -23.64 14.41 3.98
C VAL C 150 -22.34 14.94 4.60
N SER C 151 -21.62 15.75 3.86
CA SER C 151 -20.50 16.49 4.44
C SER C 151 -20.32 17.80 3.71
N PHE C 152 -19.69 18.75 4.39
CA PHE C 152 -19.50 20.10 3.86
C PHE C 152 -18.54 20.90 4.75
N ASP C 153 -17.91 21.91 4.17
CA ASP C 153 -17.26 22.93 4.97
C ASP C 153 -17.11 24.23 4.21
N SER C 154 -16.64 25.24 4.91
CA SER C 154 -16.47 26.54 4.34
C SER C 154 -15.16 27.12 4.92
N ARG C 155 -14.14 27.25 4.09
CA ARG C 155 -12.81 27.68 4.54
C ARG C 155 -12.38 28.88 3.76
N ALA C 156 -11.23 29.44 4.12
CA ALA C 156 -10.73 30.63 3.44
C ALA C 156 -10.43 30.43 1.94
N ASN C 157 -9.90 29.26 1.58
CA ASN C 157 -9.43 28.99 0.22
C ASN C 157 -10.24 27.93 -0.52
N GLY C 158 -11.37 27.52 0.05
CA GLY C 158 -12.22 26.53 -0.59
C GLY C 158 -13.43 26.16 0.23
N SER C 159 -14.33 25.43 -0.42
CA SER C 159 -15.65 25.17 0.09
C SER C 159 -16.21 23.99 -0.68
N PHE C 160 -16.98 23.12 -0.01
CA PHE C 160 -17.67 22.03 -0.68
C PHE C 160 -18.92 21.59 0.10
N TYR C 161 -19.83 20.91 -0.60
CA TYR C 161 -20.81 20.01 0.03
C TYR C 161 -20.94 18.77 -0.85
N GLU C 162 -21.45 17.70 -0.26
CA GLU C 162 -21.67 16.46 -0.98
C GLU C 162 -22.74 15.71 -0.20
N VAL C 163 -23.84 15.39 -0.88
CA VAL C 163 -24.81 14.46 -0.32
C VAL C 163 -24.70 13.21 -1.15
N ASP C 164 -24.96 12.06 -0.56
CA ASP C 164 -24.86 10.82 -1.31
C ASP C 164 -25.88 9.77 -0.87
N ALA C 165 -26.12 8.83 -1.77
CA ALA C 165 -26.98 7.70 -1.51
C ALA C 165 -26.53 6.60 -2.46
N ILE C 166 -26.50 5.38 -1.94
CA ILE C 166 -26.13 4.21 -2.72
C ILE C 166 -26.93 4.14 -4.03
N SER C 167 -28.23 4.40 -3.92
CA SER C 167 -29.14 4.28 -5.06
C SER C 167 -29.33 5.59 -5.83
N GLY C 168 -28.53 6.60 -5.55
CA GLY C 168 -28.60 7.88 -6.29
C GLY C 168 -28.31 7.69 -7.77
N TRP C 169 -29.06 8.39 -8.60
CA TRP C 169 -28.94 8.22 -10.04
C TRP C 169 -27.60 8.67 -10.63
N TRP C 170 -26.83 9.42 -9.84
CA TRP C 170 -25.54 9.89 -10.28
C TRP C 170 -24.47 8.82 -10.04
N ASN C 171 -24.89 7.66 -9.53
CA ASN C 171 -23.96 6.61 -9.12
C ASN C 171 -23.96 5.36 -10.01
N THR C 172 -24.56 5.45 -11.18
CA THR C 172 -24.68 4.27 -12.06
C THR C 172 -23.33 3.70 -12.45
N GLY C 173 -22.29 4.55 -12.46
CA GLY C 173 -20.96 4.16 -12.92
C GLY C 173 -20.03 3.56 -11.89
N ALA C 174 -20.44 3.61 -10.63
CA ALA C 174 -19.62 3.08 -9.52
C ALA C 174 -19.22 1.62 -9.69
N ALA C 175 -17.92 1.35 -9.61
CA ALA C 175 -17.40 -0.03 -9.74
C ALA C 175 -17.89 -0.89 -8.58
N THR C 176 -17.85 -0.34 -7.37
CA THR C 176 -18.40 -1.02 -6.21
C THR C 176 -19.09 0.04 -5.36
N GLU C 177 -19.95 -0.38 -4.44
CA GLU C 177 -20.59 0.55 -3.51
C GLU C 177 -19.59 1.03 -2.45
N ALA C 178 -20.00 2.04 -1.68
CA ALA C 178 -19.16 2.61 -0.61
C ALA C 178 -18.60 1.54 0.36
N ASP C 179 -19.36 0.46 0.60
CA ASP C 179 -18.91 -0.63 1.48
C ASP C 179 -18.12 -1.71 0.77
N GLY C 180 -17.84 -1.51 -0.53
CA GLY C 180 -17.09 -2.52 -1.29
C GLY C 180 -17.96 -3.62 -1.87
N SER C 181 -19.26 -3.61 -1.60
CA SER C 181 -20.18 -4.57 -2.22
C SER C 181 -20.47 -4.17 -3.68
N PRO C 182 -20.91 -5.13 -4.52
CA PRO C 182 -21.02 -4.82 -5.95
C PRO C 182 -22.18 -3.88 -6.30
N ASN C 183 -22.03 -3.13 -7.37
CA ASN C 183 -23.08 -2.27 -7.89
C ASN C 183 -24.14 -3.14 -8.56
N ARG C 184 -25.36 -3.09 -8.04
CA ARG C 184 -26.43 -3.95 -8.56
C ARG C 184 -27.45 -3.21 -9.44
N GLY C 185 -27.16 -1.94 -9.73
CA GLY C 185 -27.98 -1.16 -10.65
C GLY C 185 -29.30 -0.74 -10.07
N TYR C 186 -30.27 -0.55 -10.95
CA TYR C 186 -31.62 -0.08 -10.58
C TYR C 186 -31.61 1.29 -9.94
N LYS C 187 -30.72 2.15 -10.42
CA LYS C 187 -30.53 3.49 -9.87
C LYS C 187 -31.20 4.58 -10.73
N VAL C 188 -31.17 4.40 -12.05
CA VAL C 188 -31.58 5.48 -12.97
C VAL C 188 -33.08 5.87 -12.87
N ARG C 189 -33.34 7.17 -12.81
CA ARG C 189 -34.71 7.68 -12.90
C ARG C 189 -35.17 7.64 -14.35
N HIS C 190 -36.30 6.98 -14.60
CA HIS C 190 -36.84 6.91 -15.96
C HIS C 190 -37.89 7.98 -16.23
N LYS C 191 -38.00 8.35 -17.49
CA LYS C 191 -39.09 9.20 -17.95
C LYS C 191 -40.41 8.40 -17.86
N GLY C 192 -41.49 9.09 -17.47
CA GLY C 192 -42.83 8.51 -17.54
C GLY C 192 -43.43 8.00 -16.23
N GLY C 193 -42.61 7.88 -15.19
CA GLY C 193 -43.09 7.31 -13.92
C GLY C 193 -42.18 7.65 -12.76
N TYR C 194 -42.75 8.35 -11.78
CA TYR C 194 -41.97 8.82 -10.64
C TYR C 194 -41.94 7.84 -9.49
N PHE C 195 -42.86 6.88 -9.47
CA PHE C 195 -42.97 5.99 -8.30
C PHE C 195 -42.84 4.50 -8.60
N PRO C 196 -41.73 4.08 -9.22
CA PRO C 196 -41.64 2.68 -9.62
C PRO C 196 -41.56 1.74 -8.42
N VAL C 197 -41.94 0.48 -8.63
CA VAL C 197 -41.87 -0.55 -7.57
C VAL C 197 -40.43 -1.03 -7.39
N ALA C 198 -40.20 -1.79 -6.32
CA ALA C 198 -38.90 -2.43 -6.06
C ALA C 198 -38.56 -3.35 -7.22
N PRO C 199 -37.25 -3.50 -7.53
CA PRO C 199 -36.11 -2.92 -6.83
C PRO C 199 -35.73 -1.47 -7.23
N ASN C 200 -36.45 -0.85 -8.15
CA ASN C 200 -36.21 0.57 -8.47
C ASN C 200 -36.46 1.43 -7.24
N ASP C 201 -37.49 1.07 -6.49
CA ASP C 201 -37.75 1.67 -5.21
C ASP C 201 -36.84 0.96 -4.20
N GLN C 202 -35.84 1.69 -3.72
CA GLN C 202 -34.85 1.10 -2.82
C GLN C 202 -35.06 1.45 -1.34
N TYR C 203 -36.16 2.13 -1.04
CA TYR C 203 -36.45 2.56 0.33
C TYR C 203 -37.80 2.06 0.91
N VAL C 204 -38.36 1.01 0.32
CA VAL C 204 -39.65 0.49 0.74
C VAL C 204 -39.71 0.16 2.24
N ASP C 205 -38.78 -0.68 2.73
CA ASP C 205 -38.83 -1.11 4.13
C ASP C 205 -38.63 0.04 5.12
N LEU C 206 -37.71 0.96 4.79
CA LEU C 206 -37.47 2.12 5.63
C LEU C 206 -38.67 3.06 5.70
N ARG C 207 -39.28 3.33 4.54
CA ARG C 207 -40.51 4.15 4.52
C ARG C 207 -41.60 3.52 5.34
N ASP C 208 -41.77 2.20 5.21
CA ASP C 208 -42.76 1.48 6.02
C ASP C 208 -42.50 1.63 7.54
N LYS C 209 -41.23 1.59 7.94
CA LYS C 209 -40.88 1.83 9.34
C LYS C 209 -41.31 3.22 9.79
N MET C 210 -41.12 4.20 8.91
CA MET C 210 -41.54 5.56 9.21
C MET C 210 -43.05 5.63 9.34
N LEU C 211 -43.76 5.01 8.41
CA LEU C 211 -45.21 4.94 8.45
C LEU C 211 -45.68 4.30 9.76
N THR C 212 -45.14 3.12 10.09
CA THR C 212 -45.50 2.41 11.30
C THR C 212 -45.27 3.25 12.55
N ASN C 213 -44.13 3.95 12.60
CA ASN C 213 -43.85 4.81 13.74
C ASN C 213 -44.83 5.98 13.85
N LEU C 214 -45.27 6.52 12.72
CA LEU C 214 -46.24 7.61 12.76
C LEU C 214 -47.58 7.11 13.30
N ILE C 215 -48.05 5.98 12.77
CA ILE C 215 -49.29 5.40 13.24
C ILE C 215 -49.21 5.07 14.73
N ASN C 216 -48.10 4.51 15.20
CA ASN C 216 -47.91 4.24 16.64
C ASN C 216 -47.81 5.50 17.49
N SER C 217 -47.52 6.63 16.84
CA SER C 217 -47.42 7.90 17.53
C SER C 217 -48.67 8.76 17.47
N GLY C 218 -49.80 8.18 17.07
CA GLY C 218 -51.10 8.88 17.13
C GLY C 218 -51.48 9.65 15.88
N PHE C 219 -50.65 9.58 14.83
CA PHE C 219 -51.05 10.13 13.54
C PHE C 219 -52.18 9.31 12.97
N ILE C 220 -53.17 10.01 12.39
CA ILE C 220 -54.34 9.34 11.82
C ILE C 220 -54.24 9.31 10.30
N LEU C 221 -54.18 8.09 9.76
CA LEU C 221 -54.12 7.87 8.34
C LEU C 221 -55.41 7.17 7.92
N GLU C 222 -56.20 7.83 7.08
CA GLU C 222 -57.46 7.29 6.61
C GLU C 222 -57.57 7.56 5.12
N LYS C 223 -58.80 7.67 4.63
CA LYS C 223 -59.05 7.96 3.21
C LYS C 223 -58.22 9.16 2.71
N GLY C 224 -57.49 8.98 1.61
CA GLY C 224 -56.68 10.04 1.00
C GLY C 224 -55.31 10.26 1.62
N HIS C 225 -54.93 9.41 2.58
CA HIS C 225 -53.60 9.45 3.21
C HIS C 225 -52.73 8.30 2.74
N HIS C 226 -51.48 8.61 2.40
CA HIS C 226 -50.60 7.64 1.77
C HIS C 226 -49.12 7.83 2.05
N GLU C 227 -48.36 6.78 1.80
CA GLU C 227 -46.92 6.81 1.84
C GLU C 227 -46.43 6.76 0.39
N VAL C 228 -45.62 7.74 0.00
CA VAL C 228 -45.11 7.80 -1.39
C VAL C 228 -43.59 7.97 -1.42
N GLY C 229 -42.95 7.36 -2.42
CA GLY C 229 -41.52 7.50 -2.59
C GLY C 229 -41.10 7.66 -4.03
N SER C 230 -40.09 8.49 -4.25
CA SER C 230 -39.56 8.71 -5.58
C SER C 230 -38.05 8.91 -5.49
N GLY C 231 -37.28 7.94 -5.99
CA GLY C 231 -35.84 7.90 -5.74
C GLY C 231 -35.61 7.97 -4.24
N GLY C 232 -34.75 8.87 -3.80
CA GLY C 232 -34.58 9.11 -2.37
C GLY C 232 -35.58 10.06 -1.71
N GLN C 233 -36.50 10.61 -2.48
CA GLN C 233 -37.51 11.51 -1.90
C GLN C 233 -38.75 10.77 -1.43
N ALA C 234 -39.40 11.29 -0.39
CA ALA C 234 -40.58 10.63 0.15
C ALA C 234 -41.52 11.62 0.83
N GLU C 235 -42.73 11.15 1.12
CA GLU C 235 -43.75 11.94 1.78
C GLU C 235 -44.77 11.00 2.39
N ILE C 236 -45.19 11.29 3.62
CA ILE C 236 -46.29 10.58 4.23
C ILE C 236 -47.23 11.64 4.79
N ASN C 237 -48.46 11.68 4.28
CA ASN C 237 -49.41 12.68 4.74
C ASN C 237 -50.38 12.05 5.70
N TYR C 238 -51.09 12.89 6.44
CA TYR C 238 -51.87 12.43 7.57
C TYR C 238 -52.97 13.46 7.87
N GLN C 239 -53.92 13.07 8.72
CA GLN C 239 -55.09 13.89 8.98
C GLN C 239 -54.73 15.26 9.56
N PHE C 240 -55.35 16.29 9.00
CA PHE C 240 -55.18 17.66 9.44
C PHE C 240 -55.58 17.83 10.91
N ASN C 241 -55.37 19.05 11.41
CA ASN C 241 -55.66 19.38 12.82
C ASN C 241 -55.89 20.90 12.97
N SER C 242 -56.40 21.33 14.12
CA SER C 242 -56.54 22.76 14.38
C SER C 242 -55.13 23.36 14.43
N LEU C 243 -55.03 24.67 14.12
CA LEU C 243 -53.75 25.33 13.84
C LEU C 243 -52.57 24.94 14.76
N LEU C 244 -52.66 25.24 16.05
CA LEU C 244 -51.56 24.96 16.98
C LEU C 244 -51.14 23.49 16.93
N HIS C 245 -52.10 22.59 17.12
CA HIS C 245 -51.78 21.16 17.16
C HIS C 245 -51.35 20.58 15.81
N ALA C 246 -51.78 21.20 14.72
CA ALA C 246 -51.29 20.83 13.40
C ALA C 246 -49.78 21.10 13.33
N ALA C 247 -49.35 22.25 13.86
CA ALA C 247 -47.93 22.59 13.90
C ALA C 247 -47.15 21.67 14.85
N ASP C 248 -47.73 21.35 16.01
CA ASP C 248 -47.17 20.31 16.86
C ASP C 248 -47.02 19.00 16.07
N ASP C 249 -48.03 18.62 15.30
CA ASP C 249 -47.99 17.40 14.50
C ASP C 249 -46.84 17.42 13.51
N MET C 250 -46.61 18.58 12.89
CA MET C 250 -45.55 18.75 11.91
C MET C 250 -44.18 18.52 12.58
N GLN C 251 -43.95 19.15 13.72
CA GLN C 251 -42.68 18.99 14.45
C GLN C 251 -42.42 17.52 14.79
N LEU C 252 -43.48 16.81 15.23
CA LEU C 252 -43.41 15.40 15.61
C LEU C 252 -43.21 14.51 14.38
N TYR C 253 -43.84 14.89 13.27
CA TYR C 253 -43.59 14.24 11.98
C TYR C 253 -42.09 14.29 11.65
N LYS C 254 -41.52 15.50 11.64
CA LYS C 254 -40.10 15.65 11.29
C LYS C 254 -39.23 14.85 12.24
N TYR C 255 -39.55 14.95 13.52
CA TYR C 255 -38.84 14.22 14.55
C TYR C 255 -38.85 12.72 14.28
N ILE C 256 -40.02 12.17 13.91
CA ILE C 256 -40.12 10.73 13.67
C ILE C 256 -39.43 10.30 12.38
N ILE C 257 -39.60 11.08 11.32
CA ILE C 257 -38.92 10.79 10.07
C ILE C 257 -37.38 10.84 10.24
N LYS C 258 -36.86 11.91 10.85
CA LYS C 258 -35.40 12.04 10.99
C LYS C 258 -34.81 10.90 11.81
N ASN C 259 -35.49 10.53 12.90
CA ASN C 259 -34.96 9.54 13.82
C ASN C 259 -35.17 8.08 13.39
N THR C 260 -36.26 7.80 12.68
CA THR C 260 -36.41 6.50 12.03
C THR C 260 -35.25 6.30 11.07
N ALA C 261 -34.97 7.29 10.22
CA ALA C 261 -33.79 7.24 9.32
C ALA C 261 -32.47 7.02 10.09
N TRP C 262 -32.27 7.84 11.13
CA TRP C 262 -31.03 7.79 11.90
C TRP C 262 -30.80 6.39 12.50
N GLN C 263 -31.85 5.82 13.10
CA GLN C 263 -31.75 4.48 13.70
C GLN C 263 -31.50 3.37 12.67
N ASN C 264 -31.76 3.65 11.40
CA ASN C 264 -31.49 2.65 10.38
C ASN C 264 -30.32 3.01 9.50
N GLY C 265 -29.35 3.74 10.06
CA GLY C 265 -28.10 4.00 9.37
C GLY C 265 -28.20 5.01 8.23
N LYS C 266 -29.27 5.82 8.25
CA LYS C 266 -29.48 6.81 7.21
C LYS C 266 -29.51 8.22 7.79
N THR C 267 -29.72 9.22 6.94
CA THR C 267 -29.80 10.61 7.38
C THR C 267 -30.74 11.38 6.46
N VAL C 268 -31.70 12.07 7.08
CA VAL C 268 -32.78 12.72 6.37
C VAL C 268 -32.56 14.23 6.37
N THR C 269 -32.90 14.89 5.26
CA THR C 269 -33.02 16.36 5.27
C THR C 269 -34.38 16.83 4.76
N PHE C 270 -34.91 17.85 5.42
CA PHE C 270 -36.11 18.56 4.98
C PHE C 270 -35.74 19.88 4.29
N MET C 271 -34.47 20.06 3.94
CA MET C 271 -34.09 21.29 3.27
C MET C 271 -34.78 21.37 1.90
N PRO C 272 -35.19 22.58 1.50
CA PRO C 272 -35.97 22.75 0.27
C PRO C 272 -35.29 22.25 -1.00
N LYS C 273 -33.97 22.38 -1.09
CA LYS C 273 -33.29 22.01 -2.33
C LYS C 273 -31.89 21.44 -2.07
N PRO C 274 -31.82 20.14 -1.69
CA PRO C 274 -30.52 19.46 -1.51
C PRO C 274 -29.84 19.02 -2.82
N LEU C 275 -30.65 18.72 -3.83
CA LEU C 275 -30.13 18.25 -5.12
C LEU C 275 -30.36 19.24 -6.23
N PHE C 276 -29.30 19.56 -6.96
CA PHE C 276 -29.41 20.40 -8.13
C PHE C 276 -29.87 19.58 -9.33
N GLY C 277 -30.95 20.02 -9.98
CA GLY C 277 -31.50 19.32 -11.14
C GLY C 277 -32.33 18.11 -10.75
N ASP C 278 -32.94 18.19 -9.58
CA ASP C 278 -33.88 17.19 -9.13
C ASP C 278 -34.92 17.93 -8.29
N ASN C 279 -36.06 17.27 -8.07
CA ASN C 279 -37.19 17.87 -7.39
C ASN C 279 -36.82 18.46 -6.03
N GLY C 280 -37.31 19.67 -5.75
CA GLY C 280 -37.19 20.25 -4.43
C GLY C 280 -38.19 19.66 -3.45
N SER C 281 -38.09 20.01 -2.18
CA SER C 281 -39.03 19.50 -1.18
C SER C 281 -39.97 20.59 -0.67
N GLY C 282 -41.25 20.44 -0.93
CA GLY C 282 -42.24 21.44 -0.56
C GLY C 282 -43.14 20.98 0.55
N MET C 283 -43.92 21.92 1.06
CA MET C 283 -44.94 21.64 2.07
C MET C 283 -46.26 22.29 1.66
N HIS C 284 -47.14 21.52 1.02
CA HIS C 284 -48.45 22.03 0.62
C HIS C 284 -49.34 22.19 1.85
N CYS C 285 -49.90 23.39 2.02
CA CYS C 285 -50.69 23.68 3.21
C CYS C 285 -52.19 23.91 2.92
N HIS C 286 -53.00 22.94 3.32
CA HIS C 286 -54.45 23.00 3.21
C HIS C 286 -55.01 23.79 4.38
N GLN C 287 -56.00 24.63 4.12
CA GLN C 287 -56.57 25.55 5.12
C GLN C 287 -58.09 25.69 4.98
N SER C 288 -58.80 25.70 6.10
CA SER C 288 -60.20 26.09 6.12
C SER C 288 -60.62 26.67 7.46
N LEU C 289 -61.65 27.52 7.41
CA LEU C 289 -62.23 28.10 8.59
C LEU C 289 -63.59 27.48 8.90
N TRP C 290 -63.85 27.25 10.19
CA TRP C 290 -65.10 26.63 10.63
C TRP C 290 -65.72 27.42 11.78
N LYS C 291 -67.06 27.43 11.82
CA LYS C 291 -67.80 28.06 12.93
C LYS C 291 -68.95 27.17 13.40
N ASP C 292 -69.04 27.01 14.73
CA ASP C 292 -70.11 26.23 15.38
C ASP C 292 -70.30 24.86 14.73
N GLY C 293 -69.20 24.17 14.49
CA GLY C 293 -69.22 22.83 13.85
C GLY C 293 -69.57 22.79 12.36
N ALA C 294 -69.67 23.96 11.73
CA ALA C 294 -70.05 24.03 10.32
C ALA C 294 -68.96 24.73 9.48
N PRO C 295 -68.75 24.26 8.23
CA PRO C 295 -67.74 24.84 7.33
C PRO C 295 -68.16 26.19 6.80
N LEU C 296 -67.18 27.03 6.48
CA LEU C 296 -67.41 28.41 6.03
C LEU C 296 -66.88 28.68 4.63
N MET C 297 -66.26 27.69 4.01
CA MET C 297 -65.56 27.91 2.74
C MET C 297 -66.41 27.64 1.50
N TYR C 298 -67.52 26.93 1.67
CA TYR C 298 -68.34 26.48 0.55
C TYR C 298 -69.51 27.41 0.15
N ASP C 299 -69.77 27.43 -1.16
CA ASP C 299 -70.93 28.11 -1.75
C ASP C 299 -71.06 27.62 -3.18
N GLU C 300 -72.18 26.94 -3.48
CA GLU C 300 -72.41 26.33 -4.80
C GLU C 300 -72.31 27.37 -5.91
N THR C 301 -72.71 28.60 -5.60
CA THR C 301 -72.85 29.66 -6.59
C THR C 301 -71.52 30.32 -6.95
N GLY C 302 -70.55 30.31 -6.03
CA GLY C 302 -69.25 30.94 -6.27
C GLY C 302 -68.30 30.12 -7.12
N TYR C 303 -67.30 30.78 -7.71
CA TYR C 303 -66.33 30.07 -8.54
C TYR C 303 -65.59 28.98 -7.75
N ALA C 304 -65.55 27.77 -8.30
CA ALA C 304 -64.90 26.62 -7.65
C ALA C 304 -65.49 26.28 -6.28
N GLY C 305 -66.76 26.66 -6.06
CA GLY C 305 -67.46 26.34 -4.83
C GLY C 305 -67.03 27.17 -3.62
N LEU C 306 -66.46 28.35 -3.88
CA LEU C 306 -65.91 29.17 -2.82
C LEU C 306 -66.86 30.27 -2.36
N SER C 307 -67.04 30.37 -1.04
CA SER C 307 -67.84 31.42 -0.41
C SER C 307 -67.11 32.75 -0.45
N ASP C 308 -67.81 33.82 -0.08
CA ASP C 308 -67.20 35.15 0.01
C ASP C 308 -66.03 35.17 0.99
N THR C 309 -66.20 34.43 2.09
CA THR C 309 -65.19 34.34 3.13
C THR C 309 -63.93 33.67 2.59
N ALA C 310 -64.11 32.59 1.81
CA ALA C 310 -62.99 31.88 1.19
C ALA C 310 -62.23 32.76 0.22
N ARG C 311 -62.98 33.44 -0.66
CA ARG C 311 -62.39 34.27 -1.71
C ARG C 311 -61.59 35.40 -1.09
N HIS C 312 -62.14 36.01 -0.04
CA HIS C 312 -61.44 37.09 0.64
C HIS C 312 -60.18 36.58 1.36
N TYR C 313 -60.24 35.37 1.91
CA TYR C 313 -59.10 34.70 2.54
C TYR C 313 -57.98 34.57 1.52
N ILE C 314 -58.34 34.05 0.33
CA ILE C 314 -57.40 33.95 -0.78
C ILE C 314 -56.83 35.34 -1.15
N GLY C 315 -57.70 36.33 -1.19
CA GLY C 315 -57.29 37.72 -1.45
C GLY C 315 -56.16 38.14 -0.51
N GLY C 316 -56.33 37.83 0.77
CA GLY C 316 -55.30 38.11 1.79
C GLY C 316 -53.99 37.37 1.54
N LEU C 317 -54.09 36.08 1.24
CA LEU C 317 -52.92 35.26 0.96
C LEU C 317 -52.14 35.83 -0.20
N LEU C 318 -52.84 36.18 -1.27
CA LEU C 318 -52.15 36.66 -2.47
C LEU C 318 -51.59 38.06 -2.29
N HIS C 319 -52.32 38.90 -1.56
CA HIS C 319 -51.89 40.27 -1.34
C HIS C 319 -50.64 40.30 -0.45
N HIS C 320 -50.67 39.47 0.60
CA HIS C 320 -49.59 39.46 1.59
C HIS C 320 -48.46 38.47 1.28
N ALA C 321 -48.63 37.66 0.23
CA ALA C 321 -47.63 36.63 -0.12
C ALA C 321 -46.19 37.10 -0.05
N PRO C 322 -45.86 38.26 -0.68
CA PRO C 322 -44.45 38.66 -0.67
C PRO C 322 -43.83 38.80 0.71
N SER C 323 -44.64 39.11 1.72
CA SER C 323 -44.13 39.21 3.09
C SER C 323 -44.35 37.90 3.86
N LEU C 324 -45.41 37.20 3.48
CA LEU C 324 -45.78 35.94 4.09
C LEU C 324 -44.68 34.87 3.90
N LEU C 325 -44.00 34.89 2.76
CA LEU C 325 -42.92 33.95 2.47
C LEU C 325 -41.74 34.06 3.45
N ALA C 326 -41.65 35.16 4.19
CA ALA C 326 -40.64 35.29 5.24
C ALA C 326 -40.84 34.24 6.33
N PHE C 327 -42.04 33.69 6.42
CA PHE C 327 -42.31 32.63 7.38
C PHE C 327 -42.55 31.28 6.74
N THR C 328 -43.14 31.26 5.55
CA THR C 328 -43.46 30.00 4.89
C THR C 328 -42.28 29.48 4.09
N ASN C 329 -41.39 30.38 3.70
CA ASN C 329 -40.22 30.02 2.92
C ASN C 329 -39.01 30.78 3.45
N PRO C 330 -38.64 30.52 4.72
CA PRO C 330 -37.79 31.43 5.49
C PRO C 330 -36.27 31.35 5.28
N THR C 331 -35.80 30.54 4.33
CA THR C 331 -34.36 30.29 4.20
C THR C 331 -33.82 30.67 2.83
N VAL C 332 -32.51 30.91 2.75
CA VAL C 332 -31.87 31.21 1.47
C VAL C 332 -32.09 30.06 0.50
N ASN C 333 -31.91 28.83 0.97
CA ASN C 333 -32.15 27.61 0.18
C ASN C 333 -33.59 27.47 -0.36
N SER C 334 -34.57 28.07 0.31
CA SER C 334 -35.95 28.07 -0.17
C SER C 334 -36.06 28.58 -1.60
N TYR C 335 -35.24 29.57 -1.93
CA TYR C 335 -35.40 30.27 -3.20
C TYR C 335 -34.73 29.55 -4.36
N LYS C 336 -34.04 28.44 -4.05
CA LYS C 336 -33.57 27.49 -5.03
C LYS C 336 -34.67 26.54 -5.48
N ARG C 337 -35.74 26.45 -4.72
CA ARG C 337 -36.90 25.70 -5.14
C ARG C 337 -37.88 26.64 -5.85
N LEU C 338 -38.13 27.80 -5.26
CA LEU C 338 -39.03 28.80 -5.86
C LEU C 338 -38.32 29.57 -6.97
N VAL C 339 -38.03 28.85 -8.06
CA VAL C 339 -37.21 29.40 -9.14
C VAL C 339 -37.99 29.82 -10.40
N PRO C 340 -37.80 31.10 -10.81
CA PRO C 340 -38.48 31.88 -11.88
C PRO C 340 -38.80 31.20 -13.23
N GLY C 341 -38.40 29.95 -13.46
CA GLY C 341 -38.66 29.37 -14.78
C GLY C 341 -39.10 27.93 -14.91
N TYR C 342 -39.96 27.46 -13.99
CA TYR C 342 -40.32 26.03 -13.96
C TYR C 342 -41.82 25.78 -13.70
N GLU C 343 -42.12 24.67 -13.02
CA GLU C 343 -43.46 24.35 -12.50
C GLU C 343 -43.70 25.07 -11.17
N ALA C 344 -42.67 25.80 -10.73
CA ALA C 344 -42.62 26.49 -9.42
C ALA C 344 -43.90 27.23 -9.02
N PRO C 345 -44.50 26.83 -7.87
CA PRO C 345 -45.64 27.56 -7.30
C PRO C 345 -45.27 29.00 -6.90
N ILE C 346 -44.99 29.84 -7.89
CA ILE C 346 -44.56 31.24 -7.67
C ILE C 346 -45.53 32.28 -8.23
N ASN C 347 -46.54 31.82 -8.97
CA ASN C 347 -47.54 32.70 -9.58
C ASN C 347 -48.64 33.12 -8.60
N LEU C 348 -48.73 34.42 -8.35
CA LEU C 348 -49.67 34.98 -7.38
C LEU C 348 -51.13 35.01 -7.86
N VAL C 349 -51.63 33.84 -8.23
CA VAL C 349 -53.02 33.67 -8.65
C VAL C 349 -53.59 32.45 -7.94
N TYR C 350 -54.92 32.32 -7.91
CA TYR C 350 -55.50 31.07 -7.48
C TYR C 350 -56.08 30.33 -8.69
N SER C 351 -56.17 29.01 -8.58
CA SER C 351 -56.54 28.18 -9.70
C SER C 351 -57.07 26.86 -9.21
N GLN C 352 -57.67 26.09 -10.12
CA GLN C 352 -58.28 24.81 -9.82
C GLN C 352 -57.55 23.70 -10.57
N ARG C 353 -56.87 24.08 -11.66
CA ARG C 353 -56.18 23.12 -12.54
C ARG C 353 -54.69 23.38 -12.64
N ASN C 354 -54.32 24.66 -12.50
CA ASN C 354 -52.94 25.07 -12.70
C ASN C 354 -52.04 24.73 -11.51
N ARG C 355 -51.22 23.68 -11.68
CA ARG C 355 -50.28 23.25 -10.65
C ARG C 355 -49.02 24.15 -10.68
N SER C 356 -49.24 25.45 -10.63
CA SER C 356 -48.18 26.45 -10.82
C SER C 356 -48.59 27.74 -10.10
N ALA C 357 -49.78 27.70 -9.49
CA ALA C 357 -50.32 28.82 -8.74
C ALA C 357 -50.06 28.66 -7.25
N CYS C 358 -49.80 29.77 -6.57
CA CYS C 358 -49.67 29.81 -5.11
C CYS C 358 -50.79 29.12 -4.39
N VAL C 359 -52.02 29.46 -4.77
CA VAL C 359 -53.20 28.92 -4.12
C VAL C 359 -53.90 28.00 -5.11
N ARG C 360 -54.11 26.76 -4.70
CA ARG C 360 -54.90 25.83 -5.50
C ARG C 360 -56.14 25.42 -4.72
N ILE C 361 -57.24 25.22 -5.44
CA ILE C 361 -58.48 24.77 -4.83
C ILE C 361 -58.67 23.31 -5.24
N PRO C 362 -58.37 22.37 -4.32
CA PRO C 362 -58.53 20.96 -4.67
C PRO C 362 -59.97 20.67 -5.07
N ILE C 363 -60.16 19.79 -6.04
CA ILE C 363 -61.52 19.50 -6.49
C ILE C 363 -62.17 18.46 -5.58
N THR C 364 -63.27 18.89 -4.96
CA THR C 364 -63.90 18.16 -3.85
C THR C 364 -65.39 17.95 -4.10
N GLY C 365 -65.84 18.37 -5.30
CA GLY C 365 -67.24 18.29 -5.70
C GLY C 365 -68.14 19.20 -4.87
N SER C 366 -69.30 18.66 -4.50
CA SER C 366 -70.34 19.45 -3.83
C SER C 366 -70.46 19.18 -2.31
N ASN C 367 -69.56 18.34 -1.78
CA ASN C 367 -69.48 18.14 -0.34
C ASN C 367 -68.91 19.41 0.34
N PRO C 368 -69.76 20.14 1.10
CA PRO C 368 -69.35 21.43 1.66
C PRO C 368 -68.20 21.34 2.66
N LYS C 369 -68.14 20.22 3.40
CA LYS C 369 -67.14 20.02 4.45
C LYS C 369 -65.72 19.98 3.91
N ALA C 370 -65.56 19.40 2.73
CA ALA C 370 -64.24 19.19 2.13
C ALA C 370 -63.63 20.45 1.48
N LYS C 371 -64.44 21.47 1.24
CA LYS C 371 -63.98 22.68 0.57
C LYS C 371 -62.90 23.39 1.38
N ARG C 372 -61.79 23.70 0.72
CA ARG C 372 -60.62 24.29 1.36
C ARG C 372 -59.68 24.91 0.32
N LEU C 373 -58.68 25.65 0.78
CA LEU C 373 -57.64 26.18 -0.10
C LEU C 373 -56.26 25.63 0.27
N GLU C 374 -55.48 25.31 -0.76
CA GLU C 374 -54.15 24.74 -0.62
C GLU C 374 -53.10 25.77 -1.01
N PHE C 375 -52.31 26.23 -0.04
CA PHE C 375 -51.21 27.16 -0.31
C PHE C 375 -50.01 26.31 -0.64
N ARG C 376 -49.49 26.46 -1.86
CA ARG C 376 -48.51 25.52 -2.41
C ARG C 376 -47.04 25.94 -2.29
N SER C 377 -46.82 27.22 -2.05
CA SER C 377 -45.48 27.78 -1.99
C SER C 377 -44.59 27.29 -0.84
N PRO C 378 -45.18 27.08 0.36
CA PRO C 378 -44.32 26.83 1.52
C PRO C 378 -43.41 25.62 1.38
N ASP C 379 -42.36 25.59 2.22
CA ASP C 379 -41.51 24.42 2.35
C ASP C 379 -41.33 24.07 3.84
N SER C 380 -40.54 23.05 4.15
CA SER C 380 -40.41 22.59 5.54
C SER C 380 -39.23 23.19 6.27
N SER C 381 -38.68 24.28 5.76
CA SER C 381 -37.41 24.75 6.28
C SER C 381 -37.50 25.69 7.47
N GLY C 382 -38.71 26.04 7.90
CA GLY C 382 -38.78 26.97 9.03
C GLY C 382 -39.52 26.52 10.28
N ASN C 383 -40.57 27.27 10.59
CA ASN C 383 -41.28 27.09 11.84
C ASN C 383 -42.78 26.97 11.56
N PRO C 384 -43.34 25.77 11.73
CA PRO C 384 -44.75 25.60 11.36
C PRO C 384 -45.68 26.42 12.25
N TYR C 385 -45.32 26.62 13.52
CA TYR C 385 -46.11 27.46 14.39
C TYR C 385 -46.23 28.84 13.77
N LEU C 386 -45.09 29.41 13.35
CA LEU C 386 -45.10 30.75 12.77
C LEU C 386 -45.73 30.77 11.39
N ALA C 387 -45.46 29.76 10.58
CA ALA C 387 -45.95 29.72 9.22
C ALA C 387 -47.46 29.63 9.17
N PHE C 388 -48.03 28.69 9.94
CA PHE C 388 -49.48 28.54 9.96
C PHE C 388 -50.13 29.81 10.50
N SER C 389 -49.56 30.37 11.58
CA SER C 389 -50.08 31.61 12.17
C SER C 389 -50.08 32.72 11.15
N ALA C 390 -48.95 32.89 10.48
CA ALA C 390 -48.79 33.95 9.50
C ALA C 390 -49.81 33.79 8.38
N MET C 391 -49.99 32.55 7.92
CA MET C 391 -51.00 32.27 6.89
C MET C 391 -52.40 32.68 7.36
N LEU C 392 -52.79 32.29 8.58
CA LEU C 392 -54.10 32.66 9.10
C LEU C 392 -54.29 34.18 9.15
N MET C 393 -53.28 34.88 9.65
CA MET C 393 -53.36 36.32 9.74
C MET C 393 -53.53 36.98 8.37
N ALA C 394 -52.87 36.45 7.34
CA ALA C 394 -53.03 36.98 5.99
C ALA C 394 -54.49 36.79 5.54
N GLY C 395 -55.01 35.59 5.76
CA GLY C 395 -56.39 35.26 5.43
C GLY C 395 -57.38 36.13 6.18
N LEU C 396 -57.14 36.34 7.47
CA LEU C 396 -58.03 37.15 8.30
C LEU C 396 -58.04 38.63 7.90
N ASP C 397 -56.87 39.17 7.55
CA ASP C 397 -56.78 40.54 7.03
C ASP C 397 -57.53 40.63 5.70
N GLY C 398 -57.45 39.56 4.92
CA GLY C 398 -58.20 39.46 3.68
C GLY C 398 -59.69 39.52 3.88
N ILE C 399 -60.19 38.87 4.93
CA ILE C 399 -61.62 38.88 5.23
C ILE C 399 -62.06 40.25 5.78
N LYS C 400 -61.37 40.74 6.80
CA LYS C 400 -61.69 42.05 7.40
C LYS C 400 -61.74 43.19 6.38
N ASN C 401 -60.79 43.22 5.46
CA ASN C 401 -60.74 44.28 4.46
C ASN C 401 -61.35 43.88 3.12
N LYS C 402 -62.10 42.78 3.12
CA LYS C 402 -62.76 42.25 1.91
C LYS C 402 -61.89 42.32 0.63
N ILE C 403 -60.62 41.94 0.75
CA ILE C 403 -59.67 42.04 -0.36
C ILE C 403 -60.07 41.11 -1.49
N GLU C 404 -60.16 41.68 -2.69
CA GLU C 404 -60.53 40.90 -3.87
C GLU C 404 -59.29 40.42 -4.60
N PRO C 405 -59.16 39.09 -4.77
CA PRO C 405 -58.05 38.53 -5.53
C PRO C 405 -58.24 38.74 -7.03
N GLN C 406 -57.14 38.74 -7.78
CA GLN C 406 -57.19 38.73 -9.25
C GLN C 406 -58.08 37.61 -9.75
N ALA C 407 -58.58 37.75 -10.97
CA ALA C 407 -59.33 36.69 -11.61
C ALA C 407 -58.50 35.41 -11.63
N PRO C 408 -59.12 34.26 -11.24
CA PRO C 408 -58.44 32.95 -11.30
C PRO C 408 -57.96 32.57 -12.70
N VAL C 409 -56.94 31.73 -12.79
CA VAL C 409 -56.38 31.31 -14.08
C VAL C 409 -56.40 29.77 -14.16
N ASP C 410 -57.20 29.23 -15.09
CA ASP C 410 -57.31 27.77 -15.26
C ASP C 410 -56.47 27.19 -16.40
N LYS C 411 -56.01 28.06 -17.29
CA LYS C 411 -55.09 27.68 -18.38
C LYS C 411 -53.64 27.90 -17.96
N ASP C 412 -52.72 27.12 -18.55
CA ASP C 412 -51.29 27.15 -18.20
C ASP C 412 -50.61 28.53 -18.35
N ALA C 421 -49.00 36.61 -19.50
CA ALA C 421 -47.59 36.27 -19.57
C ALA C 421 -46.77 37.12 -18.59
N ALA C 422 -46.48 38.37 -18.99
CA ALA C 422 -45.93 39.40 -18.08
C ALA C 422 -47.07 39.96 -17.20
N SER C 423 -48.28 39.46 -17.49
CA SER C 423 -49.52 39.86 -16.82
C SER C 423 -49.58 39.40 -15.36
N ILE C 424 -49.09 38.18 -15.09
CA ILE C 424 -49.21 37.53 -13.78
C ILE C 424 -48.04 37.86 -12.84
N PRO C 425 -48.33 38.43 -11.65
CA PRO C 425 -47.29 38.79 -10.68
C PRO C 425 -46.63 37.56 -10.02
N GLN C 426 -45.35 37.72 -9.68
CA GLN C 426 -44.54 36.63 -9.12
C GLN C 426 -44.24 36.88 -7.63
N THR C 427 -43.96 35.81 -6.90
CA THR C 427 -43.35 35.92 -5.59
C THR C 427 -41.91 36.39 -5.76
N PRO C 428 -41.38 37.15 -4.80
CA PRO C 428 -39.99 37.55 -4.95
C PRO C 428 -39.10 36.31 -5.03
N THR C 429 -37.89 36.46 -5.54
CA THR C 429 -37.05 35.31 -5.88
C THR C 429 -35.84 35.10 -4.94
N GLN C 430 -35.68 35.97 -3.93
CA GLN C 430 -34.57 35.92 -2.95
C GLN C 430 -35.11 36.12 -1.55
N LEU C 431 -34.50 35.47 -0.56
CA LEU C 431 -34.87 35.70 0.84
C LEU C 431 -34.74 37.16 1.26
N SER C 432 -33.72 37.85 0.76
CA SER C 432 -33.48 39.24 1.15
C SER C 432 -34.61 40.14 0.69
N ASP C 433 -35.13 39.86 -0.50
CA ASP C 433 -36.31 40.55 -0.99
C ASP C 433 -37.54 40.31 -0.11
N VAL C 434 -37.82 39.06 0.26
CA VAL C 434 -39.03 38.81 1.07
C VAL C 434 -38.90 39.36 2.48
N ILE C 435 -37.66 39.40 2.99
CA ILE C 435 -37.41 40.05 4.27
C ILE C 435 -37.64 41.55 4.17
N ASP C 436 -37.24 42.18 3.06
CA ASP C 436 -37.55 43.60 2.81
C ASP C 436 -39.06 43.83 2.83
N ARG C 437 -39.81 42.95 2.15
CA ARG C 437 -41.27 43.08 2.05
C ARG C 437 -41.94 42.85 3.40
N LEU C 438 -41.37 41.97 4.22
CA LEU C 438 -41.87 41.77 5.57
C LEU C 438 -41.70 43.04 6.40
N GLU C 439 -40.53 43.66 6.28
CA GLU C 439 -40.21 44.90 6.97
C GLU C 439 -41.18 46.01 6.57
N ALA C 440 -41.53 46.06 5.29
CA ALA C 440 -42.40 47.11 4.77
C ALA C 440 -43.91 46.88 5.05
N ASP C 441 -44.29 45.63 5.33
CA ASP C 441 -45.72 45.28 5.43
C ASP C 441 -45.96 44.12 6.41
N HIS C 442 -46.01 44.43 7.69
CA HIS C 442 -46.25 43.41 8.71
C HIS C 442 -47.40 43.78 9.64
N GLU C 443 -48.10 44.84 9.25
CA GLU C 443 -49.25 45.32 10.00
C GLU C 443 -50.30 44.21 10.26
N TYR C 444 -50.60 43.42 9.24
CA TYR C 444 -51.56 42.30 9.38
C TYR C 444 -51.17 41.23 10.40
N LEU C 445 -49.87 41.08 10.67
CA LEU C 445 -49.39 40.08 11.62
C LEU C 445 -49.53 40.54 13.07
N THR C 446 -49.57 41.86 13.28
CA THR C 446 -49.62 42.44 14.62
C THR C 446 -51.05 42.66 15.15
N GLU C 447 -52.04 42.49 14.28
CA GLU C 447 -53.44 42.52 14.68
C GLU C 447 -53.68 41.61 15.86
N GLY C 448 -54.36 42.12 16.88
CA GLY C 448 -54.68 41.36 18.08
C GLY C 448 -53.45 40.98 18.90
N GLY C 449 -52.31 41.60 18.59
CA GLY C 449 -51.03 41.26 19.21
C GLY C 449 -50.54 39.82 19.01
N VAL C 450 -50.96 39.16 17.92
CA VAL C 450 -50.53 37.79 17.62
C VAL C 450 -49.01 37.71 17.43
N PHE C 451 -48.50 38.44 16.44
CA PHE C 451 -47.08 38.74 16.33
C PHE C 451 -46.87 40.13 16.92
N THR C 452 -45.68 40.38 17.48
CA THR C 452 -45.35 41.73 17.97
C THR C 452 -44.30 42.36 17.06
N ASN C 453 -44.27 43.69 17.02
CA ASN C 453 -43.24 44.41 16.26
C ASN C 453 -41.85 44.00 16.68
N ASP C 454 -41.67 43.83 17.99
CA ASP C 454 -40.43 43.33 18.56
C ASP C 454 -39.99 42.00 17.90
N LEU C 455 -40.89 41.03 17.85
CA LEU C 455 -40.59 39.72 17.26
C LEU C 455 -40.24 39.81 15.78
N ILE C 456 -40.99 40.59 15.03
CA ILE C 456 -40.77 40.75 13.59
C ILE C 456 -39.42 41.38 13.32
N GLU C 457 -39.05 42.41 14.07
CA GLU C 457 -37.75 43.04 13.92
C GLU C 457 -36.62 42.08 14.24
N THR C 458 -36.83 41.23 15.24
CA THR C 458 -35.84 40.22 15.62
C THR C 458 -35.63 39.21 14.48
N TRP C 459 -36.74 38.74 13.92
CA TRP C 459 -36.73 37.79 12.82
C TRP C 459 -35.99 38.37 11.61
N ILE C 460 -36.25 39.64 11.30
CA ILE C 460 -35.58 40.35 10.21
C ILE C 460 -34.08 40.48 10.44
N SER C 461 -33.69 40.84 11.65
CA SER C 461 -32.27 40.92 12.03
C SER C 461 -31.57 39.58 11.90
N PHE C 462 -32.19 38.54 12.47
CA PHE C 462 -31.64 37.20 12.50
C PHE C 462 -31.34 36.70 11.09
N LYS C 463 -32.33 36.82 10.19
CA LYS C 463 -32.17 36.35 8.81
C LYS C 463 -31.13 37.15 8.04
N ARG C 464 -31.03 38.44 8.32
CA ARG C 464 -30.08 39.29 7.64
C ARG C 464 -28.67 39.01 8.10
N GLU C 465 -28.47 38.95 9.42
CA GLU C 465 -27.12 38.79 9.97
C GLU C 465 -26.59 37.36 9.96
N ASN C 466 -27.46 36.37 10.16
CA ASN C 466 -27.03 34.97 10.30
C ASN C 466 -27.18 34.13 9.04
N GLU C 467 -28.02 34.57 8.12
CA GLU C 467 -28.33 33.76 6.95
C GLU C 467 -27.98 34.45 5.63
N ILE C 468 -28.64 35.57 5.35
CA ILE C 468 -28.50 36.29 4.09
C ILE C 468 -27.07 36.79 3.87
N GLU C 469 -26.52 37.49 4.86
CA GLU C 469 -25.20 38.08 4.71
C GLU C 469 -24.10 37.01 4.67
N PRO C 470 -24.09 36.03 5.60
CA PRO C 470 -23.08 34.98 5.55
C PRO C 470 -23.03 34.18 4.23
N VAL C 471 -24.17 33.97 3.58
CA VAL C 471 -24.15 33.33 2.26
C VAL C 471 -23.58 34.29 1.22
N ASN C 472 -24.07 35.52 1.25
CA ASN C 472 -23.64 36.58 0.35
C ASN C 472 -22.16 36.84 0.27
N ILE C 473 -21.47 36.78 1.41
CA ILE C 473 -20.04 37.14 1.43
C ILE C 473 -19.14 35.98 1.03
N ARG C 474 -19.72 34.80 0.86
CA ARG C 474 -18.93 33.62 0.50
C ARG C 474 -19.02 33.28 -0.98
N PRO C 475 -17.87 33.30 -1.69
CA PRO C 475 -17.84 32.93 -3.10
C PRO C 475 -18.45 31.56 -3.31
N HIS C 476 -19.30 31.47 -4.35
CA HIS C 476 -19.99 30.26 -4.74
C HIS C 476 -19.06 29.43 -5.63
N PRO C 477 -19.02 28.09 -5.47
CA PRO C 477 -18.15 27.28 -6.31
C PRO C 477 -18.30 27.55 -7.80
N TYR C 478 -19.51 27.80 -8.26
CA TYR C 478 -19.75 27.97 -9.68
C TYR C 478 -19.14 29.29 -10.20
N GLU C 479 -18.92 30.24 -9.28
CA GLU C 479 -18.23 31.51 -9.63
C GLU C 479 -16.81 31.24 -10.12
N PHE C 480 -16.20 30.18 -9.62
CA PHE C 480 -14.88 29.77 -10.06
C PHE C 480 -14.88 29.19 -11.48
N ALA C 481 -15.93 28.43 -11.80
CA ALA C 481 -16.14 27.96 -13.15
C ALA C 481 -16.35 29.14 -14.10
N LEU C 482 -17.11 30.14 -13.66
CA LEU C 482 -17.46 31.28 -14.52
C LEU C 482 -16.34 32.29 -14.63
N TYR C 483 -15.58 32.48 -13.53
CA TYR C 483 -14.78 33.67 -13.43
C TYR C 483 -13.27 33.52 -13.16
N TYR C 484 -12.81 32.33 -12.79
CA TYR C 484 -11.39 32.17 -12.44
C TYR C 484 -10.46 32.76 -13.51
N ASP C 485 -10.83 32.61 -14.78
CA ASP C 485 -9.94 33.01 -15.86
C ASP C 485 -10.27 34.34 -16.54
N VAL C 486 -11.03 35.21 -15.86
CA VAL C 486 -11.46 36.48 -16.48
C VAL C 486 -10.27 37.36 -16.85
N LYS D 12 -27.39 7.21 58.46
CA LYS D 12 -26.90 5.82 58.19
C LYS D 12 -25.87 5.30 59.19
N THR D 13 -26.08 4.07 59.66
CA THR D 13 -25.27 3.47 60.72
C THR D 13 -24.38 2.35 60.19
N PRO D 14 -23.35 1.97 60.97
CA PRO D 14 -22.60 0.76 60.63
C PRO D 14 -23.48 -0.44 60.26
N ASP D 15 -24.54 -0.70 61.04
CA ASP D 15 -25.42 -1.85 60.78
C ASP D 15 -26.12 -1.77 59.43
N ASP D 16 -26.53 -0.58 59.04
CA ASP D 16 -27.09 -0.37 57.70
C ASP D 16 -26.10 -0.84 56.61
N VAL D 17 -24.81 -0.53 56.80
CA VAL D 17 -23.77 -0.88 55.85
C VAL D 17 -23.56 -2.39 55.78
N PHE D 18 -23.49 -3.05 56.93
CA PHE D 18 -23.32 -4.50 56.97
C PHE D 18 -24.51 -5.20 56.33
N LYS D 19 -25.68 -4.60 56.51
CA LYS D 19 -26.89 -5.15 55.94
C LYS D 19 -26.87 -5.02 54.41
N LEU D 20 -26.40 -3.88 53.92
CA LEU D 20 -26.26 -3.65 52.48
C LEU D 20 -25.24 -4.63 51.87
N ALA D 21 -24.10 -4.80 52.55
CA ALA D 21 -23.07 -5.76 52.15
C ALA D 21 -23.62 -7.18 52.04
N LYS D 22 -24.39 -7.60 53.03
CA LYS D 22 -24.95 -8.95 53.04
C LYS D 22 -26.06 -9.14 52.00
N ASP D 23 -26.97 -8.18 51.92
CA ASP D 23 -28.07 -8.21 50.95
C ASP D 23 -27.55 -8.22 49.52
N GLU D 24 -26.51 -7.46 49.24
CA GLU D 24 -25.99 -7.34 47.87
C GLU D 24 -24.95 -8.42 47.54
N LYS D 25 -24.59 -9.23 48.54
CA LYS D 25 -23.60 -10.31 48.38
C LYS D 25 -22.26 -9.79 47.88
N VAL D 26 -21.82 -8.74 48.55
CA VAL D 26 -20.61 -8.01 48.22
C VAL D 26 -19.41 -8.92 48.41
N GLU D 27 -18.51 -8.91 47.43
CA GLU D 27 -17.33 -9.76 47.47
C GLU D 27 -16.12 -8.97 47.98
N TYR D 28 -16.05 -7.68 47.62
CA TYR D 28 -14.94 -6.81 48.02
C TYR D 28 -15.40 -5.45 48.57
N VAL D 29 -14.56 -4.88 49.42
CA VAL D 29 -14.80 -3.53 49.91
C VAL D 29 -13.65 -2.62 49.46
N ASP D 30 -14.01 -1.53 48.81
CA ASP D 30 -13.04 -0.59 48.29
C ASP D 30 -12.85 0.56 49.28
N VAL D 31 -11.63 0.68 49.79
CA VAL D 31 -11.28 1.68 50.79
C VAL D 31 -10.81 2.92 50.07
N ARG D 32 -11.62 3.97 50.13
CA ARG D 32 -11.38 5.23 49.39
C ARG D 32 -11.09 6.39 50.33
N PHE D 33 -10.14 7.21 49.93
CA PHE D 33 -9.73 8.43 50.64
C PHE D 33 -9.23 9.43 49.62
N CYS D 34 -9.38 10.72 49.93
CA CYS D 34 -9.15 11.78 48.96
C CYS D 34 -7.76 12.31 49.08
N ASP D 35 -7.11 12.56 47.95
CA ASP D 35 -5.79 13.17 48.01
C ASP D 35 -5.95 14.68 47.94
N LEU D 36 -4.84 15.38 48.10
CA LEU D 36 -4.88 16.81 48.17
C LEU D 36 -5.49 17.50 46.93
N PRO D 37 -4.92 17.26 45.73
CA PRO D 37 -5.54 17.93 44.58
C PRO D 37 -6.99 17.57 44.29
N GLY D 38 -7.48 16.40 44.72
CA GLY D 38 -8.90 16.06 44.62
C GLY D 38 -9.29 14.77 43.89
N ILE D 39 -8.32 13.91 43.65
CA ILE D 39 -8.54 12.59 43.07
C ILE D 39 -8.69 11.55 44.18
N MET D 40 -9.75 10.74 44.12
CA MET D 40 -9.96 9.68 45.11
C MET D 40 -8.95 8.54 44.91
N GLN D 41 -8.40 8.06 46.02
CA GLN D 41 -7.46 6.95 46.05
C GLN D 41 -8.16 5.73 46.64
N HIS D 42 -7.62 4.54 46.38
CA HIS D 42 -8.21 3.34 46.92
C HIS D 42 -7.26 2.16 47.08
N PHE D 43 -7.63 1.27 47.99
CA PHE D 43 -7.16 -0.12 47.95
C PHE D 43 -8.34 -0.99 48.29
N THR D 44 -8.19 -2.31 48.11
CA THR D 44 -9.31 -3.22 48.23
C THR D 44 -9.06 -4.33 49.24
N ILE D 45 -10.10 -4.66 50.02
CA ILE D 45 -10.05 -5.75 50.97
C ILE D 45 -11.20 -6.72 50.72
N PRO D 46 -11.03 -7.99 51.12
CA PRO D 46 -12.15 -8.90 50.94
C PRO D 46 -13.28 -8.51 51.88
N ALA D 47 -14.52 -8.70 51.42
CA ALA D 47 -15.70 -8.37 52.22
C ALA D 47 -15.65 -9.06 53.58
N SER D 48 -15.22 -10.33 53.60
CA SER D 48 -15.09 -11.13 54.83
C SER D 48 -14.19 -10.51 55.89
N ALA D 49 -13.44 -9.47 55.56
CA ALA D 49 -12.61 -8.76 56.52
C ALA D 49 -13.20 -7.39 56.85
N PHE D 50 -14.42 -7.16 56.38
CA PHE D 50 -15.14 -5.95 56.71
C PHE D 50 -16.15 -6.23 57.83
N ASP D 51 -15.76 -5.90 59.06
CA ASP D 51 -16.57 -6.18 60.26
C ASP D 51 -16.60 -4.97 61.20
N LYS D 52 -17.07 -5.17 62.42
CA LYS D 52 -17.18 -4.06 63.39
C LYS D 52 -15.84 -3.38 63.70
N SER D 53 -14.77 -4.19 63.74
CA SER D 53 -13.44 -3.65 64.06
C SER D 53 -12.93 -2.63 63.02
N VAL D 54 -13.59 -2.57 61.85
CA VAL D 54 -13.28 -1.55 60.85
C VAL D 54 -13.79 -0.19 61.32
N PHE D 55 -15.02 -0.16 61.82
CA PHE D 55 -15.59 1.07 62.36
C PHE D 55 -14.98 1.52 63.69
N ASP D 56 -14.61 0.56 64.55
CA ASP D 56 -14.07 0.88 65.85
C ASP D 56 -12.60 1.21 65.79
N ASP D 57 -11.79 0.33 65.19
CA ASP D 57 -10.33 0.47 65.28
C ASP D 57 -9.74 1.11 64.04
N GLY D 58 -10.40 0.92 62.91
CA GLY D 58 -9.93 1.40 61.61
C GLY D 58 -9.01 0.44 60.85
N LEU D 59 -8.53 0.88 59.70
CA LEU D 59 -7.65 0.06 58.89
C LEU D 59 -6.28 0.70 58.83
N ALA D 60 -5.27 -0.09 59.07
CA ALA D 60 -3.90 0.37 58.97
C ALA D 60 -3.47 0.31 57.51
N PHE D 61 -2.72 1.30 57.08
CA PHE D 61 -2.15 1.33 55.74
C PHE D 61 -0.87 2.17 55.71
N ASP D 62 0.12 1.74 54.93
CA ASP D 62 1.41 2.43 54.80
C ASP D 62 1.20 3.92 54.57
N GLY D 63 1.81 4.75 55.42
CA GLY D 63 1.51 6.18 55.48
C GLY D 63 2.27 7.13 54.56
N SER D 64 3.12 6.58 53.70
CA SER D 64 3.70 7.31 52.59
C SER D 64 2.79 7.13 51.36
N SER D 65 2.04 6.03 51.41
CA SER D 65 1.04 5.69 50.40
C SER D 65 -0.25 6.52 50.58
N ILE D 66 -0.67 6.67 51.84
CA ILE D 66 -1.83 7.50 52.24
C ILE D 66 -1.56 9.01 52.08
N ARG D 67 -0.30 9.40 52.29
CA ARG D 67 0.09 10.83 52.23
C ARG D 67 0.45 11.36 50.83
N GLY D 68 0.82 10.47 49.91
CA GLY D 68 1.11 10.84 48.52
C GLY D 68 2.52 11.32 48.23
N PHE D 69 3.32 11.56 49.27
CA PHE D 69 4.74 11.92 49.14
C PHE D 69 5.63 11.01 49.97
N GLN D 70 6.92 11.02 49.67
CA GLN D 70 7.85 10.08 50.25
C GLN D 70 8.78 10.71 51.30
N SER D 75 3.91 8.38 59.98
CA SER D 75 4.26 7.68 58.75
C SER D 75 3.21 6.63 58.37
N ASP D 76 2.87 5.74 59.30
CA ASP D 76 1.72 4.83 59.12
C ASP D 76 0.43 5.58 59.40
N MET D 77 -0.59 5.37 58.58
CA MET D 77 -1.86 6.05 58.80
C MET D 77 -3.04 5.10 59.04
N LEU D 78 -4.02 5.61 59.79
CA LEU D 78 -5.20 4.85 60.18
C LEU D 78 -6.44 5.42 59.50
N LEU D 79 -7.26 4.54 58.91
CA LEU D 79 -8.40 4.98 58.12
C LEU D 79 -9.71 4.57 58.78
N LEU D 80 -10.60 5.54 58.99
CA LEU D 80 -11.89 5.28 59.62
C LEU D 80 -13.06 5.56 58.67
N PRO D 81 -13.97 4.58 58.52
CA PRO D 81 -15.01 4.67 57.51
C PRO D 81 -16.14 5.64 57.85
N ASP D 82 -16.70 6.28 56.83
CA ASP D 82 -17.89 7.11 56.98
C ASP D 82 -19.08 6.35 56.40
N PRO D 83 -19.97 5.86 57.26
CA PRO D 83 -21.07 4.99 56.83
C PRO D 83 -22.02 5.61 55.82
N GLU D 84 -22.11 6.93 55.84
CA GLU D 84 -23.00 7.64 54.91
C GLU D 84 -22.53 7.55 53.45
N THR D 85 -21.26 7.24 53.24
CA THR D 85 -20.69 7.22 51.90
C THR D 85 -20.68 5.85 51.21
N ALA D 86 -21.23 4.84 51.87
CA ALA D 86 -21.23 3.48 51.34
C ALA D 86 -22.16 3.34 50.14
N ARG D 87 -21.61 2.81 49.03
CA ARG D 87 -22.36 2.62 47.79
C ARG D 87 -21.87 1.39 47.03
N ILE D 88 -22.79 0.66 46.40
CA ILE D 88 -22.45 -0.42 45.50
C ILE D 88 -21.82 0.16 44.23
N ASP D 89 -20.67 -0.37 43.83
CA ASP D 89 -20.02 0.10 42.60
C ASP D 89 -20.74 -0.50 41.38
N PRO D 90 -21.28 0.34 40.49
CA PRO D 90 -22.05 -0.24 39.40
C PRO D 90 -21.17 -0.72 38.24
N PHE D 91 -19.87 -0.49 38.30
CA PHE D 91 -19.01 -0.77 37.17
C PHE D 91 -18.13 -1.99 37.36
N ARG D 92 -17.71 -2.24 38.59
CA ARG D 92 -16.77 -3.32 38.89
C ARG D 92 -17.41 -4.71 38.76
N ALA D 93 -16.77 -5.60 38.01
CA ALA D 93 -17.33 -6.93 37.73
C ALA D 93 -17.53 -7.75 39.00
N ALA D 94 -16.51 -7.78 39.85
CA ALA D 94 -16.64 -8.37 41.18
C ALA D 94 -17.48 -7.44 42.06
N LYS D 95 -18.52 -7.97 42.71
CA LYS D 95 -19.45 -7.13 43.49
C LYS D 95 -18.73 -6.41 44.62
N THR D 96 -18.74 -5.09 44.54
CA THR D 96 -17.94 -4.25 45.42
C THR D 96 -18.73 -3.14 46.12
N LEU D 97 -18.38 -2.91 47.37
CA LEU D 97 -18.92 -1.83 48.17
C LEU D 97 -17.84 -0.77 48.35
N ASN D 98 -18.12 0.45 47.84
CA ASN D 98 -17.22 1.60 48.02
C ASN D 98 -17.58 2.38 49.28
N ILE D 99 -16.58 2.68 50.09
CA ILE D 99 -16.78 3.53 51.27
C ILE D 99 -15.67 4.54 51.38
N ASN D 100 -16.01 5.80 51.72
CA ASN D 100 -14.99 6.81 52.00
C ASN D 100 -14.54 6.79 53.47
N PHE D 101 -13.29 7.15 53.67
CA PHE D 101 -12.63 7.08 54.98
C PHE D 101 -12.00 8.43 55.38
N PHE D 102 -11.82 8.63 56.68
CA PHE D 102 -11.06 9.75 57.22
C PHE D 102 -9.65 9.26 57.58
N VAL D 103 -8.65 10.11 57.44
CA VAL D 103 -7.29 9.70 57.79
C VAL D 103 -6.95 10.16 59.20
N HIS D 104 -6.57 9.23 60.06
CA HIS D 104 -6.18 9.54 61.43
C HIS D 104 -4.75 9.08 61.70
N ASP D 105 -4.06 9.78 62.61
CA ASP D 105 -2.78 9.33 63.17
C ASP D 105 -3.02 8.08 64.01
N PRO D 106 -2.17 7.03 63.85
CA PRO D 106 -2.42 5.76 64.54
C PRO D 106 -2.25 5.85 66.07
N PHE D 107 -1.23 6.57 66.51
CA PHE D 107 -0.95 6.69 67.96
C PHE D 107 -2.01 7.56 68.65
N THR D 108 -2.21 8.78 68.15
CA THR D 108 -3.05 9.78 68.82
C THR D 108 -4.54 9.74 68.45
N LEU D 109 -4.88 9.00 67.39
CA LEU D 109 -6.23 9.02 66.80
C LEU D 109 -6.69 10.41 66.33
N GLU D 110 -5.75 11.35 66.26
CA GLU D 110 -6.02 12.69 65.73
C GLU D 110 -6.31 12.68 64.23
N PRO D 111 -7.37 13.40 63.79
CA PRO D 111 -7.61 13.57 62.37
C PRO D 111 -6.37 14.20 61.73
N TYR D 112 -5.88 13.60 60.66
CA TYR D 112 -4.75 14.14 59.90
C TYR D 112 -5.12 15.45 59.24
N SER D 113 -4.35 16.48 59.51
CA SER D 113 -4.68 17.84 59.06
C SER D 113 -4.62 18.10 57.52
N ARG D 114 -4.12 17.14 56.74
CA ARG D 114 -4.07 17.31 55.28
C ARG D 114 -5.03 16.41 54.50
N ASP D 115 -5.89 15.68 55.20
CA ASP D 115 -6.95 14.91 54.57
C ASP D 115 -8.16 15.84 54.31
N PRO D 116 -8.44 16.12 53.04
CA PRO D 116 -9.52 17.03 52.69
C PRO D 116 -10.83 16.69 53.38
N ARG D 117 -11.12 15.40 53.57
CA ARG D 117 -12.34 14.98 54.23
C ARG D 117 -12.38 15.45 55.69
N ASN D 118 -11.26 15.37 56.39
CA ASN D 118 -11.18 15.93 57.73
C ASN D 118 -11.41 17.43 57.77
N ILE D 119 -10.89 18.13 56.75
CA ILE D 119 -11.01 19.57 56.67
C ILE D 119 -12.47 19.98 56.53
N ALA D 120 -13.21 19.23 55.72
CA ALA D 120 -14.65 19.46 55.55
C ALA D 120 -15.38 19.21 56.88
N ARG D 121 -15.02 18.14 57.57
CA ARG D 121 -15.61 17.83 58.87
C ARG D 121 -15.27 18.94 59.87
N LYS D 122 -14.00 19.34 59.90
CA LYS D 122 -13.58 20.43 60.77
C LYS D 122 -14.38 21.71 60.48
N ALA D 123 -14.65 21.99 59.22
CA ALA D 123 -15.46 23.15 58.85
C ALA D 123 -16.87 23.10 59.43
N GLU D 124 -17.50 21.92 59.35
CA GLU D 124 -18.85 21.74 59.88
C GLU D 124 -18.89 21.88 61.41
N ASN D 125 -17.93 21.26 62.09
CA ASN D 125 -17.81 21.38 63.55
C ASN D 125 -17.53 22.82 64.00
N TYR D 126 -16.71 23.54 63.23
CA TYR D 126 -16.42 24.94 63.53
C TYR D 126 -17.68 25.78 63.45
N LEU D 127 -18.46 25.59 62.39
CA LEU D 127 -19.72 26.29 62.23
C LEU D 127 -20.55 26.19 63.52
N ILE D 128 -20.76 24.96 63.99
CA ILE D 128 -21.50 24.70 65.22
C ILE D 128 -20.92 25.48 66.40
N SER D 129 -19.60 25.42 66.57
CA SER D 129 -18.93 26.03 67.69
C SER D 129 -19.03 27.57 67.71
N THR D 130 -19.30 28.21 66.57
CA THR D 130 -19.45 29.67 66.53
C THR D 130 -20.85 30.09 66.97
N GLY D 131 -21.79 29.15 67.03
CA GLY D 131 -23.18 29.45 67.34
C GLY D 131 -23.94 30.16 66.23
N ILE D 132 -23.28 30.51 65.13
CA ILE D 132 -23.93 31.21 64.02
C ILE D 132 -25.02 30.35 63.38
N ALA D 133 -24.73 29.07 63.16
CA ALA D 133 -25.68 28.09 62.59
C ALA D 133 -25.23 26.68 62.97
N ASP D 134 -26.07 25.68 62.73
CA ASP D 134 -25.62 24.30 62.93
C ASP D 134 -25.40 23.44 61.66
N THR D 135 -25.91 23.90 60.51
CA THR D 135 -25.78 23.17 59.25
C THR D 135 -25.52 24.09 58.08
N ALA D 136 -24.58 23.71 57.22
CA ALA D 136 -24.29 24.42 56.00
C ALA D 136 -24.63 23.49 54.84
N TYR D 137 -25.60 23.91 54.02
CA TYR D 137 -26.01 23.14 52.84
C TYR D 137 -25.35 23.65 51.56
N PHE D 138 -24.78 22.71 50.82
CA PHE D 138 -24.17 23.00 49.53
C PHE D 138 -24.86 22.19 48.42
N GLY D 139 -25.18 22.89 47.34
CA GLY D 139 -25.75 22.29 46.14
C GLY D 139 -24.85 22.66 45.00
N ALA D 140 -24.47 21.69 44.19
CA ALA D 140 -23.56 21.99 43.09
C ALA D 140 -24.09 21.50 41.76
N GLU D 141 -23.89 22.33 40.74
CA GLU D 141 -24.27 21.98 39.37
C GLU D 141 -22.99 21.93 38.52
N ALA D 142 -22.54 20.72 38.18
CA ALA D 142 -21.27 20.54 37.53
C ALA D 142 -21.39 20.02 36.10
N GLU D 143 -20.85 20.80 35.18
CA GLU D 143 -20.83 20.44 33.77
C GLU D 143 -19.61 19.60 33.42
N PHE D 144 -19.69 18.87 32.30
CA PHE D 144 -18.57 18.08 31.80
C PHE D 144 -18.71 17.92 30.28
N TYR D 145 -17.64 17.47 29.64
CA TYR D 145 -17.65 17.16 28.21
C TYR D 145 -17.50 15.68 27.96
N ILE D 146 -18.20 15.16 26.95
CA ILE D 146 -18.06 13.79 26.51
C ILE D 146 -17.28 13.79 25.20
N PHE D 147 -16.11 13.13 25.18
CA PHE D 147 -15.35 13.01 23.94
C PHE D 147 -15.20 11.56 23.50
N ASP D 148 -14.73 11.36 22.26
CA ASP D 148 -14.42 10.02 21.81
C ASP D 148 -12.96 9.73 22.01
N SER D 149 -12.13 10.78 22.02
CA SER D 149 -10.68 10.59 22.14
C SER D 149 -9.93 11.83 22.60
N VAL D 150 -8.78 11.60 23.22
CA VAL D 150 -7.89 12.67 23.65
C VAL D 150 -6.44 12.16 23.48
N SER D 151 -5.56 13.01 22.97
CA SER D 151 -4.12 12.74 23.02
C SER D 151 -3.34 14.03 23.09
N PHE D 152 -2.11 13.93 23.61
CA PHE D 152 -1.26 15.09 23.86
C PHE D 152 0.12 14.64 24.24
N ASP D 153 1.09 15.53 24.06
CA ASP D 153 2.43 15.35 24.61
C ASP D 153 3.17 16.67 24.62
N SER D 154 4.32 16.66 25.28
CA SER D 154 5.12 17.85 25.41
C SER D 154 6.56 17.39 25.30
N ARG D 155 7.22 17.78 24.21
CA ARG D 155 8.57 17.35 23.92
C ARG D 155 9.48 18.57 23.75
N ALA D 156 10.78 18.33 23.56
CA ALA D 156 11.73 19.43 23.43
C ALA D 156 11.46 20.31 22.20
N ASN D 157 11.07 19.71 21.09
CA ASN D 157 10.93 20.39 19.80
C ASN D 157 9.46 20.54 19.33
N GLY D 158 8.53 20.21 20.21
CA GLY D 158 7.13 20.28 19.83
C GLY D 158 6.17 19.79 20.88
N SER D 159 4.91 20.08 20.65
CA SER D 159 3.86 19.88 21.63
C SER D 159 2.52 19.88 20.91
N PHE D 160 1.58 19.07 21.37
CA PHE D 160 0.23 19.09 20.83
C PHE D 160 -0.78 18.57 21.83
N TYR D 161 -2.05 18.91 21.61
CA TYR D 161 -3.18 18.17 22.17
C TYR D 161 -4.24 18.13 21.10
N GLU D 162 -5.17 17.19 21.25
CA GLU D 162 -6.29 17.03 20.33
C GLU D 162 -7.36 16.28 21.11
N VAL D 163 -8.54 16.88 21.24
CA VAL D 163 -9.72 16.17 21.70
C VAL D 163 -10.62 16.03 20.49
N ASP D 164 -11.39 14.94 20.45
CA ASP D 164 -12.25 14.71 19.31
C ASP D 164 -13.54 13.99 19.66
N ALA D 165 -14.55 14.19 18.81
CA ALA D 165 -15.85 13.56 18.94
C ALA D 165 -16.44 13.48 17.54
N ILE D 166 -17.01 12.32 17.22
CA ILE D 166 -17.67 12.09 15.94
C ILE D 166 -18.61 13.25 15.62
N SER D 167 -19.39 13.68 16.59
CA SER D 167 -20.42 14.69 16.40
C SER D 167 -19.95 16.13 16.63
N GLY D 168 -18.67 16.31 16.94
CA GLY D 168 -18.11 17.65 17.10
C GLY D 168 -18.38 18.53 15.88
N TRP D 169 -18.66 19.81 16.13
CA TRP D 169 -19.04 20.73 15.07
C TRP D 169 -17.87 21.04 14.09
N TRP D 170 -16.64 20.75 14.51
CA TRP D 170 -15.48 20.97 13.66
C TRP D 170 -15.29 19.87 12.63
N ASN D 171 -16.17 18.87 12.65
CA ASN D 171 -16.04 17.68 11.80
C ASN D 171 -17.05 17.57 10.65
N THR D 172 -17.70 18.66 10.27
CA THR D 172 -18.76 18.60 9.25
C THR D 172 -18.20 18.17 7.90
N GLY D 173 -16.91 18.40 7.70
CA GLY D 173 -16.26 18.15 6.42
C GLY D 173 -15.63 16.77 6.24
N ALA D 174 -15.66 15.97 7.30
CA ALA D 174 -15.11 14.61 7.23
C ALA D 174 -15.79 13.76 6.14
N ALA D 175 -14.97 13.18 5.27
CA ALA D 175 -15.44 12.27 4.22
C ALA D 175 -16.05 11.01 4.82
N THR D 176 -15.41 10.43 5.83
CA THR D 176 -15.97 9.31 6.57
C THR D 176 -15.60 9.50 8.03
N GLU D 177 -16.32 8.83 8.93
CA GLU D 177 -16.01 8.87 10.36
C GLU D 177 -14.73 8.09 10.68
N ALA D 178 -14.23 8.23 11.91
CA ALA D 178 -12.99 7.58 12.35
C ALA D 178 -13.00 6.06 12.14
N ASP D 179 -14.17 5.43 12.25
CA ASP D 179 -14.29 4.00 11.95
C ASP D 179 -14.57 3.66 10.48
N GLY D 180 -14.57 4.66 9.60
CA GLY D 180 -14.82 4.42 8.18
C GLY D 180 -16.29 4.39 7.77
N SER D 181 -17.19 4.55 8.74
CA SER D 181 -18.62 4.65 8.42
C SER D 181 -18.91 6.07 7.88
N PRO D 182 -20.04 6.24 7.15
CA PRO D 182 -20.26 7.51 6.46
C PRO D 182 -20.59 8.66 7.40
N ASN D 183 -20.24 9.88 7.00
CA ASN D 183 -20.63 11.08 7.73
C ASN D 183 -22.14 11.31 7.54
N ARG D 184 -22.89 11.36 8.63
CA ARG D 184 -24.35 11.49 8.52
C ARG D 184 -24.87 12.86 8.94
N GLY D 185 -23.95 13.79 9.17
CA GLY D 185 -24.29 15.16 9.50
C GLY D 185 -24.87 15.36 10.89
N TYR D 186 -25.69 16.41 11.02
CA TYR D 186 -26.31 16.80 12.28
C TYR D 186 -25.30 17.15 13.35
N LYS D 187 -24.19 17.77 12.92
CA LYS D 187 -23.10 18.15 13.81
C LYS D 187 -23.13 19.62 14.20
N VAL D 188 -23.52 20.48 13.27
CA VAL D 188 -23.40 21.94 13.47
C VAL D 188 -24.23 22.52 14.61
N ARG D 189 -23.62 23.38 15.42
CA ARG D 189 -24.34 24.11 16.46
C ARG D 189 -25.05 25.29 15.81
N HIS D 190 -26.36 25.39 16.00
CA HIS D 190 -27.10 26.52 15.45
C HIS D 190 -27.29 27.65 16.44
N LYS D 191 -27.43 28.86 15.90
CA LYS D 191 -27.84 30.03 16.70
C LYS D 191 -29.29 29.83 17.17
N GLY D 192 -29.59 30.27 18.39
CA GLY D 192 -30.98 30.30 18.88
C GLY D 192 -31.43 29.19 19.80
N GLY D 193 -30.66 28.11 19.90
CA GLY D 193 -31.04 26.97 20.73
C GLY D 193 -29.87 26.06 21.09
N TYR D 194 -29.62 25.92 22.38
CA TYR D 194 -28.48 25.15 22.85
C TYR D 194 -28.78 23.67 23.07
N PHE D 195 -30.07 23.32 23.16
CA PHE D 195 -30.44 21.97 23.56
C PHE D 195 -31.34 21.23 22.57
N PRO D 196 -30.92 21.14 21.29
CA PRO D 196 -31.82 20.54 20.30
C PRO D 196 -32.06 19.05 20.54
N VAL D 197 -33.19 18.54 20.05
CA VAL D 197 -33.52 17.13 20.17
C VAL D 197 -32.70 16.27 19.18
N ALA D 198 -32.73 14.96 19.36
CA ALA D 198 -32.13 14.02 18.40
C ALA D 198 -32.71 14.23 17.01
N PRO D 199 -31.89 14.03 15.94
CA PRO D 199 -30.52 13.52 15.95
C PRO D 199 -29.43 14.60 16.19
N ASN D 200 -29.80 15.87 16.32
CA ASN D 200 -28.81 16.88 16.70
C ASN D 200 -28.14 16.55 18.02
N ASP D 201 -28.94 16.08 18.97
CA ASP D 201 -28.47 15.59 20.24
C ASP D 201 -28.03 14.16 19.97
N GLN D 202 -26.73 13.94 20.04
CA GLN D 202 -26.17 12.65 19.69
C GLN D 202 -25.74 11.84 20.90
N TYR D 203 -26.09 12.31 22.11
CA TYR D 203 -25.70 11.65 23.36
C TYR D 203 -26.85 11.27 24.28
N VAL D 204 -28.07 11.20 23.74
CA VAL D 204 -29.25 10.96 24.57
C VAL D 204 -29.14 9.66 25.39
N ASP D 205 -28.85 8.54 24.74
CA ASP D 205 -28.82 7.26 25.45
C ASP D 205 -27.71 7.16 26.50
N LEU D 206 -26.55 7.74 26.17
CA LEU D 206 -25.44 7.76 27.11
C LEU D 206 -25.75 8.61 28.33
N ARG D 207 -26.32 9.80 28.12
CA ARG D 207 -26.72 10.66 29.21
C ARG D 207 -27.74 9.96 30.10
N ASP D 208 -28.73 9.30 29.49
CA ASP D 208 -29.73 8.53 30.24
C ASP D 208 -29.09 7.44 31.08
N LYS D 209 -28.06 6.78 30.54
CA LYS D 209 -27.30 5.80 31.30
C LYS D 209 -26.65 6.41 32.54
N MET D 210 -26.08 7.60 32.35
CA MET D 210 -25.50 8.34 33.46
C MET D 210 -26.59 8.66 34.52
N LEU D 211 -27.74 9.14 34.05
CA LEU D 211 -28.82 9.52 34.94
C LEU D 211 -29.23 8.31 35.74
N THR D 212 -29.49 7.19 35.04
CA THR D 212 -29.92 5.94 35.65
C THR D 212 -28.90 5.48 36.70
N ASN D 213 -27.61 5.54 36.37
CA ASN D 213 -26.61 5.17 37.35
C ASN D 213 -26.60 6.08 38.58
N LEU D 214 -26.86 7.38 38.39
CA LEU D 214 -26.92 8.28 39.55
C LEU D 214 -28.10 7.93 40.46
N ILE D 215 -29.28 7.77 39.88
CA ILE D 215 -30.45 7.40 40.65
C ILE D 215 -30.22 6.08 41.41
N ASN D 216 -29.65 5.08 40.75
CA ASN D 216 -29.35 3.78 41.40
C ASN D 216 -28.29 3.89 42.48
N SER D 217 -27.50 4.97 42.43
CA SER D 217 -26.46 5.22 43.42
C SER D 217 -26.85 6.17 44.55
N GLY D 218 -28.15 6.39 44.75
CA GLY D 218 -28.66 7.16 45.88
C GLY D 218 -28.80 8.66 45.67
N PHE D 219 -28.49 9.16 44.48
CA PHE D 219 -28.72 10.56 44.19
C PHE D 219 -30.21 10.83 44.13
N ILE D 220 -30.64 11.96 44.66
CA ILE D 220 -32.06 12.27 44.72
C ILE D 220 -32.40 13.33 43.70
N LEU D 221 -33.23 12.97 42.75
CA LEU D 221 -33.64 13.88 41.70
C LEU D 221 -35.13 14.13 41.85
N GLU D 222 -35.49 15.37 42.15
CA GLU D 222 -36.90 15.75 42.34
C GLU D 222 -37.17 17.05 41.60
N LYS D 223 -38.13 17.83 42.09
CA LYS D 223 -38.48 19.12 41.52
C LYS D 223 -37.22 19.98 41.31
N GLY D 224 -37.04 20.47 40.09
CA GLY D 224 -35.90 21.35 39.77
C GLY D 224 -34.62 20.64 39.37
N HIS D 225 -34.64 19.30 39.33
CA HIS D 225 -33.48 18.50 38.92
C HIS D 225 -33.64 17.95 37.51
N HIS D 226 -32.60 18.06 36.71
CA HIS D 226 -32.72 17.66 35.31
C HIS D 226 -31.43 17.17 34.66
N GLU D 227 -31.58 16.48 33.54
CA GLU D 227 -30.47 16.07 32.72
C GLU D 227 -30.49 16.96 31.51
N VAL D 228 -29.36 17.63 31.22
CA VAL D 228 -29.28 18.55 30.08
C VAL D 228 -28.06 18.26 29.25
N GLY D 229 -28.18 18.46 27.94
CA GLY D 229 -27.07 18.25 27.02
C GLY D 229 -27.02 19.31 25.91
N SER D 230 -25.79 19.73 25.57
CA SER D 230 -25.59 20.69 24.49
C SER D 230 -24.32 20.32 23.76
N GLY D 231 -24.46 19.82 22.53
CA GLY D 231 -23.34 19.22 21.79
C GLY D 231 -22.75 18.10 22.62
N GLY D 232 -21.43 18.12 22.83
CA GLY D 232 -20.77 17.16 23.70
C GLY D 232 -20.82 17.48 25.20
N GLN D 233 -21.35 18.65 25.55
CA GLN D 233 -21.43 19.06 26.96
C GLN D 233 -22.72 18.62 27.66
N ALA D 234 -22.62 18.33 28.96
CA ALA D 234 -23.75 17.84 29.71
C ALA D 234 -23.68 18.18 31.17
N GLU D 235 -24.84 18.13 31.83
CA GLU D 235 -24.97 18.36 33.25
C GLU D 235 -26.17 17.58 33.80
N ILE D 236 -25.99 16.96 34.95
CA ILE D 236 -27.12 16.40 35.68
C ILE D 236 -27.02 16.89 37.13
N ASN D 237 -27.97 17.71 37.54
CA ASN D 237 -27.99 18.22 38.90
C ASN D 237 -28.90 17.37 39.79
N TYR D 238 -28.73 17.51 41.10
CA TYR D 238 -29.34 16.61 42.06
C TYR D 238 -29.46 17.34 43.39
N GLN D 239 -30.18 16.74 44.34
CA GLN D 239 -30.46 17.37 45.62
C GLN D 239 -29.19 17.67 46.40
N PHE D 240 -29.13 18.88 46.96
CA PHE D 240 -28.04 19.36 47.81
C PHE D 240 -27.89 18.48 49.05
N ASN D 241 -26.87 18.79 49.84
CA ASN D 241 -26.55 18.03 51.06
C ASN D 241 -25.76 18.92 52.04
N SER D 242 -25.60 18.47 53.28
CA SER D 242 -24.71 19.17 54.20
C SER D 242 -23.27 19.12 53.67
N LEU D 243 -22.47 20.10 54.05
CA LEU D 243 -21.18 20.36 53.42
C LEU D 243 -20.33 19.11 53.10
N LEU D 244 -19.90 18.36 54.12
CA LEU D 244 -19.04 17.20 53.86
C LEU D 244 -19.67 16.22 52.87
N HIS D 245 -20.91 15.84 53.13
CA HIS D 245 -21.56 14.85 52.30
C HIS D 245 -21.92 15.34 50.90
N ALA D 246 -22.08 16.65 50.77
CA ALA D 246 -22.25 17.30 49.47
C ALA D 246 -20.99 17.12 48.65
N ALA D 247 -19.83 17.27 49.30
CA ALA D 247 -18.56 17.05 48.60
C ALA D 247 -18.33 15.55 48.28
N ASP D 248 -18.73 14.66 49.19
CA ASP D 248 -18.73 13.24 48.89
C ASP D 248 -19.59 12.94 47.67
N ASP D 249 -20.80 13.51 47.63
CA ASP D 249 -21.68 13.41 46.47
C ASP D 249 -21.03 13.87 45.17
N MET D 250 -20.25 14.95 45.22
CA MET D 250 -19.61 15.49 44.04
C MET D 250 -18.57 14.51 43.52
N GLN D 251 -17.76 13.96 44.43
CA GLN D 251 -16.76 12.96 44.05
C GLN D 251 -17.42 11.75 43.39
N LEU D 252 -18.54 11.31 43.96
CA LEU D 252 -19.28 10.16 43.46
C LEU D 252 -19.95 10.46 42.11
N TYR D 253 -20.44 11.68 41.96
CA TYR D 253 -21.00 12.13 40.69
C TYR D 253 -19.94 12.02 39.59
N LYS D 254 -18.75 12.56 39.85
CA LYS D 254 -17.70 12.57 38.84
C LYS D 254 -17.32 11.13 38.53
N TYR D 255 -17.21 10.31 39.58
CA TYR D 255 -16.85 8.93 39.44
C TYR D 255 -17.85 8.21 38.54
N ILE D 256 -19.13 8.47 38.73
CA ILE D 256 -20.14 7.79 37.96
C ILE D 256 -20.18 8.29 36.52
N ILE D 257 -20.06 9.60 36.33
CA ILE D 257 -20.06 10.16 34.99
C ILE D 257 -18.87 9.64 34.17
N LYS D 258 -17.66 9.69 34.75
CA LYS D 258 -16.45 9.27 34.04
C LYS D 258 -16.54 7.79 33.64
N ASN D 259 -16.99 6.96 34.57
CA ASN D 259 -17.02 5.51 34.33
C ASN D 259 -18.21 5.00 33.52
N THR D 260 -19.34 5.69 33.57
CA THR D 260 -20.41 5.39 32.61
C THR D 260 -19.91 5.65 31.18
N ALA D 261 -19.21 6.76 30.98
CA ALA D 261 -18.64 7.06 29.68
C ALA D 261 -17.61 6.00 29.26
N TRP D 262 -16.74 5.66 30.19
CA TRP D 262 -15.66 4.73 29.91
C TRP D 262 -16.20 3.38 29.50
N GLN D 263 -17.21 2.89 30.19
CA GLN D 263 -17.82 1.61 29.84
C GLN D 263 -18.56 1.61 28.51
N ASN D 264 -18.87 2.79 28.00
CA ASN D 264 -19.57 2.89 26.74
C ASN D 264 -18.70 3.43 25.64
N GLY D 265 -17.39 3.18 25.77
CA GLY D 265 -16.45 3.53 24.71
C GLY D 265 -16.16 5.01 24.54
N LYS D 266 -16.43 5.80 25.58
CA LYS D 266 -16.18 7.24 25.50
C LYS D 266 -15.20 7.70 26.59
N THR D 267 -14.93 9.00 26.63
CA THR D 267 -14.03 9.54 27.65
C THR D 267 -14.46 10.94 28.02
N VAL D 268 -14.60 11.19 29.32
CA VAL D 268 -15.18 12.42 29.85
C VAL D 268 -14.10 13.26 30.49
N THR D 269 -14.22 14.58 30.37
CA THR D 269 -13.36 15.47 31.12
C THR D 269 -14.18 16.51 31.87
N PHE D 270 -13.78 16.78 33.12
CA PHE D 270 -14.34 17.88 33.88
C PHE D 270 -13.42 19.12 33.85
N MET D 271 -12.44 19.14 32.95
CA MET D 271 -11.56 20.30 32.91
C MET D 271 -12.35 21.54 32.50
N PRO D 272 -11.98 22.72 33.05
CA PRO D 272 -12.75 23.94 32.83
C PRO D 272 -12.85 24.38 31.38
N LYS D 273 -11.84 24.09 30.57
CA LYS D 273 -11.81 24.65 29.21
C LYS D 273 -11.08 23.73 28.24
N PRO D 274 -11.74 22.63 27.81
CA PRO D 274 -11.11 21.73 26.84
C PRO D 274 -11.22 22.24 25.41
N LEU D 275 -12.25 23.03 25.13
CA LEU D 275 -12.47 23.54 23.77
C LEU D 275 -12.27 25.04 23.65
N PHE D 276 -11.44 25.45 22.69
CA PHE D 276 -11.31 26.86 22.44
C PHE D 276 -12.48 27.36 21.59
N GLY D 277 -13.10 28.46 22.01
CA GLY D 277 -14.24 29.02 21.28
C GLY D 277 -15.51 28.21 21.46
N ASP D 278 -15.64 27.55 22.59
CA ASP D 278 -16.88 26.87 22.97
C ASP D 278 -17.01 27.03 24.48
N ASN D 279 -18.21 26.76 25.01
CA ASN D 279 -18.51 26.95 26.43
C ASN D 279 -17.53 26.19 27.34
N GLY D 280 -17.06 26.87 28.38
CA GLY D 280 -16.29 26.18 29.42
C GLY D 280 -17.19 25.38 30.33
N SER D 281 -16.60 24.61 31.23
CA SER D 281 -17.38 23.86 32.22
C SER D 281 -17.26 24.44 33.63
N GLY D 282 -18.37 24.91 34.18
CA GLY D 282 -18.38 25.49 35.52
C GLY D 282 -19.12 24.64 36.52
N MET D 283 -18.99 25.02 37.79
CA MET D 283 -19.71 24.40 38.89
C MET D 283 -20.36 25.48 39.73
N HIS D 284 -21.65 25.72 39.51
CA HIS D 284 -22.40 26.68 40.31
C HIS D 284 -22.66 26.12 41.71
N CYS D 285 -22.29 26.87 42.74
CA CYS D 285 -22.44 26.38 44.12
C CYS D 285 -23.47 27.16 44.95
N HIS D 286 -24.59 26.49 45.22
CA HIS D 286 -25.65 27.01 46.06
C HIS D 286 -25.28 26.76 47.52
N GLN D 287 -25.58 27.75 48.37
CA GLN D 287 -25.20 27.71 49.79
C GLN D 287 -26.28 28.34 50.65
N SER D 288 -26.51 27.74 51.81
CA SER D 288 -27.32 28.35 52.87
C SER D 288 -26.95 27.83 54.25
N LEU D 289 -27.20 28.64 55.26
CA LEU D 289 -26.99 28.26 56.64
C LEU D 289 -28.33 28.03 57.34
N TRP D 290 -28.36 27.02 58.20
CA TRP D 290 -29.56 26.67 58.95
C TRP D 290 -29.27 26.45 60.44
N LYS D 291 -30.25 26.78 61.28
CA LYS D 291 -30.12 26.56 62.72
C LYS D 291 -31.43 26.02 63.29
N ASP D 292 -31.30 24.99 64.12
CA ASP D 292 -32.42 24.31 64.77
C ASP D 292 -33.58 24.01 63.82
N GLY D 293 -33.26 23.47 62.65
CA GLY D 293 -34.27 23.12 61.65
C GLY D 293 -34.89 24.28 60.91
N ALA D 294 -34.38 25.49 61.13
CA ALA D 294 -34.93 26.69 60.49
C ALA D 294 -33.90 27.42 59.63
N PRO D 295 -34.34 28.01 58.51
CA PRO D 295 -33.44 28.75 57.62
C PRO D 295 -32.99 30.09 58.20
N LEU D 296 -31.82 30.57 57.79
CA LEU D 296 -31.28 31.80 58.34
C LEU D 296 -31.07 32.87 57.28
N MET D 297 -31.36 32.55 56.02
CA MET D 297 -30.97 33.44 54.94
C MET D 297 -32.06 34.44 54.56
N TYR D 298 -33.29 34.19 55.00
CA TYR D 298 -34.45 34.98 54.55
C TYR D 298 -34.85 36.15 55.45
N ASP D 299 -35.31 37.23 54.80
CA ASP D 299 -35.92 38.38 55.45
C ASP D 299 -36.68 39.17 54.38
N GLU D 300 -38.00 39.29 54.55
CA GLU D 300 -38.86 39.97 53.56
C GLU D 300 -38.39 41.38 53.30
N THR D 301 -37.86 42.03 54.34
CA THR D 301 -37.53 43.43 54.30
C THR D 301 -36.20 43.75 53.59
N GLY D 302 -35.28 42.79 53.58
CA GLY D 302 -33.96 42.96 52.96
C GLY D 302 -33.99 42.83 51.45
N TYR D 303 -32.98 43.41 50.78
CA TYR D 303 -32.88 43.34 49.33
C TYR D 303 -32.81 41.87 48.90
N ALA D 304 -33.65 41.52 47.93
CA ALA D 304 -33.71 40.15 47.38
C ALA D 304 -34.05 39.10 48.45
N GLY D 305 -34.73 39.52 49.50
CA GLY D 305 -35.15 38.64 50.56
C GLY D 305 -34.03 38.13 51.45
N LEU D 306 -32.94 38.88 51.51
CA LEU D 306 -31.74 38.45 52.24
C LEU D 306 -31.67 39.04 53.64
N SER D 307 -31.42 38.17 54.62
CA SER D 307 -31.21 38.56 56.00
C SER D 307 -29.85 39.21 56.18
N ASP D 308 -29.62 39.77 57.37
CA ASP D 308 -28.33 40.35 57.73
C ASP D 308 -27.22 39.32 57.65
N THR D 309 -27.52 38.11 58.13
CA THR D 309 -26.60 36.98 58.07
C THR D 309 -26.23 36.64 56.62
N ALA D 310 -27.21 36.63 55.73
CA ALA D 310 -26.97 36.32 54.34
C ALA D 310 -26.08 37.38 53.71
N ARG D 311 -26.42 38.66 53.93
CA ARG D 311 -25.72 39.78 53.31
C ARG D 311 -24.25 39.76 53.75
N HIS D 312 -24.04 39.49 55.03
CA HIS D 312 -22.67 39.46 55.57
C HIS D 312 -21.86 38.27 55.04
N TYR D 313 -22.53 37.14 54.83
CA TYR D 313 -21.93 35.96 54.19
C TYR D 313 -21.44 36.33 52.80
N ILE D 314 -22.30 36.98 52.01
CA ILE D 314 -21.95 37.50 50.70
C ILE D 314 -20.76 38.46 50.81
N GLY D 315 -20.79 39.34 51.80
CA GLY D 315 -19.69 40.24 52.07
C GLY D 315 -18.36 39.51 52.21
N GLY D 316 -18.38 38.40 52.93
CA GLY D 316 -17.22 37.53 53.05
C GLY D 316 -16.77 36.90 51.76
N LEU D 317 -17.72 36.39 50.98
CA LEU D 317 -17.41 35.78 49.70
C LEU D 317 -16.73 36.76 48.76
N LEU D 318 -17.28 37.96 48.68
CA LEU D 318 -16.76 38.95 47.74
C LEU D 318 -15.44 39.53 48.20
N HIS D 319 -15.28 39.69 49.51
CA HIS D 319 -14.04 40.23 50.07
C HIS D 319 -12.92 39.22 49.91
N HIS D 320 -13.20 37.95 50.17
CA HIS D 320 -12.17 36.91 50.09
C HIS D 320 -12.03 36.20 48.75
N ALA D 321 -12.92 36.50 47.81
CA ALA D 321 -12.90 35.93 46.46
C ALA D 321 -11.51 35.79 45.86
N PRO D 322 -10.68 36.86 45.85
CA PRO D 322 -9.37 36.69 45.18
C PRO D 322 -8.50 35.58 45.74
N SER D 323 -8.64 35.25 47.02
CA SER D 323 -7.89 34.16 47.61
C SER D 323 -8.69 32.86 47.55
N LEU D 324 -10.01 33.01 47.62
CA LEU D 324 -10.94 31.90 47.61
C LEU D 324 -10.81 31.05 46.34
N LEU D 325 -10.60 31.72 45.20
CA LEU D 325 -10.45 31.03 43.92
C LEU D 325 -9.28 30.04 43.90
N ALA D 326 -8.32 30.18 44.81
CA ALA D 326 -7.26 29.21 44.93
C ALA D 326 -7.80 27.81 45.20
N PHE D 327 -9.01 27.74 45.73
CA PHE D 327 -9.63 26.46 45.99
C PHE D 327 -10.80 26.21 45.07
N THR D 328 -11.54 27.25 44.71
CA THR D 328 -12.71 27.04 43.88
C THR D 328 -12.34 26.97 42.41
N ASN D 329 -11.23 27.59 42.05
CA ASN D 329 -10.76 27.61 40.66
C ASN D 329 -9.25 27.30 40.62
N PRO D 330 -8.86 26.08 41.05
CA PRO D 330 -7.47 25.80 41.45
C PRO D 330 -6.46 25.45 40.36
N THR D 331 -6.84 25.54 39.08
CA THR D 331 -5.91 25.14 38.00
C THR D 331 -5.59 26.25 37.01
N VAL D 332 -4.48 26.12 36.30
CA VAL D 332 -4.13 27.09 35.27
C VAL D 332 -5.25 27.15 34.22
N ASN D 333 -5.75 26.00 33.80
CA ASN D 333 -6.89 25.91 32.85
C ASN D 333 -8.16 26.62 33.32
N SER D 334 -8.38 26.73 34.64
CA SER D 334 -9.53 27.50 35.16
C SER D 334 -9.63 28.90 34.59
N TYR D 335 -8.49 29.52 34.34
CA TYR D 335 -8.46 30.93 33.98
C TYR D 335 -8.64 31.16 32.50
N LYS D 336 -8.81 30.06 31.77
CA LYS D 336 -9.25 30.11 30.38
C LYS D 336 -10.77 30.20 30.29
N ARG D 337 -11.44 29.84 31.38
CA ARG D 337 -12.89 30.02 31.48
C ARG D 337 -13.21 31.40 32.07
N LEU D 338 -12.52 31.73 33.16
CA LEU D 338 -12.71 33.00 33.82
C LEU D 338 -11.96 34.10 33.06
N VAL D 339 -12.45 34.39 31.85
CA VAL D 339 -11.74 35.31 30.95
C VAL D 339 -12.35 36.71 30.86
N PRO D 340 -11.50 37.76 31.10
CA PRO D 340 -11.79 39.21 31.20
C PRO D 340 -12.75 39.89 30.19
N GLY D 341 -13.28 39.20 29.19
CA GLY D 341 -14.15 39.89 28.22
C GLY D 341 -15.43 39.23 27.73
N TYR D 342 -16.14 38.51 28.62
CA TYR D 342 -17.30 37.71 28.17
C TYR D 342 -18.50 37.76 29.13
N GLU D 343 -19.24 36.64 29.20
CA GLU D 343 -20.32 36.42 30.16
C GLU D 343 -19.75 35.95 31.50
N ALA D 344 -18.42 35.84 31.53
CA ALA D 344 -17.66 35.25 32.62
C ALA D 344 -18.07 35.75 34.01
N PRO D 345 -18.47 34.82 34.92
CA PRO D 345 -18.74 35.16 36.32
C PRO D 345 -17.47 35.64 37.06
N ILE D 346 -16.97 36.82 36.69
CA ILE D 346 -15.72 37.37 37.23
C ILE D 346 -15.92 38.71 37.97
N ASN D 347 -17.14 39.25 37.88
CA ASN D 347 -17.46 40.52 38.54
C ASN D 347 -17.79 40.35 40.02
N LEU D 348 -16.98 40.98 40.88
CA LEU D 348 -17.12 40.86 42.34
C LEU D 348 -18.31 41.64 42.92
N VAL D 349 -19.50 41.33 42.43
CA VAL D 349 -20.74 41.93 42.93
C VAL D 349 -21.74 40.82 43.15
N TYR D 350 -22.80 41.09 43.92
CA TYR D 350 -23.92 40.17 43.92
C TYR D 350 -25.08 40.78 43.15
N SER D 351 -25.96 39.92 42.65
CA SER D 351 -27.04 40.33 41.76
C SER D 351 -28.17 39.31 41.78
N GLN D 352 -29.30 39.70 41.18
CA GLN D 352 -30.47 38.86 41.10
C GLN D 352 -30.78 38.52 39.63
N ARG D 353 -30.29 39.35 38.72
CA ARG D 353 -30.58 39.23 37.28
C ARG D 353 -29.32 39.07 36.43
N ASN D 354 -28.22 39.62 36.92
CA ASN D 354 -26.99 39.66 36.16
C ASN D 354 -26.26 38.32 36.18
N ARG D 355 -26.30 37.61 35.06
CA ARG D 355 -25.66 36.31 34.91
C ARG D 355 -24.17 36.52 34.58
N SER D 356 -23.51 37.33 35.39
CA SER D 356 -22.15 37.79 35.13
C SER D 356 -21.48 38.17 36.46
N ALA D 357 -22.24 38.04 37.54
CA ALA D 357 -21.76 38.33 38.89
C ALA D 357 -21.36 37.04 39.60
N CYS D 358 -20.32 37.14 40.44
CA CYS D 358 -19.83 36.03 41.25
C CYS D 358 -20.92 35.37 42.07
N VAL D 359 -21.72 36.20 42.73
CA VAL D 359 -22.77 35.73 43.58
C VAL D 359 -24.11 36.11 42.94
N ARG D 360 -24.93 35.10 42.71
CA ARG D 360 -26.29 35.33 42.24
C ARG D 360 -27.28 34.86 43.30
N ILE D 361 -28.39 35.58 43.42
CA ILE D 361 -29.46 35.18 44.33
C ILE D 361 -30.61 34.65 43.49
N PRO D 362 -30.76 33.31 43.42
CA PRO D 362 -31.84 32.73 42.61
C PRO D 362 -33.20 33.24 43.09
N ILE D 363 -34.11 33.49 42.15
CA ILE D 363 -35.41 34.04 42.55
C ILE D 363 -36.32 32.90 43.01
N THR D 364 -36.71 33.00 44.27
CA THR D 364 -37.37 31.93 45.00
C THR D 364 -38.64 32.42 45.67
N GLY D 365 -39.01 33.67 45.39
CA GLY D 365 -40.21 34.29 45.95
C GLY D 365 -40.14 34.46 47.46
N SER D 366 -41.25 34.20 48.13
CA SER D 366 -41.36 34.46 49.57
C SER D 366 -41.27 33.21 50.45
N ASN D 367 -41.00 32.06 49.84
CA ASN D 367 -40.71 30.84 50.59
C ASN D 367 -39.34 30.94 51.28
N PRO D 368 -39.34 31.08 52.63
CA PRO D 368 -38.09 31.35 53.35
C PRO D 368 -37.06 30.22 53.25
N LYS D 369 -37.55 28.98 53.13
CA LYS D 369 -36.68 27.79 53.08
C LYS D 369 -35.78 27.76 51.85
N ALA D 370 -36.30 28.28 50.73
CA ALA D 370 -35.60 28.23 49.45
C ALA D 370 -34.51 29.30 49.29
N LYS D 371 -34.52 30.32 50.15
CA LYS D 371 -33.56 31.42 50.05
C LYS D 371 -32.11 30.96 50.25
N ARG D 372 -31.26 31.34 49.32
CA ARG D 372 -29.88 30.88 49.28
C ARG D 372 -29.03 31.76 48.37
N LEU D 373 -27.72 31.58 48.40
CA LEU D 373 -26.84 32.27 47.47
C LEU D 373 -26.07 31.29 46.60
N GLU D 374 -25.91 31.67 45.33
CA GLU D 374 -25.24 30.85 44.33
C GLU D 374 -23.90 31.52 43.99
N PHE D 375 -22.82 30.87 44.36
CA PHE D 375 -21.48 31.28 43.93
C PHE D 375 -21.20 30.62 42.56
N ARG D 376 -21.05 31.46 41.53
CA ARG D 376 -21.01 31.01 40.13
C ARG D 376 -19.60 30.82 39.51
N SER D 377 -18.59 31.39 40.15
CA SER D 377 -17.22 31.33 39.65
C SER D 377 -16.57 29.93 39.60
N PRO D 378 -16.86 29.06 40.60
CA PRO D 378 -16.11 27.80 40.69
C PRO D 378 -16.23 26.89 39.47
N ASP D 379 -15.29 25.96 39.34
CA ASP D 379 -15.35 24.91 38.33
C ASP D 379 -15.09 23.55 39.00
N SER D 380 -15.07 22.48 38.22
CA SER D 380 -14.92 21.14 38.81
C SER D 380 -13.49 20.64 38.81
N SER D 381 -12.52 21.53 38.69
CA SER D 381 -11.15 21.07 38.48
C SER D 381 -10.37 20.77 39.76
N GLY D 382 -10.95 20.97 40.92
CA GLY D 382 -10.16 20.77 42.13
C GLY D 382 -10.70 19.79 43.15
N ASN D 383 -10.95 20.32 44.34
CA ASN D 383 -11.28 19.50 45.47
C ASN D 383 -12.52 20.06 46.12
N PRO D 384 -13.65 19.35 45.99
CA PRO D 384 -14.89 19.89 46.53
C PRO D 384 -14.88 19.98 48.05
N TYR D 385 -14.17 19.07 48.72
CA TYR D 385 -14.02 19.16 50.17
C TYR D 385 -13.36 20.49 50.54
N LEU D 386 -12.29 20.86 49.83
CA LEU D 386 -11.60 22.10 50.15
C LEU D 386 -12.37 23.31 49.67
N ALA D 387 -12.99 23.19 48.51
CA ALA D 387 -13.73 24.32 47.93
C ALA D 387 -14.95 24.69 48.79
N PHE D 388 -15.74 23.70 49.17
CA PHE D 388 -16.91 23.99 50.01
C PHE D 388 -16.51 24.53 51.38
N SER D 389 -15.48 23.92 51.97
CA SER D 389 -14.93 24.42 53.24
C SER D 389 -14.49 25.87 53.11
N ALA D 390 -13.69 26.16 52.08
CA ALA D 390 -13.14 27.50 51.91
C ALA D 390 -14.24 28.55 51.75
N MET D 391 -15.28 28.19 50.99
CA MET D 391 -16.46 29.04 50.81
C MET D 391 -17.17 29.30 52.14
N LEU D 392 -17.39 28.27 52.94
CA LEU D 392 -18.01 28.47 54.23
C LEU D 392 -17.18 29.39 55.11
N MET D 393 -15.87 29.19 55.15
CA MET D 393 -14.99 30.01 55.98
C MET D 393 -15.03 31.47 55.58
N ALA D 394 -15.10 31.75 54.28
CA ALA D 394 -15.20 33.14 53.79
C ALA D 394 -16.52 33.76 54.27
N GLY D 395 -17.62 33.03 54.12
CA GLY D 395 -18.91 33.44 54.62
C GLY D 395 -18.95 33.67 56.12
N LEU D 396 -18.35 32.76 56.89
CA LEU D 396 -18.30 32.88 58.33
C LEU D 396 -17.47 34.07 58.82
N ASP D 397 -16.37 34.36 58.12
CA ASP D 397 -15.56 35.54 58.42
C ASP D 397 -16.37 36.77 58.10
N GLY D 398 -17.20 36.68 57.07
CA GLY D 398 -18.08 37.77 56.68
C GLY D 398 -19.10 38.09 57.75
N ILE D 399 -19.62 37.05 58.38
CA ILE D 399 -20.61 37.22 59.44
C ILE D 399 -19.97 37.76 60.71
N LYS D 400 -18.91 37.12 61.18
CA LYS D 400 -18.20 37.57 62.39
C LYS D 400 -17.75 39.03 62.33
N ASN D 401 -17.24 39.46 61.19
CA ASN D 401 -16.79 40.85 61.03
C ASN D 401 -17.79 41.76 60.37
N LYS D 402 -19.04 41.32 60.27
CA LYS D 402 -20.13 42.09 59.65
C LYS D 402 -19.72 42.82 58.37
N ILE D 403 -18.99 42.14 57.48
CA ILE D 403 -18.50 42.75 56.27
C ILE D 403 -19.64 43.13 55.34
N GLU D 404 -19.66 44.40 54.93
CA GLU D 404 -20.69 44.90 54.03
C GLU D 404 -20.25 44.80 52.58
N PRO D 405 -21.04 44.09 51.75
CA PRO D 405 -20.73 44.02 50.33
C PRO D 405 -21.06 45.30 49.61
N GLN D 406 -20.43 45.56 48.47
CA GLN D 406 -20.83 46.65 47.58
C GLN D 406 -22.32 46.56 47.27
N ALA D 407 -22.91 47.69 46.90
CA ALA D 407 -24.28 47.71 46.40
C ALA D 407 -24.45 46.72 45.26
N PRO D 408 -25.53 45.92 45.29
CA PRO D 408 -25.86 44.98 44.21
C PRO D 408 -26.07 45.66 42.86
N VAL D 409 -25.83 44.91 41.77
CA VAL D 409 -25.99 45.44 40.41
C VAL D 409 -26.98 44.56 39.61
N ASP D 410 -28.14 45.14 39.26
CA ASP D 410 -29.18 44.43 38.51
C ASP D 410 -29.19 44.69 37.00
N LYS D 411 -28.50 45.75 36.58
CA LYS D 411 -28.30 46.08 35.16
C LYS D 411 -26.99 45.48 34.64
N ASP D 412 -26.93 45.20 33.34
CA ASP D 412 -25.77 44.54 32.71
C ASP D 412 -24.45 45.29 32.88
N ALA D 421 -18.44 50.73 35.10
CA ALA D 421 -17.64 50.13 34.02
C ALA D 421 -16.27 49.71 34.56
N ALA D 422 -15.38 50.69 34.76
CA ALA D 422 -14.12 50.48 35.49
C ALA D 422 -14.41 50.48 37.01
N SER D 423 -15.69 50.71 37.31
CA SER D 423 -16.20 50.80 38.68
C SER D 423 -16.21 49.45 39.42
N ILE D 424 -16.51 48.37 38.69
CA ILE D 424 -16.70 47.04 39.27
C ILE D 424 -15.38 46.23 39.32
N PRO D 425 -14.99 45.78 40.53
CA PRO D 425 -13.76 44.98 40.67
C PRO D 425 -13.88 43.56 40.07
N GLN D 426 -12.75 43.04 39.60
CA GLN D 426 -12.69 41.74 38.94
C GLN D 426 -11.96 40.71 39.81
N THR D 427 -12.25 39.44 39.57
CA THR D 427 -11.42 38.34 40.09
C THR D 427 -10.09 38.38 39.33
N PRO D 428 -8.97 37.99 39.98
CA PRO D 428 -7.71 37.94 39.25
C PRO D 428 -7.82 37.00 38.05
N THR D 429 -6.94 37.16 37.07
CA THR D 429 -7.12 36.49 35.79
C THR D 429 -6.14 35.32 35.55
N GLN D 430 -5.27 35.05 36.51
CA GLN D 430 -4.27 33.99 36.41
C GLN D 430 -4.23 33.20 37.70
N LEU D 431 -3.91 31.91 37.62
CA LEU D 431 -3.70 31.11 38.83
C LEU D 431 -2.60 31.67 39.75
N SER D 432 -1.52 32.17 39.16
CA SER D 432 -0.39 32.67 39.94
C SER D 432 -0.83 33.86 40.77
N ASP D 433 -1.68 34.71 40.21
CA ASP D 433 -2.22 35.85 40.97
C ASP D 433 -3.05 35.44 42.16
N VAL D 434 -3.96 34.47 41.96
CA VAL D 434 -4.81 34.01 43.04
C VAL D 434 -4.00 33.26 44.10
N ILE D 435 -2.94 32.59 43.69
CA ILE D 435 -2.05 31.95 44.66
C ILE D 435 -1.33 33.01 45.48
N ASP D 436 -0.92 34.10 44.83
CA ASP D 436 -0.34 35.24 45.56
C ASP D 436 -1.31 35.80 46.59
N ARG D 437 -2.56 35.98 46.17
CA ARG D 437 -3.58 36.50 47.06
C ARG D 437 -3.90 35.55 48.23
N LEU D 438 -3.86 34.25 47.99
CA LEU D 438 -4.04 33.28 49.07
C LEU D 438 -2.90 33.37 50.09
N GLU D 439 -1.68 33.53 49.59
CA GLU D 439 -0.50 33.69 50.44
C GLU D 439 -0.63 34.93 51.33
N ALA D 440 -1.16 36.00 50.77
CA ALA D 440 -1.30 37.27 51.48
C ALA D 440 -2.48 37.33 52.44
N ASP D 441 -3.49 36.48 52.23
CA ASP D 441 -4.74 36.59 52.98
C ASP D 441 -5.40 35.23 53.18
N HIS D 442 -4.94 34.47 54.17
CA HIS D 442 -5.51 33.15 54.45
C HIS D 442 -5.91 33.01 55.90
N GLU D 443 -5.92 34.13 56.60
CA GLU D 443 -6.27 34.16 58.01
C GLU D 443 -7.67 33.56 58.26
N TYR D 444 -8.63 33.91 57.41
CA TYR D 444 -10.00 33.44 57.56
C TYR D 444 -10.16 31.91 57.46
N LEU D 445 -9.24 31.27 56.74
CA LEU D 445 -9.24 29.82 56.56
C LEU D 445 -8.73 29.07 57.79
N THR D 446 -7.88 29.72 58.57
CA THR D 446 -7.26 29.09 59.76
C THR D 446 -8.08 29.24 61.05
N GLU D 447 -9.15 30.04 61.01
CA GLU D 447 -10.07 30.17 62.14
C GLU D 447 -10.54 28.80 62.60
N GLY D 448 -10.50 28.55 63.90
CA GLY D 448 -10.90 27.26 64.46
C GLY D 448 -10.04 26.10 64.02
N GLY D 449 -8.88 26.39 63.43
CA GLY D 449 -7.97 25.36 62.92
C GLY D 449 -8.52 24.49 61.79
N VAL D 450 -9.46 25.04 61.01
CA VAL D 450 -10.10 24.30 59.92
C VAL D 450 -9.07 23.98 58.84
N PHE D 451 -8.46 25.01 58.28
CA PHE D 451 -7.26 24.86 57.48
C PHE D 451 -6.10 25.21 58.41
N THR D 452 -4.93 24.61 58.20
CA THR D 452 -3.72 25.02 58.94
C THR D 452 -2.80 25.81 58.02
N ASN D 453 -1.95 26.66 58.61
CA ASN D 453 -0.91 27.35 57.85
C ASN D 453 -0.02 26.39 57.07
N ASP D 454 0.32 25.26 57.70
CA ASP D 454 1.10 24.20 57.08
C ASP D 454 0.47 23.76 55.75
N LEU D 455 -0.84 23.46 55.79
CA LEU D 455 -1.57 23.01 54.60
C LEU D 455 -1.60 24.06 53.50
N ILE D 456 -1.89 25.29 53.87
CA ILE D 456 -1.97 26.37 52.90
C ILE D 456 -0.63 26.63 52.21
N GLU D 457 0.46 26.56 52.97
CA GLU D 457 1.80 26.71 52.39
C GLU D 457 2.11 25.57 51.44
N THR D 458 1.65 24.36 51.77
CA THR D 458 1.85 23.19 50.94
C THR D 458 1.11 23.34 49.60
N TRP D 459 -0.14 23.79 49.70
CA TRP D 459 -0.98 24.06 48.53
C TRP D 459 -0.34 25.11 47.62
N ILE D 460 0.19 26.17 48.20
CA ILE D 460 0.87 27.22 47.44
C ILE D 460 2.13 26.70 46.71
N SER D 461 2.95 25.93 47.43
CA SER D 461 4.13 25.29 46.86
C SER D 461 3.78 24.38 45.69
N PHE D 462 2.86 23.45 45.95
CA PHE D 462 2.40 22.49 44.95
C PHE D 462 1.96 23.18 43.66
N LYS D 463 1.12 24.20 43.77
CA LYS D 463 0.60 24.88 42.59
C LYS D 463 1.67 25.64 41.85
N ARG D 464 2.61 26.21 42.59
CA ARG D 464 3.71 26.96 41.98
C ARG D 464 4.69 26.04 41.24
N GLU D 465 5.09 24.96 41.92
CA GLU D 465 6.13 24.08 41.41
C GLU D 465 5.65 23.07 40.39
N ASN D 466 4.41 22.58 40.55
CA ASN D 466 3.90 21.49 39.71
C ASN D 466 2.96 21.94 38.61
N GLU D 467 2.42 23.15 38.71
CA GLU D 467 1.40 23.61 37.78
C GLU D 467 1.75 24.93 37.09
N ILE D 468 1.86 26.00 37.86
CA ILE D 468 2.17 27.33 37.35
C ILE D 468 3.49 27.36 36.59
N GLU D 469 4.56 26.90 37.21
CA GLU D 469 5.87 27.00 36.59
C GLU D 469 6.03 26.09 35.36
N PRO D 470 5.64 24.79 35.48
CA PRO D 470 5.75 23.91 34.31
C PRO D 470 4.99 24.37 33.06
N VAL D 471 3.84 25.02 33.24
CA VAL D 471 3.14 25.63 32.09
C VAL D 471 3.91 26.83 31.58
N ASN D 472 4.29 27.72 32.50
CA ASN D 472 5.08 28.91 32.18
C ASN D 472 6.32 28.71 31.33
N ILE D 473 7.09 27.67 31.60
CA ILE D 473 8.37 27.48 30.93
C ILE D 473 8.23 26.84 29.56
N ARG D 474 7.02 26.41 29.22
CA ARG D 474 6.79 25.69 27.97
C ARG D 474 6.15 26.59 26.92
N PRO D 475 6.86 26.82 25.79
CA PRO D 475 6.32 27.63 24.71
C PRO D 475 4.97 27.11 24.29
N HIS D 476 4.04 28.05 24.08
CA HIS D 476 2.67 27.79 23.67
C HIS D 476 2.65 27.70 22.14
N PRO D 477 1.90 26.74 21.57
CA PRO D 477 1.84 26.63 20.12
C PRO D 477 1.54 27.96 19.43
N TYR D 478 0.65 28.75 20.00
CA TYR D 478 0.24 29.99 19.34
C TYR D 478 1.38 31.02 19.28
N GLU D 479 2.38 30.86 20.17
CA GLU D 479 3.57 31.71 20.16
C GLU D 479 4.36 31.49 18.87
N PHE D 480 4.29 30.29 18.32
CA PHE D 480 4.91 30.03 17.01
C PHE D 480 4.19 30.74 15.87
N ALA D 481 2.87 30.81 15.94
CA ALA D 481 2.11 31.55 14.96
C ALA D 481 2.47 33.04 15.05
N LEU D 482 2.63 33.54 16.27
CA LEU D 482 2.87 34.95 16.46
C LEU D 482 4.30 35.34 16.18
N TYR D 483 5.24 34.47 16.53
CA TYR D 483 6.63 34.89 16.69
C TYR D 483 7.72 34.18 15.89
N TYR D 484 7.38 33.06 15.24
CA TYR D 484 8.44 32.31 14.56
C TYR D 484 9.26 33.20 13.61
N ASP D 485 8.60 34.13 12.94
CA ASP D 485 9.26 34.93 11.92
C ASP D 485 9.63 36.35 12.36
N VAL D 486 9.74 36.61 13.66
CA VAL D 486 10.11 37.96 14.15
C VAL D 486 11.49 38.43 13.63
N LYS E 12 -1.87 -30.71 57.30
CA LYS E 12 -2.44 -31.51 56.18
C LYS E 12 -1.72 -32.85 55.96
N THR E 13 -2.52 -33.91 55.83
CA THR E 13 -2.01 -35.28 55.73
C THR E 13 -2.18 -35.84 54.32
N PRO E 14 -1.48 -36.93 53.99
CA PRO E 14 -1.75 -37.65 52.76
C PRO E 14 -3.23 -37.90 52.47
N ASP E 15 -3.99 -38.36 53.48
CA ASP E 15 -5.43 -38.63 53.28
C ASP E 15 -6.22 -37.38 52.87
N ASP E 16 -5.86 -36.23 53.42
CA ASP E 16 -6.47 -34.95 53.02
C ASP E 16 -6.31 -34.74 51.53
N VAL E 17 -5.11 -35.06 51.03
CA VAL E 17 -4.76 -34.88 49.63
C VAL E 17 -5.54 -35.82 48.73
N PHE E 18 -5.63 -37.10 49.11
CA PHE E 18 -6.42 -38.06 48.36
C PHE E 18 -7.88 -37.67 48.35
N LYS E 19 -8.35 -37.14 49.48
CA LYS E 19 -9.73 -36.71 49.58
C LYS E 19 -10.00 -35.55 48.63
N LEU E 20 -9.06 -34.60 48.59
CA LEU E 20 -9.13 -33.46 47.68
C LEU E 20 -9.16 -33.92 46.22
N ALA E 21 -8.27 -34.86 45.90
CA ALA E 21 -8.20 -35.42 44.55
C ALA E 21 -9.52 -36.06 44.10
N LYS E 22 -10.11 -36.86 44.99
CA LYS E 22 -11.35 -37.55 44.70
C LYS E 22 -12.53 -36.58 44.65
N ASP E 23 -12.64 -35.69 45.62
CA ASP E 23 -13.72 -34.69 45.62
C ASP E 23 -13.70 -33.80 44.40
N GLU E 24 -12.50 -33.39 43.96
CA GLU E 24 -12.38 -32.48 42.84
C GLU E 24 -12.35 -33.17 41.48
N LYS E 25 -12.41 -34.50 41.50
CA LYS E 25 -12.41 -35.33 40.28
C LYS E 25 -11.21 -34.99 39.40
N VAL E 26 -10.05 -34.96 40.04
CA VAL E 26 -8.79 -34.62 39.43
C VAL E 26 -8.43 -35.65 38.38
N GLU E 27 -7.97 -35.18 37.23
CA GLU E 27 -7.58 -36.06 36.16
C GLU E 27 -6.07 -36.33 36.15
N TYR E 28 -5.29 -35.31 36.50
CA TYR E 28 -3.83 -35.36 36.46
C TYR E 28 -3.21 -34.81 37.74
N VAL E 29 -2.01 -35.27 38.07
CA VAL E 29 -1.25 -34.70 39.17
C VAL E 29 0.03 -34.11 38.61
N ASP E 30 0.28 -32.85 38.92
CA ASP E 30 1.48 -32.17 38.43
C ASP E 30 2.57 -32.24 39.49
N VAL E 31 3.68 -32.90 39.14
CA VAL E 31 4.80 -33.11 40.06
C VAL E 31 5.75 -31.92 39.96
N ARG E 32 5.80 -31.10 40.99
CA ARG E 32 6.59 -29.86 40.95
C ARG E 32 7.79 -29.90 41.85
N PHE E 33 8.90 -29.35 41.37
CA PHE E 33 10.12 -29.20 42.17
C PHE E 33 10.85 -27.93 41.73
N CYS E 34 11.63 -27.35 42.64
CA CYS E 34 12.24 -26.06 42.37
C CYS E 34 13.64 -26.21 41.84
N ASP E 35 13.99 -25.44 40.81
CA ASP E 35 15.36 -25.45 40.35
C ASP E 35 16.18 -24.40 41.11
N LEU E 36 17.48 -24.40 40.89
CA LEU E 36 18.35 -23.54 41.63
C LEU E 36 18.05 -22.02 41.53
N PRO E 37 18.03 -21.45 40.31
CA PRO E 37 17.69 -20.02 40.26
C PRO E 37 16.30 -19.61 40.78
N GLY E 38 15.32 -20.51 40.78
CA GLY E 38 14.05 -20.24 41.44
C GLY E 38 12.78 -20.43 40.62
N ILE E 39 12.91 -21.10 39.47
CA ILE E 39 11.76 -21.43 38.62
C ILE E 39 11.26 -22.84 38.93
N MET E 40 9.96 -23.00 39.10
CA MET E 40 9.38 -24.31 39.35
C MET E 40 9.37 -25.17 38.09
N GLN E 41 9.78 -26.43 38.25
CA GLN E 41 9.80 -27.40 37.18
C GLN E 41 8.66 -28.38 37.39
N HIS E 42 8.25 -29.08 36.33
CA HIS E 42 7.18 -30.05 36.48
C HIS E 42 7.20 -31.17 35.45
N PHE E 43 6.59 -32.29 35.82
CA PHE E 43 6.09 -33.27 34.87
C PHE E 43 4.73 -33.74 35.39
N THR E 44 3.98 -34.45 34.55
CA THR E 44 2.61 -34.80 34.91
C THR E 44 2.38 -36.31 34.86
N ILE E 45 1.61 -36.80 35.83
CA ILE E 45 1.20 -38.20 35.90
C ILE E 45 -0.34 -38.27 35.93
N PRO E 46 -0.92 -39.41 35.49
CA PRO E 46 -2.38 -39.53 35.61
C PRO E 46 -2.74 -39.66 37.08
N ALA E 47 -3.89 -39.10 37.46
CA ALA E 47 -4.35 -39.17 38.84
C ALA E 47 -4.41 -40.61 39.36
N SER E 48 -4.88 -41.52 38.51
CA SER E 48 -4.98 -42.94 38.86
C SER E 48 -3.67 -43.59 39.32
N ALA E 49 -2.54 -42.89 39.16
CA ALA E 49 -1.23 -43.40 39.59
C ALA E 49 -0.75 -42.61 40.78
N PHE E 50 -1.63 -41.79 41.32
CA PHE E 50 -1.32 -41.07 42.54
C PHE E 50 -1.97 -41.76 43.74
N ASP E 51 -1.17 -42.54 44.46
CA ASP E 51 -1.64 -43.39 45.57
C ASP E 51 -0.67 -43.32 46.76
N LYS E 52 -0.85 -44.19 47.77
CA LYS E 52 -0.01 -44.18 48.98
C LYS E 52 1.48 -44.37 48.69
N SER E 53 1.78 -45.18 47.68
CA SER E 53 3.17 -45.44 47.31
C SER E 53 3.93 -44.21 46.81
N VAL E 54 3.19 -43.14 46.49
CA VAL E 54 3.82 -41.86 46.14
C VAL E 54 4.39 -41.22 47.40
N PHE E 55 3.62 -41.22 48.49
CA PHE E 55 4.10 -40.66 49.75
C PHE E 55 5.16 -41.52 50.44
N ASP E 56 5.04 -42.84 50.31
CA ASP E 56 5.96 -43.76 50.98
C ASP E 56 7.26 -43.96 50.21
N ASP E 57 7.17 -44.31 48.93
CA ASP E 57 8.35 -44.68 48.15
C ASP E 57 8.88 -43.53 47.30
N GLY E 58 7.99 -42.63 46.89
CA GLY E 58 8.36 -41.51 46.02
C GLY E 58 8.27 -41.83 44.54
N LEU E 59 8.56 -40.85 43.70
CA LEU E 59 8.52 -41.03 42.26
C LEU E 59 9.91 -40.94 41.71
N ALA E 60 10.25 -41.91 40.86
CA ALA E 60 11.53 -41.93 40.18
C ALA E 60 11.45 -41.04 38.96
N PHE E 61 12.53 -40.31 38.70
CA PHE E 61 12.62 -39.49 37.51
C PHE E 61 14.10 -39.31 37.13
N ASP E 62 14.38 -39.30 35.82
CA ASP E 62 15.74 -39.12 35.29
C ASP E 62 16.46 -37.95 35.96
N GLY E 63 17.65 -38.22 36.50
CA GLY E 63 18.30 -37.29 37.42
C GLY E 63 19.22 -36.23 36.82
N SER E 64 19.30 -36.19 35.50
CA SER E 64 19.93 -35.09 34.80
C SER E 64 18.83 -34.06 34.48
N SER E 65 17.60 -34.57 34.45
CA SER E 65 16.41 -33.77 34.22
C SER E 65 16.00 -33.03 35.52
N ILE E 66 16.09 -33.74 36.65
CA ILE E 66 15.84 -33.17 37.99
C ILE E 66 16.93 -32.18 38.43
N ARG E 67 18.16 -32.43 37.98
CA ARG E 67 19.31 -31.62 38.40
C ARG E 67 19.56 -30.38 37.54
N GLY E 68 19.07 -30.38 36.31
CA GLY E 68 19.19 -29.22 35.42
C GLY E 68 20.47 -29.09 34.60
N PHE E 69 21.46 -29.92 34.92
CA PHE E 69 22.71 -30.00 34.14
C PHE E 69 23.02 -31.44 33.70
N GLN E 70 23.91 -31.58 32.73
CA GLN E 70 24.18 -32.87 32.09
C GLN E 70 25.51 -33.51 32.49
N SER E 75 22.57 -39.89 39.88
CA SER E 75 22.09 -39.52 38.55
C SER E 75 20.56 -39.61 38.45
N ASP E 76 19.97 -40.74 38.84
CA ASP E 76 18.51 -40.85 38.97
C ASP E 76 18.08 -40.23 40.29
N MET E 77 16.98 -39.47 40.29
CA MET E 77 16.55 -38.85 41.55
C MET E 77 15.17 -39.29 41.96
N LEU E 78 14.91 -39.23 43.27
CA LEU E 78 13.65 -39.63 43.84
C LEU E 78 12.91 -38.42 44.40
N LEU E 79 11.62 -38.31 44.11
CA LEU E 79 10.83 -37.15 44.53
C LEU E 79 9.78 -37.51 45.57
N LEU E 80 9.78 -36.81 46.69
CA LEU E 80 8.80 -37.09 47.74
C LEU E 80 7.85 -35.91 47.96
N PRO E 81 6.54 -36.17 47.97
CA PRO E 81 5.56 -35.08 48.01
C PRO E 81 5.44 -34.40 49.39
N ASP E 82 5.16 -33.10 49.38
CA ASP E 82 4.80 -32.33 50.56
C ASP E 82 3.30 -32.05 50.54
N PRO E 83 2.54 -32.76 51.40
CA PRO E 83 1.07 -32.70 51.38
C PRO E 83 0.49 -31.29 51.62
N GLU E 84 1.25 -30.45 52.32
CA GLU E 84 0.84 -29.07 52.60
C GLU E 84 0.75 -28.19 51.33
N THR E 85 1.44 -28.58 50.27
CA THR E 85 1.54 -27.75 49.07
C THR E 85 0.53 -28.11 47.97
N ALA E 86 -0.34 -29.09 48.24
CA ALA E 86 -1.34 -29.55 47.28
C ALA E 86 -2.40 -28.50 47.00
N ARG E 87 -2.58 -28.17 45.71
CA ARG E 87 -3.56 -27.19 45.27
C ARG E 87 -4.17 -27.54 43.91
N ILE E 88 -5.44 -27.25 43.73
CA ILE E 88 -6.08 -27.38 42.43
C ILE E 88 -5.55 -26.28 41.54
N ASP E 89 -5.05 -26.63 40.37
CA ASP E 89 -4.63 -25.63 39.40
C ASP E 89 -5.85 -24.95 38.79
N PRO E 90 -5.95 -23.62 38.92
CA PRO E 90 -7.15 -22.94 38.38
C PRO E 90 -7.09 -22.63 36.88
N PHE E 91 -5.99 -22.95 36.22
CA PHE E 91 -5.80 -22.53 34.84
C PHE E 91 -5.86 -23.66 33.85
N ARG E 92 -5.39 -24.84 34.26
CA ARG E 92 -5.28 -25.99 33.38
C ARG E 92 -6.64 -26.58 33.03
N ALA E 93 -6.93 -26.74 31.75
CA ALA E 93 -8.23 -27.20 31.29
C ALA E 93 -8.58 -28.59 31.84
N ALA E 94 -7.63 -29.52 31.76
CA ALA E 94 -7.79 -30.82 32.40
C ALA E 94 -7.60 -30.66 33.90
N LYS E 95 -8.54 -31.18 34.69
CA LYS E 95 -8.54 -30.95 36.14
C LYS E 95 -7.28 -31.52 36.82
N THR E 96 -6.46 -30.63 37.36
CA THR E 96 -5.12 -31.01 37.81
C THR E 96 -4.84 -30.63 39.27
N LEU E 97 -4.22 -31.52 39.99
CA LEU E 97 -3.72 -31.23 41.30
C LEU E 97 -2.20 -30.98 41.25
N ASN E 98 -1.76 -29.80 41.70
CA ASN E 98 -0.32 -29.47 41.84
C ASN E 98 0.21 -29.80 43.22
N ILE E 99 1.31 -30.52 43.30
CA ILE E 99 1.98 -30.78 44.56
C ILE E 99 3.49 -30.55 44.42
N ASN E 100 4.10 -29.94 45.44
CA ASN E 100 5.55 -29.75 45.48
C ASN E 100 6.26 -30.94 46.11
N PHE E 101 7.48 -31.20 45.65
CA PHE E 101 8.22 -32.37 46.09
C PHE E 101 9.63 -31.99 46.60
N PHE E 102 10.21 -32.87 47.39
CA PHE E 102 11.59 -32.76 47.82
C PHE E 102 12.37 -33.78 46.96
N VAL E 103 13.62 -33.43 46.64
CA VAL E 103 14.49 -34.31 45.89
C VAL E 103 15.38 -35.13 46.83
N HIS E 104 15.31 -36.45 46.70
CA HIS E 104 16.14 -37.35 47.48
C HIS E 104 16.98 -38.24 46.56
N ASP E 105 18.13 -38.67 47.08
CA ASP E 105 18.96 -39.72 46.45
C ASP E 105 18.23 -41.07 46.54
N PRO E 106 18.17 -41.82 45.42
CA PRO E 106 17.36 -43.05 45.40
C PRO E 106 17.91 -44.15 46.31
N PHE E 107 19.22 -44.33 46.33
CA PHE E 107 19.85 -45.37 47.15
C PHE E 107 19.78 -45.03 48.65
N THR E 108 20.26 -43.85 49.03
CA THR E 108 20.42 -43.47 50.44
C THR E 108 19.18 -42.83 51.08
N LEU E 109 18.23 -42.38 50.26
CA LEU E 109 17.08 -41.56 50.70
C LEU E 109 17.48 -40.21 51.28
N GLU E 110 18.73 -39.82 51.07
CA GLU E 110 19.24 -38.56 51.61
C GLU E 110 18.65 -37.39 50.84
N PRO E 111 18.25 -36.32 51.55
CA PRO E 111 17.81 -35.11 50.85
C PRO E 111 18.95 -34.57 49.99
N TYR E 112 18.67 -34.33 48.71
CA TYR E 112 19.66 -33.76 47.80
C TYR E 112 20.04 -32.35 48.22
N SER E 113 21.33 -32.11 48.34
CA SER E 113 21.81 -30.87 48.94
C SER E 113 21.62 -29.59 48.08
N ARG E 114 21.21 -29.76 46.81
CA ARG E 114 21.00 -28.61 45.92
C ARG E 114 19.54 -28.32 45.57
N ASP E 115 18.62 -29.05 46.19
CA ASP E 115 17.21 -28.76 46.07
C ASP E 115 16.86 -27.69 47.09
N PRO E 116 16.48 -26.49 46.60
CA PRO E 116 16.14 -25.36 47.46
C PRO E 116 15.10 -25.69 48.51
N ARG E 117 14.18 -26.60 48.22
CA ARG E 117 13.15 -26.95 49.18
C ARG E 117 13.76 -27.72 50.38
N ASN E 118 14.73 -28.57 50.10
CA ASN E 118 15.45 -29.26 51.17
C ASN E 118 16.24 -28.30 52.05
N ILE E 119 16.79 -27.27 51.42
CA ILE E 119 17.57 -26.26 52.12
C ILE E 119 16.70 -25.46 53.10
N ALA E 120 15.49 -25.11 52.64
CA ALA E 120 14.50 -24.47 53.51
C ALA E 120 14.10 -25.40 54.67
N ARG E 121 13.93 -26.69 54.40
CA ARG E 121 13.63 -27.66 55.44
C ARG E 121 14.80 -27.81 56.42
N LYS E 122 16.01 -27.92 55.88
CA LYS E 122 17.20 -28.02 56.71
C LYS E 122 17.32 -26.78 57.62
N ALA E 123 16.99 -25.60 57.08
CA ALA E 123 17.01 -24.37 57.86
C ALA E 123 16.08 -24.45 59.08
N GLU E 124 14.85 -24.94 58.87
CA GLU E 124 13.87 -25.06 59.93
C GLU E 124 14.30 -26.04 61.02
N ASN E 125 14.84 -27.18 60.60
CA ASN E 125 15.34 -28.20 61.52
C ASN E 125 16.55 -27.69 62.32
N TYR E 126 17.43 -26.95 61.65
CA TYR E 126 18.60 -26.37 62.31
C TYR E 126 18.18 -25.40 63.41
N LEU E 127 17.20 -24.55 63.11
CA LEU E 127 16.64 -23.65 64.11
C LEU E 127 16.29 -24.42 65.38
N ILE E 128 15.47 -25.47 65.24
CA ILE E 128 15.06 -26.31 66.36
C ILE E 128 16.29 -26.84 67.12
N SER E 129 17.26 -27.37 66.39
CA SER E 129 18.43 -27.98 67.00
C SER E 129 19.30 -27.02 67.82
N THR E 130 19.19 -25.71 67.56
CA THR E 130 19.98 -24.73 68.30
C THR E 130 19.30 -24.38 69.64
N GLY E 131 18.03 -24.75 69.80
CA GLY E 131 17.27 -24.42 71.00
C GLY E 131 16.86 -22.94 71.08
N ILE E 132 17.33 -22.12 70.15
CA ILE E 132 16.98 -20.69 70.15
C ILE E 132 15.49 -20.44 69.96
N ALA E 133 14.85 -21.17 69.04
CA ALA E 133 13.41 -21.09 68.77
C ALA E 133 12.96 -22.35 68.09
N ASP E 134 11.66 -22.56 67.96
CA ASP E 134 11.18 -23.72 67.19
C ASP E 134 10.48 -23.38 65.84
N THR E 135 10.12 -22.12 65.63
CA THR E 135 9.43 -21.70 64.42
C THR E 135 9.92 -20.35 63.94
N ALA E 136 10.19 -20.25 62.65
CA ALA E 136 10.53 -18.99 62.00
C ALA E 136 9.41 -18.62 61.04
N TYR E 137 8.77 -17.48 61.27
CA TYR E 137 7.70 -17.01 60.40
C TYR E 137 8.20 -15.99 59.39
N PHE E 138 7.80 -16.15 58.14
CA PHE E 138 8.16 -15.21 57.10
C PHE E 138 6.91 -14.70 56.40
N GLY E 139 6.85 -13.39 56.26
CA GLY E 139 5.76 -12.73 55.56
C GLY E 139 6.37 -11.90 54.45
N ALA E 140 5.83 -12.02 53.25
CA ALA E 140 6.42 -11.31 52.13
C ALA E 140 5.38 -10.52 51.40
N GLU E 141 5.75 -9.30 51.04
CA GLU E 141 4.92 -8.44 50.19
C GLU E 141 5.65 -8.20 48.85
N ALA E 142 5.18 -8.85 47.80
CA ALA E 142 5.85 -8.84 46.50
C ALA E 142 5.08 -8.07 45.43
N GLU E 143 5.75 -7.09 44.86
CA GLU E 143 5.20 -6.28 43.79
C GLU E 143 5.48 -6.91 42.44
N PHE E 144 4.68 -6.52 41.44
CA PHE E 144 4.91 -6.95 40.07
C PHE E 144 4.34 -5.92 39.08
N TYR E 145 4.68 -6.05 37.80
CA TYR E 145 4.13 -5.18 36.77
C TYR E 145 3.29 -5.97 35.79
N ILE E 146 2.19 -5.36 35.35
CA ILE E 146 1.35 -5.91 34.31
C ILE E 146 1.62 -5.17 33.02
N PHE E 147 2.06 -5.89 31.97
CA PHE E 147 2.25 -5.29 30.66
C PHE E 147 1.35 -5.93 29.61
N ASP E 148 1.24 -5.27 28.45
CA ASP E 148 0.56 -5.85 27.31
C ASP E 148 1.54 -6.59 26.43
N SER E 149 2.82 -6.19 26.42
CA SER E 149 3.82 -6.80 25.56
C SER E 149 5.27 -6.58 25.99
N VAL E 150 6.14 -7.49 25.57
CA VAL E 150 7.57 -7.41 25.79
C VAL E 150 8.28 -8.04 24.62
N SER E 151 9.35 -7.41 24.17
CA SER E 151 10.23 -8.00 23.19
C SER E 151 11.63 -7.46 23.35
N PHE E 152 12.61 -8.24 22.88
CA PHE E 152 14.01 -7.93 23.06
C PHE E 152 14.90 -8.85 22.23
N ASP E 153 16.11 -8.41 21.94
CA ASP E 153 17.12 -9.30 21.43
C ASP E 153 18.51 -8.70 21.62
N SER E 154 19.52 -9.51 21.33
CA SER E 154 20.88 -9.14 21.54
C SER E 154 21.64 -9.75 20.36
N ARG E 155 22.09 -8.89 19.44
CA ARG E 155 22.77 -9.32 18.21
C ARG E 155 24.16 -8.69 18.13
N ALA E 156 24.92 -9.04 17.11
CA ALA E 156 26.29 -8.52 16.98
C ALA E 156 26.34 -7.00 16.79
N ASN E 157 25.39 -6.47 16.04
CA ASN E 157 25.41 -5.08 15.64
C ASN E 157 24.34 -4.22 16.31
N GLY E 158 23.66 -4.78 17.31
CA GLY E 158 22.52 -4.09 17.88
C GLY E 158 21.74 -4.91 18.90
N SER E 159 20.90 -4.22 19.65
CA SER E 159 20.26 -4.76 20.81
C SER E 159 19.09 -3.83 21.18
N PHE E 160 17.98 -4.42 21.62
CA PHE E 160 16.87 -3.62 22.13
C PHE E 160 16.06 -4.40 23.16
N TYR E 161 15.27 -3.65 23.94
CA TYR E 161 14.12 -4.19 24.62
C TYR E 161 13.01 -3.14 24.58
N GLU E 162 11.78 -3.59 24.78
CA GLU E 162 10.63 -2.71 24.80
C GLU E 162 9.52 -3.42 25.58
N VAL E 163 9.07 -2.79 26.65
CA VAL E 163 7.87 -3.25 27.33
C VAL E 163 6.80 -2.21 27.05
N ASP E 164 5.55 -2.65 27.00
CA ASP E 164 4.49 -1.73 26.67
C ASP E 164 3.17 -2.06 27.32
N ALA E 165 2.34 -1.04 27.48
CA ALA E 165 1.01 -1.17 28.03
C ALA E 165 0.18 -0.04 27.45
N ILE E 166 -1.05 -0.37 27.09
CA ILE E 166 -1.99 0.58 26.51
C ILE E 166 -2.06 1.83 27.40
N SER E 167 -2.15 1.59 28.71
CA SER E 167 -2.32 2.66 29.69
C SER E 167 -1.00 3.26 30.26
N GLY E 168 0.14 2.81 29.74
CA GLY E 168 1.42 3.38 30.17
C GLY E 168 1.49 4.88 29.96
N TRP E 169 2.09 5.58 30.91
CA TRP E 169 2.16 7.03 30.86
C TRP E 169 2.98 7.60 29.69
N TRP E 170 3.80 6.78 29.05
CA TRP E 170 4.62 7.22 27.90
C TRP E 170 3.80 7.20 26.60
N ASN E 171 2.53 6.85 26.69
CA ASN E 171 1.69 6.68 25.52
C ASN E 171 0.59 7.73 25.34
N THR E 172 0.71 8.88 26.01
CA THR E 172 -0.36 9.87 25.97
C THR E 172 -0.55 10.47 24.58
N GLY E 173 0.51 10.39 23.77
CA GLY E 173 0.50 10.97 22.43
C GLY E 173 0.00 10.08 21.30
N ALA E 174 -0.20 8.80 21.58
CA ALA E 174 -0.62 7.83 20.57
C ALA E 174 -1.93 8.26 19.87
N ALA E 175 -1.89 8.30 18.54
CA ALA E 175 -3.08 8.62 17.75
C ALA E 175 -4.19 7.57 17.93
N THR E 176 -3.82 6.29 17.90
CA THR E 176 -4.75 5.21 18.18
C THR E 176 -3.99 4.17 18.98
N GLU E 177 -4.71 3.28 19.65
CA GLU E 177 -4.08 2.21 20.41
C GLU E 177 -3.53 1.15 19.46
N ALA E 178 -2.78 0.18 20.01
CA ALA E 178 -2.18 -0.90 19.23
C ALA E 178 -3.19 -1.66 18.36
N ASP E 179 -4.42 -1.82 18.84
CA ASP E 179 -5.48 -2.49 18.07
C ASP E 179 -6.26 -1.55 17.14
N GLY E 180 -5.87 -0.29 17.05
CA GLY E 180 -6.55 0.63 16.16
C GLY E 180 -7.73 1.35 16.78
N SER E 181 -8.05 1.03 18.02
CA SER E 181 -9.13 1.72 18.72
C SER E 181 -8.62 3.10 19.21
N PRO E 182 -9.54 4.02 19.51
CA PRO E 182 -9.09 5.38 19.81
C PRO E 182 -8.41 5.51 21.19
N ASN E 183 -7.50 6.47 21.30
CA ASN E 183 -6.87 6.81 22.57
C ASN E 183 -7.87 7.53 23.49
N ARG E 184 -8.14 6.97 24.66
CA ARG E 184 -9.17 7.53 25.54
C ARG E 184 -8.61 8.24 26.76
N GLY E 185 -7.28 8.39 26.77
CA GLY E 185 -6.58 9.09 27.85
C GLY E 185 -6.59 8.36 29.17
N TYR E 186 -6.50 9.14 30.26
CA TYR E 186 -6.42 8.63 31.63
C TYR E 186 -5.15 7.82 31.90
N LYS E 187 -4.06 8.20 31.24
CA LYS E 187 -2.80 7.47 31.31
C LYS E 187 -1.81 8.11 32.27
N VAL E 188 -1.81 9.44 32.36
CA VAL E 188 -0.74 10.16 33.06
C VAL E 188 -0.72 9.91 34.58
N ARG E 189 0.46 9.68 35.15
CA ARG E 189 0.65 9.60 36.59
C ARG E 189 0.71 11.00 37.16
N HIS E 190 -0.13 11.29 38.13
CA HIS E 190 -0.15 12.63 38.74
C HIS E 190 0.66 12.67 40.01
N LYS E 191 1.14 13.87 40.33
CA LYS E 191 1.75 14.13 41.63
C LYS E 191 0.66 14.09 42.71
N GLY E 192 1.01 13.58 43.90
CA GLY E 192 0.11 13.61 45.05
C GLY E 192 -0.67 12.33 45.40
N GLY E 193 -0.75 11.37 44.48
CA GLY E 193 -1.54 10.17 44.72
C GLY E 193 -1.16 9.02 43.81
N TYR E 194 -0.69 7.93 44.41
CA TYR E 194 -0.24 6.77 43.65
C TYR E 194 -1.32 5.76 43.30
N PHE E 195 -2.48 5.83 43.95
CA PHE E 195 -3.51 4.81 43.78
C PHE E 195 -4.88 5.33 43.35
N PRO E 196 -4.94 6.08 42.22
CA PRO E 196 -6.22 6.67 41.84
C PRO E 196 -7.27 5.64 41.45
N VAL E 197 -8.55 5.97 41.63
CA VAL E 197 -9.65 5.10 41.19
C VAL E 197 -9.79 5.10 39.66
N ALA E 198 -10.60 4.17 39.17
CA ALA E 198 -10.98 4.11 37.76
C ALA E 198 -11.59 5.44 37.31
N PRO E 199 -11.38 5.84 36.04
CA PRO E 199 -10.67 5.14 34.97
C PRO E 199 -9.15 5.31 34.99
N ASN E 200 -8.60 6.09 35.91
CA ASN E 200 -7.13 6.19 36.03
C ASN E 200 -6.52 4.81 36.32
N ASP E 201 -7.20 4.06 37.18
CA ASP E 201 -6.86 2.69 37.45
C ASP E 201 -7.45 1.83 36.36
N GLN E 202 -6.59 1.32 35.49
CA GLN E 202 -7.05 0.61 34.31
C GLN E 202 -6.93 -0.90 34.44
N TYR E 203 -6.60 -1.37 35.64
CA TYR E 203 -6.42 -2.81 35.87
C TYR E 203 -7.31 -3.41 36.96
N VAL E 204 -8.37 -2.69 37.35
CA VAL E 204 -9.23 -3.11 38.47
C VAL E 204 -9.76 -4.55 38.33
N ASP E 205 -10.43 -4.84 37.23
CA ASP E 205 -11.00 -6.17 37.03
C ASP E 205 -9.97 -7.32 37.01
N LEU E 206 -8.82 -7.07 36.38
CA LEU E 206 -7.76 -8.06 36.31
C LEU E 206 -7.15 -8.33 37.68
N ARG E 207 -6.91 -7.29 38.47
CA ARG E 207 -6.38 -7.46 39.82
C ARG E 207 -7.37 -8.26 40.68
N ASP E 208 -8.66 -7.96 40.55
CA ASP E 208 -9.69 -8.68 41.28
C ASP E 208 -9.67 -10.16 40.94
N LYS E 209 -9.42 -10.45 39.66
CA LYS E 209 -9.31 -11.83 39.20
C LYS E 209 -8.14 -12.52 39.89
N MET E 210 -7.02 -11.81 39.98
CA MET E 210 -5.86 -12.31 40.71
C MET E 210 -6.18 -12.56 42.18
N LEU E 211 -6.83 -11.60 42.81
CA LEU E 211 -7.25 -11.70 44.21
C LEU E 211 -8.15 -12.91 44.40
N THR E 212 -9.17 -13.04 43.55
CA THR E 212 -10.10 -14.15 43.64
C THR E 212 -9.39 -15.48 43.52
N ASN E 213 -8.49 -15.60 42.54
CA ASN E 213 -7.69 -16.82 42.37
C ASN E 213 -6.80 -17.15 43.55
N LEU E 214 -6.22 -16.13 44.17
CA LEU E 214 -5.43 -16.36 45.38
C LEU E 214 -6.28 -16.92 46.51
N ILE E 215 -7.43 -16.29 46.79
CA ILE E 215 -8.36 -16.74 47.82
C ILE E 215 -8.83 -18.17 47.55
N ASN E 216 -9.20 -18.47 46.31
CA ASN E 216 -9.60 -19.82 45.93
C ASN E 216 -8.48 -20.84 46.06
N SER E 217 -7.24 -20.35 46.07
CA SER E 217 -6.07 -21.22 46.19
C SER E 217 -5.52 -21.35 47.59
N GLY E 218 -6.34 -21.01 48.59
CA GLY E 218 -5.95 -21.17 49.99
C GLY E 218 -5.15 -20.05 50.64
N PHE E 219 -4.91 -18.96 49.92
CA PHE E 219 -4.25 -17.82 50.55
C PHE E 219 -5.23 -17.21 51.55
N ILE E 220 -4.71 -16.76 52.69
CA ILE E 220 -5.55 -16.20 53.71
C ILE E 220 -5.36 -14.70 53.73
N LEU E 221 -6.44 -13.99 53.49
CA LEU E 221 -6.46 -12.54 53.51
C LEU E 221 -7.41 -12.12 54.63
N GLU E 222 -6.84 -11.45 55.63
CA GLU E 222 -7.61 -10.93 56.78
C GLU E 222 -7.18 -9.51 57.09
N LYS E 223 -7.30 -9.11 58.36
CA LYS E 223 -6.88 -7.78 58.79
C LYS E 223 -5.47 -7.44 58.29
N GLY E 224 -5.35 -6.31 57.61
CA GLY E 224 -4.04 -5.82 57.15
C GLY E 224 -3.59 -6.34 55.78
N HIS E 225 -4.45 -7.13 55.15
CA HIS E 225 -4.15 -7.66 53.81
C HIS E 225 -5.00 -6.97 52.75
N HIS E 226 -4.37 -6.64 51.63
CA HIS E 226 -5.04 -5.82 50.63
C HIS E 226 -4.52 -6.04 49.23
N GLU E 227 -5.32 -5.57 48.27
CA GLU E 227 -4.95 -5.53 46.88
C GLU E 227 -4.72 -4.07 46.50
N VAL E 228 -3.54 -3.76 45.99
CA VAL E 228 -3.18 -2.39 45.63
C VAL E 228 -2.64 -2.30 44.21
N GLY E 229 -2.94 -1.19 43.55
CA GLY E 229 -2.46 -0.94 42.20
C GLY E 229 -2.01 0.48 41.98
N SER E 230 -0.97 0.66 41.17
CA SER E 230 -0.45 1.96 40.83
C SER E 230 0.10 1.91 39.41
N GLY E 231 -0.60 2.58 38.47
CA GLY E 231 -0.32 2.41 37.04
C GLY E 231 -0.41 0.94 36.68
N GLY E 232 0.61 0.43 36.01
CA GLY E 232 0.70 -1.02 35.77
C GLY E 232 1.27 -1.87 36.92
N GLN E 233 1.63 -1.26 38.04
CA GLN E 233 2.25 -2.00 39.12
C GLN E 233 1.19 -2.42 40.12
N ALA E 234 1.40 -3.57 40.77
CA ALA E 234 0.42 -4.10 41.71
C ALA E 234 1.07 -4.96 42.79
N GLU E 235 0.30 -5.18 43.86
CA GLU E 235 0.71 -6.03 44.97
C GLU E 235 -0.54 -6.57 45.66
N ILE E 236 -0.52 -7.85 46.02
CA ILE E 236 -1.52 -8.42 46.91
C ILE E 236 -0.79 -9.18 48.00
N ASN E 237 -0.97 -8.76 49.23
CA ASN E 237 -0.28 -9.41 50.35
C ASN E 237 -1.23 -10.33 51.04
N TYR E 238 -0.70 -11.22 51.87
CA TYR E 238 -1.48 -12.33 52.41
C TYR E 238 -0.80 -12.84 53.68
N GLN E 239 -1.49 -13.69 54.43
CA GLN E 239 -0.98 -14.12 55.73
C GLN E 239 0.35 -14.87 55.64
N PHE E 240 1.27 -14.51 56.52
CA PHE E 240 2.58 -15.14 56.63
C PHE E 240 2.45 -16.65 56.93
N ASN E 241 3.60 -17.31 56.94
CA ASN E 241 3.67 -18.75 57.16
C ASN E 241 5.05 -19.12 57.72
N SER E 242 5.21 -20.36 58.17
CA SER E 242 6.52 -20.84 58.62
C SER E 242 7.43 -20.92 57.38
N LEU E 243 8.74 -20.83 57.61
CA LEU E 243 9.72 -20.57 56.55
C LEU E 243 9.49 -21.32 55.23
N LEU E 244 9.65 -22.64 55.24
CA LEU E 244 9.49 -23.43 54.03
C LEU E 244 8.15 -23.15 53.32
N HIS E 245 7.05 -23.21 54.06
CA HIS E 245 5.73 -23.06 53.45
C HIS E 245 5.43 -21.64 53.00
N ALA E 246 6.10 -20.66 53.62
CA ALA E 246 6.04 -19.26 53.19
C ALA E 246 6.67 -19.13 51.81
N ALA E 247 7.78 -19.81 51.59
CA ALA E 247 8.42 -19.82 50.28
C ALA E 247 7.58 -20.58 49.24
N ASP E 248 6.99 -21.70 49.63
CA ASP E 248 6.01 -22.38 48.78
C ASP E 248 4.86 -21.43 48.38
N ASP E 249 4.32 -20.70 49.35
CA ASP E 249 3.31 -19.66 49.11
C ASP E 249 3.75 -18.60 48.10
N MET E 250 4.99 -18.13 48.21
CA MET E 250 5.55 -17.17 47.28
C MET E 250 5.58 -17.73 45.86
N GLN E 251 6.11 -18.94 45.70
CA GLN E 251 6.12 -19.59 44.38
C GLN E 251 4.71 -19.70 43.78
N LEU E 252 3.75 -20.06 44.62
CA LEU E 252 2.36 -20.21 44.20
C LEU E 252 1.71 -18.88 43.87
N TYR E 253 2.08 -17.84 44.63
CA TYR E 253 1.64 -16.47 44.37
C TYR E 253 2.08 -15.98 42.98
N LYS E 254 3.39 -16.11 42.71
CA LYS E 254 3.94 -15.74 41.41
C LYS E 254 3.27 -16.54 40.30
N TYR E 255 3.13 -17.84 40.49
CA TYR E 255 2.42 -18.70 39.52
C TYR E 255 1.00 -18.19 39.22
N ILE E 256 0.24 -17.82 40.27
CA ILE E 256 -1.13 -17.39 40.10
C ILE E 256 -1.25 -16.02 39.45
N ILE E 257 -0.38 -15.11 39.86
CA ILE E 257 -0.32 -13.78 39.26
C ILE E 257 0.05 -13.89 37.77
N LYS E 258 1.14 -14.57 37.45
CA LYS E 258 1.58 -14.69 36.02
C LYS E 258 0.50 -15.29 35.12
N ASN E 259 -0.17 -16.34 35.60
CA ASN E 259 -1.10 -17.07 34.78
C ASN E 259 -2.48 -16.46 34.71
N THR E 260 -2.90 -15.77 35.77
CA THR E 260 -4.12 -14.98 35.69
C THR E 260 -3.94 -13.93 34.58
N ALA E 261 -2.79 -13.26 34.57
CA ALA E 261 -2.46 -12.27 33.54
C ALA E 261 -2.46 -12.88 32.17
N TRP E 262 -1.75 -14.01 32.04
CA TRP E 262 -1.61 -14.72 30.77
C TRP E 262 -2.98 -15.11 30.17
N GLN E 263 -3.86 -15.65 31.01
CA GLN E 263 -5.20 -16.03 30.56
C GLN E 263 -6.07 -14.85 30.15
N ASN E 264 -5.70 -13.66 30.57
CA ASN E 264 -6.47 -12.49 30.21
C ASN E 264 -5.74 -11.59 29.25
N GLY E 265 -4.91 -12.19 28.41
CA GLY E 265 -4.25 -11.46 27.35
C GLY E 265 -3.15 -10.49 27.77
N LYS E 266 -2.63 -10.66 28.99
CA LYS E 266 -1.55 -9.80 29.47
C LYS E 266 -0.30 -10.59 29.78
N THR E 267 0.71 -9.91 30.33
CA THR E 267 1.97 -10.56 30.65
C THR E 267 2.61 -9.84 31.81
N VAL E 268 3.05 -10.62 32.79
CA VAL E 268 3.48 -10.06 34.04
C VAL E 268 4.97 -10.27 34.20
N THR E 269 5.65 -9.30 34.80
CA THR E 269 7.03 -9.53 35.22
C THR E 269 7.24 -9.19 36.68
N PHE E 270 8.01 -10.03 37.35
CA PHE E 270 8.46 -9.76 38.72
C PHE E 270 9.88 -9.21 38.75
N MET E 271 10.44 -8.86 37.60
CA MET E 271 11.81 -8.36 37.57
C MET E 271 11.91 -7.05 38.37
N PRO E 272 13.03 -6.85 39.07
CA PRO E 272 13.17 -5.71 39.98
C PRO E 272 12.98 -4.33 39.32
N LYS E 273 13.38 -4.18 38.07
CA LYS E 273 13.41 -2.86 37.45
C LYS E 273 13.15 -2.93 35.95
N PRO E 274 11.88 -3.12 35.53
CA PRO E 274 11.54 -3.15 34.12
C PRO E 274 11.41 -1.76 33.49
N LEU E 275 11.10 -0.76 34.30
CA LEU E 275 10.91 0.60 33.80
C LEU E 275 11.94 1.57 34.33
N PHE E 276 12.61 2.25 33.42
CA PHE E 276 13.53 3.30 33.83
C PHE E 276 12.76 4.57 34.25
N GLY E 277 13.04 5.09 35.43
CA GLY E 277 12.39 6.33 35.91
C GLY E 277 10.98 6.08 36.40
N ASP E 278 10.75 4.87 36.92
CA ASP E 278 9.51 4.50 37.55
C ASP E 278 9.88 3.53 38.66
N ASN E 279 8.98 3.36 39.62
CA ASN E 279 9.20 2.49 40.77
C ASN E 279 9.71 1.08 40.37
N GLY E 280 10.72 0.61 41.10
CA GLY E 280 11.11 -0.80 41.02
C GLY E 280 10.14 -1.70 41.77
N SER E 281 10.30 -3.02 41.63
CA SER E 281 9.48 -3.97 42.35
C SER E 281 10.30 -4.67 43.42
N GLY E 282 9.88 -4.50 44.66
CA GLY E 282 10.56 -5.10 45.80
C GLY E 282 9.75 -6.16 46.50
N MET E 283 10.41 -6.86 47.41
CA MET E 283 9.78 -7.85 48.25
C MET E 283 10.16 -7.60 49.69
N HIS E 284 9.27 -6.96 50.44
CA HIS E 284 9.50 -6.72 51.87
C HIS E 284 9.26 -8.00 52.66
N CYS E 285 10.25 -8.40 53.46
CA CYS E 285 10.21 -9.65 54.20
C CYS E 285 10.12 -9.48 55.72
N HIS E 286 8.94 -9.78 56.26
CA HIS E 286 8.70 -9.76 57.68
C HIS E 286 9.18 -11.07 58.30
N GLN E 287 9.81 -10.98 59.47
CA GLN E 287 10.42 -12.12 60.13
C GLN E 287 10.21 -12.07 61.62
N SER E 288 9.93 -13.23 62.23
CA SER E 288 9.95 -13.38 63.68
C SER E 288 10.25 -14.82 64.09
N LEU E 289 10.83 -14.98 65.28
CA LEU E 289 11.07 -16.30 65.86
C LEU E 289 10.11 -16.57 67.00
N TRP E 290 9.68 -17.82 67.12
CA TRP E 290 8.74 -18.24 68.16
C TRP E 290 9.19 -19.52 68.83
N LYS E 291 8.88 -19.65 70.12
CA LYS E 291 9.17 -20.86 70.88
C LYS E 291 8.01 -21.28 71.78
N ASP E 292 7.64 -22.57 71.70
CA ASP E 292 6.54 -23.13 72.50
C ASP E 292 5.29 -22.27 72.43
N GLY E 293 4.92 -21.86 71.22
CA GLY E 293 3.71 -21.07 71.00
C GLY E 293 3.78 -19.64 71.47
N ALA E 294 4.95 -19.20 71.88
CA ALA E 294 5.13 -17.83 72.40
C ALA E 294 6.16 -17.05 71.59
N PRO E 295 5.92 -15.74 71.40
CA PRO E 295 6.82 -14.87 70.63
C PRO E 295 8.11 -14.56 71.38
N LEU E 296 9.18 -14.31 70.63
CA LEU E 296 10.49 -14.08 71.22
C LEU E 296 11.07 -12.71 70.90
N MET E 297 10.31 -11.91 70.14
CA MET E 297 10.88 -10.68 69.62
C MET E 297 10.57 -9.46 70.50
N TYR E 298 9.62 -9.59 71.41
CA TYR E 298 9.14 -8.46 72.20
C TYR E 298 9.79 -8.27 73.58
N ASP E 299 9.95 -6.99 73.95
CA ASP E 299 10.41 -6.58 75.27
C ASP E 299 10.07 -5.10 75.42
N GLU E 300 9.21 -4.77 76.39
CA GLU E 300 8.75 -3.39 76.59
C GLU E 300 9.93 -2.44 76.81
N THR E 301 10.97 -2.94 77.47
CA THR E 301 12.09 -2.11 77.91
C THR E 301 13.08 -1.76 76.80
N GLY E 302 13.16 -2.61 75.78
CA GLY E 302 14.12 -2.42 74.68
C GLY E 302 13.64 -1.39 73.67
N TYR E 303 14.60 -0.85 72.90
CA TYR E 303 14.26 0.12 71.87
C TYR E 303 13.30 -0.48 70.84
N ALA E 304 12.21 0.24 70.57
CA ALA E 304 11.16 -0.18 69.63
C ALA E 304 10.49 -1.50 70.01
N GLY E 305 10.54 -1.84 71.30
CA GLY E 305 9.93 -3.06 71.80
C GLY E 305 10.66 -4.35 71.45
N LEU E 306 11.95 -4.24 71.17
CA LEU E 306 12.75 -5.38 70.73
C LEU E 306 13.53 -6.07 71.85
N SER E 307 13.41 -7.38 71.91
CA SER E 307 14.16 -8.21 72.85
C SER E 307 15.64 -8.28 72.47
N ASP E 308 16.45 -8.86 73.35
CA ASP E 308 17.85 -9.13 73.08
C ASP E 308 18.01 -10.05 71.86
N THR E 309 17.12 -11.05 71.76
CA THR E 309 17.11 -11.98 70.66
C THR E 309 16.84 -11.25 69.34
N ALA E 310 15.84 -10.36 69.34
CA ALA E 310 15.52 -9.56 68.16
C ALA E 310 16.68 -8.68 67.74
N ARG E 311 17.27 -7.96 68.69
CA ARG E 311 18.32 -7.00 68.38
C ARG E 311 19.52 -7.74 67.77
N HIS E 312 19.84 -8.89 68.32
CA HIS E 312 20.95 -9.71 67.85
C HIS E 312 20.70 -10.29 66.45
N TYR E 313 19.44 -10.69 66.19
CA TYR E 313 18.99 -11.11 64.87
C TYR E 313 19.25 -10.00 63.85
N ILE E 314 18.82 -8.79 64.19
CA ILE E 314 19.10 -7.60 63.39
C ILE E 314 20.60 -7.40 63.18
N GLY E 315 21.37 -7.56 64.26
CA GLY E 315 22.81 -7.53 64.19
C GLY E 315 23.36 -8.45 63.09
N GLY E 316 22.85 -9.68 63.06
CA GLY E 316 23.20 -10.66 62.03
C GLY E 316 22.84 -10.23 60.62
N LEU E 317 21.63 -9.72 60.44
CA LEU E 317 21.17 -9.24 59.14
C LEU E 317 22.07 -8.12 58.62
N LEU E 318 22.36 -7.15 59.47
CA LEU E 318 23.15 -6.02 59.03
C LEU E 318 24.60 -6.38 58.80
N HIS E 319 25.13 -7.27 59.61
CA HIS E 319 26.52 -7.65 59.46
C HIS E 319 26.73 -8.48 58.20
N HIS E 320 25.81 -9.41 57.95
CA HIS E 320 25.92 -10.30 56.79
C HIS E 320 25.27 -9.79 55.49
N ALA E 321 24.58 -8.64 55.57
CA ALA E 321 23.87 -8.08 54.43
C ALA E 321 24.66 -8.08 53.11
N PRO E 322 25.94 -7.65 53.12
CA PRO E 322 26.66 -7.65 51.84
C PRO E 322 26.73 -9.00 51.15
N SER E 323 26.74 -10.09 51.91
CA SER E 323 26.75 -11.44 51.33
C SER E 323 25.34 -11.98 51.16
N LEU E 324 24.47 -11.61 52.09
CA LEU E 324 23.07 -12.00 52.10
C LEU E 324 22.34 -11.61 50.80
N LEU E 325 22.65 -10.44 50.26
CA LEU E 325 22.03 -9.97 49.01
C LEU E 325 22.28 -10.88 47.80
N ALA E 326 23.27 -11.76 47.90
CA ALA E 326 23.50 -12.76 46.86
C ALA E 326 22.33 -13.72 46.70
N PHE E 327 21.51 -13.81 47.74
CA PHE E 327 20.28 -14.58 47.68
C PHE E 327 19.01 -13.74 47.67
N THR E 328 19.01 -12.60 48.37
CA THR E 328 17.79 -11.79 48.47
C THR E 328 17.65 -10.87 47.29
N ASN E 329 18.76 -10.59 46.62
CA ASN E 329 18.80 -9.68 45.46
C ASN E 329 19.76 -10.23 44.41
N PRO E 330 19.46 -11.44 43.89
CA PRO E 330 20.41 -12.28 43.17
C PRO E 330 20.64 -11.98 41.69
N THR E 331 20.08 -10.90 41.15
CA THR E 331 20.25 -10.62 39.72
C THR E 331 20.96 -9.30 39.41
N VAL E 332 21.47 -9.16 38.19
CA VAL E 332 22.10 -7.91 37.76
C VAL E 332 21.07 -6.79 37.82
N ASN E 333 19.88 -7.07 37.30
CA ASN E 333 18.76 -6.14 37.35
C ASN E 333 18.34 -5.69 38.77
N SER E 334 18.59 -6.50 39.79
CA SER E 334 18.33 -6.09 41.19
C SER E 334 19.00 -4.76 41.54
N TYR E 335 20.18 -4.51 40.98
CA TYR E 335 20.99 -3.38 41.37
C TYR E 335 20.62 -2.11 40.63
N LYS E 336 19.62 -2.22 39.77
CA LYS E 336 18.98 -1.06 39.17
C LYS E 336 17.88 -0.51 40.06
N ARG E 337 17.45 -1.32 41.03
CA ARG E 337 16.51 -0.87 42.04
C ARG E 337 17.29 -0.36 43.23
N LEU E 338 18.30 -1.12 43.67
CA LEU E 338 19.08 -0.76 44.82
C LEU E 338 20.12 0.27 44.44
N VAL E 339 19.64 1.46 44.07
CA VAL E 339 20.52 2.50 43.50
C VAL E 339 20.91 3.65 44.47
N PRO E 340 22.24 3.88 44.61
CA PRO E 340 22.96 4.79 45.54
C PRO E 340 22.44 6.22 45.77
N GLY E 341 21.36 6.65 45.14
CA GLY E 341 20.88 8.03 45.38
C GLY E 341 19.39 8.33 45.51
N TYR E 342 18.63 7.45 46.17
CA TYR E 342 17.15 7.60 46.21
C TYR E 342 16.53 7.28 47.57
N GLU E 343 15.30 6.76 47.53
CA GLU E 343 14.61 6.20 48.73
C GLU E 343 15.06 4.78 49.01
N ALA E 344 15.96 4.28 48.15
CA ALA E 344 16.46 2.91 48.15
C ALA E 344 16.82 2.33 49.52
N PRO E 345 16.16 1.21 49.90
CA PRO E 345 16.52 0.48 51.11
C PRO E 345 17.95 -0.11 51.03
N ILE E 346 18.96 0.76 51.05
CA ILE E 346 20.36 0.37 50.92
C ILE E 346 21.22 0.71 52.13
N ASN E 347 20.64 1.43 53.08
CA ASN E 347 21.35 1.84 54.28
C ASN E 347 21.38 0.76 55.35
N LEU E 348 22.59 0.32 55.72
CA LEU E 348 22.75 -0.78 56.67
C LEU E 348 22.49 -0.39 58.13
N VAL E 349 21.28 0.10 58.40
CA VAL E 349 20.85 0.46 59.75
C VAL E 349 19.47 -0.08 59.99
N TYR E 350 19.04 -0.18 61.23
CA TYR E 350 17.64 -0.43 61.48
C TYR E 350 16.95 0.82 61.98
N SER E 351 15.64 0.90 61.76
CA SER E 351 14.89 2.10 62.06
C SER E 351 13.42 1.78 62.25
N GLN E 352 12.68 2.79 62.73
CA GLN E 352 11.26 2.64 63.00
C GLN E 352 10.46 3.58 62.10
N ARG E 353 11.12 4.62 61.61
CA ARG E 353 10.46 5.67 60.82
C ARG E 353 11.09 5.84 59.45
N ASN E 354 12.38 5.52 59.35
CA ASN E 354 13.13 5.74 58.13
C ASN E 354 12.87 4.67 57.07
N ARG E 355 12.11 5.06 56.04
CA ARG E 355 11.75 4.15 54.95
C ARG E 355 12.90 4.14 53.95
N SER E 356 14.10 3.87 54.45
CA SER E 356 15.33 3.95 53.67
C SER E 356 16.40 3.03 54.29
N ALA E 357 16.02 2.40 55.40
CA ALA E 357 16.89 1.46 56.08
C ALA E 357 16.56 0.02 55.65
N CYS E 358 17.60 -0.81 55.60
CA CYS E 358 17.48 -2.25 55.34
C CYS E 358 16.44 -2.94 56.21
N VAL E 359 16.52 -2.68 57.51
CA VAL E 359 15.64 -3.30 58.47
C VAL E 359 14.73 -2.23 59.04
N ARG E 360 13.43 -2.45 58.90
CA ARG E 360 12.44 -1.59 59.53
C ARG E 360 11.67 -2.36 60.60
N ILE E 361 11.33 -1.69 61.69
CA ILE E 361 10.51 -2.30 62.72
C ILE E 361 9.12 -1.69 62.63
N PRO E 362 8.16 -2.44 62.05
CA PRO E 362 6.81 -1.89 61.91
C PRO E 362 6.24 -1.53 63.28
N ILE E 363 5.50 -0.44 63.35
CA ILE E 363 4.94 -0.04 64.64
C ILE E 363 3.66 -0.84 64.95
N THR E 364 3.74 -1.58 66.05
CA THR E 364 2.76 -2.60 66.41
C THR E 364 2.25 -2.41 67.83
N GLY E 365 2.69 -1.32 68.48
CA GLY E 365 2.33 -1.00 69.85
C GLY E 365 2.88 -2.01 70.86
N SER E 366 2.05 -2.36 71.83
CA SER E 366 2.48 -3.20 72.95
C SER E 366 1.99 -4.66 72.86
N ASN E 367 1.33 -5.01 71.77
CA ASN E 367 0.97 -6.40 71.51
C ASN E 367 2.22 -7.23 71.18
N PRO E 368 2.62 -8.13 72.10
CA PRO E 368 3.90 -8.84 71.94
C PRO E 368 3.93 -9.75 70.70
N LYS E 369 2.78 -10.31 70.33
CA LYS E 369 2.68 -11.26 69.24
C LYS E 369 3.05 -10.64 67.89
N ALA E 370 2.71 -9.37 67.71
CA ALA E 370 2.90 -8.68 66.44
C ALA E 370 4.31 -8.17 66.21
N LYS E 371 5.14 -8.19 67.24
CA LYS E 371 6.51 -7.66 67.12
C LYS E 371 7.36 -8.51 66.14
N ARG E 372 8.02 -7.82 65.21
CA ARG E 372 8.75 -8.46 64.13
C ARG E 372 9.70 -7.47 63.44
N LEU E 373 10.58 -7.99 62.59
CA LEU E 373 11.43 -7.13 61.80
C LEU E 373 11.17 -7.32 60.31
N GLU E 374 11.20 -6.22 59.57
CA GLU E 374 10.94 -6.23 58.13
C GLU E 374 12.25 -5.93 57.38
N PHE E 375 12.78 -6.94 56.68
CA PHE E 375 13.93 -6.73 55.79
C PHE E 375 13.44 -6.21 54.43
N ARG E 376 13.82 -4.98 54.09
CA ARG E 376 13.20 -4.24 52.98
C ARG E 376 13.95 -4.32 51.65
N SER E 377 15.21 -4.72 51.72
CA SER E 377 16.10 -4.80 50.54
C SER E 377 15.70 -5.82 49.45
N PRO E 378 15.19 -7.01 49.84
CA PRO E 378 14.96 -8.06 48.86
C PRO E 378 14.01 -7.71 47.70
N ASP E 379 14.14 -8.45 46.61
CA ASP E 379 13.19 -8.35 45.51
C ASP E 379 12.68 -9.74 45.15
N SER E 380 11.84 -9.85 44.13
CA SER E 380 11.27 -11.17 43.79
C SER E 380 12.02 -11.90 42.72
N SER E 381 13.27 -11.49 42.45
CA SER E 381 13.97 -12.00 41.27
C SER E 381 14.66 -13.36 41.44
N GLY E 382 14.67 -13.93 42.63
CA GLY E 382 15.41 -15.16 42.83
C GLY E 382 14.63 -16.35 43.36
N ASN E 383 15.09 -16.83 44.51
CA ASN E 383 14.61 -18.07 45.05
C ASN E 383 14.19 -17.86 46.49
N PRO E 384 12.88 -17.89 46.75
CA PRO E 384 12.43 -17.58 48.10
C PRO E 384 12.85 -18.65 49.12
N TYR E 385 13.03 -19.88 48.68
CA TYR E 385 13.52 -20.92 49.58
C TYR E 385 14.92 -20.55 50.04
N LEU E 386 15.77 -20.11 49.12
CA LEU E 386 17.14 -19.79 49.49
C LEU E 386 17.20 -18.46 50.20
N ALA E 387 16.43 -17.48 49.74
CA ALA E 387 16.40 -16.17 50.37
C ALA E 387 15.92 -16.20 51.84
N PHE E 388 14.80 -16.86 52.11
CA PHE E 388 14.30 -16.94 53.49
C PHE E 388 15.28 -17.69 54.37
N SER E 389 15.82 -18.80 53.85
CA SER E 389 16.83 -19.60 54.58
C SER E 389 18.03 -18.74 54.91
N ALA E 390 18.55 -18.04 53.91
CA ALA E 390 19.77 -17.24 54.10
C ALA E 390 19.52 -16.16 55.14
N MET E 391 18.36 -15.53 55.10
CA MET E 391 17.97 -14.53 56.11
C MET E 391 17.95 -15.14 57.51
N LEU E 392 17.36 -16.32 57.66
CA LEU E 392 17.30 -16.95 58.97
C LEU E 392 18.70 -17.25 59.49
N MET E 393 19.56 -17.77 58.62
CA MET E 393 20.92 -18.11 59.01
C MET E 393 21.71 -16.89 59.47
N ALA E 394 21.50 -15.74 58.82
CA ALA E 394 22.17 -14.49 59.21
C ALA E 394 21.70 -14.06 60.59
N GLY E 395 20.38 -14.14 60.81
CA GLY E 395 19.78 -13.87 62.12
C GLY E 395 20.26 -14.80 63.22
N LEU E 396 20.38 -16.09 62.92
CA LEU E 396 20.83 -17.07 63.90
C LEU E 396 22.32 -16.89 64.25
N ASP E 397 23.15 -16.54 63.28
CA ASP E 397 24.55 -16.25 63.53
C ASP E 397 24.64 -15.01 64.40
N GLY E 398 23.73 -14.07 64.16
CA GLY E 398 23.62 -12.88 64.98
C GLY E 398 23.29 -13.17 66.43
N ILE E 399 22.39 -14.11 66.67
CA ILE E 399 22.04 -14.49 68.02
C ILE E 399 23.20 -15.27 68.69
N LYS E 400 23.71 -16.32 68.05
CA LYS E 400 24.79 -17.13 68.62
C LYS E 400 26.01 -16.31 69.01
N ASN E 401 26.39 -15.33 68.18
CA ASN E 401 27.56 -14.49 68.46
C ASN E 401 27.21 -13.14 69.08
N LYS E 402 25.98 -13.01 69.56
CA LYS E 402 25.49 -11.77 70.19
C LYS E 402 25.95 -10.50 69.47
N ILE E 403 25.83 -10.48 68.14
CA ILE E 403 26.29 -9.34 67.33
C ILE E 403 25.44 -8.11 67.61
N GLU E 404 26.12 -7.02 67.97
CA GLU E 404 25.43 -5.75 68.24
C GLU E 404 25.35 -4.88 67.00
N PRO E 405 24.12 -4.50 66.60
CA PRO E 405 23.96 -3.62 65.46
C PRO E 405 24.33 -2.19 65.82
N GLN E 406 24.68 -1.39 64.82
CA GLN E 406 24.84 0.06 64.99
C GLN E 406 23.63 0.67 65.64
N ALA E 407 23.80 1.83 66.27
CA ALA E 407 22.70 2.60 66.81
C ALA E 407 21.64 2.86 65.72
N PRO E 408 20.36 2.61 66.03
CA PRO E 408 19.27 2.89 65.10
C PRO E 408 19.22 4.35 64.68
N VAL E 409 18.64 4.61 63.51
CA VAL E 409 18.51 5.97 62.97
C VAL E 409 17.03 6.30 62.65
N ASP E 410 16.45 7.23 63.39
CA ASP E 410 15.04 7.61 63.20
C ASP E 410 14.83 8.88 62.36
N LYS E 411 15.91 9.66 62.19
CA LYS E 411 15.90 10.84 61.33
C LYS E 411 16.38 10.47 59.92
N ASP E 412 15.93 11.23 58.91
CA ASP E 412 16.22 10.95 57.49
C ASP E 412 17.71 10.92 57.14
N ALA E 421 26.06 11.00 57.50
CA ALA E 421 26.06 11.19 56.05
C ALA E 421 26.96 10.13 55.37
N ALA E 422 28.27 10.35 55.41
CA ALA E 422 29.27 9.33 55.03
C ALA E 422 29.44 8.33 56.18
N SER E 423 28.69 8.60 57.26
CA SER E 423 28.71 7.82 58.49
C SER E 423 28.03 6.45 58.32
N ILE E 424 26.97 6.40 57.51
CA ILE E 424 26.14 5.20 57.35
C ILE E 424 26.60 4.28 56.21
N PRO E 425 26.93 3.01 56.54
CA PRO E 425 27.39 2.07 55.52
C PRO E 425 26.27 1.63 54.55
N GLN E 426 26.65 1.35 53.31
CA GLN E 426 25.75 0.99 52.22
C GLN E 426 25.87 -0.50 51.85
N THR E 427 24.81 -1.05 51.28
CA THR E 427 24.89 -2.35 50.61
C THR E 427 25.68 -2.16 49.34
N PRO E 428 26.43 -3.19 48.90
CA PRO E 428 27.16 -3.03 47.64
C PRO E 428 26.19 -2.72 46.51
N THR E 429 26.69 -2.15 45.41
CA THR E 429 25.84 -1.58 44.37
C THR E 429 25.78 -2.41 43.08
N GLN E 430 26.51 -3.53 43.04
CA GLN E 430 26.60 -4.41 41.86
C GLN E 430 26.48 -5.85 42.29
N LEU E 431 25.91 -6.70 41.44
CA LEU E 431 25.83 -8.13 41.73
C LEU E 431 27.21 -8.78 41.90
N SER E 432 28.16 -8.38 41.06
CA SER E 432 29.53 -8.90 41.15
C SER E 432 30.15 -8.65 42.51
N ASP E 433 29.94 -7.46 43.06
CA ASP E 433 30.40 -7.16 44.41
C ASP E 433 29.78 -8.08 45.45
N VAL E 434 28.46 -8.28 45.40
CA VAL E 434 27.82 -9.10 46.44
C VAL E 434 28.20 -10.57 46.28
N ILE E 435 28.48 -10.99 45.06
CA ILE E 435 28.99 -12.34 44.85
C ILE E 435 30.38 -12.48 45.45
N ASP E 436 31.24 -11.48 45.26
CA ASP E 436 32.55 -11.46 45.92
C ASP E 436 32.40 -11.59 47.43
N ARG E 437 31.49 -10.81 48.01
CA ARG E 437 31.29 -10.81 49.46
C ARG E 437 30.74 -12.14 49.96
N LEU E 438 29.89 -12.79 49.17
CA LEU E 438 29.42 -14.14 49.48
C LEU E 438 30.56 -15.14 49.49
N GLU E 439 31.44 -15.04 48.50
CA GLU E 439 32.63 -15.88 48.41
C GLU E 439 33.53 -15.71 49.63
N ALA E 440 33.64 -14.48 50.13
CA ALA E 440 34.54 -14.17 51.25
C ALA E 440 33.93 -14.49 52.62
N ASP E 441 32.60 -14.59 52.71
CA ASP E 441 31.92 -14.72 54.01
C ASP E 441 30.63 -15.53 53.90
N HIS E 442 30.75 -16.85 53.88
CA HIS E 442 29.57 -17.71 53.79
C HIS E 442 29.56 -18.77 54.88
N GLU E 443 30.42 -18.58 55.86
CA GLU E 443 30.51 -19.47 57.00
C GLU E 443 29.15 -19.60 57.72
N TYR E 444 28.47 -18.49 57.92
CA TYR E 444 27.18 -18.50 58.62
C TYR E 444 26.09 -19.33 57.92
N LEU E 445 26.21 -19.49 56.61
CA LEU E 445 25.24 -20.26 55.81
C LEU E 445 25.45 -21.76 55.93
N THR E 446 26.69 -22.18 56.21
CA THR E 446 27.07 -23.60 56.34
C THR E 446 26.87 -24.23 57.73
N GLU E 447 26.58 -23.39 58.72
CA GLU E 447 26.25 -23.88 60.05
C GLU E 447 25.16 -24.93 59.96
N GLY E 448 25.39 -26.06 60.62
CA GLY E 448 24.41 -27.16 60.66
C GLY E 448 24.22 -27.84 59.32
N GLY E 449 25.11 -27.57 58.36
CA GLY E 449 24.98 -28.05 57.00
C GLY E 449 23.75 -27.59 56.21
N VAL E 450 23.15 -26.46 56.58
CA VAL E 450 21.97 -25.92 55.87
C VAL E 450 22.30 -25.63 54.40
N PHE E 451 23.25 -24.75 54.17
CA PHE E 451 23.88 -24.58 52.86
C PHE E 451 25.18 -25.38 52.90
N THR E 452 25.63 -25.90 51.77
CA THR E 452 26.93 -26.56 51.70
C THR E 452 27.92 -25.70 50.93
N ASN E 453 29.22 -25.84 51.20
CA ASN E 453 30.24 -25.15 50.42
C ASN E 453 30.09 -25.43 48.92
N ASP E 454 29.78 -26.68 48.60
CA ASP E 454 29.55 -27.10 47.23
C ASP E 454 28.46 -26.24 46.54
N LEU E 455 27.33 -26.06 47.21
CA LEU E 455 26.23 -25.26 46.68
C LEU E 455 26.56 -23.79 46.51
N ILE E 456 27.22 -23.21 47.52
CA ILE E 456 27.63 -21.81 47.46
C ILE E 456 28.60 -21.55 46.29
N GLU E 457 29.56 -22.44 46.09
CA GLU E 457 30.50 -22.32 44.97
C GLU E 457 29.79 -22.43 43.64
N THR E 458 28.78 -23.29 43.58
CA THR E 458 27.99 -23.48 42.36
C THR E 458 27.21 -22.22 42.02
N TRP E 459 26.59 -21.63 43.05
CA TRP E 459 25.84 -20.38 42.95
C TRP E 459 26.73 -19.24 42.45
N ILE E 460 27.93 -19.12 43.03
CA ILE E 460 28.91 -18.11 42.63
C ILE E 460 29.33 -18.28 41.16
N SER E 461 29.59 -19.52 40.76
CA SER E 461 29.95 -19.85 39.38
C SER E 461 28.86 -19.46 38.40
N PHE E 462 27.65 -19.92 38.70
CA PHE E 462 26.48 -19.69 37.87
C PHE E 462 26.25 -18.20 37.61
N LYS E 463 26.31 -17.38 38.67
CA LYS E 463 26.05 -15.97 38.54
C LYS E 463 27.14 -15.30 37.74
N ARG E 464 28.39 -15.73 37.96
CA ARG E 464 29.53 -15.14 37.27
C ARG E 464 29.50 -15.44 35.78
N GLU E 465 29.28 -16.71 35.44
CA GLU E 465 29.39 -17.18 34.06
C GLU E 465 28.13 -16.99 33.23
N ASN E 466 26.97 -17.05 33.87
CA ASN E 466 25.71 -16.93 33.14
C ASN E 466 24.99 -15.57 33.23
N GLU E 467 25.39 -14.72 34.18
CA GLU E 467 24.67 -13.47 34.40
C GLU E 467 25.59 -12.28 34.36
N ILE E 468 26.54 -12.23 35.29
CA ILE E 468 27.45 -11.09 35.42
C ILE E 468 28.25 -10.86 34.15
N GLU E 469 28.95 -11.89 33.70
CA GLU E 469 29.84 -11.77 32.53
C GLU E 469 29.09 -11.49 31.22
N PRO E 470 28.04 -12.29 30.91
CA PRO E 470 27.27 -12.00 29.69
C PRO E 470 26.70 -10.58 29.58
N VAL E 471 26.32 -9.96 30.71
CA VAL E 471 25.88 -8.57 30.67
C VAL E 471 27.07 -7.66 30.44
N ASN E 472 28.12 -7.90 31.21
CA ASN E 472 29.36 -7.16 31.10
C ASN E 472 29.97 -7.04 29.71
N ILE E 473 29.90 -8.10 28.91
CA ILE E 473 30.59 -8.08 27.63
C ILE E 473 29.77 -7.42 26.52
N ARG E 474 28.49 -7.15 26.80
CA ARG E 474 27.61 -6.58 25.81
C ARG E 474 27.47 -5.09 25.98
N PRO E 475 27.82 -4.32 24.94
CA PRO E 475 27.65 -2.87 24.96
C PRO E 475 26.22 -2.48 25.27
N HIS E 476 26.07 -1.53 26.18
CA HIS E 476 24.79 -0.99 26.61
C HIS E 476 24.37 0.10 25.62
N PRO E 477 23.08 0.11 25.24
CA PRO E 477 22.62 1.12 24.28
C PRO E 477 23.05 2.54 24.65
N TYR E 478 23.02 2.88 25.93
CA TYR E 478 23.32 4.24 26.32
C TYR E 478 24.82 4.59 26.10
N GLU E 479 25.65 3.57 25.97
CA GLU E 479 27.05 3.75 25.65
C GLU E 479 27.22 4.35 24.27
N PHE E 480 26.27 4.05 23.38
CA PHE E 480 26.24 4.66 22.05
C PHE E 480 25.90 6.14 22.09
N ALA E 481 25.01 6.52 23.01
CA ALA E 481 24.64 7.92 23.19
C ALA E 481 25.84 8.66 23.72
N LEU E 482 26.54 8.04 24.65
CA LEU E 482 27.67 8.66 25.29
C LEU E 482 28.92 8.69 24.46
N TYR E 483 29.12 7.69 23.62
CA TYR E 483 30.46 7.44 23.11
C TYR E 483 30.63 7.24 21.63
N TYR E 484 29.56 7.11 20.86
CA TYR E 484 29.72 6.88 19.42
C TYR E 484 30.67 7.89 18.78
N ASP E 485 30.60 9.14 19.24
CA ASP E 485 31.29 10.20 18.54
C ASP E 485 32.57 10.67 19.22
N VAL E 486 33.11 9.85 20.11
CA VAL E 486 34.35 10.21 20.82
C VAL E 486 35.54 10.49 19.90
N LYS F 12 -7.51 -60.29 22.83
CA LYS F 12 -8.71 -59.78 22.08
C LYS F 12 -9.07 -60.62 20.86
N THR F 13 -10.37 -60.88 20.72
CA THR F 13 -10.89 -61.82 19.73
C THR F 13 -11.69 -61.08 18.66
N PRO F 14 -11.92 -61.73 17.51
CA PRO F 14 -12.85 -61.16 16.54
C PRO F 14 -14.17 -60.67 17.19
N ASP F 15 -14.75 -61.47 18.07
CA ASP F 15 -16.04 -61.10 18.68
C ASP F 15 -15.96 -59.81 19.50
N ASP F 16 -14.83 -59.63 20.20
CA ASP F 16 -14.57 -58.37 20.90
C ASP F 16 -14.65 -57.17 19.96
N VAL F 17 -14.09 -57.33 18.76
CA VAL F 17 -14.03 -56.25 17.78
C VAL F 17 -15.43 -55.92 17.25
N PHE F 18 -16.21 -56.95 16.91
CA PHE F 18 -17.55 -56.76 16.41
C PHE F 18 -18.40 -56.08 17.47
N LYS F 19 -18.16 -56.45 18.72
CA LYS F 19 -18.89 -55.88 19.84
C LYS F 19 -18.56 -54.39 19.99
N LEU F 20 -17.27 -54.07 19.89
CA LEU F 20 -16.82 -52.67 19.87
C LEU F 20 -17.46 -51.87 18.72
N ALA F 21 -17.44 -52.44 17.52
CA ALA F 21 -18.07 -51.83 16.34
C ALA F 21 -19.54 -51.51 16.57
N LYS F 22 -20.29 -52.48 17.10
CA LYS F 22 -21.71 -52.32 17.38
C LYS F 22 -21.98 -51.33 18.52
N ASP F 23 -21.27 -51.49 19.63
CA ASP F 23 -21.44 -50.57 20.78
C ASP F 23 -21.15 -49.12 20.41
N GLU F 24 -20.11 -48.88 19.61
CA GLU F 24 -19.70 -47.53 19.27
C GLU F 24 -20.42 -46.95 18.05
N LYS F 25 -21.29 -47.78 17.44
CA LYS F 25 -22.07 -47.39 16.26
C LYS F 25 -21.16 -46.89 15.13
N VAL F 26 -20.15 -47.70 14.87
CA VAL F 26 -19.13 -47.43 13.86
C VAL F 26 -19.77 -47.38 12.47
N GLU F 27 -19.38 -46.37 11.70
CA GLU F 27 -19.91 -46.22 10.34
C GLU F 27 -18.94 -46.78 9.28
N TYR F 28 -17.64 -46.63 9.53
CA TYR F 28 -16.61 -47.10 8.62
C TYR F 28 -15.51 -47.87 9.34
N VAL F 29 -14.82 -48.73 8.58
CA VAL F 29 -13.65 -49.43 9.09
C VAL F 29 -12.49 -49.06 8.20
N ASP F 30 -11.40 -48.66 8.84
CA ASP F 30 -10.22 -48.23 8.12
C ASP F 30 -9.23 -49.37 8.12
N VAL F 31 -8.88 -49.81 6.92
CA VAL F 31 -7.98 -50.94 6.74
C VAL F 31 -6.56 -50.41 6.64
N ARG F 32 -5.75 -50.68 7.66
CA ARG F 32 -4.41 -50.12 7.75
C ARG F 32 -3.31 -51.17 7.57
N PHE F 33 -2.28 -50.81 6.85
CA PHE F 33 -1.12 -51.69 6.68
C PHE F 33 0.11 -50.82 6.56
N CYS F 34 1.26 -51.32 7.01
CA CYS F 34 2.48 -50.51 7.08
C CYS F 34 3.32 -50.64 5.85
N ASP F 35 3.81 -49.52 5.33
CA ASP F 35 4.73 -49.59 4.20
C ASP F 35 6.15 -49.78 4.69
N LEU F 36 7.07 -49.96 3.76
CA LEU F 36 8.45 -50.25 4.12
C LEU F 36 9.15 -49.16 4.98
N PRO F 37 9.22 -47.91 4.49
CA PRO F 37 9.85 -46.90 5.36
C PRO F 37 9.18 -46.62 6.73
N GLY F 38 7.90 -46.93 6.89
CA GLY F 38 7.29 -46.85 8.22
C GLY F 38 6.05 -45.99 8.36
N ILE F 39 5.49 -45.57 7.23
CA ILE F 39 4.22 -44.84 7.20
C ILE F 39 3.06 -45.80 7.00
N MET F 40 2.03 -45.65 7.82
CA MET F 40 0.83 -46.45 7.72
C MET F 40 -0.02 -46.02 6.52
N GLN F 41 -0.45 -47.01 5.75
CA GLN F 41 -1.34 -46.85 4.61
C GLN F 41 -2.75 -47.28 4.95
N HIS F 42 -3.73 -46.80 4.19
CA HIS F 42 -5.10 -47.15 4.48
C HIS F 42 -6.05 -47.05 3.29
N PHE F 43 -7.12 -47.84 3.35
CA PHE F 43 -8.35 -47.58 2.59
C PHE F 43 -9.53 -47.89 3.51
N THR F 44 -10.72 -47.47 3.10
CA THR F 44 -11.86 -47.50 4.00
C THR F 44 -13.02 -48.29 3.38
N ILE F 45 -13.71 -49.04 4.24
CA ILE F 45 -14.86 -49.84 3.84
C ILE F 45 -16.02 -49.49 4.75
N PRO F 46 -17.27 -49.66 4.26
CA PRO F 46 -18.40 -49.43 5.17
C PRO F 46 -18.42 -50.50 6.27
N ALA F 47 -18.85 -50.10 7.47
CA ALA F 47 -18.91 -51.01 8.61
C ALA F 47 -19.76 -52.26 8.32
N SER F 48 -20.88 -52.06 7.63
CA SER F 48 -21.75 -53.14 7.19
C SER F 48 -21.07 -54.26 6.37
N ALA F 49 -19.85 -54.02 5.89
CA ALA F 49 -19.11 -55.02 5.13
C ALA F 49 -18.00 -55.61 5.99
N PHE F 50 -18.00 -55.26 7.26
CA PHE F 50 -17.04 -55.80 8.20
C PHE F 50 -17.68 -56.91 9.04
N ASP F 51 -17.46 -58.15 8.60
CA ASP F 51 -18.07 -59.33 9.21
C ASP F 51 -17.03 -60.44 9.42
N LYS F 52 -17.48 -61.66 9.70
CA LYS F 52 -16.56 -62.77 9.96
C LYS F 52 -15.65 -63.11 8.79
N SER F 53 -16.16 -62.97 7.57
CA SER F 53 -15.40 -63.28 6.36
C SER F 53 -14.15 -62.39 6.20
N VAL F 54 -14.10 -61.28 6.94
CA VAL F 54 -12.92 -60.43 6.95
C VAL F 54 -11.78 -61.13 7.70
N PHE F 55 -12.10 -61.71 8.86
CA PHE F 55 -11.13 -62.49 9.64
C PHE F 55 -10.75 -63.84 9.02
N ASP F 56 -11.71 -64.50 8.37
CA ASP F 56 -11.45 -65.80 7.77
C ASP F 56 -10.78 -65.72 6.41
N ASP F 57 -11.36 -64.95 5.49
CA ASP F 57 -10.90 -64.95 4.10
C ASP F 57 -10.00 -63.77 3.81
N GLY F 58 -10.22 -62.67 4.53
CA GLY F 58 -9.45 -61.44 4.33
C GLY F 58 -10.04 -60.50 3.30
N LEU F 59 -9.35 -59.39 3.04
CA LEU F 59 -9.80 -58.42 2.06
C LEU F 59 -8.86 -58.35 0.88
N ALA F 60 -9.42 -58.39 -0.32
CA ALA F 60 -8.63 -58.31 -1.53
C ALA F 60 -8.39 -56.84 -1.82
N PHE F 61 -7.18 -56.52 -2.28
CA PHE F 61 -6.84 -55.17 -2.70
C PHE F 61 -5.72 -55.19 -3.74
N ASP F 62 -5.81 -54.31 -4.75
CA ASP F 62 -4.81 -54.21 -5.83
C ASP F 62 -3.38 -54.24 -5.27
N GLY F 63 -2.57 -55.16 -5.77
CA GLY F 63 -1.27 -55.46 -5.17
C GLY F 63 -0.06 -54.65 -5.61
N SER F 64 -0.28 -53.68 -6.48
CA SER F 64 0.74 -52.66 -6.75
C SER F 64 0.50 -51.46 -5.81
N SER F 65 -0.75 -51.37 -5.33
CA SER F 65 -1.16 -50.38 -4.35
C SER F 65 -0.70 -50.77 -2.91
N ILE F 66 -0.84 -52.06 -2.58
CA ILE F 66 -0.36 -52.65 -1.31
C ILE F 66 1.19 -52.70 -1.23
N ARG F 67 1.84 -52.90 -2.37
CA ARG F 67 3.29 -53.04 -2.44
C ARG F 67 4.08 -51.72 -2.53
N GLY F 68 3.44 -50.66 -3.01
CA GLY F 68 4.06 -49.34 -3.07
C GLY F 68 4.90 -49.04 -4.31
N PHE F 69 5.19 -50.07 -5.11
CA PHE F 69 5.88 -49.90 -6.40
C PHE F 69 5.08 -50.53 -7.56
N GLN F 70 5.45 -50.14 -8.78
CA GLN F 70 4.68 -50.51 -9.96
C GLN F 70 5.35 -51.57 -10.83
N SER F 75 0.77 -60.08 -7.44
CA SER F 75 0.37 -58.73 -7.82
C SER F 75 -0.83 -58.25 -7.00
N ASP F 76 -1.89 -59.07 -6.93
CA ASP F 76 -3.02 -58.79 -6.04
C ASP F 76 -2.66 -59.25 -4.63
N MET F 77 -2.99 -58.47 -3.61
CA MET F 77 -2.67 -58.90 -2.25
C MET F 77 -3.89 -59.08 -1.35
N LEU F 78 -3.74 -59.96 -0.37
CA LEU F 78 -4.79 -60.27 0.60
C LEU F 78 -4.43 -59.76 2.00
N LEU F 79 -5.38 -59.09 2.64
CA LEU F 79 -5.13 -58.45 3.94
C LEU F 79 -5.91 -59.13 5.03
N LEU F 80 -5.21 -59.56 6.09
CA LEU F 80 -5.85 -60.21 7.25
C LEU F 80 -5.74 -59.39 8.54
N PRO F 81 -6.87 -59.16 9.22
CA PRO F 81 -6.90 -58.23 10.34
C PRO F 81 -6.27 -58.80 11.63
N ASP F 82 -5.64 -57.92 12.41
CA ASP F 82 -5.14 -58.22 13.74
C ASP F 82 -6.08 -57.60 14.81
N PRO F 83 -6.90 -58.44 15.45
CA PRO F 83 -7.94 -57.96 16.35
C PRO F 83 -7.40 -57.12 17.53
N GLU F 84 -6.18 -57.37 17.95
CA GLU F 84 -5.57 -56.61 19.03
C GLU F 84 -5.36 -55.11 18.68
N THR F 85 -5.34 -54.76 17.39
CA THR F 85 -5.00 -53.41 16.98
C THR F 85 -6.21 -52.50 16.71
N ALA F 86 -7.41 -53.04 16.95
CA ALA F 86 -8.65 -52.33 16.69
C ALA F 86 -8.85 -51.19 17.67
N ARG F 87 -9.10 -49.99 17.15
CA ARG F 87 -9.27 -48.80 17.98
C ARG F 87 -10.21 -47.82 17.30
N ILE F 88 -11.02 -47.13 18.10
CA ILE F 88 -11.84 -46.05 17.59
C ILE F 88 -10.94 -44.85 17.23
N ASP F 89 -11.10 -44.33 16.02
CA ASP F 89 -10.38 -43.14 15.64
C ASP F 89 -11.00 -41.91 16.32
N PRO F 90 -10.19 -41.19 17.11
CA PRO F 90 -10.77 -40.05 17.82
C PRO F 90 -10.86 -38.76 16.99
N PHE F 91 -10.40 -38.79 15.74
CA PHE F 91 -10.26 -37.56 14.94
C PHE F 91 -11.23 -37.49 13.79
N ARG F 92 -11.56 -38.64 13.21
CA ARG F 92 -12.43 -38.73 12.05
C ARG F 92 -13.89 -38.42 12.38
N ALA F 93 -14.50 -37.48 11.65
CA ALA F 93 -15.88 -37.04 11.91
C ALA F 93 -16.88 -38.20 11.81
N ALA F 94 -16.80 -38.98 10.73
CA ALA F 94 -17.58 -40.20 10.62
C ALA F 94 -16.97 -41.27 11.53
N LYS F 95 -17.80 -41.86 12.39
CA LYS F 95 -17.32 -42.81 13.39
C LYS F 95 -16.61 -43.97 12.73
N THR F 96 -15.32 -44.09 13.00
CA THR F 96 -14.47 -45.06 12.33
C THR F 96 -13.69 -45.97 13.27
N LEU F 97 -13.62 -47.26 12.93
CA LEU F 97 -12.77 -48.22 13.60
C LEU F 97 -11.51 -48.48 12.78
N ASN F 98 -10.35 -48.24 13.38
CA ASN F 98 -9.06 -48.54 12.74
C ASN F 98 -8.57 -49.93 13.15
N ILE F 99 -8.11 -50.71 12.17
CA ILE F 99 -7.53 -52.03 12.43
C ILE F 99 -6.32 -52.22 11.56
N ASN F 100 -5.27 -52.80 12.12
CA ASN F 100 -4.09 -53.16 11.33
C ASN F 100 -4.18 -54.54 10.71
N PHE F 101 -3.54 -54.73 9.56
CA PHE F 101 -3.65 -55.97 8.83
C PHE F 101 -2.28 -56.53 8.51
N PHE F 102 -2.23 -57.82 8.19
CA PHE F 102 -1.03 -58.47 7.67
C PHE F 102 -1.27 -58.71 6.19
N VAL F 103 -0.22 -58.63 5.38
CA VAL F 103 -0.32 -58.82 3.93
C VAL F 103 0.03 -60.26 3.57
N HIS F 104 -0.90 -60.94 2.92
CA HIS F 104 -0.68 -62.31 2.47
C HIS F 104 -0.83 -62.42 0.95
N ASP F 105 -0.10 -63.37 0.36
CA ASP F 105 -0.30 -63.79 -1.03
C ASP F 105 -1.69 -64.44 -1.18
N PRO F 106 -2.46 -64.05 -2.22
CA PRO F 106 -3.83 -64.54 -2.31
C PRO F 106 -3.94 -66.04 -2.61
N PHE F 107 -3.06 -66.55 -3.48
CA PHE F 107 -3.07 -67.98 -3.84
C PHE F 107 -2.57 -68.86 -2.68
N THR F 108 -1.37 -68.56 -2.17
CA THR F 108 -0.70 -69.44 -1.21
C THR F 108 -1.05 -69.17 0.25
N LEU F 109 -1.68 -68.02 0.52
CA LEU F 109 -1.90 -67.52 1.91
C LEU F 109 -0.61 -67.27 2.68
N GLU F 110 0.52 -67.29 1.99
CA GLU F 110 1.83 -67.02 2.61
C GLU F 110 1.94 -65.56 3.06
N PRO F 111 2.46 -65.32 4.27
CA PRO F 111 2.76 -63.95 4.66
C PRO F 111 3.76 -63.32 3.69
N TYR F 112 3.41 -62.15 3.14
CA TYR F 112 4.29 -61.43 2.24
C TYR F 112 5.56 -61.01 2.97
N SER F 113 6.70 -61.38 2.42
CA SER F 113 7.99 -61.18 3.09
C SER F 113 8.46 -59.71 3.26
N ARG F 114 7.78 -58.75 2.63
CA ARG F 114 8.16 -57.33 2.76
C ARG F 114 7.18 -56.46 3.56
N ASP F 115 6.16 -57.09 4.15
CA ASP F 115 5.25 -56.41 5.07
C ASP F 115 5.91 -56.39 6.45
N PRO F 116 6.27 -55.20 6.93
CA PRO F 116 6.94 -55.05 8.23
C PRO F 116 6.19 -55.74 9.38
N ARG F 117 4.87 -55.79 9.32
CA ARG F 117 4.10 -56.42 10.38
C ARG F 117 4.34 -57.95 10.41
N ASN F 118 4.45 -58.55 9.23
CA ASN F 118 4.81 -59.96 9.11
C ASN F 118 6.18 -60.25 9.68
N ILE F 119 7.13 -59.34 9.39
CA ILE F 119 8.49 -59.46 9.86
C ILE F 119 8.56 -59.47 11.36
N ALA F 120 7.80 -58.58 11.99
CA ALA F 120 7.70 -58.56 13.44
C ALA F 120 7.08 -59.87 13.98
N ARG F 121 6.04 -60.36 13.32
CA ARG F 121 5.43 -61.64 13.69
C ARG F 121 6.43 -62.78 13.52
N LYS F 122 7.13 -62.81 12.39
CA LYS F 122 8.14 -63.83 12.14
C LYS F 122 9.23 -63.80 13.23
N ALA F 123 9.59 -62.59 13.68
CA ALA F 123 10.59 -62.44 14.73
C ALA F 123 10.14 -63.09 16.04
N GLU F 124 8.88 -62.86 16.40
CA GLU F 124 8.31 -63.44 17.62
C GLU F 124 8.24 -64.98 17.57
N ASN F 125 7.82 -65.51 16.42
CA ASN F 125 7.77 -66.96 16.18
C ASN F 125 9.14 -67.60 16.17
N TYR F 126 10.11 -66.91 15.57
CA TYR F 126 11.49 -67.37 15.61
C TYR F 126 12.00 -67.51 17.03
N LEU F 127 11.77 -66.49 17.85
CA LEU F 127 12.18 -66.53 19.23
C LEU F 127 11.73 -67.84 19.88
N ILE F 128 10.43 -68.14 19.75
CA ILE F 128 9.83 -69.34 20.34
C ILE F 128 10.54 -70.58 19.84
N SER F 129 10.77 -70.63 18.53
CA SER F 129 11.38 -71.77 17.89
C SER F 129 12.83 -72.05 18.32
N THR F 130 13.54 -71.06 18.86
CA THR F 130 14.90 -71.28 19.34
C THR F 130 14.93 -71.88 20.75
N GLY F 131 13.79 -71.83 21.43
CA GLY F 131 13.70 -72.26 22.83
C GLY F 131 14.36 -71.33 23.85
N ILE F 132 14.99 -70.27 23.38
CA ILE F 132 15.66 -69.32 24.27
C ILE F 132 14.66 -68.62 25.21
N ALA F 133 13.51 -68.22 24.67
CA ALA F 133 12.45 -67.53 25.42
C ALA F 133 11.16 -67.66 24.63
N ASP F 134 10.04 -67.25 25.22
CA ASP F 134 8.80 -67.24 24.46
C ASP F 134 8.18 -65.86 24.21
N THR F 135 8.66 -64.84 24.91
CA THR F 135 8.16 -63.48 24.73
C THR F 135 9.29 -62.46 24.78
N ALA F 136 9.25 -61.52 23.85
CA ALA F 136 10.16 -60.38 23.88
C ALA F 136 9.33 -59.12 24.11
N TYR F 137 9.64 -58.41 25.19
CA TYR F 137 8.95 -57.16 25.53
C TYR F 137 9.78 -55.95 25.13
N PHE F 138 9.10 -55.00 24.50
CA PHE F 138 9.72 -53.74 24.06
C PHE F 138 8.95 -52.55 24.65
N GLY F 139 9.70 -51.65 25.26
CA GLY F 139 9.16 -50.40 25.76
C GLY F 139 9.90 -49.28 25.08
N ALA F 140 9.15 -48.31 24.57
CA ALA F 140 9.76 -47.21 23.87
C ALA F 140 9.33 -45.85 24.40
N GLU F 141 10.31 -44.96 24.50
CA GLU F 141 10.08 -43.60 24.90
C GLU F 141 10.46 -42.69 23.73
N ALA F 142 9.45 -42.16 23.04
CA ALA F 142 9.66 -41.37 21.84
C ALA F 142 9.32 -39.89 21.99
N GLU F 143 10.32 -39.06 21.72
CA GLU F 143 10.21 -37.61 21.74
C GLU F 143 9.76 -37.04 20.41
N PHE F 144 9.15 -35.86 20.45
CA PHE F 144 8.70 -35.17 19.24
C PHE F 144 8.73 -33.66 19.46
N TYR F 145 8.61 -32.89 18.39
CA TYR F 145 8.52 -31.45 18.48
C TYR F 145 7.17 -30.94 17.98
N ILE F 146 6.63 -29.93 18.66
CA ILE F 146 5.41 -29.27 18.25
C ILE F 146 5.80 -27.91 17.64
N PHE F 147 5.48 -27.71 16.36
CA PHE F 147 5.70 -26.42 15.69
C PHE F 147 4.39 -25.77 15.24
N ASP F 148 4.47 -24.50 14.88
CA ASP F 148 3.29 -23.82 14.32
C ASP F 148 3.34 -23.87 12.80
N SER F 149 4.53 -23.94 12.24
CA SER F 149 4.68 -23.98 10.79
C SER F 149 5.99 -24.61 10.30
N VAL F 150 5.97 -25.11 9.07
CA VAL F 150 7.15 -25.67 8.42
C VAL F 150 7.01 -25.39 6.94
N SER F 151 8.09 -24.97 6.31
CA SER F 151 8.15 -24.82 4.85
C SER F 151 9.58 -25.04 4.37
N PHE F 152 9.71 -25.43 3.10
CA PHE F 152 10.99 -25.80 2.51
C PHE F 152 10.85 -26.01 1.03
N ASP F 153 11.97 -25.96 0.32
CA ASP F 153 12.02 -26.39 -1.07
C ASP F 153 13.46 -26.56 -1.50
N SER F 154 13.63 -27.05 -2.71
CA SER F 154 14.93 -27.40 -3.21
C SER F 154 14.89 -27.16 -4.71
N ARG F 155 15.57 -26.10 -5.14
CA ARG F 155 15.49 -25.65 -6.53
C ARG F 155 16.86 -25.64 -7.14
N ALA F 156 16.98 -25.31 -8.42
CA ALA F 156 18.30 -25.27 -9.06
C ALA F 156 19.27 -24.22 -8.46
N ASN F 157 18.74 -23.06 -8.13
CA ASN F 157 19.54 -21.90 -7.73
C ASN F 157 19.42 -21.57 -6.24
N GLY F 158 18.75 -22.44 -5.48
CA GLY F 158 18.56 -22.17 -4.08
C GLY F 158 17.69 -23.18 -3.38
N SER F 159 17.73 -23.10 -2.06
CA SER F 159 17.13 -24.06 -1.18
C SER F 159 16.89 -23.40 0.18
N PHE F 160 15.84 -23.83 0.88
CA PHE F 160 15.60 -23.37 2.25
C PHE F 160 14.73 -24.36 3.02
N TYR F 161 14.77 -24.24 4.36
CA TYR F 161 13.74 -24.75 5.23
C TYR F 161 13.57 -23.77 6.37
N GLU F 162 12.43 -23.80 7.02
CA GLU F 162 12.13 -22.95 8.14
C GLU F 162 11.07 -23.66 8.96
N VAL F 163 11.37 -23.91 10.22
CA VAL F 163 10.35 -24.36 11.16
C VAL F 163 10.13 -23.19 12.12
N ASP F 164 8.93 -23.04 12.64
CA ASP F 164 8.66 -21.95 13.54
C ASP F 164 7.63 -22.27 14.58
N ALA F 165 7.68 -21.52 15.67
CA ALA F 165 6.76 -21.66 16.79
C ALA F 165 6.71 -20.31 17.47
N ILE F 166 5.51 -19.86 17.82
CA ILE F 166 5.30 -18.59 18.52
C ILE F 166 6.24 -18.46 19.71
N SER F 167 6.36 -19.55 20.47
CA SER F 167 7.12 -19.58 21.71
C SER F 167 8.59 -19.98 21.55
N GLY F 168 9.03 -20.21 20.31
CA GLY F 168 10.43 -20.53 20.03
C GLY F 168 11.39 -19.50 20.59
N TRP F 169 12.47 -19.98 21.19
CA TRP F 169 13.42 -19.09 21.85
C TRP F 169 14.10 -18.11 20.89
N TRP F 170 14.06 -18.38 19.59
CA TRP F 170 14.69 -17.51 18.60
C TRP F 170 13.78 -16.34 18.25
N ASN F 171 12.64 -16.25 18.91
CA ASN F 171 11.66 -15.22 18.56
C ASN F 171 11.50 -14.12 19.61
N THR F 172 12.44 -13.97 20.53
CA THR F 172 12.24 -13.03 21.65
C THR F 172 12.09 -11.61 21.12
N GLY F 173 12.65 -11.36 19.95
CA GLY F 173 12.76 -10.00 19.40
C GLY F 173 11.60 -9.56 18.54
N ALA F 174 10.68 -10.47 18.24
CA ALA F 174 9.52 -10.18 17.39
C ALA F 174 8.67 -9.04 17.95
N ALA F 175 8.44 -8.03 17.10
CA ALA F 175 7.61 -6.87 17.48
C ALA F 175 6.17 -7.28 17.73
N THR F 176 5.65 -8.16 16.88
CA THR F 176 4.33 -8.78 17.10
C THR F 176 4.39 -10.22 16.63
N GLU F 177 3.47 -11.05 17.13
CA GLU F 177 3.38 -12.45 16.71
C GLU F 177 2.90 -12.53 15.25
N ALA F 178 2.96 -13.74 14.68
CA ALA F 178 2.57 -13.98 13.29
C ALA F 178 1.15 -13.51 13.00
N ASP F 179 0.25 -13.60 13.98
CA ASP F 179 -1.12 -13.12 13.81
C ASP F 179 -1.32 -11.65 14.15
N GLY F 180 -0.24 -10.94 14.45
CA GLY F 180 -0.34 -9.50 14.76
C GLY F 180 -0.69 -9.20 16.20
N SER F 181 -0.89 -10.23 17.03
CA SER F 181 -1.06 -10.01 18.47
C SER F 181 0.31 -9.72 19.11
N PRO F 182 0.31 -9.11 20.33
CA PRO F 182 1.60 -8.65 20.88
C PRO F 182 2.50 -9.79 21.38
N ASN F 183 3.80 -9.58 21.36
CA ASN F 183 4.74 -10.50 21.96
C ASN F 183 4.61 -10.41 23.46
N ARG F 184 4.36 -11.54 24.13
CA ARG F 184 4.18 -11.53 25.57
C ARG F 184 5.31 -12.18 26.33
N GLY F 185 6.38 -12.51 25.60
CA GLY F 185 7.61 -13.07 26.22
C GLY F 185 7.43 -14.49 26.71
N TYR F 186 8.22 -14.86 27.72
CA TYR F 186 8.26 -16.19 28.27
C TYR F 186 8.72 -17.23 27.27
N LYS F 187 9.61 -16.84 26.36
CA LYS F 187 10.14 -17.73 25.34
C LYS F 187 11.53 -18.32 25.62
N VAL F 188 12.41 -17.54 26.24
CA VAL F 188 13.82 -17.97 26.47
C VAL F 188 13.99 -19.24 27.31
N ARG F 189 14.85 -20.14 26.84
CA ARG F 189 15.27 -21.32 27.61
C ARG F 189 16.32 -20.89 28.63
N HIS F 190 16.09 -21.19 29.90
CA HIS F 190 17.08 -20.87 30.93
C HIS F 190 17.97 -22.03 31.27
N LYS F 191 19.17 -21.71 31.74
CA LYS F 191 20.07 -22.70 32.33
C LYS F 191 19.47 -23.20 33.65
N GLY F 192 19.65 -24.49 33.92
CA GLY F 192 19.31 -25.06 35.22
C GLY F 192 18.01 -25.82 35.33
N GLY F 193 17.16 -25.72 34.31
CA GLY F 193 15.87 -26.41 34.37
C GLY F 193 15.23 -26.55 33.01
N TYR F 194 14.94 -27.78 32.61
CA TYR F 194 14.43 -28.04 31.28
C TYR F 194 12.93 -28.02 31.21
N PHE F 195 12.25 -28.15 32.34
CA PHE F 195 10.80 -28.35 32.34
C PHE F 195 10.01 -27.31 33.14
N PRO F 196 10.18 -26.02 32.84
CA PRO F 196 9.54 -24.99 33.67
C PRO F 196 8.01 -24.98 33.56
N VAL F 197 7.32 -24.53 34.63
CA VAL F 197 5.86 -24.44 34.62
C VAL F 197 5.36 -23.26 33.75
N ALA F 198 4.06 -23.23 33.48
CA ALA F 198 3.44 -22.13 32.75
C ALA F 198 3.67 -20.83 33.48
N PRO F 199 3.79 -19.71 32.74
CA PRO F 199 3.65 -19.57 31.30
C PRO F 199 4.92 -19.88 30.47
N ASN F 200 6.04 -20.25 31.09
CA ASN F 200 7.21 -20.68 30.30
C ASN F 200 6.83 -21.91 29.47
N ASP F 201 6.08 -22.82 30.08
CA ASP F 201 5.54 -23.95 29.38
C ASP F 201 4.31 -23.45 28.66
N GLN F 202 4.40 -23.40 27.33
CA GLN F 202 3.34 -22.85 26.51
C GLN F 202 2.50 -23.91 25.80
N TYR F 203 2.71 -25.18 26.15
CA TYR F 203 1.99 -26.27 25.49
C TYR F 203 1.22 -27.18 26.44
N VAL F 204 0.96 -26.71 27.65
CA VAL F 204 0.33 -27.55 28.68
C VAL F 204 -0.99 -28.18 28.21
N ASP F 205 -1.90 -27.35 27.71
CA ASP F 205 -3.22 -27.84 27.35
C ASP F 205 -3.17 -28.79 26.18
N LEU F 206 -2.34 -28.49 25.20
CA LEU F 206 -2.20 -29.35 24.05
C LEU F 206 -1.62 -30.71 24.43
N ARG F 207 -0.55 -30.71 25.23
CA ARG F 207 0.01 -31.98 25.71
C ARG F 207 -1.02 -32.82 26.45
N ASP F 208 -1.80 -32.16 27.32
CA ASP F 208 -2.86 -32.84 28.06
C ASP F 208 -3.88 -33.47 27.11
N LYS F 209 -4.20 -32.78 26.02
CA LYS F 209 -5.09 -33.35 25.00
C LYS F 209 -4.50 -34.61 24.38
N MET F 210 -3.22 -34.58 24.10
CA MET F 210 -2.50 -35.76 23.63
C MET F 210 -2.57 -36.91 24.65
N LEU F 211 -2.30 -36.58 25.91
CA LEU F 211 -2.37 -37.56 26.98
C LEU F 211 -3.74 -38.20 27.04
N THR F 212 -4.76 -37.35 27.11
CA THR F 212 -6.13 -37.81 27.17
C THR F 212 -6.46 -38.73 25.99
N ASN F 213 -6.05 -38.34 24.79
CA ASN F 213 -6.33 -39.16 23.62
C ASN F 213 -5.64 -40.51 23.68
N LEU F 214 -4.42 -40.54 24.22
CA LEU F 214 -3.72 -41.82 24.39
C LEU F 214 -4.44 -42.73 25.38
N ILE F 215 -4.83 -42.18 26.54
CA ILE F 215 -5.55 -42.98 27.53
C ILE F 215 -6.88 -43.49 26.95
N ASN F 216 -7.61 -42.64 26.22
CA ASN F 216 -8.86 -43.08 25.59
C ASN F 216 -8.66 -44.11 24.49
N SER F 217 -7.44 -44.15 23.95
CA SER F 217 -7.09 -45.12 22.91
C SER F 217 -6.43 -46.39 23.43
N GLY F 218 -6.55 -46.67 24.73
CA GLY F 218 -6.10 -47.94 25.29
C GLY F 218 -4.65 -48.02 25.73
N PHE F 219 -3.93 -46.90 25.68
CA PHE F 219 -2.59 -46.83 26.24
C PHE F 219 -2.69 -46.91 27.75
N ILE F 220 -1.79 -47.66 28.36
CA ILE F 220 -1.79 -47.84 29.80
C ILE F 220 -0.70 -46.98 30.44
N LEU F 221 -1.11 -46.05 31.27
CA LEU F 221 -0.19 -45.18 31.98
C LEU F 221 -0.35 -45.46 33.47
N GLU F 222 0.72 -45.98 34.08
CA GLU F 222 0.74 -46.33 35.49
C GLU F 222 2.04 -45.83 36.10
N LYS F 223 2.50 -46.48 37.16
CA LYS F 223 3.73 -46.11 37.84
C LYS F 223 4.88 -45.96 36.85
N GLY F 224 5.55 -44.80 36.88
CA GLY F 224 6.69 -44.53 36.03
C GLY F 224 6.39 -43.95 34.66
N HIS F 225 5.11 -43.73 34.37
CA HIS F 225 4.69 -43.16 33.10
C HIS F 225 4.29 -41.71 33.28
N HIS F 226 4.75 -40.86 32.38
CA HIS F 226 4.53 -39.43 32.52
C HIS F 226 4.43 -38.65 31.23
N GLU F 227 3.85 -37.45 31.34
CA GLU F 227 3.84 -36.48 30.27
C GLU F 227 4.90 -35.40 30.58
N VAL F 228 5.85 -35.21 29.67
CA VAL F 228 6.91 -34.22 29.87
C VAL F 228 7.01 -33.26 28.71
N GLY F 229 7.33 -32.00 28.99
CA GLY F 229 7.52 -30.98 27.96
C GLY F 229 8.71 -30.07 28.24
N SER F 230 9.44 -29.70 27.18
CA SER F 230 10.57 -28.78 27.30
C SER F 230 10.61 -27.95 26.04
N GLY F 231 10.31 -26.65 26.18
CA GLY F 231 10.11 -25.77 25.03
C GLY F 231 9.02 -26.38 24.16
N GLY F 232 9.27 -26.46 22.86
CA GLY F 232 8.38 -27.20 21.96
C GLY F 232 8.54 -28.72 21.89
N GLN F 233 9.45 -29.29 22.68
CA GLN F 233 9.66 -30.72 22.68
C GLN F 233 8.82 -31.41 23.76
N ALA F 234 8.38 -32.63 23.47
CA ALA F 234 7.55 -33.39 24.39
C ALA F 234 7.71 -34.89 24.27
N GLU F 235 7.28 -35.59 25.30
CA GLU F 235 7.31 -37.04 25.35
C GLU F 235 6.23 -37.52 26.28
N ILE F 236 5.48 -38.54 25.87
CA ILE F 236 4.60 -39.24 26.77
C ILE F 236 4.92 -40.74 26.63
N ASN F 237 5.42 -41.34 27.71
CA ASN F 237 5.67 -42.76 27.71
C ASN F 237 4.53 -43.56 28.34
N TYR F 238 4.52 -44.87 28.09
CA TYR F 238 3.39 -45.72 28.37
C TYR F 238 3.86 -47.15 28.52
N GLN F 239 2.98 -48.04 29.00
CA GLN F 239 3.37 -49.41 29.29
C GLN F 239 3.85 -50.16 28.05
N PHE F 240 4.96 -50.89 28.21
CA PHE F 240 5.55 -51.74 27.17
C PHE F 240 4.56 -52.83 26.72
N ASN F 241 4.98 -53.58 25.72
CA ASN F 241 4.16 -54.63 25.15
C ASN F 241 5.06 -55.70 24.51
N SER F 242 4.47 -56.81 24.08
CA SER F 242 5.23 -57.79 23.30
C SER F 242 5.62 -57.19 21.94
N LEU F 243 6.71 -57.67 21.36
CA LEU F 243 7.34 -57.03 20.20
C LEU F 243 6.38 -56.48 19.13
N LEU F 244 5.62 -57.33 18.47
CA LEU F 244 4.73 -56.89 17.39
C LEU F 244 3.78 -55.78 17.87
N HIS F 245 3.07 -56.03 18.96
CA HIS F 245 2.09 -55.07 19.45
C HIS F 245 2.66 -53.80 20.06
N ALA F 246 3.91 -53.89 20.54
CA ALA F 246 4.69 -52.71 20.94
C ALA F 246 4.92 -51.79 19.75
N ALA F 247 5.25 -52.37 18.60
CA ALA F 247 5.43 -51.56 17.41
C ALA F 247 4.10 -51.00 16.91
N ASP F 248 3.04 -51.80 16.98
CA ASP F 248 1.70 -51.29 16.67
C ASP F 248 1.39 -50.08 17.57
N ASP F 249 1.73 -50.18 18.85
CA ASP F 249 1.51 -49.10 19.81
C ASP F 249 2.25 -47.81 19.41
N MET F 250 3.49 -47.98 18.92
CA MET F 250 4.32 -46.86 18.51
C MET F 250 3.66 -46.17 17.32
N GLN F 251 3.18 -46.95 16.37
CA GLN F 251 2.53 -46.37 15.20
C GLN F 251 1.29 -45.57 15.62
N LEU F 252 0.58 -46.10 16.60
CA LEU F 252 -0.65 -45.48 17.06
C LEU F 252 -0.36 -44.24 17.88
N TYR F 253 0.71 -44.32 18.67
CA TYR F 253 1.23 -43.17 19.40
C TYR F 253 1.51 -42.01 18.45
N LYS F 254 2.33 -42.24 17.44
CA LYS F 254 2.67 -41.21 16.47
C LYS F 254 1.40 -40.66 15.80
N TYR F 255 0.50 -41.56 15.42
CA TYR F 255 -0.72 -41.17 14.78
C TYR F 255 -1.52 -40.22 15.69
N ILE F 256 -1.61 -40.55 16.98
CA ILE F 256 -2.40 -39.75 17.89
C ILE F 256 -1.75 -38.39 18.21
N ILE F 257 -0.44 -38.39 18.38
CA ILE F 257 0.28 -37.17 18.63
C ILE F 257 0.19 -36.22 17.43
N LYS F 258 0.43 -36.75 16.22
CA LYS F 258 0.42 -35.90 15.02
C LYS F 258 -0.95 -35.28 14.80
N ASN F 259 -1.99 -36.08 14.98
CA ASN F 259 -3.35 -35.63 14.69
C ASN F 259 -3.99 -34.80 15.80
N THR F 260 -3.58 -35.03 17.06
CA THR F 260 -4.01 -34.10 18.12
C THR F 260 -3.46 -32.71 17.85
N ALA F 261 -2.19 -32.64 17.47
CA ALA F 261 -1.57 -31.36 17.06
C ALA F 261 -2.31 -30.72 15.87
N TRP F 262 -2.57 -31.54 14.85
CA TRP F 262 -3.18 -31.07 13.61
C TRP F 262 -4.56 -30.48 13.87
N GLN F 263 -5.37 -31.17 14.65
CA GLN F 263 -6.68 -30.68 14.99
C GLN F 263 -6.68 -29.41 15.81
N ASN F 264 -5.56 -29.10 16.47
CA ASN F 264 -5.44 -27.91 17.26
C ASN F 264 -4.56 -26.83 16.64
N GLY F 265 -4.47 -26.87 15.31
CA GLY F 265 -3.81 -25.80 14.56
C GLY F 265 -2.30 -25.83 14.65
N LYS F 266 -1.75 -26.99 15.01
CA LYS F 266 -0.29 -27.16 15.10
C LYS F 266 0.20 -28.24 14.15
N THR F 267 1.51 -28.49 14.18
CA THR F 267 2.11 -29.51 13.30
C THR F 267 3.31 -30.15 13.98
N VAL F 268 3.26 -31.48 14.09
CA VAL F 268 4.28 -32.21 14.84
C VAL F 268 5.30 -32.87 13.92
N THR F 269 6.56 -32.92 14.35
CA THR F 269 7.52 -33.76 13.67
C THR F 269 8.26 -34.71 14.60
N PHE F 270 8.47 -35.93 14.14
CA PHE F 270 9.25 -36.92 14.87
C PHE F 270 10.66 -37.04 14.30
N MET F 271 11.03 -36.12 13.42
CA MET F 271 12.36 -36.19 12.83
C MET F 271 13.44 -36.05 13.92
N PRO F 272 14.57 -36.75 13.75
CA PRO F 272 15.59 -36.78 14.78
C PRO F 272 16.16 -35.41 15.13
N LYS F 273 16.31 -34.53 14.14
CA LYS F 273 17.00 -33.26 14.38
C LYS F 273 16.42 -32.10 13.56
N PRO F 274 15.26 -31.55 13.99
CA PRO F 274 14.65 -30.43 13.27
C PRO F 274 15.30 -29.09 13.63
N LEU F 275 15.91 -29.00 14.81
CA LEU F 275 16.50 -27.74 15.28
C LEU F 275 18.01 -27.85 15.47
N PHE F 276 18.73 -26.93 14.84
CA PHE F 276 20.17 -26.89 15.03
C PHE F 276 20.49 -26.16 16.34
N GLY F 277 21.30 -26.79 17.19
CA GLY F 277 21.68 -26.22 18.47
C GLY F 277 20.58 -26.36 19.50
N ASP F 278 19.79 -27.41 19.37
CA ASP F 278 18.78 -27.75 20.37
C ASP F 278 18.68 -29.27 20.38
N ASN F 279 18.12 -29.82 21.45
CA ASN F 279 18.00 -31.25 21.65
C ASN F 279 17.40 -31.97 20.45
N GLY F 280 18.00 -33.09 20.06
CA GLY F 280 17.38 -33.96 19.08
C GLY F 280 16.28 -34.81 19.70
N SER F 281 15.58 -35.58 18.87
CA SER F 281 14.50 -36.43 19.36
C SER F 281 14.89 -37.87 19.23
N GLY F 282 15.02 -38.54 20.38
CA GLY F 282 15.37 -39.95 20.41
C GLY F 282 14.23 -40.88 20.80
N MET F 283 14.48 -42.18 20.64
CA MET F 283 13.57 -43.22 21.06
C MET F 283 14.36 -44.24 21.86
N HIS F 284 14.30 -44.15 23.18
CA HIS F 284 14.95 -45.13 24.02
C HIS F 284 14.15 -46.43 24.02
N CYS F 285 14.81 -47.55 23.74
CA CYS F 285 14.14 -48.84 23.64
C CYS F 285 14.51 -49.84 24.73
N HIS F 286 13.57 -50.08 25.64
CA HIS F 286 13.71 -51.04 26.71
C HIS F 286 13.37 -52.44 26.16
N GLN F 287 14.16 -53.44 26.56
CA GLN F 287 14.01 -54.83 26.06
C GLN F 287 14.25 -55.86 27.13
N SER F 288 13.42 -56.89 27.15
CA SER F 288 13.67 -58.05 27.99
C SER F 288 13.07 -59.33 27.37
N LEU F 289 13.67 -60.47 27.69
CA LEU F 289 13.15 -61.78 27.28
C LEU F 289 12.54 -62.52 28.47
N TRP F 290 11.44 -63.22 28.19
CA TRP F 290 10.69 -63.97 29.21
C TRP F 290 10.37 -65.38 28.72
N LYS F 291 10.36 -66.32 29.65
CA LYS F 291 9.97 -67.70 29.37
C LYS F 291 9.06 -68.26 30.46
N ASP F 292 7.95 -68.86 30.02
CA ASP F 292 6.96 -69.49 30.91
C ASP F 292 6.54 -68.58 32.05
N GLY F 293 6.24 -67.33 31.71
CA GLY F 293 5.83 -66.32 32.70
C GLY F 293 6.91 -65.82 33.65
N ALA F 294 8.16 -66.19 33.41
CA ALA F 294 9.27 -65.81 34.29
C ALA F 294 10.32 -65.01 33.52
N PRO F 295 10.94 -64.02 34.18
CA PRO F 295 11.97 -63.20 33.55
C PRO F 295 13.29 -63.97 33.37
N LEU F 296 14.08 -63.57 32.38
CA LEU F 296 15.33 -64.24 32.06
C LEU F 296 16.55 -63.35 32.18
N MET F 297 16.35 -62.09 32.53
CA MET F 297 17.44 -61.14 32.46
C MET F 297 18.19 -60.99 33.78
N TYR F 298 17.58 -61.43 34.88
CA TYR F 298 18.13 -61.19 36.22
C TYR F 298 19.07 -62.27 36.75
N ASP F 299 20.07 -61.83 37.53
CA ASP F 299 20.94 -62.70 38.30
C ASP F 299 21.69 -61.83 39.32
N GLU F 300 21.48 -62.09 40.61
CA GLU F 300 22.06 -61.29 41.70
C GLU F 300 23.57 -61.21 41.58
N THR F 301 24.16 -62.29 41.10
CA THR F 301 25.60 -62.48 41.08
C THR F 301 26.31 -61.79 39.92
N GLY F 302 25.62 -61.56 38.82
CA GLY F 302 26.18 -60.86 37.65
C GLY F 302 26.27 -59.35 37.82
N TYR F 303 27.13 -58.71 37.02
CA TYR F 303 27.29 -57.26 37.06
C TYR F 303 25.95 -56.59 36.72
N ALA F 304 25.56 -55.61 37.53
CA ALA F 304 24.30 -54.88 37.34
C ALA F 304 23.07 -55.79 37.32
N GLY F 305 23.18 -56.95 37.95
CA GLY F 305 22.05 -57.87 38.08
C GLY F 305 21.71 -58.64 36.82
N LEU F 306 22.67 -58.73 35.91
CA LEU F 306 22.43 -59.30 34.60
C LEU F 306 22.83 -60.77 34.50
N SER F 307 21.91 -61.59 34.00
CA SER F 307 22.17 -63.01 33.75
C SER F 307 23.09 -63.20 32.56
N ASP F 308 23.53 -64.44 32.34
CA ASP F 308 24.32 -64.78 31.16
C ASP F 308 23.59 -64.49 29.85
N THR F 309 22.30 -64.76 29.85
CA THR F 309 21.46 -64.50 28.70
C THR F 309 21.39 -63.00 28.39
N ALA F 310 21.24 -62.18 29.43
CA ALA F 310 21.21 -60.73 29.27
C ALA F 310 22.53 -60.22 28.71
N ARG F 311 23.64 -60.68 29.29
CA ARG F 311 24.98 -60.20 28.92
C ARG F 311 25.26 -60.54 27.47
N HIS F 312 24.87 -61.74 27.07
CA HIS F 312 25.07 -62.18 25.69
C HIS F 312 24.20 -61.42 24.68
N TYR F 313 22.99 -61.06 25.10
CA TYR F 313 22.07 -60.23 24.32
C TYR F 313 22.74 -58.88 24.07
N ILE F 314 23.28 -58.30 25.14
CA ILE F 314 24.05 -57.07 25.03
C ILE F 314 25.22 -57.26 24.06
N GLY F 315 25.91 -58.37 24.18
CA GLY F 315 26.99 -58.72 23.30
C GLY F 315 26.59 -58.62 21.85
N GLY F 316 25.42 -59.18 21.54
CA GLY F 316 24.84 -59.08 20.21
C GLY F 316 24.51 -57.67 19.75
N LEU F 317 23.91 -56.87 20.65
CA LEU F 317 23.56 -55.50 20.33
C LEU F 317 24.80 -54.71 19.96
N LEU F 318 25.83 -54.82 20.79
CA LEU F 318 27.05 -54.04 20.60
C LEU F 318 27.85 -54.50 19.38
N HIS F 319 27.88 -55.81 19.16
CA HIS F 319 28.60 -56.34 18.02
C HIS F 319 27.92 -55.95 16.70
N HIS F 320 26.59 -56.03 16.67
CA HIS F 320 25.85 -55.75 15.45
C HIS F 320 25.38 -54.29 15.30
N ALA F 321 25.62 -53.46 16.31
CA ALA F 321 25.21 -52.05 16.28
C ALA F 321 25.48 -51.33 14.95
N PRO F 322 26.72 -51.43 14.38
CA PRO F 322 26.96 -50.69 13.15
C PRO F 322 25.98 -51.02 12.03
N SER F 323 25.49 -52.24 11.97
CA SER F 323 24.53 -52.60 10.94
C SER F 323 23.10 -52.40 11.44
N LEU F 324 22.91 -52.59 12.73
CA LEU F 324 21.62 -52.45 13.38
C LEU F 324 21.03 -51.04 13.21
N LEU F 325 21.90 -50.03 13.23
CA LEU F 325 21.45 -48.65 13.06
C LEU F 325 20.77 -48.40 11.72
N ALA F 326 20.97 -49.28 10.74
CA ALA F 326 20.28 -49.16 9.47
C ALA F 326 18.77 -49.24 9.65
N PHE F 327 18.34 -49.81 10.77
CA PHE F 327 16.92 -49.90 11.05
C PHE F 327 16.51 -49.04 12.21
N THR F 328 17.38 -48.90 13.21
CA THR F 328 17.04 -48.11 14.38
C THR F 328 17.26 -46.63 14.16
N ASN F 329 18.14 -46.30 13.22
CA ASN F 329 18.49 -44.91 12.91
C ASN F 329 18.58 -44.72 11.39
N PRO F 330 17.46 -44.91 10.68
CA PRO F 330 17.47 -45.20 9.24
C PRO F 330 17.52 -44.01 8.30
N THR F 331 17.72 -42.80 8.81
CA THR F 331 17.65 -41.63 7.93
C THR F 331 18.94 -40.82 7.96
N VAL F 332 19.15 -40.00 6.93
CA VAL F 332 20.28 -39.10 6.91
C VAL F 332 20.24 -38.16 8.12
N ASN F 333 19.08 -37.58 8.38
CA ASN F 333 18.87 -36.71 9.55
C ASN F 333 19.18 -37.35 10.91
N SER F 334 19.08 -38.68 11.01
CA SER F 334 19.46 -39.39 12.24
C SER F 334 20.87 -39.05 12.70
N TYR F 335 21.75 -38.82 11.75
CA TYR F 335 23.17 -38.69 12.06
C TYR F 335 23.54 -37.27 12.43
N LYS F 336 22.57 -36.37 12.38
CA LYS F 336 22.68 -35.04 12.98
C LYS F 336 22.41 -35.07 14.49
N ARG F 337 21.79 -36.14 14.98
CA ARG F 337 21.58 -36.35 16.40
C ARG F 337 22.72 -37.18 16.95
N LEU F 338 23.09 -38.24 16.23
CA LEU F 338 24.18 -39.12 16.64
C LEU F 338 25.52 -38.51 16.25
N VAL F 339 25.86 -37.38 16.89
CA VAL F 339 27.03 -36.60 16.48
C VAL F 339 28.24 -36.75 17.40
N PRO F 340 29.40 -37.11 16.80
CA PRO F 340 30.72 -37.45 17.39
C PRO F 340 31.29 -36.62 18.57
N GLY F 341 30.62 -35.56 19.03
CA GLY F 341 31.22 -34.76 20.12
C GLY F 341 30.36 -34.23 21.25
N TYR F 342 29.38 -35.02 21.71
CA TYR F 342 28.38 -34.54 22.70
C TYR F 342 28.04 -35.58 23.78
N GLU F 343 26.79 -35.50 24.26
CA GLU F 343 26.20 -36.51 25.17
C GLU F 343 25.70 -37.72 24.38
N ALA F 344 25.89 -37.66 23.06
CA ALA F 344 25.37 -38.61 22.07
C ALA F 344 25.54 -40.10 22.47
N PRO F 345 24.42 -40.84 22.55
CA PRO F 345 24.49 -42.29 22.76
C PRO F 345 25.15 -43.02 21.56
N ILE F 346 26.45 -42.80 21.37
CA ILE F 346 27.19 -43.36 20.23
C ILE F 346 28.31 -44.33 20.65
N ASN F 347 28.57 -44.42 21.95
CA ASN F 347 29.65 -45.26 22.48
C ASN F 347 29.21 -46.71 22.63
N LEU F 348 29.89 -47.60 21.92
CA LEU F 348 29.53 -49.03 21.87
C LEU F 348 29.91 -49.79 23.13
N VAL F 349 29.41 -49.34 24.27
CA VAL F 349 29.63 -50.00 25.55
C VAL F 349 28.29 -50.12 26.26
N TYR F 350 28.22 -50.97 27.28
CA TYR F 350 27.08 -50.89 28.18
C TYR F 350 27.49 -50.33 29.54
N SER F 351 26.53 -49.72 30.23
CA SER F 351 26.80 -48.97 31.46
C SER F 351 25.55 -48.89 32.32
N GLN F 352 25.73 -48.42 33.55
CA GLN F 352 24.64 -48.29 34.49
C GLN F 352 24.45 -46.81 34.86
N ARG F 353 25.50 -46.01 34.65
CA ARG F 353 25.51 -44.60 35.06
C ARG F 353 25.78 -43.66 33.91
N ASN F 354 26.49 -44.17 32.90
CA ASN F 354 26.91 -43.36 31.78
C ASN F 354 25.81 -43.12 30.74
N ARG F 355 25.26 -41.89 30.75
CA ARG F 355 24.17 -41.51 29.84
C ARG F 355 24.76 -41.11 28.49
N SER F 356 25.60 -42.00 27.96
CA SER F 356 26.39 -41.73 26.76
C SER F 356 26.74 -43.06 26.07
N ALA F 357 26.30 -44.15 26.69
CA ALA F 357 26.48 -45.49 26.15
C ALA F 357 25.24 -45.97 25.39
N CYS F 358 25.47 -46.75 24.34
CA CYS F 358 24.42 -47.35 23.52
C CYS F 358 23.41 -48.11 24.36
N VAL F 359 23.93 -48.93 25.28
CA VAL F 359 23.10 -49.77 26.11
C VAL F 359 23.24 -49.30 27.52
N ARG F 360 22.11 -48.97 28.15
CA ARG F 360 22.08 -48.62 29.55
C ARG F 360 21.26 -49.65 30.31
N ILE F 361 21.67 -49.96 31.53
CA ILE F 361 20.92 -50.85 32.39
C ILE F 361 20.24 -50.03 33.48
N PRO F 362 18.93 -49.76 33.34
CA PRO F 362 18.25 -48.92 34.33
C PRO F 362 18.34 -49.55 35.72
N ILE F 363 18.51 -48.72 36.75
CA ILE F 363 18.68 -49.27 38.08
C ILE F 363 17.32 -49.61 38.67
N THR F 364 17.16 -50.90 38.94
CA THR F 364 15.86 -51.49 39.27
C THR F 364 15.93 -52.30 40.58
N GLY F 365 17.08 -52.22 41.25
CA GLY F 365 17.30 -52.96 42.50
C GLY F 365 17.30 -54.47 42.32
N SER F 366 16.69 -55.16 43.27
CA SER F 366 16.72 -56.63 43.31
C SER F 366 15.43 -57.30 42.83
N ASN F 367 14.47 -56.51 42.36
CA ASN F 367 13.26 -57.04 41.73
C ASN F 367 13.58 -57.66 40.37
N PRO F 368 13.52 -59.00 40.29
CA PRO F 368 13.97 -59.68 39.06
C PRO F 368 13.14 -59.34 37.82
N LYS F 369 11.85 -59.06 38.02
CA LYS F 369 10.93 -58.80 36.91
C LYS F 369 11.28 -57.52 36.17
N ALA F 370 11.79 -56.53 36.88
CA ALA F 370 12.09 -55.20 36.31
C ALA F 370 13.40 -55.14 35.50
N LYS F 371 14.24 -56.17 35.64
CA LYS F 371 15.55 -56.17 34.99
C LYS F 371 15.43 -56.21 33.46
N ARG F 372 16.13 -55.29 32.81
CA ARG F 372 16.03 -55.09 31.36
C ARG F 372 17.20 -54.30 30.84
N LEU F 373 17.31 -54.22 29.52
CA LEU F 373 18.31 -53.34 28.90
C LEU F 373 17.68 -52.27 28.01
N GLU F 374 18.22 -51.07 28.08
CA GLU F 374 17.72 -49.93 27.34
C GLU F 374 18.70 -49.61 26.23
N PHE F 375 18.27 -49.79 24.97
CA PHE F 375 19.07 -49.36 23.83
C PHE F 375 18.72 -47.90 23.53
N ARG F 376 19.71 -47.01 23.66
CA ARG F 376 19.49 -45.54 23.68
C ARG F 376 19.70 -44.81 22.35
N SER F 377 20.41 -45.45 21.42
CA SER F 377 20.71 -44.89 20.11
C SER F 377 19.52 -44.59 19.20
N PRO F 378 18.48 -45.45 19.18
CA PRO F 378 17.44 -45.29 18.17
C PRO F 378 16.71 -43.94 18.17
N ASP F 379 16.01 -43.66 17.09
CA ASP F 379 15.17 -42.49 16.99
C ASP F 379 13.85 -42.90 16.38
N SER F 380 12.94 -41.96 16.18
CA SER F 380 11.60 -42.31 15.71
C SER F 380 11.44 -42.19 14.21
N SER F 381 12.53 -42.13 13.48
CA SER F 381 12.45 -41.79 12.08
C SER F 381 12.16 -42.94 11.12
N GLY F 382 12.10 -44.16 11.63
CA GLY F 382 11.90 -45.25 10.70
C GLY F 382 10.68 -46.11 10.92
N ASN F 383 10.95 -47.41 11.12
CA ASN F 383 9.92 -48.39 11.17
C ASN F 383 10.06 -49.22 12.44
N PRO F 384 9.15 -49.03 13.40
CA PRO F 384 9.31 -49.72 14.66
C PRO F 384 9.20 -51.26 14.53
N TYR F 385 8.40 -51.75 13.57
CA TYR F 385 8.31 -53.20 13.31
C TYR F 385 9.70 -53.72 12.93
N LEU F 386 10.38 -53.02 12.03
CA LEU F 386 11.71 -53.46 11.59
C LEU F 386 12.76 -53.22 12.66
N ALA F 387 12.68 -52.09 13.34
CA ALA F 387 13.66 -51.74 14.36
C ALA F 387 13.62 -52.70 15.54
N PHE F 388 12.43 -52.97 16.08
CA PHE F 388 12.32 -53.90 17.20
C PHE F 388 12.77 -55.32 16.79
N SER F 389 12.32 -55.78 15.62
CA SER F 389 12.73 -57.07 15.08
C SER F 389 14.24 -57.16 14.96
N ALA F 390 14.84 -56.14 14.37
CA ALA F 390 16.28 -56.12 14.14
C ALA F 390 17.03 -56.20 15.46
N MET F 391 16.53 -55.47 16.47
CA MET F 391 17.14 -55.48 17.80
C MET F 391 17.08 -56.88 18.41
N LEU F 392 15.92 -57.53 18.32
CA LEU F 392 15.79 -58.87 18.84
C LEU F 392 16.76 -59.85 18.17
N MET F 393 16.81 -59.81 16.84
CA MET F 393 17.74 -60.65 16.08
C MET F 393 19.20 -60.45 16.51
N ALA F 394 19.61 -59.20 16.74
CA ALA F 394 20.96 -58.94 17.22
C ALA F 394 21.18 -59.63 18.55
N GLY F 395 20.21 -59.47 19.46
CA GLY F 395 20.28 -60.08 20.78
C GLY F 395 20.30 -61.60 20.74
N LEU F 396 19.49 -62.18 19.87
CA LEU F 396 19.41 -63.62 19.72
C LEU F 396 20.68 -64.24 19.12
N ASP F 397 21.28 -63.57 18.15
CA ASP F 397 22.57 -63.97 17.62
C ASP F 397 23.63 -63.88 18.72
N GLY F 398 23.50 -62.88 19.58
CA GLY F 398 24.39 -62.73 20.73
C GLY F 398 24.29 -63.92 21.67
N ILE F 399 23.07 -64.40 21.91
CA ILE F 399 22.85 -65.52 22.81
C ILE F 399 23.36 -66.82 22.18
N LYS F 400 22.93 -67.10 20.96
CA LYS F 400 23.37 -68.31 20.26
C LYS F 400 24.88 -68.47 20.15
N ASN F 401 25.60 -67.38 19.88
CA ASN F 401 27.05 -67.42 19.76
C ASN F 401 27.80 -66.98 21.01
N LYS F 402 27.08 -66.84 22.13
CA LYS F 402 27.65 -66.45 23.41
C LYS F 402 28.63 -65.28 23.30
N ILE F 403 28.26 -64.26 22.54
CA ILE F 403 29.13 -63.11 22.31
C ILE F 403 29.35 -62.34 23.60
N GLU F 404 30.61 -62.12 23.94
CA GLU F 404 30.98 -61.37 25.13
C GLU F 404 31.22 -59.91 24.82
N PRO F 405 30.46 -59.03 25.50
CA PRO F 405 30.63 -57.60 25.32
C PRO F 405 31.90 -57.12 26.01
N GLN F 406 32.45 -55.99 25.55
CA GLN F 406 33.53 -55.30 26.26
C GLN F 406 33.14 -55.08 27.72
N ALA F 407 34.14 -54.91 28.58
CA ALA F 407 33.92 -54.53 29.97
C ALA F 407 33.07 -53.25 30.03
N PRO F 408 32.04 -53.23 30.91
CA PRO F 408 31.21 -52.04 31.11
C PRO F 408 32.01 -50.81 31.59
N VAL F 409 31.49 -49.62 31.31
CA VAL F 409 32.14 -48.36 31.70
C VAL F 409 31.17 -47.51 32.54
N ASP F 410 31.50 -47.32 33.83
CA ASP F 410 30.66 -46.52 34.74
C ASP F 410 31.11 -45.07 34.95
N LYS F 411 32.36 -44.78 34.58
CA LYS F 411 32.92 -43.42 34.59
C LYS F 411 32.73 -42.73 33.22
N ASP F 412 32.65 -41.40 33.23
CA ASP F 412 32.39 -40.60 32.01
C ASP F 412 33.41 -40.81 30.88
N ALA F 421 39.67 -43.45 26.07
CA ALA F 421 39.47 -42.27 25.23
C ALA F 421 39.32 -42.65 23.74
N ALA F 422 40.44 -42.93 23.07
CA ALA F 422 40.45 -43.57 21.74
C ALA F 422 40.19 -45.09 21.89
N SER F 423 40.05 -45.51 23.15
CA SER F 423 39.85 -46.90 23.54
C SER F 423 38.43 -47.40 23.18
N ILE F 424 37.43 -46.54 23.32
CA ILE F 424 36.01 -46.91 23.14
C ILE F 424 35.53 -46.75 21.69
N PRO F 425 35.03 -47.85 21.08
CA PRO F 425 34.52 -47.80 19.69
C PRO F 425 33.20 -47.01 19.55
N GLN F 426 33.03 -46.40 18.39
CA GLN F 426 31.89 -45.54 18.10
C GLN F 426 30.95 -46.20 17.08
N THR F 427 29.69 -45.77 17.10
CA THR F 427 28.77 -46.06 16.00
C THR F 427 29.22 -45.24 14.80
N PRO F 428 29.02 -45.77 13.57
CA PRO F 428 29.36 -44.94 12.42
C PRO F 428 28.58 -43.62 12.43
N THR F 429 29.08 -42.63 11.72
CA THR F 429 28.56 -41.25 11.84
C THR F 429 27.71 -40.78 10.66
N GLN F 430 27.53 -41.63 9.65
CA GLN F 430 26.77 -41.32 8.44
C GLN F 430 25.85 -42.47 8.10
N LEU F 431 24.69 -42.18 7.50
CA LEU F 431 23.80 -43.24 7.03
C LEU F 431 24.47 -44.17 6.01
N SER F 432 25.28 -43.58 5.12
CA SER F 432 25.93 -44.34 4.06
C SER F 432 26.89 -45.38 4.65
N ASP F 433 27.59 -45.00 5.71
CA ASP F 433 28.43 -45.96 6.42
C ASP F 433 27.62 -47.11 7.04
N VAL F 434 26.49 -46.81 7.69
CA VAL F 434 25.73 -47.87 8.34
C VAL F 434 25.04 -48.74 7.30
N ILE F 435 24.68 -48.17 6.16
CA ILE F 435 24.16 -48.98 5.07
C ILE F 435 25.25 -49.93 4.52
N ASP F 436 26.49 -49.46 4.41
CA ASP F 436 27.60 -50.31 4.02
C ASP F 436 27.79 -51.46 5.00
N ARG F 437 27.74 -51.14 6.29
CA ARG F 437 27.86 -52.16 7.34
C ARG F 437 26.71 -53.18 7.35
N LEU F 438 25.50 -52.71 7.03
CA LEU F 438 24.38 -53.63 6.85
C LEU F 438 24.62 -54.60 5.69
N GLU F 439 25.15 -54.06 4.60
CA GLU F 439 25.46 -54.86 3.40
C GLU F 439 26.48 -55.93 3.71
N ALA F 440 27.48 -55.57 4.52
CA ALA F 440 28.56 -56.47 4.86
C ALA F 440 28.21 -57.51 5.93
N ASP F 441 27.17 -57.26 6.73
CA ASP F 441 26.88 -58.10 7.90
C ASP F 441 25.38 -58.12 8.23
N HIS F 442 24.61 -58.93 7.49
CA HIS F 442 23.17 -59.04 7.73
C HIS F 442 22.74 -60.49 7.93
N GLU F 443 23.73 -61.35 8.14
CA GLU F 443 23.50 -62.77 8.35
C GLU F 443 22.56 -63.00 9.54
N TYR F 444 22.78 -62.29 10.64
CA TYR F 444 21.96 -62.43 11.85
C TYR F 444 20.49 -62.09 11.65
N LEU F 445 20.20 -61.24 10.66
CA LEU F 445 18.83 -60.82 10.40
C LEU F 445 18.03 -61.86 9.61
N THR F 446 18.73 -62.69 8.85
CA THR F 446 18.12 -63.74 8.02
C THR F 446 17.85 -65.06 8.76
N GLU F 447 18.44 -65.23 9.94
CA GLU F 447 18.19 -66.42 10.74
C GLU F 447 16.70 -66.67 10.84
N GLY F 448 16.29 -67.91 10.61
CA GLY F 448 14.87 -68.27 10.69
C GLY F 448 14.01 -67.61 9.62
N GLY F 449 14.64 -66.99 8.64
CA GLY F 449 13.92 -66.30 7.58
C GLY F 449 13.14 -65.08 8.02
N VAL F 450 13.54 -64.47 9.15
CA VAL F 450 12.80 -63.32 9.68
C VAL F 450 12.87 -62.15 8.72
N PHE F 451 14.09 -61.72 8.41
CA PHE F 451 14.37 -60.84 7.27
C PHE F 451 14.87 -61.73 6.14
N THR F 452 14.60 -61.35 4.91
CA THR F 452 15.15 -62.08 3.75
C THR F 452 16.25 -61.25 3.10
N ASN F 453 17.20 -61.93 2.44
CA ASN F 453 18.22 -61.22 1.65
C ASN F 453 17.61 -60.26 0.65
N ASP F 454 16.52 -60.68 0.01
CA ASP F 454 15.78 -59.85 -0.92
C ASP F 454 15.39 -58.51 -0.27
N LEU F 455 14.78 -58.57 0.93
CA LEU F 455 14.32 -57.37 1.61
C LEU F 455 15.47 -56.45 1.98
N ILE F 456 16.55 -57.04 2.47
CA ILE F 456 17.72 -56.27 2.92
C ILE F 456 18.35 -55.53 1.75
N GLU F 457 18.47 -56.21 0.62
CA GLU F 457 18.99 -55.58 -0.59
C GLU F 457 18.09 -54.46 -1.07
N THR F 458 16.78 -54.63 -0.96
CA THR F 458 15.83 -53.59 -1.33
C THR F 458 16.03 -52.36 -0.42
N TRP F 459 16.16 -52.61 0.87
CA TRP F 459 16.32 -51.54 1.86
C TRP F 459 17.58 -50.74 1.56
N ILE F 460 18.66 -51.45 1.23
CA ILE F 460 19.93 -50.83 0.90
C ILE F 460 19.84 -49.96 -0.36
N SER F 461 19.20 -50.48 -1.40
CA SER F 461 18.94 -49.73 -2.64
C SER F 461 18.14 -48.47 -2.40
N PHE F 462 17.02 -48.61 -1.69
CA PHE F 462 16.11 -47.53 -1.39
C PHE F 462 16.83 -46.38 -0.69
N LYS F 463 17.61 -46.68 0.34
CA LYS F 463 18.30 -45.66 1.11
C LYS F 463 19.39 -44.98 0.29
N ARG F 464 20.06 -45.77 -0.55
CA ARG F 464 21.12 -45.22 -1.43
C ARG F 464 20.58 -44.31 -2.52
N GLU F 465 19.54 -44.74 -3.21
CA GLU F 465 19.01 -44.01 -4.36
C GLU F 465 18.04 -42.88 -4.00
N ASN F 466 17.26 -43.06 -2.94
CA ASN F 466 16.21 -42.09 -2.60
C ASN F 466 16.57 -41.13 -1.48
N GLU F 467 17.59 -41.48 -0.70
CA GLU F 467 17.92 -40.70 0.50
C GLU F 467 19.36 -40.21 0.53
N ILE F 468 20.31 -41.13 0.58
CA ILE F 468 21.73 -40.79 0.65
C ILE F 468 22.20 -39.97 -0.54
N GLU F 469 21.97 -40.46 -1.75
CA GLU F 469 22.41 -39.76 -2.96
C GLU F 469 21.71 -38.40 -3.20
N PRO F 470 20.35 -38.36 -3.13
CA PRO F 470 19.70 -37.06 -3.31
C PRO F 470 20.16 -35.97 -2.35
N VAL F 471 20.47 -36.31 -1.11
CA VAL F 471 21.03 -35.32 -0.17
C VAL F 471 22.43 -34.95 -0.58
N ASN F 472 23.25 -35.94 -0.86
CA ASN F 472 24.62 -35.77 -1.33
C ASN F 472 24.88 -34.85 -2.51
N ILE F 473 24.00 -34.89 -3.51
CA ILE F 473 24.22 -34.11 -4.73
C ILE F 473 23.74 -32.69 -4.59
N ARG F 474 23.03 -32.37 -3.52
CA ARG F 474 22.50 -31.02 -3.34
C ARG F 474 23.40 -30.18 -2.43
N PRO F 475 23.91 -29.06 -2.95
CA PRO F 475 24.72 -28.15 -2.13
C PRO F 475 23.98 -27.74 -0.86
N HIS F 476 24.71 -27.76 0.26
CA HIS F 476 24.20 -27.37 1.57
C HIS F 476 24.32 -25.85 1.75
N PRO F 477 23.30 -25.20 2.31
CA PRO F 477 23.35 -23.74 2.46
C PRO F 477 24.62 -23.25 3.11
N TYR F 478 25.11 -23.97 4.11
CA TYR F 478 26.32 -23.55 4.81
C TYR F 478 27.59 -23.60 3.91
N GLU F 479 27.54 -24.40 2.85
CA GLU F 479 28.64 -24.44 1.87
C GLU F 479 28.79 -23.09 1.18
N PHE F 480 27.68 -22.36 1.05
CA PHE F 480 27.75 -21.00 0.53
C PHE F 480 28.39 -20.00 1.49
N ALA F 481 28.11 -20.14 2.78
CA ALA F 481 28.81 -19.35 3.78
C ALA F 481 30.29 -19.65 3.75
N LEU F 482 30.67 -20.93 3.62
CA LEU F 482 32.07 -21.33 3.67
C LEU F 482 32.85 -21.01 2.39
N TYR F 483 32.20 -21.10 1.24
CA TYR F 483 32.92 -21.29 -0.01
C TYR F 483 32.57 -20.34 -1.13
N TYR F 484 31.50 -19.56 -1.03
CA TYR F 484 31.12 -18.72 -2.17
C TYR F 484 32.29 -17.87 -2.69
N ASP F 485 33.09 -17.36 -1.77
CA ASP F 485 34.15 -16.46 -2.14
C ASP F 485 35.56 -17.09 -2.21
N VAL F 486 35.68 -18.41 -2.42
CA VAL F 486 36.99 -19.06 -2.51
C VAL F 486 37.84 -18.49 -3.64
N LYS G 12 58.33 25.16 13.29
CA LYS G 12 57.42 26.13 12.61
C LYS G 12 57.14 27.42 13.38
N THR G 13 57.25 28.54 12.69
CA THR G 13 57.17 29.86 13.30
C THR G 13 55.89 30.58 12.89
N PRO G 14 55.53 31.66 13.61
CA PRO G 14 54.42 32.50 13.18
C PRO G 14 54.49 32.92 11.70
N ASP G 15 55.68 33.26 11.22
CA ASP G 15 55.84 33.67 9.81
C ASP G 15 55.54 32.55 8.80
N ASP G 16 55.93 31.33 9.15
CA ASP G 16 55.53 30.16 8.37
C ASP G 16 54.01 30.11 8.21
N VAL G 17 53.28 30.33 9.31
CA VAL G 17 51.82 30.28 9.32
C VAL G 17 51.15 31.38 8.48
N PHE G 18 51.64 32.60 8.60
CA PHE G 18 51.16 33.70 7.77
C PHE G 18 51.42 33.45 6.28
N LYS G 19 52.57 32.86 5.98
CA LYS G 19 52.96 32.52 4.61
C LYS G 19 52.00 31.46 4.06
N LEU G 20 51.66 30.47 4.89
CA LEU G 20 50.72 29.41 4.51
C LEU G 20 49.34 30.03 4.23
N ALA G 21 48.90 30.89 5.14
CA ALA G 21 47.63 31.58 4.98
C ALA G 21 47.54 32.37 3.68
N LYS G 22 48.60 33.12 3.36
CA LYS G 22 48.63 33.93 2.15
C LYS G 22 48.74 33.09 0.87
N ASP G 23 49.65 32.12 0.86
CA ASP G 23 49.83 31.21 -0.28
C ASP G 23 48.55 30.43 -0.59
N GLU G 24 47.84 29.97 0.44
CA GLU G 24 46.66 29.16 0.23
C GLU G 24 45.39 29.99 0.05
N LYS G 25 45.52 31.30 0.16
CA LYS G 25 44.38 32.23 0.00
C LYS G 25 43.26 31.89 0.98
N VAL G 26 43.66 31.72 2.23
CA VAL G 26 42.76 31.32 3.29
C VAL G 26 41.72 32.42 3.53
N GLU G 27 40.47 32.03 3.69
CA GLU G 27 39.38 32.97 3.93
C GLU G 27 39.02 33.08 5.42
N TYR G 28 39.15 31.98 6.15
CA TYR G 28 38.84 31.93 7.58
C TYR G 28 39.87 31.17 8.40
N VAL G 29 39.96 31.51 9.67
CA VAL G 29 40.84 30.79 10.57
C VAL G 29 40.00 30.18 11.67
N ASP G 30 40.18 28.87 11.86
CA ASP G 30 39.40 28.16 12.86
C ASP G 30 40.19 28.04 14.16
N VAL G 31 39.67 28.65 15.21
CA VAL G 31 40.32 28.66 16.51
C VAL G 31 39.89 27.41 17.31
N ARG G 32 40.84 26.49 17.48
CA ARG G 32 40.52 25.21 18.10
C ARG G 32 41.14 25.07 19.47
N PHE G 33 40.41 24.45 20.41
CA PHE G 33 40.92 24.14 21.74
C PHE G 33 40.24 22.87 22.22
N CYS G 34 40.91 22.13 23.09
CA CYS G 34 40.43 20.83 23.50
C CYS G 34 39.62 20.91 24.78
N ASP G 35 38.47 20.24 24.82
CA ASP G 35 37.74 20.19 26.08
C ASP G 35 38.27 19.03 26.91
N LEU G 36 37.76 18.91 28.13
CA LEU G 36 38.25 17.89 29.06
C LEU G 36 38.10 16.44 28.57
N PRO G 37 36.87 16.00 28.24
CA PRO G 37 36.78 14.60 27.77
C PRO G 37 37.58 14.27 26.48
N GLY G 38 37.83 15.26 25.62
CA GLY G 38 38.72 15.02 24.49
C GLY G 38 38.21 15.44 23.13
N ILE G 39 37.10 16.18 23.09
CA ILE G 39 36.54 16.68 21.83
C ILE G 39 37.07 18.09 21.57
N MET G 40 37.55 18.32 20.35
CA MET G 40 37.99 19.64 19.95
C MET G 40 36.82 20.62 19.76
N GLN G 41 36.99 21.82 20.33
CA GLN G 41 36.02 22.91 20.21
C GLN G 41 36.53 23.96 19.25
N HIS G 42 35.64 24.76 18.71
CA HIS G 42 36.08 25.80 17.80
C HIS G 42 35.14 26.99 17.69
N PHE G 43 35.71 28.12 17.29
CA PHE G 43 34.98 29.23 16.68
C PHE G 43 35.84 29.77 15.52
N THR G 44 35.25 30.62 14.69
CA THR G 44 35.91 31.02 13.47
C THR G 44 36.04 32.53 13.36
N ILE G 45 37.19 32.97 12.85
CA ILE G 45 37.43 34.40 12.62
C ILE G 45 37.77 34.60 11.15
N PRO G 46 37.54 35.82 10.64
CA PRO G 46 38.00 36.04 9.26
C PRO G 46 39.53 36.05 9.20
N ALA G 47 40.10 35.58 8.09
CA ALA G 47 41.55 35.53 7.94
C ALA G 47 42.19 36.90 8.14
N SER G 48 41.51 37.94 7.62
CA SER G 48 41.99 39.31 7.72
C SER G 48 42.20 39.78 9.16
N ALA G 49 41.70 39.04 10.13
CA ALA G 49 41.91 39.36 11.55
C ALA G 49 42.94 38.40 12.21
N PHE G 50 43.60 37.62 11.38
CA PHE G 50 44.67 36.77 11.84
C PHE G 50 46.00 37.43 11.53
N ASP G 51 46.59 38.08 12.54
CA ASP G 51 47.83 38.84 12.39
C ASP G 51 48.76 38.60 13.58
N LYS G 52 49.81 39.42 13.71
CA LYS G 52 50.83 39.23 14.75
C LYS G 52 50.26 39.29 16.17
N SER G 53 49.28 40.15 16.35
CA SER G 53 48.65 40.34 17.66
C SER G 53 47.90 39.09 18.17
N VAL G 54 47.65 38.13 17.29
CA VAL G 54 47.09 36.85 17.70
C VAL G 54 48.16 36.04 18.44
N PHE G 55 49.36 36.00 17.89
CA PHE G 55 50.48 35.31 18.55
C PHE G 55 50.97 36.02 19.82
N ASP G 56 50.98 37.35 19.80
CA ASP G 56 51.53 38.13 20.91
C ASP G 56 50.54 38.30 22.05
N ASP G 57 49.33 38.77 21.73
CA ASP G 57 48.33 39.08 22.77
C ASP G 57 47.29 37.99 22.99
N GLY G 58 47.00 37.23 21.94
CA GLY G 58 46.00 36.17 22.00
C GLY G 58 44.61 36.65 21.64
N LEU G 59 43.65 35.72 21.69
CA LEU G 59 42.27 36.01 21.35
C LEU G 59 41.42 35.87 22.59
N ALA G 60 40.59 36.87 22.82
CA ALA G 60 39.68 36.87 23.95
C ALA G 60 38.43 36.12 23.55
N PHE G 61 37.90 35.33 24.46
CA PHE G 61 36.65 34.61 24.23
C PHE G 61 35.95 34.33 25.56
N ASP G 62 34.62 34.42 25.56
CA ASP G 62 33.79 34.20 26.77
C ASP G 62 34.23 32.92 27.48
N GLY G 63 34.52 33.04 28.77
CA GLY G 63 35.19 31.97 29.52
C GLY G 63 34.32 30.91 30.19
N SER G 64 33.01 30.99 29.99
CA SER G 64 32.11 29.91 30.34
C SER G 64 31.96 29.01 29.11
N SER G 65 32.20 29.61 27.95
CA SER G 65 32.19 28.92 26.67
C SER G 65 33.48 28.09 26.48
N ILE G 66 34.63 28.67 26.85
CA ILE G 66 35.95 28.00 26.82
C ILE G 66 36.07 26.90 27.88
N ARG G 67 35.40 27.09 29.02
CA ARG G 67 35.49 26.17 30.15
C ARG G 67 34.50 25.00 30.09
N GLY G 68 33.41 25.16 29.34
CA GLY G 68 32.43 24.10 29.17
C GLY G 68 31.35 23.94 30.24
N PHE G 69 31.52 24.65 31.37
CA PHE G 69 30.49 24.70 32.42
C PHE G 69 30.10 26.14 32.76
N GLN G 70 28.97 26.30 33.44
CA GLN G 70 28.39 27.62 33.69
C GLN G 70 28.56 28.09 35.14
N SER G 75 36.87 34.03 34.43
CA SER G 75 35.65 33.80 33.65
C SER G 75 35.87 34.01 32.15
N ASP G 76 36.47 35.14 31.76
CA ASP G 76 36.93 35.34 30.40
C ASP G 76 38.26 34.61 30.18
N MET G 77 38.44 33.97 29.05
CA MET G 77 39.70 33.28 28.82
C MET G 77 40.43 33.78 27.58
N LEU G 78 41.75 33.63 27.61
CA LEU G 78 42.62 34.07 26.54
C LEU G 78 43.22 32.88 25.82
N LEU G 79 43.23 32.91 24.49
CA LEU G 79 43.68 31.78 23.70
C LEU G 79 44.94 32.12 22.93
N LEU G 80 45.99 31.32 23.09
CA LEU G 80 47.26 31.55 22.39
C LEU G 80 47.59 30.43 21.39
N PRO G 81 47.91 30.79 20.13
CA PRO G 81 48.07 29.79 19.07
C PRO G 81 49.37 29.01 19.16
N ASP G 82 49.32 27.74 18.76
CA ASP G 82 50.50 26.90 18.60
C ASP G 82 50.74 26.77 17.10
N PRO G 83 51.78 27.46 16.58
CA PRO G 83 52.07 27.49 15.14
C PRO G 83 52.28 26.08 14.52
N GLU G 84 52.79 25.13 15.29
CA GLU G 84 53.04 23.78 14.79
C GLU G 84 51.76 23.03 14.35
N THR G 85 50.61 23.48 14.87
CA THR G 85 49.37 22.76 14.64
C THR G 85 48.55 23.32 13.46
N ALA G 86 49.08 24.32 12.77
CA ALA G 86 48.37 24.96 11.67
C ALA G 86 48.27 24.04 10.46
N ARG G 87 47.04 23.87 9.94
CA ARG G 87 46.77 22.99 8.79
C ARG G 87 45.59 23.50 8.00
N ILE G 88 45.65 23.35 6.69
CA ILE G 88 44.52 23.63 5.84
C ILE G 88 43.45 22.58 6.07
N ASP G 89 42.21 23.00 6.25
CA ASP G 89 41.11 22.06 6.41
C ASP G 89 40.72 21.55 5.03
N PRO G 90 40.79 20.22 4.83
CA PRO G 90 40.47 19.69 3.49
C PRO G 90 38.96 19.51 3.22
N PHE G 91 38.13 19.78 4.21
CA PHE G 91 36.69 19.51 4.09
C PHE G 91 35.83 20.75 3.92
N ARG G 92 36.24 21.84 4.55
CA ARG G 92 35.44 23.05 4.61
C ARG G 92 35.42 23.77 3.25
N ALA G 93 34.22 24.07 2.73
CA ALA G 93 34.08 24.68 1.41
C ALA G 93 34.81 26.04 1.32
N ALA G 94 34.58 26.90 2.32
CA ALA G 94 35.35 28.13 2.46
C ALA G 94 36.77 27.80 2.94
N LYS G 95 37.79 28.28 2.21
CA LYS G 95 39.18 27.93 2.51
C LYS G 95 39.55 28.35 3.95
N THR G 96 39.91 27.37 4.76
CA THR G 96 40.08 27.60 6.18
C THR G 96 41.42 27.05 6.68
N LEU G 97 42.03 27.80 7.59
CA LEU G 97 43.20 27.36 8.31
C LEU G 97 42.82 26.99 9.76
N ASN G 98 43.10 25.75 10.15
CA ASN G 98 42.88 25.28 11.53
C ASN G 98 44.13 25.40 12.38
N ILE G 99 44.00 26.00 13.56
CA ILE G 99 45.13 26.12 14.49
C ILE G 99 44.64 25.78 15.88
N ASN G 100 45.48 25.10 16.65
CA ASN G 100 45.17 24.76 18.03
C ASN G 100 45.73 25.81 18.96
N PHE G 101 45.05 26.02 20.08
CA PHE G 101 45.40 27.09 21.00
C PHE G 101 45.58 26.56 22.42
N PHE G 102 46.33 27.32 23.24
CA PHE G 102 46.42 27.06 24.67
C PHE G 102 45.51 28.05 25.38
N VAL G 103 44.90 27.64 26.48
CA VAL G 103 44.02 28.52 27.24
C VAL G 103 44.77 29.17 28.40
N HIS G 104 44.78 30.50 28.43
CA HIS G 104 45.45 31.25 29.50
C HIS G 104 44.48 32.14 30.22
N ASP G 105 44.73 32.41 31.49
CA ASP G 105 44.03 33.45 32.27
C ASP G 105 44.37 34.84 31.69
N PRO G 106 43.36 35.72 31.49
CA PRO G 106 43.61 37.00 30.79
C PRO G 106 44.47 37.96 31.60
N PHE G 107 44.23 38.02 32.92
CA PHE G 107 44.98 38.92 33.82
C PHE G 107 46.41 38.44 34.02
N THR G 108 46.58 37.18 34.45
CA THR G 108 47.89 36.66 34.86
C THR G 108 48.74 36.07 33.73
N LEU G 109 48.11 35.80 32.57
CA LEU G 109 48.71 35.03 31.47
C LEU G 109 49.11 33.59 31.88
N GLU G 110 48.63 33.13 33.03
CA GLU G 110 48.90 31.78 33.52
C GLU G 110 48.20 30.74 32.66
N PRO G 111 48.90 29.65 32.30
CA PRO G 111 48.21 28.56 31.60
C PRO G 111 47.09 28.01 32.47
N TYR G 112 45.88 27.93 31.92
CA TYR G 112 44.71 27.37 32.63
C TYR G 112 44.94 25.90 32.94
N SER G 113 44.77 25.54 34.21
CA SER G 113 45.18 24.22 34.67
C SER G 113 44.29 23.03 34.19
N ARG G 114 43.16 23.35 33.55
CA ARG G 114 42.24 22.32 33.05
C ARG G 114 42.19 22.20 31.51
N ASP G 115 43.07 22.94 30.83
CA ASP G 115 43.22 22.80 29.38
C ASP G 115 44.17 21.66 29.11
N PRO G 116 43.66 20.55 28.53
CA PRO G 116 44.49 19.37 28.29
C PRO G 116 45.78 19.70 27.54
N ARG G 117 45.75 20.66 26.65
CA ARG G 117 46.94 21.00 25.88
C ARG G 117 48.05 21.57 26.78
N ASN G 118 47.65 22.36 27.77
CA ASN G 118 48.59 22.90 28.75
C ASN G 118 49.20 21.79 29.57
N ILE G 119 48.37 20.79 29.88
CA ILE G 119 48.81 19.67 30.71
C ILE G 119 49.90 18.88 30.01
N ALA G 120 49.71 18.69 28.70
CA ALA G 120 50.70 18.01 27.89
C ALA G 120 51.99 18.83 27.85
N ARG G 121 51.86 20.15 27.68
CA ARG G 121 53.01 21.04 27.69
C ARG G 121 53.71 20.97 29.06
N LYS G 122 52.92 21.03 30.14
CA LYS G 122 53.48 20.97 31.49
C LYS G 122 54.25 19.64 31.68
N ALA G 123 53.71 18.55 31.14
CA ALA G 123 54.38 17.26 31.20
C ALA G 123 55.76 17.30 30.52
N GLU G 124 55.83 17.91 29.33
CA GLU G 124 57.09 17.99 28.61
C GLU G 124 58.13 18.84 29.37
N ASN G 125 57.70 20.01 29.88
CA ASN G 125 58.57 20.87 30.68
C ASN G 125 59.05 20.19 31.96
N TYR G 126 58.16 19.42 32.60
CA TYR G 126 58.53 18.70 33.81
C TYR G 126 59.62 17.68 33.54
N LEU G 127 59.45 16.93 32.45
CA LEU G 127 60.49 15.99 32.00
C LEU G 127 61.88 16.65 31.96
N ILE G 128 62.00 17.78 31.25
CA ILE G 128 63.23 18.55 31.20
C ILE G 128 63.74 18.89 32.61
N SER G 129 62.85 19.41 33.46
CA SER G 129 63.25 19.87 34.80
C SER G 129 63.75 18.75 35.73
N THR G 130 63.42 17.50 35.45
CA THR G 130 63.94 16.41 36.27
C THR G 130 65.35 15.99 35.83
N GLY G 131 65.77 16.43 34.64
CA GLY G 131 67.08 16.04 34.13
C GLY G 131 67.17 14.60 33.64
N ILE G 132 66.09 13.83 33.76
CA ILE G 132 66.07 12.44 33.31
C ILE G 132 66.21 12.32 31.79
N ALA G 133 65.55 13.22 31.06
CA ALA G 133 65.57 13.29 29.59
C ALA G 133 65.05 14.66 29.16
N ASP G 134 65.19 14.99 27.88
CA ASP G 134 64.62 16.25 27.38
C ASP G 134 63.46 16.10 26.37
N THR G 135 63.25 14.88 25.86
CA THR G 135 62.17 14.63 24.90
C THR G 135 61.49 13.28 25.12
N ALA G 136 60.16 13.31 25.10
CA ALA G 136 59.37 12.10 25.18
C ALA G 136 58.64 11.92 23.87
N TYR G 137 58.91 10.81 23.20
CA TYR G 137 58.27 10.49 21.92
C TYR G 137 57.11 9.51 22.10
N PHE G 138 55.99 9.85 21.47
CA PHE G 138 54.82 8.99 21.49
C PHE G 138 54.39 8.66 20.07
N GLY G 139 54.20 7.36 19.83
CA GLY G 139 53.67 6.85 18.59
C GLY G 139 52.37 6.11 18.88
N ALA G 140 51.33 6.41 18.11
CA ALA G 140 50.05 5.77 18.38
C ALA G 140 49.48 5.13 17.13
N GLU G 141 48.93 3.93 17.33
CA GLU G 141 48.25 3.20 16.26
C GLU G 141 46.80 3.03 16.67
N ALA G 142 45.92 3.79 16.00
CA ALA G 142 44.52 3.88 16.40
C ALA G 142 43.55 3.34 15.36
N GLU G 143 42.76 2.36 15.81
CA GLU G 143 41.78 1.66 14.99
C GLU G 143 40.45 2.36 15.07
N PHE G 144 39.61 2.14 14.05
CA PHE G 144 38.27 2.71 14.01
C PHE G 144 37.37 1.82 13.14
N TYR G 145 36.06 2.03 13.23
CA TYR G 145 35.09 1.31 12.40
C TYR G 145 34.38 2.25 11.48
N ILE G 146 34.14 1.78 10.24
CA ILE G 146 33.37 2.52 9.27
C ILE G 146 31.98 1.88 9.17
N PHE G 147 30.93 2.67 9.41
CA PHE G 147 29.57 2.17 9.34
C PHE G 147 28.79 2.96 8.32
N ASP G 148 27.64 2.44 7.91
CA ASP G 148 26.72 3.19 7.08
C ASP G 148 25.66 3.93 7.91
N SER G 149 25.35 3.41 9.09
CA SER G 149 24.35 4.04 9.93
C SER G 149 24.47 3.67 11.39
N VAL G 150 23.93 4.53 12.24
CA VAL G 150 23.87 4.31 13.68
C VAL G 150 22.61 4.98 14.18
N SER G 151 21.88 4.31 15.08
CA SER G 151 20.78 4.92 15.81
C SER G 151 20.59 4.27 17.17
N PHE G 152 19.99 5.01 18.10
CA PHE G 152 19.85 4.56 19.48
C PHE G 152 18.94 5.50 20.26
N ASP G 153 18.36 5.00 21.33
CA ASP G 153 17.73 5.88 22.29
C ASP G 153 17.60 5.16 23.59
N SER G 154 17.10 5.89 24.60
CA SER G 154 16.97 5.39 25.94
C SER G 154 15.71 6.02 26.51
N ARG G 155 14.69 5.22 26.73
CA ARG G 155 13.38 5.71 27.14
C ARG G 155 12.94 5.00 28.38
N ALA G 156 11.79 5.37 28.93
CA ALA G 156 11.33 4.78 30.19
C ALA G 156 11.05 3.28 30.06
N ASN G 157 10.44 2.89 28.94
CA ASN G 157 9.94 1.55 28.72
C ASN G 157 10.74 0.74 27.68
N GLY G 158 11.85 1.28 27.23
CA GLY G 158 12.63 0.61 26.21
C GLY G 158 13.88 1.35 25.83
N SER G 159 14.75 0.64 25.13
CA SER G 159 16.08 1.12 24.79
C SER G 159 16.61 0.31 23.64
N PHE G 160 17.35 0.94 22.75
CA PHE G 160 18.00 0.20 21.65
C PHE G 160 19.26 0.91 21.12
N TYR G 161 20.11 0.16 20.42
CA TYR G 161 21.07 0.73 19.50
C TYR G 161 21.16 -0.20 18.32
N GLU G 162 21.66 0.32 17.22
CA GLU G 162 21.85 -0.47 16.01
C GLU G 162 22.88 0.26 15.16
N VAL G 163 23.98 -0.43 14.89
CA VAL G 163 24.96 0.05 13.91
C VAL G 163 24.82 -0.86 12.70
N ASP G 164 25.03 -0.33 11.52
CA ASP G 164 24.90 -1.15 10.32
C ASP G 164 25.86 -0.76 9.20
N ALA G 165 26.10 -1.71 8.31
CA ALA G 165 26.96 -1.54 7.15
C ALA G 165 26.50 -2.54 6.12
N ILE G 166 26.41 -2.08 4.88
CA ILE G 166 25.99 -2.91 3.76
C ILE G 166 26.80 -4.23 3.75
N SER G 167 28.10 -4.14 3.98
CA SER G 167 28.97 -5.29 3.90
C SER G 167 29.19 -6.01 5.23
N GLY G 168 28.46 -5.62 6.27
CA GLY G 168 28.56 -6.30 7.55
C GLY G 168 28.23 -7.78 7.44
N TRP G 169 29.00 -8.61 8.17
CA TRP G 169 28.85 -10.06 8.07
C TRP G 169 27.49 -10.59 8.56
N TRP G 170 26.76 -9.78 9.32
CA TRP G 170 25.44 -10.14 9.83
C TRP G 170 24.36 -9.92 8.76
N ASN G 171 24.75 -9.46 7.58
CA ASN G 171 23.79 -9.13 6.52
C ASN G 171 23.78 -10.08 5.31
N THR G 172 24.34 -11.28 5.47
CA THR G 172 24.44 -12.20 4.33
C THR G 172 23.09 -12.65 3.80
N GLY G 173 22.06 -12.54 4.64
CA GLY G 173 20.71 -13.01 4.31
C GLY G 173 19.77 -11.98 3.71
N ALA G 174 20.22 -10.74 3.58
CA ALA G 174 19.40 -9.63 3.10
C ALA G 174 18.94 -9.88 1.67
N ALA G 175 17.64 -9.80 1.43
CA ALA G 175 17.08 -9.97 0.10
C ALA G 175 17.59 -8.87 -0.82
N THR G 176 17.54 -7.62 -0.36
CA THR G 176 18.09 -6.49 -1.09
C THR G 176 18.81 -5.60 -0.09
N GLU G 177 19.70 -4.73 -0.57
CA GLU G 177 20.39 -3.75 0.29
C GLU G 177 19.42 -2.66 0.76
N ALA G 178 19.87 -1.80 1.67
CA ALA G 178 19.06 -0.72 2.22
C ALA G 178 18.50 0.22 1.14
N ASP G 179 19.24 0.39 0.04
CA ASP G 179 18.77 1.21 -1.10
C ASP G 179 17.95 0.43 -2.15
N GLY G 180 17.69 -0.85 -1.88
CA GLY G 180 16.89 -1.64 -2.80
C GLY G 180 17.69 -2.30 -3.91
N SER G 181 18.98 -2.05 -3.96
CA SER G 181 19.85 -2.71 -4.93
C SER G 181 20.11 -4.17 -4.44
N PRO G 182 20.57 -5.06 -5.36
CA PRO G 182 20.66 -6.46 -4.98
C PRO G 182 21.84 -6.80 -4.07
N ASN G 183 21.66 -7.82 -3.23
CA ASN G 183 22.73 -8.34 -2.40
C ASN G 183 23.78 -9.05 -3.27
N ARG G 184 25.03 -8.60 -3.25
CA ARG G 184 26.08 -9.16 -4.11
C ARG G 184 27.08 -10.02 -3.35
N GLY G 185 26.80 -10.21 -2.06
CA GLY G 185 27.64 -11.07 -1.22
C GLY G 185 29.00 -10.48 -0.86
N TYR G 186 29.95 -11.38 -0.61
CA TYR G 186 31.32 -11.04 -0.25
C TYR G 186 31.36 -10.36 1.12
N LYS G 187 30.45 -10.75 1.99
CA LYS G 187 30.31 -10.11 3.29
C LYS G 187 30.99 -10.93 4.40
N VAL G 188 30.95 -12.25 4.30
CA VAL G 188 31.36 -13.13 5.41
C VAL G 188 32.86 -13.05 5.74
N ARG G 189 33.16 -12.98 7.04
CA ARG G 189 34.55 -13.02 7.52
C ARG G 189 35.00 -14.47 7.55
N HIS G 190 36.10 -14.78 6.89
CA HIS G 190 36.61 -16.15 6.87
C HIS G 190 37.66 -16.39 7.92
N LYS G 191 37.77 -17.64 8.33
CA LYS G 191 38.88 -18.09 9.17
C LYS G 191 40.18 -18.08 8.34
N GLY G 192 41.29 -17.70 8.97
CA GLY G 192 42.60 -17.78 8.32
C GLY G 192 43.21 -16.49 7.78
N GLY G 193 42.40 -15.45 7.62
CA GLY G 193 42.90 -14.19 7.02
C GLY G 193 42.01 -13.02 7.35
N TYR G 194 42.60 -11.99 7.97
CA TYR G 194 41.84 -10.81 8.39
C TYR G 194 41.82 -9.68 7.39
N PHE G 195 42.70 -9.73 6.39
CA PHE G 195 42.81 -8.62 5.44
C PHE G 195 42.66 -9.00 3.97
N PRO G 196 41.52 -9.60 3.61
CA PRO G 196 41.39 -10.07 2.22
C PRO G 196 41.36 -8.91 1.22
N VAL G 197 41.70 -9.18 -0.03
CA VAL G 197 41.60 -8.20 -1.10
C VAL G 197 40.15 -8.01 -1.57
N ALA G 198 39.91 -6.98 -2.37
CA ALA G 198 38.61 -6.74 -2.98
C ALA G 198 38.20 -7.98 -3.79
N PRO G 199 36.89 -8.25 -3.92
CA PRO G 199 35.76 -7.50 -3.37
C PRO G 199 35.44 -7.82 -1.91
N ASN G 200 36.18 -8.72 -1.27
CA ASN G 200 35.95 -8.98 0.16
C ASN G 200 36.20 -7.71 0.96
N ASP G 201 37.21 -6.97 0.55
CA ASP G 201 37.52 -5.67 1.09
C ASP G 201 36.62 -4.70 0.36
N GLN G 202 35.65 -4.15 1.08
CA GLN G 202 34.67 -3.28 0.46
C GLN G 202 34.88 -1.80 0.75
N TYR G 203 36.01 -1.46 1.37
CA TYR G 203 36.32 -0.08 1.74
C TYR G 203 37.64 0.45 1.18
N VAL G 204 38.18 -0.20 0.16
CA VAL G 204 39.49 0.20 -0.42
C VAL G 204 39.58 1.69 -0.78
N ASP G 205 38.69 2.15 -1.67
CA ASP G 205 38.72 3.53 -2.15
C ASP G 205 38.56 4.57 -1.02
N LEU G 206 37.65 4.31 -0.09
CA LEU G 206 37.44 5.22 1.01
C LEU G 206 38.68 5.29 1.91
N ARG G 207 39.28 4.14 2.21
CA ARG G 207 40.50 4.13 3.02
C ARG G 207 41.63 4.92 2.33
N ASP G 208 41.74 4.74 1.03
CA ASP G 208 42.73 5.47 0.24
C ASP G 208 42.50 6.97 0.33
N LYS G 209 41.23 7.39 0.33
CA LYS G 209 40.89 8.80 0.47
C LYS G 209 41.35 9.33 1.80
N MET G 210 41.19 8.50 2.84
CA MET G 210 41.63 8.84 4.18
C MET G 210 43.15 8.98 4.22
N LEU G 211 43.84 8.00 3.61
CA LEU G 211 45.29 8.02 3.51
C LEU G 211 45.74 9.28 2.81
N THR G 212 45.16 9.54 1.65
CA THR G 212 45.53 10.72 0.87
C THR G 212 45.33 12.02 1.67
N ASN G 213 44.21 12.13 2.37
CA ASN G 213 43.97 13.30 3.20
C ASN G 213 44.99 13.42 4.34
N LEU G 214 45.41 12.29 4.90
CA LEU G 214 46.44 12.33 5.95
C LEU G 214 47.76 12.88 5.40
N ILE G 215 48.23 12.28 4.32
CA ILE G 215 49.46 12.73 3.68
C ILE G 215 49.40 14.23 3.32
N ASN G 216 48.29 14.68 2.72
CA ASN G 216 48.12 16.11 2.36
C ASN G 216 48.06 17.04 3.59
N SER G 217 47.77 16.47 4.74
CA SER G 217 47.71 17.20 6.00
C SER G 217 48.98 17.13 6.83
N GLY G 218 50.10 16.76 6.21
CA GLY G 218 51.38 16.77 6.87
C GLY G 218 51.76 15.54 7.68
N PHE G 219 50.92 14.51 7.68
CA PHE G 219 51.30 13.24 8.31
C PHE G 219 52.44 12.60 7.50
N ILE G 220 53.41 12.05 8.22
CA ILE G 220 54.56 11.44 7.55
C ILE G 220 54.42 9.92 7.61
N LEU G 221 54.36 9.33 6.43
CA LEU G 221 54.25 7.89 6.28
C LEU G 221 55.52 7.41 5.57
N GLU G 222 56.32 6.62 6.28
CA GLU G 222 57.55 6.08 5.73
C GLU G 222 57.65 4.61 6.05
N LYS G 223 58.89 4.11 6.17
CA LYS G 223 59.13 2.71 6.47
C LYS G 223 58.33 2.30 7.70
N GLY G 224 57.54 1.22 7.58
CA GLY G 224 56.75 0.69 8.70
C GLY G 224 55.38 1.31 8.94
N HIS G 225 54.98 2.21 8.05
CA HIS G 225 53.67 2.84 8.13
C HIS G 225 52.76 2.33 7.03
N HIS G 226 51.52 2.03 7.38
CA HIS G 226 50.62 1.39 6.43
C HIS G 226 49.16 1.69 6.65
N GLU G 227 48.38 1.36 5.62
CA GLU G 227 46.94 1.43 5.66
C GLU G 227 46.43 0.00 5.70
N VAL G 228 45.64 -0.34 6.71
CA VAL G 228 45.10 -1.69 6.88
C VAL G 228 43.58 -1.68 7.06
N GLY G 229 42.91 -2.67 6.46
CA GLY G 229 41.48 -2.84 6.63
C GLY G 229 41.08 -4.28 6.90
N SER G 230 40.08 -4.47 7.77
CA SER G 230 39.52 -5.79 8.05
C SER G 230 38.02 -5.62 8.27
N GLY G 231 37.22 -6.09 7.32
CA GLY G 231 35.78 -5.83 7.32
C GLY G 231 35.56 -4.32 7.34
N GLY G 232 34.69 -3.85 8.21
CA GLY G 232 34.55 -2.40 8.41
C GLY G 232 35.58 -1.72 9.32
N GLN G 233 36.56 -2.47 9.85
CA GLN G 233 37.58 -1.89 10.73
C GLN G 233 38.81 -1.47 9.95
N ALA G 234 39.45 -0.40 10.40
CA ALA G 234 40.62 0.15 9.70
C ALA G 234 41.60 0.86 10.62
N GLU G 235 42.82 1.01 10.13
CA GLU G 235 43.89 1.70 10.85
C GLU G 235 44.89 2.27 9.84
N ILE G 236 45.31 3.51 10.07
CA ILE G 236 46.42 4.07 9.33
C ILE G 236 47.41 4.64 10.32
N ASN G 237 48.59 4.03 10.41
CA ASN G 237 49.60 4.54 11.35
C ASN G 237 50.56 5.50 10.65
N TYR G 238 51.30 6.26 11.42
CA TYR G 238 52.10 7.38 10.90
C TYR G 238 53.21 7.70 11.87
N GLN G 239 54.14 8.54 11.44
CA GLN G 239 55.36 8.79 12.23
C GLN G 239 55.04 9.42 13.58
N PHE G 240 55.66 8.89 14.63
CA PHE G 240 55.57 9.41 15.99
C PHE G 240 55.98 10.89 16.08
N ASN G 241 55.85 11.46 17.26
CA ASN G 241 56.14 12.86 17.50
C ASN G 241 56.41 13.09 18.98
N SER G 242 56.94 14.25 19.34
CA SER G 242 57.09 14.58 20.75
C SER G 242 55.71 14.67 21.40
N LEU G 243 55.64 14.44 22.72
CA LEU G 243 54.37 14.24 23.44
C LEU G 243 53.18 15.13 23.04
N LEU G 244 53.30 16.44 23.25
CA LEU G 244 52.20 17.35 22.96
C LEU G 244 51.76 17.23 21.52
N HIS G 245 52.73 17.30 20.59
CA HIS G 245 52.39 17.33 19.18
C HIS G 245 51.92 15.98 18.63
N ALA G 246 52.33 14.91 19.30
CA ALA G 246 51.80 13.58 19.03
C ALA G 246 50.31 13.56 19.33
N ALA G 247 49.92 14.16 20.46
CA ALA G 247 48.50 14.23 20.82
C ALA G 247 47.73 15.15 19.89
N ASP G 248 48.34 16.26 19.48
CA ASP G 248 47.74 17.09 18.41
C ASP G 248 47.51 16.27 17.15
N ASP G 249 48.51 15.47 16.76
CA ASP G 249 48.42 14.58 15.59
C ASP G 249 47.25 13.59 15.72
N MET G 250 47.06 13.03 16.90
CA MET G 250 45.96 12.11 17.14
C MET G 250 44.60 12.81 16.93
N GLN G 251 44.45 14.02 17.48
CA GLN G 251 43.20 14.74 17.32
C GLN G 251 42.94 15.02 15.83
N LEU G 252 43.99 15.39 15.11
CA LEU G 252 43.86 15.67 13.69
C LEU G 252 43.54 14.41 12.88
N TYR G 253 44.19 13.30 13.23
CA TYR G 253 43.91 12.00 12.66
C TYR G 253 42.44 11.69 12.76
N LYS G 254 41.86 11.76 13.97
CA LYS G 254 40.46 11.40 14.18
C LYS G 254 39.61 12.36 13.38
N TYR G 255 39.98 13.64 13.38
CA TYR G 255 39.24 14.63 12.65
C TYR G 255 39.20 14.28 11.16
N ILE G 256 40.34 13.90 10.61
CA ILE G 256 40.41 13.57 9.20
C ILE G 256 39.69 12.26 8.84
N ILE G 257 39.81 11.26 9.69
CA ILE G 257 39.13 9.99 9.46
C ILE G 257 37.63 10.20 9.49
N LYS G 258 37.13 10.85 10.55
CA LYS G 258 35.68 11.05 10.71
C LYS G 258 35.06 11.83 9.56
N ASN G 259 35.75 12.88 9.14
CA ASN G 259 35.20 13.75 8.09
C ASN G 259 35.41 13.26 6.66
N THR G 260 36.45 12.47 6.42
CA THR G 260 36.56 11.80 5.11
C THR G 260 35.39 10.84 4.96
N ALA G 261 35.08 10.10 6.03
CA ALA G 261 33.92 9.23 6.04
C ALA G 261 32.62 10.00 5.80
N TRP G 262 32.48 11.10 6.53
CA TRP G 262 31.24 11.87 6.49
C TRP G 262 30.98 12.39 5.09
N GLN G 263 32.01 12.94 4.47
CA GLN G 263 31.88 13.45 3.10
C GLN G 263 31.57 12.40 2.06
N ASN G 264 31.82 11.13 2.37
CA ASN G 264 31.55 10.06 1.43
C ASN G 264 30.37 9.20 1.85
N GLY G 265 29.44 9.80 2.60
CA GLY G 265 28.19 9.15 2.95
C GLY G 265 28.30 8.05 3.99
N LYS G 266 29.38 8.07 4.77
CA LYS G 266 29.58 7.07 5.82
C LYS G 266 29.71 7.74 7.17
N THR G 267 29.90 6.93 8.20
CA THR G 267 29.99 7.44 9.56
C THR G 267 30.94 6.55 10.34
N VAL G 268 31.91 7.18 10.99
CA VAL G 268 32.99 6.47 11.67
C VAL G 268 32.82 6.53 13.18
N THR G 269 33.21 5.47 13.89
CA THR G 269 33.32 5.56 15.34
C THR G 269 34.66 5.06 15.84
N PHE G 270 35.23 5.79 16.79
CA PHE G 270 36.42 5.35 17.47
C PHE G 270 36.12 4.68 18.81
N MET G 271 34.84 4.37 19.07
CA MET G 271 34.50 3.76 20.35
C MET G 271 35.20 2.41 20.47
N PRO G 272 35.60 2.05 21.69
CA PRO G 272 36.35 0.81 21.90
C PRO G 272 35.62 -0.47 21.48
N LYS G 273 34.30 -0.52 21.62
CA LYS G 273 33.59 -1.76 21.35
C LYS G 273 32.19 -1.51 20.80
N PRO G 274 32.07 -1.18 19.49
CA PRO G 274 30.78 -1.00 18.87
C PRO G 274 30.10 -2.32 18.47
N LEU G 275 30.89 -3.37 18.22
CA LEU G 275 30.33 -4.65 17.80
C LEU G 275 30.54 -5.72 18.83
N PHE G 276 29.46 -6.41 19.19
CA PHE G 276 29.56 -7.56 20.08
C PHE G 276 29.99 -8.80 19.30
N GLY G 277 31.04 -9.47 19.79
CA GLY G 277 31.58 -10.66 19.12
C GLY G 277 32.42 -10.35 17.89
N ASP G 278 33.05 -9.17 17.88
CA ASP G 278 33.98 -8.80 16.83
C ASP G 278 35.05 -7.98 17.52
N ASN G 279 36.16 -7.75 16.83
CA ASN G 279 37.33 -7.05 17.38
C ASN G 279 36.97 -5.65 17.94
N GLY G 280 37.51 -5.33 19.11
CA GLY G 280 37.42 -3.99 19.63
C GLY G 280 38.43 -3.07 18.95
N SER G 281 38.33 -1.78 19.24
CA SER G 281 39.28 -0.82 18.67
C SER G 281 40.22 -0.30 19.72
N GLY G 282 41.51 -0.56 19.53
CA GLY G 282 42.54 -0.14 20.47
C GLY G 282 43.47 0.94 19.94
N MET G 283 44.28 1.49 20.85
CA MET G 283 45.30 2.44 20.50
C MET G 283 46.61 2.02 21.16
N HIS G 284 47.49 1.39 20.37
CA HIS G 284 48.79 0.96 20.90
C HIS G 284 49.71 2.16 20.99
N CYS G 285 50.31 2.38 22.14
CA CYS G 285 51.13 3.57 22.37
C CYS G 285 52.61 3.28 22.58
N HIS G 286 53.40 3.63 21.57
CA HIS G 286 54.85 3.50 21.60
C HIS G 286 55.46 4.71 22.29
N GLN G 287 56.47 4.47 23.11
CA GLN G 287 57.08 5.51 23.97
C GLN G 287 58.57 5.33 24.07
N SER G 288 59.30 6.43 24.04
CA SER G 288 60.71 6.41 24.42
C SER G 288 61.17 7.77 24.91
N LEU G 289 62.21 7.76 25.74
CA LEU G 289 62.82 8.99 26.24
C LEU G 289 64.16 9.22 25.56
N TRP G 290 64.44 10.49 25.26
CA TRP G 290 65.69 10.89 24.63
C TRP G 290 66.36 12.06 25.35
N LYS G 291 67.70 12.08 25.32
CA LYS G 291 68.47 13.20 25.88
C LYS G 291 69.61 13.61 24.95
N ASP G 292 69.71 14.92 24.73
CA ASP G 292 70.78 15.51 23.89
C ASP G 292 70.92 14.77 22.55
N GLY G 293 69.79 14.52 21.89
CA GLY G 293 69.77 13.86 20.59
C GLY G 293 70.10 12.37 20.61
N ALA G 294 70.21 11.78 21.81
CA ALA G 294 70.57 10.36 21.97
C ALA G 294 69.50 9.59 22.72
N PRO G 295 69.26 8.32 22.31
CA PRO G 295 68.26 7.46 22.95
C PRO G 295 68.68 6.97 24.34
N LEU G 296 67.71 6.73 25.21
CA LEU G 296 67.99 6.33 26.57
C LEU G 296 67.46 4.94 26.92
N MET G 297 66.81 4.29 25.97
CA MET G 297 66.09 3.07 26.28
C MET G 297 66.90 1.80 26.03
N TYR G 298 68.02 1.93 25.33
CA TYR G 298 68.80 0.77 24.90
C TYR G 298 69.98 0.38 25.81
N ASP G 299 70.20 -0.92 25.91
CA ASP G 299 71.36 -1.52 26.58
C ASP G 299 71.46 -2.98 26.13
N GLU G 300 72.56 -3.32 25.44
CA GLU G 300 72.76 -4.67 24.89
C GLU G 300 72.65 -5.73 25.98
N THR G 301 73.12 -5.38 27.18
CA THR G 301 73.25 -6.33 28.29
C THR G 301 71.91 -6.66 28.98
N GLY G 302 70.96 -5.72 28.94
CA GLY G 302 69.68 -5.87 29.63
C GLY G 302 68.73 -6.78 28.87
N TYR G 303 67.73 -7.31 29.57
CA TYR G 303 66.73 -8.15 28.93
C TYR G 303 65.99 -7.39 27.84
N ALA G 304 65.87 -8.00 26.66
CA ALA G 304 65.21 -7.38 25.50
C ALA G 304 65.82 -6.04 25.06
N GLY G 305 67.10 -5.83 25.38
CA GLY G 305 67.81 -4.62 25.00
C GLY G 305 67.42 -3.40 25.80
N LEU G 306 66.88 -3.59 27.00
CA LEU G 306 66.36 -2.48 27.80
C LEU G 306 67.33 -1.96 28.86
N SER G 307 67.53 -0.65 28.88
CA SER G 307 68.36 0.02 29.87
C SER G 307 67.69 0.00 31.24
N ASP G 308 68.42 0.44 32.27
CA ASP G 308 67.84 0.63 33.60
C ASP G 308 66.69 1.64 33.57
N THR G 309 66.87 2.71 32.80
CA THR G 309 65.88 3.76 32.67
C THR G 309 64.60 3.18 32.07
N ALA G 310 64.75 2.37 31.04
CA ALA G 310 63.61 1.75 30.39
C ALA G 310 62.86 0.80 31.33
N ARG G 311 63.60 -0.06 32.02
CA ARG G 311 63.01 -1.06 32.90
C ARG G 311 62.23 -0.38 34.01
N HIS G 312 62.78 0.71 34.55
CA HIS G 312 62.13 1.47 35.63
C HIS G 312 60.86 2.19 35.12
N TYR G 313 60.93 2.69 33.89
CA TYR G 313 59.76 3.30 33.23
C TYR G 313 58.63 2.27 33.15
N ILE G 314 58.96 1.06 32.69
CA ILE G 314 58.03 -0.06 32.69
C ILE G 314 57.47 -0.34 34.08
N GLY G 315 58.36 -0.34 35.07
CA GLY G 315 57.99 -0.52 36.47
C GLY G 315 56.88 0.45 36.87
N GLY G 316 57.04 1.70 36.45
CA GLY G 316 56.07 2.76 36.71
C GLY G 316 54.73 2.48 36.03
N LEU G 317 54.79 2.08 34.76
CA LEU G 317 53.57 1.81 33.99
C LEU G 317 52.76 0.72 34.66
N LEU G 318 53.45 -0.36 35.04
CA LEU G 318 52.77 -1.52 35.58
C LEU G 318 52.27 -1.27 37.00
N HIS G 319 53.05 -0.55 37.78
CA HIS G 319 52.63 -0.22 39.14
C HIS G 319 51.42 0.72 39.13
N HIS G 320 51.43 1.71 38.24
CA HIS G 320 50.36 2.70 38.21
C HIS G 320 49.21 2.39 37.26
N ALA G 321 49.34 1.31 36.50
CA ALA G 321 48.31 0.90 35.53
C ALA G 321 46.87 0.98 36.03
N PRO G 322 46.57 0.45 37.24
CA PRO G 322 45.17 0.50 37.67
C PRO G 322 44.58 1.91 37.74
N SER G 323 45.42 2.90 38.03
CA SER G 323 44.96 4.30 38.04
C SER G 323 45.13 4.94 36.69
N LEU G 324 46.17 4.53 35.97
CA LEU G 324 46.50 5.06 34.67
C LEU G 324 45.36 4.88 33.66
N LEU G 325 44.64 3.76 33.76
CA LEU G 325 43.58 3.46 32.81
C LEU G 325 42.43 4.46 32.90
N ALA G 326 42.36 5.22 33.99
CA ALA G 326 41.36 6.28 34.09
C ALA G 326 41.53 7.32 32.98
N PHE G 327 42.72 7.35 32.40
CA PHE G 327 43.00 8.27 31.31
C PHE G 327 43.19 7.54 29.98
N THR G 328 43.80 6.37 30.01
CA THR G 328 44.09 5.64 28.77
C THR G 328 42.88 4.83 28.32
N ASN G 329 42.00 4.50 29.26
CA ASN G 329 40.81 3.74 28.95
C ASN G 329 39.63 4.34 29.72
N PRO G 330 39.27 5.60 29.38
CA PRO G 330 38.43 6.42 30.27
C PRO G 330 36.92 6.25 30.17
N THR G 331 36.41 5.28 29.41
CA THR G 331 34.94 5.14 29.25
C THR G 331 34.40 3.81 29.75
N VAL G 332 33.10 3.75 29.99
CA VAL G 332 32.45 2.50 30.40
C VAL G 332 32.68 1.47 29.29
N ASN G 333 32.50 1.88 28.04
CA ASN G 333 32.65 1.00 26.87
C ASN G 333 34.05 0.43 26.72
N SER G 334 35.07 1.13 27.23
CA SER G 334 36.44 0.63 27.22
C SER G 334 36.54 -0.76 27.82
N TYR G 335 35.73 -1.03 28.83
CA TYR G 335 35.84 -2.27 29.60
C TYR G 335 35.11 -3.45 28.96
N LYS G 336 34.47 -3.18 27.83
CA LYS G 336 33.95 -4.22 26.94
C LYS G 336 35.06 -4.75 26.00
N ARG G 337 36.13 -3.99 25.85
CA ARG G 337 37.27 -4.46 25.10
C ARG G 337 38.27 -5.14 26.05
N LEU G 338 38.55 -4.49 27.18
CA LEU G 338 39.45 -5.06 28.18
C LEU G 338 38.73 -6.12 29.00
N VAL G 339 38.39 -7.23 28.36
CA VAL G 339 37.56 -8.26 29.00
C VAL G 339 38.32 -9.50 29.45
N PRO G 340 38.17 -9.87 30.75
CA PRO G 340 38.85 -10.92 31.54
C PRO G 340 39.12 -12.31 30.92
N GLY G 341 38.66 -12.60 29.70
CA GLY G 341 38.89 -13.95 29.17
C GLY G 341 39.33 -14.15 27.74
N TYR G 342 40.20 -13.29 27.20
CA TYR G 342 40.54 -13.33 25.77
C TYR G 342 42.03 -13.09 25.46
N GLU G 343 42.30 -12.46 24.32
CA GLU G 343 43.64 -11.96 23.95
C GLU G 343 43.92 -10.61 24.60
N ALA G 344 42.95 -10.12 25.36
CA ALA G 344 42.92 -8.78 25.97
C ALA G 344 44.23 -8.37 26.65
N PRO G 345 44.82 -7.25 26.19
CA PRO G 345 45.98 -6.66 26.87
C PRO G 345 45.63 -6.18 28.29
N ILE G 346 45.39 -7.12 29.20
CA ILE G 346 45.00 -6.84 30.58
C ILE G 346 45.96 -7.38 31.64
N ASN G 347 46.92 -8.18 31.20
CA ASN G 347 47.95 -8.74 32.08
C ASN G 347 49.08 -7.76 32.41
N LEU G 348 49.20 -7.43 33.70
CA LEU G 348 50.18 -6.45 34.18
C LEU G 348 51.62 -6.99 34.19
N VAL G 349 52.10 -7.40 33.02
CA VAL G 349 53.47 -7.85 32.85
C VAL G 349 54.05 -7.21 31.60
N TYR G 350 55.37 -7.20 31.45
CA TYR G 350 55.93 -6.85 30.16
C TYR G 350 56.45 -8.10 29.47
N SER G 351 56.50 -8.03 28.14
CA SER G 351 56.85 -9.20 27.34
C SER G 351 57.37 -8.79 25.98
N GLN G 352 57.95 -9.75 25.25
CA GLN G 352 58.52 -9.53 23.94
C GLN G 352 57.76 -10.31 22.89
N ARG G 353 57.06 -11.35 23.31
CA ARG G 353 56.35 -12.25 22.41
C ARG G 353 54.87 -12.33 22.72
N ASN G 354 54.52 -12.14 24.00
CA ASN G 354 53.16 -12.29 24.47
C ASN G 354 52.27 -11.09 24.08
N ARG G 355 51.40 -11.31 23.09
CA ARG G 355 50.47 -10.29 22.60
C ARG G 355 49.24 -10.25 23.54
N SER G 356 49.51 -10.16 24.83
CA SER G 356 48.48 -10.26 25.87
C SER G 356 48.92 -9.50 27.12
N ALA G 357 50.12 -8.94 27.04
CA ALA G 357 50.68 -8.14 28.12
C ALA G 357 50.46 -6.65 27.88
N CYS G 358 50.26 -5.91 28.96
CA CYS G 358 50.12 -4.45 28.93
C CYS G 358 51.23 -3.76 28.16
N VAL G 359 52.46 -4.17 28.47
CA VAL G 359 53.64 -3.56 27.88
C VAL G 359 54.32 -4.60 27.01
N ARG G 360 54.50 -4.26 25.74
CA ARG G 360 55.25 -5.11 24.83
C ARG G 360 56.48 -4.37 24.35
N ILE G 361 57.58 -5.11 24.18
CA ILE G 361 58.80 -4.53 23.67
C ILE G 361 58.96 -5.01 22.23
N PRO G 362 58.67 -4.13 21.26
CA PRO G 362 58.77 -4.54 19.86
C PRO G 362 60.20 -4.97 19.55
N ILE G 363 60.35 -6.01 18.74
CA ILE G 363 61.69 -6.49 18.41
C ILE G 363 62.31 -5.64 17.31
N THR G 364 63.43 -5.02 17.67
CA THR G 364 64.06 -3.96 16.88
C THR G 364 65.56 -4.25 16.66
N GLY G 365 66.00 -5.42 17.12
CA GLY G 365 67.40 -5.83 17.00
C GLY G 365 68.33 -4.99 17.85
N SER G 366 69.49 -4.67 17.28
CA SER G 366 70.54 -4.00 18.03
C SER G 366 70.68 -2.50 17.70
N ASN G 367 69.77 -1.99 16.88
CA ASN G 367 69.70 -0.54 16.60
C ASN G 367 69.19 0.20 17.83
N PRO G 368 70.07 0.97 18.51
CA PRO G 368 69.69 1.59 19.78
C PRO G 368 68.56 2.62 19.66
N LYS G 369 68.49 3.30 18.50
CA LYS G 369 67.49 4.36 18.27
C LYS G 369 66.05 3.84 18.26
N ALA G 370 65.85 2.63 17.76
CA ALA G 370 64.53 2.04 17.63
C ALA G 370 63.95 1.47 18.91
N LYS G 371 64.78 1.25 19.93
CA LYS G 371 64.33 0.65 21.19
C LYS G 371 63.29 1.52 21.91
N ARG G 372 62.17 0.89 22.27
CA ARG G 372 61.01 1.57 22.84
C ARG G 372 60.07 0.59 23.55
N LEU G 373 59.10 1.13 24.27
CA LEU G 373 58.07 0.30 24.85
C LEU G 373 56.68 0.64 24.31
N GLU G 374 55.87 -0.40 24.08
CA GLU G 374 54.54 -0.28 23.54
C GLU G 374 53.53 -0.59 24.63
N PHE G 375 52.78 0.42 25.07
CA PHE G 375 51.66 0.21 25.98
C PHE G 375 50.41 -0.14 25.17
N ARG G 376 49.90 -1.35 25.37
CA ARG G 376 48.88 -1.91 24.47
C ARG G 376 47.42 -1.75 24.94
N SER G 377 47.24 -1.49 26.23
CA SER G 377 45.92 -1.36 26.83
C SER G 377 45.03 -0.20 26.34
N PRO G 378 45.62 0.97 26.04
CA PRO G 378 44.79 2.15 25.73
C PRO G 378 43.85 1.97 24.54
N ASP G 379 42.84 2.83 24.47
CA ASP G 379 41.93 2.91 23.32
C ASP G 379 41.79 4.38 22.93
N SER G 380 40.96 4.68 21.93
CA SER G 380 40.88 6.04 21.41
C SER G 380 39.73 6.81 22.00
N SER G 381 39.18 6.33 23.10
CA SER G 381 37.92 6.89 23.57
C SER G 381 38.02 8.15 24.42
N GLY G 382 39.23 8.60 24.71
CA GLY G 382 39.35 9.75 25.62
C GLY G 382 40.10 10.94 25.09
N ASN G 383 41.20 11.25 25.77
CA ASN G 383 41.92 12.48 25.54
C ASN G 383 43.38 12.14 25.44
N PRO G 384 43.94 12.27 24.22
CA PRO G 384 45.35 11.89 24.01
C PRO G 384 46.32 12.78 24.78
N TYR G 385 46.00 14.06 24.93
CA TYR G 385 46.81 14.96 25.73
C TYR G 385 46.94 14.43 27.14
N LEU G 386 45.81 14.03 27.74
CA LEU G 386 45.84 13.53 29.12
C LEU G 386 46.43 12.13 29.19
N ALA G 387 46.10 11.29 28.21
CA ALA G 387 46.58 9.93 28.20
C ALA G 387 48.10 9.87 28.07
N PHE G 388 48.67 10.61 27.10
CA PHE G 388 50.11 10.58 26.90
C PHE G 388 50.83 11.17 28.12
N SER G 389 50.32 12.30 28.63
CA SER G 389 50.85 12.89 29.86
C SER G 389 50.86 11.87 31.01
N ALA G 390 49.72 11.24 31.26
CA ALA G 390 49.58 10.33 32.37
C ALA G 390 50.57 9.17 32.26
N MET G 391 50.78 8.70 31.03
CA MET G 391 51.72 7.63 30.76
C MET G 391 53.16 8.06 31.07
N LEU G 392 53.55 9.25 30.63
CA LEU G 392 54.87 9.78 30.96
C LEU G 392 55.07 9.91 32.48
N MET G 393 54.09 10.46 33.19
CA MET G 393 54.18 10.63 34.64
C MET G 393 54.33 9.30 35.36
N ALA G 394 53.67 8.26 34.86
CA ALA G 394 53.80 6.94 35.46
C ALA G 394 55.24 6.43 35.25
N GLY G 395 55.74 6.56 34.02
CA GLY G 395 57.12 6.19 33.71
C GLY G 395 58.15 6.99 34.50
N LEU G 396 57.96 8.30 34.64
CA LEU G 396 58.87 9.13 35.39
C LEU G 396 58.91 8.78 36.89
N ASP G 397 57.75 8.50 37.48
CA ASP G 397 57.66 8.08 38.87
C ASP G 397 58.37 6.75 39.02
N GLY G 398 58.32 5.95 37.96
CA GLY G 398 59.01 4.66 37.94
C GLY G 398 60.51 4.81 37.95
N ILE G 399 61.02 5.82 37.25
CA ILE G 399 62.45 6.10 37.21
C ILE G 399 62.91 6.71 38.55
N LYS G 400 62.26 7.78 38.99
CA LYS G 400 62.62 8.43 40.26
C LYS G 400 62.67 7.47 41.43
N ASN G 401 61.70 6.57 41.53
CA ASN G 401 61.65 5.62 42.63
C ASN G 401 62.22 4.24 42.29
N LYS G 402 62.95 4.18 41.17
CA LYS G 402 63.58 2.95 40.70
C LYS G 402 62.70 1.71 40.83
N ILE G 403 61.42 1.83 40.46
CA ILE G 403 60.46 0.74 40.64
C ILE G 403 60.82 -0.45 39.76
N GLU G 404 60.90 -1.62 40.37
CA GLU G 404 61.23 -2.85 39.66
C GLU G 404 59.97 -3.62 39.26
N PRO G 405 59.82 -3.85 37.94
CA PRO G 405 58.68 -4.60 37.44
C PRO G 405 58.85 -6.08 37.71
N GLN G 406 57.75 -6.81 37.79
CA GLN G 406 57.79 -8.28 37.86
C GLN G 406 58.64 -8.84 36.72
N ALA G 407 59.11 -10.06 36.91
CA ALA G 407 59.83 -10.76 35.85
C ALA G 407 58.97 -10.84 34.59
N PRO G 408 59.55 -10.54 33.43
CA PRO G 408 58.87 -10.64 32.14
C PRO G 408 58.37 -12.05 31.85
N VAL G 409 57.32 -12.16 31.04
CA VAL G 409 56.73 -13.46 30.68
C VAL G 409 56.69 -13.62 29.15
N ASP G 410 57.46 -14.56 28.64
CA ASP G 410 57.55 -14.80 27.19
C ASP G 410 56.66 -15.96 26.68
N LYS G 411 56.20 -16.80 27.61
CA LYS G 411 55.27 -17.89 27.30
C LYS G 411 53.84 -17.42 27.52
N ASP G 412 52.90 -18.05 26.80
CA ASP G 412 51.48 -17.66 26.84
C ASP G 412 50.83 -17.72 28.23
N ALA G 421 49.38 -18.51 36.43
CA ALA G 421 47.95 -18.55 36.10
C ALA G 421 47.15 -17.51 36.94
N ALA G 422 46.89 -17.84 38.21
CA ALA G 422 46.39 -16.87 39.20
C ALA G 422 47.57 -15.99 39.69
N SER G 423 48.76 -16.30 39.17
CA SER G 423 50.02 -15.65 39.51
C SER G 423 50.09 -14.21 38.97
N ILE G 424 49.56 -14.00 37.77
CA ILE G 424 49.68 -12.72 37.04
C ILE G 424 48.53 -11.74 37.37
N PRO G 425 48.88 -10.53 37.86
CA PRO G 425 47.85 -9.54 38.19
C PRO G 425 47.17 -8.95 36.94
N GLN G 426 45.91 -8.57 37.10
CA GLN G 426 45.08 -8.04 36.01
C GLN G 426 44.81 -6.54 36.20
N THR G 427 44.48 -5.86 35.10
CA THR G 427 43.93 -4.50 35.17
C THR G 427 42.50 -4.63 35.67
N PRO G 428 42.00 -3.61 36.40
CA PRO G 428 40.61 -3.71 36.84
C PRO G 428 39.69 -3.83 35.64
N THR G 429 38.48 -4.33 35.85
CA THR G 429 37.60 -4.73 34.75
C THR G 429 36.42 -3.76 34.51
N GLN G 430 36.31 -2.73 35.34
CA GLN G 430 35.21 -1.77 35.25
C GLN G 430 35.78 -0.36 35.35
N LEU G 431 35.19 0.62 34.67
CA LEU G 431 35.56 2.03 34.85
C LEU G 431 35.47 2.51 36.32
N SER G 432 34.42 2.12 37.02
CA SER G 432 34.24 2.56 38.39
C SER G 432 35.40 2.09 39.27
N ASP G 433 35.89 0.88 39.02
CA ASP G 433 37.07 0.39 39.74
C ASP G 433 38.30 1.24 39.45
N VAL G 434 38.56 1.58 38.18
CA VAL G 434 39.78 2.35 37.87
C VAL G 434 39.66 3.79 38.35
N ILE G 435 38.44 4.31 38.40
CA ILE G 435 38.21 5.63 38.98
C ILE G 435 38.48 5.59 40.49
N ASP G 436 38.07 4.51 41.16
CA ASP G 436 38.44 4.35 42.57
C ASP G 436 39.96 4.34 42.74
N ARG G 437 40.67 3.58 41.90
CA ARG G 437 42.11 3.47 42.00
C ARG G 437 42.81 4.79 41.69
N LEU G 438 42.28 5.58 40.75
CA LEU G 438 42.78 6.93 40.51
C LEU G 438 42.62 7.84 41.75
N GLU G 439 41.47 7.74 42.42
CA GLU G 439 41.19 8.50 43.63
C GLU G 439 42.19 8.14 44.73
N ALA G 440 42.52 6.85 44.81
CA ALA G 440 43.42 6.36 45.86
C ALA G 440 44.92 6.60 45.58
N ASP G 441 45.29 6.84 44.34
CA ASP G 441 46.70 6.88 43.95
C ASP G 441 46.94 7.80 42.74
N HIS G 442 47.00 9.10 42.98
CA HIS G 442 47.20 10.05 41.89
C HIS G 442 48.38 10.99 42.19
N GLU G 443 49.11 10.66 43.25
CA GLU G 443 50.28 11.40 43.66
C GLU G 443 51.29 11.60 42.49
N TYR G 444 51.59 10.53 41.76
CA TYR G 444 52.51 10.59 40.63
C TYR G 444 52.11 11.55 39.51
N LEU G 445 50.81 11.82 39.41
CA LEU G 445 50.30 12.73 38.38
C LEU G 445 50.50 14.20 38.77
N THR G 446 50.57 14.46 40.08
CA THR G 446 50.68 15.84 40.60
C THR G 446 52.11 16.35 40.73
N GLU G 447 53.10 15.45 40.58
CA GLU G 447 54.50 15.84 40.56
C GLU G 447 54.74 16.98 39.58
N GLY G 448 55.45 18.01 40.04
CA GLY G 448 55.74 19.15 39.18
C GLY G 448 54.52 19.97 38.81
N GLY G 449 53.38 19.68 39.44
CA GLY G 449 52.11 20.36 39.12
C GLY G 449 51.60 20.11 37.70
N VAL G 450 51.98 18.98 37.10
CA VAL G 450 51.52 18.62 35.76
C VAL G 450 49.98 18.44 35.74
N PHE G 451 49.48 17.48 36.51
CA PHE G 451 48.07 17.43 36.86
C PHE G 451 47.91 18.09 38.22
N THR G 452 46.77 18.70 38.48
CA THR G 452 46.47 19.24 39.80
C THR G 452 45.43 18.37 40.50
N ASN G 453 45.43 18.38 41.83
CA ASN G 453 44.38 17.69 42.60
C ASN G 453 42.97 18.11 42.19
N ASP G 454 42.82 19.42 41.94
CA ASP G 454 41.57 20.00 41.46
C ASP G 454 41.07 19.27 40.21
N LEU G 455 41.94 19.17 39.20
CA LEU G 455 41.59 18.51 37.93
C LEU G 455 41.23 17.03 38.07
N ILE G 456 42.02 16.31 38.87
CA ILE G 456 41.79 14.90 39.12
C ILE G 456 40.44 14.67 39.80
N GLU G 457 40.13 15.49 40.80
CA GLU G 457 38.82 15.42 41.46
C GLU G 457 37.66 15.70 40.50
N THR G 458 37.87 16.62 39.56
CA THR G 458 36.85 16.98 38.58
C THR G 458 36.61 15.83 37.62
N TRP G 459 37.71 15.23 37.17
CA TRP G 459 37.68 14.04 36.30
C TRP G 459 36.93 12.89 36.96
N ILE G 460 37.22 12.65 38.24
CA ILE G 460 36.54 11.61 39.01
C ILE G 460 35.03 11.87 39.14
N SER G 461 34.65 13.10 39.47
CA SER G 461 33.26 13.52 39.54
C SER G 461 32.52 13.32 38.24
N PHE G 462 33.10 13.83 37.17
CA PHE G 462 32.54 13.79 35.84
C PHE G 462 32.22 12.36 35.41
N LYS G 463 33.19 11.45 35.58
CA LYS G 463 33.00 10.06 35.17
C LYS G 463 31.95 9.35 36.01
N ARG G 464 31.89 9.69 37.30
CA ARG G 464 30.93 9.09 38.23
C ARG G 464 29.50 9.55 37.95
N GLU G 465 29.33 10.85 37.77
CA GLU G 465 28.00 11.44 37.65
C GLU G 465 27.43 11.40 36.24
N ASN G 466 28.30 11.54 35.23
CA ASN G 466 27.86 11.61 33.84
C ASN G 466 27.99 10.31 33.04
N GLU G 467 28.79 9.37 33.52
CA GLU G 467 29.06 8.15 32.75
C GLU G 467 28.74 6.88 33.51
N ILE G 468 29.44 6.62 34.60
CA ILE G 468 29.26 5.41 35.41
C ILE G 468 27.82 5.27 35.91
N GLU G 469 27.34 6.27 36.63
CA GLU G 469 26.01 6.19 37.22
C GLU G 469 24.85 6.11 36.18
N PRO G 470 24.85 7.01 35.16
CA PRO G 470 23.80 6.92 34.13
C PRO G 470 23.70 5.59 33.37
N VAL G 471 24.82 4.88 33.17
CA VAL G 471 24.76 3.53 32.62
C VAL G 471 24.21 2.58 33.66
N ASN G 472 24.74 2.67 34.88
CA ASN G 472 24.35 1.82 35.98
C ASN G 472 22.88 1.75 36.28
N ILE G 473 22.19 2.88 36.16
CA ILE G 473 20.77 2.95 36.57
C ILE G 473 19.82 2.50 35.45
N ARG G 474 20.36 2.29 34.26
CA ARG G 474 19.53 1.88 33.12
C ARG G 474 19.59 0.39 32.86
N PRO G 475 18.44 -0.29 32.91
CA PRO G 475 18.39 -1.72 32.63
C PRO G 475 19.00 -2.02 31.27
N HIS G 476 19.82 -3.06 31.21
CA HIS G 476 20.47 -3.51 30.01
C HIS G 476 19.50 -4.43 29.26
N PRO G 477 19.42 -4.33 27.92
CA PRO G 477 18.50 -5.20 27.18
C PRO G 477 18.65 -6.70 27.52
N TYR G 478 19.88 -7.16 27.74
CA TYR G 478 20.09 -8.58 28.00
C TYR G 478 19.54 -9.00 29.35
N GLU G 479 19.34 -8.04 30.23
CA GLU G 479 18.66 -8.29 31.52
C GLU G 479 17.21 -8.77 31.34
N PHE G 480 16.55 -8.29 30.29
CA PHE G 480 15.23 -8.77 29.94
C PHE G 480 15.26 -10.23 29.44
N ALA G 481 16.28 -10.59 28.67
CA ALA G 481 16.47 -11.98 28.24
C ALA G 481 16.66 -12.86 29.45
N LEU G 482 17.47 -12.41 30.38
CA LEU G 482 17.80 -13.21 31.56
C LEU G 482 16.71 -13.27 32.62
N TYR G 483 15.94 -12.20 32.74
CA TYR G 483 15.17 -12.00 33.97
C TYR G 483 13.69 -11.66 33.85
N TYR G 484 13.21 -11.32 32.66
CA TYR G 484 11.79 -10.99 32.50
C TYR G 484 10.86 -12.01 33.16
N ASP G 485 11.20 -13.29 33.03
CA ASP G 485 10.32 -14.33 33.50
C ASP G 485 10.69 -14.97 34.87
N VAL G 486 11.49 -14.28 35.69
CA VAL G 486 11.90 -14.83 36.99
C VAL G 486 10.74 -15.09 37.93
N LYS H 12 28.46 58.34 3.76
CA LYS H 12 27.92 58.00 2.40
C LYS H 12 26.90 58.98 1.86
N THR H 13 27.06 59.36 0.59
CA THR H 13 26.27 60.42 -0.04
C THR H 13 25.38 59.85 -1.12
N PRO H 14 24.37 60.62 -1.55
CA PRO H 14 23.59 60.23 -2.73
C PRO H 14 24.43 59.79 -3.92
N ASP H 15 25.50 60.53 -4.24
CA ASP H 15 26.38 60.19 -5.37
C ASP H 15 27.09 58.85 -5.23
N ASP H 16 27.52 58.51 -4.02
CA ASP H 16 28.02 57.17 -3.73
C ASP H 16 27.01 56.08 -4.14
N VAL H 17 25.74 56.30 -3.82
CA VAL H 17 24.68 55.33 -4.09
C VAL H 17 24.43 55.20 -5.58
N PHE H 18 24.37 56.31 -6.30
CA PHE H 18 24.20 56.25 -7.76
C PHE H 18 25.38 55.54 -8.41
N LYS H 19 26.58 55.77 -7.88
CA LYS H 19 27.78 55.13 -8.38
C LYS H 19 27.74 53.62 -8.16
N LEU H 20 27.30 53.20 -6.97
CA LEU H 20 27.10 51.78 -6.68
C LEU H 20 26.07 51.15 -7.63
N ALA H 21 24.95 51.84 -7.84
CA ALA H 21 23.90 51.39 -8.75
C ALA H 21 24.43 51.18 -10.17
N LYS H 22 25.20 52.15 -10.66
CA LYS H 22 25.75 52.09 -12.02
C LYS H 22 26.86 51.05 -12.14
N ASP H 23 27.79 51.04 -11.19
CA ASP H 23 28.86 50.03 -11.19
C ASP H 23 28.33 48.59 -11.12
N GLU H 24 27.29 48.35 -10.33
CA GLU H 24 26.76 47.00 -10.13
C GLU H 24 25.74 46.61 -11.19
N LYS H 25 25.37 47.55 -12.05
CA LYS H 25 24.39 47.31 -13.11
C LYS H 25 23.06 46.85 -12.51
N VAL H 26 22.63 47.58 -11.49
CA VAL H 26 21.40 47.32 -10.78
C VAL H 26 20.21 47.47 -11.73
N GLU H 27 19.28 46.53 -11.63
CA GLU H 27 18.10 46.54 -12.47
C GLU H 27 16.87 47.11 -11.72
N TYR H 28 16.80 46.87 -10.41
CA TYR H 28 15.70 47.35 -9.56
C TYR H 28 16.22 47.94 -8.27
N VAL H 29 15.40 48.83 -7.70
CA VAL H 29 15.67 49.37 -6.37
C VAL H 29 14.53 48.96 -5.43
N ASP H 30 14.90 48.40 -4.29
CA ASP H 30 13.91 47.96 -3.34
C ASP H 30 13.72 49.03 -2.24
N VAL H 31 12.53 49.61 -2.19
CA VAL H 31 12.22 50.65 -1.20
C VAL H 31 11.74 50.02 0.13
N ARG H 32 12.60 50.09 1.14
CA ARG H 32 12.31 49.43 2.41
C ARG H 32 11.98 50.40 3.54
N PHE H 33 11.03 50.02 4.38
CA PHE H 33 10.66 50.81 5.55
C PHE H 33 10.19 49.85 6.62
N CYS H 34 10.32 50.23 7.89
CA CYS H 34 10.08 49.32 9.00
C CYS H 34 8.70 49.50 9.54
N ASP H 35 8.01 48.39 9.81
CA ASP H 35 6.70 48.50 10.46
C ASP H 35 6.88 48.49 11.97
N LEU H 36 5.79 48.70 12.68
CA LEU H 36 5.84 48.87 14.11
C LEU H 36 6.42 47.65 14.83
N PRO H 37 5.84 46.44 14.66
CA PRO H 37 6.44 45.29 15.38
C PRO H 37 7.91 44.96 15.02
N GLY H 38 8.36 45.31 13.81
CA GLY H 38 9.78 45.22 13.49
C GLY H 38 10.16 44.45 12.24
N ILE H 39 9.18 44.23 11.37
CA ILE H 39 9.41 43.53 10.12
C ILE H 39 9.57 44.58 9.04
N MET H 40 10.55 44.41 8.18
CA MET H 40 10.78 45.34 7.09
C MET H 40 9.77 45.10 5.96
N GLN H 41 9.21 46.21 5.49
CA GLN H 41 8.29 46.23 4.36
C GLN H 41 9.00 46.70 3.10
N HIS H 42 8.42 46.40 1.94
CA HIS H 42 9.03 46.85 0.70
C HIS H 42 8.08 46.94 -0.49
N PHE H 43 8.47 47.77 -1.45
CA PHE H 43 7.99 47.68 -2.84
C PHE H 43 9.20 47.98 -3.74
N THR H 44 9.04 47.77 -5.02
CA THR H 44 10.16 47.82 -5.91
C THR H 44 9.90 48.73 -7.09
N ILE H 45 10.94 49.48 -7.47
CA ILE H 45 10.87 50.38 -8.62
C ILE H 45 11.99 50.03 -9.60
N PRO H 46 11.81 50.35 -10.90
CA PRO H 46 12.92 50.11 -11.83
C PRO H 46 14.07 51.06 -11.51
N ALA H 47 15.29 50.60 -11.70
CA ALA H 47 16.49 51.39 -11.38
C ALA H 47 16.48 52.72 -12.14
N SER H 48 16.07 52.66 -13.40
CA SER H 48 15.96 53.84 -14.24
C SER H 48 15.12 54.97 -13.64
N ALA H 49 14.35 54.71 -12.58
CA ALA H 49 13.51 55.72 -11.92
C ALA H 49 14.11 56.13 -10.60
N PHE H 50 15.31 55.64 -10.34
CA PHE H 50 16.06 56.02 -9.16
C PHE H 50 17.09 57.10 -9.50
N ASP H 51 16.72 58.36 -9.24
CA ASP H 51 17.52 59.54 -9.58
C ASP H 51 17.55 60.53 -8.43
N LYS H 52 18.03 61.75 -8.69
CA LYS H 52 18.14 62.79 -7.63
C LYS H 52 16.82 63.16 -6.95
N SER H 53 15.75 63.15 -7.73
CA SER H 53 14.42 63.50 -7.22
C SER H 53 13.89 62.54 -6.13
N VAL H 54 14.50 61.36 -6.04
CA VAL H 54 14.19 60.41 -4.96
C VAL H 54 14.75 60.95 -3.64
N PHE H 55 15.98 61.46 -3.65
CA PHE H 55 16.57 62.04 -2.44
C PHE H 55 16.00 63.40 -2.08
N ASP H 56 15.63 64.19 -3.09
CA ASP H 56 15.12 65.53 -2.85
C ASP H 56 13.65 65.55 -2.49
N ASP H 57 12.82 64.94 -3.34
CA ASP H 57 11.36 65.01 -3.19
C ASP H 57 10.75 63.81 -2.47
N GLY H 58 11.40 62.66 -2.62
CA GLY H 58 10.93 61.40 -2.04
C GLY H 58 10.00 60.62 -2.96
N LEU H 59 9.53 59.47 -2.47
CA LEU H 59 8.63 58.63 -3.24
C LEU H 59 7.27 58.61 -2.59
N ALA H 60 6.24 58.80 -3.41
CA ALA H 60 4.87 58.76 -2.93
C ALA H 60 4.39 57.32 -2.90
N PHE H 61 3.65 56.95 -1.86
CA PHE H 61 3.07 55.62 -1.76
C PHE H 61 1.83 55.66 -0.89
N ASP H 62 0.82 54.87 -1.28
CA ASP H 62 -0.48 54.81 -0.58
C ASP H 62 -0.27 54.65 0.94
N GLY H 63 -0.90 55.54 1.71
CA GLY H 63 -0.56 55.69 3.13
C GLY H 63 -1.32 54.84 4.13
N SER H 64 -2.20 53.98 3.63
CA SER H 64 -2.77 52.90 4.44
C SER H 64 -1.89 51.63 4.30
N SER H 65 -1.16 51.60 3.20
CA SER H 65 -0.17 50.56 2.91
C SER H 65 1.13 50.77 3.72
N ILE H 66 1.60 52.03 3.80
CA ILE H 66 2.77 52.46 4.60
C ILE H 66 2.51 52.38 6.12
N ARG H 67 1.26 52.64 6.52
CA ARG H 67 0.87 52.67 7.95
C ARG H 67 0.48 51.28 8.54
N GLY H 68 0.08 50.34 7.69
CA GLY H 68 -0.21 48.97 8.15
C GLY H 68 -1.61 48.73 8.67
N PHE H 69 -2.39 49.80 8.87
CA PHE H 69 -3.81 49.71 9.23
C PHE H 69 -4.69 50.50 8.26
N GLN H 70 -5.99 50.23 8.31
CA GLN H 70 -6.93 50.78 7.34
C GLN H 70 -7.85 51.85 7.93
N SER H 75 -2.87 60.32 5.12
CA SER H 75 -3.24 59.06 4.49
C SER H 75 -2.20 58.62 3.46
N ASP H 76 -1.84 59.51 2.53
CA ASP H 76 -0.76 59.24 1.59
C ASP H 76 0.57 59.53 2.32
N MET H 77 1.58 58.67 2.15
CA MET H 77 2.85 58.93 2.81
C MET H 77 4.02 59.11 1.86
N LEU H 78 5.01 59.87 2.32
CA LEU H 78 6.20 60.21 1.54
C LEU H 78 7.45 59.55 2.11
N LEU H 79 8.24 58.91 1.25
CA LEU H 79 9.39 58.12 1.70
C LEU H 79 10.71 58.74 1.26
N LEU H 80 11.59 58.99 2.22
CA LEU H 80 12.89 59.59 1.92
C LEU H 80 14.05 58.65 2.23
N PRO H 81 14.97 58.46 1.27
CA PRO H 81 16.01 57.44 1.39
C PRO H 81 17.13 57.84 2.34
N ASP H 82 17.71 56.83 3.01
CA ASP H 82 18.90 56.98 3.84
C ASP H 82 20.04 56.33 3.09
N PRO H 83 20.92 57.15 2.52
CA PRO H 83 22.00 56.65 1.67
C PRO H 83 22.93 55.64 2.36
N GLU H 84 23.07 55.76 3.68
CA GLU H 84 23.95 54.87 4.44
C GLU H 84 23.50 53.40 4.41
N THR H 85 22.22 53.17 4.10
CA THR H 85 21.63 51.83 4.22
C THR H 85 21.61 51.07 2.89
N ALA H 86 22.16 51.67 1.84
CA ALA H 86 22.15 51.08 0.50
C ALA H 86 23.06 49.86 0.40
N ARG H 87 22.50 48.74 -0.07
CA ARG H 87 23.23 47.46 -0.16
C ARG H 87 22.71 46.64 -1.32
N ILE H 88 23.62 45.97 -2.02
CA ILE H 88 23.26 45.00 -3.04
C ILE H 88 22.62 43.77 -2.38
N ASP H 89 21.44 43.38 -2.86
CA ASP H 89 20.77 42.20 -2.33
C ASP H 89 21.44 40.94 -2.88
N PRO H 90 21.98 40.09 -2.00
CA PRO H 90 22.74 38.95 -2.51
C PRO H 90 21.87 37.76 -2.93
N PHE H 91 20.55 37.87 -2.77
CA PHE H 91 19.66 36.74 -2.97
C PHE H 91 18.77 36.86 -4.18
N ARG H 92 18.40 38.09 -4.51
CA ARG H 92 17.44 38.36 -5.58
C ARG H 92 18.06 38.12 -6.97
N ALA H 93 17.41 37.29 -7.79
CA ALA H 93 17.97 36.95 -9.10
C ALA H 93 18.20 38.18 -9.97
N ALA H 94 17.21 39.06 -10.05
CA ALA H 94 17.37 40.35 -10.74
C ALA H 94 18.23 41.25 -9.85
N LYS H 95 19.27 41.83 -10.42
CA LYS H 95 20.21 42.65 -9.62
C LYS H 95 19.48 43.82 -8.94
N THR H 96 19.49 43.82 -7.62
CA THR H 96 18.67 44.77 -6.85
C THR H 96 19.48 45.52 -5.80
N LEU H 97 19.17 46.81 -5.64
CA LEU H 97 19.75 47.64 -4.60
C LEU H 97 18.70 47.89 -3.53
N ASN H 98 19.00 47.53 -2.29
CA ASN H 98 18.11 47.76 -1.17
C ASN H 98 18.48 49.05 -0.46
N ILE H 99 17.50 49.91 -0.19
CA ILE H 99 17.70 51.13 0.60
C ILE H 99 16.56 51.30 1.60
N ASN H 100 16.89 51.72 2.81
CA ASN H 100 15.89 52.02 3.81
C ASN H 100 15.45 53.47 3.70
N PHE H 101 14.19 53.73 4.08
CA PHE H 101 13.60 55.04 3.96
C PHE H 101 13.00 55.49 5.30
N PHE H 102 12.82 56.82 5.43
CA PHE H 102 12.06 57.42 6.53
C PHE H 102 10.68 57.81 5.98
N VAL H 103 9.67 57.71 6.83
CA VAL H 103 8.32 58.06 6.42
C VAL H 103 8.02 59.49 6.84
N HIS H 104 7.62 60.31 5.87
CA HIS H 104 7.24 61.69 6.13
C HIS H 104 5.81 61.96 5.68
N ASP H 105 5.13 62.91 6.34
CA ASP H 105 3.86 63.48 5.85
C ASP H 105 4.07 64.26 4.56
N PRO H 106 3.22 64.03 3.54
CA PRO H 106 3.48 64.64 2.22
C PRO H 106 3.34 66.16 2.23
N PHE H 107 2.33 66.68 2.93
CA PHE H 107 2.07 68.14 2.98
C PHE H 107 3.14 68.87 3.80
N THR H 108 3.37 68.40 5.03
CA THR H 108 4.22 69.12 5.99
C THR H 108 5.69 68.74 5.93
N LEU H 109 6.00 67.62 5.27
CA LEU H 109 7.35 67.01 5.31
C LEU H 109 7.80 66.56 6.71
N GLU H 110 6.86 66.53 7.65
CA GLU H 110 7.15 66.13 9.03
C GLU H 110 7.43 64.63 9.11
N PRO H 111 8.47 64.24 9.87
CA PRO H 111 8.69 62.83 10.09
C PRO H 111 7.47 62.23 10.76
N TYR H 112 6.94 61.15 10.19
CA TYR H 112 5.82 60.43 10.78
C TYR H 112 6.20 59.82 12.13
N SER H 113 5.41 60.12 13.15
CA SER H 113 5.78 59.79 14.53
C SER H 113 5.74 58.29 14.88
N ARG H 114 5.19 57.47 13.99
CA ARG H 114 5.12 56.02 14.25
C ARG H 114 6.07 55.17 13.41
N ASP H 115 6.90 55.81 12.60
CA ASP H 115 7.96 55.13 11.84
C ASP H 115 9.18 54.89 12.74
N PRO H 116 9.47 53.63 13.08
CA PRO H 116 10.53 53.31 14.03
C PRO H 116 11.87 53.96 13.68
N ARG H 117 12.15 54.09 12.38
CA ARG H 117 13.40 54.69 11.92
C ARG H 117 13.49 56.19 12.30
N ASN H 118 12.37 56.91 12.18
CA ASN H 118 12.27 58.27 12.67
C ASN H 118 12.50 58.37 14.15
N ILE H 119 11.96 57.40 14.89
CA ILE H 119 12.10 57.40 16.35
C ILE H 119 13.57 57.25 16.75
N ALA H 120 14.29 56.39 16.04
CA ALA H 120 15.70 56.22 16.29
C ALA H 120 16.46 57.52 15.94
N ARG H 121 16.07 58.17 14.83
CA ARG H 121 16.67 59.45 14.47
C ARG H 121 16.38 60.52 15.53
N LYS H 122 15.13 60.59 15.95
CA LYS H 122 14.73 61.55 16.98
C LYS H 122 15.51 61.30 18.27
N ALA H 123 15.80 60.03 18.56
CA ALA H 123 16.57 59.69 19.76
C ALA H 123 17.99 60.26 19.66
N GLU H 124 18.60 60.15 18.47
CA GLU H 124 19.95 60.63 18.26
C GLU H 124 20.03 62.15 18.37
N ASN H 125 19.05 62.81 17.74
CA ASN H 125 18.93 64.27 17.78
C ASN H 125 18.67 64.79 19.19
N TYR H 126 17.82 64.09 19.93
CA TYR H 126 17.58 64.44 21.31
C TYR H 126 18.87 64.37 22.17
N LEU H 127 19.63 63.30 22.02
CA LEU H 127 20.89 63.18 22.72
C LEU H 127 21.70 64.47 22.55
N ILE H 128 21.93 64.86 21.29
CA ILE H 128 22.70 66.06 20.96
C ILE H 128 22.13 67.29 21.70
N SER H 129 20.81 67.46 21.65
CA SER H 129 20.16 68.63 22.20
C SER H 129 20.25 68.71 23.73
N THR H 130 20.54 67.61 24.41
CA THR H 130 20.71 67.68 25.87
C THR H 130 22.11 68.13 26.26
N GLY H 131 23.03 68.14 25.29
CA GLY H 131 24.45 68.41 25.55
C GLY H 131 25.21 67.34 26.34
N ILE H 132 24.52 66.28 26.76
CA ILE H 132 25.17 65.18 27.51
C ILE H 132 26.25 64.48 26.66
N ALA H 133 25.95 64.24 25.38
CA ALA H 133 26.88 63.59 24.46
C ALA H 133 26.41 63.85 23.05
N ASP H 134 27.24 63.56 22.06
CA ASP H 134 26.79 63.71 20.66
C ASP H 134 26.56 62.37 19.88
N THR H 135 27.04 61.27 20.44
CA THR H 135 26.91 59.97 19.76
C THR H 135 26.64 58.86 20.77
N ALA H 136 25.65 58.02 20.43
CA ALA H 136 25.38 56.80 21.18
C ALA H 136 25.72 55.61 20.30
N TYR H 137 26.64 54.77 20.77
CA TYR H 137 27.04 53.57 20.06
C TYR H 137 26.34 52.33 20.60
N PHE H 138 25.80 51.52 19.70
CA PHE H 138 25.15 50.26 20.08
C PHE H 138 25.78 49.08 19.36
N GLY H 139 26.14 48.07 20.14
CA GLY H 139 26.66 46.84 19.60
C GLY H 139 25.76 45.72 20.04
N ALA H 140 25.38 44.87 19.11
CA ALA H 140 24.45 43.77 19.43
C ALA H 140 25.00 42.44 18.99
N GLU H 141 24.79 41.45 19.86
CA GLU H 141 25.15 40.08 19.58
C GLU H 141 23.86 39.28 19.60
N ALA H 142 23.38 38.90 18.42
CA ALA H 142 22.09 38.23 18.27
C ALA H 142 22.20 36.77 17.84
N GLU H 143 21.66 35.89 18.67
CA GLU H 143 21.62 34.46 18.41
C GLU H 143 20.39 34.08 17.60
N PHE H 144 20.48 32.94 16.90
CA PHE H 144 19.35 32.38 16.16
C PHE H 144 19.46 30.86 16.06
N TYR H 145 18.37 30.22 15.61
CA TYR H 145 18.34 28.77 15.41
C TYR H 145 18.16 28.47 13.93
N ILE H 146 18.85 27.43 13.47
CA ILE H 146 18.66 26.92 12.14
C ILE H 146 17.86 25.62 12.25
N PHE H 147 16.71 25.55 11.57
CA PHE H 147 15.90 24.32 11.54
C PHE H 147 15.72 23.81 10.11
N ASP H 148 15.26 22.57 9.98
CA ASP H 148 14.93 22.04 8.65
C ASP H 148 13.46 22.24 8.37
N SER H 149 12.65 22.29 9.41
CA SER H 149 11.22 22.46 9.23
C SER H 149 10.51 23.01 10.47
N VAL H 150 9.36 23.62 10.23
CA VAL H 150 8.47 24.13 11.27
C VAL H 150 7.03 23.96 10.77
N SER H 151 6.14 23.52 11.64
CA SER H 151 4.71 23.59 11.37
C SER H 151 3.91 23.74 12.68
N PHE H 152 2.69 24.25 12.56
CA PHE H 152 1.85 24.53 13.72
C PHE H 152 0.46 24.88 13.26
N ASP H 153 -0.50 24.79 14.18
CA ASP H 153 -1.82 25.36 13.97
C ASP H 153 -2.56 25.45 15.29
N SER H 154 -3.70 26.10 15.24
CA SER H 154 -4.49 26.36 16.42
C SER H 154 -5.97 26.24 16.01
N ARG H 155 -6.64 25.21 16.48
CA ARG H 155 -7.99 24.87 16.04
C ARG H 155 -8.87 24.78 17.28
N ALA H 156 -10.16 24.56 17.07
CA ALA H 156 -11.11 24.51 18.19
C ALA H 156 -10.83 23.35 19.14
N ASN H 157 -10.50 22.19 18.58
CA ASN H 157 -10.35 20.95 19.33
C ASN H 157 -8.89 20.50 19.52
N GLY H 158 -7.95 21.34 19.14
CA GLY H 158 -6.56 20.95 19.20
C GLY H 158 -5.58 21.96 18.63
N SER H 159 -4.32 21.69 18.89
CA SER H 159 -3.26 22.63 18.64
C SER H 159 -1.92 21.91 18.68
N PHE H 160 -1.00 22.28 17.81
CA PHE H 160 0.34 21.74 17.87
C PHE H 160 1.37 22.74 17.30
N TYR H 161 2.66 22.51 17.63
CA TYR H 161 3.79 23.01 16.86
C TYR H 161 4.84 21.94 16.87
N GLU H 162 5.72 22.00 15.88
CA GLU H 162 6.83 21.10 15.79
C GLU H 162 7.91 21.80 15.01
N VAL H 163 9.09 21.92 15.61
CA VAL H 163 10.29 22.31 14.86
C VAL H 163 11.21 21.09 14.75
N ASP H 164 11.95 20.98 13.67
CA ASP H 164 12.80 19.82 13.50
C ASP H 164 14.07 20.12 12.75
N ALA H 165 15.08 19.30 13.02
CA ALA H 165 16.35 19.38 12.35
C ALA H 165 16.93 17.96 12.31
N ILE H 166 17.48 17.58 11.16
CA ILE H 166 18.14 16.29 10.99
C ILE H 166 19.08 16.02 12.16
N SER H 167 19.88 17.01 12.53
CA SER H 167 20.90 16.82 13.55
C SER H 167 20.46 17.14 14.97
N GLY H 168 19.16 17.39 15.18
CA GLY H 168 18.62 17.66 16.51
C GLY H 168 18.87 16.51 17.46
N TRP H 169 19.25 16.83 18.68
CA TRP H 169 19.56 15.81 19.67
C TRP H 169 18.40 14.87 20.02
N TRP H 170 17.18 15.26 19.71
CA TRP H 170 15.98 14.45 20.02
C TRP H 170 15.76 13.39 18.93
N ASN H 171 16.65 13.35 17.95
CA ASN H 171 16.52 12.44 16.80
C ASN H 171 17.55 11.29 16.73
N THR H 172 18.20 10.96 17.84
CA THR H 172 19.20 9.90 17.84
C THR H 172 18.59 8.52 17.50
N GLY H 173 17.30 8.36 17.76
CA GLY H 173 16.62 7.11 17.57
C GLY H 173 16.03 6.85 16.20
N ALA H 174 15.99 7.87 15.35
CA ALA H 174 15.43 7.74 14.01
C ALA H 174 16.08 6.60 13.19
N ALA H 175 15.24 5.72 12.64
CA ALA H 175 15.71 4.59 11.80
C ALA H 175 16.34 5.10 10.50
N THR H 176 15.69 6.09 9.89
CA THR H 176 16.24 6.79 8.74
C THR H 176 15.90 8.28 8.85
N GLU H 177 16.62 9.12 8.12
CA GLU H 177 16.34 10.56 8.11
C GLU H 177 15.05 10.81 7.34
N ALA H 178 14.59 12.05 7.40
CA ALA H 178 13.35 12.48 6.73
C ALA H 178 13.34 12.17 5.22
N ASP H 179 14.50 12.25 4.56
CA ASP H 179 14.62 11.88 3.14
C ASP H 179 14.88 10.37 2.87
N GLY H 180 14.87 9.55 3.91
CA GLY H 180 15.10 8.12 3.73
C GLY H 180 16.57 7.69 3.71
N SER H 181 17.48 8.66 3.82
CA SER H 181 18.90 8.32 3.94
C SER H 181 19.19 7.85 5.38
N PRO H 182 20.29 7.12 5.60
CA PRO H 182 20.51 6.51 6.91
C PRO H 182 20.89 7.53 7.99
N ASN H 183 20.57 7.21 9.24
CA ASN H 183 20.99 7.98 10.39
C ASN H 183 22.48 7.76 10.59
N ARG H 184 23.26 8.84 10.61
CA ARG H 184 24.70 8.73 10.73
C ARG H 184 25.22 9.21 12.07
N GLY H 185 24.30 9.52 12.99
CA GLY H 185 24.68 9.92 14.35
C GLY H 185 25.29 11.30 14.45
N TYR H 186 26.09 11.50 15.50
CA TYR H 186 26.75 12.77 15.80
C TYR H 186 25.74 13.86 16.12
N LYS H 187 24.65 13.47 16.77
CA LYS H 187 23.58 14.37 17.11
C LYS H 187 23.62 14.83 18.58
N VAL H 188 24.04 13.95 19.50
CA VAL H 188 23.92 14.23 20.94
C VAL H 188 24.77 15.41 21.43
N ARG H 189 24.18 16.28 22.26
CA ARG H 189 24.94 17.35 22.92
C ARG H 189 25.64 16.74 24.12
N HIS H 190 26.95 16.93 24.22
CA HIS H 190 27.70 16.41 25.36
C HIS H 190 27.91 17.44 26.43
N LYS H 191 28.04 16.95 27.67
CA LYS H 191 28.46 17.80 28.79
C LYS H 191 29.93 18.24 28.54
N GLY H 192 30.24 19.47 28.92
CA GLY H 192 31.65 19.93 28.92
C GLY H 192 32.13 20.76 27.74
N GLY H 193 31.33 20.83 26.67
CA GLY H 193 31.71 21.60 25.48
C GLY H 193 30.53 21.92 24.58
N TYR H 194 30.29 23.21 24.38
CA TYR H 194 29.14 23.66 23.61
C TYR H 194 29.43 23.81 22.13
N PHE H 195 30.71 23.87 21.76
CA PHE H 195 31.07 24.21 20.37
C PHE H 195 31.94 23.17 19.65
N PRO H 196 31.49 21.89 19.63
CA PRO H 196 32.36 20.84 19.09
C PRO H 196 32.58 20.96 17.61
N VAL H 197 33.74 20.49 17.12
CA VAL H 197 34.05 20.50 15.68
C VAL H 197 33.24 19.46 14.89
N ALA H 198 33.25 19.58 13.57
CA ALA H 198 32.63 18.61 12.70
C ALA H 198 33.20 17.19 12.95
N PRO H 199 32.38 16.17 12.78
CA PRO H 199 30.99 16.19 12.31
C PRO H 199 29.93 16.49 13.37
N ASN H 200 30.31 16.65 14.64
CA ASN H 200 29.31 17.06 15.64
C ASN H 200 28.66 18.38 15.22
N ASP H 201 29.49 19.28 14.69
CA ASP H 201 29.05 20.54 14.13
C ASP H 201 28.57 20.22 12.72
N GLN H 202 27.24 20.26 12.55
CA GLN H 202 26.65 19.90 11.27
C GLN H 202 26.24 21.09 10.41
N TYR H 203 26.59 22.30 10.83
CA TYR H 203 26.22 23.49 10.09
C TYR H 203 27.38 24.39 9.65
N VAL H 204 28.60 23.83 9.62
CA VAL H 204 29.81 24.61 9.32
C VAL H 204 29.70 25.38 8.00
N ASP H 205 29.39 24.68 6.92
CA ASP H 205 29.38 25.32 5.59
C ASP H 205 28.26 26.37 5.47
N LEU H 206 27.11 26.10 6.07
CA LEU H 206 26.01 27.06 6.03
C LEU H 206 26.32 28.33 6.83
N ARG H 207 26.87 28.19 8.03
CA ARG H 207 27.33 29.33 8.81
C ARG H 207 28.38 30.18 8.05
N ASP H 208 29.30 29.51 7.38
CA ASP H 208 30.33 30.20 6.61
C ASP H 208 29.69 30.99 5.49
N LYS H 209 28.66 30.44 4.86
CA LYS H 209 27.94 31.17 3.82
C LYS H 209 27.29 32.44 4.37
N MET H 210 26.73 32.31 5.59
CA MET H 210 26.16 33.45 6.28
C MET H 210 27.23 34.50 6.57
N LEU H 211 28.37 34.05 7.10
CA LEU H 211 29.51 34.93 7.38
C LEU H 211 29.95 35.65 6.09
N THR H 212 30.10 34.88 5.02
CA THR H 212 30.58 35.45 3.79
C THR H 212 29.62 36.50 3.26
N ASN H 213 28.32 36.19 3.32
CA ASN H 213 27.31 37.16 2.90
C ASN H 213 27.30 38.43 3.76
N LEU H 214 27.57 38.29 5.05
CA LEU H 214 27.66 39.47 5.91
C LEU H 214 28.82 40.37 5.49
N ILE H 215 30.01 39.79 5.36
CA ILE H 215 31.21 40.53 4.93
C ILE H 215 31.01 41.19 3.56
N ASN H 216 30.39 40.49 2.61
CA ASN H 216 30.10 41.07 1.29
C ASN H 216 29.07 42.19 1.36
N SER H 217 28.28 42.20 2.43
CA SER H 217 27.25 43.22 2.64
C SER H 217 27.68 44.40 3.51
N GLY H 218 28.98 44.56 3.74
CA GLY H 218 29.49 45.72 4.44
C GLY H 218 29.63 45.60 5.95
N PHE H 219 29.34 44.42 6.50
CA PHE H 219 29.56 44.23 7.93
C PHE H 219 31.06 44.18 8.18
N ILE H 220 31.49 44.75 9.29
CA ILE H 220 32.90 44.81 9.60
C ILE H 220 33.23 43.81 10.70
N LEU H 221 34.04 42.83 10.35
CA LEU H 221 34.47 41.82 11.32
C LEU H 221 35.97 41.99 11.54
N GLU H 222 36.35 42.34 12.77
CA GLU H 222 37.76 42.54 13.14
C GLU H 222 38.03 41.88 14.49
N LYS H 223 39.01 42.40 15.22
CA LYS H 223 39.34 41.87 16.54
C LYS H 223 38.08 41.69 17.42
N GLY H 224 37.91 40.50 17.97
CA GLY H 224 36.77 40.21 18.86
C GLY H 224 35.46 39.82 18.18
N HIS H 225 35.45 39.73 16.85
CA HIS H 225 34.27 39.32 16.11
C HIS H 225 34.43 37.91 15.59
N HIS H 226 33.38 37.10 15.75
CA HIS H 226 33.50 35.69 15.43
C HIS H 226 32.20 35.05 14.97
N GLU H 227 32.33 33.89 14.36
CA GLU H 227 31.22 33.03 13.99
C GLU H 227 31.20 31.84 14.96
N VAL H 228 30.09 31.63 15.65
CA VAL H 228 29.98 30.54 16.63
C VAL H 228 28.73 29.71 16.38
N GLY H 229 28.84 28.41 16.59
CA GLY H 229 27.70 27.48 16.49
C GLY H 229 27.63 26.45 17.59
N SER H 230 26.41 26.12 18.02
CA SER H 230 26.22 25.12 19.06
C SER H 230 24.93 24.40 18.75
N GLY H 231 25.05 23.13 18.34
CA GLY H 231 23.92 22.38 17.78
C GLY H 231 23.37 23.20 16.62
N GLY H 232 22.05 23.39 16.61
CA GLY H 232 21.42 24.25 15.60
C GLY H 232 21.44 25.74 15.90
N GLN H 233 22.03 26.14 17.04
CA GLN H 233 22.09 27.55 17.39
C GLN H 233 23.37 28.18 16.87
N ALA H 234 23.30 29.47 16.53
CA ALA H 234 24.44 30.20 15.98
C ALA H 234 24.39 31.70 16.26
N GLU H 235 25.54 32.33 16.13
CA GLU H 235 25.69 33.78 16.30
C GLU H 235 26.91 34.24 15.52
N ILE H 236 26.76 35.36 14.82
CA ILE H 236 27.90 36.05 14.22
C ILE H 236 27.83 37.52 14.63
N ASN H 237 28.81 37.97 15.42
CA ASN H 237 28.84 39.36 15.86
C ASN H 237 29.75 40.17 14.98
N TYR H 238 29.58 41.48 15.04
CA TYR H 238 30.18 42.41 14.09
C TYR H 238 30.33 43.78 14.73
N GLN H 239 31.07 44.67 14.08
CA GLN H 239 31.38 45.98 14.65
C GLN H 239 30.14 46.79 14.94
N PHE H 240 30.12 47.42 16.10
CA PHE H 240 29.03 48.32 16.51
C PHE H 240 28.86 49.50 15.56
N ASN H 241 27.84 50.31 15.82
CA ASN H 241 27.54 51.49 15.02
C ASN H 241 26.77 52.53 15.87
N SER H 242 26.56 53.72 15.32
CA SER H 242 25.76 54.72 16.01
C SER H 242 24.31 54.23 16.00
N LEU H 243 23.53 54.67 16.98
CA LEU H 243 22.22 54.08 17.27
C LEU H 243 21.39 53.70 16.02
N LEU H 244 20.94 54.69 15.24
CA LEU H 244 20.07 54.42 14.12
C LEU H 244 20.69 53.34 13.22
N HIS H 245 21.92 53.55 12.79
CA HIS H 245 22.53 52.65 11.81
C HIS H 245 22.89 51.27 12.38
N ALA H 246 23.08 51.21 13.70
CA ALA H 246 23.23 49.94 14.37
C ALA H 246 21.94 49.12 14.26
N ALA H 247 20.79 49.78 14.38
CA ALA H 247 19.50 49.11 14.22
C ALA H 247 19.28 48.72 12.76
N ASP H 248 19.69 49.58 11.82
CA ASP H 248 19.66 49.20 10.41
C ASP H 248 20.52 47.96 10.18
N ASP H 249 21.70 47.93 10.80
CA ASP H 249 22.57 46.77 10.71
C ASP H 249 21.90 45.48 11.22
N MET H 250 21.17 45.59 12.33
CA MET H 250 20.50 44.44 12.91
C MET H 250 19.43 43.90 11.97
N GLN H 251 18.65 44.78 11.36
CA GLN H 251 17.62 44.38 10.40
C GLN H 251 18.25 43.68 9.19
N LEU H 252 19.38 44.20 8.75
CA LEU H 252 20.11 43.61 7.60
C LEU H 252 20.77 42.28 7.95
N TYR H 253 21.29 42.18 9.19
CA TYR H 253 21.79 40.91 9.73
C TYR H 253 20.70 39.83 9.69
N LYS H 254 19.54 40.14 10.27
CA LYS H 254 18.45 39.17 10.29
C LYS H 254 18.06 38.81 8.85
N TYR H 255 17.99 39.81 7.99
CA TYR H 255 17.61 39.58 6.61
C TYR H 255 18.57 38.61 5.95
N ILE H 256 19.87 38.81 6.16
CA ILE H 256 20.88 37.99 5.53
C ILE H 256 20.94 36.55 6.10
N ILE H 257 20.83 36.43 7.42
CA ILE H 257 20.79 35.12 8.05
C ILE H 257 19.55 34.32 7.58
N LYS H 258 18.37 34.92 7.64
CA LYS H 258 17.14 34.22 7.24
C LYS H 258 17.19 33.74 5.79
N ASN H 259 17.69 34.59 4.90
CA ASN H 259 17.68 34.27 3.48
C ASN H 259 18.86 33.42 3.01
N THR H 260 19.99 33.48 3.70
CA THR H 260 21.05 32.52 3.44
C THR H 260 20.52 31.09 3.74
N ALA H 261 19.87 30.94 4.90
CA ALA H 261 19.25 29.69 5.28
C ALA H 261 18.22 29.26 4.25
N TRP H 262 17.35 30.20 3.89
CA TRP H 262 16.26 29.90 2.97
C TRP H 262 16.78 29.38 1.65
N GLN H 263 17.79 30.03 1.10
CA GLN H 263 18.35 29.59 -0.19
C GLN H 263 19.05 28.24 -0.13
N ASN H 264 19.39 27.78 1.09
CA ASN H 264 20.08 26.52 1.23
C ASN H 264 19.19 25.48 1.87
N GLY H 265 17.89 25.57 1.57
CA GLY H 265 16.92 24.57 2.00
C GLY H 265 16.68 24.47 3.50
N LYS H 266 16.99 25.53 4.23
CA LYS H 266 16.75 25.57 5.68
C LYS H 266 15.78 26.70 6.06
N THR H 267 15.54 26.85 7.36
CA THR H 267 14.64 27.90 7.83
C THR H 267 15.10 28.33 9.20
N VAL H 268 15.22 29.63 9.39
CA VAL H 268 15.82 30.20 10.60
C VAL H 268 14.73 30.87 11.44
N THR H 269 14.90 30.85 12.75
CA THR H 269 14.04 31.65 13.63
C THR H 269 14.88 32.42 14.63
N PHE H 270 14.50 33.69 14.83
CA PHE H 270 15.10 34.52 15.88
C PHE H 270 14.23 34.57 17.14
N MET H 271 13.24 33.70 17.22
CA MET H 271 12.34 33.74 18.36
C MET H 271 13.14 33.40 19.61
N PRO H 272 12.81 34.04 20.74
CA PRO H 272 13.57 33.85 21.98
C PRO H 272 13.65 32.40 22.51
N LYS H 273 12.58 31.62 22.31
CA LYS H 273 12.53 30.28 22.91
C LYS H 273 11.79 29.25 22.05
N PRO H 274 12.43 28.76 20.98
CA PRO H 274 11.81 27.76 20.13
C PRO H 274 11.90 26.35 20.72
N LEU H 275 12.93 26.08 21.50
CA LEU H 275 13.12 24.75 22.07
C LEU H 275 12.97 24.72 23.58
N PHE H 276 12.08 23.85 24.06
CA PHE H 276 11.95 23.65 25.49
C PHE H 276 13.10 22.79 26.03
N GLY H 277 13.76 23.26 27.08
CA GLY H 277 14.90 22.55 27.66
C GLY H 277 16.18 22.67 26.84
N ASP H 278 16.30 23.78 26.13
CA ASP H 278 17.52 24.09 25.42
C ASP H 278 17.68 25.62 25.48
N ASN H 279 18.88 26.10 25.20
CA ASN H 279 19.21 27.51 25.28
C ASN H 279 18.23 28.40 24.49
N GLY H 280 17.79 29.49 25.11
CA GLY H 280 17.03 30.51 24.39
C GLY H 280 17.96 31.38 23.56
N SER H 281 17.38 32.26 22.76
CA SER H 281 18.16 33.15 21.92
C SER H 281 18.06 34.60 22.40
N GLY H 282 19.18 35.13 22.87
CA GLY H 282 19.25 36.49 23.37
C GLY H 282 19.96 37.47 22.44
N MET H 283 19.86 38.75 22.80
CA MET H 283 20.55 39.82 22.12
C MET H 283 21.24 40.70 23.16
N HIS H 284 22.52 40.44 23.38
CA HIS H 284 23.30 41.29 24.29
C HIS H 284 23.58 42.62 23.62
N CYS H 285 23.23 43.72 24.30
CA CYS H 285 23.38 45.08 23.75
C CYS H 285 24.42 45.94 24.45
N HIS H 286 25.52 46.16 23.75
CA HIS H 286 26.62 47.00 24.25
C HIS H 286 26.31 48.47 23.94
N GLN H 287 26.60 49.34 24.90
CA GLN H 287 26.23 50.77 24.83
C GLN H 287 27.32 51.66 25.38
N SER H 288 27.60 52.75 24.67
CA SER H 288 28.40 53.83 25.23
C SER H 288 28.02 55.21 24.65
N LEU H 289 28.30 56.26 25.42
CA LEU H 289 28.11 57.62 24.95
C LEU H 289 29.44 58.30 24.70
N TRP H 290 29.50 59.10 23.63
CA TRP H 290 30.71 59.81 23.24
C TRP H 290 30.43 61.28 22.96
N LYS H 291 31.41 62.12 23.25
CA LYS H 291 31.34 63.55 22.93
C LYS H 291 32.63 64.09 22.32
N ASP H 292 32.50 64.82 21.22
CA ASP H 292 33.62 65.44 20.51
C ASP H 292 34.75 64.44 20.29
N GLY H 293 34.39 63.25 19.83
CA GLY H 293 35.36 62.20 19.50
C GLY H 293 36.02 61.53 20.70
N ALA H 294 35.54 61.84 21.89
CA ALA H 294 36.11 61.29 23.14
C ALA H 294 35.06 60.50 23.93
N PRO H 295 35.49 59.38 24.56
CA PRO H 295 34.58 58.54 25.35
C PRO H 295 34.14 59.20 26.66
N LEU H 296 32.97 58.84 27.16
CA LEU H 296 32.45 59.44 28.38
C LEU H 296 32.21 58.45 29.50
N MET H 297 32.50 57.17 29.26
CA MET H 297 32.11 56.15 30.20
C MET H 297 33.20 55.79 31.22
N TYR H 298 34.44 56.20 30.93
CA TYR H 298 35.60 55.76 31.72
C TYR H 298 36.00 56.70 32.84
N ASP H 299 36.44 56.10 33.95
CA ASP H 299 37.06 56.82 35.08
C ASP H 299 37.83 55.80 35.93
N GLU H 300 39.15 55.97 36.01
CA GLU H 300 40.01 55.01 36.73
C GLU H 300 39.56 54.83 38.16
N THR H 301 39.04 55.89 38.75
CA THR H 301 38.71 55.94 40.17
C THR H 301 37.38 55.30 40.54
N GLY H 302 36.46 55.23 39.58
CA GLY H 302 35.15 54.62 39.81
C GLY H 302 35.15 53.09 39.75
N TYR H 303 34.14 52.47 40.37
CA TYR H 303 34.00 51.02 40.36
C TYR H 303 33.92 50.49 38.92
N ALA H 304 34.76 49.51 38.61
CA ALA H 304 34.81 48.89 37.30
C ALA H 304 35.14 49.89 36.18
N GLY H 305 35.82 50.97 36.55
CA GLY H 305 36.27 51.97 35.59
C GLY H 305 35.17 52.87 35.06
N LEU H 306 34.07 52.97 35.81
CA LEU H 306 32.88 53.68 35.34
C LEU H 306 32.78 55.13 35.83
N SER H 307 32.57 56.05 34.89
CA SER H 307 32.40 57.47 35.22
C SER H 307 31.05 57.71 35.88
N ASP H 308 30.84 58.94 36.35
CA ASP H 308 29.56 59.34 36.93
C ASP H 308 28.45 59.23 35.89
N THR H 309 28.75 59.62 34.67
CA THR H 309 27.80 59.53 33.60
C THR H 309 27.40 58.07 33.32
N ALA H 310 28.38 57.16 33.34
CA ALA H 310 28.11 55.74 33.12
C ALA H 310 27.22 55.18 34.22
N ARG H 311 27.58 55.45 35.47
CA ARG H 311 26.88 54.90 36.62
C ARG H 311 25.44 55.37 36.62
N HIS H 312 25.22 56.63 36.26
CA HIS H 312 23.86 57.18 36.22
C HIS H 312 23.04 56.58 35.06
N TYR H 313 23.71 56.33 33.93
CA TYR H 313 23.09 55.65 32.79
C TYR H 313 22.59 54.27 33.24
N ILE H 314 23.43 53.54 33.96
CA ILE H 314 23.07 52.25 34.53
C ILE H 314 21.89 52.41 35.45
N GLY H 315 21.93 53.43 36.31
CA GLY H 315 20.83 53.76 37.20
C GLY H 315 19.52 53.86 36.46
N GLY H 316 19.54 54.53 35.30
CA GLY H 316 18.37 54.66 34.45
C GLY H 316 17.86 53.35 33.90
N LEU H 317 18.78 52.52 33.41
CA LEU H 317 18.46 51.21 32.86
C LEU H 317 17.78 50.34 33.91
N LEU H 318 18.36 50.29 35.09
CA LEU H 318 17.85 49.43 36.15
C LEU H 318 16.54 49.95 36.72
N HIS H 319 16.42 51.27 36.85
CA HIS H 319 15.17 51.85 37.34
C HIS H 319 14.02 51.67 36.36
N HIS H 320 14.29 51.85 35.07
CA HIS H 320 13.26 51.74 34.05
C HIS H 320 13.08 50.34 33.42
N ALA H 321 13.95 49.39 33.80
CA ALA H 321 13.92 48.04 33.23
C ALA H 321 12.52 47.41 33.14
N PRO H 322 11.69 47.48 34.20
CA PRO H 322 10.36 46.85 34.08
C PRO H 322 9.50 47.37 32.93
N SER H 323 9.68 48.63 32.54
CA SER H 323 8.92 49.16 31.42
C SER H 323 9.73 49.07 30.13
N LEU H 324 11.04 49.16 30.24
CA LEU H 324 11.96 49.04 29.11
C LEU H 324 11.81 47.71 28.36
N LEU H 325 11.58 46.62 29.10
CA LEU H 325 11.41 45.29 28.48
C LEU H 325 10.23 45.23 27.51
N ALA H 326 9.29 46.16 27.59
CA ALA H 326 8.20 46.24 26.61
C ALA H 326 8.74 46.45 25.20
N PHE H 327 9.96 46.95 25.11
CA PHE H 327 10.59 47.13 23.81
C PHE H 327 11.79 46.17 23.59
N THR H 328 12.54 45.85 24.64
CA THR H 328 13.70 44.99 24.48
C THR H 328 13.32 43.52 24.52
N ASN H 329 12.18 43.23 25.16
CA ASN H 329 11.67 41.87 25.24
C ASN H 329 10.16 41.82 24.97
N PRO H 330 9.76 42.24 23.75
CA PRO H 330 8.37 42.61 23.46
C PRO H 330 7.36 41.49 23.17
N THR H 331 7.74 40.22 23.29
CA THR H 331 6.82 39.13 22.94
C THR H 331 6.44 38.23 24.12
N VAL H 332 5.34 37.50 24.01
CA VAL H 332 4.96 36.53 25.04
C VAL H 332 6.08 35.49 25.17
N ASN H 333 6.56 34.99 24.03
CA ASN H 333 7.69 34.03 23.97
C ASN H 333 8.99 34.52 24.66
N SER H 334 9.20 35.85 24.71
CA SER H 334 10.35 36.41 25.42
C SER H 334 10.45 35.87 26.86
N TYR H 335 9.29 35.64 27.48
CA TYR H 335 9.24 35.37 28.92
C TYR H 335 9.42 33.89 29.23
N LYS H 336 9.54 33.10 28.17
CA LYS H 336 10.02 31.72 28.27
C LYS H 336 11.55 31.63 28.33
N ARG H 337 12.23 32.70 27.93
CA ARG H 337 13.68 32.78 28.12
C ARG H 337 14.01 33.46 29.46
N LEU H 338 13.33 34.56 29.75
CA LEU H 338 13.54 35.28 30.99
C LEU H 338 12.78 34.58 32.11
N VAL H 339 13.24 33.38 32.47
CA VAL H 339 12.53 32.55 33.43
C VAL H 339 13.17 32.52 34.83
N PRO H 340 12.34 32.83 35.86
CA PRO H 340 12.64 33.00 37.32
C PRO H 340 13.58 32.02 38.05
N GLY H 341 14.10 30.97 37.41
CA GLY H 341 14.97 30.03 38.15
C GLY H 341 16.23 29.49 37.49
N TYR H 342 16.96 30.31 36.72
CA TYR H 342 18.11 29.83 35.93
C TYR H 342 19.32 30.77 35.93
N GLU H 343 20.08 30.75 34.82
CA GLU H 343 21.16 31.71 34.56
C GLU H 343 20.60 33.02 34.04
N ALA H 344 19.27 33.06 33.89
CA ALA H 344 18.52 34.15 33.28
C ALA H 344 18.95 35.56 33.70
N PRO H 345 19.35 36.40 32.72
CA PRO H 345 19.62 37.81 32.97
C PRO H 345 18.37 38.60 33.41
N ILE H 346 17.89 38.30 34.62
CA ILE H 346 16.65 38.90 35.13
C ILE H 346 16.88 39.70 36.41
N ASN H 347 18.09 39.63 36.97
CA ASN H 347 18.43 40.33 38.21
C ASN H 347 18.78 41.79 37.96
N LEU H 348 18.00 42.69 38.56
CA LEU H 348 18.15 44.14 38.36
C LEU H 348 19.34 44.76 39.10
N VAL H 349 20.53 44.25 38.80
CA VAL H 349 21.77 44.76 39.37
C VAL H 349 22.76 44.90 38.24
N TYR H 350 23.83 45.66 38.45
CA TYR H 350 24.96 45.59 37.52
C TYR H 350 26.13 44.86 38.17
N SER H 351 27.00 44.29 37.33
CA SER H 351 28.06 43.40 37.80
C SER H 351 29.16 43.32 36.77
N GLN H 352 30.28 42.74 37.18
CA GLN H 352 31.45 42.60 36.33
C GLN H 352 31.74 41.13 36.06
N ARG H 353 31.24 40.26 36.95
CA ARG H 353 31.53 38.82 36.92
C ARG H 353 30.26 37.98 36.82
N ASN H 354 29.17 38.50 37.36
CA ASN H 354 27.92 37.76 37.43
C ASN H 354 27.15 37.75 36.10
N ARG H 355 27.18 36.58 35.44
CA ARG H 355 26.53 36.39 34.14
C ARG H 355 25.05 36.07 34.40
N SER H 356 24.42 36.92 35.21
CA SER H 356 23.05 36.71 35.66
C SER H 356 22.40 38.06 35.98
N ALA H 357 23.16 39.13 35.77
CA ALA H 357 22.71 40.49 35.98
C ALA H 357 22.29 41.13 34.66
N CYS H 358 21.26 41.98 34.73
CA CYS H 358 20.77 42.75 33.59
C CYS H 358 21.86 43.50 32.87
N VAL H 359 22.69 44.20 33.65
CA VAL H 359 23.77 45.02 33.13
C VAL H 359 25.09 44.41 33.53
N ARG H 360 25.93 44.13 32.54
CA ARG H 360 27.26 43.64 32.78
C ARG H 360 28.27 44.65 32.25
N ILE H 361 29.38 44.79 32.96
CA ILE H 361 30.46 45.65 32.51
C ILE H 361 31.59 44.77 32.02
N PRO H 362 31.74 44.63 30.68
CA PRO H 362 32.80 43.78 30.16
C PRO H 362 34.16 44.25 30.65
N ILE H 363 35.06 43.32 30.94
CA ILE H 363 36.37 43.73 31.44
C ILE H 363 37.29 44.12 30.28
N THR H 364 37.68 45.40 30.30
CA THR H 364 38.35 46.04 29.18
C THR H 364 39.65 46.71 29.63
N GLY H 365 40.01 46.49 30.90
CA GLY H 365 41.22 47.05 31.48
C GLY H 365 41.18 48.56 31.59
N SER H 366 42.30 49.22 31.28
CA SER H 366 42.45 50.67 31.45
C SER H 366 42.32 51.49 30.15
N ASN H 367 42.03 50.83 29.04
CA ASN H 367 41.76 51.53 27.77
C ASN H 367 40.40 52.25 27.86
N PRO H 368 40.43 53.60 27.92
CA PRO H 368 39.19 54.36 28.14
C PRO H 368 38.17 54.21 27.01
N LYS H 369 38.65 54.02 25.79
CA LYS H 369 37.77 53.91 24.62
C LYS H 369 36.84 52.70 24.68
N ALA H 370 37.35 51.59 25.22
CA ALA H 370 36.62 50.32 25.24
C ALA H 370 35.54 50.22 26.35
N LYS H 371 35.57 51.15 27.31
CA LYS H 371 34.61 51.12 28.43
C LYS H 371 33.17 51.34 27.96
N ARG H 372 32.29 50.44 28.38
CA ARG H 372 30.89 50.39 27.94
C ARG H 372 30.04 49.53 28.89
N LEU H 373 28.74 49.56 28.68
CA LEU H 373 27.88 48.68 29.45
C LEU H 373 27.07 47.76 28.53
N GLU H 374 26.92 46.51 28.97
CA GLU H 374 26.22 45.47 28.22
C GLU H 374 24.88 45.18 28.89
N PHE H 375 23.79 45.54 28.21
CA PHE H 375 22.45 45.15 28.66
C PHE H 375 22.14 43.75 28.11
N ARG H 376 21.94 42.80 29.00
CA ARG H 376 21.92 41.36 28.63
C ARG H 376 20.54 40.76 28.44
N SER H 377 19.53 41.43 29.00
CA SER H 377 18.13 40.95 28.96
C SER H 377 17.47 40.84 27.59
N PRO H 378 17.75 41.79 26.65
CA PRO H 378 17.00 41.84 25.39
C PRO H 378 17.10 40.56 24.56
N ASP H 379 16.16 40.40 23.62
CA ASP H 379 16.21 39.32 22.66
C ASP H 379 15.95 39.91 21.28
N SER H 380 15.95 39.08 20.23
CA SER H 380 15.79 39.57 18.87
C SER H 380 14.35 39.63 18.38
N SER H 381 13.38 39.58 19.29
CA SER H 381 12.00 39.36 18.87
C SER H 381 11.22 40.60 18.49
N GLY H 382 11.80 41.77 18.70
CA GLY H 382 11.02 42.97 18.35
C GLY H 382 11.63 43.91 17.31
N ASN H 383 11.88 45.14 17.76
CA ASN H 383 12.21 46.22 16.87
C ASN H 383 13.47 46.87 17.41
N PRO H 384 14.59 46.71 16.70
CA PRO H 384 15.85 47.25 17.21
C PRO H 384 15.86 48.78 17.22
N TYR H 385 15.16 49.41 16.27
CA TYR H 385 15.02 50.86 16.29
C TYR H 385 14.37 51.31 17.59
N LEU H 386 13.28 50.65 17.98
CA LEU H 386 12.61 51.04 19.21
C LEU H 386 13.41 50.62 20.43
N ALA H 387 14.00 49.43 20.38
CA ALA H 387 14.73 48.88 21.55
C ALA H 387 15.99 49.70 21.90
N PHE H 388 16.76 50.05 20.88
CA PHE H 388 17.94 50.89 21.09
C PHE H 388 17.55 52.29 21.58
N SER H 389 16.53 52.90 20.93
CA SER H 389 15.99 54.18 21.37
C SER H 389 15.54 54.16 22.82
N ALA H 390 14.74 53.16 23.17
CA ALA H 390 14.19 53.06 24.53
C ALA H 390 15.32 52.92 25.56
N MET H 391 16.34 52.13 25.21
CA MET H 391 17.50 51.96 26.07
C MET H 391 18.23 53.29 26.30
N LEU H 392 18.46 54.04 25.22
CA LEU H 392 19.11 55.36 25.34
C LEU H 392 18.30 56.29 26.23
N MET H 393 16.99 56.35 26.01
CA MET H 393 16.10 57.22 26.82
C MET H 393 16.16 56.87 28.30
N ALA H 394 16.17 55.59 28.64
CA ALA H 394 16.32 55.16 30.03
C ALA H 394 17.64 55.66 30.60
N GLY H 395 18.73 55.51 29.84
CA GLY H 395 20.03 55.99 30.28
C GLY H 395 20.09 57.50 30.46
N LEU H 396 19.51 58.23 29.50
CA LEU H 396 19.48 59.70 29.55
C LEU H 396 18.65 60.23 30.75
N ASP H 397 17.50 59.61 31.02
CA ASP H 397 16.74 59.95 32.19
C ASP H 397 17.55 59.65 33.45
N GLY H 398 18.34 58.60 33.40
CA GLY H 398 19.23 58.27 34.51
C GLY H 398 20.28 59.34 34.76
N ILE H 399 20.85 59.89 33.67
CA ILE H 399 21.84 60.95 33.77
C ILE H 399 21.21 62.26 34.25
N LYS H 400 20.17 62.73 33.57
CA LYS H 400 19.45 63.95 33.98
C LYS H 400 19.01 63.98 35.45
N ASN H 401 18.51 62.86 35.97
CA ASN H 401 18.06 62.81 37.35
C ASN H 401 19.05 62.16 38.29
N LYS H 402 20.30 62.03 37.83
CA LYS H 402 21.38 61.44 38.60
C LYS H 402 20.96 60.21 39.40
N ILE H 403 20.25 59.30 38.77
CA ILE H 403 19.73 58.12 39.47
C ILE H 403 20.87 57.20 39.91
N GLU H 404 20.87 56.84 41.19
CA GLU H 404 21.90 55.96 41.72
C GLU H 404 21.42 54.52 41.71
N PRO H 405 22.18 53.63 41.05
CA PRO H 405 21.85 52.22 41.03
C PRO H 405 22.22 51.56 42.35
N GLN H 406 21.56 50.45 42.68
CA GLN H 406 21.95 49.62 43.82
C GLN H 406 23.43 49.28 43.75
N ALA H 407 24.02 48.95 44.89
CA ALA H 407 25.39 48.45 44.93
C ALA H 407 25.56 47.23 44.00
N PRO H 408 26.63 47.23 43.19
CA PRO H 408 26.93 46.10 42.31
C PRO H 408 27.13 44.80 43.07
N VAL H 409 26.90 43.67 42.39
CA VAL H 409 27.03 42.33 42.97
C VAL H 409 28.00 41.47 42.13
N ASP H 410 29.15 41.13 42.72
CA ASP H 410 30.17 40.33 42.03
C ASP H 410 30.14 38.84 42.38
N LYS H 411 29.48 38.49 43.47
CA LYS H 411 29.27 37.10 43.87
C LYS H 411 27.95 36.56 43.31
N ASP H 412 27.87 35.24 43.09
CA ASP H 412 26.70 34.60 42.48
C ASP H 412 25.39 34.83 43.24
N ALA H 421 19.47 37.40 48.58
CA ALA H 421 18.62 36.33 48.06
C ALA H 421 17.25 36.86 47.61
N ALA H 422 16.35 37.12 48.57
CA ALA H 422 15.10 37.86 48.33
C ALA H 422 15.42 39.37 48.27
N SER H 423 16.69 39.68 48.47
CA SER H 423 17.23 41.03 48.48
C SER H 423 17.23 41.69 47.08
N ILE H 424 17.54 40.90 46.05
CA ILE H 424 17.72 41.41 44.69
C ILE H 424 16.41 41.43 43.90
N PRO H 425 16.02 42.61 43.37
CA PRO H 425 14.79 42.74 42.58
C PRO H 425 14.89 42.08 41.21
N GLN H 426 13.76 41.58 40.71
CA GLN H 426 13.67 40.86 39.44
C GLN H 426 12.96 41.70 38.37
N THR H 427 13.20 41.37 37.11
CA THR H 427 12.38 41.85 36.00
C THR H 427 11.05 41.12 36.07
N PRO H 428 9.95 41.77 35.64
CA PRO H 428 8.70 41.03 35.66
C PRO H 428 8.81 39.79 34.79
N THR H 429 7.94 38.81 35.01
CA THR H 429 8.06 37.49 34.39
C THR H 429 7.05 37.21 33.25
N GLN H 430 6.19 38.19 32.94
CA GLN H 430 5.16 38.05 31.89
C GLN H 430 5.12 39.31 31.03
N LEU H 431 4.82 39.17 29.76
CA LEU H 431 4.61 40.35 28.90
C LEU H 431 3.51 41.29 29.42
N SER H 432 2.43 40.73 29.96
CA SER H 432 1.31 41.54 30.42
C SER H 432 1.71 42.42 31.59
N ASP H 433 2.57 41.90 32.46
CA ASP H 433 3.16 42.70 33.53
C ASP H 433 4.02 43.85 33.02
N VAL H 434 4.88 43.60 32.03
CA VAL H 434 5.77 44.66 31.53
C VAL H 434 4.97 45.71 30.74
N ILE H 435 3.90 45.29 30.10
CA ILE H 435 3.05 46.23 29.41
C ILE H 435 2.32 47.11 30.44
N ASP H 436 1.90 46.52 31.56
CA ASP H 436 1.35 47.32 32.67
C ASP H 436 2.35 48.36 33.17
N ARG H 437 3.59 47.94 33.36
CA ARG H 437 4.65 48.84 33.84
C ARG H 437 5.00 49.91 32.83
N LEU H 438 4.92 49.60 31.53
CA LEU H 438 5.08 50.62 30.49
C LEU H 438 3.97 51.65 30.57
N GLU H 439 2.74 51.17 30.74
CA GLU H 439 1.59 52.05 30.87
C GLU H 439 1.76 53.02 32.04
N ALA H 440 2.28 52.52 33.15
CA ALA H 440 2.40 53.29 34.37
C ALA H 440 3.62 54.22 34.39
N ASP H 441 4.60 53.98 33.52
CA ASP H 441 5.87 54.72 33.60
C ASP H 441 6.54 54.81 32.21
N HIS H 442 6.09 55.78 31.41
CA HIS H 442 6.64 55.99 30.07
C HIS H 442 7.04 57.45 29.83
N GLU H 443 7.06 58.21 30.92
CA GLU H 443 7.43 59.61 30.90
C GLU H 443 8.82 59.80 30.25
N TYR H 444 9.79 58.98 30.66
CA TYR H 444 11.18 59.05 30.15
C TYR H 444 11.32 58.85 28.64
N LEU H 445 10.34 58.15 28.04
CA LEU H 445 10.36 57.87 26.61
C LEU H 445 9.83 59.03 25.79
N THR H 446 9.00 59.86 26.41
CA THR H 446 8.41 61.01 25.75
C THR H 446 9.28 62.29 25.79
N GLU H 447 10.32 62.30 26.63
CA GLU H 447 11.26 63.39 26.65
C GLU H 447 11.72 63.75 25.23
N GLY H 448 11.74 65.04 24.92
CA GLY H 448 12.15 65.51 23.60
C GLY H 448 11.25 65.03 22.49
N GLY H 449 10.10 64.46 22.81
CA GLY H 449 9.18 63.96 21.80
C GLY H 449 9.71 62.75 21.00
N VAL H 450 10.66 62.04 21.58
CA VAL H 450 11.25 60.87 20.90
C VAL H 450 10.19 59.77 20.64
N PHE H 451 9.59 59.27 21.71
CA PHE H 451 8.35 58.50 21.65
C PHE H 451 7.19 59.44 21.97
N THR H 452 6.02 59.22 21.38
CA THR H 452 4.85 60.02 21.72
C THR H 452 3.89 59.18 22.58
N ASN H 453 3.08 59.82 23.42
CA ASN H 453 2.02 59.12 24.15
C ASN H 453 1.12 58.33 23.23
N ASP H 454 0.77 58.93 22.09
CA ASP H 454 -0.01 58.25 21.07
C ASP H 454 0.60 56.89 20.68
N LEU H 455 1.90 56.87 20.35
CA LEU H 455 2.59 55.63 19.94
C LEU H 455 2.60 54.59 21.08
N ILE H 456 2.92 55.03 22.29
CA ILE H 456 3.00 54.13 23.42
C ILE H 456 1.65 53.47 23.70
N GLU H 457 0.58 54.26 23.63
CA GLU H 457 -0.77 53.71 23.79
C GLU H 457 -1.11 52.71 22.71
N THR H 458 -0.67 52.99 21.48
CA THR H 458 -0.89 52.06 20.37
C THR H 458 -0.17 50.74 20.62
N TRP H 459 1.10 50.83 21.05
CA TRP H 459 1.93 49.68 21.34
C TRP H 459 1.28 48.83 22.44
N ILE H 460 0.76 49.49 23.47
CA ILE H 460 0.13 48.80 24.57
C ILE H 460 -1.13 48.07 24.13
N SER H 461 -1.94 48.72 23.30
CA SER H 461 -3.13 48.13 22.70
C SER H 461 -2.84 46.91 21.85
N PHE H 462 -1.91 47.07 20.92
CA PHE H 462 -1.51 46.04 19.99
C PHE H 462 -1.09 44.77 20.76
N LYS H 463 -0.23 44.93 21.77
CA LYS H 463 0.30 43.79 22.50
C LYS H 463 -0.80 43.10 23.30
N ARG H 464 -1.70 43.89 23.87
CA ARG H 464 -2.82 43.34 24.64
C ARG H 464 -3.84 42.59 23.79
N GLU H 465 -4.23 43.17 22.66
CA GLU H 465 -5.29 42.61 21.82
C GLU H 465 -4.84 41.53 20.85
N ASN H 466 -3.59 41.63 20.36
CA ASN H 466 -3.10 40.75 19.30
C ASN H 466 -2.15 39.66 19.80
N GLU H 467 -1.58 39.85 20.98
CA GLU H 467 -0.56 38.93 21.48
C GLU H 467 -0.92 38.31 22.84
N ILE H 468 -1.04 39.15 23.86
CA ILE H 468 -1.29 38.69 25.23
C ILE H 468 -2.61 37.92 25.33
N GLU H 469 -3.69 38.55 24.88
CA GLU H 469 -5.02 37.95 24.98
C GLU H 469 -5.20 36.68 24.11
N PRO H 470 -4.83 36.74 22.81
CA PRO H 470 -4.97 35.52 21.99
C PRO H 470 -4.23 34.30 22.54
N VAL H 471 -3.08 34.50 23.21
CA VAL H 471 -2.36 33.38 23.82
C VAL H 471 -3.11 32.93 25.07
N ASN H 472 -3.50 33.90 25.89
CA ASN H 472 -4.28 33.66 27.09
C ASN H 472 -5.54 32.83 26.97
N ILE H 473 -6.31 33.01 25.90
CA ILE H 473 -7.61 32.37 25.77
C ILE H 473 -7.48 30.98 25.18
N ARG H 474 -6.28 30.62 24.73
CA ARG H 474 -6.06 29.32 24.11
C ARG H 474 -5.43 28.32 25.10
N PRO H 475 -6.14 27.20 25.35
CA PRO H 475 -5.61 26.17 26.22
C PRO H 475 -4.25 25.69 25.75
N HIS H 476 -3.35 25.52 26.71
CA HIS H 476 -1.97 25.09 26.45
C HIS H 476 -1.94 23.56 26.44
N PRO H 477 -1.20 22.96 25.50
CA PRO H 477 -1.16 21.48 25.46
C PRO H 477 -0.86 20.84 26.80
N TYR H 478 0.02 21.43 27.57
CA TYR H 478 0.39 20.83 28.84
C TYR H 478 -0.75 20.85 29.88
N GLU H 479 -1.74 21.74 29.66
CA GLU H 479 -2.91 21.80 30.52
C GLU H 479 -3.70 20.50 30.41
N PHE H 480 -3.63 19.87 29.23
CA PHE H 480 -4.31 18.58 29.05
C PHE H 480 -3.61 17.47 29.82
N ALA H 481 -2.27 17.52 29.87
CA ALA H 481 -1.50 16.59 30.67
C ALA H 481 -1.81 16.77 32.14
N LEU H 482 -1.95 18.01 32.58
CA LEU H 482 -2.20 18.31 33.98
C LEU H 482 -3.64 18.06 34.41
N TYR H 483 -4.60 18.32 33.51
CA TYR H 483 -5.96 18.54 33.94
C TYR H 483 -7.06 17.71 33.29
N TYR H 484 -6.79 17.01 32.19
CA TYR H 484 -7.85 16.31 31.48
C TYR H 484 -8.69 15.44 32.44
N ASP H 485 -8.02 14.85 33.41
CA ASP H 485 -8.67 13.87 34.24
C ASP H 485 -9.01 14.35 35.66
N VAL H 486 -9.11 15.66 35.84
CA VAL H 486 -9.48 16.22 37.15
C VAL H 486 -10.86 15.72 37.66
N LYS I 12 2.85 55.37 -33.78
CA LYS I 12 3.37 54.18 -34.54
C LYS I 12 2.63 53.89 -35.85
N THR I 13 3.41 53.66 -36.91
CA THR I 13 2.89 53.52 -38.27
C THR I 13 3.02 52.10 -38.76
N PRO I 14 2.29 51.74 -39.84
CA PRO I 14 2.51 50.44 -40.47
C PRO I 14 3.99 50.11 -40.71
N ASP I 15 4.77 51.08 -41.21
CA ASP I 15 6.19 50.82 -41.49
C ASP I 15 6.99 50.47 -40.24
N ASP I 16 6.70 51.14 -39.12
CA ASP I 16 7.29 50.76 -37.85
C ASP I 16 7.09 49.26 -37.58
N VAL I 17 5.87 48.78 -37.84
CA VAL I 17 5.48 47.40 -37.55
C VAL I 17 6.21 46.41 -38.45
N PHE I 18 6.29 46.73 -39.75
CA PHE I 18 7.03 45.88 -40.67
C PHE I 18 8.50 45.85 -40.30
N LYS I 19 9.01 46.97 -39.83
CA LYS I 19 10.41 47.07 -39.41
C LYS I 19 10.67 46.18 -38.19
N LEU I 20 9.78 46.25 -37.21
CA LEU I 20 9.85 45.38 -36.04
C LEU I 20 9.80 43.89 -36.45
N ALA I 21 8.86 43.55 -37.32
CA ALA I 21 8.73 42.19 -37.82
C ALA I 21 10.04 41.68 -38.43
N LYS I 22 10.65 42.50 -39.30
CA LYS I 22 11.88 42.14 -40.00
C LYS I 22 13.08 42.09 -39.05
N ASP I 23 13.26 43.12 -38.21
CA ASP I 23 14.34 43.13 -37.23
C ASP I 23 14.28 41.93 -36.27
N GLU I 24 13.07 41.59 -35.81
CA GLU I 24 12.93 40.50 -34.84
C GLU I 24 12.85 39.11 -35.50
N LYS I 25 12.88 39.08 -36.83
CA LYS I 25 12.82 37.82 -37.57
C LYS I 25 11.58 36.99 -37.18
N VAL I 26 10.46 37.69 -37.14
CA VAL I 26 9.16 37.13 -36.77
C VAL I 26 8.76 36.04 -37.76
N GLU I 27 8.26 34.92 -37.24
CA GLU I 27 7.86 33.79 -38.06
C GLU I 27 6.33 33.78 -38.27
N TYR I 28 5.60 34.24 -37.25
CA TYR I 28 4.14 34.26 -37.29
C TYR I 28 3.57 35.58 -36.78
N VAL I 29 2.36 35.91 -37.27
CA VAL I 29 1.62 37.05 -36.75
C VAL I 29 0.32 36.56 -36.12
N ASP I 30 0.08 37.00 -34.89
CA ASP I 30 -1.09 36.57 -34.17
C ASP I 30 -2.16 37.65 -34.29
N VAL I 31 -3.27 37.30 -34.91
CA VAL I 31 -4.37 38.23 -35.15
C VAL I 31 -5.33 38.19 -33.96
N ARG I 32 -5.33 39.24 -33.15
CA ARG I 32 -6.10 39.29 -31.91
C ARG I 32 -7.29 40.27 -31.98
N PHE I 33 -8.40 39.87 -31.38
CA PHE I 33 -9.58 40.74 -31.30
C PHE I 33 -10.29 40.35 -30.00
N CYS I 34 -11.00 41.31 -29.41
CA CYS I 34 -11.61 41.14 -28.11
C CYS I 34 -13.03 40.66 -28.24
N ASP I 35 -13.41 39.69 -27.41
CA ASP I 35 -14.81 39.27 -27.40
C ASP I 35 -15.59 40.12 -26.40
N LEU I 36 -16.90 39.90 -26.33
CA LEU I 36 -17.75 40.74 -25.50
C LEU I 36 -17.41 40.70 -24.01
N PRO I 37 -17.41 39.52 -23.38
CA PRO I 37 -17.07 39.55 -21.94
C PRO I 37 -15.68 40.06 -21.60
N GLY I 38 -14.73 40.01 -22.54
CA GLY I 38 -13.40 40.61 -22.30
C GLY I 38 -12.18 39.72 -22.45
N ILE I 39 -12.34 38.54 -23.06
CA ILE I 39 -11.21 37.65 -23.33
C ILE I 39 -10.75 37.86 -24.77
N MET I 40 -9.44 38.03 -24.96
CA MET I 40 -8.87 38.20 -26.29
C MET I 40 -8.90 36.89 -27.07
N GLN I 41 -9.31 36.97 -28.33
CA GLN I 41 -9.35 35.84 -29.24
C GLN I 41 -8.23 35.99 -30.27
N HIS I 42 -7.87 34.89 -30.93
CA HIS I 42 -6.80 34.95 -31.89
C HIS I 42 -6.85 33.83 -32.92
N PHE I 43 -6.24 34.11 -34.07
CA PHE I 43 -5.80 33.08 -34.99
C PHE I 43 -4.43 33.55 -35.52
N THR I 44 -3.74 32.68 -36.23
CA THR I 44 -2.36 32.95 -36.59
C THR I 44 -2.12 32.79 -38.07
N ILE I 45 -1.31 33.70 -38.61
CA ILE I 45 -0.93 33.67 -40.03
C ILE I 45 0.60 33.63 -40.12
N PRO I 46 1.14 33.08 -41.22
CA PRO I 46 2.60 33.18 -41.40
C PRO I 46 3.02 34.63 -41.61
N ALA I 47 4.19 35.01 -41.08
CA ALA I 47 4.69 36.39 -41.22
C ALA I 47 4.75 36.84 -42.69
N SER I 48 5.18 35.94 -43.57
CA SER I 48 5.25 36.19 -45.00
C SER I 48 3.95 36.68 -45.65
N ALA I 49 2.82 36.56 -44.95
CA ALA I 49 1.53 37.01 -45.49
C ALA I 49 1.09 38.27 -44.78
N PHE I 50 1.98 38.83 -43.96
CA PHE I 50 1.72 40.09 -43.29
C PHE I 50 2.40 41.21 -44.05
N ASP I 51 1.63 41.89 -44.90
CA ASP I 51 2.13 42.96 -45.78
C ASP I 51 1.19 44.18 -45.77
N LYS I 52 1.37 45.09 -46.73
CA LYS I 52 0.56 46.33 -46.78
C LYS I 52 -0.94 46.10 -46.93
N SER I 53 -1.30 45.08 -47.71
CA SER I 53 -2.69 44.72 -47.91
C SER I 53 -3.44 44.31 -46.61
N VAL I 54 -2.70 44.04 -45.54
CA VAL I 54 -3.32 43.77 -44.24
C VAL I 54 -3.85 45.09 -43.66
N PHE I 55 -3.03 46.14 -43.71
CA PHE I 55 -3.46 47.46 -43.24
C PHE I 55 -4.52 48.12 -44.13
N ASP I 56 -4.42 47.91 -45.43
CA ASP I 56 -5.33 48.58 -46.38
C ASP I 56 -6.65 47.85 -46.53
N ASP I 57 -6.62 46.55 -46.78
CA ASP I 57 -7.84 45.78 -47.10
C ASP I 57 -8.36 44.98 -45.92
N GLY I 58 -7.47 44.59 -45.02
CA GLY I 58 -7.82 43.81 -43.84
C GLY I 58 -7.77 42.31 -44.09
N LEU I 59 -8.12 41.56 -43.04
CA LEU I 59 -8.13 40.11 -43.13
C LEU I 59 -9.54 39.59 -43.02
N ALA I 60 -9.90 38.68 -43.93
CA ALA I 60 -11.21 38.06 -43.90
C ALA I 60 -11.13 36.89 -42.94
N PHE I 61 -12.20 36.70 -42.18
CA PHE I 61 -12.34 35.56 -41.28
C PHE I 61 -13.81 35.25 -41.05
N ASP I 62 -14.14 33.94 -40.96
CA ASP I 62 -15.51 33.46 -40.75
C ASP I 62 -16.19 34.24 -39.63
N GLY I 63 -17.37 34.80 -39.92
CA GLY I 63 -17.99 35.79 -39.02
C GLY I 63 -18.91 35.28 -37.93
N SER I 64 -19.05 33.95 -37.83
CA SER I 64 -19.66 33.32 -36.67
C SER I 64 -18.58 33.02 -35.64
N SER I 65 -17.35 32.91 -36.15
CA SER I 65 -16.15 32.72 -35.34
C SER I 65 -15.69 34.04 -34.68
N ILE I 66 -15.76 35.14 -35.45
CA ILE I 66 -15.46 36.50 -34.96
C ILE I 66 -16.52 37.03 -33.98
N ARG I 67 -17.77 36.62 -34.20
CA ARG I 67 -18.91 37.10 -33.39
C ARG I 67 -19.18 36.31 -32.09
N GLY I 68 -18.72 35.05 -32.04
CA GLY I 68 -18.84 34.24 -30.84
C GLY I 68 -20.14 33.48 -30.67
N PHE I 69 -21.14 33.78 -31.49
CA PHE I 69 -22.41 33.03 -31.52
C PHE I 69 -22.74 32.53 -32.92
N GLN I 70 -23.66 31.57 -32.99
CA GLN I 70 -23.96 30.87 -34.23
C GLN I 70 -25.29 31.29 -34.86
N SER I 75 -22.22 38.19 -41.74
CA SER I 75 -21.78 36.88 -41.27
C SER I 75 -20.25 36.73 -41.37
N ASP I 76 -19.69 37.04 -42.52
CA ASP I 76 -18.22 37.14 -42.66
C ASP I 76 -17.73 38.48 -42.10
N MET I 77 -16.62 38.48 -41.38
CA MET I 77 -16.13 39.74 -40.84
C MET I 77 -14.73 40.08 -41.30
N LEU I 78 -14.45 41.38 -41.31
CA LEU I 78 -13.17 41.92 -41.77
C LEU I 78 -12.42 42.55 -40.61
N LEU I 79 -11.13 42.24 -40.49
CA LEU I 79 -10.33 42.69 -39.36
C LEU I 79 -9.24 43.64 -39.79
N LEU I 80 -9.18 44.82 -39.16
CA LEU I 80 -8.18 45.82 -39.51
C LEU I 80 -7.24 46.06 -38.34
N PRO I 81 -5.92 46.03 -38.59
CA PRO I 81 -4.93 46.08 -37.52
C PRO I 81 -4.74 47.47 -36.94
N ASP I 82 -4.42 47.52 -35.65
CA ASP I 82 -4.04 48.75 -34.97
C ASP I 82 -2.53 48.70 -34.71
N PRO I 83 -1.76 49.47 -35.48
CA PRO I 83 -0.29 49.40 -35.41
C PRO I 83 0.28 49.70 -34.01
N GLU I 84 -0.43 50.50 -33.23
CA GLU I 84 0.03 50.84 -31.88
C GLU I 84 0.08 49.63 -30.92
N THR I 85 -0.66 48.56 -31.26
CA THR I 85 -0.77 47.42 -30.37
C THR I 85 0.22 46.28 -30.68
N ALA I 86 1.10 46.49 -31.65
CA ALA I 86 2.01 45.43 -32.08
C ALA I 86 3.09 45.18 -31.02
N ARG I 87 3.26 43.92 -30.65
CA ARG I 87 4.25 43.55 -29.65
C ARG I 87 4.79 42.16 -29.95
N ILE I 88 6.05 41.93 -29.61
CA ILE I 88 6.63 40.59 -29.66
C ILE I 88 6.07 39.76 -28.51
N ASP I 89 5.55 38.57 -28.81
CA ASP I 89 5.13 37.66 -27.74
C ASP I 89 6.33 37.05 -27.02
N PRO I 90 6.47 37.29 -25.72
CA PRO I 90 7.66 36.78 -25.03
C PRO I 90 7.58 35.31 -24.64
N PHE I 91 6.44 34.65 -24.89
CA PHE I 91 6.20 33.30 -24.40
C PHE I 91 6.23 32.23 -25.50
N ARG I 92 5.81 32.61 -26.70
CA ARG I 92 5.63 31.65 -27.78
C ARG I 92 6.98 31.23 -28.37
N ALA I 93 7.21 29.93 -28.47
CA ALA I 93 8.51 29.41 -28.93
C ALA I 93 8.84 29.87 -30.36
N ALA I 94 7.86 29.76 -31.25
CA ALA I 94 8.03 30.32 -32.59
C ALA I 94 7.89 31.86 -32.51
N LYS I 95 8.84 32.60 -33.07
CA LYS I 95 8.86 34.04 -32.89
C LYS I 95 7.59 34.65 -33.48
N THR I 96 6.81 35.30 -32.61
CA THR I 96 5.49 35.79 -33.00
C THR I 96 5.28 37.26 -32.67
N LEU I 97 4.62 37.96 -33.60
CA LEU I 97 4.18 39.33 -33.39
C LEU I 97 2.65 39.33 -33.13
N ASN I 98 2.25 39.89 -31.99
CA ASN I 98 0.85 40.05 -31.66
C ASN I 98 0.38 41.44 -32.06
N ILE I 99 -0.77 41.49 -32.75
CA ILE I 99 -1.41 42.77 -33.07
C ILE I 99 -2.91 42.69 -32.81
N ASN I 100 -3.48 43.74 -32.22
CA ASN I 100 -4.93 43.85 -32.07
C ASN I 100 -5.61 44.43 -33.31
N PHE I 101 -6.83 44.00 -33.55
CA PHE I 101 -7.59 44.39 -34.75
C PHE I 101 -8.96 44.97 -34.39
N PHE I 102 -9.53 45.76 -35.31
CA PHE I 102 -10.91 46.21 -35.19
C PHE I 102 -11.75 45.32 -36.10
N VAL I 103 -13.00 45.08 -35.72
CA VAL I 103 -13.91 44.29 -36.56
C VAL I 103 -14.81 45.20 -37.41
N HIS I 104 -14.75 44.98 -38.73
CA HIS I 104 -15.55 45.75 -39.67
C HIS I 104 -16.42 44.81 -40.49
N ASP I 105 -17.57 45.33 -40.94
CA ASP I 105 -18.43 44.65 -41.94
C ASP I 105 -17.72 44.65 -43.28
N PRO I 106 -17.69 43.50 -43.99
CA PRO I 106 -16.87 43.39 -45.22
C PRO I 106 -17.40 44.24 -46.37
N PHE I 107 -18.72 44.27 -46.54
CA PHE I 107 -19.35 45.08 -47.61
C PHE I 107 -19.21 46.59 -47.34
N THR I 108 -19.66 47.05 -46.17
CA THR I 108 -19.79 48.48 -45.89
C THR I 108 -18.54 49.12 -45.29
N LEU I 109 -17.60 48.31 -44.83
CA LEU I 109 -16.44 48.75 -44.05
C LEU I 109 -16.82 49.43 -42.71
N GLU I 110 -18.07 49.28 -42.31
CA GLU I 110 -18.55 49.88 -41.06
C GLU I 110 -17.97 49.15 -39.86
N PRO I 111 -17.51 49.91 -38.84
CA PRO I 111 -17.07 49.27 -37.62
C PRO I 111 -18.22 48.47 -37.03
N TYR I 112 -17.98 47.21 -36.70
CA TYR I 112 -18.99 46.36 -36.06
C TYR I 112 -19.34 46.87 -34.67
N SER I 113 -20.63 47.08 -34.42
CA SER I 113 -21.08 47.76 -33.21
C SER I 113 -20.90 46.96 -31.89
N ARG I 114 -20.57 45.67 -31.99
CA ARG I 114 -20.35 44.84 -30.80
C ARG I 114 -18.88 44.46 -30.53
N ASP I 115 -17.95 44.99 -31.32
CA ASP I 115 -16.53 44.85 -31.03
C ASP I 115 -16.10 45.91 -30.01
N PRO I 116 -15.71 45.44 -28.81
CA PRO I 116 -15.33 46.35 -27.73
C PRO I 116 -14.29 47.40 -28.12
N ARG I 117 -13.37 47.02 -28.99
CA ARG I 117 -12.34 47.95 -29.41
C ARG I 117 -12.93 49.10 -30.21
N ASN I 118 -13.93 48.80 -31.05
CA ASN I 118 -14.63 49.87 -31.79
C ASN I 118 -15.36 50.81 -30.86
N ILE I 119 -15.97 50.26 -29.82
CA ILE I 119 -16.70 51.04 -28.84
C ILE I 119 -15.77 52.02 -28.13
N ALA I 120 -14.57 51.55 -27.81
CA ALA I 120 -13.57 52.41 -27.19
C ALA I 120 -13.20 53.53 -28.15
N ARG I 121 -12.98 53.17 -29.42
CA ARG I 121 -12.65 54.16 -30.45
C ARG I 121 -13.80 55.16 -30.60
N LYS I 122 -15.03 54.66 -30.69
CA LYS I 122 -16.21 55.54 -30.82
C LYS I 122 -16.29 56.51 -29.64
N ALA I 123 -15.96 56.04 -28.45
CA ALA I 123 -15.95 56.90 -27.27
C ALA I 123 -14.98 58.06 -27.43
N GLU I 124 -13.77 57.75 -27.91
CA GLU I 124 -12.74 58.77 -28.10
C GLU I 124 -13.15 59.81 -29.13
N ASN I 125 -13.71 59.31 -30.24
CA ASN I 125 -14.21 60.20 -31.30
C ASN I 125 -15.37 61.06 -30.84
N TYR I 126 -16.27 60.47 -30.06
CA TYR I 126 -17.41 61.21 -29.49
C TYR I 126 -16.94 62.36 -28.60
N LEU I 127 -15.96 62.09 -27.75
CA LEU I 127 -15.36 63.12 -26.91
C LEU I 127 -14.97 64.33 -27.74
N ILE I 128 -14.19 64.10 -28.79
CA ILE I 128 -13.77 65.17 -29.69
C ILE I 128 -14.97 65.93 -30.25
N SER I 129 -15.98 65.20 -30.72
CA SER I 129 -17.12 65.80 -31.39
C SER I 129 -17.98 66.69 -30.46
N THR I 130 -17.88 66.50 -29.14
CA THR I 130 -18.61 67.35 -28.19
C THR I 130 -17.90 68.68 -27.92
N GLY I 131 -16.63 68.77 -28.32
CA GLY I 131 -15.84 69.97 -28.04
C GLY I 131 -15.41 70.11 -26.60
N ILE I 132 -15.87 69.22 -25.72
CA ILE I 132 -15.50 69.30 -24.28
C ILE I 132 -13.99 69.11 -24.05
N ALA I 133 -13.41 68.12 -24.74
CA ALA I 133 -11.96 67.85 -24.67
C ALA I 133 -11.58 67.06 -25.90
N ASP I 134 -10.28 66.88 -26.13
CA ASP I 134 -9.85 66.02 -27.24
C ASP I 134 -9.20 64.68 -26.83
N THR I 135 -8.82 64.56 -25.56
CA THR I 135 -8.15 63.33 -25.09
C THR I 135 -8.62 62.92 -23.68
N ALA I 136 -8.93 61.65 -23.51
CA ALA I 136 -9.27 61.10 -22.21
C ALA I 136 -8.16 60.14 -21.80
N TYR I 137 -7.51 60.42 -20.69
CA TYR I 137 -6.47 59.54 -20.20
C TYR I 137 -6.99 58.62 -19.09
N PHE I 138 -6.65 57.33 -19.18
CA PHE I 138 -7.01 56.36 -18.16
C PHE I 138 -5.76 55.66 -17.64
N GLY I 139 -5.67 55.60 -16.33
CA GLY I 139 -4.60 54.87 -15.65
C GLY I 139 -5.23 53.83 -14.75
N ALA I 140 -4.73 52.60 -14.83
CA ALA I 140 -5.33 51.52 -14.05
C ALA I 140 -4.29 50.80 -13.22
N GLU I 141 -4.71 50.46 -12.00
CA GLU I 141 -3.89 49.69 -11.08
C GLU I 141 -4.65 48.42 -10.76
N ALA I 142 -4.21 47.31 -11.37
CA ALA I 142 -4.91 46.04 -11.27
C ALA I 142 -4.13 44.98 -10.48
N GLU I 143 -4.79 44.47 -9.43
CA GLU I 143 -4.27 43.45 -8.55
C GLU I 143 -4.64 42.07 -9.05
N PHE I 144 -3.86 41.07 -8.68
CA PHE I 144 -4.14 39.68 -9.05
C PHE I 144 -3.56 38.76 -7.97
N TYR I 145 -3.93 37.49 -8.03
CA TYR I 145 -3.43 36.48 -7.11
C TYR I 145 -2.63 35.44 -7.85
N ILE I 146 -1.56 34.98 -7.23
CA ILE I 146 -0.77 33.89 -7.77
C ILE I 146 -1.06 32.67 -6.93
N PHE I 147 -1.52 31.59 -7.57
CA PHE I 147 -1.77 30.33 -6.89
C PHE I 147 -0.93 29.18 -7.47
N ASP I 148 -0.85 28.07 -6.75
CA ASP I 148 -0.18 26.89 -7.28
C ASP I 148 -1.15 25.99 -7.97
N SER I 149 -2.42 26.04 -7.55
CA SER I 149 -3.45 25.17 -8.11
C SER I 149 -4.87 25.68 -7.90
N VAL I 150 -5.76 25.23 -8.77
CA VAL I 150 -7.19 25.50 -8.65
C VAL I 150 -7.95 24.29 -9.18
N SER I 151 -9.02 23.91 -8.50
CA SER I 151 -9.94 22.95 -9.07
C SER I 151 -11.35 23.19 -8.55
N PHE I 152 -12.35 22.71 -9.29
CA PHE I 152 -13.75 22.96 -8.96
C PHE I 152 -14.67 22.11 -9.84
N ASP I 153 -15.88 21.90 -9.36
CA ASP I 153 -16.93 21.34 -10.20
C ASP I 153 -18.30 21.58 -9.60
N SER I 154 -19.32 21.27 -10.38
CA SER I 154 -20.67 21.54 -9.98
C SER I 154 -21.51 20.38 -10.49
N ARG I 155 -21.98 19.54 -9.58
CA ARG I 155 -22.69 18.30 -9.93
C ARG I 155 -24.09 18.30 -9.32
N ALA I 156 -24.88 17.28 -9.65
CA ALA I 156 -26.23 17.20 -9.08
C ALA I 156 -26.25 17.10 -7.55
N ASN I 157 -25.31 16.34 -7.00
CA ASN I 157 -25.32 16.00 -5.56
C ASN I 157 -24.21 16.68 -4.77
N GLY I 158 -23.47 17.57 -5.42
CA GLY I 158 -22.33 18.19 -4.76
C GLY I 158 -21.57 19.15 -5.63
N SER I 159 -20.69 19.91 -4.97
CA SER I 159 -20.03 21.05 -5.58
C SER I 159 -18.84 21.41 -4.70
N PHE I 160 -17.74 21.84 -5.32
CA PHE I 160 -16.60 22.34 -4.56
C PHE I 160 -15.78 23.30 -5.39
N TYR I 161 -14.95 24.09 -4.71
CA TYR I 161 -13.76 24.71 -5.31
C TYR I 161 -12.63 24.69 -4.29
N GLU I 162 -11.40 24.79 -4.76
CA GLU I 162 -10.24 24.84 -3.89
C GLU I 162 -9.15 25.56 -4.68
N VAL I 163 -8.64 26.65 -4.11
CA VAL I 163 -7.43 27.28 -4.62
C VAL I 163 -6.34 27.01 -3.59
N ASP I 164 -5.11 26.86 -4.03
CA ASP I 164 -4.03 26.57 -3.09
C ASP I 164 -2.70 27.21 -3.47
N ALA I 165 -1.89 27.41 -2.45
CA ALA I 165 -0.55 27.93 -2.61
C ALA I 165 0.28 27.36 -1.47
N ILE I 166 1.50 26.92 -1.81
CA ILE I 166 2.46 26.40 -0.83
C ILE I 166 2.58 27.35 0.36
N SER I 167 2.67 28.64 0.05
CA SER I 167 2.89 29.66 1.07
C SER I 167 1.62 30.28 1.64
N GLY I 168 0.46 29.73 1.28
CA GLY I 168 -0.80 30.23 1.82
C GLY I 168 -0.88 30.14 3.35
N TRP I 169 -1.43 31.17 3.96
CA TRP I 169 -1.48 31.21 5.40
C TRP I 169 -2.33 30.09 6.07
N TRP I 170 -3.19 29.44 5.29
CA TRP I 170 -4.02 28.35 5.81
C TRP I 170 -3.23 27.03 5.86
N ASN I 171 -1.95 27.06 5.48
CA ASN I 171 -1.15 25.85 5.32
C ASN I 171 -0.03 25.71 6.36
N THR I 172 -0.11 26.48 7.45
CA THR I 172 0.96 26.45 8.46
C THR I 172 1.11 25.08 9.12
N GLY I 173 0.04 24.29 9.09
CA GLY I 173 -0.02 22.99 9.78
C GLY I 173 0.40 21.79 8.95
N ALA I 174 0.63 22.00 7.65
CA ALA I 174 1.02 20.91 6.75
C ALA I 174 2.31 20.20 7.20
N ALA I 175 2.26 18.87 7.26
CA ALA I 175 3.40 18.06 7.67
C ALA I 175 4.51 18.15 6.62
N THR I 176 4.14 18.05 5.35
CA THR I 176 5.05 18.24 4.23
C THR I 176 4.28 19.01 3.15
N GLU I 177 5.02 19.62 2.23
CA GLU I 177 4.41 20.32 1.10
C GLU I 177 3.82 19.32 0.10
N ALA I 178 3.06 19.83 -0.88
CA ALA I 178 2.40 19.01 -1.89
C ALA I 178 3.39 18.09 -2.62
N ASP I 179 4.64 18.54 -2.78
CA ASP I 179 5.67 17.70 -3.43
C ASP I 179 6.42 16.78 -2.46
N GLY I 180 6.04 16.78 -1.20
CA GLY I 180 6.70 15.91 -0.21
C GLY I 180 7.94 16.53 0.43
N SER I 181 8.31 17.74 0.01
CA SER I 181 9.41 18.45 0.65
C SER I 181 8.93 19.06 1.99
N PRO I 182 9.86 19.39 2.89
CA PRO I 182 9.43 19.80 4.24
C PRO I 182 8.78 21.19 4.31
N ASN I 183 7.87 21.36 5.27
CA ASN I 183 7.27 22.67 5.55
C ASN I 183 8.31 23.58 6.22
N ARG I 184 8.64 24.68 5.57
CA ARG I 184 9.71 25.57 6.08
C ARG I 184 9.16 26.87 6.71
N GLY I 185 7.84 26.94 6.82
CA GLY I 185 7.17 28.06 7.49
C GLY I 185 7.19 29.35 6.72
N TYR I 186 7.16 30.45 7.46
CA TYR I 186 7.09 31.80 6.89
C TYR I 186 5.84 32.04 6.04
N LYS I 187 4.73 31.43 6.47
CA LYS I 187 3.46 31.52 5.74
C LYS I 187 2.50 32.55 6.38
N VAL I 188 2.52 32.69 7.70
CA VAL I 188 1.48 33.49 8.39
C VAL I 188 1.53 34.99 8.07
N ARG I 189 0.36 35.56 7.76
CA ARG I 189 0.22 37.02 7.61
C ARG I 189 0.22 37.67 8.99
N HIS I 190 1.10 38.63 9.22
CA HIS I 190 1.15 39.33 10.51
C HIS I 190 0.36 40.63 10.50
N LYS I 191 -0.12 41.02 11.69
CA LYS I 191 -0.69 42.35 11.88
C LYS I 191 0.43 43.41 11.76
N GLY I 192 0.09 44.57 11.18
CA GLY I 192 1.03 45.71 11.14
C GLY I 192 1.80 45.97 9.85
N GLY I 193 1.82 44.98 8.93
CA GLY I 193 2.63 45.10 7.72
C GLY I 193 2.21 44.14 6.63
N TYR I 194 1.79 44.69 5.50
CA TYR I 194 1.26 43.88 4.41
C TYR I 194 2.32 43.46 3.41
N PHE I 195 3.50 44.07 3.44
CA PHE I 195 4.50 43.79 2.39
C PHE I 195 5.86 43.35 2.91
N PRO I 196 5.90 42.28 3.71
CA PRO I 196 7.18 41.94 4.35
C PRO I 196 8.20 41.46 3.33
N VAL I 197 9.49 41.57 3.66
CA VAL I 197 10.57 41.08 2.80
C VAL I 197 10.67 39.56 2.83
N ALA I 198 11.41 38.98 1.90
CA ALA I 198 11.77 37.56 1.92
C ALA I 198 12.43 37.17 3.25
N PRO I 199 12.20 35.92 3.72
CA PRO I 199 11.42 34.85 3.08
C PRO I 199 9.90 34.94 3.30
N ASN I 200 9.40 35.90 4.07
CA ASN I 200 7.95 36.05 4.19
C ASN I 200 7.31 36.28 2.79
N ASP I 201 8.02 37.05 1.98
CA ASP I 201 7.62 37.28 0.63
C ASP I 201 8.19 36.11 -0.17
N GLN I 202 7.29 35.25 -0.63
CA GLN I 202 7.69 34.02 -1.30
C GLN I 202 7.58 34.10 -2.81
N TYR I 203 7.24 35.28 -3.34
CA TYR I 203 7.08 35.46 -4.79
C TYR I 203 8.01 36.49 -5.46
N VAL I 204 9.09 36.87 -4.77
CA VAL I 204 9.97 37.93 -5.26
C VAL I 204 10.45 37.69 -6.70
N ASP I 205 11.04 36.52 -6.96
CA ASP I 205 11.65 36.26 -8.26
C ASP I 205 10.61 36.20 -9.37
N LEU I 206 9.46 35.60 -9.07
CA LEU I 206 8.38 35.52 -10.07
C LEU I 206 7.80 36.90 -10.40
N ARG I 207 7.58 37.72 -9.37
CA ARG I 207 7.12 39.10 -9.60
C ARG I 207 8.12 39.89 -10.46
N ASP I 208 9.42 39.74 -10.17
CA ASP I 208 10.46 40.39 -10.96
C ASP I 208 10.40 39.93 -12.42
N LYS I 209 10.17 38.65 -12.66
CA LYS I 209 9.99 38.15 -14.05
C LYS I 209 8.82 38.82 -14.75
N MET I 210 7.72 38.98 -14.04
CA MET I 210 6.56 39.69 -14.57
C MET I 210 6.94 41.14 -14.91
N LEU I 211 7.61 41.82 -13.95
CA LEU I 211 8.05 43.19 -14.15
C LEU I 211 8.95 43.28 -15.38
N THR I 212 9.96 42.41 -15.45
CA THR I 212 10.88 42.41 -16.59
C THR I 212 10.15 42.24 -17.91
N ASN I 213 9.20 41.29 -17.95
CA ASN I 213 8.41 41.06 -19.16
C ASN I 213 7.56 42.26 -19.54
N LEU I 214 7.01 42.97 -18.55
CA LEU I 214 6.25 44.19 -18.82
C LEU I 214 7.13 45.27 -19.45
N ILE I 215 8.28 45.55 -18.84
CA ILE I 215 9.24 46.51 -19.38
C ILE I 215 9.68 46.11 -20.80
N ASN I 216 10.00 44.84 -21.02
CA ASN I 216 10.38 44.39 -22.37
C ASN I 216 9.25 44.48 -23.38
N SER I 217 8.02 44.62 -22.89
CA SER I 217 6.84 44.68 -23.76
C SER I 217 6.33 46.09 -23.97
N GLY I 218 7.15 47.09 -23.66
CA GLY I 218 6.80 48.47 -23.94
C GLY I 218 6.03 49.20 -22.87
N PHE I 219 5.82 48.57 -21.71
CA PHE I 219 5.18 49.30 -20.62
C PHE I 219 6.21 50.28 -20.08
N ILE I 220 5.74 51.47 -19.69
CA ILE I 220 6.63 52.52 -19.17
C ILE I 220 6.43 52.60 -17.67
N LEU I 221 7.53 52.40 -16.95
CA LEU I 221 7.53 52.48 -15.49
C LEU I 221 8.50 53.58 -15.09
N GLU I 222 7.98 54.63 -14.47
CA GLU I 222 8.79 55.79 -14.07
C GLU I 222 8.39 56.20 -12.68
N LYS I 223 8.56 57.48 -12.36
CA LYS I 223 8.18 58.00 -11.04
C LYS I 223 6.76 57.56 -10.65
N GLY I 224 6.62 56.95 -9.47
CA GLY I 224 5.30 56.54 -8.94
C GLY I 224 4.81 55.17 -9.40
N HIS I 225 5.62 54.47 -10.18
CA HIS I 225 5.30 53.12 -10.64
C HIS I 225 6.12 52.06 -9.90
N HIS I 226 5.43 51.02 -9.44
CA HIS I 226 6.07 50.04 -8.60
C HIS I 226 5.55 48.64 -8.75
N GLU I 227 6.34 47.69 -8.24
CA GLU I 227 5.95 46.29 -8.10
C GLU I 227 5.69 46.03 -6.63
N VAL I 228 4.51 45.53 -6.29
CA VAL I 228 4.15 45.27 -4.90
C VAL I 228 3.57 43.87 -4.74
N GLY I 229 3.88 43.24 -3.61
CA GLY I 229 3.35 41.93 -3.26
C GLY I 229 2.93 41.81 -1.81
N SER I 230 1.89 41.03 -1.54
CA SER I 230 1.39 40.80 -0.21
C SER I 230 0.78 39.42 -0.17
N GLY I 231 1.44 38.49 0.53
CA GLY I 231 1.09 37.06 0.42
C GLY I 231 1.17 36.63 -1.05
N GLY I 232 0.12 35.97 -1.52
CA GLY I 232 0.01 35.63 -2.94
C GLY I 232 -0.57 36.72 -3.83
N GLN I 233 -0.93 37.85 -3.25
CA GLN I 233 -1.45 38.97 -4.04
C GLN I 233 -0.36 39.92 -4.54
N ALA I 234 -0.55 40.47 -5.75
CA ALA I 234 0.44 41.37 -6.34
C ALA I 234 -0.19 42.43 -7.24
N GLU I 235 0.61 43.43 -7.56
CA GLU I 235 0.21 44.52 -8.46
C GLU I 235 1.46 45.18 -9.04
N ILE I 236 1.43 45.45 -10.34
CA ILE I 236 2.46 46.26 -10.95
C ILE I 236 1.73 47.33 -11.74
N ASN I 237 1.90 48.59 -11.34
CA ASN I 237 1.27 49.68 -12.08
C ASN I 237 2.26 50.31 -13.07
N TYR I 238 1.73 51.05 -14.03
CA TYR I 238 2.51 51.53 -15.16
C TYR I 238 1.86 52.79 -15.72
N GLN I 239 2.58 53.46 -16.63
CA GLN I 239 2.11 54.75 -17.14
C GLN I 239 0.76 54.64 -17.86
N PHE I 240 -0.11 55.62 -17.58
CA PHE I 240 -1.44 55.73 -18.19
C PHE I 240 -1.34 55.93 -19.70
N ASN I 241 -2.49 55.93 -20.36
CA ASN I 241 -2.55 56.08 -21.81
C ASN I 241 -3.91 56.66 -22.20
N SER I 242 -4.06 57.06 -23.46
CA SER I 242 -5.38 57.50 -23.93
C SER I 242 -6.35 56.31 -23.91
N LEU I 243 -7.64 56.59 -23.79
CA LEU I 243 -8.63 55.56 -23.48
C LEU I 243 -8.46 54.21 -24.19
N LEU I 244 -8.54 54.18 -25.52
CA LEU I 244 -8.49 52.92 -26.23
C LEU I 244 -7.20 52.16 -25.89
N HIS I 245 -6.05 52.82 -26.05
CA HIS I 245 -4.77 52.15 -25.87
C HIS I 245 -4.47 51.80 -24.41
N ALA I 246 -5.08 52.53 -23.48
CA ALA I 246 -5.04 52.20 -22.06
C ALA I 246 -5.68 50.81 -21.83
N ALA I 247 -6.83 50.59 -22.47
CA ALA I 247 -7.50 49.31 -22.38
C ALA I 247 -6.67 48.22 -23.07
N ASP I 248 -6.10 48.52 -24.25
CA ASP I 248 -5.18 47.59 -24.89
C ASP I 248 -4.05 47.20 -23.94
N ASP I 249 -3.47 48.21 -23.27
CA ASP I 249 -2.43 47.97 -22.26
C ASP I 249 -2.91 47.02 -21.15
N MET I 250 -4.16 47.17 -20.71
CA MET I 250 -4.71 46.35 -19.64
C MET I 250 -4.79 44.88 -20.10
N GLN I 251 -5.25 44.67 -21.33
CA GLN I 251 -5.37 43.33 -21.87
C GLN I 251 -3.99 42.69 -21.94
N LEU I 252 -2.99 43.47 -22.34
CA LEU I 252 -1.64 42.96 -22.51
C LEU I 252 -1.01 42.71 -21.15
N TYR I 253 -1.32 43.57 -20.20
CA TYR I 253 -0.88 43.37 -18.81
C TYR I 253 -1.35 42.01 -18.33
N LYS I 254 -2.64 41.76 -18.46
CA LYS I 254 -3.20 40.52 -17.93
C LYS I 254 -2.54 39.35 -18.65
N TYR I 255 -2.40 39.49 -19.96
CA TYR I 255 -1.80 38.43 -20.76
C TYR I 255 -0.40 38.11 -20.27
N ILE I 256 0.36 39.14 -19.93
CA ILE I 256 1.76 38.93 -19.54
C ILE I 256 1.86 38.37 -18.11
N ILE I 257 1.04 38.87 -17.21
CA ILE I 257 0.98 38.34 -15.85
C ILE I 257 0.56 36.85 -15.87
N LYS I 258 -0.55 36.53 -16.55
CA LYS I 258 -1.03 35.16 -16.57
C LYS I 258 0.01 34.19 -17.15
N ASN I 259 0.70 34.62 -18.20
CA ASN I 259 1.59 33.71 -18.91
C ASN I 259 2.98 33.61 -18.32
N THR I 260 3.46 34.69 -17.72
CA THR I 260 4.67 34.58 -16.89
C THR I 260 4.44 33.55 -15.78
N ALA I 261 3.29 33.63 -15.11
CA ALA I 261 2.97 32.67 -14.05
C ALA I 261 2.93 31.26 -14.60
N TRP I 262 2.28 31.11 -15.76
CA TRP I 262 2.02 29.80 -16.33
C TRP I 262 3.35 29.15 -16.70
N GLN I 263 4.23 29.92 -17.31
CA GLN I 263 5.56 29.40 -17.68
C GLN I 263 6.42 29.00 -16.48
N ASN I 264 6.10 29.53 -15.30
CA ASN I 264 6.88 29.19 -14.14
C ASN I 264 6.12 28.30 -13.17
N GLY I 265 5.22 27.50 -13.72
CA GLY I 265 4.55 26.45 -12.96
C GLY I 265 3.48 26.96 -11.99
N LYS I 266 2.99 28.18 -12.23
CA LYS I 266 1.97 28.77 -11.36
C LYS I 266 0.73 29.11 -12.16
N THR I 267 -0.31 29.59 -11.47
CA THR I 267 -1.55 29.96 -12.12
C THR I 267 -2.11 31.19 -11.47
N VAL I 268 -2.46 32.16 -12.32
CA VAL I 268 -2.92 33.47 -11.84
C VAL I 268 -4.44 33.66 -12.03
N THR I 269 -5.09 34.33 -11.08
CA THR I 269 -6.43 34.79 -11.33
C THR I 269 -6.59 36.29 -11.05
N PHE I 270 -7.36 36.95 -11.91
CA PHE I 270 -7.76 38.33 -11.72
C PHE I 270 -9.19 38.42 -11.16
N MET I 271 -9.75 37.29 -10.73
CA MET I 271 -11.13 37.34 -10.23
C MET I 271 -11.18 38.22 -8.97
N PRO I 272 -12.29 38.95 -8.79
CA PRO I 272 -12.37 39.93 -7.70
C PRO I 272 -12.22 39.34 -6.32
N LYS I 273 -12.73 38.13 -6.09
CA LYS I 273 -12.71 37.57 -4.73
C LYS I 273 -12.46 36.05 -4.71
N PRO I 274 -11.20 35.62 -4.89
CA PRO I 274 -10.87 34.18 -4.85
C PRO I 274 -10.76 33.62 -3.42
N LEU I 275 -10.39 34.47 -2.47
CA LEU I 275 -10.22 34.04 -1.09
C LEU I 275 -11.25 34.66 -0.15
N PHE I 276 -11.88 33.82 0.65
CA PHE I 276 -12.82 34.32 1.64
C PHE I 276 -12.05 34.75 2.88
N GLY I 277 -12.29 35.98 3.33
CA GLY I 277 -11.61 36.54 4.52
C GLY I 277 -10.19 37.00 4.24
N ASP I 278 -9.94 37.38 3.00
CA ASP I 278 -8.67 37.97 2.59
C ASP I 278 -9.02 39.05 1.56
N ASN I 279 -8.06 39.93 1.31
CA ASN I 279 -8.26 41.04 0.39
C ASN I 279 -8.79 40.62 -0.98
N GLY I 280 -9.78 41.36 -1.49
CA GLY I 280 -10.24 41.20 -2.86
C GLY I 280 -9.29 41.87 -3.83
N SER I 281 -9.50 41.68 -5.12
CA SER I 281 -8.63 42.29 -6.15
C SER I 281 -9.39 43.37 -6.90
N GLY I 282 -8.94 44.61 -6.76
CA GLY I 282 -9.59 45.74 -7.39
C GLY I 282 -8.79 46.30 -8.55
N MET I 283 -9.41 47.24 -9.26
CA MET I 283 -8.76 47.98 -10.32
C MET I 283 -9.11 49.45 -10.14
N HIS I 284 -8.19 50.21 -9.55
CA HIS I 284 -8.39 51.64 -9.39
C HIS I 284 -8.17 52.33 -10.73
N CYS I 285 -9.13 53.13 -11.16
CA CYS I 285 -9.04 53.80 -12.48
C CYS I 285 -8.93 55.31 -12.38
N HIS I 286 -7.74 55.80 -12.67
CA HIS I 286 -7.45 57.23 -12.74
C HIS I 286 -7.90 57.78 -14.10
N GLN I 287 -8.49 58.98 -14.08
CA GLN I 287 -9.11 59.61 -15.27
C GLN I 287 -8.83 61.11 -15.29
N SER I 288 -8.56 61.62 -16.49
CA SER I 288 -8.57 63.07 -16.71
C SER I 288 -8.87 63.42 -18.17
N LEU I 289 -9.42 64.60 -18.39
CA LEU I 289 -9.67 65.10 -19.73
C LEU I 289 -8.66 66.20 -20.07
N TRP I 290 -8.25 66.22 -21.33
CA TRP I 290 -7.29 67.23 -21.83
C TRP I 290 -7.75 67.85 -23.15
N LYS I 291 -7.40 69.12 -23.34
CA LYS I 291 -7.68 69.82 -24.60
C LYS I 291 -6.48 70.63 -25.07
N ASP I 292 -6.15 70.47 -26.35
CA ASP I 292 -5.06 71.20 -26.99
C ASP I 292 -3.81 71.15 -26.13
N GLY I 293 -3.46 69.96 -25.64
CA GLY I 293 -2.23 69.75 -24.87
C GLY I 293 -2.25 70.33 -23.47
N ALA I 294 -3.42 70.81 -23.04
CA ALA I 294 -3.58 71.39 -21.70
C ALA I 294 -4.61 70.64 -20.84
N PRO I 295 -4.35 70.51 -19.53
CA PRO I 295 -5.26 69.81 -18.61
C PRO I 295 -6.53 70.61 -18.36
N LEU I 296 -7.62 69.92 -18.03
CA LEU I 296 -8.91 70.57 -17.81
C LEU I 296 -9.47 70.34 -16.43
N MET I 297 -8.74 69.61 -15.60
CA MET I 297 -9.30 69.17 -14.32
C MET I 297 -8.98 70.10 -13.15
N TYR I 298 -8.01 70.98 -13.35
CA TYR I 298 -7.49 71.80 -12.26
C TYR I 298 -8.12 73.19 -12.15
N ASP I 299 -8.23 73.64 -10.90
CA ASP I 299 -8.63 75.01 -10.55
C ASP I 299 -8.25 75.24 -9.07
N GLU I 300 -7.34 76.18 -8.82
CA GLU I 300 -6.85 76.45 -7.45
C GLU I 300 -8.00 76.75 -6.49
N THR I 301 -9.03 77.41 -7.03
CA THR I 301 -10.14 77.95 -6.21
C THR I 301 -11.15 76.87 -5.81
N GLY I 302 -11.27 75.83 -6.61
CA GLY I 302 -12.24 74.75 -6.35
C GLY I 302 -11.82 73.79 -5.26
N TYR I 303 -12.79 73.07 -4.68
CA TYR I 303 -12.47 72.09 -3.65
C TYR I 303 -11.54 71.00 -4.19
N ALA I 304 -10.47 70.72 -3.45
CA ALA I 304 -9.45 69.74 -3.84
C ALA I 304 -8.79 70.04 -5.19
N GLY I 305 -8.78 71.31 -5.58
CA GLY I 305 -8.17 71.73 -6.86
C GLY I 305 -8.95 71.36 -8.12
N LEU I 306 -10.25 71.12 -7.97
CA LEU I 306 -11.07 70.62 -9.06
C LEU I 306 -11.83 71.70 -9.81
N SER I 307 -11.72 71.68 -11.13
CA SER I 307 -12.45 72.62 -12.00
C SER I 307 -13.93 72.27 -12.04
N ASP I 308 -14.72 73.16 -12.63
CA ASP I 308 -16.13 72.91 -12.88
C ASP I 308 -16.32 71.65 -13.72
N THR I 309 -15.46 71.48 -14.73
CA THR I 309 -15.52 70.34 -15.61
C THR I 309 -15.25 69.04 -14.80
N ALA I 310 -14.26 69.08 -13.92
CA ALA I 310 -13.95 67.92 -13.10
C ALA I 310 -15.12 67.56 -12.16
N ARG I 311 -15.65 68.55 -11.45
CA ARG I 311 -16.72 68.34 -10.49
C ARG I 311 -17.95 67.75 -11.17
N HIS I 312 -18.29 68.26 -12.37
CA HIS I 312 -19.42 67.75 -13.14
C HIS I 312 -19.18 66.31 -13.64
N TYR I 313 -17.92 66.01 -13.99
CA TYR I 313 -17.52 64.66 -14.39
C TYR I 313 -17.81 63.71 -13.23
N ILE I 314 -17.36 64.09 -12.04
CA ILE I 314 -17.66 63.37 -10.81
C ILE I 314 -19.15 63.20 -10.61
N GLY I 315 -19.89 64.28 -10.81
CA GLY I 315 -21.35 64.26 -10.72
C GLY I 315 -21.94 63.16 -11.56
N GLY I 316 -21.44 63.03 -12.78
CA GLY I 316 -21.88 61.97 -13.69
C GLY I 316 -21.53 60.58 -13.21
N LEU I 317 -20.32 60.40 -12.68
CA LEU I 317 -19.85 59.11 -12.18
C LEU I 317 -20.73 58.63 -11.03
N LEU I 318 -21.00 59.54 -10.11
CA LEU I 318 -21.80 59.21 -8.94
C LEU I 318 -23.27 59.00 -9.28
N HIS I 319 -23.79 59.80 -10.20
CA HIS I 319 -25.19 59.68 -10.56
C HIS I 319 -25.43 58.39 -11.34
N HIS I 320 -24.50 58.05 -12.24
CA HIS I 320 -24.67 56.85 -13.06
C HIS I 320 -24.05 55.55 -12.47
N ALA I 321 -23.31 55.68 -11.38
CA ALA I 321 -22.66 54.54 -10.74
C ALA I 321 -23.51 53.26 -10.68
N PRO I 322 -24.78 53.33 -10.24
CA PRO I 322 -25.54 52.08 -10.15
C PRO I 322 -25.62 51.31 -11.47
N SER I 323 -25.63 52.01 -12.58
CA SER I 323 -25.69 51.33 -13.88
C SER I 323 -24.29 51.10 -14.43
N LEU I 324 -23.38 52.01 -14.09
CA LEU I 324 -22.00 51.96 -14.52
C LEU I 324 -21.33 50.66 -14.09
N LEU I 325 -21.63 50.20 -12.88
CA LEU I 325 -21.04 48.96 -12.34
C LEU I 325 -21.34 47.74 -13.22
N ALA I 326 -22.34 47.83 -14.09
CA ALA I 326 -22.62 46.72 -14.99
C ALA I 326 -21.44 46.46 -15.92
N PHE I 327 -20.57 47.45 -16.05
CA PHE I 327 -19.39 47.31 -16.87
C PHE I 327 -18.11 47.29 -16.02
N THR I 328 -18.08 48.09 -14.95
CA THR I 328 -16.86 48.20 -14.17
C THR I 328 -16.74 47.07 -13.16
N ASN I 329 -17.88 46.48 -12.82
CA ASN I 329 -17.94 45.37 -11.88
C ASN I 329 -18.92 44.30 -12.38
N PRO I 330 -18.62 43.70 -13.54
CA PRO I 330 -19.61 42.96 -14.34
C PRO I 330 -19.92 41.50 -13.94
N THR I 331 -19.36 41.01 -12.84
CA THR I 331 -19.56 39.59 -12.50
C THR I 331 -20.25 39.41 -11.18
N VAL I 332 -20.82 38.22 -10.97
CA VAL I 332 -21.43 37.89 -9.67
C VAL I 332 -20.36 38.00 -8.57
N ASN I 333 -19.17 37.45 -8.83
CA ASN I 333 -18.07 37.47 -7.87
C ASN I 333 -17.62 38.88 -7.48
N SER I 334 -17.80 39.86 -8.38
CA SER I 334 -17.52 41.26 -8.07
C SER I 334 -18.15 41.70 -6.75
N TYR I 335 -19.35 41.20 -6.45
CA TYR I 335 -20.12 41.70 -5.33
C TYR I 335 -19.77 41.01 -4.02
N LYS I 336 -18.79 40.11 -4.09
CA LYS I 336 -18.15 39.55 -2.90
C LYS I 336 -17.01 40.45 -2.45
N ARG I 337 -16.56 41.33 -3.34
CA ARG I 337 -15.60 42.36 -2.94
C ARG I 337 -16.31 43.65 -2.51
N LEU I 338 -17.29 44.08 -3.30
CA LEU I 338 -18.10 45.26 -2.95
C LEU I 338 -19.14 44.93 -1.89
N VAL I 339 -18.66 44.63 -0.68
CA VAL I 339 -19.53 44.12 0.39
C VAL I 339 -19.86 45.17 1.46
N PRO I 340 -21.19 45.37 1.70
CA PRO I 340 -21.87 46.36 2.57
C PRO I 340 -21.30 46.69 3.97
N GLY I 341 -20.24 46.02 4.43
CA GLY I 341 -19.76 46.32 5.79
C GLY I 341 -18.27 46.43 6.07
N TYR I 342 -17.50 47.01 5.16
CA TYR I 342 -16.02 47.01 5.30
C TYR I 342 -15.36 48.33 4.91
N GLU I 343 -14.15 48.23 4.37
CA GLU I 343 -13.43 49.36 3.73
C GLU I 343 -13.91 49.58 2.30
N ALA I 344 -14.84 48.74 1.87
CA ALA I 344 -15.35 48.66 0.51
C ALA I 344 -15.66 50.02 -0.15
N PRO I 345 -15.01 50.31 -1.30
CA PRO I 345 -15.34 51.50 -2.10
C PRO I 345 -16.75 51.44 -2.67
N ILE I 346 -17.75 51.53 -1.79
CA ILE I 346 -19.17 51.40 -2.16
C ILE I 346 -19.98 52.67 -1.88
N ASN I 347 -19.36 53.64 -1.21
CA ASN I 347 -20.02 54.90 -0.86
C ASN I 347 -20.04 55.92 -1.99
N LEU I 348 -21.23 56.27 -2.45
CA LEU I 348 -21.41 57.17 -3.60
C LEU I 348 -21.11 58.63 -3.30
N VAL I 349 -19.89 58.89 -2.84
CA VAL I 349 -19.42 60.25 -2.57
C VAL I 349 -18.02 60.40 -3.16
N TYR I 350 -17.57 61.64 -3.31
CA TYR I 350 -16.14 61.82 -3.60
C TYR I 350 -15.43 62.35 -2.37
N SER I 351 -14.13 62.08 -2.30
CA SER I 351 -13.34 62.42 -1.12
C SER I 351 -11.86 62.55 -1.46
N GLN I 352 -11.11 63.08 -0.51
CA GLN I 352 -9.68 63.30 -0.68
C GLN I 352 -8.90 62.43 0.29
N ARG I 353 -9.55 62.04 1.39
CA ARG I 353 -8.91 61.27 2.48
C ARG I 353 -9.58 59.93 2.72
N ASN I 354 -10.88 59.86 2.44
CA ASN I 354 -11.66 58.67 2.73
C ASN I 354 -11.43 57.56 1.71
N ARG I 355 -10.69 56.54 2.14
CA ARG I 355 -10.38 55.39 1.29
C ARG I 355 -11.58 54.42 1.34
N SER I 356 -12.76 54.95 1.09
CA SER I 356 -14.01 54.20 1.23
C SER I 356 -15.09 54.79 0.28
N ALA I 357 -14.69 55.84 -0.44
CA ALA I 357 -15.52 56.50 -1.41
C ALA I 357 -15.24 56.00 -2.81
N CYS I 358 -16.29 55.93 -3.63
CA CYS I 358 -16.19 55.58 -5.04
C CYS I 358 -15.15 56.37 -5.81
N VAL I 359 -15.20 57.68 -5.62
CA VAL I 359 -14.30 58.59 -6.30
C VAL I 359 -13.35 59.18 -5.27
N ARG I 360 -12.06 59.00 -5.51
CA ARG I 360 -11.04 59.64 -4.69
C ARG I 360 -10.24 60.65 -5.51
N ILE I 361 -9.85 61.76 -4.89
CA ILE I 361 -9.03 62.74 -5.57
C ILE I 361 -7.62 62.63 -4.99
N PRO I 362 -6.70 61.99 -5.72
CA PRO I 362 -5.35 61.83 -5.19
C PRO I 362 -4.72 63.20 -4.93
N ILE I 363 -3.94 63.31 -3.87
CA ILE I 363 -3.36 64.62 -3.52
C ILE I 363 -2.10 64.85 -4.34
N THR I 364 -2.16 65.91 -5.14
CA THR I 364 -1.17 66.17 -6.18
C THR I 364 -0.60 67.58 -6.07
N GLY I 365 -1.04 68.31 -5.04
CA GLY I 365 -0.61 69.68 -4.81
C GLY I 365 -1.13 70.64 -5.85
N SER I 366 -0.28 71.56 -6.28
CA SER I 366 -0.70 72.66 -7.16
C SER I 366 -0.25 72.47 -8.60
N ASN I 367 0.39 71.35 -8.89
CA ASN I 367 0.72 70.98 -10.27
C ASN I 367 -0.55 70.65 -11.08
N PRO I 368 -0.94 71.54 -12.02
CA PRO I 368 -2.23 71.37 -12.72
C PRO I 368 -2.30 70.08 -13.54
N LYS I 369 -1.18 69.67 -14.12
CA LYS I 369 -1.13 68.50 -14.99
C LYS I 369 -1.55 67.20 -14.27
N ALA I 370 -1.14 67.07 -13.02
CA ALA I 370 -1.36 65.86 -12.25
C ALA I 370 -2.79 65.68 -11.73
N LYS I 371 -3.59 66.74 -11.76
CA LYS I 371 -4.96 66.67 -11.23
C LYS I 371 -5.82 65.69 -12.03
N ARG I 372 -6.49 64.81 -11.28
CA ARG I 372 -7.29 63.72 -11.84
C ARG I 372 -8.24 63.15 -10.80
N LEU I 373 -9.16 62.30 -11.26
CA LEU I 373 -10.03 61.58 -10.35
C LEU I 373 -9.84 60.06 -10.46
N GLU I 374 -9.86 59.40 -9.32
CA GLU I 374 -9.66 57.96 -9.22
C GLU I 374 -10.99 57.28 -8.88
N PHE I 375 -11.51 56.50 -9.82
CA PHE I 375 -12.70 55.67 -9.55
C PHE I 375 -12.22 54.34 -8.97
N ARG I 376 -12.61 54.09 -7.73
CA ARG I 376 -12.02 53.00 -6.93
C ARG I 376 -12.80 51.69 -6.95
N SER I 377 -14.07 51.76 -7.37
CA SER I 377 -14.98 50.61 -7.34
C SER I 377 -14.63 49.45 -8.30
N PRO I 378 -14.13 49.75 -9.51
CA PRO I 378 -13.97 48.71 -10.51
C PRO I 378 -13.07 47.55 -10.10
N ASP I 379 -13.21 46.43 -10.80
CA ASP I 379 -12.29 45.31 -10.63
C ASP I 379 -11.82 44.84 -12.02
N SER I 380 -11.03 43.77 -12.08
CA SER I 380 -10.45 43.35 -13.35
C SER I 380 -11.24 42.25 -14.06
N SER I 381 -12.48 42.05 -13.63
CA SER I 381 -13.21 40.87 -14.06
C SER I 381 -13.93 41.02 -15.38
N GLY I 382 -13.88 42.19 -16.00
CA GLY I 382 -14.65 42.36 -17.23
C GLY I 382 -13.87 42.78 -18.46
N ASN I 383 -14.33 43.89 -19.04
CA ASN I 383 -13.82 44.33 -20.31
C ASN I 383 -13.37 45.77 -20.18
N PRO I 384 -12.05 46.00 -20.25
CA PRO I 384 -11.56 47.35 -20.00
C PRO I 384 -11.97 48.32 -21.11
N TYR I 385 -12.14 47.83 -22.34
CA TYR I 385 -12.64 48.68 -23.42
C TYR I 385 -14.02 49.20 -23.05
N LEU I 386 -14.91 48.32 -22.58
CA LEU I 386 -16.26 48.75 -22.22
C LEU I 386 -16.27 49.56 -20.93
N ALA I 387 -15.48 49.13 -19.96
CA ALA I 387 -15.43 49.80 -18.68
C ALA I 387 -14.94 51.25 -18.79
N PHE I 388 -13.83 51.46 -19.50
CA PHE I 388 -13.28 52.80 -19.66
C PHE I 388 -14.26 53.69 -20.45
N SER I 389 -14.87 53.10 -21.49
CA SER I 389 -15.80 53.83 -22.33
C SER I 389 -16.99 54.26 -21.48
N ALA I 390 -17.52 53.33 -20.70
CA ALA I 390 -18.71 53.58 -19.91
C ALA I 390 -18.43 54.67 -18.89
N MET I 391 -17.24 54.62 -18.31
CA MET I 391 -16.81 55.67 -17.36
C MET I 391 -16.75 57.06 -18.00
N LEU I 392 -16.14 57.15 -19.17
CA LEU I 392 -16.08 58.42 -19.90
C LEU I 392 -17.49 58.96 -20.22
N MET I 393 -18.39 58.08 -20.68
CA MET I 393 -19.75 58.47 -21.02
C MET I 393 -20.49 59.02 -19.81
N ALA I 394 -20.28 58.40 -18.65
CA ALA I 394 -20.91 58.88 -17.41
C ALA I 394 -20.41 60.29 -17.09
N GLY I 395 -19.09 60.48 -17.18
CA GLY I 395 -18.46 61.77 -16.97
C GLY I 395 -18.93 62.83 -17.95
N LEU I 396 -19.03 62.46 -19.23
CA LEU I 396 -19.48 63.38 -20.26
C LEU I 396 -20.94 63.79 -20.08
N ASP I 397 -21.80 62.85 -19.72
CA ASP I 397 -23.20 63.17 -19.40
C ASP I 397 -23.26 64.10 -18.20
N GLY I 398 -22.32 63.92 -17.28
CA GLY I 398 -22.21 64.79 -16.12
C GLY I 398 -21.82 66.22 -16.48
N ILE I 399 -20.96 66.38 -17.47
CA ILE I 399 -20.56 67.70 -17.94
C ILE I 399 -21.71 68.36 -18.73
N LYS I 400 -22.22 67.68 -19.76
CA LYS I 400 -23.32 68.21 -20.57
C LYS I 400 -24.51 68.69 -19.75
N ASN I 401 -24.91 67.92 -18.74
CA ASN I 401 -26.05 68.28 -17.90
C ASN I 401 -25.66 68.96 -16.58
N LYS I 402 -24.41 69.42 -16.50
CA LYS I 402 -23.87 70.09 -15.30
C LYS I 402 -24.32 69.45 -13.98
N ILE I 403 -24.26 68.13 -13.89
CA ILE I 403 -24.73 67.41 -12.71
C ILE I 403 -23.86 67.76 -11.50
N GLU I 404 -24.52 68.17 -10.42
CA GLU I 404 -23.82 68.51 -9.17
C GLU I 404 -23.78 67.32 -8.22
N PRO I 405 -22.56 66.89 -7.84
CA PRO I 405 -22.41 65.79 -6.91
C PRO I 405 -22.75 66.24 -5.51
N GLN I 406 -23.14 65.30 -4.63
CA GLN I 406 -23.27 65.59 -3.20
C GLN I 406 -22.00 66.23 -2.64
N ALA I 407 -22.14 66.93 -1.53
CA ALA I 407 -20.99 67.47 -0.81
C ALA I 407 -19.97 66.36 -0.51
N PRO I 408 -18.67 66.61 -0.78
CA PRO I 408 -17.61 65.66 -0.46
C PRO I 408 -17.55 65.34 1.03
N VAL I 409 -17.01 64.16 1.37
CA VAL I 409 -16.89 63.71 2.76
C VAL I 409 -15.44 63.35 3.07
N ASP I 410 -14.82 64.12 3.98
CA ASP I 410 -13.41 63.92 4.35
C ASP I 410 -13.21 63.15 5.65
N LYS I 411 -14.26 63.05 6.46
CA LYS I 411 -14.25 62.24 7.68
C LYS I 411 -14.78 60.82 7.40
N ASP I 412 -14.36 59.85 8.21
CA ASP I 412 -14.72 58.43 8.01
C ASP I 412 -16.24 58.14 8.02
N ALA I 421 -24.56 58.77 8.15
CA ALA I 421 -24.59 57.32 8.41
C ALA I 421 -25.51 56.60 7.42
N ALA I 422 -26.83 56.66 7.66
CA ALA I 422 -27.84 56.26 6.68
C ALA I 422 -27.98 57.37 5.62
N SER I 423 -27.20 58.44 5.82
CA SER I 423 -27.19 59.62 4.97
C SER I 423 -26.56 59.35 3.58
N ILE I 424 -25.52 58.52 3.57
CA ILE I 424 -24.71 58.29 2.37
C ILE I 424 -25.24 57.11 1.53
N PRO I 425 -25.55 57.37 0.24
CA PRO I 425 -26.04 56.32 -0.65
C PRO I 425 -24.98 55.28 -1.01
N GLN I 426 -25.43 54.05 -1.25
CA GLN I 426 -24.55 52.91 -1.54
C GLN I 426 -24.70 52.45 -3.00
N THR I 427 -23.64 51.82 -3.52
CA THR I 427 -23.75 51.07 -4.78
C THR I 427 -24.60 49.84 -4.49
N PRO I 428 -25.37 49.37 -5.50
CA PRO I 428 -26.12 48.14 -5.27
C PRO I 428 -25.18 46.98 -4.92
N THR I 429 -25.71 45.96 -4.29
CA THR I 429 -24.87 44.93 -3.68
C THR I 429 -24.87 43.59 -4.43
N GLN I 430 -25.61 43.53 -5.54
CA GLN I 430 -25.75 42.30 -6.34
C GLN I 430 -25.62 42.64 -7.80
N LEU I 431 -25.10 41.73 -8.60
CA LEU I 431 -25.03 41.93 -10.05
C LEU I 431 -26.41 42.10 -10.68
N SER I 432 -27.39 41.34 -10.21
CA SER I 432 -28.74 41.41 -10.77
C SER I 432 -29.34 42.80 -10.56
N ASP I 433 -29.07 43.42 -9.41
CA ASP I 433 -29.52 44.80 -9.18
C ASP I 433 -28.88 45.78 -10.14
N VAL I 434 -27.57 45.66 -10.37
CA VAL I 434 -26.90 46.64 -11.24
C VAL I 434 -27.30 46.45 -12.70
N ILE I 435 -27.60 45.20 -13.07
CA ILE I 435 -28.11 44.92 -14.40
C ILE I 435 -29.52 45.54 -14.54
N ASP I 436 -30.34 45.49 -13.48
CA ASP I 436 -31.64 46.15 -13.49
C ASP I 436 -31.47 47.65 -13.70
N ARG I 437 -30.55 48.25 -12.95
CA ARG I 437 -30.30 49.68 -13.08
C ARG I 437 -29.76 50.05 -14.46
N LEU I 438 -28.95 49.18 -15.06
CA LEU I 438 -28.46 49.41 -16.42
C LEU I 438 -29.62 49.43 -17.39
N GLU I 439 -30.55 48.49 -17.20
CA GLU I 439 -31.73 48.37 -18.05
C GLU I 439 -32.59 49.62 -17.96
N ALA I 440 -32.65 50.21 -16.77
CA ALA I 440 -33.50 51.35 -16.50
C ALA I 440 -32.88 52.68 -16.89
N ASP I 441 -31.56 52.72 -17.03
CA ASP I 441 -30.85 53.99 -17.24
C ASP I 441 -29.57 53.79 -18.05
N HIS I 442 -29.72 53.69 -19.37
CA HIS I 442 -28.54 53.52 -20.24
C HIS I 442 -28.50 54.57 -21.35
N GLU I 443 -29.32 55.59 -21.21
CA GLU I 443 -29.41 56.69 -22.15
C GLU I 443 -28.04 57.36 -22.39
N TYR I 444 -27.31 57.60 -21.29
CA TYR I 444 -25.99 58.24 -21.36
C TYR I 444 -24.92 57.45 -22.15
N LEU I 445 -25.11 56.13 -22.23
CA LEU I 445 -24.18 55.27 -22.97
C LEU I 445 -24.41 55.32 -24.49
N THR I 446 -25.64 55.65 -24.90
CA THR I 446 -26.01 55.66 -26.32
C THR I 446 -25.75 57.01 -27.01
N GLU I 447 -25.46 58.05 -26.24
CA GLU I 447 -25.08 59.34 -26.80
C GLU I 447 -24.01 59.15 -27.85
N GLY I 448 -24.20 59.77 -29.01
CA GLY I 448 -23.23 59.71 -30.10
C GLY I 448 -23.10 58.32 -30.70
N GLY I 449 -24.04 57.43 -30.38
CA GLY I 449 -23.98 56.04 -30.81
C GLY I 449 -22.76 55.25 -30.35
N VAL I 450 -22.17 55.63 -29.22
CA VAL I 450 -20.98 54.92 -28.66
C VAL I 450 -21.35 53.47 -28.28
N PHE I 451 -22.30 53.33 -27.36
CA PHE I 451 -22.97 52.07 -27.14
C PHE I 451 -24.29 52.12 -27.90
N THR I 452 -24.77 50.97 -28.38
CA THR I 452 -26.08 50.89 -29.02
C THR I 452 -27.05 50.19 -28.07
N ASN I 453 -28.35 50.49 -28.18
CA ASN I 453 -29.39 49.77 -27.42
C ASN I 453 -29.31 48.27 -27.65
N ASP I 454 -29.02 47.89 -28.89
CA ASP I 454 -28.83 46.48 -29.25
C ASP I 454 -27.78 45.83 -28.33
N LEU I 455 -26.62 46.46 -28.22
CA LEU I 455 -25.50 45.91 -27.44
C LEU I 455 -25.86 45.80 -25.97
N ILE I 456 -26.48 46.85 -25.45
CA ILE I 456 -26.82 46.90 -24.03
C ILE I 456 -27.80 45.79 -23.70
N GLU I 457 -28.80 45.60 -24.55
CA GLU I 457 -29.77 44.52 -24.35
C GLU I 457 -29.11 43.16 -24.37
N THR I 458 -28.12 43.00 -25.24
CA THR I 458 -27.36 41.75 -25.36
C THR I 458 -26.59 41.48 -24.08
N TRP I 459 -25.90 42.52 -23.59
CA TRP I 459 -25.15 42.46 -22.36
C TRP I 459 -26.04 42.08 -21.18
N ILE I 460 -27.23 42.68 -21.09
CA ILE I 460 -28.21 42.37 -20.04
C ILE I 460 -28.68 40.92 -20.12
N SER I 461 -28.99 40.44 -21.32
CA SER I 461 -29.38 39.06 -21.57
C SER I 461 -28.30 38.07 -21.13
N PHE I 462 -27.09 38.31 -21.64
CA PHE I 462 -25.95 37.46 -21.37
C PHE I 462 -25.71 37.28 -19.86
N LYS I 463 -25.67 38.37 -19.12
CA LYS I 463 -25.42 38.31 -17.67
C LYS I 463 -26.55 37.62 -16.92
N ARG I 464 -27.79 37.84 -17.35
CA ARG I 464 -28.96 37.20 -16.74
C ARG I 464 -28.98 35.69 -16.98
N GLU I 465 -28.80 35.29 -18.24
CA GLU I 465 -28.94 33.89 -18.62
C GLU I 465 -27.73 33.02 -18.35
N ASN I 466 -26.53 33.59 -18.47
CA ASN I 466 -25.29 32.83 -18.34
C ASN I 466 -24.57 32.97 -17.02
N GLU I 467 -24.91 33.99 -16.24
CA GLU I 467 -24.18 34.27 -15.01
C GLU I 467 -25.10 34.33 -13.80
N ILE I 468 -25.99 35.31 -13.76
CA ILE I 468 -26.87 35.51 -12.63
C ILE I 468 -27.74 34.29 -12.33
N GLU I 469 -28.46 33.80 -13.32
CA GLU I 469 -29.38 32.68 -13.12
C GLU I 469 -28.65 31.35 -12.77
N PRO I 470 -27.60 30.96 -13.54
CA PRO I 470 -26.86 29.73 -13.23
C PRO I 470 -26.25 29.69 -11.83
N VAL I 471 -25.84 30.83 -11.28
CA VAL I 471 -25.38 30.86 -9.89
C VAL I 471 -26.58 30.71 -8.95
N ASN I 472 -27.63 31.46 -9.23
CA ASN I 472 -28.86 31.47 -8.47
C ASN I 472 -29.49 30.14 -8.22
N ILE I 473 -29.52 29.29 -9.23
CA ILE I 473 -30.23 28.01 -9.13
C ILE I 473 -29.40 26.93 -8.45
N ARG I 474 -28.13 27.21 -8.19
CA ARG I 474 -27.25 26.21 -7.61
C ARG I 474 -27.06 26.43 -6.11
N PRO I 475 -27.45 25.44 -5.29
CA PRO I 475 -27.24 25.53 -3.84
C PRO I 475 -25.80 25.84 -3.50
N HIS I 476 -25.62 26.77 -2.58
CA HIS I 476 -24.32 27.20 -2.11
C HIS I 476 -23.90 26.24 -0.96
N PRO I 477 -22.62 25.83 -0.94
CA PRO I 477 -22.17 24.91 0.12
C PRO I 477 -22.56 25.36 1.53
N TYR I 478 -22.54 26.67 1.78
CA TYR I 478 -22.80 27.15 3.13
C TYR I 478 -24.27 26.97 3.51
N GLU I 479 -25.13 26.81 2.50
CA GLU I 479 -26.56 26.56 2.74
C GLU I 479 -26.74 25.20 3.44
N PHE I 480 -25.83 24.26 3.15
CA PHE I 480 -25.86 22.97 3.83
C PHE I 480 -25.45 23.05 5.31
N ALA I 481 -24.46 23.90 5.61
CA ALA I 481 -24.11 24.21 6.99
C ALA I 481 -25.31 24.85 7.69
N LEU I 482 -25.99 25.77 7.03
CA LEU I 482 -27.11 26.48 7.64
C LEU I 482 -28.39 25.67 7.74
N TYR I 483 -28.64 24.80 6.77
CA TYR I 483 -29.99 24.31 6.60
C TYR I 483 -30.21 22.80 6.52
N TYR I 484 -29.14 22.01 6.40
CA TYR I 484 -29.33 20.58 6.21
C TYR I 484 -30.24 20.00 7.26
N ASP I 485 -30.14 20.49 8.48
CA ASP I 485 -30.89 19.89 9.59
C ASP I 485 -32.14 20.66 10.04
N VAL I 486 -32.71 21.51 9.17
CA VAL I 486 -33.90 22.31 9.53
C VAL I 486 -35.10 21.45 9.88
N LYS J 12 6.87 19.13 -61.73
CA LYS J 12 8.04 18.39 -61.19
C LYS J 12 8.37 17.11 -61.97
N THR J 13 9.65 16.94 -62.28
CA THR J 13 10.13 15.85 -63.13
C THR J 13 10.93 14.83 -62.33
N PRO J 14 11.13 13.63 -62.90
CA PRO J 14 12.05 12.66 -62.29
C PRO J 14 13.41 13.28 -61.87
N ASP J 15 14.01 14.10 -62.72
CA ASP J 15 15.31 14.74 -62.39
C ASP J 15 15.24 15.65 -61.17
N ASP J 16 14.16 16.40 -61.03
CA ASP J 16 13.94 17.16 -59.81
C ASP J 16 14.01 16.28 -58.56
N VAL J 17 13.41 15.09 -58.63
CA VAL J 17 13.35 14.15 -57.51
C VAL J 17 14.73 13.60 -57.18
N PHE J 18 15.48 13.18 -58.22
CA PHE J 18 16.84 12.68 -58.01
C PHE J 18 17.74 13.75 -57.43
N LYS J 19 17.51 14.99 -57.85
CA LYS J 19 18.27 16.13 -57.33
C LYS J 19 17.96 16.37 -55.86
N LEU J 20 16.67 16.30 -55.49
CA LEU J 20 16.25 16.40 -54.10
C LEU J 20 16.88 15.27 -53.26
N ALA J 21 16.81 14.04 -53.77
CA ALA J 21 17.41 12.89 -53.09
C ALA J 21 18.92 13.11 -52.83
N LYS J 22 19.64 13.58 -53.85
CA LYS J 22 21.08 13.79 -53.72
C LYS J 22 21.42 14.98 -52.79
N ASP J 23 20.73 16.10 -52.99
CA ASP J 23 20.96 17.28 -52.15
C ASP J 23 20.68 17.00 -50.68
N GLU J 24 19.62 16.24 -50.38
CA GLU J 24 19.21 15.96 -48.99
C GLU J 24 19.93 14.75 -48.38
N LYS J 25 20.74 14.07 -49.19
CA LYS J 25 21.52 12.90 -48.75
C LYS J 25 20.60 11.83 -48.17
N VAL J 26 19.57 11.54 -48.95
CA VAL J 26 18.53 10.61 -48.57
C VAL J 26 19.11 9.20 -48.50
N GLU J 27 18.74 8.49 -47.44
CA GLU J 27 19.27 7.17 -47.19
C GLU J 27 18.28 6.13 -47.67
N TYR J 28 16.98 6.43 -47.55
CA TYR J 28 15.91 5.49 -47.90
C TYR J 28 14.79 6.16 -48.68
N VAL J 29 14.09 5.38 -49.48
CA VAL J 29 12.91 5.86 -50.21
C VAL J 29 11.69 5.05 -49.79
N ASP J 30 10.65 5.76 -49.38
CA ASP J 30 9.45 5.13 -48.86
C ASP J 30 8.41 5.07 -49.96
N VAL J 31 8.06 3.84 -50.35
CA VAL J 31 7.13 3.58 -51.44
C VAL J 31 5.72 3.52 -50.89
N ARG J 32 4.92 4.54 -51.20
CA ARG J 32 3.61 4.72 -50.61
C ARG J 32 2.50 4.58 -51.64
N PHE J 33 1.42 3.92 -51.22
CA PHE J 33 0.23 3.72 -52.06
C PHE J 33 -0.96 3.67 -51.15
N CYS J 34 -2.11 4.10 -51.68
CA CYS J 34 -3.33 4.26 -50.85
C CYS J 34 -4.17 3.01 -50.89
N ASP J 35 -4.71 2.61 -49.73
CA ASP J 35 -5.62 1.46 -49.73
C ASP J 35 -7.02 1.99 -49.94
N LEU J 36 -7.97 1.05 -50.01
CA LEU J 36 -9.34 1.42 -50.31
C LEU J 36 -9.98 2.35 -49.27
N PRO J 37 -10.03 1.95 -47.98
CA PRO J 37 -10.65 2.88 -47.02
C PRO J 37 -9.96 4.23 -46.85
N GLY J 38 -8.67 4.34 -47.17
CA GLY J 38 -8.00 5.66 -47.18
C GLY J 38 -6.72 5.84 -46.35
N ILE J 39 -6.14 4.73 -45.91
CA ILE J 39 -4.90 4.74 -45.15
C ILE J 39 -3.76 4.45 -46.11
N MET J 40 -2.72 5.29 -46.07
CA MET J 40 -1.55 5.07 -46.90
C MET J 40 -0.75 3.87 -46.41
N GLN J 41 -0.29 3.07 -47.37
CA GLN J 41 0.53 1.89 -47.10
C GLN J 41 1.94 2.16 -47.57
N HIS J 42 2.91 1.39 -47.07
CA HIS J 42 4.28 1.61 -47.48
C HIS J 42 5.19 0.40 -47.37
N PHE J 43 6.28 0.45 -48.13
CA PHE J 43 7.48 -0.34 -47.84
C PHE J 43 8.67 0.52 -48.20
N THR J 44 9.87 0.11 -47.79
CA THR J 44 11.02 0.98 -47.93
C THR J 44 12.13 0.28 -48.72
N ILE J 45 12.79 1.06 -49.58
CA ILE J 45 13.97 0.61 -50.35
C ILE J 45 15.18 1.49 -50.11
N PRO J 46 16.39 0.94 -50.28
CA PRO J 46 17.54 1.83 -50.11
C PRO J 46 17.54 2.87 -51.21
N ALA J 47 18.00 4.08 -50.88
CA ALA J 47 18.08 5.17 -51.85
C ALA J 47 18.89 4.75 -53.07
N SER J 48 19.97 4.02 -52.83
CA SER J 48 20.86 3.55 -53.91
C SER J 48 20.16 2.69 -54.98
N ALA J 49 18.91 2.28 -54.73
CA ALA J 49 18.14 1.48 -55.68
C ALA J 49 17.03 2.31 -56.27
N PHE J 50 17.08 3.60 -55.99
CA PHE J 50 16.11 4.54 -56.56
C PHE J 50 16.75 5.28 -57.73
N ASP J 51 16.46 4.80 -58.94
CA ASP J 51 17.10 5.32 -60.18
C ASP J 51 16.04 5.48 -61.28
N LYS J 52 16.49 5.71 -62.52
CA LYS J 52 15.56 5.91 -63.65
C LYS J 52 14.60 4.74 -63.89
N SER J 53 15.10 3.51 -63.68
CA SER J 53 14.30 2.30 -63.90
C SER J 53 13.09 2.22 -62.96
N VAL J 54 13.08 3.05 -61.92
CA VAL J 54 11.90 3.15 -61.05
C VAL J 54 10.77 3.88 -61.78
N PHE J 55 11.11 5.00 -62.44
CA PHE J 55 10.12 5.76 -63.19
C PHE J 55 9.70 5.08 -64.50
N ASP J 56 10.62 4.35 -65.12
CA ASP J 56 10.34 3.71 -66.40
C ASP J 56 9.64 2.35 -66.24
N ASP J 57 10.24 1.46 -65.45
CA ASP J 57 9.73 0.10 -65.34
C ASP J 57 8.82 -0.11 -64.14
N GLY J 58 9.04 0.68 -63.07
CA GLY J 58 8.30 0.56 -61.83
C GLY J 58 8.90 -0.43 -60.83
N LEU J 59 8.23 -0.60 -59.70
CA LEU J 59 8.68 -1.54 -58.68
C LEU J 59 7.72 -2.69 -58.56
N ALA J 60 8.25 -3.90 -58.55
CA ALA J 60 7.44 -5.09 -58.34
C ALA J 60 7.23 -5.31 -56.85
N PHE J 61 6.01 -5.70 -56.48
CA PHE J 61 5.70 -6.04 -55.10
C PHE J 61 4.55 -7.04 -55.05
N ASP J 62 4.63 -8.00 -54.12
CA ASP J 62 3.61 -9.04 -53.92
C ASP J 62 2.20 -8.45 -53.94
N GLY J 63 1.34 -8.99 -54.80
CA GLY J 63 0.07 -8.36 -55.12
C GLY J 63 -1.14 -8.73 -54.28
N SER J 64 -0.93 -9.55 -53.26
CA SER J 64 -1.93 -9.75 -52.20
C SER J 64 -1.65 -8.74 -51.08
N SER J 65 -0.40 -8.28 -51.03
CA SER J 65 0.08 -7.26 -50.11
C SER J 65 -0.36 -5.85 -50.58
N ILE J 66 -0.24 -5.60 -51.89
CA ILE J 66 -0.70 -4.36 -52.54
C ILE J 66 -2.24 -4.23 -52.57
N ARG J 67 -2.92 -5.37 -52.67
CA ARG J 67 -4.39 -5.40 -52.78
C ARG J 67 -5.14 -5.38 -51.45
N GLY J 68 -4.49 -5.83 -50.37
CA GLY J 68 -5.08 -5.80 -49.03
C GLY J 68 -5.95 -6.99 -48.66
N PHE J 69 -6.25 -7.85 -49.64
CA PHE J 69 -6.97 -9.11 -49.39
C PHE J 69 -6.22 -10.32 -49.97
N GLN J 70 -6.60 -11.51 -49.51
CA GLN J 70 -5.87 -12.72 -49.83
C GLN J 70 -6.60 -13.63 -50.84
N SER J 75 -2.13 -10.82 -59.57
CA SER J 75 -1.70 -11.14 -58.21
C SER J 75 -0.48 -10.33 -57.82
N ASP J 76 0.57 -10.35 -58.65
CA ASP J 76 1.73 -9.47 -58.46
C ASP J 76 1.39 -8.08 -59.01
N MET J 77 1.77 -7.02 -58.30
CA MET J 77 1.46 -5.68 -58.79
C MET J 77 2.68 -4.82 -59.02
N LEU J 78 2.53 -3.86 -59.93
CA LEU J 78 3.60 -2.97 -60.36
C LEU J 78 3.29 -1.54 -59.93
N LEU J 79 4.27 -0.88 -59.29
CA LEU J 79 4.05 0.45 -58.74
C LEU J 79 4.86 1.49 -59.48
N LEU J 80 4.17 2.54 -59.95
CA LEU J 80 4.83 3.62 -60.70
C LEU J 80 4.76 4.95 -59.97
N PRO J 81 5.91 5.62 -59.78
CA PRO J 81 5.98 6.81 -58.91
C PRO J 81 5.35 8.05 -59.53
N ASP J 82 4.77 8.90 -58.69
CA ASP J 82 4.30 10.22 -59.10
C ASP J 82 5.28 11.27 -58.55
N PRO J 83 6.12 11.86 -59.43
CA PRO J 83 7.18 12.79 -59.01
C PRO J 83 6.70 14.01 -58.19
N GLU J 84 5.45 14.42 -58.43
CA GLU J 84 4.89 15.59 -57.75
C GLU J 84 4.68 15.36 -56.23
N THR J 85 4.61 14.09 -55.84
CA THR J 85 4.33 13.75 -54.43
C THR J 85 5.60 13.55 -53.57
N ALA J 86 6.78 13.73 -54.16
CA ALA J 86 8.03 13.49 -53.44
C ALA J 86 8.23 14.53 -52.34
N ARG J 87 8.48 14.04 -51.11
CA ARG J 87 8.72 14.89 -49.95
C ARG J 87 9.68 14.24 -48.96
N ILE J 88 10.56 15.05 -48.37
CA ILE J 88 11.41 14.58 -47.27
C ILE J 88 10.50 14.35 -46.06
N ASP J 89 10.64 13.17 -45.45
CA ASP J 89 9.91 12.86 -44.22
C ASP J 89 10.57 13.58 -43.05
N PRO J 90 9.81 14.45 -42.35
CA PRO J 90 10.42 15.23 -41.28
C PRO J 90 10.52 14.47 -39.94
N PHE J 91 10.03 13.23 -39.90
CA PHE J 91 9.92 12.51 -38.64
C PHE J 91 10.90 11.36 -38.51
N ARG J 92 11.22 10.73 -39.63
CA ARG J 92 11.99 9.50 -39.63
C ARG J 92 13.47 9.79 -39.41
N ALA J 93 14.07 9.12 -38.41
CA ALA J 93 15.49 9.37 -38.03
C ALA J 93 16.44 9.20 -39.23
N ALA J 94 16.32 8.07 -39.92
CA ALA J 94 17.07 7.85 -41.14
C ALA J 94 16.48 8.72 -42.23
N LYS J 95 17.32 9.51 -42.90
CA LYS J 95 16.83 10.45 -43.92
C LYS J 95 16.07 9.77 -45.06
N THR J 96 14.78 10.10 -45.19
CA THR J 96 13.88 9.36 -46.05
C THR J 96 13.10 10.26 -47.00
N LEU J 97 12.97 9.82 -48.24
CA LEU J 97 12.16 10.49 -49.24
C LEU J 97 10.87 9.69 -49.45
N ASN J 98 9.72 10.35 -49.26
CA ASN J 98 8.42 9.69 -49.43
C ASN J 98 7.88 10.03 -50.81
N ILE J 99 7.44 9.00 -51.55
CA ILE J 99 6.81 9.23 -52.84
C ILE J 99 5.55 8.37 -52.96
N ASN J 100 4.49 8.95 -53.53
CA ASN J 100 3.28 8.17 -53.81
C ASN J 100 3.34 7.48 -55.17
N PHE J 101 2.70 6.31 -55.26
CA PHE J 101 2.76 5.49 -56.47
C PHE J 101 1.36 5.17 -56.98
N PHE J 102 1.26 4.80 -58.26
CA PHE J 102 0.03 4.27 -58.85
C PHE J 102 0.23 2.76 -58.99
N VAL J 103 -0.86 2.01 -58.88
CA VAL J 103 -0.79 0.57 -59.00
C VAL J 103 -1.17 0.16 -60.42
N HIS J 104 -0.29 -0.62 -61.06
CA HIS J 104 -0.53 -1.13 -62.41
C HIS J 104 -0.40 -2.63 -62.44
N ASP J 105 -1.12 -3.27 -63.39
CA ASP J 105 -0.97 -4.69 -63.68
C ASP J 105 0.39 -4.91 -64.36
N PRO J 106 1.16 -5.95 -63.92
CA PRO J 106 2.53 -6.13 -64.43
C PRO J 106 2.57 -6.51 -65.91
N PHE J 107 1.67 -7.39 -66.35
CA PHE J 107 1.64 -7.83 -67.76
C PHE J 107 1.16 -6.71 -68.71
N THR J 108 -0.03 -6.15 -68.42
CA THR J 108 -0.69 -5.20 -69.32
C THR J 108 -0.31 -3.73 -69.12
N LEU J 109 0.36 -3.40 -68.02
CA LEU J 109 0.62 -2.00 -67.61
C LEU J 109 -0.65 -1.17 -67.40
N GLU J 110 -1.80 -1.85 -67.31
CA GLU J 110 -3.07 -1.18 -67.07
C GLU J 110 -3.16 -0.66 -65.63
N PRO J 111 -3.65 0.58 -65.47
CA PRO J 111 -3.91 1.07 -64.12
C PRO J 111 -4.89 0.13 -63.43
N TYR J 112 -4.56 -0.34 -62.23
CA TYR J 112 -5.44 -1.18 -61.41
C TYR J 112 -6.68 -0.38 -60.99
N SER J 113 -7.85 -0.93 -61.28
CA SER J 113 -9.12 -0.20 -61.12
C SER J 113 -9.55 0.06 -59.65
N ARG J 114 -8.84 -0.52 -58.69
CA ARG J 114 -9.20 -0.35 -57.27
C ARG J 114 -8.19 0.49 -56.47
N ASP J 115 -7.18 1.03 -57.16
CA ASP J 115 -6.24 1.97 -56.55
C ASP J 115 -6.83 3.38 -56.59
N PRO J 116 -7.18 3.92 -55.41
CA PRO J 116 -7.85 5.22 -55.35
C PRO J 116 -7.09 6.29 -56.12
N ARG J 117 -5.75 6.20 -56.16
CA ARG J 117 -4.98 7.21 -56.87
C ARG J 117 -5.28 7.18 -58.39
N ASN J 118 -5.34 5.98 -58.97
CA ASN J 118 -5.74 5.79 -60.36
C ASN J 118 -7.13 6.36 -60.63
N ILE J 119 -8.05 6.17 -59.68
CA ILE J 119 -9.41 6.66 -59.81
C ILE J 119 -9.45 8.17 -59.86
N ALA J 120 -8.65 8.83 -59.03
CA ALA J 120 -8.53 10.28 -59.11
C ALA J 120 -7.91 10.74 -60.46
N ARG J 121 -6.91 10.01 -60.93
CA ARG J 121 -6.32 10.31 -62.26
C ARG J 121 -7.35 10.07 -63.36
N LYS J 122 -8.06 8.93 -63.32
CA LYS J 122 -9.12 8.65 -64.28
C LYS J 122 -10.17 9.77 -64.29
N ALA J 123 -10.48 10.34 -63.12
CA ALA J 123 -11.48 11.40 -63.02
C ALA J 123 -11.00 12.63 -63.77
N GLU J 124 -9.72 12.96 -63.59
CA GLU J 124 -9.14 14.13 -64.24
C GLU J 124 -9.11 14.00 -65.77
N ASN J 125 -8.65 12.83 -66.25
CA ASN J 125 -8.65 12.52 -67.67
C ASN J 125 -10.04 12.52 -68.28
N TYR J 126 -11.02 12.01 -67.54
CA TYR J 126 -12.40 12.01 -68.00
C TYR J 126 -12.87 13.45 -68.19
N LEU J 127 -12.61 14.31 -67.21
CA LEU J 127 -13.01 15.72 -67.31
C LEU J 127 -12.56 16.30 -68.67
N ILE J 128 -11.27 16.12 -68.96
CA ILE J 128 -10.68 16.57 -70.21
C ILE J 128 -11.45 16.01 -71.43
N SER J 129 -11.66 14.69 -71.44
CA SER J 129 -12.34 14.02 -72.56
C SER J 129 -13.79 14.48 -72.82
N THR J 130 -14.48 15.06 -71.82
CA THR J 130 -15.83 15.57 -72.02
C THR J 130 -15.81 16.95 -72.68
N GLY J 131 -14.65 17.60 -72.71
CA GLY J 131 -14.55 18.97 -73.20
C GLY J 131 -15.19 20.02 -72.32
N ILE J 132 -15.84 19.64 -71.22
CA ILE J 132 -16.46 20.63 -70.32
C ILE J 132 -15.45 21.60 -69.66
N ALA J 133 -14.32 21.04 -69.21
CA ALA J 133 -13.19 21.80 -68.66
C ALA J 133 -11.91 20.97 -68.78
N ASP J 134 -10.76 21.57 -68.47
CA ASP J 134 -9.52 20.77 -68.43
C ASP J 134 -8.90 20.58 -67.02
N THR J 135 -9.35 21.35 -66.03
CA THR J 135 -8.81 21.25 -64.67
C THR J 135 -9.90 21.40 -63.62
N ALA J 136 -9.87 20.50 -62.63
CA ALA J 136 -10.76 20.62 -61.45
C ALA J 136 -9.92 20.90 -60.22
N TYR J 137 -10.20 22.02 -59.56
CA TYR J 137 -9.45 22.42 -58.41
C TYR J 137 -10.22 22.08 -57.17
N PHE J 138 -9.54 21.49 -56.20
CA PHE J 138 -10.16 21.19 -54.90
C PHE J 138 -9.36 21.81 -53.75
N GLY J 139 -10.06 22.54 -52.89
CA GLY J 139 -9.49 23.09 -51.67
C GLY J 139 -10.22 22.48 -50.48
N ALA J 140 -9.46 22.03 -49.48
CA ALA J 140 -10.09 21.37 -48.33
C ALA J 140 -9.63 21.98 -47.04
N GLU J 141 -10.58 22.13 -46.12
CA GLU J 141 -10.30 22.61 -44.77
C GLU J 141 -10.69 21.52 -43.79
N ALA J 142 -9.69 20.83 -43.25
CA ALA J 142 -9.92 19.65 -42.41
C ALA J 142 -9.55 19.88 -40.97
N GLU J 143 -10.53 19.65 -40.09
CA GLU J 143 -10.34 19.80 -38.66
C GLU J 143 -9.92 18.49 -38.03
N PHE J 144 -9.31 18.57 -36.84
CA PHE J 144 -8.90 17.39 -36.07
C PHE J 144 -8.88 17.72 -34.59
N TYR J 145 -8.82 16.68 -33.76
CA TYR J 145 -8.67 16.86 -32.31
C TYR J 145 -7.30 16.39 -31.84
N ILE J 146 -6.76 17.09 -30.84
CA ILE J 146 -5.51 16.69 -30.19
C ILE J 146 -5.88 16.15 -28.82
N PHE J 147 -5.52 14.91 -28.56
CA PHE J 147 -5.76 14.29 -27.22
C PHE J 147 -4.47 13.85 -26.54
N ASP J 148 -4.55 13.56 -25.24
CA ASP J 148 -3.41 13.00 -24.53
C ASP J 148 -3.46 11.49 -24.51
N SER J 149 -4.65 10.95 -24.63
CA SER J 149 -4.82 9.51 -24.56
C SER J 149 -6.15 9.02 -25.11
N VAL J 150 -6.15 7.77 -25.56
CA VAL J 150 -7.36 7.09 -25.99
C VAL J 150 -7.24 5.62 -25.59
N SER J 151 -8.34 5.06 -25.09
CA SER J 151 -8.44 3.62 -24.93
C SER J 151 -9.90 3.15 -25.11
N PHE J 152 -10.06 1.87 -25.43
CA PHE J 152 -11.38 1.30 -25.73
C PHE J 152 -11.27 -0.22 -25.87
N ASP J 153 -12.39 -0.90 -25.65
CA ASP J 153 -12.51 -2.28 -26.05
C ASP J 153 -13.97 -2.69 -26.19
N SER J 154 -14.17 -3.90 -26.70
CA SER J 154 -15.48 -4.41 -26.93
C SER J 154 -15.44 -5.88 -26.56
N ARG J 155 -16.12 -6.24 -25.47
CA ARG J 155 -16.08 -7.60 -24.93
C ARG J 155 -17.48 -8.18 -24.85
N ALA J 156 -17.60 -9.45 -24.49
CA ALA J 156 -18.92 -10.07 -24.40
C ALA J 156 -19.84 -9.41 -23.36
N ASN J 157 -19.28 -9.00 -22.22
CA ASN J 157 -20.07 -8.51 -21.09
C ASN J 157 -19.92 -7.00 -20.84
N GLY J 158 -19.22 -6.33 -21.74
CA GLY J 158 -18.98 -4.91 -21.54
C GLY J 158 -18.16 -4.27 -22.63
N SER J 159 -18.15 -2.94 -22.59
CA SER J 159 -17.57 -2.12 -23.64
C SER J 159 -17.29 -0.75 -23.10
N PHE J 160 -16.22 -0.12 -23.57
CA PHE J 160 -15.94 1.26 -23.20
C PHE J 160 -15.07 1.97 -24.22
N TYR J 161 -15.10 3.31 -24.18
CA TYR J 161 -14.05 4.14 -24.76
C TYR J 161 -13.81 5.33 -23.85
N GLU J 162 -12.65 5.93 -23.98
CA GLU J 162 -12.33 7.09 -23.20
C GLU J 162 -11.22 7.85 -23.96
N VAL J 163 -11.48 9.11 -24.27
CA VAL J 163 -10.48 9.99 -24.79
C VAL J 163 -10.24 11.01 -23.70
N ASP J 164 -9.00 11.49 -23.61
CA ASP J 164 -8.68 12.44 -22.56
C ASP J 164 -7.61 13.47 -22.95
N ALA J 165 -7.65 14.59 -22.26
CA ALA J 165 -6.72 15.67 -22.45
C ALA J 165 -6.64 16.41 -21.13
N ILE J 166 -5.42 16.75 -20.73
CA ILE J 166 -5.16 17.55 -19.54
C ILE J 166 -6.07 18.79 -19.50
N SER J 167 -6.17 19.48 -20.63
CA SER J 167 -6.92 20.71 -20.69
C SER J 167 -8.42 20.57 -21.05
N GLY J 168 -8.89 19.34 -21.17
CA GLY J 168 -10.29 19.11 -21.51
C GLY J 168 -11.22 19.73 -20.49
N TRP J 169 -12.29 20.36 -20.98
CA TRP J 169 -13.23 21.06 -20.11
C TRP J 169 -13.91 20.15 -19.06
N TRP J 170 -13.91 18.84 -19.27
CA TRP J 170 -14.52 17.90 -18.32
C TRP J 170 -13.62 17.59 -17.14
N ASN J 171 -12.44 18.22 -17.10
CA ASN J 171 -11.44 17.92 -16.08
C ASN J 171 -11.22 19.03 -15.03
N THR J 172 -12.13 20.01 -14.93
CA THR J 172 -11.89 21.16 -14.05
C THR J 172 -11.79 20.74 -12.59
N GLY J 173 -12.32 19.57 -12.27
CA GLY J 173 -12.42 19.12 -10.89
C GLY J 173 -11.28 18.22 -10.43
N ALA J 174 -10.41 17.83 -11.35
CA ALA J 174 -9.26 16.99 -11.02
C ALA J 174 -8.38 17.60 -9.90
N ALA J 175 -8.13 16.82 -8.86
CA ALA J 175 -7.26 17.22 -7.75
C ALA J 175 -5.82 17.41 -8.22
N THR J 176 -5.33 16.49 -9.04
CA THR J 176 -4.03 16.64 -9.70
C THR J 176 -4.14 16.10 -11.13
N GLU J 177 -3.20 16.51 -11.98
CA GLU J 177 -3.16 16.02 -13.37
C GLU J 177 -2.73 14.53 -13.41
N ALA J 178 -2.82 13.92 -14.58
CA ALA J 178 -2.45 12.51 -14.76
C ALA J 178 -1.02 12.19 -14.32
N ASP J 179 -0.11 13.16 -14.45
CA ASP J 179 1.28 12.98 -13.99
C ASP J 179 1.49 13.38 -12.53
N GLY J 180 0.44 13.76 -11.81
CA GLY J 180 0.57 14.13 -10.41
C GLY J 180 0.93 15.61 -10.18
N SER J 181 1.09 16.37 -11.26
CA SER J 181 1.34 17.81 -11.12
C SER J 181 -0.02 18.51 -10.78
N PRO J 182 0.03 19.74 -10.27
CA PRO J 182 -1.21 20.39 -9.84
C PRO J 182 -2.10 20.85 -10.99
N ASN J 183 -3.40 20.86 -10.73
CA ASN J 183 -4.40 21.42 -11.65
C ASN J 183 -4.27 22.94 -11.66
N ARG J 184 -4.03 23.51 -12.83
CA ARG J 184 -3.76 24.94 -12.92
C ARG J 184 -4.90 25.70 -13.57
N GLY J 185 -5.97 24.98 -13.87
CA GLY J 185 -7.19 25.57 -14.44
C GLY J 185 -7.07 25.95 -15.91
N TYR J 186 -7.85 26.96 -16.30
CA TYR J 186 -7.89 27.48 -17.68
C TYR J 186 -8.40 26.43 -18.66
N LYS J 187 -9.30 25.58 -18.19
CA LYS J 187 -9.85 24.51 -19.00
C LYS J 187 -11.23 24.82 -19.59
N VAL J 188 -12.06 25.55 -18.85
CA VAL J 188 -13.45 25.74 -19.26
C VAL J 188 -13.65 26.49 -20.59
N ARG J 189 -14.52 25.97 -21.47
CA ARG J 189 -14.93 26.70 -22.67
C ARG J 189 -15.96 27.75 -22.28
N HIS J 190 -15.72 29.00 -22.65
CA HIS J 190 -16.68 30.08 -22.35
C HIS J 190 -17.62 30.37 -23.50
N LYS J 191 -18.80 30.89 -23.16
CA LYS J 191 -19.71 31.43 -24.16
C LYS J 191 -19.09 32.70 -24.76
N GLY J 192 -19.29 32.91 -26.06
CA GLY J 192 -18.90 34.18 -26.70
C GLY J 192 -17.60 34.20 -27.50
N GLY J 193 -16.75 33.19 -27.32
CA GLY J 193 -15.48 33.17 -28.04
C GLY J 193 -14.89 31.78 -28.11
N TYR J 194 -14.67 31.29 -29.33
CA TYR J 194 -14.19 29.93 -29.55
C TYR J 194 -12.68 29.82 -29.59
N PHE J 195 -11.99 30.94 -29.80
CA PHE J 195 -10.53 30.92 -30.01
C PHE J 195 -9.72 31.78 -29.04
N PRO J 196 -9.86 31.53 -27.72
CA PRO J 196 -9.17 32.41 -26.76
C PRO J 196 -7.65 32.29 -26.78
N VAL J 197 -6.96 33.33 -26.32
CA VAL J 197 -5.51 33.29 -26.27
C VAL J 197 -5.00 32.44 -25.08
N ALA J 198 -3.71 32.13 -25.09
CA ALA J 198 -3.08 31.46 -23.97
C ALA J 198 -3.27 32.29 -22.70
N PRO J 199 -3.36 31.62 -21.53
CA PRO J 199 -3.25 30.20 -21.28
C PRO J 199 -4.55 29.39 -21.46
N ASN J 200 -5.68 30.02 -21.84
CA ASN J 200 -6.85 29.23 -22.28
C ASN J 200 -6.51 28.33 -23.47
N ASP J 201 -5.70 28.85 -24.39
CA ASP J 201 -5.22 28.08 -25.52
C ASP J 201 -4.01 27.30 -25.02
N GLN J 202 -4.17 26.00 -24.87
CA GLN J 202 -3.12 25.19 -24.31
C GLN J 202 -2.32 24.40 -25.33
N TYR J 203 -2.55 24.67 -26.62
CA TYR J 203 -1.85 23.95 -27.68
C TYR J 203 -1.08 24.83 -28.64
N VAL J 204 -0.78 26.07 -28.23
CA VAL J 204 -0.14 27.04 -29.14
C VAL J 204 1.15 26.50 -29.77
N ASP J 205 2.09 26.03 -28.94
CA ASP J 205 3.40 25.59 -29.46
C ASP J 205 3.33 24.36 -30.35
N LEU J 206 2.48 23.41 -29.96
CA LEU J 206 2.25 22.23 -30.77
C LEU J 206 1.66 22.58 -32.14
N ARG J 207 0.63 23.43 -32.17
CA ARG J 207 0.02 23.83 -33.43
C ARG J 207 1.04 24.51 -34.33
N ASP J 208 1.86 25.39 -33.76
CA ASP J 208 2.91 26.06 -34.51
C ASP J 208 3.89 25.04 -35.10
N LYS J 209 4.19 23.98 -34.33
CA LYS J 209 5.06 22.90 -34.83
C LYS J 209 4.45 22.24 -36.05
N MET J 210 3.14 21.99 -35.98
CA MET J 210 2.42 21.44 -37.11
C MET J 210 2.51 22.40 -38.33
N LEU J 211 2.28 23.70 -38.07
CA LEU J 211 2.29 24.71 -39.12
C LEU J 211 3.67 24.70 -39.79
N THR J 212 4.72 24.74 -38.95
CA THR J 212 6.09 24.77 -39.45
C THR J 212 6.38 23.53 -40.29
N ASN J 213 5.92 22.37 -39.85
CA ASN J 213 6.16 21.16 -40.62
C ASN J 213 5.44 21.17 -41.95
N LEU J 214 4.23 21.73 -41.99
CA LEU J 214 3.48 21.85 -43.26
C LEU J 214 4.21 22.75 -44.26
N ILE J 215 4.63 23.93 -43.80
CA ILE J 215 5.40 24.84 -44.63
C ILE J 215 6.70 24.21 -45.13
N ASN J 216 7.43 23.51 -44.26
CA ASN J 216 8.67 22.84 -44.68
C ASN J 216 8.39 21.70 -45.65
N SER J 217 7.15 21.22 -45.66
CA SER J 217 6.76 20.12 -46.53
C SER J 217 6.14 20.55 -47.84
N GLY J 218 6.26 21.84 -48.18
CA GLY J 218 5.79 22.32 -49.48
C GLY J 218 4.35 22.82 -49.54
N PHE J 219 3.66 22.85 -48.40
CA PHE J 219 2.33 23.44 -48.34
C PHE J 219 2.44 24.96 -48.52
N ILE J 220 1.55 25.54 -49.31
CA ILE J 220 1.62 26.95 -49.56
C ILE J 220 0.55 27.65 -48.74
N LEU J 221 0.99 28.55 -47.87
CA LEU J 221 0.08 29.30 -47.01
C LEU J 221 0.26 30.75 -47.37
N GLU J 222 -0.79 31.34 -47.94
CA GLU J 222 -0.77 32.75 -48.32
C GLU J 222 -2.03 33.45 -47.80
N LYS J 223 -2.49 34.48 -48.53
CA LYS J 223 -3.69 35.22 -48.17
C LYS J 223 -4.87 34.26 -47.93
N GLY J 224 -5.53 34.41 -46.78
CA GLY J 224 -6.68 33.59 -46.42
C GLY J 224 -6.39 32.23 -45.78
N HIS J 225 -5.11 31.95 -45.54
CA HIS J 225 -4.70 30.68 -44.94
C HIS J 225 -4.25 30.90 -43.50
N HIS J 226 -4.74 30.06 -42.59
CA HIS J 226 -4.48 30.30 -41.17
C HIS J 226 -4.39 29.03 -40.33
N GLU J 227 -3.84 29.20 -39.14
CA GLU J 227 -3.81 28.18 -38.13
C GLU J 227 -4.81 28.60 -37.05
N VAL J 228 -5.75 27.71 -36.76
CA VAL J 228 -6.80 28.00 -35.76
C VAL J 228 -6.94 26.88 -34.75
N GLY J 229 -7.21 27.26 -33.50
CA GLY J 229 -7.43 26.29 -32.44
C GLY J 229 -8.58 26.67 -31.52
N SER J 230 -9.32 25.66 -31.06
CA SER J 230 -10.43 25.85 -30.13
C SER J 230 -10.48 24.66 -29.18
N GLY J 231 -10.13 24.88 -27.91
CA GLY J 231 -9.87 23.78 -26.95
C GLY J 231 -8.88 22.82 -27.57
N GLY J 232 -9.21 21.53 -27.58
CA GLY J 232 -8.37 20.55 -28.26
C GLY J 232 -8.53 20.41 -29.77
N GLN J 233 -9.47 21.16 -30.35
CA GLN J 233 -9.69 21.11 -31.80
C GLN J 233 -8.81 22.11 -32.57
N ALA J 234 -8.42 21.74 -33.80
CA ALA J 234 -7.59 22.61 -34.60
C ALA J 234 -7.79 22.42 -36.08
N GLU J 235 -7.34 23.41 -36.86
CA GLU J 235 -7.40 23.36 -38.31
C GLU J 235 -6.30 24.25 -38.90
N ILE J 236 -5.63 23.74 -39.93
CA ILE J 236 -4.70 24.56 -40.69
C ILE J 236 -5.04 24.37 -42.18
N ASN J 237 -5.50 25.43 -42.80
CA ASN J 237 -5.82 25.36 -44.23
C ASN J 237 -4.68 25.91 -45.08
N TYR J 238 -4.70 25.57 -46.36
CA TYR J 238 -3.57 25.78 -47.24
C TYR J 238 -4.09 25.84 -48.68
N GLN J 239 -3.24 26.28 -49.60
CA GLN J 239 -3.64 26.52 -50.97
C GLN J 239 -4.16 25.24 -51.63
N PHE J 240 -5.26 25.40 -52.36
CA PHE J 240 -5.90 24.32 -53.13
C PHE J 240 -4.94 23.76 -54.19
N ASN J 241 -5.42 22.77 -54.93
CA ASN J 241 -4.62 22.09 -55.95
C ASN J 241 -5.57 21.40 -56.95
N SER J 242 -5.04 20.91 -58.07
CA SER J 242 -5.84 20.11 -59.00
C SER J 242 -6.22 18.78 -58.32
N LEU J 243 -7.35 18.20 -58.72
CA LEU J 243 -7.98 17.09 -57.98
C LEU J 243 -7.01 16.04 -57.38
N LEU J 244 -6.31 15.27 -58.21
CA LEU J 244 -5.46 14.19 -57.70
C LEU J 244 -4.46 14.72 -56.64
N HIS J 245 -3.74 15.79 -56.99
CA HIS J 245 -2.70 16.31 -56.10
C HIS J 245 -3.26 17.01 -54.86
N ALA J 246 -4.50 17.46 -54.93
CA ALA J 246 -5.20 18.00 -53.76
C ALA J 246 -5.44 16.87 -52.76
N ALA J 247 -5.76 15.68 -53.27
CA ALA J 247 -6.00 14.53 -52.41
C ALA J 247 -4.66 14.06 -51.82
N ASP J 248 -3.62 14.04 -52.65
CA ASP J 248 -2.28 13.74 -52.16
C ASP J 248 -1.93 14.69 -51.00
N ASP J 249 -2.22 15.99 -51.20
CA ASP J 249 -1.99 17.00 -50.17
C ASP J 249 -2.74 16.70 -48.86
N MET J 250 -3.97 16.20 -48.98
CA MET J 250 -4.77 15.87 -47.81
C MET J 250 -4.14 14.70 -47.05
N GLN J 251 -3.72 13.67 -47.77
CA GLN J 251 -3.08 12.54 -47.13
C GLN J 251 -1.81 12.99 -46.38
N LEU J 252 -1.04 13.87 -47.01
CA LEU J 252 0.21 14.37 -46.42
C LEU J 252 -0.08 15.29 -45.23
N TYR J 253 -1.16 16.04 -45.32
CA TYR J 253 -1.58 16.88 -44.22
C TYR J 253 -1.86 16.03 -43.00
N LYS J 254 -2.68 15.00 -43.18
CA LYS J 254 -3.05 14.16 -42.04
C LYS J 254 -1.80 13.48 -41.50
N TYR J 255 -0.94 13.02 -42.40
CA TYR J 255 0.30 12.37 -42.02
C TYR J 255 1.16 13.32 -41.18
N ILE J 256 1.22 14.58 -41.56
CA ILE J 256 2.05 15.51 -40.82
C ILE J 256 1.45 15.90 -39.47
N ILE J 257 0.13 16.08 -39.45
CA ILE J 257 -0.55 16.45 -38.21
C ILE J 257 -0.42 15.29 -37.22
N LYS J 258 -0.69 14.08 -37.68
CA LYS J 258 -0.72 12.93 -36.74
C LYS J 258 0.67 12.71 -36.12
N ASN J 259 1.71 12.79 -36.95
CA ASN J 259 3.05 12.50 -36.49
C ASN J 259 3.75 13.65 -35.77
N THR J 260 3.39 14.90 -36.07
CA THR J 260 3.83 16.01 -35.22
C THR J 260 3.31 15.79 -33.80
N ALA J 261 2.03 15.46 -33.68
CA ALA J 261 1.43 15.15 -32.37
C ALA J 261 2.15 13.97 -31.71
N TRP J 262 2.35 12.92 -32.48
CA TRP J 262 2.94 11.70 -31.95
C TRP J 262 4.32 11.97 -31.38
N GLN J 263 5.14 12.70 -32.12
CA GLN J 263 6.49 13.02 -31.64
C GLN J 263 6.51 13.91 -30.41
N ASN J 264 5.41 14.62 -30.17
CA ASN J 264 5.33 15.48 -28.98
C ASN J 264 4.44 14.94 -27.88
N GLY J 265 4.34 13.61 -27.82
CA GLY J 265 3.70 12.95 -26.70
C GLY J 265 2.18 13.05 -26.71
N LYS J 266 1.61 13.37 -27.87
CA LYS J 266 0.17 13.50 -28.02
C LYS J 266 -0.37 12.48 -29.03
N THR J 267 -1.68 12.50 -29.25
CA THR J 267 -2.34 11.61 -30.19
C THR J 267 -3.55 12.31 -30.84
N VAL J 268 -3.60 12.29 -32.16
CA VAL J 268 -4.56 13.07 -32.91
C VAL J 268 -5.60 12.15 -33.51
N THR J 269 -6.85 12.61 -33.57
CA THR J 269 -7.84 11.88 -34.36
C THR J 269 -8.56 12.79 -35.34
N PHE J 270 -8.74 12.29 -36.57
CA PHE J 270 -9.56 12.97 -37.57
C PHE J 270 -11.02 12.43 -37.59
N MET J 271 -11.40 11.64 -36.58
CA MET J 271 -12.72 11.03 -36.64
C MET J 271 -13.76 12.12 -36.53
N PRO J 272 -14.90 11.97 -37.23
CA PRO J 272 -15.89 13.03 -37.30
C PRO J 272 -16.43 13.47 -35.95
N LYS J 273 -16.56 12.56 -35.00
CA LYS J 273 -17.23 12.90 -33.75
C LYS J 273 -16.66 12.09 -32.58
N PRO J 274 -15.48 12.51 -32.05
CA PRO J 274 -14.89 11.85 -30.90
C PRO J 274 -15.51 12.32 -29.56
N LEU J 275 -16.04 13.55 -29.53
CA LEU J 275 -16.62 14.10 -28.30
C LEU J 275 -18.13 14.30 -28.36
N PHE J 276 -18.83 13.77 -27.37
CA PHE J 276 -20.26 13.97 -27.32
C PHE J 276 -20.54 15.33 -26.70
N GLY J 277 -21.35 16.13 -27.38
CA GLY J 277 -21.74 17.47 -26.89
C GLY J 277 -20.62 18.47 -27.06
N ASP J 278 -19.82 18.28 -28.11
CA ASP J 278 -18.80 19.23 -28.52
C ASP J 278 -18.74 19.17 -30.05
N ASN J 279 -18.09 20.14 -30.67
CA ASN J 279 -18.05 20.25 -32.13
C ASN J 279 -17.47 18.99 -32.77
N GLY J 280 -18.12 18.52 -33.84
CA GLY J 280 -17.56 17.47 -34.67
C GLY J 280 -16.47 18.03 -35.58
N SER J 281 -15.80 17.15 -36.31
CA SER J 281 -14.74 17.55 -37.21
C SER J 281 -15.11 17.36 -38.67
N GLY J 282 -15.21 18.47 -39.40
CA GLY J 282 -15.60 18.45 -40.80
C GLY J 282 -14.50 18.75 -41.78
N MET J 283 -14.78 18.54 -43.06
CA MET J 283 -13.87 18.88 -44.13
C MET J 283 -14.67 19.65 -45.18
N HIS J 284 -14.55 20.97 -45.18
CA HIS J 284 -15.21 21.78 -46.20
C HIS J 284 -14.45 21.69 -47.51
N CYS J 285 -15.15 21.35 -48.58
CA CYS J 285 -14.49 21.16 -49.87
C CYS J 285 -14.87 22.21 -50.95
N HIS J 286 -13.91 23.08 -51.24
CA HIS J 286 -14.05 24.10 -52.28
C HIS J 286 -13.75 23.47 -53.63
N GLN J 287 -14.53 23.84 -54.65
CA GLN J 287 -14.43 23.24 -55.98
C GLN J 287 -14.64 24.29 -57.05
N SER J 288 -13.89 24.17 -58.14
CA SER J 288 -14.15 24.94 -59.35
C SER J 288 -13.56 24.25 -60.58
N LEU J 289 -14.17 24.53 -61.74
CA LEU J 289 -13.68 24.02 -63.01
C LEU J 289 -13.05 25.14 -63.81
N TRP J 290 -11.99 24.81 -64.53
CA TRP J 290 -11.24 25.75 -65.35
C TRP J 290 -10.95 25.18 -66.72
N LYS J 291 -10.94 26.08 -67.72
CA LYS J 291 -10.57 25.70 -69.09
C LYS J 291 -9.65 26.75 -69.76
N ASP J 292 -8.59 26.23 -70.38
CA ASP J 292 -7.57 27.04 -71.07
C ASP J 292 -7.13 28.22 -70.20
N GLY J 293 -6.82 27.94 -68.93
CA GLY J 293 -6.35 28.96 -67.99
C GLY J 293 -7.39 29.98 -67.55
N ALA J 294 -8.65 29.74 -67.92
CA ALA J 294 -9.74 30.65 -67.56
C ALA J 294 -10.82 29.97 -66.69
N PRO J 295 -11.39 30.72 -65.71
CA PRO J 295 -12.42 30.17 -64.83
C PRO J 295 -13.74 29.94 -65.58
N LEU J 296 -14.54 28.99 -65.10
CA LEU J 296 -15.81 28.69 -65.72
C LEU J 296 -17.01 28.90 -64.80
N MET J 297 -16.78 29.34 -63.57
CA MET J 297 -17.86 29.35 -62.58
C MET J 297 -18.55 30.70 -62.48
N TYR J 298 -17.95 31.73 -63.07
CA TYR J 298 -18.45 33.09 -62.88
C TYR J 298 -19.41 33.58 -63.97
N ASP J 299 -20.38 34.40 -63.54
CA ASP J 299 -21.29 35.15 -64.41
C ASP J 299 -21.96 36.25 -63.58
N GLU J 300 -21.74 37.51 -63.95
CA GLU J 300 -22.25 38.65 -63.18
C GLU J 300 -23.76 38.57 -63.06
N THR J 301 -24.38 38.04 -64.12
CA THR J 301 -25.83 38.05 -64.29
C THR J 301 -26.57 36.95 -63.48
N GLY J 302 -25.89 35.82 -63.23
CA GLY J 302 -26.47 34.71 -62.47
C GLY J 302 -26.51 34.97 -60.96
N TYR J 303 -27.37 34.23 -60.26
CA TYR J 303 -27.50 34.36 -58.81
C TYR J 303 -26.17 34.04 -58.13
N ALA J 304 -25.75 34.90 -57.19
CA ALA J 304 -24.46 34.75 -56.48
C ALA J 304 -23.24 34.64 -57.43
N GLY J 305 -23.34 35.25 -58.61
CA GLY J 305 -22.24 35.27 -59.58
C GLY J 305 -21.97 33.93 -60.26
N LEU J 306 -22.98 33.07 -60.33
CA LEU J 306 -22.77 31.71 -60.80
C LEU J 306 -23.19 31.49 -62.25
N SER J 307 -22.28 30.92 -63.02
CA SER J 307 -22.58 30.60 -64.41
C SER J 307 -23.54 29.40 -64.53
N ASP J 308 -23.96 29.12 -65.76
CA ASP J 308 -24.82 27.98 -66.05
C ASP J 308 -24.12 26.69 -65.71
N THR J 309 -22.82 26.67 -65.96
CA THR J 309 -22.00 25.49 -65.67
C THR J 309 -21.91 25.26 -64.16
N ALA J 310 -21.78 26.35 -63.41
CA ALA J 310 -21.71 26.29 -61.96
C ALA J 310 -23.02 25.74 -61.43
N ARG J 311 -24.12 26.37 -61.85
CA ARG J 311 -25.47 26.04 -61.32
C ARG J 311 -25.80 24.57 -61.58
N HIS J 312 -25.48 24.09 -62.77
CA HIS J 312 -25.67 22.68 -63.13
C HIS J 312 -24.78 21.68 -62.35
N TYR J 313 -23.53 22.10 -62.05
CA TYR J 313 -22.62 21.38 -61.15
C TYR J 313 -23.26 21.22 -59.77
N ILE J 314 -23.78 22.33 -59.22
CA ILE J 314 -24.53 22.31 -57.95
C ILE J 314 -25.71 21.33 -58.07
N GLY J 315 -26.41 21.42 -59.19
CA GLY J 315 -27.57 20.55 -59.43
C GLY J 315 -27.20 19.10 -59.27
N GLY J 316 -26.06 18.73 -59.85
CA GLY J 316 -25.49 17.37 -59.72
C GLY J 316 -25.11 16.97 -58.30
N LEU J 317 -24.54 17.92 -57.55
CA LEU J 317 -24.15 17.68 -56.16
C LEU J 317 -25.39 17.39 -55.32
N LEU J 318 -26.40 18.24 -55.47
CA LEU J 318 -27.59 18.14 -54.62
C LEU J 318 -28.40 16.91 -55.02
N HIS J 319 -28.42 16.60 -56.31
CA HIS J 319 -29.23 15.49 -56.77
C HIS J 319 -28.59 14.18 -56.35
N HIS J 320 -27.25 14.09 -56.49
CA HIS J 320 -26.53 12.87 -56.09
C HIS J 320 -26.07 12.77 -54.62
N ALA J 321 -26.29 13.84 -53.84
CA ALA J 321 -25.86 13.90 -52.44
C ALA J 321 -26.12 12.61 -51.66
N PRO J 322 -27.35 12.07 -51.69
CA PRO J 322 -27.61 10.89 -50.86
C PRO J 322 -26.66 9.74 -51.16
N SER J 323 -26.22 9.57 -52.39
CA SER J 323 -25.26 8.50 -52.71
C SER J 323 -23.81 8.97 -52.58
N LEU J 324 -23.60 10.26 -52.81
CA LEU J 324 -22.31 10.92 -52.73
C LEU J 324 -21.71 10.79 -51.34
N LEU J 325 -22.55 10.93 -50.31
CA LEU J 325 -22.08 10.78 -48.91
C LEU J 325 -21.41 9.43 -48.63
N ALA J 326 -21.62 8.42 -49.47
CA ALA J 326 -20.99 7.12 -49.28
C ALA J 326 -19.47 7.25 -49.38
N PHE J 327 -19.04 8.35 -49.98
CA PHE J 327 -17.62 8.60 -50.16
C PHE J 327 -17.17 9.81 -49.36
N THR J 328 -18.02 10.83 -49.25
CA THR J 328 -17.60 12.03 -48.53
C THR J 328 -17.85 11.91 -47.05
N ASN J 329 -18.74 11.01 -46.67
CA ASN J 329 -19.03 10.77 -45.25
C ASN J 329 -19.16 9.26 -44.98
N PRO J 330 -18.05 8.52 -45.18
CA PRO J 330 -18.10 7.09 -45.37
C PRO J 330 -18.13 6.20 -44.11
N THR J 331 -18.30 6.77 -42.93
CA THR J 331 -18.25 5.96 -41.70
C THR J 331 -19.50 6.08 -40.84
N VAL J 332 -19.72 5.10 -39.98
CA VAL J 332 -20.87 5.15 -39.08
C VAL J 332 -20.76 6.41 -38.21
N ASN J 333 -19.56 6.67 -37.69
CA ASN J 333 -19.32 7.86 -36.87
C ASN J 333 -19.61 9.20 -37.61
N SER J 334 -19.51 9.22 -38.94
CA SER J 334 -19.85 10.43 -39.71
C SER J 334 -21.24 10.98 -39.33
N TYR J 335 -22.19 10.07 -39.09
CA TYR J 335 -23.59 10.42 -38.92
C TYR J 335 -23.92 10.87 -37.50
N LYS J 336 -22.92 10.85 -36.62
CA LYS J 336 -22.99 11.51 -35.32
C LYS J 336 -22.69 13.02 -35.44
N ARG J 337 -22.10 13.41 -36.56
CA ARG J 337 -21.88 14.82 -36.85
C ARG J 337 -23.05 15.35 -37.67
N LEU J 338 -23.43 14.62 -38.70
CA LEU J 338 -24.52 15.01 -39.59
C LEU J 338 -25.87 14.68 -38.93
N VAL J 339 -26.12 15.35 -37.81
CA VAL J 339 -27.28 15.02 -36.98
C VAL J 339 -28.49 15.96 -37.17
N PRO J 340 -29.68 15.36 -37.46
CA PRO J 340 -30.99 15.98 -37.82
C PRO J 340 -31.52 17.20 -37.05
N GLY J 341 -30.83 17.69 -36.02
CA GLY J 341 -31.37 18.85 -35.28
C GLY J 341 -30.46 20.00 -34.85
N TYR J 342 -29.50 20.40 -35.70
CA TYR J 342 -28.49 21.39 -35.27
C TYR J 342 -28.13 22.41 -36.37
N GLU J 343 -26.87 22.85 -36.37
CA GLU J 343 -26.26 23.67 -37.43
C GLU J 343 -25.81 22.79 -38.61
N ALA J 344 -26.01 21.49 -38.46
CA ALA J 344 -25.54 20.44 -39.36
C ALA J 344 -25.75 20.75 -40.85
N PRO J 345 -24.66 20.77 -41.65
CA PRO J 345 -24.76 20.89 -43.10
C PRO J 345 -25.44 19.68 -43.74
N ILE J 346 -26.74 19.52 -43.49
CA ILE J 346 -27.52 18.37 -43.96
C ILE J 346 -28.67 18.76 -44.92
N ASN J 347 -28.90 20.07 -45.06
CA ASN J 347 -29.97 20.59 -45.92
C ASN J 347 -29.57 20.65 -47.39
N LEU J 348 -30.28 19.88 -48.22
CA LEU J 348 -29.96 19.74 -49.64
C LEU J 348 -30.32 20.97 -50.49
N VAL J 349 -29.80 22.14 -50.08
CA VAL J 349 -29.98 23.38 -50.83
C VAL J 349 -28.62 24.04 -51.01
N TYR J 350 -28.52 24.99 -51.94
CA TYR J 350 -27.35 25.87 -51.93
C TYR J 350 -27.72 27.26 -51.43
N SER J 351 -26.74 27.96 -50.88
CA SER J 351 -26.98 29.23 -50.22
C SER J 351 -25.70 30.06 -50.19
N GLN J 352 -25.84 31.33 -49.77
CA GLN J 352 -24.74 32.28 -49.73
C GLN J 352 -24.50 32.74 -48.29
N ARG J 353 -25.53 32.61 -47.46
CA ARG J 353 -25.49 33.08 -46.06
C ARG J 353 -25.77 31.98 -45.06
N ASN J 354 -26.53 30.98 -45.50
CA ASN J 354 -26.96 29.89 -44.62
C ASN J 354 -25.85 28.86 -44.36
N ARG J 355 -25.27 28.94 -43.16
CA ARG J 355 -24.22 28.02 -42.73
C ARG J 355 -24.85 26.70 -42.26
N SER J 356 -25.71 26.14 -43.10
CA SER J 356 -26.53 24.99 -42.75
C SER J 356 -26.93 24.23 -44.02
N ALA J 357 -26.46 24.76 -45.16
CA ALA J 357 -26.71 24.16 -46.46
C ALA J 357 -25.50 23.34 -46.91
N CYS J 358 -25.78 22.24 -47.59
CA CYS J 358 -24.74 21.37 -48.18
C CYS J 358 -23.73 22.13 -49.01
N VAL J 359 -24.24 22.99 -49.89
CA VAL J 359 -23.41 23.76 -50.79
C VAL J 359 -23.50 25.22 -50.39
N ARG J 360 -22.36 25.82 -50.07
CA ARG J 360 -22.30 27.25 -49.83
C ARG J 360 -21.48 27.92 -50.92
N ILE J 361 -21.89 29.14 -51.27
CA ILE J 361 -21.14 29.94 -52.24
C ILE J 361 -20.42 31.04 -51.47
N PRO J 362 -19.10 30.88 -51.24
CA PRO J 362 -18.37 31.91 -50.48
C PRO J 362 -18.45 33.26 -51.19
N ILE J 363 -18.61 34.34 -50.43
CA ILE J 363 -18.73 35.64 -51.07
C ILE J 363 -17.35 36.18 -51.47
N THR J 364 -17.20 36.34 -52.77
CA THR J 364 -15.91 36.63 -53.39
C THR J 364 -15.98 37.89 -54.28
N GLY J 365 -17.12 38.60 -54.21
CA GLY J 365 -17.35 39.81 -55.01
C GLY J 365 -17.38 39.55 -56.52
N SER J 366 -16.76 40.45 -57.28
CA SER J 366 -16.81 40.39 -58.75
C SER J 366 -15.53 39.84 -59.41
N ASN J 367 -14.54 39.43 -58.60
CA ASN J 367 -13.36 38.74 -59.13
C ASN J 367 -13.77 37.35 -59.66
N PRO J 368 -13.71 37.18 -61.00
CA PRO J 368 -14.19 35.91 -61.61
C PRO J 368 -13.38 34.68 -61.21
N LYS J 369 -12.09 34.86 -60.96
CA LYS J 369 -11.18 33.76 -60.63
C LYS J 369 -11.54 33.08 -59.31
N ALA J 370 -12.00 33.87 -58.34
CA ALA J 370 -12.28 33.39 -57.00
C ALA J 370 -13.62 32.62 -56.87
N LYS J 371 -14.46 32.71 -57.90
CA LYS J 371 -15.79 32.09 -57.84
C LYS J 371 -15.69 30.56 -57.79
N ARG J 372 -16.37 29.98 -56.79
CA ARG J 372 -16.33 28.55 -56.51
C ARG J 372 -17.51 28.09 -55.64
N LEU J 373 -17.67 26.78 -55.50
CA LEU J 373 -18.67 26.25 -54.58
C LEU J 373 -18.02 25.41 -53.49
N GLU J 374 -18.52 25.59 -52.27
CA GLU J 374 -18.03 24.88 -51.09
C GLU J 374 -19.03 23.79 -50.67
N PHE J 375 -18.65 22.53 -50.81
CA PHE J 375 -19.47 21.43 -50.30
C PHE J 375 -19.08 21.20 -48.83
N ARG J 376 -20.01 21.46 -47.92
CA ARG J 376 -19.75 21.50 -46.45
C ARG J 376 -20.00 20.21 -45.66
N SER J 377 -20.68 19.25 -46.28
CA SER J 377 -21.04 17.99 -45.62
C SER J 377 -19.87 17.05 -45.29
N PRO J 378 -18.85 16.99 -46.16
CA PRO J 378 -17.82 15.98 -45.97
C PRO J 378 -17.09 16.06 -44.64
N ASP J 379 -16.44 14.96 -44.29
CA ASP J 379 -15.54 14.91 -43.15
C ASP J 379 -14.25 14.23 -43.58
N SER J 380 -13.29 14.10 -42.66
CA SER J 380 -11.97 13.54 -42.99
C SER J 380 -11.87 12.05 -42.74
N SER J 381 -13.00 11.36 -42.60
CA SER J 381 -12.95 9.97 -42.18
C SER J 381 -12.72 8.95 -43.28
N GLY J 382 -12.56 9.38 -44.52
CA GLY J 382 -12.47 8.40 -45.59
C GLY J 382 -11.28 8.52 -46.52
N ASN J 383 -11.59 8.71 -47.80
CA ASN J 383 -10.57 8.61 -48.82
C ASN J 383 -10.72 9.82 -49.70
N PRO J 384 -9.76 10.77 -49.61
CA PRO J 384 -9.91 12.02 -50.36
C PRO J 384 -9.84 11.79 -51.87
N TYR J 385 -9.03 10.83 -52.32
CA TYR J 385 -9.02 10.47 -53.74
C TYR J 385 -10.42 10.09 -54.19
N LEU J 386 -11.11 9.21 -53.45
CA LEU J 386 -12.46 8.79 -53.85
C LEU J 386 -13.46 9.92 -53.66
N ALA J 387 -13.33 10.66 -52.57
CA ALA J 387 -14.32 11.68 -52.27
C ALA J 387 -14.28 12.79 -53.30
N PHE J 388 -13.08 13.27 -53.62
CA PHE J 388 -12.94 14.35 -54.62
C PHE J 388 -13.45 13.87 -56.00
N SER J 389 -13.00 12.69 -56.42
CA SER J 389 -13.47 12.08 -57.65
C SER J 389 -14.98 11.98 -57.68
N ALA J 390 -15.58 11.47 -56.60
CA ALA J 390 -17.04 11.30 -56.56
C ALA J 390 -17.75 12.62 -56.67
N MET J 391 -17.24 13.64 -55.99
CA MET J 391 -17.79 14.99 -56.08
C MET J 391 -17.73 15.53 -57.53
N LEU J 392 -16.60 15.28 -58.20
CA LEU J 392 -16.46 15.78 -59.58
C LEU J 392 -17.49 15.12 -60.49
N MET J 393 -17.57 13.78 -60.42
CA MET J 393 -18.52 13.02 -61.22
C MET J 393 -19.98 13.46 -60.99
N ALA J 394 -20.34 13.79 -59.76
CA ALA J 394 -21.69 14.33 -59.49
C ALA J 394 -21.87 15.63 -60.26
N GLY J 395 -20.90 16.55 -60.12
CA GLY J 395 -20.91 17.84 -60.83
C GLY J 395 -20.99 17.70 -62.35
N LEU J 396 -20.18 16.80 -62.90
CA LEU J 396 -20.17 16.55 -64.35
C LEU J 396 -21.48 15.92 -64.90
N ASP J 397 -22.07 14.98 -64.16
CA ASP J 397 -23.40 14.46 -64.51
C ASP J 397 -24.41 15.60 -64.43
N GLY J 398 -24.23 16.52 -63.47
CA GLY J 398 -25.11 17.69 -63.36
C GLY J 398 -25.03 18.60 -64.58
N ILE J 399 -23.81 18.75 -65.12
CA ILE J 399 -23.61 19.59 -66.30
C ILE J 399 -24.18 18.88 -67.55
N LYS J 400 -23.76 17.63 -67.78
CA LYS J 400 -24.22 16.87 -68.94
C LYS J 400 -25.73 16.76 -69.06
N ASN J 401 -26.44 16.61 -67.95
CA ASN J 401 -27.90 16.53 -67.94
C ASN J 401 -28.58 17.82 -67.49
N LYS J 402 -27.82 18.92 -67.50
CA LYS J 402 -28.34 20.26 -67.16
C LYS J 402 -29.33 20.22 -65.99
N ILE J 403 -28.96 19.50 -64.94
CA ILE J 403 -29.82 19.37 -63.76
C ILE J 403 -29.99 20.72 -63.07
N GLU J 404 -31.24 21.10 -62.84
CA GLU J 404 -31.55 22.34 -62.16
C GLU J 404 -31.75 22.10 -60.68
N PRO J 405 -30.97 22.80 -59.83
CA PRO J 405 -31.14 22.72 -58.39
C PRO J 405 -32.37 23.47 -57.93
N GLN J 406 -32.90 23.11 -56.76
CA GLN J 406 -33.95 23.89 -56.10
C GLN J 406 -33.51 25.34 -55.96
N ALA J 407 -34.50 26.23 -55.84
CA ALA J 407 -34.24 27.64 -55.52
C ALA J 407 -33.38 27.72 -54.25
N PRO J 408 -32.32 28.56 -54.31
CA PRO J 408 -31.46 28.83 -53.14
C PRO J 408 -32.22 29.42 -51.95
N VAL J 409 -31.69 29.20 -50.75
CA VAL J 409 -32.32 29.68 -49.50
C VAL J 409 -31.32 30.52 -48.70
N ASP J 410 -31.61 31.82 -48.59
CA ASP J 410 -30.72 32.77 -47.88
C ASP J 410 -31.14 33.07 -46.43
N LYS J 411 -32.40 32.73 -46.11
CA LYS J 411 -32.91 32.83 -44.73
C LYS J 411 -32.74 31.51 -43.98
N ASP J 412 -32.63 31.59 -42.65
CA ASP J 412 -32.37 30.42 -41.79
C ASP J 412 -33.40 29.30 -41.92
N ALA J 421 -39.88 24.51 -44.15
CA ALA J 421 -39.65 23.75 -42.92
C ALA J 421 -39.54 22.24 -43.23
N ALA J 422 -40.68 21.59 -43.46
CA ALA J 422 -40.73 20.23 -44.00
C ALA J 422 -40.50 20.28 -45.51
N SER J 423 -40.35 21.51 -46.01
CA SER J 423 -40.15 21.80 -47.42
C SER J 423 -38.76 21.36 -47.93
N ILE J 424 -37.74 21.53 -47.09
CA ILE J 424 -36.34 21.30 -47.47
C ILE J 424 -35.89 19.84 -47.24
N PRO J 425 -35.42 19.16 -48.32
CA PRO J 425 -34.95 17.76 -48.21
C PRO J 425 -33.63 17.63 -47.43
N GLN J 426 -33.48 16.49 -46.76
CA GLN J 426 -32.32 16.23 -45.90
C GLN J 426 -31.41 15.16 -46.52
N THR J 427 -30.15 15.16 -46.10
CA THR J 427 -29.26 14.03 -46.36
C THR J 427 -29.73 12.88 -45.47
N PRO J 428 -29.55 11.62 -45.93
CA PRO J 428 -29.90 10.51 -45.04
C PRO J 428 -29.09 10.59 -43.75
N THR J 429 -29.59 9.95 -42.70
CA THR J 429 -29.04 10.14 -41.36
C THR J 429 -28.20 8.96 -40.84
N GLN J 430 -28.07 7.91 -41.64
CA GLN J 430 -27.33 6.72 -41.25
C GLN J 430 -26.45 6.26 -42.39
N LEU J 431 -25.30 5.69 -42.10
CA LEU J 431 -24.44 5.14 -43.14
C LEU J 431 -25.16 4.07 -43.99
N SER J 432 -25.97 3.23 -43.34
CA SER J 432 -26.65 2.14 -44.05
C SER J 432 -27.61 2.68 -45.11
N ASP J 433 -28.29 3.78 -44.76
CA ASP J 433 -29.13 4.48 -45.74
C ASP J 433 -28.35 4.97 -46.95
N VAL J 434 -27.21 5.65 -46.71
CA VAL J 434 -26.45 6.21 -47.84
C VAL J 434 -25.85 5.10 -48.67
N ILE J 435 -25.49 3.98 -48.02
CA ILE J 435 -24.98 2.84 -48.78
C ILE J 435 -26.08 2.28 -49.66
N ASP J 436 -27.31 2.23 -49.13
CA ASP J 436 -28.47 1.83 -49.94
C ASP J 436 -28.63 2.72 -51.15
N ARG J 437 -28.56 4.04 -50.93
CA ARG J 437 -28.69 5.02 -52.01
C ARG J 437 -27.58 4.90 -53.04
N LEU J 438 -26.36 4.62 -52.61
CA LEU J 438 -25.27 4.40 -53.53
C LEU J 438 -25.54 3.16 -54.40
N GLU J 439 -26.02 2.08 -53.77
CA GLU J 439 -26.37 0.86 -54.49
C GLU J 439 -27.43 1.14 -55.57
N ALA J 440 -28.39 2.00 -55.23
CA ALA J 440 -29.49 2.33 -56.12
C ALA J 440 -29.14 3.31 -57.24
N ASP J 441 -28.08 4.10 -57.05
CA ASP J 441 -27.79 5.22 -57.95
C ASP J 441 -26.29 5.52 -58.05
N HIS J 442 -25.57 4.71 -58.81
CA HIS J 442 -24.13 4.91 -58.99
C HIS J 442 -23.72 5.00 -60.45
N GLU J 443 -24.71 5.14 -61.31
CA GLU J 443 -24.51 5.30 -62.74
C GLU J 443 -23.52 6.44 -63.05
N TYR J 444 -23.74 7.61 -62.43
CA TYR J 444 -22.89 8.79 -62.65
C TYR J 444 -21.40 8.55 -62.34
N LEU J 445 -21.12 7.63 -61.43
CA LEU J 445 -19.74 7.39 -61.03
C LEU J 445 -19.00 6.53 -62.05
N THR J 446 -19.77 5.77 -62.84
CA THR J 446 -19.19 4.82 -63.81
C THR J 446 -18.97 5.44 -65.20
N GLU J 447 -19.51 6.64 -65.41
CA GLU J 447 -19.24 7.39 -66.64
C GLU J 447 -17.73 7.42 -66.94
N GLY J 448 -17.36 7.14 -68.17
CA GLY J 448 -15.96 7.15 -68.58
C GLY J 448 -15.13 6.08 -67.90
N GLY J 449 -15.78 5.15 -67.19
CA GLY J 449 -15.09 4.10 -66.44
C GLY J 449 -14.21 4.60 -65.30
N VAL J 450 -14.52 5.80 -64.76
CA VAL J 450 -13.79 6.36 -63.62
C VAL J 450 -13.89 5.43 -62.38
N PHE J 451 -15.11 5.23 -61.88
CA PHE J 451 -15.40 4.15 -60.94
C PHE J 451 -15.89 2.98 -61.78
N THR J 452 -15.61 1.75 -61.36
CA THR J 452 -16.24 0.57 -61.97
C THR J 452 -17.35 -0.01 -61.08
N ASN J 453 -18.31 -0.71 -61.68
CA ASN J 453 -19.34 -1.42 -60.91
C ASN J 453 -18.72 -2.39 -59.89
N ASP J 454 -17.68 -3.09 -60.32
CA ASP J 454 -16.91 -3.97 -59.46
C ASP J 454 -16.45 -3.28 -58.16
N LEU J 455 -15.83 -2.11 -58.30
CA LEU J 455 -15.38 -1.31 -57.15
C LEU J 455 -16.52 -0.84 -56.23
N ILE J 456 -17.59 -0.32 -56.82
CA ILE J 456 -18.71 0.17 -56.04
C ILE J 456 -19.36 -0.97 -55.21
N GLU J 457 -19.56 -2.14 -55.84
CA GLU J 457 -20.07 -3.32 -55.12
C GLU J 457 -19.14 -3.74 -53.98
N THR J 458 -17.83 -3.63 -54.20
CA THR J 458 -16.85 -3.98 -53.18
C THR J 458 -16.98 -3.02 -52.00
N TRP J 459 -17.13 -1.72 -52.30
CA TRP J 459 -17.24 -0.69 -51.29
C TRP J 459 -18.49 -0.91 -50.44
N ILE J 460 -19.60 -1.27 -51.10
CA ILE J 460 -20.88 -1.50 -50.43
C ILE J 460 -20.82 -2.70 -49.49
N SER J 461 -20.20 -3.79 -49.97
CA SER J 461 -19.91 -5.00 -49.20
C SER J 461 -19.08 -4.71 -47.96
N PHE J 462 -17.93 -4.08 -48.17
CA PHE J 462 -17.00 -3.71 -47.12
C PHE J 462 -17.72 -2.96 -46.01
N LYS J 463 -18.49 -1.92 -46.37
CA LYS J 463 -19.13 -1.06 -45.35
C LYS J 463 -20.21 -1.81 -44.59
N ARG J 464 -20.91 -2.71 -45.29
CA ARG J 464 -21.98 -3.47 -44.65
C ARG J 464 -21.44 -4.52 -43.70
N GLU J 465 -20.44 -5.28 -44.16
CA GLU J 465 -19.91 -6.40 -43.40
C GLU J 465 -18.93 -6.00 -42.31
N ASN J 466 -18.12 -4.98 -42.56
CA ASN J 466 -17.05 -4.60 -41.64
C ASN J 466 -17.36 -3.41 -40.75
N GLU J 467 -18.38 -2.63 -41.10
CA GLU J 467 -18.65 -1.38 -40.37
C GLU J 467 -20.07 -1.30 -39.84
N ILE J 468 -21.04 -1.26 -40.75
CA ILE J 468 -22.45 -1.14 -40.39
C ILE J 468 -22.92 -2.28 -39.48
N GLU J 469 -22.68 -3.52 -39.91
CA GLU J 469 -23.19 -4.67 -39.15
C GLU J 469 -22.48 -4.82 -37.77
N PRO J 470 -21.12 -4.80 -37.74
CA PRO J 470 -20.43 -4.93 -36.46
C PRO J 470 -20.83 -3.92 -35.41
N VAL J 471 -21.16 -2.69 -35.82
CA VAL J 471 -21.69 -1.68 -34.87
C VAL J 471 -23.10 -2.05 -34.44
N ASN J 472 -23.94 -2.37 -35.42
CA ASN J 472 -25.30 -2.77 -35.19
C ASN J 472 -25.54 -3.90 -34.19
N ILE J 473 -24.69 -4.94 -34.24
CA ILE J 473 -24.90 -6.09 -33.38
C ILE J 473 -24.40 -5.88 -31.96
N ARG J 474 -23.72 -4.77 -31.70
CA ARG J 474 -23.15 -4.54 -30.38
C ARG J 474 -23.99 -3.55 -29.57
N PRO J 475 -24.48 -4.01 -28.41
CA PRO J 475 -25.25 -3.13 -27.55
C PRO J 475 -24.45 -1.87 -27.25
N HIS J 476 -25.15 -0.73 -27.26
CA HIS J 476 -24.58 0.56 -26.98
C HIS J 476 -24.67 0.81 -25.47
N PRO J 477 -23.62 1.40 -24.87
CA PRO J 477 -23.66 1.65 -23.43
C PRO J 477 -24.92 2.37 -22.95
N TYR J 478 -25.41 3.35 -23.71
CA TYR J 478 -26.58 4.10 -23.30
C TYR J 478 -27.87 3.23 -23.29
N GLU J 479 -27.86 2.13 -24.04
CA GLU J 479 -28.97 1.16 -24.01
C GLU J 479 -29.14 0.58 -22.59
N PHE J 480 -28.04 0.50 -21.84
CA PHE J 480 -28.08 -0.02 -20.48
C PHE J 480 -28.71 0.98 -19.53
N ALA J 481 -28.44 2.28 -19.77
CA ALA J 481 -29.09 3.35 -19.02
C ALA J 481 -30.58 3.35 -19.31
N LEU J 482 -30.94 3.15 -20.57
CA LEU J 482 -32.34 3.19 -20.98
C LEU J 482 -33.13 1.95 -20.56
N TYR J 483 -32.48 0.78 -20.64
CA TYR J 483 -33.23 -0.46 -20.69
C TYR J 483 -32.91 -1.55 -19.66
N TYR J 484 -31.81 -1.43 -18.93
CA TYR J 484 -31.44 -2.50 -18.00
C TYR J 484 -32.62 -2.93 -17.13
N ASP J 485 -33.41 -1.96 -16.68
CA ASP J 485 -34.47 -2.24 -15.72
C ASP J 485 -35.87 -2.32 -16.30
N VAL J 486 -35.99 -2.59 -17.61
CA VAL J 486 -37.33 -2.70 -18.24
C VAL J 486 -38.20 -3.79 -17.62
N LYS K 12 36.42 -14.01 -51.95
CA LYS K 12 37.22 -13.47 -50.81
C LYS K 12 38.31 -14.43 -50.30
N THR K 13 39.50 -13.88 -50.08
CA THR K 13 40.68 -14.67 -49.72
C THR K 13 41.10 -14.43 -48.27
N PRO K 14 41.95 -15.33 -47.73
CA PRO K 14 42.57 -15.05 -46.44
C PRO K 14 43.15 -13.63 -46.32
N ASP K 15 43.88 -13.17 -47.33
CA ASP K 15 44.48 -11.84 -47.28
C ASP K 15 43.45 -10.72 -47.14
N ASP K 16 42.32 -10.86 -47.82
CA ASP K 16 41.21 -9.93 -47.67
C ASP K 16 40.80 -9.78 -46.21
N VAL K 17 40.72 -10.93 -45.53
CA VAL K 17 40.28 -10.99 -44.15
C VAL K 17 41.30 -10.33 -43.24
N PHE K 18 42.58 -10.62 -43.43
CA PHE K 18 43.63 -10.00 -42.62
C PHE K 18 43.64 -8.49 -42.83
N LYS K 19 43.35 -8.07 -44.06
CA LYS K 19 43.31 -6.66 -44.40
C LYS K 19 42.14 -5.98 -43.70
N LEU K 20 40.99 -6.64 -43.68
CA LEU K 20 39.82 -6.15 -42.96
C LEU K 20 40.12 -6.04 -41.46
N ALA K 21 40.73 -7.08 -40.91
CA ALA K 21 41.09 -7.09 -39.49
C ALA K 21 41.99 -5.91 -39.13
N LYS K 22 43.03 -5.68 -39.94
CA LYS K 22 43.97 -4.59 -39.71
C LYS K 22 43.32 -3.21 -39.89
N ASP K 23 42.58 -3.02 -40.99
CA ASP K 23 41.92 -1.74 -41.29
C ASP K 23 40.92 -1.36 -40.22
N GLU K 24 40.17 -2.34 -39.70
CA GLU K 24 39.13 -2.07 -38.72
C GLU K 24 39.65 -2.04 -37.30
N LYS K 25 40.93 -2.35 -37.13
CA LYS K 25 41.56 -2.38 -35.80
C LYS K 25 40.83 -3.33 -34.86
N VAL K 26 40.58 -4.52 -35.37
CA VAL K 26 39.90 -5.59 -34.66
C VAL K 26 40.70 -6.02 -33.44
N GLU K 27 40.00 -6.17 -32.32
CA GLU K 27 40.63 -6.57 -31.06
C GLU K 27 40.48 -8.08 -30.82
N TYR K 28 39.37 -8.65 -31.27
CA TYR K 28 39.05 -10.07 -31.05
C TYR K 28 38.48 -10.70 -32.31
N VAL K 29 38.69 -12.00 -32.42
CA VAL K 29 38.05 -12.77 -33.48
C VAL K 29 37.10 -13.79 -32.84
N ASP K 30 35.87 -13.83 -33.34
CA ASP K 30 34.85 -14.72 -32.83
C ASP K 30 34.75 -15.96 -33.70
N VAL K 31 35.09 -17.11 -33.15
CA VAL K 31 35.09 -18.37 -33.89
C VAL K 31 33.69 -19.00 -33.83
N ARG K 32 32.97 -18.94 -34.94
CA ARG K 32 31.59 -19.43 -35.01
C ARG K 32 31.43 -20.75 -35.78
N PHE K 33 30.57 -21.62 -35.25
CA PHE K 33 30.22 -22.88 -35.91
C PHE K 33 28.78 -23.21 -35.58
N CYS K 34 28.11 -23.93 -36.45
CA CYS K 34 26.68 -24.17 -36.31
C CYS K 34 26.43 -25.48 -35.60
N ASP K 35 25.48 -25.49 -34.67
CA ASP K 35 25.10 -26.75 -34.05
C ASP K 35 23.98 -27.39 -34.88
N LEU K 36 23.60 -28.60 -34.52
CA LEU K 36 22.64 -29.35 -35.28
C LEU K 36 21.27 -28.64 -35.42
N PRO K 37 20.59 -28.33 -34.29
CA PRO K 37 19.29 -27.68 -34.48
C PRO K 37 19.32 -26.33 -35.23
N GLY K 38 20.45 -25.61 -35.19
CA GLY K 38 20.57 -24.40 -36.03
C GLY K 38 20.99 -23.10 -35.36
N ILE K 39 21.43 -23.19 -34.11
CA ILE K 39 21.94 -22.05 -33.36
C ILE K 39 23.45 -21.98 -33.55
N MET K 40 23.96 -20.79 -33.82
CA MET K 40 25.39 -20.60 -33.95
C MET K 40 26.07 -20.60 -32.59
N GLN K 41 27.18 -21.32 -32.50
CA GLN K 41 28.01 -21.39 -31.31
C GLN K 41 29.28 -20.57 -31.51
N HIS K 42 29.93 -20.18 -30.42
CA HIS K 42 31.16 -19.38 -30.54
C HIS K 42 32.11 -19.50 -29.36
N PHE K 43 33.38 -19.22 -29.63
CA PHE K 43 34.31 -18.84 -28.60
C PHE K 43 35.17 -17.71 -29.18
N THR K 44 35.94 -17.03 -28.35
CA THR K 44 36.68 -15.87 -28.80
C THR K 44 38.19 -15.96 -28.56
N ILE K 45 38.96 -15.50 -29.55
CA ILE K 45 40.42 -15.44 -29.45
C ILE K 45 40.90 -14.00 -29.65
N PRO K 46 42.10 -13.66 -29.13
CA PRO K 46 42.60 -12.31 -29.41
C PRO K 46 42.99 -12.21 -30.88
N ALA K 47 42.81 -11.02 -31.46
CA ALA K 47 43.08 -10.81 -32.87
C ALA K 47 44.54 -11.13 -33.18
N SER K 48 45.44 -10.81 -32.25
CA SER K 48 46.86 -11.09 -32.41
C SER K 48 47.21 -12.58 -32.60
N ALA K 49 46.25 -13.47 -32.40
CA ALA K 49 46.47 -14.90 -32.61
C ALA K 49 45.73 -15.36 -33.85
N PHE K 50 45.21 -14.40 -34.59
CA PHE K 50 44.56 -14.70 -35.86
C PHE K 50 45.53 -14.43 -37.04
N ASP K 51 46.16 -15.50 -37.53
CA ASP K 51 47.22 -15.41 -38.55
C ASP K 51 47.05 -16.51 -39.60
N LYS K 52 48.05 -16.70 -40.45
CA LYS K 52 47.97 -17.68 -41.55
C LYS K 52 47.75 -19.12 -41.08
N SER K 53 48.34 -19.46 -39.93
CA SER K 53 48.19 -20.81 -39.36
C SER K 53 46.75 -21.15 -38.94
N VAL K 54 45.87 -20.14 -38.89
CA VAL K 54 44.44 -20.39 -38.66
C VAL K 54 43.80 -20.98 -39.94
N PHE K 55 44.13 -20.41 -41.10
CA PHE K 55 43.64 -20.93 -42.37
C PHE K 55 44.28 -22.25 -42.79
N ASP K 56 45.55 -22.44 -42.45
CA ASP K 56 46.27 -23.64 -42.88
C ASP K 56 46.04 -24.81 -41.94
N ASP K 57 46.29 -24.61 -40.65
CA ASP K 57 46.23 -25.71 -39.69
C ASP K 57 44.88 -25.82 -38.97
N GLY K 58 44.22 -24.68 -38.78
CA GLY K 58 42.95 -24.62 -38.06
C GLY K 58 43.12 -24.40 -36.56
N LEU K 59 42.00 -24.35 -35.86
CA LEU K 59 42.01 -24.13 -34.42
C LEU K 59 41.52 -25.36 -33.71
N ALA K 60 42.26 -25.77 -32.68
CA ALA K 60 41.87 -26.91 -31.89
C ALA K 60 40.90 -26.44 -30.82
N PHE K 61 39.88 -27.26 -30.56
CA PHE K 61 38.92 -26.98 -29.51
C PHE K 61 38.32 -28.28 -29.00
N ASP K 62 38.08 -28.36 -27.68
CA ASP K 62 37.53 -29.54 -27.02
C ASP K 62 36.30 -30.07 -27.78
N GLY K 63 36.34 -31.36 -28.14
CA GLY K 63 35.37 -31.91 -29.08
C GLY K 63 34.06 -32.45 -28.54
N SER K 64 33.86 -32.34 -27.23
CA SER K 64 32.54 -32.56 -26.63
C SER K 64 31.80 -31.23 -26.58
N SER K 65 32.59 -30.15 -26.61
CA SER K 65 32.09 -28.78 -26.67
C SER K 65 31.62 -28.42 -28.10
N ILE K 66 32.41 -28.84 -29.10
CA ILE K 66 32.09 -28.66 -30.53
C ILE K 66 30.92 -29.53 -31.00
N ARG K 67 30.79 -30.72 -30.38
CA ARG K 67 29.77 -31.71 -30.76
C ARG K 67 28.40 -31.51 -30.08
N GLY K 68 28.39 -30.87 -28.91
CA GLY K 68 27.14 -30.56 -28.20
C GLY K 68 26.61 -31.64 -27.28
N PHE K 69 27.19 -32.84 -27.35
CA PHE K 69 26.87 -33.93 -26.41
C PHE K 69 28.13 -34.49 -25.74
N GLN K 70 27.92 -35.25 -24.66
CA GLN K 70 29.01 -35.69 -23.80
C GLN K 70 29.32 -37.18 -23.95
N SER K 75 37.04 -37.00 -30.59
CA SER K 75 36.66 -36.23 -29.40
C SER K 75 37.14 -34.78 -29.47
N ASP K 76 38.40 -34.56 -29.79
CA ASP K 76 38.92 -33.20 -30.03
C ASP K 76 38.59 -32.81 -31.47
N MET K 77 38.14 -31.57 -31.70
CA MET K 77 37.80 -31.19 -33.07
C MET K 77 38.62 -30.02 -33.58
N LEU K 78 38.78 -29.97 -34.90
CA LEU K 78 39.55 -28.95 -35.59
C LEU K 78 38.65 -28.05 -36.43
N LEU K 79 38.85 -26.75 -36.32
CA LEU K 79 37.97 -25.79 -36.98
C LEU K 79 38.72 -25.00 -38.03
N LEU K 80 38.16 -24.98 -39.24
CA LEU K 80 38.78 -24.27 -40.37
C LEU K 80 37.90 -23.13 -40.88
N PRO K 81 38.49 -21.93 -41.03
CA PRO K 81 37.69 -20.73 -41.34
C PRO K 81 37.23 -20.66 -42.79
N ASP K 82 36.06 -20.06 -43.01
CA ASP K 82 35.57 -19.76 -44.33
C ASP K 82 35.69 -18.26 -44.50
N PRO K 83 36.63 -17.84 -45.33
CA PRO K 83 36.93 -16.40 -45.49
C PRO K 83 35.73 -15.56 -45.96
N GLU K 84 34.82 -16.19 -46.70
CA GLU K 84 33.64 -15.49 -47.24
C GLU K 84 32.67 -15.02 -46.14
N THR K 85 32.78 -15.62 -44.96
CA THR K 85 31.82 -15.33 -43.88
C THR K 85 32.29 -14.25 -42.88
N ALA K 86 33.48 -13.73 -43.09
CA ALA K 86 34.06 -12.72 -42.20
C ALA K 86 33.29 -11.39 -42.23
N ARG K 87 32.94 -10.91 -41.04
CA ARG K 87 32.14 -9.70 -40.89
C ARG K 87 32.47 -9.02 -39.57
N ILE K 88 32.46 -7.69 -39.57
CA ILE K 88 32.59 -6.93 -38.37
C ILE K 88 31.30 -7.05 -37.56
N ASP K 89 31.40 -7.40 -36.29
CA ASP K 89 30.21 -7.43 -35.44
C ASP K 89 29.80 -6.00 -35.08
N PRO K 90 28.55 -5.61 -35.42
CA PRO K 90 28.16 -4.23 -35.15
C PRO K 90 27.67 -3.99 -33.70
N PHE K 91 27.68 -5.00 -32.87
CA PHE K 91 27.02 -4.91 -31.55
C PHE K 91 28.03 -4.97 -30.44
N ARG K 92 29.10 -5.73 -30.64
CA ARG K 92 30.04 -6.01 -29.58
C ARG K 92 30.90 -4.77 -29.29
N ALA K 93 30.96 -4.34 -28.04
CA ALA K 93 31.70 -3.12 -27.69
C ALA K 93 33.18 -3.22 -28.05
N ALA K 94 33.84 -4.33 -27.70
CA ALA K 94 35.21 -4.58 -28.18
C ALA K 94 35.14 -4.92 -29.66
N LYS K 95 35.95 -4.26 -30.48
CA LYS K 95 35.90 -4.45 -31.94
C LYS K 95 36.22 -5.90 -32.35
N THR K 96 35.24 -6.56 -32.97
CA THR K 96 35.31 -7.99 -33.18
C THR K 96 35.03 -8.37 -34.61
N LEU K 97 35.81 -9.32 -35.11
CA LEU K 97 35.58 -9.94 -36.40
C LEU K 97 34.97 -11.36 -36.22
N ASN K 98 33.77 -11.56 -36.77
CA ASN K 98 33.09 -12.86 -36.77
C ASN K 98 33.39 -13.65 -38.04
N ILE K 99 33.85 -14.90 -37.88
CA ILE K 99 34.06 -15.79 -39.01
C ILE K 99 33.42 -17.16 -38.73
N ASN K 100 32.81 -17.75 -39.75
CA ASN K 100 32.27 -19.12 -39.62
C ASN K 100 33.31 -20.15 -39.98
N PHE K 101 33.21 -21.33 -39.36
CA PHE K 101 34.20 -22.39 -39.50
C PHE K 101 33.54 -23.72 -39.90
N PHE K 102 34.34 -24.61 -40.48
CA PHE K 102 33.94 -25.98 -40.75
C PHE K 102 34.60 -26.83 -39.69
N VAL K 103 33.91 -27.90 -39.28
CA VAL K 103 34.45 -28.83 -38.28
C VAL K 103 35.12 -30.04 -38.97
N HIS K 104 36.39 -30.27 -38.63
CA HIS K 104 37.14 -31.38 -39.19
C HIS K 104 37.69 -32.26 -38.08
N ASP K 105 37.88 -33.53 -38.38
CA ASP K 105 38.57 -34.47 -37.49
C ASP K 105 40.06 -34.11 -37.47
N PRO K 106 40.67 -34.06 -36.27
CA PRO K 106 42.05 -33.56 -36.16
C PRO K 106 43.08 -34.47 -36.85
N PHE K 107 42.93 -35.79 -36.67
CA PHE K 107 43.87 -36.77 -37.25
C PHE K 107 43.71 -36.83 -38.77
N THR K 108 42.49 -37.06 -39.25
CA THR K 108 42.25 -37.35 -40.68
C THR K 108 42.02 -36.12 -41.55
N LEU K 109 41.76 -34.97 -40.91
CA LEU K 109 41.31 -33.74 -41.60
C LEU K 109 39.97 -33.91 -42.34
N GLU K 110 39.27 -35.01 -42.08
CA GLU K 110 37.99 -35.26 -42.71
C GLU K 110 36.92 -34.29 -42.19
N PRO K 111 36.08 -33.76 -43.10
CA PRO K 111 34.96 -32.95 -42.64
C PRO K 111 34.07 -33.80 -41.74
N TYR K 112 33.77 -33.28 -40.54
CA TYR K 112 32.86 -33.95 -39.61
C TYR K 112 31.46 -34.03 -40.19
N SER K 113 30.93 -35.25 -40.25
CA SER K 113 29.65 -35.52 -40.94
C SER K 113 28.38 -34.90 -40.31
N ARG K 114 28.48 -34.39 -39.10
CA ARG K 114 27.33 -33.76 -38.41
C ARG K 114 27.41 -32.24 -38.25
N ASP K 115 28.42 -31.61 -38.85
CA ASP K 115 28.47 -30.15 -38.94
C ASP K 115 27.64 -29.69 -40.14
N PRO K 116 26.54 -28.99 -39.88
CA PRO K 116 25.63 -28.54 -40.93
C PRO K 116 26.33 -27.77 -42.05
N ARG K 117 27.40 -27.06 -41.73
CA ARG K 117 28.13 -26.30 -42.75
C ARG K 117 28.81 -27.24 -43.76
N ASN K 118 29.43 -28.30 -43.27
CA ASN K 118 30.00 -29.34 -44.12
C ASN K 118 28.93 -29.98 -45.01
N ILE K 119 27.75 -30.21 -44.45
CA ILE K 119 26.67 -30.82 -45.21
C ILE K 119 26.28 -29.95 -46.37
N ALA K 120 26.23 -28.64 -46.16
CA ALA K 120 25.89 -27.73 -47.23
C ALA K 120 26.99 -27.73 -48.28
N ARG K 121 28.25 -27.81 -47.83
CA ARG K 121 29.37 -27.86 -48.74
C ARG K 121 29.32 -29.16 -49.53
N LYS K 122 29.08 -30.28 -48.85
CA LYS K 122 28.96 -31.59 -49.53
C LYS K 122 27.83 -31.56 -50.57
N ALA K 123 26.75 -30.87 -50.24
CA ALA K 123 25.65 -30.74 -51.19
C ALA K 123 26.07 -30.03 -52.48
N GLU K 124 26.84 -28.95 -52.33
CA GLU K 124 27.31 -28.18 -53.47
C GLU K 124 28.27 -28.99 -54.34
N ASN K 125 29.19 -29.70 -53.70
CA ASN K 125 30.15 -30.55 -54.41
C ASN K 125 29.47 -31.70 -55.12
N TYR K 126 28.46 -32.30 -54.49
CA TYR K 126 27.67 -33.38 -55.07
C TYR K 126 26.99 -32.88 -56.34
N LEU K 127 26.33 -31.73 -56.28
CA LEU K 127 25.73 -31.14 -57.49
C LEU K 127 26.71 -31.19 -58.69
N ILE K 128 27.91 -30.64 -58.50
CA ILE K 128 28.95 -30.59 -59.51
C ILE K 128 29.24 -32.00 -60.02
N SER K 129 29.45 -32.95 -59.11
CA SER K 129 29.83 -34.30 -59.46
C SER K 129 28.76 -35.06 -60.25
N THR K 130 27.50 -34.59 -60.25
CA THR K 130 26.44 -35.24 -61.05
C THR K 130 26.42 -34.72 -62.48
N GLY K 131 27.13 -33.61 -62.74
CA GLY K 131 27.11 -32.97 -64.05
C GLY K 131 25.81 -32.28 -64.41
N ILE K 132 24.79 -32.40 -63.57
CA ILE K 132 23.51 -31.70 -63.81
C ILE K 132 23.64 -30.16 -63.85
N ALA K 133 24.44 -29.60 -62.94
CA ALA K 133 24.67 -28.14 -62.86
C ALA K 133 25.92 -27.90 -62.02
N ASP K 134 26.43 -26.68 -62.01
CA ASP K 134 27.57 -26.39 -61.12
C ASP K 134 27.27 -25.47 -59.92
N THR K 135 26.11 -24.80 -59.95
CA THR K 135 25.76 -23.85 -58.90
C THR K 135 24.26 -23.89 -58.60
N ALA K 136 23.94 -23.92 -57.31
CA ALA K 136 22.57 -23.86 -56.86
C ALA K 136 22.40 -22.58 -56.07
N TYR K 137 21.49 -21.74 -56.53
CA TYR K 137 21.22 -20.46 -55.89
C TYR K 137 19.98 -20.53 -55.00
N PHE K 138 20.13 -20.05 -53.77
CA PHE K 138 19.00 -19.97 -52.85
C PHE K 138 18.75 -18.53 -52.41
N GLY K 139 17.49 -18.12 -52.49
CA GLY K 139 17.04 -16.81 -52.02
C GLY K 139 15.96 -17.05 -50.98
N ALA K 140 16.06 -16.36 -49.85
CA ALA K 140 15.11 -16.60 -48.78
C ALA K 140 14.53 -15.29 -48.30
N GLU K 141 13.24 -15.34 -48.02
CA GLU K 141 12.51 -14.22 -47.46
C GLU K 141 11.94 -14.67 -46.12
N ALA K 142 12.55 -14.18 -45.04
CA ALA K 142 12.21 -14.65 -43.71
C ALA K 142 11.59 -13.56 -42.85
N GLU K 143 10.39 -13.87 -42.36
CA GLU K 143 9.64 -12.98 -41.49
C GLU K 143 10.00 -13.21 -40.03
N PHE K 144 9.68 -12.21 -39.20
CA PHE K 144 9.90 -12.32 -37.75
C PHE K 144 8.94 -11.39 -37.01
N TYR K 145 8.83 -11.57 -35.69
CA TYR K 145 8.04 -10.68 -34.85
C TYR K 145 8.91 -9.89 -33.91
N ILE K 146 8.55 -8.62 -33.70
CA ILE K 146 9.20 -7.78 -32.68
C ILE K 146 8.27 -7.63 -31.48
N PHE K 147 8.71 -8.07 -30.31
CA PHE K 147 7.92 -7.91 -29.09
C PHE K 147 8.66 -7.07 -28.04
N ASP K 148 7.94 -6.62 -27.02
CA ASP K 148 8.55 -5.96 -25.89
C ASP K 148 8.90 -6.92 -24.77
N SER K 149 8.15 -8.02 -24.67
CA SER K 149 8.38 -9.02 -23.63
C SER K 149 7.87 -10.43 -23.95
N VAL K 150 8.48 -11.41 -23.30
CA VAL K 150 8.06 -12.79 -23.37
C VAL K 150 8.32 -13.42 -22.01
N SER K 151 7.39 -14.26 -21.56
CA SER K 151 7.63 -15.11 -20.39
C SER K 151 6.79 -16.37 -20.48
N PHE K 152 7.23 -17.41 -19.77
CA PHE K 152 6.62 -18.71 -19.83
C PHE K 152 7.20 -19.64 -18.78
N ASP K 153 6.43 -20.67 -18.44
CA ASP K 153 6.95 -21.79 -17.67
C ASP K 153 6.06 -23.01 -17.77
N SER K 154 6.53 -24.10 -17.19
CA SER K 154 5.86 -25.35 -17.30
C SER K 154 6.11 -26.07 -16.00
N ARG K 155 5.07 -26.21 -15.19
CA ARG K 155 5.19 -26.73 -13.84
C ARG K 155 4.24 -27.91 -13.69
N ALA K 156 4.26 -28.58 -12.54
CA ALA K 156 3.37 -29.74 -12.33
C ALA K 156 1.90 -29.37 -12.42
N ASN K 157 1.52 -28.22 -11.85
CA ASN K 157 0.11 -27.86 -11.63
C ASN K 157 -0.37 -26.73 -12.53
N GLY K 158 0.47 -26.33 -13.46
CA GLY K 158 0.13 -25.23 -14.34
C GLY K 158 1.24 -24.84 -15.28
N SER K 159 0.90 -23.94 -16.19
CA SER K 159 1.71 -23.63 -17.34
C SER K 159 1.18 -22.35 -17.98
N PHE K 160 2.07 -21.52 -18.52
CA PHE K 160 1.68 -20.32 -19.23
C PHE K 160 2.75 -19.88 -20.22
N TYR K 161 2.34 -19.03 -21.17
CA TYR K 161 3.22 -18.15 -21.91
C TYR K 161 2.47 -16.84 -22.13
N GLU K 162 3.23 -15.78 -22.38
CA GLU K 162 2.68 -14.49 -22.68
C GLU K 162 3.72 -13.73 -23.49
N VAL K 163 3.34 -13.30 -24.68
CA VAL K 163 4.17 -12.35 -25.42
C VAL K 163 3.41 -11.04 -25.41
N ASP K 164 4.14 -9.93 -25.43
CA ASP K 164 3.49 -8.65 -25.39
C ASP K 164 4.24 -7.56 -26.15
N ALA K 165 3.48 -6.57 -26.58
CA ALA K 165 4.00 -5.39 -27.26
C ALA K 165 3.06 -4.24 -26.94
N ILE K 166 3.65 -3.07 -26.68
CA ILE K 166 2.90 -1.85 -26.40
C ILE K 166 1.83 -1.63 -27.47
N SER K 167 2.21 -1.82 -28.73
CA SER K 167 1.33 -1.53 -29.85
C SER K 167 0.48 -2.73 -30.31
N GLY K 168 0.55 -3.85 -29.60
CA GLY K 168 -0.24 -5.02 -29.96
C GLY K 168 -1.73 -4.73 -29.96
N TRP K 169 -2.44 -5.29 -30.93
CA TRP K 169 -3.85 -4.99 -31.09
C TRP K 169 -4.76 -5.46 -29.94
N TRP K 170 -4.25 -6.35 -29.10
CA TRP K 170 -5.01 -6.86 -27.96
C TRP K 170 -4.96 -5.90 -26.79
N ASN K 171 -4.26 -4.77 -26.96
CA ASN K 171 -3.99 -3.82 -25.87
C ASN K 171 -4.72 -2.50 -25.99
N THR K 172 -5.76 -2.42 -26.82
CA THR K 172 -6.45 -1.13 -27.03
C THR K 172 -7.11 -0.62 -25.76
N GLY K 173 -7.38 -1.51 -24.81
CA GLY K 173 -8.14 -1.16 -23.62
C GLY K 173 -7.30 -0.75 -22.44
N ALA K 174 -5.99 -0.87 -22.55
CA ALA K 174 -5.07 -0.55 -21.46
C ALA K 174 -5.21 0.90 -20.99
N ALA K 175 -5.42 1.08 -19.69
CA ALA K 175 -5.55 2.41 -19.10
C ALA K 175 -4.23 3.19 -19.24
N THR K 176 -3.11 2.52 -18.99
CA THR K 176 -1.81 3.10 -19.21
C THR K 176 -0.90 2.01 -19.77
N GLU K 177 0.21 2.42 -20.38
CA GLU K 177 1.19 1.46 -20.87
C GLU K 177 1.95 0.80 -19.72
N ALA K 178 2.74 -0.22 -20.04
CA ALA K 178 3.54 -0.93 -19.04
C ALA K 178 4.46 -0.02 -18.20
N ASP K 179 4.95 1.08 -18.79
CA ASP K 179 5.76 2.05 -18.04
C ASP K 179 4.95 3.15 -17.37
N GLY K 180 3.64 3.07 -17.42
CA GLY K 180 2.79 4.06 -16.76
C GLY K 180 2.50 5.29 -17.60
N SER K 181 3.05 5.33 -18.81
CA SER K 181 2.75 6.43 -19.74
C SER K 181 1.35 6.18 -20.36
N PRO K 182 0.71 7.24 -20.92
CA PRO K 182 -0.67 7.08 -21.36
C PRO K 182 -0.80 6.25 -22.63
N ASN K 183 -1.94 5.57 -22.77
CA ASN K 183 -2.29 4.88 -24.01
C ASN K 183 -2.60 5.91 -25.09
N ARG K 184 -1.87 5.86 -26.19
CA ARG K 184 -2.05 6.82 -27.28
C ARG K 184 -2.72 6.25 -28.51
N GLY K 185 -3.17 4.99 -28.41
CA GLY K 185 -3.94 4.32 -29.46
C GLY K 185 -3.10 3.97 -30.66
N TYR K 186 -3.75 3.93 -31.84
CA TYR K 186 -3.12 3.51 -33.11
C TYR K 186 -2.62 2.06 -33.10
N LYS K 187 -3.33 1.20 -32.37
CA LYS K 187 -2.93 -0.19 -32.21
C LYS K 187 -3.69 -1.14 -33.12
N VAL K 188 -4.97 -0.85 -33.39
CA VAL K 188 -5.86 -1.80 -34.07
C VAL K 188 -5.45 -2.08 -35.51
N ARG K 189 -5.41 -3.37 -35.89
CA ARG K 189 -5.24 -3.77 -37.29
C ARG K 189 -6.54 -3.55 -38.03
N HIS K 190 -6.50 -2.83 -39.15
CA HIS K 190 -7.70 -2.62 -39.96
C HIS K 190 -7.80 -3.59 -41.12
N LYS K 191 -9.04 -3.84 -41.55
CA LYS K 191 -9.32 -4.57 -42.79
C LYS K 191 -8.88 -3.68 -43.98
N GLY K 192 -8.32 -4.31 -45.01
CA GLY K 192 -7.99 -3.61 -46.26
C GLY K 192 -6.54 -3.18 -46.51
N GLY K 193 -5.71 -3.20 -45.47
CA GLY K 193 -4.31 -2.75 -45.61
C GLY K 193 -3.42 -3.26 -44.50
N TYR K 194 -2.42 -4.06 -44.88
CA TYR K 194 -1.53 -4.68 -43.90
C TYR K 194 -0.32 -3.81 -43.54
N PHE K 195 -0.03 -2.78 -44.33
CA PHE K 195 1.22 -2.02 -44.14
C PHE K 195 1.02 -0.52 -43.96
N PRO K 196 0.19 -0.11 -42.96
CA PRO K 196 -0.13 1.31 -42.84
C PRO K 196 1.09 2.13 -42.40
N VAL K 197 1.06 3.43 -42.70
CA VAL K 197 2.15 4.34 -42.35
C VAL K 197 2.05 4.73 -40.88
N ALA K 198 3.08 5.38 -40.37
CA ALA K 198 3.07 5.87 -39.00
C ALA K 198 1.92 6.85 -38.83
N PRO K 199 1.34 6.95 -37.62
CA PRO K 199 1.73 6.26 -36.39
C PRO K 199 1.17 4.86 -36.23
N ASN K 200 0.39 4.35 -37.20
CA ASN K 200 -0.06 2.96 -37.13
C ASN K 200 1.13 2.01 -37.14
N ASP K 201 2.11 2.36 -37.95
CA ASP K 201 3.36 1.65 -37.99
C ASP K 201 4.17 2.19 -36.84
N GLN K 202 4.37 1.35 -35.84
CA GLN K 202 5.05 1.80 -34.62
C GLN K 202 6.50 1.31 -34.51
N TYR K 203 7.02 0.70 -35.58
CA TYR K 203 8.38 0.17 -35.59
C TYR K 203 9.28 0.73 -36.71
N VAL K 204 8.90 1.87 -37.30
CA VAL K 204 9.65 2.44 -38.42
C VAL K 204 11.15 2.59 -38.15
N ASP K 205 11.51 3.32 -37.09
CA ASP K 205 12.93 3.60 -36.81
C ASP K 205 13.74 2.36 -36.47
N LEU K 206 13.14 1.44 -35.71
CA LEU K 206 13.80 0.17 -35.39
C LEU K 206 14.06 -0.69 -36.63
N ARG K 207 13.06 -0.83 -37.50
CA ARG K 207 13.25 -1.55 -38.76
C ARG K 207 14.37 -0.90 -39.59
N ASP K 208 14.40 0.43 -39.64
CA ASP K 208 15.43 1.11 -40.42
C ASP K 208 16.83 0.80 -39.87
N LYS K 209 16.94 0.71 -38.55
CA LYS K 209 18.19 0.32 -37.89
C LYS K 209 18.62 -1.06 -38.32
N MET K 210 17.65 -1.96 -38.45
CA MET K 210 17.90 -3.31 -38.87
C MET K 210 18.39 -3.31 -40.33
N LEU K 211 17.67 -2.58 -41.17
CA LEU K 211 18.05 -2.41 -42.56
C LEU K 211 19.48 -1.86 -42.67
N THR K 212 19.75 -0.79 -41.94
CA THR K 212 21.07 -0.16 -41.97
C THR K 212 22.14 -1.14 -41.55
N ASN K 213 21.90 -1.90 -40.49
CA ASN K 213 22.87 -2.89 -40.06
C ASN K 213 23.11 -3.97 -41.09
N LEU K 214 22.06 -4.39 -41.78
CA LEU K 214 22.23 -5.39 -42.81
C LEU K 214 23.12 -4.88 -43.93
N ILE K 215 22.85 -3.67 -44.42
CA ILE K 215 23.62 -3.07 -45.50
C ILE K 215 25.08 -2.90 -45.07
N ASN K 216 25.30 -2.40 -43.86
CA ASN K 216 26.66 -2.31 -43.32
C ASN K 216 27.37 -3.66 -43.16
N SER K 217 26.59 -4.73 -43.13
CA SER K 217 27.15 -6.06 -42.94
C SER K 217 27.30 -6.84 -44.24
N GLY K 218 27.22 -6.16 -45.39
CA GLY K 218 27.51 -6.80 -46.69
C GLY K 218 26.30 -7.40 -47.41
N PHE K 219 25.10 -7.24 -46.85
CA PHE K 219 23.89 -7.68 -47.55
C PHE K 219 23.65 -6.74 -48.73
N ILE K 220 23.25 -7.31 -49.85
CA ILE K 220 23.05 -6.51 -51.04
C ILE K 220 21.57 -6.34 -51.25
N LEU K 221 21.13 -5.09 -51.26
CA LEU K 221 19.74 -4.76 -51.49
C LEU K 221 19.68 -3.91 -52.76
N GLU K 222 19.00 -4.45 -53.77
CA GLU K 222 18.85 -3.77 -55.07
C GLU K 222 17.40 -3.87 -55.52
N LYS K 223 17.19 -3.86 -56.83
CA LYS K 223 15.88 -3.99 -57.41
C LYS K 223 15.12 -5.19 -56.80
N GLY K 224 13.92 -4.95 -56.29
CA GLY K 224 13.07 -6.02 -55.75
C GLY K 224 13.31 -6.38 -54.29
N HIS K 225 14.23 -5.66 -53.64
CA HIS K 225 14.51 -5.86 -52.22
C HIS K 225 13.94 -4.75 -51.37
N HIS K 226 13.30 -5.11 -50.26
CA HIS K 226 12.59 -4.12 -49.50
C HIS K 226 12.51 -4.43 -48.00
N GLU K 227 12.13 -3.41 -47.24
CA GLU K 227 11.84 -3.51 -45.83
C GLU K 227 10.33 -3.36 -45.66
N VAL K 228 9.69 -4.34 -45.04
CA VAL K 228 8.24 -4.30 -44.86
C VAL K 228 7.87 -4.59 -43.43
N GLY K 229 6.80 -3.95 -42.97
CA GLY K 229 6.30 -4.13 -41.61
C GLY K 229 4.78 -4.19 -41.55
N SER K 230 4.25 -5.05 -40.67
CA SER K 230 2.81 -5.18 -40.46
C SER K 230 2.55 -5.49 -38.99
N GLY K 231 1.99 -4.52 -38.26
CA GLY K 231 1.92 -4.59 -36.79
C GLY K 231 3.32 -4.82 -36.24
N GLY K 232 3.48 -5.83 -35.40
CA GLY K 232 4.81 -6.21 -34.92
C GLY K 232 5.59 -7.15 -35.84
N GLN K 233 5.02 -7.55 -36.96
CA GLN K 233 5.73 -8.43 -37.90
C GLN K 233 6.54 -7.65 -38.94
N ALA K 234 7.65 -8.25 -39.37
CA ALA K 234 8.54 -7.59 -40.33
C ALA K 234 9.33 -8.56 -41.19
N GLU K 235 9.85 -8.06 -42.30
CA GLU K 235 10.70 -8.82 -43.19
C GLU K 235 11.58 -7.86 -43.96
N ILE K 236 12.85 -8.21 -44.09
CA ILE K 236 13.74 -7.52 -45.00
C ILE K 236 14.40 -8.58 -45.88
N ASN K 237 14.16 -8.51 -47.18
CA ASN K 237 14.76 -9.47 -48.10
C ASN K 237 15.98 -8.88 -48.80
N TYR K 238 16.79 -9.74 -49.37
CA TYR K 238 18.09 -9.35 -49.86
C TYR K 238 18.57 -10.31 -50.94
N GLN K 239 19.64 -9.95 -51.63
CA GLN K 239 20.09 -10.71 -52.79
C GLN K 239 20.46 -12.16 -52.43
N PHE K 240 20.02 -13.09 -53.27
CA PHE K 240 20.28 -14.52 -53.08
C PHE K 240 21.78 -14.78 -53.13
N ASN K 241 22.15 -16.05 -52.93
CA ASN K 241 23.54 -16.48 -52.96
C ASN K 241 23.62 -17.98 -53.29
N SER K 242 24.82 -18.51 -53.54
CA SER K 242 25.00 -19.94 -53.74
C SER K 242 24.67 -20.62 -52.43
N LEU K 243 24.23 -21.88 -52.49
CA LEU K 243 23.66 -22.62 -51.35
C LEU K 243 24.33 -22.39 -49.98
N LEU K 244 25.56 -22.84 -49.82
CA LEU K 244 26.24 -22.69 -48.54
C LEU K 244 26.20 -21.25 -48.02
N HIS K 245 26.61 -20.29 -48.87
CA HIS K 245 26.73 -18.93 -48.41
C HIS K 245 25.38 -18.24 -48.21
N ALA K 246 24.37 -18.77 -48.86
CA ALA K 246 22.99 -18.31 -48.66
C ALA K 246 22.53 -18.67 -47.25
N ALA K 247 22.91 -19.87 -46.82
CA ALA K 247 22.61 -20.30 -45.46
C ALA K 247 23.41 -19.48 -44.45
N ASP K 248 24.69 -19.21 -44.75
CA ASP K 248 25.49 -18.31 -43.91
C ASP K 248 24.82 -16.94 -43.79
N ASP K 249 24.34 -16.41 -44.92
CA ASP K 249 23.60 -15.14 -44.94
C ASP K 249 22.37 -15.17 -44.05
N MET K 250 21.64 -16.29 -44.06
CA MET K 250 20.43 -16.44 -43.24
C MET K 250 20.80 -16.37 -41.77
N GLN K 251 21.85 -17.08 -41.38
CA GLN K 251 22.28 -17.09 -39.99
C GLN K 251 22.65 -15.69 -39.52
N LEU K 252 23.32 -14.95 -40.42
CA LEU K 252 23.79 -13.61 -40.14
C LEU K 252 22.62 -12.63 -40.10
N TYR K 253 21.63 -12.86 -40.97
CA TYR K 253 20.38 -12.07 -40.97
C TYR K 253 19.67 -12.16 -39.63
N LYS K 254 19.44 -13.39 -39.16
CA LYS K 254 18.79 -13.62 -37.90
C LYS K 254 19.60 -13.00 -36.79
N TYR K 255 20.92 -13.20 -36.81
CA TYR K 255 21.80 -12.59 -35.81
C TYR K 255 21.64 -11.08 -35.74
N ILE K 256 21.60 -10.42 -36.91
CA ILE K 256 21.52 -8.98 -36.94
C ILE K 256 20.16 -8.46 -36.53
N ILE K 257 19.11 -9.14 -36.96
CA ILE K 257 17.75 -8.77 -36.54
C ILE K 257 17.58 -8.91 -35.01
N LYS K 258 17.99 -10.04 -34.46
CA LYS K 258 17.77 -10.33 -33.05
C LYS K 258 18.50 -9.34 -32.14
N ASN K 259 19.72 -9.00 -32.55
CA ASN K 259 20.57 -8.16 -31.73
C ASN K 259 20.33 -6.66 -31.94
N THR K 260 19.92 -6.25 -33.15
CA THR K 260 19.44 -4.88 -33.32
C THR K 260 18.24 -4.64 -32.39
N ALA K 261 17.32 -5.62 -32.32
CA ALA K 261 16.17 -5.53 -31.42
C ALA K 261 16.61 -5.45 -29.98
N TRP K 262 17.54 -6.34 -29.63
CA TRP K 262 18.00 -6.46 -28.25
C TRP K 262 18.64 -5.16 -27.78
N GLN K 263 19.52 -4.59 -28.61
CA GLN K 263 20.14 -3.32 -28.27
C GLN K 263 19.18 -2.14 -28.17
N ASN K 264 17.99 -2.27 -28.74
CA ASN K 264 17.02 -1.20 -28.62
C ASN K 264 15.87 -1.50 -27.67
N GLY K 265 16.15 -2.35 -26.67
CA GLY K 265 15.17 -2.68 -25.64
C GLY K 265 14.01 -3.56 -26.06
N LYS K 266 14.16 -4.29 -27.17
CA LYS K 266 13.10 -5.17 -27.68
C LYS K 266 13.58 -6.61 -27.76
N THR K 267 12.72 -7.48 -28.25
CA THR K 267 13.06 -8.89 -28.31
C THR K 267 12.34 -9.51 -29.49
N VAL K 268 13.08 -10.24 -30.31
CA VAL K 268 12.58 -10.72 -31.57
C VAL K 268 12.46 -12.22 -31.50
N THR K 269 11.40 -12.76 -32.14
CA THR K 269 11.33 -14.20 -32.37
C THR K 269 11.11 -14.55 -33.84
N PHE K 270 11.81 -15.61 -34.28
CA PHE K 270 11.60 -16.19 -35.59
C PHE K 270 10.74 -17.45 -35.54
N MET K 271 10.10 -17.73 -34.39
CA MET K 271 9.24 -18.90 -34.31
C MET K 271 8.09 -18.79 -35.30
N PRO K 272 7.67 -19.93 -35.87
CA PRO K 272 6.63 -19.92 -36.90
C PRO K 272 5.30 -19.33 -36.45
N LYS K 273 4.92 -19.54 -35.18
CA LYS K 273 3.57 -19.14 -34.75
C LYS K 273 3.53 -18.65 -33.30
N PRO K 274 3.96 -17.41 -33.04
CA PRO K 274 3.92 -16.87 -31.68
C PRO K 274 2.55 -16.33 -31.30
N LEU K 275 1.77 -15.91 -32.29
CA LEU K 275 0.45 -15.33 -32.02
C LEU K 275 -0.69 -16.16 -32.55
N PHE K 276 -1.63 -16.49 -31.70
CA PHE K 276 -2.81 -17.21 -32.14
C PHE K 276 -3.78 -16.23 -32.81
N GLY K 277 -4.20 -16.57 -34.05
CA GLY K 277 -5.16 -15.74 -34.79
C GLY K 277 -4.50 -14.51 -35.36
N ASP K 278 -3.23 -14.66 -35.71
CA ASP K 278 -2.50 -13.64 -36.44
C ASP K 278 -1.52 -14.38 -37.34
N ASN K 279 -1.00 -13.68 -38.35
CA ASN K 279 -0.12 -14.28 -39.35
C ASN K 279 1.07 -15.05 -38.73
N GLY K 280 1.36 -16.23 -39.25
CA GLY K 280 2.57 -16.94 -38.87
C GLY K 280 3.79 -16.35 -39.58
N SER K 281 4.98 -16.85 -39.26
CA SER K 281 6.18 -16.36 -39.91
C SER K 281 6.78 -17.45 -40.77
N GLY K 282 6.86 -17.17 -42.07
CA GLY K 282 7.38 -18.11 -43.05
C GLY K 282 8.72 -17.72 -43.65
N MET K 283 9.31 -18.66 -44.36
CA MET K 283 10.52 -18.40 -45.10
C MET K 283 10.33 -18.96 -46.51
N HIS K 284 9.99 -18.08 -47.43
CA HIS K 284 9.88 -18.46 -48.84
C HIS K 284 11.27 -18.67 -49.45
N CYS K 285 11.50 -19.85 -50.03
CA CYS K 285 12.80 -20.20 -50.59
C CYS K 285 12.81 -20.30 -52.12
N HIS K 286 13.41 -19.29 -52.75
CA HIS K 286 13.66 -19.27 -54.18
C HIS K 286 14.88 -20.15 -54.53
N GLN K 287 14.76 -20.92 -55.61
CA GLN K 287 15.81 -21.86 -56.02
C GLN K 287 15.98 -21.88 -57.53
N SER K 288 17.24 -21.95 -57.96
CA SER K 288 17.54 -22.23 -59.38
C SER K 288 18.89 -22.92 -59.53
N LEU K 289 19.01 -23.69 -60.62
CA LEU K 289 20.28 -24.33 -60.97
C LEU K 289 20.92 -23.63 -62.17
N TRP K 290 22.26 -23.54 -62.13
CA TRP K 290 23.03 -22.90 -63.19
C TRP K 290 24.22 -23.74 -63.61
N LYS K 291 24.57 -23.68 -64.89
CA LYS K 291 25.75 -24.35 -65.43
C LYS K 291 26.54 -23.45 -66.36
N ASP K 292 27.86 -23.41 -66.15
CA ASP K 292 28.79 -22.62 -66.96
C ASP K 292 28.28 -21.20 -67.18
N GLY K 293 27.86 -20.54 -66.10
CA GLY K 293 27.37 -19.16 -66.16
C GLY K 293 26.03 -18.95 -66.86
N ALA K 294 25.35 -20.06 -67.17
CA ALA K 294 24.05 -20.01 -67.86
C ALA K 294 22.94 -20.69 -67.06
N PRO K 295 21.71 -20.11 -67.11
CA PRO K 295 20.56 -20.64 -66.36
C PRO K 295 20.03 -21.94 -66.97
N LEU K 296 19.42 -22.80 -66.16
CA LEU K 296 18.95 -24.08 -66.63
C LEU K 296 17.45 -24.26 -66.44
N MET K 297 16.79 -23.24 -65.91
CA MET K 297 15.38 -23.39 -65.52
C MET K 297 14.40 -22.96 -66.60
N TYR K 298 14.89 -22.20 -67.58
CA TYR K 298 14.01 -21.59 -68.58
C TYR K 298 13.81 -22.41 -69.87
N ASP K 299 12.60 -22.30 -70.41
CA ASP K 299 12.20 -22.84 -71.71
C ASP K 299 10.88 -22.18 -72.11
N GLU K 300 10.90 -21.41 -73.21
CA GLU K 300 9.72 -20.67 -73.67
C GLU K 300 8.54 -21.60 -73.89
N THR K 301 8.84 -22.83 -74.32
CA THR K 301 7.82 -23.80 -74.76
C THR K 301 7.11 -24.51 -73.60
N GLY K 302 7.82 -24.69 -72.48
CA GLY K 302 7.26 -25.36 -71.30
C GLY K 302 6.26 -24.51 -70.54
N TYR K 303 5.39 -25.16 -69.74
CA TYR K 303 4.41 -24.43 -68.91
C TYR K 303 5.13 -23.49 -67.93
N ALA K 304 4.65 -22.23 -67.88
CA ALA K 304 5.23 -21.19 -67.02
C ALA K 304 6.72 -20.96 -67.26
N GLY K 305 7.17 -21.24 -68.49
CA GLY K 305 8.57 -21.02 -68.86
C GLY K 305 9.56 -22.00 -68.26
N LEU K 306 9.08 -23.17 -67.86
CA LEU K 306 9.92 -24.14 -67.16
C LEU K 306 10.52 -25.22 -68.05
N SER K 307 11.84 -25.40 -67.96
CA SER K 307 12.55 -26.45 -68.68
C SER K 307 12.23 -27.82 -68.10
N ASP K 308 12.70 -28.86 -68.78
CA ASP K 308 12.57 -30.24 -68.30
C ASP K 308 13.25 -30.41 -66.95
N THR K 309 14.42 -29.79 -66.83
CA THR K 309 15.19 -29.85 -65.60
C THR K 309 14.42 -29.22 -64.44
N ALA K 310 13.78 -28.07 -64.71
CA ALA K 310 12.98 -27.37 -63.70
C ALA K 310 11.79 -28.22 -63.25
N ARG K 311 11.04 -28.74 -64.22
CA ARG K 311 9.82 -29.50 -63.94
C ARG K 311 10.16 -30.74 -63.12
N HIS K 312 11.27 -31.40 -63.47
CA HIS K 312 11.72 -32.58 -62.71
C HIS K 312 12.16 -32.25 -61.28
N TYR K 313 12.81 -31.09 -61.12
CA TYR K 313 13.20 -30.56 -59.81
C TYR K 313 11.94 -30.39 -58.96
N ILE K 314 10.91 -29.77 -59.54
CA ILE K 314 9.63 -29.61 -58.87
C ILE K 314 9.06 -30.98 -58.52
N GLY K 315 9.16 -31.92 -59.47
CA GLY K 315 8.71 -33.29 -59.24
C GLY K 315 9.31 -33.85 -57.96
N GLY K 316 10.62 -33.63 -57.79
CA GLY K 316 11.36 -34.08 -56.60
C GLY K 316 10.87 -33.42 -55.31
N LEU K 317 10.66 -32.11 -55.37
CA LEU K 317 10.20 -31.36 -54.21
C LEU K 317 8.86 -31.90 -53.76
N LEU K 318 7.92 -32.03 -54.69
CA LEU K 318 6.57 -32.44 -54.35
C LEU K 318 6.51 -33.89 -53.91
N HIS K 319 7.33 -34.75 -54.52
CA HIS K 319 7.35 -36.17 -54.15
C HIS K 319 7.96 -36.36 -52.76
N HIS K 320 9.04 -35.62 -52.48
CA HIS K 320 9.73 -35.78 -51.20
C HIS K 320 9.25 -34.82 -50.08
N ALA K 321 8.35 -33.90 -50.41
CA ALA K 321 7.84 -32.93 -49.44
C ALA K 321 7.51 -33.51 -48.05
N PRO K 322 6.75 -34.63 -47.96
CA PRO K 322 6.43 -35.13 -46.62
C PRO K 322 7.64 -35.43 -45.74
N SER K 323 8.78 -35.80 -46.32
CA SER K 323 9.97 -36.04 -45.53
C SER K 323 10.84 -34.78 -45.46
N LEU K 324 10.76 -33.97 -46.51
CA LEU K 324 11.53 -32.75 -46.65
C LEU K 324 11.20 -31.76 -45.53
N LEU K 325 9.93 -31.70 -45.14
CA LEU K 325 9.51 -30.80 -44.06
C LEU K 325 10.21 -31.09 -42.73
N ALA K 326 10.83 -32.26 -42.58
CA ALA K 326 11.59 -32.56 -41.36
C ALA K 326 12.75 -31.60 -41.18
N PHE K 327 13.16 -30.97 -42.29
CA PHE K 327 14.24 -29.99 -42.24
C PHE K 327 13.74 -28.58 -42.53
N THR K 328 12.72 -28.43 -43.37
CA THR K 328 12.26 -27.10 -43.73
C THR K 328 11.25 -26.55 -42.73
N ASN K 329 10.60 -27.46 -42.03
CA ASN K 329 9.62 -27.10 -41.00
C ASN K 329 9.80 -27.97 -39.75
N PRO K 330 10.98 -27.88 -39.10
CA PRO K 330 11.47 -28.93 -38.18
C PRO K 330 10.96 -28.87 -36.73
N THR K 331 10.01 -27.99 -36.43
CA THR K 331 9.53 -27.84 -35.05
C THR K 331 8.05 -28.19 -34.87
N VAL K 332 7.65 -28.48 -33.64
CA VAL K 332 6.24 -28.72 -33.34
C VAL K 332 5.42 -27.47 -33.68
N ASN K 333 5.94 -26.30 -33.29
CA ASN K 333 5.31 -25.01 -33.58
C ASN K 333 5.15 -24.71 -35.10
N SER K 334 6.00 -25.31 -35.94
CA SER K 334 5.83 -25.18 -37.40
C SER K 334 4.42 -25.55 -37.87
N TYR K 335 3.81 -26.54 -37.22
CA TYR K 335 2.56 -27.10 -37.70
C TYR K 335 1.36 -26.31 -37.21
N LYS K 336 1.63 -25.29 -36.41
CA LYS K 336 0.62 -24.30 -36.07
C LYS K 336 0.48 -23.24 -37.16
N ARG K 337 1.45 -23.17 -38.05
CA ARG K 337 1.37 -22.31 -39.21
C ARG K 337 0.84 -23.09 -40.42
N LEU K 338 1.35 -24.30 -40.62
CA LEU K 338 0.93 -25.17 -41.70
C LEU K 338 -0.36 -25.86 -41.32
N VAL K 339 -1.43 -25.08 -41.21
CA VAL K 339 -2.70 -25.58 -40.69
C VAL K 339 -3.78 -25.83 -41.73
N PRO K 340 -4.33 -27.09 -41.76
CA PRO K 340 -5.29 -27.70 -42.72
C PRO K 340 -6.50 -26.90 -43.24
N GLY K 341 -6.71 -25.66 -42.80
CA GLY K 341 -7.89 -24.92 -43.30
C GLY K 341 -7.80 -23.44 -43.67
N TYR K 342 -6.67 -23.02 -44.26
CA TYR K 342 -6.45 -21.57 -44.50
C TYR K 342 -5.83 -21.25 -45.87
N GLU K 343 -5.02 -20.19 -45.91
CA GLU K 343 -4.17 -19.84 -47.06
C GLU K 343 -2.89 -20.67 -47.08
N ALA K 344 -2.75 -21.52 -46.06
CA ALA K 344 -1.55 -22.32 -45.79
C ALA K 344 -0.91 -22.98 -47.02
N PRO K 345 0.36 -22.68 -47.29
CA PRO K 345 1.11 -23.38 -48.33
C PRO K 345 1.32 -24.87 -48.00
N ILE K 346 0.23 -25.64 -48.01
CA ILE K 346 0.24 -27.07 -47.66
C ILE K 346 -0.16 -27.99 -48.81
N ASN K 347 -0.66 -27.41 -49.90
CA ASN K 347 -1.07 -28.18 -51.08
C ASN K 347 0.08 -28.61 -51.96
N LEU K 348 0.26 -29.92 -52.10
CA LEU K 348 1.38 -30.50 -52.85
C LEU K 348 1.24 -30.37 -54.37
N VAL K 349 1.08 -29.14 -54.85
CA VAL K 349 1.01 -28.84 -56.28
C VAL K 349 1.93 -27.68 -56.58
N TYR K 350 2.26 -27.47 -57.85
CA TYR K 350 2.90 -26.21 -58.23
C TYR K 350 1.92 -25.34 -59.00
N SER K 351 2.15 -24.04 -58.93
CA SER K 351 1.22 -23.08 -59.49
C SER K 351 1.93 -21.77 -59.81
N GLN K 352 1.22 -20.89 -60.51
CA GLN K 352 1.75 -19.61 -60.93
C GLN K 352 0.95 -18.50 -60.26
N ARG K 353 -0.29 -18.81 -59.90
CA ARG K 353 -1.22 -17.81 -59.34
C ARG K 353 -1.70 -18.16 -57.94
N ASN K 354 -1.73 -19.45 -57.65
CA ASN K 354 -2.27 -19.95 -56.38
C ASN K 354 -1.29 -19.79 -55.22
N ARG K 355 -1.59 -18.80 -54.37
CA ARG K 355 -0.75 -18.51 -53.21
C ARG K 355 -1.15 -19.47 -52.09
N SER K 356 -1.15 -20.75 -52.41
CA SER K 356 -1.63 -21.79 -51.50
C SER K 356 -0.92 -23.13 -51.83
N ALA K 357 -0.06 -23.07 -52.83
CA ALA K 357 0.69 -24.24 -53.29
C ALA K 357 2.10 -24.21 -52.73
N CYS K 358 2.61 -25.40 -52.43
CA CYS K 358 3.99 -25.58 -51.95
C CYS K 358 4.99 -24.87 -52.83
N VAL K 359 4.88 -25.08 -54.13
CA VAL K 359 5.82 -24.54 -55.08
C VAL K 359 5.10 -23.50 -55.91
N ARG K 360 5.64 -22.29 -55.93
CA ARG K 360 5.10 -21.24 -56.78
C ARG K 360 6.16 -20.84 -57.80
N ILE K 361 5.72 -20.51 -59.00
CA ILE K 361 6.63 -20.03 -60.02
C ILE K 361 6.39 -18.54 -60.18
N PRO K 362 7.29 -17.71 -59.61
CA PRO K 362 7.09 -16.26 -59.72
C PRO K 362 7.06 -15.84 -61.18
N ILE K 363 6.21 -14.88 -61.53
CA ILE K 363 6.11 -14.45 -62.91
C ILE K 363 7.22 -13.46 -63.27
N THR K 364 8.06 -13.88 -64.20
CA THR K 364 9.31 -13.21 -64.51
C THR K 364 9.42 -12.91 -66.00
N GLY K 365 8.33 -13.14 -66.72
CA GLY K 365 8.28 -12.94 -68.18
C GLY K 365 9.22 -13.86 -68.95
N SER K 366 9.86 -13.30 -69.99
CA SER K 366 10.70 -14.08 -70.89
C SER K 366 12.21 -13.96 -70.64
N ASN K 367 12.60 -13.23 -69.58
CA ASN K 367 14.00 -13.17 -69.16
C ASN K 367 14.43 -14.53 -68.57
N PRO K 368 15.31 -15.27 -69.31
CA PRO K 368 15.65 -16.62 -68.89
C PRO K 368 16.37 -16.69 -67.54
N LYS K 369 17.17 -15.66 -67.23
CA LYS K 369 17.98 -15.63 -66.02
C LYS K 369 17.14 -15.61 -64.73
N ALA K 370 15.99 -14.95 -64.80
CA ALA K 370 15.12 -14.77 -63.64
C ALA K 370 14.28 -16.00 -63.29
N LYS K 371 14.20 -16.98 -64.21
CA LYS K 371 13.33 -18.13 -64.00
C LYS K 371 13.81 -18.99 -62.83
N ARG K 372 12.87 -19.31 -61.93
CA ARG K 372 13.17 -20.02 -60.67
C ARG K 372 11.89 -20.57 -60.05
N LEU K 373 12.07 -21.42 -59.05
CA LEU K 373 10.94 -21.92 -58.27
C LEU K 373 11.02 -21.49 -56.80
N GLU K 374 9.88 -21.12 -56.26
CA GLU K 374 9.74 -20.66 -54.88
C GLU K 374 9.05 -21.76 -54.05
N PHE K 375 9.80 -22.36 -53.13
CA PHE K 375 9.22 -23.30 -52.16
C PHE K 375 8.69 -22.51 -50.96
N ARG K 376 7.37 -22.51 -50.77
CA ARG K 376 6.71 -21.57 -49.85
C ARG K 376 6.46 -22.12 -48.43
N SER K 377 6.52 -23.44 -48.27
CA SER K 377 6.22 -24.10 -47.01
C SER K 377 7.19 -23.80 -45.86
N PRO K 378 8.50 -23.64 -46.13
CA PRO K 378 9.45 -23.56 -45.03
C PRO K 378 9.21 -22.40 -44.07
N ASP K 379 9.78 -22.51 -42.87
CA ASP K 379 9.81 -21.41 -41.91
C ASP K 379 11.24 -21.21 -41.41
N SER K 380 11.44 -20.28 -40.49
CA SER K 380 12.79 -19.97 -40.03
C SER K 380 13.21 -20.72 -38.77
N SER K 381 12.50 -21.80 -38.43
CA SER K 381 12.65 -22.41 -37.11
C SER K 381 13.78 -23.42 -36.98
N GLY K 382 14.46 -23.72 -38.08
CA GLY K 382 15.48 -24.76 -37.99
C GLY K 382 16.88 -24.36 -38.41
N ASN K 383 17.36 -25.05 -39.44
CA ASN K 383 18.73 -24.96 -39.83
C ASN K 383 18.78 -24.75 -41.32
N PRO K 384 19.18 -23.54 -41.76
CA PRO K 384 19.13 -23.24 -43.19
C PRO K 384 20.15 -24.07 -43.96
N TYR K 385 21.27 -24.42 -43.32
CA TYR K 385 22.25 -25.28 -43.98
C TYR K 385 21.59 -26.62 -44.33
N LEU K 386 20.86 -27.19 -43.38
CA LEU K 386 20.22 -28.48 -43.64
C LEU K 386 19.01 -28.32 -44.55
N ALA K 387 18.24 -27.28 -44.33
CA ALA K 387 17.05 -27.06 -45.14
C ALA K 387 17.39 -26.85 -46.61
N PHE K 388 18.31 -25.95 -46.90
CA PHE K 388 18.70 -25.72 -48.30
C PHE K 388 19.27 -27.01 -48.93
N SER K 389 20.17 -27.68 -48.22
CA SER K 389 20.74 -28.94 -48.70
C SER K 389 19.65 -29.95 -49.01
N ALA K 390 18.74 -30.17 -48.06
CA ALA K 390 17.66 -31.12 -48.23
C ALA K 390 16.79 -30.78 -49.45
N MET K 391 16.52 -29.50 -49.65
CA MET K 391 15.75 -29.06 -50.81
C MET K 391 16.47 -29.39 -52.13
N LEU K 392 17.79 -29.18 -52.16
CA LEU K 392 18.56 -29.47 -53.36
C LEU K 392 18.55 -30.95 -53.66
N MET K 393 18.76 -31.77 -52.63
CA MET K 393 18.75 -33.22 -52.78
C MET K 393 17.41 -33.75 -53.31
N ALA K 394 16.30 -33.18 -52.84
CA ALA K 394 14.99 -33.55 -53.35
C ALA K 394 14.91 -33.23 -54.84
N GLY K 395 15.33 -32.01 -55.20
CA GLY K 395 15.36 -31.56 -56.61
C GLY K 395 16.26 -32.40 -57.50
N LEU K 396 17.43 -32.77 -57.00
CA LEU K 396 18.36 -33.60 -57.75
C LEU K 396 17.88 -35.04 -57.95
N ASP K 397 17.27 -35.62 -56.92
CA ASP K 397 16.60 -36.92 -57.05
C ASP K 397 15.46 -36.83 -58.07
N GLY K 398 14.78 -35.68 -58.11
CA GLY K 398 13.72 -35.44 -59.08
C GLY K 398 14.24 -35.45 -60.51
N ILE K 399 15.42 -34.86 -60.72
CA ILE K 399 16.03 -34.81 -62.06
C ILE K 399 16.58 -36.18 -62.47
N LYS K 400 17.41 -36.79 -61.61
CA LYS K 400 17.95 -38.14 -61.89
C LYS K 400 16.90 -39.18 -62.26
N ASN K 401 15.76 -39.18 -61.57
CA ASN K 401 14.68 -40.15 -61.83
C ASN K 401 13.54 -39.57 -62.65
N LYS K 402 13.79 -38.42 -63.28
CA LYS K 402 12.80 -37.77 -64.15
C LYS K 402 11.38 -37.80 -63.59
N ILE K 403 11.25 -37.48 -62.30
CA ILE K 403 9.94 -37.51 -61.64
C ILE K 403 8.99 -36.47 -62.22
N GLU K 404 7.81 -36.92 -62.61
CA GLU K 404 6.81 -36.03 -63.15
C GLU K 404 5.84 -35.56 -62.05
N PRO K 405 5.75 -34.22 -61.87
CA PRO K 405 4.80 -33.66 -60.91
C PRO K 405 3.38 -33.73 -61.42
N GLN K 406 2.40 -33.72 -60.53
CA GLN K 406 1.00 -33.58 -60.92
C GLN K 406 0.80 -32.37 -61.79
N ALA K 407 -0.29 -32.36 -62.54
CA ALA K 407 -0.68 -31.19 -63.32
C ALA K 407 -0.79 -29.96 -62.41
N PRO K 408 -0.19 -28.82 -62.82
CA PRO K 408 -0.29 -27.56 -62.08
C PRO K 408 -1.72 -27.10 -61.91
N VAL K 409 -1.97 -26.31 -60.86
CA VAL K 409 -3.31 -25.79 -60.56
C VAL K 409 -3.29 -24.25 -60.45
N ASP K 410 -3.94 -23.57 -61.40
CA ASP K 410 -3.99 -22.10 -61.44
C ASP K 410 -5.25 -21.48 -60.84
N LYS K 411 -6.28 -22.30 -60.64
CA LYS K 411 -7.51 -21.90 -59.96
C LYS K 411 -7.44 -22.24 -58.48
N ASP K 412 -8.17 -21.47 -57.65
CA ASP K 412 -8.13 -21.61 -56.18
C ASP K 412 -8.50 -22.99 -55.66
N ALA K 421 -10.69 -31.02 -55.04
CA ALA K 421 -11.02 -30.76 -53.65
C ALA K 421 -10.31 -31.77 -52.71
N ALA K 422 -10.85 -32.98 -52.63
CA ALA K 422 -10.17 -34.12 -51.97
C ALA K 422 -9.10 -34.68 -52.93
N SER K 423 -9.07 -34.10 -54.13
CA SER K 423 -8.17 -34.48 -55.22
C SER K 423 -6.71 -34.14 -54.90
N ILE K 424 -6.49 -33.00 -54.24
CA ILE K 424 -5.14 -32.45 -54.02
C ILE K 424 -4.53 -32.96 -52.71
N PRO K 425 -3.33 -33.61 -52.80
CA PRO K 425 -2.66 -34.13 -51.60
C PRO K 425 -2.10 -33.00 -50.70
N GLN K 426 -2.05 -33.28 -49.41
CA GLN K 426 -1.59 -32.32 -48.41
C GLN K 426 -0.23 -32.71 -47.83
N THR K 427 0.49 -31.73 -47.29
CA THR K 427 1.63 -31.99 -46.42
C THR K 427 1.11 -32.54 -45.09
N PRO K 428 1.87 -33.43 -44.43
CA PRO K 428 1.38 -33.90 -43.13
C PRO K 428 1.18 -32.73 -42.18
N THR K 429 0.38 -32.93 -41.13
CA THR K 429 -0.05 -31.81 -40.28
C THR K 429 0.61 -31.74 -38.90
N GLN K 430 1.53 -32.67 -38.62
CA GLN K 430 2.20 -32.80 -37.31
C GLN K 430 3.67 -33.11 -37.53
N LEU K 431 4.53 -32.62 -36.65
CA LEU K 431 5.94 -32.93 -36.73
C LEU K 431 6.21 -34.44 -36.64
N SER K 432 5.43 -35.14 -35.81
CA SER K 432 5.66 -36.57 -35.60
C SER K 432 5.42 -37.34 -36.90
N ASP K 433 4.39 -36.94 -37.64
CA ASP K 433 4.14 -37.51 -38.97
C ASP K 433 5.29 -37.27 -39.94
N VAL K 434 5.81 -36.03 -40.00
CA VAL K 434 6.89 -35.78 -40.98
C VAL K 434 8.17 -36.47 -40.57
N ILE K 435 8.37 -36.67 -39.27
CA ILE K 435 9.52 -37.43 -38.81
C ILE K 435 9.37 -38.91 -39.21
N ASP K 436 8.15 -39.44 -39.08
CA ASP K 436 7.86 -40.80 -39.58
C ASP K 436 8.20 -40.91 -41.06
N ARG K 437 7.71 -39.96 -41.86
CA ARG K 437 7.98 -39.96 -43.29
C ARG K 437 9.47 -39.84 -43.62
N LEU K 438 10.22 -39.07 -42.83
CA LEU K 438 11.66 -38.97 -43.03
C LEU K 438 12.32 -40.32 -42.76
N GLU K 439 11.88 -41.00 -41.70
CA GLU K 439 12.40 -42.30 -41.33
C GLU K 439 12.18 -43.33 -42.44
N ALA K 440 11.02 -43.25 -43.09
CA ALA K 440 10.62 -44.16 -44.14
C ALA K 440 11.23 -43.84 -45.51
N ASP K 441 11.70 -42.61 -45.73
CA ASP K 441 12.13 -42.19 -47.07
C ASP K 441 13.22 -41.11 -46.99
N HIS K 442 14.45 -41.53 -46.74
CA HIS K 442 15.57 -40.59 -46.70
C HIS K 442 16.71 -41.01 -47.60
N GLU K 443 16.42 -41.95 -48.49
CA GLU K 443 17.38 -42.41 -49.49
C GLU K 443 17.95 -41.25 -50.33
N TYR K 444 17.08 -40.34 -50.78
CA TYR K 444 17.52 -39.21 -51.58
C TYR K 444 18.50 -38.25 -50.89
N LEU K 445 18.48 -38.23 -49.57
CA LEU K 445 19.36 -37.35 -48.82
C LEU K 445 20.77 -37.93 -48.69
N THR K 446 20.88 -39.26 -48.78
CA THR K 446 22.16 -39.96 -48.61
C THR K 446 22.99 -40.12 -49.91
N GLU K 447 22.37 -39.80 -51.05
CA GLU K 447 23.07 -39.80 -52.32
C GLU K 447 24.36 -38.99 -52.22
N GLY K 448 25.47 -39.55 -52.68
CA GLY K 448 26.74 -38.85 -52.66
C GLY K 448 27.29 -38.66 -51.25
N GLY K 449 26.67 -39.30 -50.27
CA GLY K 449 27.05 -39.12 -48.87
C GLY K 449 26.83 -37.71 -48.30
N VAL K 450 25.95 -36.92 -48.91
CA VAL K 450 25.66 -35.56 -48.43
C VAL K 450 25.12 -35.57 -46.97
N PHE K 451 23.97 -36.21 -46.76
CA PHE K 451 23.52 -36.60 -45.43
C PHE K 451 23.95 -38.04 -45.20
N THR K 452 24.26 -38.42 -43.97
CA THR K 452 24.54 -39.83 -43.67
C THR K 452 23.36 -40.46 -42.91
N ASN K 453 23.20 -41.77 -43.01
CA ASN K 453 22.15 -42.47 -42.24
C ASN K 453 22.29 -42.16 -40.74
N ASP K 454 23.53 -42.14 -40.27
CA ASP K 454 23.84 -41.82 -38.88
C ASP K 454 23.21 -40.48 -38.45
N LEU K 455 23.40 -39.45 -39.28
CA LEU K 455 22.87 -38.11 -38.99
C LEU K 455 21.34 -38.06 -38.99
N ILE K 456 20.72 -38.70 -39.98
CA ILE K 456 19.28 -38.74 -40.10
C ILE K 456 18.66 -39.45 -38.90
N GLU K 457 19.23 -40.57 -38.47
CA GLU K 457 18.77 -41.25 -37.27
C GLU K 457 18.87 -40.37 -36.03
N THR K 458 19.95 -39.60 -35.95
CA THR K 458 20.19 -38.72 -34.81
C THR K 458 19.13 -37.61 -34.77
N TRP K 459 18.87 -37.02 -35.93
CA TRP K 459 17.84 -35.99 -36.09
C TRP K 459 16.45 -36.53 -35.69
N ILE K 460 16.14 -37.77 -36.07
CA ILE K 460 14.87 -38.40 -35.77
C ILE K 460 14.73 -38.64 -34.26
N SER K 461 15.79 -39.14 -33.64
CA SER K 461 15.84 -39.32 -32.19
C SER K 461 15.64 -38.03 -31.42
N PHE K 462 16.44 -37.03 -31.78
CA PHE K 462 16.44 -35.72 -31.16
C PHE K 462 15.04 -35.13 -31.14
N LYS K 463 14.37 -35.13 -32.31
CA LYS K 463 13.06 -34.51 -32.42
C LYS K 463 12.02 -35.28 -31.61
N ARG K 464 12.14 -36.60 -31.58
CA ARG K 464 11.20 -37.44 -30.86
C ARG K 464 11.34 -37.29 -29.36
N GLU K 465 12.58 -37.35 -28.87
CA GLU K 465 12.85 -37.35 -27.45
C GLU K 465 12.84 -35.96 -26.78
N ASN K 466 13.28 -34.95 -27.52
CA ASN K 466 13.41 -33.61 -26.97
C ASN K 466 12.31 -32.63 -27.36
N GLU K 467 11.55 -32.94 -28.40
CA GLU K 467 10.54 -31.99 -28.87
C GLU K 467 9.15 -32.58 -28.92
N ILE K 468 8.95 -33.63 -29.73
CA ILE K 468 7.64 -34.23 -29.91
C ILE K 468 7.05 -34.75 -28.60
N GLU K 469 7.80 -35.61 -27.91
CA GLU K 469 7.32 -36.24 -26.69
C GLU K 469 7.13 -35.25 -25.52
N PRO K 470 8.11 -34.37 -25.23
CA PRO K 470 7.91 -33.41 -24.16
C PRO K 470 6.68 -32.53 -24.33
N VAL K 471 6.32 -32.16 -25.56
CA VAL K 471 5.10 -31.39 -25.79
C VAL K 471 3.90 -32.28 -25.58
N ASN K 472 3.94 -33.46 -26.19
CA ASN K 472 2.91 -34.47 -26.03
C ASN K 472 2.45 -34.83 -24.63
N ILE K 473 3.37 -34.87 -23.67
CA ILE K 473 3.05 -35.35 -22.32
C ILE K 473 2.52 -34.23 -21.45
N ARG K 474 2.59 -33.00 -21.95
CA ARG K 474 2.17 -31.86 -21.14
C ARG K 474 0.79 -31.36 -21.54
N PRO K 475 -0.15 -31.38 -20.59
CA PRO K 475 -1.49 -30.90 -20.85
C PRO K 475 -1.45 -29.48 -21.41
N HIS K 476 -2.27 -29.26 -22.43
CA HIS K 476 -2.41 -27.96 -23.07
C HIS K 476 -3.45 -27.12 -22.32
N PRO K 477 -3.18 -25.82 -22.12
CA PRO K 477 -4.14 -24.98 -21.38
C PRO K 477 -5.58 -25.09 -21.88
N TYR K 478 -5.75 -25.24 -23.18
CA TYR K 478 -7.09 -25.27 -23.74
C TYR K 478 -7.82 -26.57 -23.40
N GLU K 479 -7.07 -27.60 -23.04
CA GLU K 479 -7.66 -28.84 -22.58
C GLU K 479 -8.42 -28.62 -21.29
N PHE K 480 -7.99 -27.66 -20.48
CA PHE K 480 -8.70 -27.33 -19.26
C PHE K 480 -10.04 -26.65 -19.56
N ALA K 481 -10.04 -25.77 -20.56
CA ALA K 481 -11.25 -25.12 -21.03
C ALA K 481 -12.23 -26.19 -21.54
N LEU K 482 -11.72 -27.19 -22.25
CA LEU K 482 -12.56 -28.22 -22.85
C LEU K 482 -13.01 -29.29 -21.89
N TYR K 483 -12.17 -29.64 -20.92
CA TYR K 483 -12.36 -30.88 -20.22
C TYR K 483 -12.40 -30.86 -18.71
N TYR K 484 -12.08 -29.73 -18.06
CA TYR K 484 -12.00 -29.72 -16.59
C TYR K 484 -13.28 -30.28 -15.99
N ASP K 485 -14.40 -29.95 -16.61
CA ASP K 485 -15.69 -30.28 -16.04
C ASP K 485 -16.40 -31.50 -16.66
N VAL K 486 -15.66 -32.37 -17.33
CA VAL K 486 -16.24 -33.58 -17.92
C VAL K 486 -16.93 -34.51 -16.92
N LYS L 12 62.40 -10.54 -14.54
CA LYS L 12 62.10 -9.18 -13.98
C LYS L 12 62.85 -8.84 -12.70
N THR L 13 63.45 -7.65 -12.70
CA THR L 13 64.37 -7.23 -11.63
C THR L 13 63.73 -6.13 -10.77
N PRO L 14 64.29 -5.91 -9.56
CA PRO L 14 63.88 -4.73 -8.78
C PRO L 14 63.81 -3.43 -9.60
N ASP L 15 64.84 -3.16 -10.41
CA ASP L 15 64.85 -1.93 -11.24
C ASP L 15 63.70 -1.84 -12.23
N ASP L 16 63.30 -2.98 -12.80
CA ASP L 16 62.12 -3.02 -13.66
C ASP L 16 60.90 -2.49 -12.89
N VAL L 17 60.77 -2.92 -11.64
CA VAL L 17 59.61 -2.59 -10.83
C VAL L 17 59.61 -1.11 -10.52
N PHE L 18 60.77 -0.57 -10.12
CA PHE L 18 60.87 0.85 -9.81
C PHE L 18 60.55 1.69 -11.04
N LYS L 19 60.98 1.20 -12.20
CA LYS L 19 60.72 1.87 -13.45
C LYS L 19 59.23 1.89 -13.78
N LEU L 20 58.57 0.75 -13.56
CA LEU L 20 57.11 0.65 -13.70
C LEU L 20 56.39 1.63 -12.77
N ALA L 21 56.83 1.68 -11.51
CA ALA L 21 56.23 2.56 -10.51
C ALA L 21 56.35 4.01 -10.93
N LYS L 22 57.51 4.40 -11.42
CA LYS L 22 57.76 5.78 -11.83
C LYS L 22 57.00 6.12 -13.11
N ASP L 23 57.09 5.24 -14.12
CA ASP L 23 56.38 5.46 -15.39
C ASP L 23 54.87 5.58 -15.21
N GLU L 24 54.30 4.76 -14.33
CA GLU L 24 52.83 4.74 -14.13
C GLU L 24 52.35 5.77 -13.09
N LYS L 25 53.30 6.47 -12.47
CA LYS L 25 53.00 7.48 -11.46
C LYS L 25 52.17 6.89 -10.31
N VAL L 26 52.62 5.74 -9.85
CA VAL L 26 51.99 4.98 -8.80
C VAL L 26 51.97 5.80 -7.50
N GLU L 27 50.83 5.80 -6.83
CA GLU L 27 50.67 6.53 -5.58
C GLU L 27 50.84 5.61 -4.36
N TYR L 28 50.37 4.36 -4.48
CA TYR L 28 50.45 3.37 -3.42
C TYR L 28 50.99 2.03 -3.90
N VAL L 29 51.60 1.29 -2.98
CA VAL L 29 52.02 -0.07 -3.23
C VAL L 29 51.26 -1.00 -2.29
N ASP L 30 50.60 -2.01 -2.88
CA ASP L 30 49.83 -2.97 -2.12
C ASP L 30 50.67 -4.20 -1.83
N VAL L 31 50.93 -4.44 -0.54
CA VAL L 31 51.75 -5.57 -0.10
C VAL L 31 50.84 -6.78 0.09
N ARG L 32 50.95 -7.75 -0.80
CA ARG L 32 50.10 -8.94 -0.78
C ARG L 32 50.84 -10.20 -0.36
N PHE L 33 50.17 -11.03 0.41
CA PHE L 33 50.70 -12.33 0.79
C PHE L 33 49.50 -13.28 0.91
N CYS L 34 49.74 -14.58 0.73
CA CYS L 34 48.67 -15.58 0.69
C CYS L 34 48.44 -16.22 2.02
N ASP L 35 47.19 -16.34 2.42
CA ASP L 35 46.90 -17.10 3.63
C ASP L 35 46.75 -18.58 3.31
N LEU L 36 46.57 -19.39 4.34
CA LEU L 36 46.56 -20.82 4.21
C LEU L 36 45.44 -21.33 3.29
N PRO L 37 44.16 -21.02 3.58
CA PRO L 37 43.11 -21.50 2.66
C PRO L 37 43.19 -20.99 1.21
N GLY L 38 43.82 -19.85 0.97
CA GLY L 38 44.06 -19.44 -0.39
C GLY L 38 43.56 -18.07 -0.82
N ILE L 39 43.20 -17.26 0.18
CA ILE L 39 42.80 -15.87 -0.07
C ILE L 39 44.01 -14.95 0.11
N MET L 40 44.21 -14.05 -0.84
CA MET L 40 45.26 -13.05 -0.74
C MET L 40 44.93 -11.97 0.29
N GLN L 41 45.92 -11.68 1.14
CA GLN L 41 45.85 -10.64 2.16
C GLN L 41 46.67 -9.43 1.72
N HIS L 42 46.38 -8.28 2.30
CA HIS L 42 47.11 -7.09 1.94
C HIS L 42 47.14 -6.00 3.00
N PHE L 43 48.15 -5.14 2.91
CA PHE L 43 48.11 -3.81 3.49
C PHE L 43 48.80 -2.87 2.49
N THR L 44 48.67 -1.57 2.70
CA THR L 44 49.12 -0.63 1.72
C THR L 44 50.11 0.37 2.30
N ILE L 45 51.11 0.72 1.49
CA ILE L 45 52.14 1.69 1.87
C ILE L 45 52.21 2.78 0.80
N PRO L 46 52.65 4.00 1.16
CA PRO L 46 52.81 5.02 0.13
C PRO L 46 53.95 4.62 -0.80
N ALA L 47 53.81 4.96 -2.08
CA ALA L 47 54.83 4.65 -3.09
C ALA L 47 56.20 5.19 -2.69
N SER L 48 56.21 6.40 -2.14
CA SER L 48 57.43 7.06 -1.71
C SER L 48 58.24 6.26 -0.67
N ALA L 49 57.64 5.21 -0.11
CA ALA L 49 58.34 4.35 0.86
C ALA L 49 58.70 3.01 0.25
N PHE L 50 58.50 2.92 -1.07
CA PHE L 50 58.88 1.74 -1.81
C PHE L 50 60.20 1.96 -2.53
N ASP L 51 61.29 1.51 -1.90
CA ASP L 51 62.66 1.73 -2.40
C ASP L 51 63.48 0.44 -2.31
N LYS L 52 64.80 0.55 -2.47
CA LYS L 52 65.67 -0.64 -2.47
C LYS L 52 65.64 -1.44 -1.17
N SER L 53 65.51 -0.73 -0.06
CA SER L 53 65.44 -1.37 1.28
C SER L 53 64.24 -2.33 1.46
N VAL L 54 63.25 -2.23 0.57
CA VAL L 54 62.13 -3.17 0.55
C VAL L 54 62.62 -4.52 0.01
N PHE L 55 63.37 -4.50 -1.09
CA PHE L 55 63.96 -5.73 -1.64
C PHE L 55 65.06 -6.34 -0.78
N ASP L 56 65.88 -5.50 -0.15
CA ASP L 56 67.01 -5.97 0.63
C ASP L 56 66.62 -6.39 2.04
N ASP L 57 65.93 -5.53 2.78
CA ASP L 57 65.66 -5.78 4.19
C ASP L 57 64.25 -6.31 4.42
N GLY L 58 63.34 -5.94 3.53
CA GLY L 58 61.93 -6.34 3.62
C GLY L 58 61.08 -5.39 4.44
N LEU L 59 59.80 -5.75 4.61
CA LEU L 59 58.88 -4.95 5.40
C LEU L 59 58.44 -5.69 6.64
N ALA L 60 58.50 -4.99 7.78
CA ALA L 60 58.06 -5.55 9.05
C ALA L 60 56.56 -5.39 9.15
N PHE L 61 55.90 -6.42 9.68
CA PHE L 61 54.47 -6.36 9.94
C PHE L 61 54.09 -7.30 11.09
N ASP L 62 53.14 -6.87 11.92
CA ASP L 62 52.69 -7.62 13.10
C ASP L 62 52.40 -9.08 12.72
N GLY L 63 53.03 -10.02 13.44
CA GLY L 63 53.05 -11.43 13.03
C GLY L 63 51.91 -12.32 13.47
N SER L 64 50.93 -11.76 14.16
CA SER L 64 49.66 -12.44 14.40
C SER L 64 48.68 -12.05 13.28
N SER L 65 48.96 -10.91 12.66
CA SER L 65 48.23 -10.42 11.50
C SER L 65 48.63 -11.17 10.20
N ILE L 66 49.95 -11.39 10.02
CA ILE L 66 50.54 -12.18 8.91
C ILE L 66 50.21 -13.68 9.01
N ARG L 67 50.10 -14.19 10.24
CA ARG L 67 49.85 -15.62 10.50
C ARG L 67 48.37 -16.03 10.49
N GLY L 68 47.47 -15.08 10.73
CA GLY L 68 46.03 -15.34 10.68
C GLY L 68 45.39 -15.90 11.94
N PHE L 69 46.22 -16.32 12.90
CA PHE L 69 45.74 -16.76 14.24
C PHE L 69 46.42 -15.98 15.38
N GLN L 70 45.83 -16.07 16.56
CA GLN L 70 46.25 -15.25 17.69
C GLN L 70 47.01 -16.03 18.77
N SER L 75 56.71 -14.18 16.15
CA SER L 75 55.46 -13.42 16.26
C SER L 75 55.41 -12.26 15.25
N ASP L 76 56.46 -11.45 15.20
CA ASP L 76 56.62 -10.43 14.14
C ASP L 76 57.12 -11.10 12.86
N MET L 77 56.57 -10.73 11.71
CA MET L 77 57.05 -11.34 10.48
C MET L 77 57.61 -10.34 9.48
N LEU L 78 58.53 -10.84 8.65
CA LEU L 78 59.20 -10.03 7.64
C LEU L 78 58.76 -10.43 6.25
N LEU L 79 58.42 -9.46 5.40
CA LEU L 79 57.91 -9.74 4.06
C LEU L 79 58.88 -9.30 2.98
N LEU L 80 59.20 -10.20 2.06
CA LEU L 80 60.15 -9.91 0.97
C LEU L 80 59.49 -10.00 -0.41
N PRO L 81 59.64 -8.96 -1.23
CA PRO L 81 58.87 -8.88 -2.47
C PRO L 81 59.38 -9.79 -3.58
N ASP L 82 58.45 -10.32 -4.39
CA ASP L 82 58.78 -11.04 -5.61
C ASP L 82 58.53 -10.14 -6.84
N PRO L 83 59.62 -9.62 -7.44
CA PRO L 83 59.52 -8.66 -8.52
C PRO L 83 58.70 -9.12 -9.71
N GLU L 84 58.67 -10.43 -9.97
CA GLU L 84 57.90 -10.98 -11.08
C GLU L 84 56.37 -10.77 -10.95
N THR L 85 55.88 -10.55 -9.73
CA THR L 85 54.45 -10.48 -9.47
C THR L 85 53.88 -9.06 -9.49
N ALA L 86 54.74 -8.07 -9.78
CA ALA L 86 54.34 -6.67 -9.76
C ALA L 86 53.41 -6.32 -10.90
N ARG L 87 52.27 -5.73 -10.59
CA ARG L 87 51.24 -5.38 -11.57
C ARG L 87 50.48 -4.14 -11.15
N ILE L 88 50.08 -3.34 -12.12
CA ILE L 88 49.23 -2.20 -11.88
C ILE L 88 47.81 -2.71 -11.60
N ASP L 89 47.21 -2.26 -10.51
CA ASP L 89 45.84 -2.63 -10.20
C ASP L 89 44.90 -1.85 -11.10
N PRO L 90 44.09 -2.55 -11.91
CA PRO L 90 43.21 -1.82 -12.83
C PRO L 90 41.92 -1.30 -12.21
N PHE L 91 41.68 -1.55 -10.93
CA PHE L 91 40.39 -1.28 -10.30
C PHE L 91 40.45 -0.15 -9.29
N ARG L 92 41.57 -0.03 -8.61
CA ARG L 92 41.73 0.91 -7.51
C ARG L 92 41.83 2.35 -8.03
N ALA L 93 41.02 3.27 -7.50
CA ALA L 93 40.98 4.66 -7.97
C ALA L 93 42.33 5.37 -7.81
N ALA L 94 42.93 5.24 -6.64
CA ALA L 94 44.30 5.70 -6.43
C ALA L 94 45.26 4.73 -7.16
N LYS L 95 46.16 5.26 -7.99
CA LYS L 95 47.06 4.42 -8.80
C LYS L 95 47.94 3.53 -7.91
N THR L 96 47.77 2.22 -8.05
CA THR L 96 48.38 1.29 -7.11
C THR L 96 49.16 0.20 -7.82
N LEU L 97 50.34 -0.11 -7.27
CA LEU L 97 51.12 -1.26 -7.73
C LEU L 97 50.96 -2.41 -6.72
N ASN L 98 50.50 -3.57 -7.22
CA ASN L 98 50.39 -4.79 -6.41
C ASN L 98 51.63 -5.63 -6.58
N ILE L 99 52.16 -6.13 -5.46
CA ILE L 99 53.29 -7.06 -5.49
C ILE L 99 53.06 -8.13 -4.44
N ASN L 100 53.41 -9.36 -4.77
CA ASN L 100 53.34 -10.48 -3.82
C ASN L 100 54.62 -10.63 -3.04
N PHE L 101 54.52 -11.15 -1.82
CA PHE L 101 55.67 -11.23 -0.93
C PHE L 101 55.80 -12.64 -0.37
N PHE L 102 57.00 -12.96 0.13
CA PHE L 102 57.26 -14.20 0.86
C PHE L 102 57.34 -13.81 2.30
N VAL L 103 56.91 -14.69 3.20
CA VAL L 103 56.99 -14.46 4.62
C VAL L 103 58.27 -15.09 5.20
N HIS L 104 59.10 -14.27 5.85
CA HIS L 104 60.32 -14.72 6.54
C HIS L 104 60.28 -14.39 8.03
N ASP L 105 60.96 -15.22 8.82
CA ASP L 105 61.22 -14.93 10.23
C ASP L 105 62.20 -13.76 10.32
N PRO L 106 61.92 -12.77 11.21
CA PRO L 106 62.73 -11.55 11.24
C PRO L 106 64.17 -11.77 11.71
N PHE L 107 64.35 -12.59 12.75
CA PHE L 107 65.69 -12.90 13.30
C PHE L 107 66.53 -13.76 12.33
N THR L 108 66.00 -14.91 11.93
CA THR L 108 66.77 -15.91 11.16
C THR L 108 66.75 -15.70 9.64
N LEU L 109 65.84 -14.86 9.15
CA LEU L 109 65.56 -14.72 7.71
C LEU L 109 65.07 -16.02 7.04
N GLU L 110 64.70 -17.01 7.84
CA GLU L 110 64.18 -18.29 7.34
C GLU L 110 62.81 -18.11 6.71
N PRO L 111 62.58 -18.74 5.55
CA PRO L 111 61.24 -18.73 4.99
C PRO L 111 60.27 -19.38 5.96
N TYR L 112 59.16 -18.72 6.24
CA TYR L 112 58.14 -19.25 7.15
C TYR L 112 57.47 -20.45 6.52
N SER L 113 57.49 -21.57 7.23
CA SER L 113 57.05 -22.86 6.69
C SER L 113 55.54 -22.97 6.36
N ARG L 114 54.73 -22.01 6.77
CA ARG L 114 53.29 -22.05 6.50
C ARG L 114 52.82 -21.02 5.49
N ASP L 115 53.75 -20.29 4.90
CA ASP L 115 53.43 -19.39 3.80
C ASP L 115 53.38 -20.19 2.49
N PRO L 116 52.18 -20.30 1.89
CA PRO L 116 52.00 -21.09 0.68
C PRO L 116 53.00 -20.72 -0.42
N ARG L 117 53.32 -19.44 -0.55
CA ARG L 117 54.29 -19.02 -1.57
C ARG L 117 55.68 -19.61 -1.33
N ASN L 118 56.09 -19.71 -0.07
CA ASN L 118 57.34 -20.37 0.27
C ASN L 118 57.33 -21.85 -0.10
N ILE L 119 56.19 -22.51 0.13
CA ILE L 119 56.02 -23.91 -0.16
C ILE L 119 56.15 -24.17 -1.64
N ALA L 120 55.57 -23.29 -2.44
CA ALA L 120 55.71 -23.38 -3.89
C ALA L 120 57.18 -23.22 -4.32
N ARG L 121 57.87 -22.26 -3.69
CA ARG L 121 59.29 -22.05 -3.93
C ARG L 121 60.11 -23.26 -3.52
N LYS L 122 59.84 -23.77 -2.33
CA LYS L 122 60.52 -24.94 -1.82
C LYS L 122 60.34 -26.11 -2.78
N ALA L 123 59.14 -26.23 -3.35
CA ALA L 123 58.86 -27.30 -4.30
C ALA L 123 59.74 -27.21 -5.54
N GLU L 124 59.93 -25.99 -6.05
CA GLU L 124 60.73 -25.77 -7.24
C GLU L 124 62.21 -26.07 -6.97
N ASN L 125 62.70 -25.61 -5.81
CA ASN L 125 64.07 -25.89 -5.39
C ASN L 125 64.32 -27.37 -5.16
N TYR L 126 63.36 -28.05 -4.55
CA TYR L 126 63.45 -29.48 -4.36
C TYR L 126 63.61 -30.23 -5.70
N LEU L 127 62.79 -29.87 -6.67
CA LEU L 127 62.87 -30.45 -8.01
C LEU L 127 64.30 -30.40 -8.51
N ILE L 128 64.92 -29.22 -8.48
CA ILE L 128 66.29 -29.02 -8.92
C ILE L 128 67.24 -29.94 -8.16
N SER L 129 67.06 -30.01 -6.85
CA SER L 129 67.97 -30.77 -6.00
C SER L 129 67.91 -32.28 -6.23
N THR L 130 66.82 -32.79 -6.80
CA THR L 130 66.73 -34.24 -7.10
C THR L 130 67.44 -34.60 -8.41
N GLY L 131 67.75 -33.59 -9.23
CA GLY L 131 68.36 -33.82 -10.53
C GLY L 131 67.43 -34.36 -11.58
N ILE L 132 66.18 -34.66 -11.21
CA ILE L 132 65.19 -35.19 -12.15
C ILE L 132 64.86 -34.21 -13.26
N ALA L 133 64.68 -32.93 -12.90
CA ALA L 133 64.40 -31.84 -13.87
C ALA L 133 64.77 -30.53 -13.23
N ASP L 134 64.75 -29.44 -14.01
CA ASP L 134 64.99 -28.13 -13.39
C ASP L 134 63.79 -27.16 -13.42
N THR L 135 62.76 -27.48 -14.19
CA THR L 135 61.58 -26.64 -14.25
C THR L 135 60.31 -27.46 -14.34
N ALA L 136 59.30 -27.09 -13.53
CA ALA L 136 57.98 -27.69 -13.60
C ALA L 136 57.01 -26.63 -14.11
N TYR L 137 56.36 -26.89 -15.24
CA TYR L 137 55.39 -25.98 -15.82
C TYR L 137 53.97 -26.40 -15.47
N PHE L 138 53.15 -25.43 -15.08
CA PHE L 138 51.75 -25.67 -14.77
C PHE L 138 50.90 -24.75 -15.59
N GLY L 139 49.91 -25.31 -16.24
CA GLY L 139 48.90 -24.58 -16.99
C GLY L 139 47.54 -24.91 -16.40
N ALA L 140 46.76 -23.89 -16.09
CA ALA L 140 45.46 -24.10 -15.48
C ALA L 140 44.33 -23.44 -16.26
N GLU L 141 43.24 -24.19 -16.41
CA GLU L 141 42.02 -23.69 -17.03
C GLU L 141 40.91 -23.67 -15.96
N ALA L 142 40.59 -22.47 -15.48
CA ALA L 142 39.66 -22.31 -14.37
C ALA L 142 38.33 -21.66 -14.76
N GLU L 143 37.25 -22.36 -14.48
CA GLU L 143 35.90 -21.92 -14.73
C GLU L 143 35.34 -21.13 -13.57
N PHE L 144 34.36 -20.28 -13.83
CA PHE L 144 33.66 -19.53 -12.78
C PHE L 144 32.22 -19.22 -13.20
N TYR L 145 31.40 -18.81 -12.25
CA TYR L 145 30.05 -18.37 -12.56
C TYR L 145 29.89 -16.88 -12.33
N ILE L 146 29.13 -16.22 -13.21
CA ILE L 146 28.74 -14.83 -13.00
C ILE L 146 27.29 -14.78 -12.54
N PHE L 147 27.04 -14.20 -11.38
CA PHE L 147 25.67 -14.02 -10.86
C PHE L 147 25.31 -12.55 -10.65
N ASP L 148 24.02 -12.27 -10.42
CA ASP L 148 23.60 -10.93 -10.12
C ASP L 148 23.47 -10.75 -8.62
N SER L 149 23.21 -11.85 -7.92
CA SER L 149 23.06 -11.81 -6.47
C SER L 149 23.23 -13.14 -5.77
N VAL L 150 23.59 -13.07 -4.50
CA VAL L 150 23.74 -14.23 -3.64
C VAL L 150 23.35 -13.80 -2.24
N SER L 151 22.58 -14.65 -1.56
CA SER L 151 22.31 -14.48 -0.14
C SER L 151 22.11 -15.82 0.53
N PHE L 152 22.30 -15.85 1.84
CA PHE L 152 22.28 -17.09 2.63
C PHE L 152 22.36 -16.80 4.12
N ASP L 153 21.84 -17.71 4.92
CA ASP L 153 22.12 -17.70 6.35
C ASP L 153 21.89 -19.07 6.93
N SER L 154 22.23 -19.21 8.21
CA SER L 154 22.15 -20.47 8.90
C SER L 154 21.76 -20.14 10.33
N ARG L 155 20.51 -20.45 10.69
CA ARG L 155 19.95 -20.07 11.99
C ARG L 155 19.53 -21.33 12.70
N ALA L 156 19.00 -21.20 13.91
CA ALA L 156 18.60 -22.37 14.70
C ALA L 156 17.43 -23.11 14.08
N ASN L 157 16.47 -22.35 13.54
CA ASN L 157 15.20 -22.90 13.07
C ASN L 157 15.08 -22.93 11.54
N GLY L 158 16.15 -22.58 10.86
CA GLY L 158 16.08 -22.49 9.41
C GLY L 158 17.36 -22.05 8.74
N SER L 159 17.39 -22.22 7.43
CA SER L 159 18.58 -22.06 6.65
C SER L 159 18.16 -21.87 5.21
N PHE L 160 18.91 -21.06 4.46
CA PHE L 160 18.69 -20.91 3.03
C PHE L 160 19.94 -20.44 2.31
N TYR L 161 19.96 -20.65 1.00
CA TYR L 161 20.83 -19.90 0.11
C TYR L 161 20.04 -19.62 -1.16
N GLU L 162 20.45 -18.60 -1.91
CA GLU L 162 19.84 -18.31 -3.19
C GLU L 162 20.89 -17.57 -3.99
N VAL L 163 21.20 -18.10 -5.17
CA VAL L 163 21.96 -17.37 -6.17
C VAL L 163 21.01 -17.01 -7.30
N ASP L 164 21.27 -15.91 -7.99
CA ASP L 164 20.37 -15.48 -9.05
C ASP L 164 21.04 -14.72 -10.15
N ALA L 165 20.41 -14.73 -11.31
CA ALA L 165 20.88 -14.03 -12.48
C ALA L 165 19.68 -13.77 -13.35
N ILE L 166 19.59 -12.56 -13.88
CA ILE L 166 18.51 -12.16 -14.77
C ILE L 166 18.30 -13.21 -15.86
N SER L 167 19.39 -13.66 -16.46
CA SER L 167 19.34 -14.59 -17.57
C SER L 167 19.35 -16.09 -17.19
N GLY L 168 19.26 -16.41 -15.90
CA GLY L 168 19.24 -17.80 -15.45
C GLY L 168 18.06 -18.56 -16.03
N TRP L 169 18.29 -19.80 -16.38
CA TRP L 169 17.29 -20.59 -17.06
C TRP L 169 16.06 -20.87 -16.20
N TRP L 170 16.20 -20.73 -14.89
CA TRP L 170 15.10 -20.95 -13.96
C TRP L 170 14.17 -19.74 -13.91
N ASN L 171 14.45 -18.72 -14.71
CA ASN L 171 13.70 -17.47 -14.62
C ASN L 171 12.78 -17.17 -15.83
N THR L 172 12.53 -18.16 -16.66
CA THR L 172 11.76 -17.91 -17.88
C THR L 172 10.38 -17.37 -17.60
N GLY L 173 9.85 -17.67 -16.42
CA GLY L 173 8.47 -17.36 -16.07
C GLY L 173 8.27 -16.02 -15.42
N ALA L 174 9.35 -15.33 -15.10
CA ALA L 174 9.26 -14.03 -14.42
C ALA L 174 8.44 -13.01 -15.20
N ALA L 175 7.46 -12.41 -14.53
CA ALA L 175 6.60 -11.38 -15.14
C ALA L 175 7.42 -10.15 -15.52
N THR L 176 8.30 -9.73 -14.63
CA THR L 176 9.22 -8.65 -14.90
C THR L 176 10.55 -9.00 -14.24
N GLU L 177 11.62 -8.36 -14.68
CA GLU L 177 12.93 -8.56 -14.07
C GLU L 177 12.98 -7.91 -12.69
N ALA L 178 14.07 -8.19 -11.96
CA ALA L 178 14.26 -7.69 -10.59
C ALA L 178 14.16 -6.16 -10.51
N ASP L 179 14.60 -5.46 -11.57
CA ASP L 179 14.46 -4.00 -11.62
C ASP L 179 13.12 -3.51 -12.20
N GLY L 180 12.19 -4.43 -12.48
CA GLY L 180 10.87 -4.03 -12.99
C GLY L 180 10.80 -3.82 -14.49
N SER L 181 11.93 -3.98 -15.18
CA SER L 181 11.95 -3.98 -16.65
C SER L 181 11.41 -5.32 -17.18
N PRO L 182 10.96 -5.35 -18.45
CA PRO L 182 10.22 -6.54 -18.92
C PRO L 182 11.13 -7.74 -19.15
N ASN L 183 10.57 -8.94 -19.01
CA ASN L 183 11.28 -10.16 -19.36
C ASN L 183 11.39 -10.24 -20.87
N ARG L 184 12.61 -10.37 -21.38
CA ARG L 184 12.83 -10.38 -22.82
C ARG L 184 13.25 -11.73 -23.36
N GLY L 185 13.27 -12.73 -22.47
CA GLY L 185 13.51 -14.11 -22.88
C GLY L 185 14.96 -14.37 -23.19
N TYR L 186 15.20 -15.39 -24.02
CA TYR L 186 16.54 -15.86 -24.39
C TYR L 186 17.31 -16.40 -23.19
N LYS L 187 16.59 -17.01 -22.26
CA LYS L 187 17.20 -17.57 -21.06
C LYS L 187 17.45 -19.08 -21.14
N VAL L 188 16.56 -19.82 -21.81
CA VAL L 188 16.64 -21.31 -21.76
C VAL L 188 17.90 -21.92 -22.37
N ARG L 189 18.51 -22.86 -21.67
CA ARG L 189 19.61 -23.67 -22.24
C ARG L 189 19.03 -24.72 -23.17
N HIS L 190 19.51 -24.77 -24.40
CA HIS L 190 19.06 -25.77 -25.36
C HIS L 190 19.99 -26.97 -25.44
N LYS L 191 19.42 -28.11 -25.83
CA LYS L 191 20.19 -29.29 -26.17
C LYS L 191 20.97 -29.03 -27.45
N GLY L 192 22.19 -29.57 -27.52
CA GLY L 192 22.96 -29.54 -28.77
C GLY L 192 24.04 -28.48 -28.87
N GLY L 193 24.01 -27.48 -27.99
CA GLY L 193 25.01 -26.42 -28.07
C GLY L 193 25.17 -25.66 -26.78
N TYR L 194 26.39 -25.65 -26.24
CA TYR L 194 26.66 -25.01 -24.96
C TYR L 194 27.06 -23.56 -25.08
N PHE L 195 27.45 -23.10 -26.26
CA PHE L 195 28.03 -21.75 -26.39
C PHE L 195 27.33 -20.86 -27.42
N PRO L 196 26.00 -20.69 -27.30
CA PRO L 196 25.28 -19.94 -28.34
C PRO L 196 25.68 -18.46 -28.39
N VAL L 197 25.47 -17.82 -29.54
CA VAL L 197 25.77 -16.40 -29.70
C VAL L 197 24.69 -15.54 -29.06
N ALA L 198 24.96 -14.24 -28.97
CA ALA L 198 23.97 -13.30 -28.46
C ALA L 198 22.73 -13.35 -29.34
N PRO L 199 21.54 -13.05 -28.77
CA PRO L 199 21.28 -12.67 -27.38
C PRO L 199 21.19 -13.83 -26.39
N ASN L 200 21.34 -15.08 -26.82
CA ASN L 200 21.37 -16.20 -25.86
C ASN L 200 22.56 -16.04 -24.92
N ASP L 201 23.67 -15.56 -25.47
CA ASP L 201 24.83 -15.22 -24.70
C ASP L 201 24.63 -13.82 -24.18
N GLN L 202 24.35 -13.71 -22.88
CA GLN L 202 24.01 -12.44 -22.28
C GLN L 202 25.15 -11.80 -21.50
N TYR L 203 26.36 -12.37 -21.61
CA TYR L 203 27.53 -11.86 -20.89
C TYR L 203 28.71 -11.48 -21.79
N VAL L 204 28.46 -11.33 -23.09
CA VAL L 204 29.54 -11.02 -24.04
C VAL L 204 30.43 -9.82 -23.63
N ASP L 205 29.82 -8.66 -23.37
CA ASP L 205 30.61 -7.44 -23.11
C ASP L 205 31.37 -7.55 -21.80
N LEU L 206 30.78 -8.17 -20.79
CA LEU L 206 31.44 -8.34 -19.50
C LEU L 206 32.63 -9.30 -19.61
N ARG L 207 32.43 -10.43 -20.28
CA ARG L 207 33.54 -11.33 -20.53
C ARG L 207 34.69 -10.64 -21.29
N ASP L 208 34.36 -9.85 -22.30
CA ASP L 208 35.38 -9.10 -23.05
C ASP L 208 36.15 -8.13 -22.13
N LYS L 209 35.44 -7.49 -21.20
CA LYS L 209 36.10 -6.64 -20.21
C LYS L 209 37.09 -7.44 -19.36
N MET L 210 36.71 -8.66 -18.98
CA MET L 210 37.61 -9.54 -18.22
C MET L 210 38.82 -9.90 -19.07
N LEU L 211 38.56 -10.28 -20.31
CA LEU L 211 39.63 -10.58 -21.25
C LEU L 211 40.62 -9.43 -21.36
N THR L 212 40.07 -8.23 -21.62
CA THR L 212 40.88 -7.04 -21.80
C THR L 212 41.72 -6.76 -20.58
N ASN L 213 41.13 -6.89 -19.38
CA ASN L 213 41.86 -6.66 -18.16
C ASN L 213 42.99 -7.66 -17.98
N LEU L 214 42.77 -8.90 -18.37
CA LEU L 214 43.81 -9.93 -18.23
C LEU L 214 44.97 -9.62 -19.16
N ILE L 215 44.67 -9.29 -20.42
CA ILE L 215 45.70 -8.91 -21.37
C ILE L 215 46.50 -7.70 -20.87
N ASN L 216 45.81 -6.67 -20.35
CA ASN L 216 46.48 -5.49 -19.82
C ASN L 216 47.31 -5.77 -18.60
N SER L 217 47.01 -6.87 -17.92
CA SER L 217 47.71 -7.28 -16.70
C SER L 217 48.80 -8.30 -16.93
N GLY L 218 49.27 -8.44 -18.17
CA GLY L 218 50.43 -9.28 -18.49
C GLY L 218 50.15 -10.76 -18.77
N PHE L 219 48.88 -11.15 -18.81
CA PHE L 219 48.52 -12.50 -19.23
C PHE L 219 48.79 -12.64 -20.71
N ILE L 220 49.34 -13.78 -21.11
CA ILE L 220 49.70 -14.00 -22.50
C ILE L 220 48.67 -14.94 -23.14
N LEU L 221 47.94 -14.42 -24.12
CA LEU L 221 46.97 -15.20 -24.85
C LEU L 221 47.45 -15.34 -26.29
N GLU L 222 47.76 -16.57 -26.69
CA GLU L 222 48.21 -16.88 -28.04
C GLU L 222 47.46 -18.09 -28.58
N LYS L 223 48.10 -18.83 -29.47
CA LYS L 223 47.50 -20.01 -30.07
C LYS L 223 46.93 -20.92 -28.97
N GLY L 224 45.67 -21.31 -29.10
CA GLY L 224 45.06 -22.24 -28.16
C GLY L 224 44.43 -21.60 -26.93
N HIS L 225 44.46 -20.28 -26.85
CA HIS L 225 43.89 -19.57 -25.71
C HIS L 225 42.62 -18.85 -26.12
N HIS L 226 41.59 -18.95 -25.29
CA HIS L 226 40.30 -18.41 -25.68
C HIS L 226 39.44 -17.93 -24.52
N GLU L 227 38.41 -17.15 -24.87
CA GLU L 227 37.38 -16.76 -23.96
C GLU L 227 36.11 -17.54 -24.30
N VAL L 228 35.54 -18.24 -23.32
CA VAL L 228 34.36 -19.08 -23.56
C VAL L 228 33.30 -18.81 -22.51
N GLY L 229 32.04 -18.83 -22.94
CA GLY L 229 30.92 -18.67 -22.04
C GLY L 229 29.79 -19.63 -22.33
N SER L 230 29.13 -20.10 -21.26
CA SER L 230 27.96 -20.95 -21.37
C SER L 230 26.97 -20.60 -20.27
N GLY L 231 25.83 -20.02 -20.62
CA GLY L 231 24.92 -19.42 -19.64
C GLY L 231 25.72 -18.42 -18.82
N GLY L 232 25.61 -18.52 -17.50
CA GLY L 232 26.41 -17.70 -16.60
C GLY L 232 27.81 -18.21 -16.31
N GLN L 233 28.19 -19.34 -16.90
CA GLN L 233 29.52 -19.90 -16.69
C GLN L 233 30.53 -19.43 -17.73
N ALA L 234 31.78 -19.26 -17.32
CA ALA L 234 32.79 -18.74 -18.22
C ALA L 234 34.19 -19.22 -17.86
N GLU L 235 35.07 -19.15 -18.85
CA GLU L 235 36.48 -19.49 -18.67
C GLU L 235 37.35 -18.70 -19.65
N ILE L 236 38.48 -18.20 -19.18
CA ILE L 236 39.47 -17.62 -20.06
C ILE L 236 40.80 -18.28 -19.69
N ASN L 237 41.36 -19.04 -20.62
CA ASN L 237 42.66 -19.65 -20.39
C ASN L 237 43.79 -18.80 -20.99
N TYR L 238 45.01 -19.09 -20.56
CA TYR L 238 46.15 -18.25 -20.84
C TYR L 238 47.42 -19.09 -20.71
N GLN L 239 48.56 -18.53 -21.14
CA GLN L 239 49.81 -19.26 -21.21
C GLN L 239 50.28 -19.72 -19.83
N PHE L 240 50.73 -20.98 -19.77
CA PHE L 240 51.28 -21.61 -18.59
C PHE L 240 52.52 -20.87 -18.07
N ASN L 241 53.02 -21.31 -16.93
CA ASN L 241 54.16 -20.71 -16.30
C ASN L 241 54.86 -21.74 -15.42
N SER L 242 56.05 -21.41 -14.91
CA SER L 242 56.71 -22.26 -13.94
C SER L 242 55.88 -22.28 -12.64
N LEU L 243 56.02 -23.35 -11.87
CA LEU L 243 55.11 -23.64 -10.77
C LEU L 243 54.70 -22.43 -9.89
N LEU L 244 55.64 -21.84 -9.18
CA LEU L 244 55.32 -20.70 -8.31
C LEU L 244 54.54 -19.59 -9.03
N HIS L 245 55.09 -19.11 -10.15
CA HIS L 245 54.48 -18.02 -10.87
C HIS L 245 53.18 -18.37 -11.57
N ALA L 246 53.00 -19.65 -11.88
CA ALA L 246 51.70 -20.14 -12.37
C ALA L 246 50.61 -19.96 -11.32
N ALA L 247 50.97 -20.27 -10.08
CA ALA L 247 50.06 -20.08 -8.98
C ALA L 247 49.78 -18.59 -8.71
N ASP L 248 50.82 -17.77 -8.80
CA ASP L 248 50.65 -16.32 -8.73
C ASP L 248 49.66 -15.86 -9.81
N ASP L 249 49.84 -16.36 -11.03
CA ASP L 249 48.97 -16.05 -12.15
C ASP L 249 47.51 -16.43 -11.86
N MET L 250 47.30 -17.58 -11.20
CA MET L 250 45.97 -18.04 -10.88
C MET L 250 45.33 -17.08 -9.89
N GLN L 251 46.07 -16.70 -8.85
CA GLN L 251 45.55 -15.76 -7.88
C GLN L 251 45.16 -14.44 -8.54
N LEU L 252 45.98 -13.99 -9.48
CA LEU L 252 45.73 -12.74 -10.17
C LEU L 252 44.56 -12.86 -11.12
N TYR L 253 44.44 -14.02 -11.77
CA TYR L 253 43.29 -14.34 -12.60
C TYR L 253 42.00 -14.19 -11.81
N LYS L 254 41.90 -14.88 -10.67
CA LYS L 254 40.71 -14.82 -9.85
C LYS L 254 40.44 -13.40 -9.40
N TYR L 255 41.48 -12.69 -8.97
CA TYR L 255 41.38 -11.30 -8.57
C TYR L 255 40.77 -10.45 -9.67
N ILE L 256 41.21 -10.64 -10.90
CA ILE L 256 40.77 -9.81 -12.01
C ILE L 256 39.35 -10.15 -12.43
N ILE L 257 39.04 -11.44 -12.49
CA ILE L 257 37.69 -11.86 -12.80
C ILE L 257 36.67 -11.36 -11.76
N LYS L 258 36.98 -11.53 -10.48
CA LYS L 258 36.02 -11.15 -9.43
C LYS L 258 35.76 -9.65 -9.46
N ASN L 259 36.83 -8.87 -9.64
CA ASN L 259 36.72 -7.43 -9.56
C ASN L 259 36.21 -6.73 -10.83
N THR L 260 36.45 -7.34 -11.99
CA THR L 260 35.80 -6.88 -13.20
C THR L 260 34.28 -7.03 -13.03
N ALA L 261 33.84 -8.20 -12.54
CA ALA L 261 32.42 -8.44 -12.26
C ALA L 261 31.89 -7.42 -11.28
N TRP L 262 32.64 -7.21 -10.19
CA TRP L 262 32.20 -6.35 -9.11
C TRP L 262 31.98 -4.93 -9.60
N GLN L 263 32.94 -4.41 -10.36
CA GLN L 263 32.83 -3.07 -10.90
C GLN L 263 31.70 -2.91 -11.90
N ASN L 264 31.21 -4.02 -12.44
CA ASN L 264 30.10 -3.94 -13.40
C ASN L 264 28.78 -4.44 -12.83
N GLY L 265 28.63 -4.29 -11.52
CA GLY L 265 27.36 -4.59 -10.85
C GLY L 265 27.02 -6.07 -10.75
N LYS L 266 28.01 -6.94 -10.88
CA LYS L 266 27.82 -8.38 -10.81
C LYS L 266 28.65 -9.00 -9.68
N THR L 267 28.52 -10.30 -9.52
CA THR L 267 29.25 -11.00 -8.48
C THR L 267 29.61 -12.43 -8.93
N VAL L 268 30.89 -12.76 -8.78
CA VAL L 268 31.44 -13.97 -9.32
C VAL L 268 31.70 -14.97 -8.22
N THR L 269 31.48 -16.26 -8.49
CA THR L 269 31.98 -17.29 -7.61
C THR L 269 32.82 -18.34 -8.33
N PHE L 270 33.91 -18.74 -7.68
CA PHE L 270 34.73 -19.85 -8.15
C PHE L 270 34.42 -21.15 -7.43
N MET L 271 33.33 -21.16 -6.66
CA MET L 271 33.00 -22.38 -5.90
C MET L 271 32.70 -23.53 -6.85
N PRO L 272 33.08 -24.75 -6.50
CA PRO L 272 32.94 -25.90 -7.39
C PRO L 272 31.50 -26.17 -7.86
N LYS L 273 30.52 -25.95 -6.99
CA LYS L 273 29.16 -26.32 -7.32
C LYS L 273 28.11 -25.37 -6.73
N PRO L 274 27.93 -24.20 -7.36
CA PRO L 274 26.92 -23.27 -6.90
C PRO L 274 25.51 -23.62 -7.38
N LEU L 275 25.40 -24.32 -8.52
CA LEU L 275 24.10 -24.67 -9.07
C LEU L 275 23.83 -26.17 -9.05
N PHE L 276 22.72 -26.55 -8.46
CA PHE L 276 22.30 -27.94 -8.53
C PHE L 276 21.68 -28.26 -9.91
N GLY L 277 22.15 -29.34 -10.52
CA GLY L 277 21.66 -29.74 -11.85
C GLY L 277 22.19 -28.87 -12.97
N ASP L 278 23.39 -28.33 -12.80
CA ASP L 278 24.07 -27.59 -13.84
C ASP L 278 25.54 -27.85 -13.64
N ASN L 279 26.33 -27.58 -14.66
CA ASN L 279 27.76 -27.85 -14.66
C ASN L 279 28.47 -27.28 -13.44
N GLY L 280 29.34 -28.08 -12.84
CA GLY L 280 30.25 -27.58 -11.80
C GLY L 280 31.40 -26.80 -12.40
N SER L 281 32.22 -26.19 -11.56
CA SER L 281 33.37 -25.42 -12.04
C SER L 281 34.66 -26.14 -11.67
N GLY L 282 35.41 -26.56 -12.68
CA GLY L 282 36.67 -27.22 -12.46
C GLY L 282 37.89 -26.42 -12.86
N MET L 283 39.05 -26.98 -12.54
CA MET L 283 40.35 -26.40 -12.88
C MET L 283 41.22 -27.52 -13.42
N HIS L 284 41.27 -27.62 -14.75
CA HIS L 284 42.15 -28.59 -15.40
C HIS L 284 43.60 -28.13 -15.31
N CYS L 285 44.46 -28.99 -14.78
CA CYS L 285 45.87 -28.67 -14.59
C CYS L 285 46.84 -29.42 -15.48
N HIS L 286 47.40 -28.71 -16.45
CA HIS L 286 48.42 -29.23 -17.35
C HIS L 286 49.78 -29.16 -16.66
N GLN L 287 50.58 -30.21 -16.82
CA GLN L 287 51.89 -30.35 -16.15
C GLN L 287 52.93 -30.96 -17.04
N SER L 288 54.15 -30.42 -16.99
CA SER L 288 55.30 -31.07 -17.62
C SER L 288 56.61 -30.73 -16.90
N LEU L 289 57.59 -31.62 -17.01
CA LEU L 289 58.92 -31.36 -16.47
C LEU L 289 59.90 -31.11 -17.59
N TRP L 290 60.81 -30.18 -17.34
CA TRP L 290 61.86 -29.81 -18.31
C TRP L 290 63.25 -29.79 -17.67
N LYS L 291 64.26 -30.12 -18.48
CA LYS L 291 65.65 -30.06 -18.05
C LYS L 291 66.57 -29.46 -19.13
N ASP L 292 67.39 -28.49 -18.73
CA ASP L 292 68.34 -27.80 -19.60
C ASP L 292 67.67 -27.35 -20.89
N GLY L 293 66.51 -26.71 -20.77
CA GLY L 293 65.76 -26.19 -21.93
C GLY L 293 65.12 -27.24 -22.83
N ALA L 294 65.12 -28.50 -22.39
CA ALA L 294 64.56 -29.59 -23.19
C ALA L 294 63.44 -30.33 -22.45
N PRO L 295 62.41 -30.77 -23.18
CA PRO L 295 61.27 -31.47 -22.56
C PRO L 295 61.62 -32.90 -22.13
N LEU L 296 60.92 -33.41 -21.12
CA LEU L 296 61.23 -34.73 -20.57
C LEU L 296 60.07 -35.71 -20.66
N MET L 297 58.95 -35.25 -21.20
CA MET L 297 57.75 -36.06 -21.18
C MET L 297 57.54 -36.93 -22.42
N TYR L 298 58.26 -36.62 -23.51
CA TYR L 298 58.02 -37.27 -24.81
C TYR L 298 58.89 -38.50 -25.10
N ASP L 299 58.27 -39.47 -25.77
CA ASP L 299 58.96 -40.63 -26.33
C ASP L 299 58.04 -41.25 -27.38
N GLU L 300 58.48 -41.27 -28.63
CA GLU L 300 57.68 -41.80 -29.74
C GLU L 300 57.22 -43.22 -29.46
N THR L 301 58.07 -43.98 -28.80
CA THR L 301 57.86 -45.42 -28.62
C THR L 301 56.84 -45.75 -27.53
N GLY L 302 56.68 -44.87 -26.55
CA GLY L 302 55.78 -45.10 -25.41
C GLY L 302 54.33 -44.84 -25.74
N TYR L 303 53.42 -45.40 -24.94
CA TYR L 303 51.99 -45.20 -25.16
C TYR L 303 51.64 -43.72 -25.06
N ALA L 304 50.90 -43.22 -26.05
CA ALA L 304 50.50 -41.81 -26.13
C ALA L 304 51.67 -40.81 -26.13
N GLY L 305 52.83 -41.27 -26.58
CA GLY L 305 54.02 -40.43 -26.68
C GLY L 305 54.69 -40.12 -25.36
N LEU L 306 54.46 -40.96 -24.35
CA LEU L 306 54.93 -40.71 -23.00
C LEU L 306 56.23 -41.43 -22.66
N SER L 307 57.20 -40.67 -22.15
CA SER L 307 58.47 -41.21 -21.66
C SER L 307 58.28 -42.00 -20.37
N ASP L 308 59.33 -42.69 -19.95
CA ASP L 308 59.35 -43.37 -18.65
C ASP L 308 59.11 -42.41 -17.51
N THR L 309 59.69 -41.21 -17.61
CA THR L 309 59.54 -40.19 -16.59
C THR L 309 58.08 -39.74 -16.51
N ALA L 310 57.45 -39.56 -17.66
CA ALA L 310 56.07 -39.15 -17.70
C ALA L 310 55.14 -40.21 -17.09
N ARG L 311 55.33 -41.45 -17.50
CA ARG L 311 54.50 -42.56 -17.03
C ARG L 311 54.62 -42.71 -15.51
N HIS L 312 55.83 -42.58 -14.98
CA HIS L 312 56.04 -42.70 -13.55
C HIS L 312 55.42 -41.53 -12.77
N TYR L 313 55.46 -40.33 -13.38
CA TYR L 313 54.81 -39.14 -12.83
C TYR L 313 53.32 -39.40 -12.68
N ILE L 314 52.72 -39.95 -13.74
CA ILE L 314 51.32 -40.37 -13.72
C ILE L 314 51.08 -41.40 -12.62
N GLY L 315 51.99 -42.38 -12.52
CA GLY L 315 51.95 -43.37 -11.46
C GLY L 315 51.81 -42.72 -10.10
N GLY L 316 52.60 -41.68 -9.86
CA GLY L 316 52.55 -40.92 -8.62
C GLY L 316 51.24 -40.21 -8.38
N LEU L 317 50.74 -39.53 -9.41
CA LEU L 317 49.46 -38.85 -9.34
C LEU L 317 48.33 -39.80 -8.99
N LEU L 318 48.26 -40.94 -9.67
CA LEU L 318 47.18 -41.89 -9.45
C LEU L 318 47.29 -42.60 -8.10
N HIS L 319 48.51 -42.88 -7.67
CA HIS L 319 48.72 -43.58 -6.41
C HIS L 319 48.40 -42.66 -5.25
N HIS L 320 48.81 -41.40 -5.34
CA HIS L 320 48.58 -40.45 -4.28
C HIS L 320 47.28 -39.64 -4.37
N ALA L 321 46.54 -39.79 -5.46
CA ALA L 321 45.29 -39.04 -5.66
C ALA L 321 44.38 -38.96 -4.44
N PRO L 322 44.11 -40.09 -3.74
CA PRO L 322 43.20 -39.97 -2.60
C PRO L 322 43.61 -38.96 -1.54
N SER L 323 44.91 -38.75 -1.38
CA SER L 323 45.40 -37.77 -0.43
C SER L 323 45.62 -36.41 -1.10
N LEU L 324 46.01 -36.47 -2.38
CA LEU L 324 46.28 -35.29 -3.17
C LEU L 324 45.06 -34.36 -3.24
N LEU L 325 43.86 -34.94 -3.32
CA LEU L 325 42.63 -34.15 -3.39
C LEU L 325 42.43 -33.25 -2.17
N ALA L 326 43.13 -33.51 -1.07
CA ALA L 326 43.04 -32.63 0.10
C ALA L 326 43.53 -31.23 -0.21
N PHE L 327 44.30 -31.11 -1.28
CA PHE L 327 44.78 -29.82 -1.72
C PHE L 327 44.19 -29.39 -3.05
N THR L 328 43.92 -30.33 -3.95
CA THR L 328 43.40 -29.99 -5.26
C THR L 328 41.90 -29.83 -5.23
N ASN L 329 41.25 -30.47 -4.26
CA ASN L 329 39.80 -30.40 -4.10
C ASN L 329 39.45 -30.25 -2.63
N PRO L 330 39.85 -29.12 -2.02
CA PRO L 330 39.96 -29.00 -0.57
C PRO L 330 38.69 -28.64 0.20
N THR L 331 37.54 -28.55 -0.46
CA THR L 331 36.32 -28.09 0.22
C THR L 331 35.21 -29.13 0.25
N VAL L 332 34.26 -28.96 1.16
CA VAL L 332 33.12 -29.85 1.21
C VAL L 332 32.34 -29.76 -0.09
N ASN L 333 32.14 -28.54 -0.58
CA ASN L 333 31.48 -28.29 -1.87
C ASN L 333 32.17 -28.93 -3.08
N SER L 334 33.48 -29.13 -3.01
CA SER L 334 34.19 -29.87 -4.06
C SER L 334 33.52 -31.21 -4.43
N TYR L 335 32.99 -31.89 -3.43
CA TYR L 335 32.54 -33.25 -3.61
C TYR L 335 31.11 -33.32 -4.14
N LYS L 336 30.52 -32.15 -4.34
CA LYS L 336 29.27 -32.02 -5.09
C LYS L 336 29.52 -31.98 -6.60
N ARG L 337 30.77 -31.73 -6.99
CA ARG L 337 31.18 -31.79 -8.38
C ARG L 337 31.72 -33.17 -8.68
N LEU L 338 32.61 -33.65 -7.81
CA LEU L 338 33.18 -34.98 -7.96
C LEU L 338 32.18 -36.05 -7.50
N VAL L 339 31.10 -36.18 -8.27
CA VAL L 339 30.01 -37.07 -7.87
C VAL L 339 29.96 -38.42 -8.63
N PRO L 340 29.93 -39.54 -7.85
CA PRO L 340 29.96 -40.96 -8.24
C PRO L 340 29.16 -41.47 -9.46
N GLY L 341 28.36 -40.64 -10.12
CA GLY L 341 27.54 -41.17 -11.22
C GLY L 341 27.39 -40.37 -12.52
N TYR L 342 28.45 -39.69 -12.95
CA TYR L 342 28.36 -38.77 -14.12
C TYR L 342 29.56 -38.81 -15.08
N GLU L 343 29.86 -37.66 -15.70
CA GLU L 343 31.08 -37.47 -16.50
C GLU L 343 32.29 -37.18 -15.62
N ALA L 344 32.03 -37.14 -14.30
CA ALA L 344 32.98 -36.74 -13.26
C ALA L 344 34.38 -37.33 -13.40
N PRO L 345 35.40 -36.47 -13.51
CA PRO L 345 36.79 -36.92 -13.50
C PRO L 345 37.20 -37.54 -12.15
N ILE L 346 36.64 -38.72 -11.85
CA ILE L 346 36.85 -39.41 -10.58
C ILE L 346 37.54 -40.78 -10.72
N ASN L 347 37.70 -41.22 -11.98
CA ASN L 347 38.29 -42.53 -12.27
C ASN L 347 39.81 -42.49 -12.27
N LEU L 348 40.41 -43.25 -11.35
CA LEU L 348 41.86 -43.25 -11.16
C LEU L 348 42.63 -43.98 -12.24
N VAL L 349 42.44 -43.55 -13.48
CA VAL L 349 43.17 -44.10 -14.62
C VAL L 349 43.70 -42.94 -15.45
N TYR L 350 44.64 -43.20 -16.35
CA TYR L 350 44.97 -42.21 -17.36
C TYR L 350 44.47 -42.65 -18.72
N SER L 351 44.21 -41.69 -19.60
CA SER L 351 43.56 -41.95 -20.88
C SER L 351 43.87 -40.84 -21.86
N GLN L 352 43.50 -41.07 -23.11
CA GLN L 352 43.77 -40.15 -24.20
C GLN L 352 42.45 -39.65 -24.76
N ARG L 353 41.39 -40.45 -24.58
CA ARG L 353 40.09 -40.17 -25.18
C ARG L 353 39.00 -40.03 -24.15
N ASN L 354 39.20 -40.69 -23.02
CA ASN L 354 38.18 -40.75 -21.97
C ASN L 354 38.14 -39.47 -21.11
N ARG L 355 37.11 -38.66 -21.34
CA ARG L 355 36.94 -37.39 -20.62
C ARG L 355 36.26 -37.68 -19.28
N SER L 356 36.81 -38.65 -18.56
CA SER L 356 36.21 -39.15 -17.33
C SER L 356 37.32 -39.70 -16.41
N ALA L 357 38.55 -39.63 -16.91
CA ALA L 357 39.72 -40.06 -16.17
C ALA L 357 40.42 -38.89 -15.49
N CYS L 358 40.98 -39.15 -14.31
CA CYS L 358 41.77 -38.17 -13.55
C CYS L 358 42.84 -37.49 -14.38
N VAL L 359 43.59 -38.32 -15.10
CA VAL L 359 44.70 -37.85 -15.90
C VAL L 359 44.36 -38.07 -17.37
N ARG L 360 44.40 -36.99 -18.14
CA ARG L 360 44.23 -37.07 -19.57
C ARG L 360 45.51 -36.63 -20.26
N ILE L 361 45.84 -37.28 -21.38
CA ILE L 361 46.98 -36.89 -22.18
C ILE L 361 46.43 -36.21 -23.42
N PRO L 362 46.51 -34.86 -23.47
CA PRO L 362 46.02 -34.15 -24.63
C PRO L 362 46.76 -34.56 -25.91
N ILE L 363 46.03 -34.68 -27.01
CA ILE L 363 46.68 -35.16 -28.24
C ILE L 363 47.41 -34.02 -28.93
N THR L 364 48.72 -34.21 -29.03
CA THR L 364 49.64 -33.16 -29.42
C THR L 364 50.52 -33.60 -30.59
N GLY L 365 50.26 -34.80 -31.11
CA GLY L 365 51.04 -35.37 -32.20
C GLY L 365 52.46 -35.69 -31.81
N SER L 366 53.39 -35.42 -32.72
CA SER L 366 54.80 -35.80 -32.55
C SER L 366 55.73 -34.64 -32.14
N ASN L 367 55.16 -33.46 -31.92
CA ASN L 367 55.92 -32.34 -31.35
C ASN L 367 56.30 -32.61 -29.88
N PRO L 368 57.60 -32.85 -29.61
CA PRO L 368 57.98 -33.29 -28.27
C PRO L 368 57.71 -32.23 -27.19
N LYS L 369 57.82 -30.95 -27.56
CA LYS L 369 57.69 -29.85 -26.61
C LYS L 369 56.29 -29.76 -25.99
N ALA L 370 55.27 -30.10 -26.79
CA ALA L 370 53.88 -30.00 -26.38
C ALA L 370 53.40 -31.13 -25.44
N LYS L 371 54.16 -32.22 -25.36
CA LYS L 371 53.75 -33.38 -24.58
C LYS L 371 53.66 -33.04 -23.08
N ARG L 372 52.53 -33.43 -22.47
CA ARG L 372 52.20 -33.06 -21.09
C ARG L 372 51.06 -33.92 -20.56
N LEU L 373 50.81 -33.82 -19.26
CA LEU L 373 49.66 -34.48 -18.66
C LEU L 373 48.71 -33.50 -18.01
N GLU L 374 47.42 -33.77 -18.16
CA GLU L 374 46.37 -32.89 -17.67
C GLU L 374 45.67 -33.60 -16.52
N PHE L 375 45.83 -33.05 -15.32
CA PHE L 375 45.09 -33.54 -14.15
C PHE L 375 43.74 -32.82 -14.11
N ARG L 376 42.67 -33.60 -14.26
CA ARG L 376 41.33 -33.04 -14.50
C ARG L 376 40.44 -32.86 -13.26
N SER L 377 40.79 -33.56 -12.18
CA SER L 377 40.01 -33.54 -10.94
C SER L 377 39.92 -32.19 -10.23
N PRO L 378 41.02 -31.41 -10.19
CA PRO L 378 41.03 -30.22 -9.31
C PRO L 378 39.91 -29.20 -9.57
N ASP L 379 39.69 -28.32 -8.61
CA ASP L 379 38.79 -27.18 -8.80
C ASP L 379 39.50 -25.92 -8.28
N SER L 380 38.80 -24.79 -8.34
CA SER L 380 39.40 -23.51 -7.98
C SER L 380 39.13 -23.11 -6.53
N SER L 381 38.72 -24.06 -5.71
CA SER L 381 38.26 -23.71 -4.38
C SER L 381 39.34 -23.58 -3.33
N GLY L 382 40.60 -23.85 -3.66
CA GLY L 382 41.61 -23.83 -2.61
C GLY L 382 42.78 -22.89 -2.85
N ASN L 383 43.96 -23.50 -2.86
CA ASN L 383 45.19 -22.76 -2.83
C ASN L 383 46.08 -23.29 -3.94
N PRO L 384 46.26 -22.50 -5.01
CA PRO L 384 46.98 -23.00 -6.15
C PRO L 384 48.46 -23.24 -5.80
N TYR L 385 49.03 -22.44 -4.91
CA TYR L 385 50.39 -22.68 -4.44
C TYR L 385 50.51 -24.09 -3.88
N LEU L 386 49.55 -24.48 -3.02
CA LEU L 386 49.61 -25.77 -2.36
C LEU L 386 49.23 -26.87 -3.33
N ALA L 387 48.20 -26.61 -4.15
CA ALA L 387 47.75 -27.59 -5.09
C ALA L 387 48.83 -27.95 -6.13
N PHE L 388 49.47 -26.94 -6.71
CA PHE L 388 50.51 -27.23 -7.72
C PHE L 388 51.69 -27.95 -7.07
N SER L 389 52.08 -27.51 -5.88
CA SER L 389 53.16 -28.12 -5.14
C SER L 389 52.87 -29.58 -4.86
N ALA L 390 51.66 -29.85 -4.36
CA ALA L 390 51.27 -31.20 -3.98
C ALA L 390 51.27 -32.11 -5.20
N MET L 391 50.80 -31.59 -6.33
CA MET L 391 50.82 -32.35 -7.58
C MET L 391 52.24 -32.72 -8.00
N LEU L 392 53.16 -31.75 -7.94
CA LEU L 392 54.55 -32.01 -8.28
C LEU L 392 55.17 -33.06 -7.38
N MET L 393 54.93 -32.94 -6.07
CA MET L 393 55.43 -33.93 -5.10
C MET L 393 54.91 -35.34 -5.36
N ALA L 394 53.65 -35.47 -5.75
CA ALA L 394 53.11 -36.77 -6.10
C ALA L 394 53.85 -37.33 -7.31
N GLY L 395 54.05 -36.49 -8.32
CA GLY L 395 54.76 -36.87 -9.53
C GLY L 395 56.20 -37.28 -9.27
N LEU L 396 56.89 -36.48 -8.44
CA LEU L 396 58.27 -36.76 -8.10
C LEU L 396 58.44 -38.06 -7.32
N ASP L 397 57.51 -38.34 -6.38
CA ASP L 397 57.52 -39.59 -5.64
C ASP L 397 57.30 -40.75 -6.62
N GLY L 398 56.45 -40.51 -7.61
CA GLY L 398 56.23 -41.48 -8.66
C GLY L 398 57.49 -41.80 -9.47
N ILE L 399 58.29 -40.78 -9.76
CA ILE L 399 59.53 -40.97 -10.50
C ILE L 399 60.58 -41.69 -9.63
N LYS L 400 60.84 -41.17 -8.44
CA LYS L 400 61.82 -41.77 -7.52
C LYS L 400 61.56 -43.26 -7.26
N ASN L 401 60.31 -43.64 -7.07
CA ASN L 401 59.94 -45.02 -6.77
C ASN L 401 59.45 -45.80 -7.98
N LYS L 402 59.67 -45.25 -9.16
CA LYS L 402 59.25 -45.86 -10.44
C LYS L 402 57.87 -46.51 -10.38
N ILE L 403 56.90 -45.79 -9.83
CA ILE L 403 55.56 -46.31 -9.66
C ILE L 403 54.89 -46.54 -11.01
N GLU L 404 54.38 -47.75 -11.23
CA GLU L 404 53.70 -48.09 -12.47
C GLU L 404 52.20 -47.92 -12.35
N PRO L 405 51.62 -47.09 -13.22
CA PRO L 405 50.19 -46.87 -13.22
C PRO L 405 49.46 -48.05 -13.83
N GLN L 406 48.19 -48.24 -13.48
CA GLN L 406 47.34 -49.22 -14.14
C GLN L 406 47.36 -49.00 -15.64
N ALA L 407 47.05 -50.04 -16.39
CA ALA L 407 46.89 -49.93 -17.84
C ALA L 407 45.89 -48.81 -18.18
N PRO L 408 46.24 -47.93 -19.15
CA PRO L 408 45.33 -46.88 -19.61
C PRO L 408 44.01 -47.39 -20.16
N VAL L 409 42.96 -46.57 -20.12
CA VAL L 409 41.63 -46.95 -20.62
C VAL L 409 41.15 -45.95 -21.67
N ASP L 410 41.02 -46.39 -22.93
CA ASP L 410 40.57 -45.53 -24.03
C ASP L 410 39.09 -45.66 -24.39
N LYS L 411 38.45 -46.73 -23.92
CA LYS L 411 37.01 -46.93 -24.07
C LYS L 411 36.26 -46.39 -22.84
N ASP L 412 35.00 -45.99 -23.04
CA ASP L 412 34.18 -45.36 -21.99
C ASP L 412 33.99 -46.24 -20.73
N ALA L 421 34.39 -52.24 -14.96
CA ALA L 421 33.21 -51.65 -14.32
C ALA L 421 33.46 -51.37 -12.82
N ALA L 422 33.36 -52.42 -11.99
CA ALA L 422 33.82 -52.38 -10.58
C ALA L 422 35.34 -52.53 -10.54
N SER L 423 35.93 -52.68 -11.73
CA SER L 423 37.36 -52.86 -11.94
C SER L 423 38.18 -51.58 -11.67
N ILE L 424 37.63 -50.42 -12.05
CA ILE L 424 38.33 -49.13 -11.98
C ILE L 424 38.14 -48.42 -10.63
N PRO L 425 39.25 -48.12 -9.93
CA PRO L 425 39.18 -47.42 -8.63
C PRO L 425 38.74 -45.97 -8.75
N GLN L 426 38.07 -45.48 -7.70
CA GLN L 426 37.50 -44.13 -7.65
C GLN L 426 38.26 -43.25 -6.66
N THR L 427 38.19 -41.93 -6.87
CA THR L 427 38.59 -40.97 -5.86
C THR L 427 37.55 -41.02 -4.75
N PRO L 428 37.96 -40.78 -3.49
CA PRO L 428 36.96 -40.74 -2.44
C PRO L 428 35.91 -39.68 -2.72
N THR L 429 34.73 -39.82 -2.11
CA THR L 429 33.57 -39.01 -2.48
C THR L 429 33.19 -37.91 -1.48
N GLN L 430 33.95 -37.81 -0.38
CA GLN L 430 33.71 -36.82 0.69
C GLN L 430 35.03 -36.18 1.09
N LEU L 431 35.00 -34.93 1.53
CA LEU L 431 36.20 -34.27 2.04
C LEU L 431 36.80 -35.00 3.26
N SER L 432 35.94 -35.50 4.13
CA SER L 432 36.37 -36.15 5.34
C SER L 432 37.16 -37.41 5.01
N ASP L 433 36.74 -38.13 3.99
CA ASP L 433 37.53 -39.26 3.52
C ASP L 433 38.90 -38.85 2.99
N VAL L 434 38.98 -37.77 2.19
CA VAL L 434 40.27 -37.40 1.62
C VAL L 434 41.19 -36.85 2.69
N ILE L 435 40.62 -36.22 3.71
CA ILE L 435 41.41 -35.73 4.82
C ILE L 435 41.97 -36.92 5.59
N ASP L 436 41.17 -37.97 5.77
CA ASP L 436 41.65 -39.19 6.39
C ASP L 436 42.83 -39.78 5.62
N ARG L 437 42.68 -39.84 4.30
CA ARG L 437 43.74 -40.36 3.43
C ARG L 437 45.00 -39.51 3.46
N LEU L 438 44.85 -38.20 3.62
CA LEU L 438 45.99 -37.32 3.75
C LEU L 438 46.73 -37.60 5.05
N GLU L 439 45.97 -37.83 6.12
CA GLU L 439 46.53 -38.14 7.43
C GLU L 439 47.32 -39.44 7.39
N ALA L 440 46.82 -40.41 6.66
CA ALA L 440 47.45 -41.73 6.54
C ALA L 440 48.64 -41.79 5.57
N ASP L 441 48.74 -40.85 4.64
CA ASP L 441 49.73 -40.92 3.58
C ASP L 441 50.19 -39.54 3.09
N HIS L 442 51.13 -38.93 3.82
CA HIS L 442 51.61 -37.58 3.47
C HIS L 442 53.14 -37.54 3.45
N GLU L 443 53.72 -38.72 3.49
CA GLU L 443 55.17 -38.88 3.43
C GLU L 443 55.76 -38.21 2.18
N TYR L 444 55.14 -38.42 1.03
CA TYR L 444 55.59 -37.83 -0.22
C TYR L 444 55.62 -36.29 -0.24
N LEU L 445 54.76 -35.66 0.56
CA LEU L 445 54.71 -34.21 0.64
C LEU L 445 55.84 -33.61 1.48
N THR L 446 56.36 -34.39 2.42
CA THR L 446 57.43 -33.94 3.32
C THR L 446 58.84 -34.10 2.78
N GLU L 447 58.99 -34.85 1.69
CA GLU L 447 60.28 -34.98 1.01
C GLU L 447 60.93 -33.62 0.80
N GLY L 448 62.20 -33.51 1.16
CA GLY L 448 62.91 -32.27 0.97
C GLY L 448 62.35 -31.13 1.80
N GLY L 449 61.51 -31.44 2.77
CA GLY L 449 60.92 -30.42 3.65
C GLY L 449 60.00 -29.44 2.95
N VAL L 450 59.42 -29.84 1.82
CA VAL L 450 58.58 -28.95 1.04
C VAL L 450 57.31 -28.60 1.81
N PHE L 451 56.55 -29.63 2.20
CA PHE L 451 55.52 -29.49 3.21
C PHE L 451 56.13 -30.03 4.51
N THR L 452 55.71 -29.51 5.66
CA THR L 452 56.15 -30.05 6.95
C THR L 452 55.01 -30.83 7.61
N ASN L 453 55.34 -31.80 8.46
CA ASN L 453 54.32 -32.48 9.24
C ASN L 453 53.44 -31.52 10.03
N ASP L 454 54.06 -30.49 10.60
CA ASP L 454 53.35 -29.43 11.31
C ASP L 454 52.22 -28.83 10.44
N LEU L 455 52.54 -28.48 9.19
CA LEU L 455 51.58 -27.83 8.30
C LEU L 455 50.44 -28.75 7.92
N ILE L 456 50.77 -30.00 7.62
CA ILE L 456 49.79 -30.99 7.23
C ILE L 456 48.79 -31.28 8.36
N GLU L 457 49.29 -31.41 9.58
CA GLU L 457 48.43 -31.56 10.76
C GLU L 457 47.51 -30.35 10.96
N THR L 458 48.02 -29.15 10.71
CA THR L 458 47.26 -27.92 10.83
C THR L 458 46.13 -27.92 9.80
N TRP L 459 46.48 -28.31 8.57
CA TRP L 459 45.52 -28.35 7.47
C TRP L 459 44.40 -29.33 7.79
N ILE L 460 44.77 -30.47 8.36
CA ILE L 460 43.82 -31.52 8.72
C ILE L 460 42.87 -31.06 9.83
N SER L 461 43.41 -30.39 10.84
CA SER L 461 42.63 -29.80 11.92
C SER L 461 41.64 -28.75 11.42
N PHE L 462 42.14 -27.82 10.64
CA PHE L 462 41.37 -26.72 10.10
C PHE L 462 40.15 -27.24 9.35
N LYS L 463 40.37 -28.21 8.46
CA LYS L 463 39.29 -28.72 7.61
C LYS L 463 38.26 -29.49 8.44
N ARG L 464 38.74 -30.20 9.45
CA ARG L 464 37.86 -30.96 10.34
C ARG L 464 37.01 -30.08 11.23
N GLU L 465 37.62 -29.09 11.86
CA GLU L 465 36.94 -28.25 12.82
C GLU L 465 36.15 -27.11 12.22
N ASN L 466 36.63 -26.52 11.12
CA ASN L 466 36.00 -25.35 10.53
C ASN L 466 35.09 -25.61 9.34
N GLU L 467 35.24 -26.77 8.71
CA GLU L 467 34.55 -27.05 7.45
C GLU L 467 33.70 -28.31 7.52
N ILE L 468 34.36 -29.46 7.71
CA ILE L 468 33.69 -30.77 7.75
C ILE L 468 32.65 -30.84 8.84
N GLU L 469 33.04 -30.57 10.08
CA GLU L 469 32.12 -30.67 11.23
C GLU L 469 30.97 -29.63 11.20
N PRO L 470 31.27 -28.33 10.97
CA PRO L 470 30.19 -27.35 10.88
C PRO L 470 29.13 -27.62 9.81
N VAL L 471 29.51 -28.23 8.68
CA VAL L 471 28.52 -28.66 7.69
C VAL L 471 27.74 -29.86 8.20
N ASN L 472 28.47 -30.84 8.71
CA ASN L 472 27.91 -32.04 9.30
C ASN L 472 26.83 -31.92 10.35
N ILE L 473 26.96 -30.93 11.23
CA ILE L 473 26.04 -30.79 12.35
C ILE L 473 24.78 -30.04 11.97
N ARG L 474 24.78 -29.45 10.77
CA ARG L 474 23.66 -28.61 10.36
C ARG L 474 22.72 -29.36 9.42
N PRO L 475 21.44 -29.51 9.84
CA PRO L 475 20.46 -30.19 8.99
C PRO L 475 20.39 -29.56 7.62
N HIS L 476 20.33 -30.41 6.61
CA HIS L 476 20.25 -30.01 5.21
C HIS L 476 18.79 -29.76 4.86
N PRO L 477 18.49 -28.69 4.11
CA PRO L 477 17.07 -28.43 3.76
C PRO L 477 16.38 -29.64 3.15
N TYR L 478 17.06 -30.44 2.35
CA TYR L 478 16.41 -31.56 1.72
C TYR L 478 16.00 -32.67 2.72
N GLU L 479 16.65 -32.69 3.89
CA GLU L 479 16.32 -33.61 4.97
C GLU L 479 14.91 -33.34 5.49
N PHE L 480 14.47 -32.09 5.39
CA PHE L 480 13.10 -31.74 5.74
C PHE L 480 12.08 -32.25 4.72
N ALA L 481 12.45 -32.22 3.44
CA ALA L 481 11.63 -32.86 2.40
C ALA L 481 11.55 -34.36 2.62
N LEU L 482 12.65 -34.98 3.00
CA LEU L 482 12.68 -36.44 3.18
C LEU L 482 12.00 -36.93 4.45
N TYR L 483 12.14 -36.16 5.53
CA TYR L 483 11.98 -36.73 6.87
C TYR L 483 11.05 -36.00 7.82
N TYR L 484 10.58 -34.80 7.48
CA TYR L 484 9.76 -34.05 8.45
C TYR L 484 8.59 -34.89 8.96
N ASP L 485 8.03 -35.71 8.08
CA ASP L 485 6.82 -36.45 8.42
C ASP L 485 7.04 -37.94 8.73
N VAL L 486 8.25 -38.33 9.14
CA VAL L 486 8.53 -39.73 9.46
C VAL L 486 7.66 -40.25 10.61
#